data_8SI4
#
_entry.id   8SI4
#
_cell.length_a   1.00
_cell.length_b   1.00
_cell.length_c   1.00
_cell.angle_alpha   90.00
_cell.angle_beta   90.00
_cell.angle_gamma   90.00
#
_symmetry.space_group_name_H-M   'P 1'
#
loop_
_entity.id
_entity.type
_entity.pdbx_description
1 polymer 'Transient receptor potential cation channel subfamily M member 7'
2 non-polymer '(2S)-3-(hexadecanoyloxy)-2-[(9Z)-octadec-9-enoyloxy]propyl 2-(trimethylammonio)ethyl phosphate'
3 non-polymer CHOLESTEROL
4 non-polymer "2-[2-[(1~{S},2~{S},4~{S},5'~{R},6~{R},7~{S},8~{R},9~{S},12~{S},13~{R},16~{S})-5',7,9,13-tetramethylspiro[5-oxapentacyclo[10.8.0.0^{2,9}.0^{4,8}.0^{13,18}]icos-18-ene-6,2'-oxane]-16-yl]oxyethyl]propane-1,3-diol"
5 non-polymer 'CALCIUM ION'
6 water water
#
_entity_poly.entity_id   1
_entity_poly.type   'polypeptide(L)'
_entity_poly.pdbx_seq_one_letter_code
;SQKSWIESTLTKRECVYIIPSSKDPHRCLPGCQICQQLVRCFCGRLVKQHACFTASLAMKYSDVKLGEHFNQAIEEWSVE
KHTEQSPTDAYGVINFQGGSHSYRAKYVRLSYDTKPEIILQLLLKEWQMELPKLVISVHGGMQKFELHPRIKQLLGKGLI
KAAVTTGAWILTGGVNTGVAKHVGDALKEHASRSSRKICTIGIAPWGVIENRNDLVGRDVVAPYQTLLNPLSKLNVLNNL
HSHFILVDDGTVGKYGAEVRLRRELEKTINQQRIHARIGQGVPVVALIFEGGPNVILTVLEYLQESPPVPVVVCEGTGRA
ADLLAYIHKQTEEGGNLPDAAEPDIISTIKKTFNFGQSEAVHLFQTMMECMKKKELITVFHIGSEDHQDIDVAILTALLK
GTNASAFDQLILTLAWDRVDIAKNHVFVYGQQWLVGSLEQAMLDALVMDRVSFVKLLIENGVSMHKFLTIPRLEELYNTK
QGPTNPMLFHLIRDVKQGNLPPGYKITLIDIGLVIEYLMGGTYRCTYTRKRFRLIYNSLGGNNRRSGRNTSSSTPQLRKS
HETFGNRADKKEKMRHNHFIKTAQPYRPKMDASMEEGKKKRTKDEIVDIDDPETKRFPYPLNELLIWACLMKRQVMARFL
WQHGEESMAKALVACKIYRSMAYEAKQSDLVDDTSEELKQYSNDFGQLAVELLEQSFRQDETMAMKLLTYELKNWSNSTC
LKLAVSSRLRPFVAHTCTQMLLSDMWMGRLNMRKNSWYKVILSILVPPAILMLEYKTKAEMSHIPQSQDAHQMTMEDSEN
NFHNITEEIPMEVFKEVKILDSSDGKNEMEIHIKSKKLPITRKFYAFYHAPIVKFWFNTLAYLGFLMLYTFVVLVKMEQL
PSVQEWIVIAYIFTYAIEKVREVFMSEAGKISQKIKVWFSDYFNVSDTIAIISFFVGFGLRFGAKWNYINAYDNHVFVAG
RLIYCLNIIFWYVRLLDFLAVNQQAGPYVMMIGKMVANMFYIVVIMALVLLSFGVPRKAILYPHEEPSWSLAKDIVFHPY
WMIFGEVYAYEIDVCANDSTLPTICGPGTWLTPFLQAVYLFVQYIIMVNLLIAFFNQVYLQVKAISNIVWKYQRYHFIMA
YHEKPVLPPPLIILSHIVSLFCCVCKRRKKDKTSDGPKLFLTEEDQKKLHDFEEQCVEMYFDEKDDKFNSGSEERIRVTF
ERVEQMSIQIKEVGDRVNYIKRSLQSLDSQIGHLQDLSALTVDTLKTLTAQKASEASKVHNEITRELSISKHLAQNLID
;
_entity_poly.pdbx_strand_id   A,B,C,D
#
loop_
_chem_comp.id
_chem_comp.type
_chem_comp.name
_chem_comp.formula
CA non-polymer 'CALCIUM ION' 'Ca 2'
CLR non-polymer CHOLESTEROL 'C27 H46 O'
DU0 non-polymer 2-[2-[(1~{S},2~{S},4~{S},5'~{R},6~{R},7~{S},8~{R},9~{S},12~{S},13~{R},16~{S})-5',7,9,13-tetramethylspiro[5-oxapentacyclo[10.8.0.0^{2,9}.0^{4,8}.0^{13,18}]icos-18-ene-6,2'-oxane]-16-yl]oxyethyl]propane-1,3-diol 'C32 H52 O5'
POV non-polymer '(2S)-3-(hexadecanoyloxy)-2-[(9Z)-octadec-9-enoyloxy]propyl 2-(trimethylammonio)ethyl phosphate' 'C42 H82 N O8 P'
#
# COMPACT_ATOMS: atom_id res chain seq x y z
N GLN A 2 20.41 29.57 -54.12
CA GLN A 2 19.16 28.85 -53.91
C GLN A 2 19.11 28.14 -52.56
N LYS A 3 20.26 28.03 -51.86
CA LYS A 3 20.32 27.48 -50.51
C LYS A 3 19.83 26.04 -50.49
N SER A 4 20.07 25.33 -51.58
CA SER A 4 19.52 24.01 -51.83
C SER A 4 20.61 23.10 -52.39
N TRP A 5 21.72 22.96 -51.63
CA TRP A 5 22.92 22.21 -52.02
C TRP A 5 22.63 20.94 -52.82
N ILE A 6 21.54 20.26 -52.50
CA ILE A 6 21.00 19.19 -53.33
C ILE A 6 20.81 19.72 -54.74
N GLU A 7 20.01 20.78 -54.90
CA GLU A 7 19.77 21.34 -56.24
C GLU A 7 21.06 21.80 -56.90
N SER A 8 22.01 22.31 -56.14
CA SER A 8 23.18 22.96 -56.72
C SER A 8 24.21 21.94 -57.22
N THR A 9 24.75 21.16 -56.29
CA THR A 9 25.88 20.30 -56.60
C THR A 9 25.42 18.96 -57.15
N LEU A 10 24.37 18.40 -56.55
CA LEU A 10 23.81 17.13 -56.98
C LEU A 10 22.82 17.36 -58.12
N THR A 11 22.64 16.35 -58.97
CA THR A 11 21.84 16.51 -60.17
C THR A 11 21.14 15.21 -60.58
N LYS A 12 20.14 15.36 -61.44
CA LYS A 12 19.29 14.29 -61.98
C LYS A 12 19.72 13.94 -63.41
N ARG A 13 18.87 13.19 -64.12
CA ARG A 13 19.15 12.70 -65.46
C ARG A 13 17.87 12.73 -66.29
N GLU A 14 18.00 13.15 -67.55
CA GLU A 14 16.88 13.32 -68.50
C GLU A 14 17.16 12.57 -69.78
N CYS A 15 16.23 11.71 -70.22
CA CYS A 15 16.35 11.11 -71.55
C CYS A 15 16.04 12.18 -72.60
N VAL A 16 17.09 12.67 -73.26
CA VAL A 16 17.02 13.82 -74.17
C VAL A 16 17.08 13.35 -75.62
N TYR A 17 16.66 12.12 -75.86
CA TYR A 17 16.75 11.53 -77.19
C TYR A 17 15.78 10.35 -77.21
N ILE A 18 15.39 9.94 -78.41
CA ILE A 18 14.27 9.04 -78.62
C ILE A 18 14.74 7.92 -79.52
N ILE A 19 14.65 6.68 -79.03
CA ILE A 19 15.06 5.49 -79.78
C ILE A 19 13.96 4.45 -79.67
N PRO A 20 13.03 4.36 -80.66
CA PRO A 20 11.91 3.40 -80.55
C PRO A 20 12.29 1.97 -80.21
N SER A 21 11.77 1.48 -79.09
CA SER A 21 12.02 0.13 -78.62
C SER A 21 10.76 -0.72 -78.79
N SER A 22 10.94 -1.92 -79.33
CA SER A 22 9.84 -2.85 -79.59
C SER A 22 8.85 -2.23 -80.57
N LYS A 23 9.35 -1.50 -81.57
CA LYS A 23 8.51 -0.84 -82.56
C LYS A 23 7.91 -1.85 -83.54
N ASP A 24 6.78 -2.43 -83.13
CA ASP A 24 6.06 -3.47 -83.87
C ASP A 24 4.71 -2.92 -84.33
N PRO A 25 4.63 -2.35 -85.53
CA PRO A 25 3.34 -1.82 -86.01
C PRO A 25 2.23 -2.87 -86.06
N HIS A 26 1.07 -2.48 -85.54
CA HIS A 26 -0.05 -3.36 -85.21
C HIS A 26 -1.31 -2.52 -85.36
N ARG A 27 -2.31 -2.76 -84.50
CA ARG A 27 -3.72 -2.40 -84.69
C ARG A 27 -4.00 -1.01 -85.25
N CYS A 28 -5.26 -0.77 -85.67
CA CYS A 28 -5.68 0.56 -86.10
C CYS A 28 -4.89 1.02 -87.33
N LEU A 29 -5.30 0.50 -88.50
CA LEU A 29 -4.61 0.48 -89.79
C LEU A 29 -3.64 1.62 -90.07
N PRO A 30 -4.01 2.91 -89.94
CA PRO A 30 -3.01 3.96 -90.22
C PRO A 30 -1.87 3.94 -89.21
N GLY A 31 -0.65 4.03 -89.72
CA GLY A 31 0.55 3.93 -88.92
C GLY A 31 0.70 4.91 -87.77
N CYS A 32 0.50 6.21 -88.01
CA CYS A 32 0.87 7.25 -87.04
C CYS A 32 0.20 7.05 -85.68
N GLN A 33 -1.08 6.66 -85.69
CA GLN A 33 -1.85 6.53 -84.45
C GLN A 33 -1.19 5.53 -83.51
N ILE A 34 -0.87 4.34 -84.03
CA ILE A 34 -0.19 3.33 -83.23
C ILE A 34 1.31 3.53 -83.22
N CYS A 35 1.85 4.23 -84.21
CA CYS A 35 3.21 4.75 -84.09
C CYS A 35 3.27 5.93 -83.12
N GLN A 36 2.12 6.38 -82.60
CA GLN A 36 2.02 7.38 -81.56
C GLN A 36 1.35 6.82 -80.29
N GLN A 37 0.90 5.56 -80.32
CA GLN A 37 0.26 4.95 -79.15
C GLN A 37 1.28 4.33 -78.21
N LEU A 38 2.03 3.31 -78.67
CA LEU A 38 3.02 2.63 -77.82
C LEU A 38 4.32 2.49 -78.61
N VAL A 39 5.15 3.53 -78.53
CA VAL A 39 6.52 3.50 -79.02
C VAL A 39 7.43 3.83 -77.84
N ARG A 40 7.84 2.82 -77.08
CA ARG A 40 8.73 3.07 -75.96
C ARG A 40 10.13 3.36 -76.47
N CYS A 41 10.99 3.84 -75.58
CA CYS A 41 12.40 4.00 -75.88
C CYS A 41 13.22 2.99 -75.10
N PHE A 42 14.48 2.83 -75.50
CA PHE A 42 15.48 2.11 -74.72
C PHE A 42 15.88 2.89 -73.47
N CYS A 43 15.42 4.13 -73.34
CA CYS A 43 15.33 4.81 -72.06
C CYS A 43 14.24 4.22 -71.17
N GLY A 44 13.14 3.75 -71.76
CA GLY A 44 12.05 3.12 -71.03
C GLY A 44 10.71 3.82 -71.12
N ARG A 45 10.68 5.06 -71.59
CA ARG A 45 9.44 5.84 -71.69
C ARG A 45 9.01 5.99 -73.15
N LEU A 46 7.82 6.54 -73.30
CA LEU A 46 7.29 6.94 -74.59
C LEU A 46 7.90 8.26 -75.03
N VAL A 47 7.92 8.47 -76.35
CA VAL A 47 8.25 9.78 -76.88
C VAL A 47 7.24 10.82 -76.40
N LYS A 48 5.98 10.40 -76.22
CA LYS A 48 4.95 11.33 -75.73
C LYS A 48 5.00 11.47 -74.22
N GLN A 49 5.60 10.50 -73.52
CA GLN A 49 5.78 10.64 -72.08
C GLN A 49 7.07 11.37 -71.72
N HIS A 50 7.99 11.57 -72.67
CA HIS A 50 9.18 12.35 -72.34
C HIS A 50 8.87 13.84 -72.43
N ALA A 51 8.78 14.37 -73.65
CA ALA A 51 8.44 15.73 -74.03
C ALA A 51 9.40 16.81 -73.52
N CYS A 52 9.96 16.65 -72.32
CA CYS A 52 11.27 17.12 -71.84
C CYS A 52 11.87 18.37 -72.46
N PHE A 53 11.06 19.30 -72.99
CA PHE A 53 11.52 20.53 -73.65
C PHE A 53 12.39 20.36 -74.91
N THR A 54 12.87 19.14 -75.20
CA THR A 54 13.63 18.80 -76.39
C THR A 54 13.16 17.49 -77.01
N ALA A 55 12.48 16.64 -76.22
CA ALA A 55 11.82 15.45 -76.72
C ALA A 55 10.40 15.73 -77.20
N SER A 56 9.83 16.90 -76.87
CA SER A 56 8.58 17.31 -77.48
C SER A 56 8.72 17.57 -78.97
N LEU A 57 9.95 17.81 -79.43
CA LEU A 57 10.22 18.07 -80.83
C LEU A 57 10.10 16.82 -81.69
N ALA A 58 9.81 15.66 -81.10
CA ALA A 58 9.56 14.42 -81.82
C ALA A 58 8.10 13.99 -81.79
N MET A 59 7.40 14.30 -80.70
CA MET A 59 5.95 14.16 -80.67
C MET A 59 5.30 14.83 -81.87
N LYS A 60 5.79 16.02 -82.24
CA LYS A 60 5.19 16.78 -83.32
C LYS A 60 5.59 16.24 -84.69
N TYR A 61 6.87 15.92 -84.89
CA TYR A 61 7.36 15.47 -86.20
C TYR A 61 7.44 13.96 -86.33
N SER A 62 8.33 13.35 -85.54
CA SER A 62 8.64 11.93 -85.53
C SER A 62 9.76 11.79 -84.52
N ASP A 63 10.01 10.55 -84.06
CA ASP A 63 11.07 10.23 -83.11
C ASP A 63 12.36 11.01 -83.38
N VAL A 64 13.05 11.47 -82.33
CA VAL A 64 14.16 12.40 -82.49
C VAL A 64 15.25 11.63 -83.24
N LYS A 65 15.13 11.66 -84.56
CA LYS A 65 15.99 10.99 -85.51
C LYS A 65 15.37 11.21 -86.89
N LEU A 66 15.95 10.59 -87.91
CA LEU A 66 15.35 10.54 -89.23
C LEU A 66 14.24 9.49 -89.24
N GLY A 67 13.85 8.99 -90.42
CA GLY A 67 12.79 8.02 -90.49
C GLY A 67 13.33 6.65 -90.15
N GLU A 68 13.49 5.77 -91.15
CA GLU A 68 14.14 4.48 -90.93
C GLU A 68 15.41 4.61 -90.11
N HIS A 69 16.34 5.49 -90.53
CA HIS A 69 17.45 5.89 -89.67
C HIS A 69 18.29 4.70 -89.22
N PHE A 70 19.18 4.21 -90.09
CA PHE A 70 19.78 2.87 -90.07
C PHE A 70 19.87 2.19 -88.70
N ASN A 71 19.39 0.93 -88.63
CA ASN A 71 19.46 0.18 -87.39
C ASN A 71 20.88 -0.20 -87.00
N GLN A 72 21.86 0.07 -87.86
CA GLN A 72 23.26 0.14 -87.46
C GLN A 72 23.51 1.29 -86.49
N ALA A 73 22.62 2.29 -86.43
CA ALA A 73 22.76 3.45 -85.56
C ALA A 73 21.66 3.57 -84.50
N ILE A 74 20.56 2.83 -84.62
CA ILE A 74 19.44 2.97 -83.69
C ILE A 74 19.84 2.51 -82.29
N GLU A 75 20.54 1.37 -82.21
CA GLU A 75 20.87 0.75 -80.92
C GLU A 75 21.69 1.66 -80.01
N GLU A 76 22.40 2.62 -80.61
CA GLU A 76 23.41 3.38 -79.88
C GLU A 76 22.78 4.43 -78.98
N TRP A 77 22.04 4.00 -77.95
CA TRP A 77 21.82 4.81 -76.77
C TRP A 77 22.99 4.60 -75.83
N SER A 78 23.30 5.61 -75.05
CA SER A 78 23.89 5.40 -73.75
C SER A 78 23.64 6.65 -72.93
N VAL A 79 23.34 6.46 -71.65
CA VAL A 79 23.16 7.58 -70.73
C VAL A 79 24.39 8.48 -70.76
N GLU A 80 25.57 7.90 -71.03
CA GLU A 80 26.74 8.70 -71.36
C GLU A 80 26.49 9.60 -72.58
N LYS A 81 25.80 9.10 -73.60
CA LYS A 81 25.65 9.81 -74.87
C LYS A 81 24.47 10.77 -74.84
N HIS A 82 23.26 10.25 -74.67
CA HIS A 82 22.04 11.05 -74.66
C HIS A 82 21.42 11.04 -73.28
N THR A 83 21.89 11.93 -72.42
CA THR A 83 21.19 12.20 -71.16
C THR A 83 21.77 13.45 -70.51
N GLU A 84 20.93 14.47 -70.30
CA GLU A 84 21.36 15.76 -69.77
C GLU A 84 20.89 15.94 -68.33
N GLN A 85 21.74 16.53 -67.49
CA GLN A 85 21.67 16.33 -66.05
C GLN A 85 20.62 17.21 -65.36
N SER A 86 20.76 18.56 -65.43
CA SER A 86 19.62 19.46 -65.21
C SER A 86 18.88 19.34 -63.87
N PRO A 87 19.29 20.08 -62.82
CA PRO A 87 19.10 19.68 -61.41
C PRO A 87 17.81 18.95 -61.00
N THR A 88 17.95 18.16 -59.94
CA THR A 88 16.87 17.38 -59.33
C THR A 88 15.65 18.24 -59.03
N ASP A 89 14.50 17.58 -58.89
CA ASP A 89 13.24 18.22 -58.54
C ASP A 89 12.48 17.37 -57.52
N ALA A 90 13.21 16.60 -56.71
CA ALA A 90 12.61 15.65 -55.77
C ALA A 90 13.37 15.60 -54.45
N TYR A 91 13.57 16.75 -53.80
CA TYR A 91 14.28 16.81 -52.52
C TYR A 91 13.32 17.14 -51.36
N GLY A 92 12.14 16.51 -51.37
CA GLY A 92 11.16 16.71 -50.33
C GLY A 92 11.30 15.74 -49.17
N VAL A 93 10.18 15.54 -48.48
CA VAL A 93 10.10 14.71 -47.27
C VAL A 93 8.77 13.97 -47.26
N ILE A 94 8.82 12.64 -47.11
CA ILE A 94 7.62 11.81 -47.20
C ILE A 94 6.89 11.81 -45.86
N ASN A 95 5.58 11.64 -45.92
CA ASN A 95 4.70 11.62 -44.76
C ASN A 95 3.86 10.33 -44.75
N PHE A 96 4.53 9.16 -44.86
CA PHE A 96 3.86 7.87 -44.99
C PHE A 96 2.72 7.68 -44.00
N GLN A 97 1.48 7.66 -44.48
CA GLN A 97 0.37 7.55 -43.57
C GLN A 97 0.12 6.09 -43.20
N GLY A 98 -0.44 5.89 -42.01
CA GLY A 98 -0.53 4.57 -41.45
C GLY A 98 -1.18 4.53 -40.08
N GLY A 99 -0.51 3.90 -39.11
CA GLY A 99 -1.03 3.73 -37.78
C GLY A 99 -1.17 5.04 -37.03
N SER A 100 -1.16 5.01 -35.70
CA SER A 100 -1.37 6.23 -34.91
C SER A 100 -0.09 7.05 -34.83
N HIS A 101 0.49 7.32 -36.00
CA HIS A 101 1.74 8.02 -36.18
C HIS A 101 1.85 8.15 -37.72
N SER A 102 3.01 8.54 -38.25
CA SER A 102 3.20 9.19 -39.54
C SER A 102 4.43 8.66 -40.29
N TYR A 103 5.34 7.96 -39.59
CA TYR A 103 6.47 7.26 -40.20
C TYR A 103 7.23 8.13 -41.19
N ARG A 104 7.43 9.40 -40.82
CA ARG A 104 8.02 10.39 -41.70
C ARG A 104 9.41 9.95 -42.16
N ALA A 105 9.76 10.31 -43.38
CA ALA A 105 10.99 9.88 -44.01
C ALA A 105 11.39 10.91 -45.07
N LYS A 106 12.61 10.76 -45.57
CA LYS A 106 13.21 11.72 -46.50
C LYS A 106 13.64 11.01 -47.77
N TYR A 107 14.03 11.79 -48.78
CA TYR A 107 14.49 11.20 -50.03
C TYR A 107 15.26 12.18 -50.90
N VAL A 108 15.77 11.68 -52.03
CA VAL A 108 16.46 12.49 -53.01
C VAL A 108 16.60 11.67 -54.29
N ARG A 109 16.63 12.35 -55.43
CA ARG A 109 16.99 11.76 -56.71
C ARG A 109 18.45 12.02 -56.97
N LEU A 110 19.14 11.10 -57.65
CA LEU A 110 20.52 11.32 -58.01
C LEU A 110 20.96 10.31 -59.06
N SER A 111 22.14 10.51 -59.59
CA SER A 111 22.66 9.66 -60.65
C SER A 111 23.52 8.53 -60.08
N TYR A 112 23.64 7.45 -60.86
CA TYR A 112 24.46 6.31 -60.50
C TYR A 112 25.96 6.63 -60.43
N ASP A 113 26.41 7.75 -60.99
CA ASP A 113 27.80 8.19 -60.88
C ASP A 113 27.98 9.40 -59.98
N THR A 114 27.00 9.70 -59.13
CA THR A 114 27.14 10.67 -58.05
C THR A 114 28.36 10.30 -57.23
N LYS A 115 29.20 11.29 -56.91
CA LYS A 115 30.50 11.01 -56.30
C LYS A 115 30.30 10.35 -54.94
N PRO A 116 31.15 9.39 -54.54
CA PRO A 116 30.95 8.78 -53.21
C PRO A 116 31.14 9.74 -52.04
N GLU A 117 31.78 10.90 -52.24
CA GLU A 117 31.99 11.82 -51.12
C GLU A 117 30.81 12.78 -50.95
N ILE A 118 30.10 13.12 -52.03
CA ILE A 118 28.99 14.05 -51.88
C ILE A 118 27.76 13.34 -51.33
N ILE A 119 27.58 12.07 -51.69
CA ILE A 119 26.52 11.26 -51.09
C ILE A 119 26.73 11.16 -49.58
N LEU A 120 28.00 11.10 -49.14
CA LEU A 120 28.30 11.25 -47.73
C LEU A 120 27.96 12.65 -47.24
N GLN A 121 28.35 13.67 -48.01
CA GLN A 121 28.03 15.06 -47.71
C GLN A 121 26.54 15.36 -47.84
N LEU A 122 25.75 14.38 -48.26
CA LEU A 122 24.29 14.45 -48.20
C LEU A 122 23.76 13.75 -46.95
N LEU A 123 24.30 12.58 -46.63
CA LEU A 123 23.83 11.83 -45.47
C LEU A 123 24.17 12.54 -44.17
N LEU A 124 25.43 12.92 -44.01
CA LEU A 124 25.91 13.49 -42.74
C LEU A 124 25.71 14.99 -42.70
N LYS A 125 26.18 15.70 -43.73
CA LYS A 125 26.12 17.16 -43.72
C LYS A 125 24.69 17.67 -43.91
N GLU A 126 24.01 17.19 -44.95
CA GLU A 126 22.70 17.74 -45.30
C GLU A 126 21.60 17.13 -44.44
N TRP A 127 21.59 15.80 -44.31
CA TRP A 127 20.55 15.12 -43.55
C TRP A 127 20.88 15.01 -42.05
N GLN A 128 22.02 15.54 -41.60
CA GLN A 128 22.39 15.66 -40.19
C GLN A 128 22.72 14.31 -39.55
N MET A 129 22.67 13.23 -40.32
CA MET A 129 22.73 11.88 -39.78
C MET A 129 24.14 11.58 -39.27
N GLU A 130 24.25 11.23 -38.00
CA GLU A 130 25.56 11.06 -37.38
C GLU A 130 26.18 9.74 -37.82
N LEU A 131 27.45 9.80 -38.23
CA LEU A 131 28.27 8.72 -38.76
C LEU A 131 28.13 7.47 -37.89
N PRO A 132 27.91 6.27 -38.48
CA PRO A 132 27.64 5.11 -37.61
C PRO A 132 28.90 4.41 -37.15
N LYS A 133 28.70 3.42 -36.29
CA LYS A 133 29.73 2.49 -35.86
C LYS A 133 29.51 1.10 -36.42
N LEU A 134 28.40 0.87 -37.10
CA LEU A 134 28.14 -0.37 -37.82
C LEU A 134 27.22 -0.07 -38.99
N VAL A 135 27.37 -0.84 -40.05
CA VAL A 135 26.42 -0.86 -41.16
C VAL A 135 26.01 -2.29 -41.40
N ILE A 136 24.71 -2.47 -41.63
CA ILE A 136 24.16 -3.77 -41.98
C ILE A 136 23.68 -3.72 -43.43
N SER A 137 24.55 -4.11 -44.36
CA SER A 137 24.23 -4.17 -45.77
C SER A 137 23.34 -5.37 -46.07
N VAL A 138 22.05 -5.13 -46.22
CA VAL A 138 21.07 -6.23 -46.32
C VAL A 138 20.93 -6.59 -47.79
N HIS A 139 21.17 -7.87 -48.11
CA HIS A 139 21.12 -8.38 -49.48
C HIS A 139 20.44 -9.73 -49.47
N GLY A 140 19.11 -9.71 -49.59
CA GLY A 140 18.33 -10.94 -49.61
C GLY A 140 17.36 -10.93 -50.78
N GLY A 141 16.20 -11.52 -50.55
CA GLY A 141 15.20 -11.62 -51.60
C GLY A 141 14.80 -10.27 -52.14
N MET A 142 14.66 -10.21 -53.45
CA MET A 142 14.16 -9.01 -54.14
C MET A 142 12.70 -9.16 -54.55
N GLN A 143 12.06 -10.26 -54.21
CA GLN A 143 10.63 -10.44 -54.41
C GLN A 143 9.94 -10.64 -53.06
N LYS A 144 8.61 -10.70 -53.08
CA LYS A 144 7.83 -10.79 -51.85
C LYS A 144 7.95 -12.19 -51.26
N PHE A 145 9.05 -12.43 -50.53
CA PHE A 145 9.21 -13.69 -49.83
C PHE A 145 8.54 -13.61 -48.45
N GLU A 146 8.33 -14.78 -47.86
CA GLU A 146 7.55 -14.92 -46.63
C GLU A 146 8.26 -15.88 -45.70
N LEU A 147 8.01 -15.72 -44.40
CA LEU A 147 8.70 -16.48 -43.35
C LEU A 147 7.64 -17.00 -42.37
N HIS A 148 8.09 -17.73 -41.34
CA HIS A 148 7.23 -18.30 -40.31
C HIS A 148 7.43 -17.56 -38.98
N PRO A 149 6.57 -17.80 -37.95
CA PRO A 149 6.57 -16.92 -36.76
C PRO A 149 7.85 -16.88 -35.95
N ARG A 150 8.48 -18.03 -35.69
CA ARG A 150 9.67 -18.08 -34.85
C ARG A 150 10.78 -17.22 -35.43
N ILE A 151 11.13 -17.47 -36.68
CA ILE A 151 12.15 -16.66 -37.36
C ILE A 151 11.69 -15.21 -37.48
N LYS A 152 10.39 -14.99 -37.63
CA LYS A 152 9.86 -13.63 -37.74
C LYS A 152 10.20 -12.78 -36.53
N GLN A 153 10.28 -13.38 -35.35
CA GLN A 153 10.50 -12.65 -34.10
C GLN A 153 11.96 -12.64 -33.71
N LEU A 154 12.59 -13.81 -33.63
CA LEU A 154 13.97 -13.91 -33.13
C LEU A 154 14.95 -13.19 -34.02
N LEU A 155 14.93 -13.50 -35.31
CA LEU A 155 15.78 -12.81 -36.29
C LEU A 155 15.53 -11.31 -36.25
N GLY A 156 14.26 -10.92 -36.08
CA GLY A 156 13.90 -9.53 -36.02
C GLY A 156 14.56 -8.80 -34.86
N LYS A 157 14.39 -9.34 -33.64
CA LYS A 157 15.01 -8.75 -32.46
C LYS A 157 16.52 -8.59 -32.63
N GLY A 158 17.20 -9.66 -33.01
CA GLY A 158 18.65 -9.65 -33.09
C GLY A 158 19.15 -8.62 -34.08
N LEU A 159 18.53 -8.58 -35.27
CA LEU A 159 18.93 -7.62 -36.28
C LEU A 159 18.65 -6.20 -35.81
N ILE A 160 17.54 -6.01 -35.10
CA ILE A 160 17.17 -4.72 -34.55
C ILE A 160 18.14 -4.34 -33.44
N LYS A 161 18.25 -5.21 -32.44
CA LYS A 161 19.07 -4.93 -31.26
C LYS A 161 20.51 -4.63 -31.65
N ALA A 162 21.05 -5.40 -32.60
CA ALA A 162 22.40 -5.18 -33.10
C ALA A 162 22.57 -3.77 -33.65
N ALA A 163 21.49 -3.23 -34.22
CA ALA A 163 21.52 -1.86 -34.74
C ALA A 163 21.32 -0.85 -33.62
N VAL A 164 20.56 -1.23 -32.60
CA VAL A 164 20.35 -0.35 -31.45
C VAL A 164 21.68 -0.09 -30.74
N THR A 165 22.42 -1.16 -30.46
CA THR A 165 23.62 -1.04 -29.64
C THR A 165 24.69 -0.21 -30.33
N THR A 166 24.94 -0.50 -31.61
CA THR A 166 26.02 0.11 -32.37
C THR A 166 25.58 1.36 -33.12
N GLY A 167 24.38 1.86 -32.86
CA GLY A 167 23.83 2.99 -33.59
C GLY A 167 23.92 2.84 -35.09
N ALA A 168 23.63 1.64 -35.57
CA ALA A 168 24.00 1.26 -36.92
C ALA A 168 23.15 1.96 -37.97
N TRP A 169 23.57 1.81 -39.22
CA TRP A 169 22.83 2.25 -40.40
C TRP A 169 22.50 1.01 -41.22
N ILE A 170 21.25 0.56 -41.18
CA ILE A 170 20.81 -0.51 -42.04
C ILE A 170 20.81 0.02 -43.47
N LEU A 171 21.09 -0.85 -44.43
CA LEU A 171 21.01 -0.52 -45.85
C LEU A 171 20.22 -1.60 -46.56
N THR A 172 19.23 -1.17 -47.35
CA THR A 172 18.36 -2.06 -48.10
C THR A 172 18.21 -1.52 -49.51
N GLY A 173 17.30 -2.11 -50.28
CA GLY A 173 16.94 -1.56 -51.57
C GLY A 173 15.87 -0.49 -51.45
N GLY A 174 15.09 -0.53 -50.37
CA GLY A 174 14.06 0.45 -50.12
C GLY A 174 12.74 0.12 -50.75
N VAL A 175 12.45 -1.17 -50.97
CA VAL A 175 11.31 -1.62 -51.75
C VAL A 175 10.66 -2.78 -51.02
N ASN A 176 9.34 -2.71 -50.81
CA ASN A 176 8.67 -3.69 -49.96
C ASN A 176 8.30 -4.97 -50.72
N THR A 177 9.00 -5.27 -51.81
CA THR A 177 9.08 -6.63 -52.33
C THR A 177 10.50 -7.15 -52.10
N GLY A 178 10.73 -7.71 -50.93
CA GLY A 178 12.03 -8.25 -50.61
C GLY A 178 12.39 -8.03 -49.16
N VAL A 179 13.70 -7.89 -48.92
CA VAL A 179 14.23 -7.67 -47.57
C VAL A 179 13.56 -6.47 -46.93
N ALA A 180 13.44 -5.36 -47.67
CA ALA A 180 12.98 -4.10 -47.10
C ALA A 180 11.63 -4.23 -46.42
N LYS A 181 10.73 -5.02 -47.01
CA LYS A 181 9.46 -5.31 -46.37
C LYS A 181 9.68 -5.94 -45.01
N HIS A 182 10.57 -6.93 -44.96
CA HIS A 182 10.76 -7.70 -43.74
C HIS A 182 11.73 -7.02 -42.78
N VAL A 183 12.70 -6.27 -43.32
CA VAL A 183 13.53 -5.41 -42.49
C VAL A 183 12.66 -4.37 -41.81
N GLY A 184 11.85 -3.67 -42.60
CA GLY A 184 11.00 -2.61 -42.08
C GLY A 184 9.97 -3.09 -41.10
N ASP A 185 9.31 -4.22 -41.38
CA ASP A 185 8.31 -4.79 -40.50
C ASP A 185 8.86 -4.95 -39.09
N ALA A 186 9.99 -5.63 -38.96
CA ALA A 186 10.56 -5.97 -37.67
C ALA A 186 10.72 -4.73 -36.79
N LEU A 187 11.06 -3.59 -37.40
CA LEU A 187 11.12 -2.33 -36.67
C LEU A 187 9.76 -1.96 -36.10
N LYS A 188 8.70 -2.24 -36.86
CA LYS A 188 7.35 -1.83 -36.51
C LYS A 188 6.90 -2.45 -35.19
N GLU A 189 6.88 -3.77 -35.11
CA GLU A 189 6.33 -4.45 -33.94
C GLU A 189 7.21 -4.23 -32.71
N HIS A 190 8.53 -4.33 -32.89
CA HIS A 190 9.47 -4.30 -31.79
C HIS A 190 9.52 -2.97 -31.06
N ALA A 191 8.88 -1.93 -31.62
CA ALA A 191 8.87 -0.60 -31.03
C ALA A 191 10.29 -0.04 -30.94
N SER A 192 11.10 -0.32 -31.96
CA SER A 192 12.43 0.27 -32.10
C SER A 192 12.37 1.79 -32.10
N ARG A 193 11.23 2.36 -32.49
CA ARG A 193 11.06 3.80 -32.47
C ARG A 193 11.00 4.34 -31.04
N SER A 194 10.63 3.48 -30.07
CA SER A 194 10.27 3.96 -28.74
C SER A 194 11.44 4.67 -28.05
N SER A 195 11.33 6.00 -27.96
CA SER A 195 12.43 6.90 -27.58
C SER A 195 13.74 6.45 -28.19
N ARG A 196 13.72 6.12 -29.48
CA ARG A 196 14.89 5.53 -30.12
C ARG A 196 14.70 5.55 -31.63
N LYS A 197 15.81 5.47 -32.37
CA LYS A 197 15.77 5.39 -33.83
C LYS A 197 16.81 4.36 -34.24
N ILE A 198 16.39 3.34 -34.98
CA ILE A 198 17.33 2.57 -35.77
C ILE A 198 17.37 3.23 -37.13
N CYS A 199 18.47 3.91 -37.42
CA CYS A 199 18.64 4.58 -38.69
C CYS A 199 18.62 3.57 -39.81
N THR A 200 17.77 3.82 -40.80
CA THR A 200 17.43 2.83 -41.80
C THR A 200 17.27 3.55 -43.14
N ILE A 201 17.91 3.02 -44.18
CA ILE A 201 18.05 3.70 -45.45
C ILE A 201 17.79 2.68 -46.56
N GLY A 202 17.09 3.13 -47.60
CA GLY A 202 16.89 2.34 -48.80
C GLY A 202 17.44 2.98 -50.05
N ILE A 203 18.50 2.41 -50.62
CA ILE A 203 18.98 2.81 -51.94
C ILE A 203 18.09 2.11 -52.96
N ALA A 204 17.17 2.84 -53.60
CA ALA A 204 16.35 2.31 -54.67
C ALA A 204 16.65 3.06 -55.97
N PRO A 205 16.06 2.67 -57.11
CA PRO A 205 16.06 3.55 -58.28
C PRO A 205 14.81 4.40 -58.38
N TRP A 206 14.93 5.57 -59.02
CA TRP A 206 13.81 6.50 -59.07
C TRP A 206 12.72 6.02 -60.00
N GLY A 207 13.09 5.63 -61.21
CA GLY A 207 12.14 5.41 -62.28
C GLY A 207 11.03 4.44 -61.95
N VAL A 208 11.30 3.48 -61.09
CA VAL A 208 10.37 2.40 -60.85
C VAL A 208 9.29 2.81 -59.86
N ILE A 209 9.68 3.51 -58.78
CA ILE A 209 8.84 3.59 -57.58
C ILE A 209 7.50 4.24 -57.95
N GLU A 210 6.42 3.49 -57.78
CA GLU A 210 5.15 3.94 -58.33
C GLU A 210 4.66 5.14 -57.55
N ASN A 211 4.12 6.11 -58.27
CA ASN A 211 3.85 7.48 -57.82
C ASN A 211 5.16 8.24 -57.63
N ARG A 212 6.19 7.93 -58.42
CA ARG A 212 7.38 8.78 -58.42
C ARG A 212 7.00 10.20 -58.81
N ASN A 213 6.10 10.33 -59.79
CA ASN A 213 5.62 11.63 -60.26
C ASN A 213 4.99 12.45 -59.14
N ASP A 214 4.50 11.79 -58.09
CA ASP A 214 3.99 12.49 -56.91
C ASP A 214 5.15 13.16 -56.17
N LEU A 215 6.18 12.38 -55.86
CA LEU A 215 7.36 12.87 -55.15
C LEU A 215 8.08 13.99 -55.89
N VAL A 216 7.85 14.13 -57.20
CA VAL A 216 8.44 15.20 -57.99
C VAL A 216 8.00 16.53 -57.38
N GLY A 217 8.82 17.56 -57.56
CA GLY A 217 8.60 18.86 -56.94
C GLY A 217 9.64 19.18 -55.89
N ARG A 218 9.79 20.47 -55.61
CA ARG A 218 10.80 20.94 -54.68
C ARG A 218 10.38 20.54 -53.26
N ASP A 219 11.13 21.01 -52.25
CA ASP A 219 10.90 20.62 -50.86
C ASP A 219 9.44 20.72 -50.44
N VAL A 220 8.86 19.57 -50.12
CA VAL A 220 7.42 19.45 -49.95
C VAL A 220 7.16 18.31 -48.97
N VAL A 221 6.00 18.33 -48.33
CA VAL A 221 5.56 17.16 -47.58
C VAL A 221 5.08 16.19 -48.63
N ALA A 222 6.00 15.37 -49.14
CA ALA A 222 5.74 14.41 -50.22
C ALA A 222 4.54 13.55 -49.87
N PRO A 223 3.37 13.74 -50.52
CA PRO A 223 2.20 12.97 -50.08
C PRO A 223 2.21 11.57 -50.68
N TYR A 224 3.18 10.76 -50.26
CA TYR A 224 3.26 9.39 -50.73
C TYR A 224 2.04 8.64 -50.20
N GLN A 225 1.25 8.10 -51.11
CA GLN A 225 -0.13 7.76 -50.80
C GLN A 225 -0.29 6.40 -50.13
N THR A 226 0.75 5.59 -50.07
CA THR A 226 0.73 4.33 -49.33
C THR A 226 -0.26 3.33 -49.93
N LEU A 227 -0.67 3.51 -51.19
CA LEU A 227 -1.60 2.55 -51.77
C LEU A 227 -0.91 1.21 -51.98
N LEU A 228 -1.46 0.16 -51.36
CA LEU A 228 -0.97 -1.19 -51.56
C LEU A 228 -1.54 -1.83 -52.83
N ASN A 229 -2.13 -1.04 -53.75
CA ASN A 229 -2.71 -1.54 -55.00
C ASN A 229 -1.74 -2.46 -55.74
N PRO A 230 -2.01 -3.77 -55.82
CA PRO A 230 -1.00 -4.67 -56.42
C PRO A 230 -0.81 -4.48 -57.91
N LEU A 231 -1.65 -3.67 -58.56
CA LEU A 231 -1.39 -3.30 -59.95
C LEU A 231 -0.01 -2.66 -60.10
N SER A 232 0.41 -1.91 -59.08
CA SER A 232 1.71 -1.25 -59.09
C SER A 232 2.77 -2.24 -58.64
N LYS A 233 3.22 -3.09 -59.57
CA LYS A 233 4.31 -4.01 -59.29
C LYS A 233 5.60 -3.26 -58.98
N LEU A 234 5.77 -2.07 -59.55
CA LEU A 234 7.06 -1.42 -59.70
C LEU A 234 7.77 -1.26 -58.37
N ASN A 235 7.11 -0.58 -57.42
CA ASN A 235 7.08 -0.96 -56.00
C ASN A 235 6.33 0.06 -55.17
N VAL A 236 5.92 -0.36 -53.99
CA VAL A 236 5.50 0.54 -52.93
C VAL A 236 6.73 0.70 -52.04
N LEU A 237 7.20 1.94 -51.89
CA LEU A 237 8.27 2.23 -50.94
C LEU A 237 7.86 1.76 -49.55
N ASN A 238 8.67 0.90 -48.93
CA ASN A 238 8.34 0.45 -47.58
C ASN A 238 8.35 1.63 -46.63
N ASN A 239 7.26 1.80 -45.90
CA ASN A 239 7.01 3.04 -45.16
C ASN A 239 7.74 3.14 -43.83
N LEU A 240 8.66 2.22 -43.50
CA LEU A 240 9.37 2.27 -42.23
C LEU A 240 10.78 2.81 -42.38
N HIS A 241 11.44 2.50 -43.51
CA HIS A 241 12.74 3.09 -43.83
C HIS A 241 12.67 4.60 -43.77
N SER A 242 13.60 5.20 -43.05
CA SER A 242 13.56 6.63 -42.77
C SER A 242 14.08 7.48 -43.91
N HIS A 243 14.89 6.91 -44.80
CA HIS A 243 15.57 7.66 -45.83
C HIS A 243 15.59 6.87 -47.14
N PHE A 244 15.48 7.60 -48.26
CA PHE A 244 15.30 6.98 -49.58
C PHE A 244 16.16 7.70 -50.60
N ILE A 245 17.41 7.24 -50.77
CA ILE A 245 18.25 7.71 -51.87
C ILE A 245 17.77 6.92 -53.09
N LEU A 246 17.51 7.64 -54.18
CA LEU A 246 16.84 7.07 -55.34
C LEU A 246 17.65 7.41 -56.58
N VAL A 247 18.27 6.39 -57.18
CA VAL A 247 19.25 6.60 -58.24
C VAL A 247 18.52 6.95 -59.54
N ASP A 248 18.39 8.25 -59.79
CA ASP A 248 17.94 8.77 -61.09
C ASP A 248 19.05 8.60 -62.13
N ASP A 249 19.28 7.34 -62.50
CA ASP A 249 20.31 7.04 -63.49
C ASP A 249 19.98 7.65 -64.84
N GLY A 250 18.70 7.80 -65.14
CA GLY A 250 18.25 8.22 -66.46
C GLY A 250 17.55 7.11 -67.20
N THR A 251 17.00 6.16 -66.46
CA THR A 251 16.22 5.06 -67.02
C THR A 251 14.96 4.91 -66.17
N VAL A 252 13.98 4.18 -66.70
CA VAL A 252 12.74 3.88 -66.00
C VAL A 252 12.30 2.50 -66.45
N GLY A 253 12.01 1.63 -65.48
CA GLY A 253 11.78 0.22 -65.75
C GLY A 253 13.04 -0.61 -65.77
N LYS A 254 14.21 0.02 -65.94
CA LYS A 254 15.48 -0.67 -65.83
C LYS A 254 15.82 -0.88 -64.35
N TYR A 255 16.75 -1.81 -64.12
CA TYR A 255 17.10 -2.23 -62.77
C TYR A 255 18.60 -2.40 -62.66
N GLY A 256 19.13 -2.07 -61.48
CA GLY A 256 20.53 -2.26 -61.19
C GLY A 256 21.33 -0.98 -61.29
N ALA A 257 20.69 0.15 -61.00
CA ALA A 257 21.37 1.44 -61.01
C ALA A 257 22.21 1.68 -59.77
N GLU A 258 21.97 0.94 -58.70
CA GLU A 258 22.58 1.18 -57.39
C GLU A 258 23.66 0.17 -57.04
N VAL A 259 23.69 -0.97 -57.74
CA VAL A 259 24.48 -2.16 -57.38
C VAL A 259 25.92 -1.80 -57.09
N ARG A 260 26.44 -0.80 -57.81
CA ARG A 260 27.78 -0.31 -57.56
C ARG A 260 27.77 0.84 -56.56
N LEU A 261 26.89 1.84 -56.77
CA LEU A 261 26.80 3.01 -55.90
C LEU A 261 26.53 2.60 -54.46
N ARG A 262 25.55 1.73 -54.26
CA ARG A 262 25.22 1.22 -52.93
C ARG A 262 26.48 0.68 -52.26
N ARG A 263 27.24 -0.11 -53.02
CA ARG A 263 28.49 -0.64 -52.51
C ARG A 263 29.52 0.46 -52.28
N GLU A 264 29.67 1.39 -53.24
CA GLU A 264 30.70 2.42 -53.09
C GLU A 264 30.43 3.29 -51.87
N LEU A 265 29.16 3.64 -51.65
CA LEU A 265 28.78 4.30 -50.40
C LEU A 265 29.26 3.50 -49.19
N GLU A 266 29.04 2.18 -49.21
CA GLU A 266 29.54 1.34 -48.12
C GLU A 266 31.06 1.33 -48.08
N LYS A 267 31.71 1.36 -49.25
CA LYS A 267 33.16 1.43 -49.30
C LYS A 267 33.67 2.72 -48.69
N THR A 268 33.03 3.85 -48.98
CA THR A 268 33.35 5.11 -48.32
C THR A 268 32.49 5.35 -47.07
N ILE A 269 31.97 4.28 -46.46
CA ILE A 269 31.55 4.28 -45.06
C ILE A 269 32.54 3.53 -44.21
N ASN A 270 33.21 2.52 -44.75
CA ASN A 270 34.27 1.79 -44.09
C ASN A 270 35.64 2.39 -44.35
N GLN A 271 35.70 3.70 -44.59
CA GLN A 271 36.93 4.40 -44.91
C GLN A 271 37.12 5.64 -44.05
N GLN A 272 36.19 5.92 -43.13
CA GLN A 272 36.31 7.00 -42.17
C GLN A 272 36.49 6.44 -40.77
N ARG A 273 36.92 7.31 -39.87
CA ARG A 273 37.20 6.89 -38.50
C ARG A 273 35.92 6.70 -37.71
N ILE A 274 36.05 5.96 -36.61
CA ILE A 274 34.96 5.45 -35.80
C ILE A 274 35.03 6.02 -34.39
N HIS A 275 35.06 7.36 -34.28
CA HIS A 275 35.35 8.12 -33.05
C HIS A 275 36.83 8.25 -32.70
N ALA A 276 37.42 9.33 -33.24
CA ALA A 276 38.84 9.66 -33.29
C ALA A 276 39.74 9.09 -32.20
N ARG A 277 39.30 9.09 -30.94
CA ARG A 277 39.99 8.33 -29.90
C ARG A 277 40.26 6.92 -30.42
N ILE A 278 39.21 6.32 -30.99
CA ILE A 278 39.37 5.07 -31.71
C ILE A 278 39.89 5.36 -33.11
N GLY A 279 40.91 4.62 -33.53
CA GLY A 279 41.34 4.62 -34.92
C GLY A 279 41.06 3.31 -35.63
N GLN A 280 39.97 3.27 -36.40
CA GLN A 280 39.59 2.13 -37.21
C GLN A 280 38.60 2.62 -38.25
N GLY A 281 38.46 1.87 -39.34
CA GLY A 281 37.36 2.10 -40.26
C GLY A 281 36.07 1.51 -39.72
N VAL A 282 34.95 2.13 -40.08
CA VAL A 282 33.65 1.65 -39.62
C VAL A 282 33.45 0.25 -40.19
N PRO A 283 33.29 -0.79 -39.38
CA PRO A 283 33.14 -2.13 -39.95
C PRO A 283 31.79 -2.28 -40.62
N VAL A 284 31.72 -3.21 -41.57
CA VAL A 284 30.53 -3.40 -42.39
C VAL A 284 30.27 -4.90 -42.47
N VAL A 285 29.15 -5.35 -41.91
CA VAL A 285 28.66 -6.70 -42.08
C VAL A 285 27.81 -6.76 -43.35
N ALA A 286 27.44 -7.96 -43.80
CA ALA A 286 26.47 -8.14 -44.86
C ALA A 286 25.61 -9.37 -44.55
N LEU A 287 24.28 -9.23 -44.66
CA LEU A 287 23.34 -10.31 -44.37
C LEU A 287 22.60 -10.77 -45.63
N ILE A 288 22.05 -11.97 -45.53
CA ILE A 288 21.42 -12.66 -46.64
C ILE A 288 20.10 -13.25 -46.14
N PHE A 289 18.99 -12.81 -46.72
CA PHE A 289 17.68 -13.41 -46.55
C PHE A 289 17.40 -14.24 -47.79
N GLU A 290 16.13 -14.63 -47.98
CA GLU A 290 15.63 -15.62 -48.94
C GLU A 290 16.43 -15.68 -50.23
N GLY A 291 16.58 -14.55 -50.91
CA GLY A 291 17.70 -14.30 -51.80
C GLY A 291 17.69 -15.09 -53.09
N GLY A 292 18.25 -14.50 -54.14
CA GLY A 292 18.29 -15.11 -55.45
C GLY A 292 19.67 -15.60 -55.84
N PRO A 293 19.85 -15.90 -57.13
CA PRO A 293 21.17 -16.34 -57.60
C PRO A 293 22.19 -15.22 -57.67
N ASN A 294 21.76 -13.97 -57.78
CA ASN A 294 22.65 -12.83 -57.65
C ASN A 294 22.99 -12.51 -56.21
N VAL A 295 22.15 -12.93 -55.27
CA VAL A 295 22.40 -12.65 -53.86
C VAL A 295 23.54 -13.52 -53.34
N ILE A 296 23.61 -14.77 -53.80
CA ILE A 296 24.79 -15.60 -53.55
C ILE A 296 25.98 -15.04 -54.33
N LEU A 297 25.73 -14.47 -55.51
CA LEU A 297 26.82 -13.98 -56.35
C LEU A 297 27.57 -12.85 -55.66
N THR A 298 26.85 -11.95 -54.99
CA THR A 298 27.50 -10.83 -54.32
C THR A 298 28.22 -11.24 -53.04
N VAL A 299 27.97 -12.45 -52.55
CA VAL A 299 28.80 -12.99 -51.47
C VAL A 299 30.22 -13.19 -51.96
N LEU A 300 30.37 -13.61 -53.22
CA LEU A 300 31.68 -13.70 -53.84
C LEU A 300 32.28 -12.33 -54.11
N GLU A 301 31.49 -11.26 -54.01
CA GLU A 301 31.95 -9.88 -54.13
C GLU A 301 32.32 -9.27 -52.79
N TYR A 302 32.26 -10.05 -51.70
CA TYR A 302 32.66 -9.60 -50.37
C TYR A 302 33.84 -10.43 -49.88
N LEU A 303 33.75 -11.75 -50.01
CA LEU A 303 34.78 -12.64 -49.48
C LEU A 303 36.14 -12.40 -50.15
N GLN A 304 36.14 -11.94 -51.40
CA GLN A 304 37.34 -11.83 -52.21
C GLN A 304 37.45 -10.39 -52.72
N GLU A 305 37.30 -9.43 -51.82
CA GLU A 305 37.07 -8.02 -52.12
C GLU A 305 37.97 -7.17 -51.22
N SER A 306 38.05 -5.87 -51.51
CA SER A 306 38.69 -4.84 -50.69
C SER A 306 38.10 -4.95 -49.27
N PRO A 307 38.74 -4.37 -48.26
CA PRO A 307 39.02 -5.11 -47.00
C PRO A 307 37.92 -6.10 -46.65
N PRO A 308 38.24 -7.42 -46.49
CA PRO A 308 37.21 -8.46 -46.56
C PRO A 308 35.99 -8.26 -45.66
N VAL A 309 34.82 -8.28 -46.30
CA VAL A 309 33.55 -7.92 -45.67
C VAL A 309 32.86 -9.21 -45.23
N PRO A 310 32.66 -9.47 -43.93
CA PRO A 310 32.06 -10.75 -43.55
C PRO A 310 30.60 -10.87 -43.92
N VAL A 311 30.08 -12.08 -43.78
CA VAL A 311 28.78 -12.45 -44.32
C VAL A 311 28.05 -13.26 -43.27
N VAL A 312 26.78 -12.93 -43.06
CA VAL A 312 25.96 -13.42 -41.97
C VAL A 312 24.72 -14.08 -42.56
N VAL A 313 24.90 -14.91 -43.59
CA VAL A 313 23.82 -15.79 -44.03
C VAL A 313 23.20 -16.41 -42.79
N CYS A 314 21.90 -16.24 -42.62
CA CYS A 314 21.20 -16.89 -41.53
C CYS A 314 20.70 -18.25 -42.02
N GLU A 315 20.22 -19.03 -41.05
CA GLU A 315 19.69 -20.36 -41.30
C GLU A 315 18.17 -20.25 -41.21
N GLY A 316 17.47 -20.89 -42.12
CA GLY A 316 16.02 -21.06 -42.05
C GLY A 316 15.19 -20.03 -42.79
N THR A 317 15.80 -19.00 -43.37
CA THR A 317 15.03 -17.96 -44.05
C THR A 317 14.30 -18.49 -45.29
N GLY A 318 15.06 -18.88 -46.32
CA GLY A 318 14.48 -19.14 -47.63
C GLY A 318 15.36 -20.00 -48.51
N ARG A 319 15.47 -19.61 -49.79
CA ARG A 319 16.20 -20.42 -50.77
C ARG A 319 17.71 -20.18 -50.70
N ALA A 320 18.15 -18.92 -50.67
CA ALA A 320 19.58 -18.60 -50.71
C ALA A 320 20.23 -18.70 -49.35
N ALA A 321 19.74 -17.90 -48.39
CA ALA A 321 20.30 -17.81 -47.05
C ALA A 321 20.44 -19.18 -46.39
N ASP A 322 19.47 -20.06 -46.62
CA ASP A 322 19.49 -21.38 -46.02
C ASP A 322 20.36 -22.36 -46.77
N LEU A 323 20.38 -22.27 -48.09
CA LEU A 323 21.17 -23.19 -48.90
C LEU A 323 22.67 -22.97 -48.67
N LEU A 324 23.07 -21.73 -48.37
CA LEU A 324 24.48 -21.47 -48.12
C LEU A 324 24.92 -22.11 -46.81
N ALA A 325 23.98 -22.31 -45.88
CA ALA A 325 24.28 -23.10 -44.68
C ALA A 325 24.57 -24.54 -45.07
N TYR A 326 23.85 -25.07 -46.05
CA TYR A 326 23.98 -26.46 -46.46
C TYR A 326 25.40 -26.72 -46.96
N ILE A 327 25.85 -25.94 -47.95
CA ILE A 327 27.21 -26.07 -48.48
C ILE A 327 28.22 -25.73 -47.40
N HIS A 328 27.89 -24.82 -46.49
CA HIS A 328 28.77 -24.58 -45.34
C HIS A 328 28.91 -25.83 -44.49
N LYS A 329 27.77 -26.35 -44.02
CA LYS A 329 27.73 -27.46 -43.07
C LYS A 329 28.45 -28.70 -43.56
N GLN A 330 28.01 -29.26 -44.69
CA GLN A 330 28.52 -30.55 -45.15
C GLN A 330 29.94 -30.48 -45.66
N THR A 331 30.52 -29.29 -45.79
CA THR A 331 31.83 -29.10 -46.38
C THR A 331 32.82 -28.70 -45.30
N GLU A 332 34.06 -29.15 -45.45
CA GLU A 332 35.08 -28.98 -44.42
C GLU A 332 35.49 -27.51 -44.33
N GLU A 333 36.30 -27.18 -43.32
CA GLU A 333 36.81 -25.82 -43.13
C GLU A 333 37.45 -25.26 -44.40
N GLY A 334 38.07 -26.12 -45.20
CA GLY A 334 38.59 -25.74 -46.50
C GLY A 334 37.60 -25.92 -47.62
N GLY A 335 36.31 -26.07 -47.30
CA GLY A 335 35.30 -26.29 -48.32
C GLY A 335 35.35 -27.65 -48.98
N ASN A 336 35.88 -28.66 -48.29
CA ASN A 336 36.00 -29.98 -48.87
C ASN A 336 34.64 -30.68 -48.87
N LEU A 337 34.10 -30.92 -50.07
CA LEU A 337 32.77 -31.48 -50.25
C LEU A 337 32.79 -33.01 -50.17
N PRO A 338 31.69 -33.64 -49.73
CA PRO A 338 31.55 -35.08 -50.00
C PRO A 338 31.38 -35.28 -51.50
N ASP A 339 32.25 -36.12 -52.08
CA ASP A 339 32.42 -36.23 -53.53
C ASP A 339 31.12 -36.39 -54.32
N ALA A 340 30.08 -36.93 -53.68
CA ALA A 340 28.76 -36.99 -54.29
C ALA A 340 27.95 -35.71 -54.04
N ALA A 341 28.59 -34.62 -53.60
CA ALA A 341 27.86 -33.36 -53.38
C ALA A 341 27.36 -32.77 -54.69
N GLU A 342 28.27 -32.40 -55.59
CA GLU A 342 27.87 -31.93 -56.92
C GLU A 342 27.00 -32.98 -57.63
N PRO A 343 27.19 -34.28 -57.42
CA PRO A 343 26.18 -35.23 -57.90
C PRO A 343 24.83 -35.25 -57.17
N ASP A 344 24.61 -34.49 -56.09
CA ASP A 344 23.28 -34.42 -55.49
C ASP A 344 22.83 -33.02 -55.06
N ILE A 345 23.72 -32.04 -55.03
CA ILE A 345 23.32 -30.65 -54.77
C ILE A 345 22.74 -30.03 -56.04
N ILE A 346 23.22 -30.44 -57.21
CA ILE A 346 22.74 -29.87 -58.45
C ILE A 346 21.27 -30.25 -58.66
N SER A 347 20.80 -31.27 -57.96
CA SER A 347 19.37 -31.49 -57.81
C SER A 347 18.72 -30.42 -56.94
N THR A 348 19.38 -30.04 -55.83
CA THR A 348 18.84 -29.01 -54.95
C THR A 348 18.61 -27.70 -55.70
N ILE A 349 19.58 -27.30 -56.51
CA ILE A 349 19.47 -26.08 -57.30
C ILE A 349 18.30 -26.22 -58.26
N LYS A 350 18.23 -27.35 -58.96
CA LYS A 350 17.13 -27.62 -59.87
C LYS A 350 15.84 -27.90 -59.09
N LYS A 351 15.97 -28.25 -57.81
CA LYS A 351 14.79 -28.38 -56.95
C LYS A 351 14.30 -27.02 -56.49
N THR A 352 15.19 -26.19 -55.94
CA THR A 352 14.82 -24.86 -55.47
C THR A 352 14.53 -23.95 -56.65
N PHE A 353 15.55 -23.73 -57.48
CA PHE A 353 15.41 -22.98 -58.71
C PHE A 353 15.01 -23.92 -59.84
N ASN A 354 14.47 -23.36 -60.91
CA ASN A 354 14.69 -23.92 -62.23
C ASN A 354 15.84 -23.22 -62.93
N PHE A 355 16.98 -23.13 -62.24
CA PHE A 355 18.15 -22.42 -62.77
C PHE A 355 18.81 -23.24 -63.88
N GLY A 356 18.70 -24.57 -63.79
CA GLY A 356 19.08 -25.47 -64.87
C GLY A 356 19.86 -26.66 -64.35
N GLN A 357 20.63 -27.29 -65.24
CA GLN A 357 21.63 -28.28 -64.84
C GLN A 357 23.05 -27.79 -65.07
N SER A 358 23.43 -27.51 -66.32
CA SER A 358 24.75 -26.94 -66.56
C SER A 358 24.87 -25.57 -65.92
N GLU A 359 23.79 -24.79 -65.97
CA GLU A 359 23.70 -23.58 -65.19
C GLU A 359 23.90 -23.88 -63.71
N ALA A 360 23.15 -24.86 -63.19
CA ALA A 360 23.23 -25.20 -61.78
C ALA A 360 24.62 -25.68 -61.39
N VAL A 361 25.30 -26.39 -62.29
CA VAL A 361 26.67 -26.84 -62.04
C VAL A 361 27.54 -25.62 -61.82
N HIS A 362 27.37 -24.61 -62.66
CA HIS A 362 28.10 -23.35 -62.52
C HIS A 362 27.82 -22.69 -61.17
N LEU A 363 26.55 -22.69 -60.75
CA LEU A 363 26.13 -22.08 -59.49
C LEU A 363 26.89 -22.67 -58.31
N PHE A 364 26.79 -23.98 -58.13
CA PHE A 364 27.49 -24.65 -57.02
C PHE A 364 29.00 -24.43 -57.14
N GLN A 365 29.52 -24.47 -58.36
CA GLN A 365 30.93 -24.21 -58.60
C GLN A 365 31.34 -22.82 -58.12
N THR A 366 30.60 -21.80 -58.53
CA THR A 366 30.83 -20.45 -58.00
C THR A 366 30.52 -20.40 -56.51
N MET A 367 29.50 -21.13 -56.08
CA MET A 367 29.13 -21.12 -54.68
C MET A 367 30.18 -21.80 -53.80
N MET A 368 31.03 -22.64 -54.38
CA MET A 368 32.19 -23.12 -53.64
C MET A 368 33.33 -22.12 -53.77
N GLU A 369 33.45 -21.47 -54.92
CA GLU A 369 34.38 -20.36 -55.11
C GLU A 369 34.08 -19.29 -54.08
N CYS A 370 32.80 -19.15 -53.72
CA CYS A 370 32.42 -18.43 -52.50
C CYS A 370 32.97 -19.13 -51.25
N MET A 371 32.70 -20.43 -51.10
CA MET A 371 33.00 -21.15 -49.87
C MET A 371 34.45 -21.62 -49.77
N LYS A 372 35.36 -21.05 -50.57
CA LYS A 372 36.77 -21.36 -50.41
C LYS A 372 37.37 -20.78 -49.13
N LYS A 373 36.70 -19.79 -48.52
CA LYS A 373 37.14 -19.21 -47.26
C LYS A 373 35.93 -19.09 -46.33
N LYS A 374 35.79 -20.06 -45.42
CA LYS A 374 34.67 -20.09 -44.49
C LYS A 374 35.07 -19.71 -43.07
N GLU A 375 36.26 -19.16 -42.87
CA GLU A 375 36.60 -18.51 -41.61
C GLU A 375 35.98 -17.12 -41.50
N LEU A 376 35.25 -16.68 -42.52
CA LEU A 376 34.84 -15.29 -42.68
C LEU A 376 33.34 -15.15 -42.90
N ILE A 377 32.63 -16.25 -43.17
CA ILE A 377 31.18 -16.25 -43.22
C ILE A 377 30.64 -16.76 -41.90
N THR A 378 29.33 -16.63 -41.73
CA THR A 378 28.69 -16.93 -40.46
C THR A 378 27.28 -17.43 -40.72
N VAL A 379 27.09 -18.74 -40.59
CA VAL A 379 25.75 -19.33 -40.63
C VAL A 379 25.14 -19.12 -39.25
N PHE A 380 24.16 -18.23 -39.16
CA PHE A 380 23.41 -18.12 -37.91
C PHE A 380 22.42 -19.26 -37.81
N HIS A 381 22.83 -20.34 -37.15
CA HIS A 381 21.95 -21.48 -36.98
C HIS A 381 20.83 -21.11 -36.02
N ILE A 382 19.80 -20.45 -36.55
CA ILE A 382 18.69 -20.01 -35.70
C ILE A 382 18.02 -21.19 -35.02
N GLY A 383 17.91 -22.31 -35.72
CA GLY A 383 17.60 -23.57 -35.09
C GLY A 383 18.82 -24.03 -34.33
N SER A 384 18.62 -24.55 -33.11
CA SER A 384 19.65 -24.94 -32.16
C SER A 384 20.27 -23.73 -31.45
N GLU A 385 19.82 -22.52 -31.80
CA GLU A 385 20.11 -21.31 -31.04
C GLU A 385 21.61 -21.08 -30.84
N ASP A 386 22.31 -20.80 -31.94
CA ASP A 386 23.75 -20.52 -31.92
C ASP A 386 23.91 -19.03 -32.11
N HIS A 387 24.46 -18.36 -31.08
CA HIS A 387 24.57 -16.90 -30.94
C HIS A 387 23.25 -16.27 -30.47
N GLN A 388 22.18 -17.06 -30.34
CA GLN A 388 20.94 -16.74 -29.64
C GLN A 388 20.22 -15.42 -29.99
N ASP A 389 20.70 -14.74 -31.02
CA ASP A 389 20.13 -13.57 -31.67
C ASP A 389 21.09 -13.41 -32.83
N ILE A 390 20.62 -12.93 -33.98
CA ILE A 390 21.55 -12.78 -35.10
C ILE A 390 22.66 -11.82 -34.74
N ASP A 391 22.35 -10.84 -33.87
CA ASP A 391 23.29 -9.86 -33.33
C ASP A 391 24.65 -10.41 -32.93
N VAL A 392 24.67 -11.33 -31.97
CA VAL A 392 25.91 -11.83 -31.38
C VAL A 392 26.76 -12.47 -32.47
N ALA A 393 26.11 -13.01 -33.51
CA ALA A 393 26.83 -13.50 -34.67
C ALA A 393 27.26 -12.35 -35.57
N ILE A 394 26.42 -11.32 -35.69
CA ILE A 394 26.78 -10.15 -36.51
C ILE A 394 28.02 -9.49 -35.96
N LEU A 395 28.00 -9.17 -34.66
CA LEU A 395 29.10 -8.43 -34.07
C LEU A 395 30.36 -9.28 -34.00
N THR A 396 30.21 -10.53 -33.56
CA THR A 396 31.34 -11.47 -33.60
C THR A 396 31.93 -11.59 -34.99
N ALA A 397 31.07 -11.59 -36.02
CA ALA A 397 31.51 -11.76 -37.40
C ALA A 397 32.50 -10.68 -37.82
N LEU A 398 32.45 -9.51 -37.18
CA LEU A 398 33.34 -8.41 -37.49
C LEU A 398 34.58 -8.39 -36.60
N LEU A 399 34.77 -9.42 -35.77
CA LEU A 399 35.89 -9.52 -34.85
C LEU A 399 36.67 -10.81 -35.12
N LYS A 400 36.50 -11.36 -36.33
CA LYS A 400 37.09 -12.65 -36.67
C LYS A 400 37.10 -12.83 -38.17
N GLY A 401 38.29 -12.80 -38.78
CA GLY A 401 38.44 -13.00 -40.20
C GLY A 401 39.03 -11.81 -40.94
N THR A 402 39.58 -10.86 -40.19
CA THR A 402 40.25 -9.69 -40.76
C THR A 402 41.68 -9.58 -40.23
N ASN A 403 42.26 -10.72 -39.84
CA ASN A 403 43.55 -10.86 -39.14
C ASN A 403 43.79 -9.73 -38.12
N ALA A 404 42.75 -9.39 -37.37
CA ALA A 404 42.84 -8.29 -36.42
C ALA A 404 43.36 -8.79 -35.07
N SER A 405 44.04 -7.89 -34.36
CA SER A 405 44.60 -8.21 -33.06
C SER A 405 43.53 -8.09 -31.98
N ALA A 406 43.77 -8.76 -30.85
CA ALA A 406 42.79 -8.75 -29.76
C ALA A 406 42.62 -7.36 -29.17
N PHE A 407 43.65 -6.51 -29.26
CA PHE A 407 43.42 -5.10 -28.95
C PHE A 407 42.56 -4.44 -30.01
N ASP A 408 42.80 -4.78 -31.28
CA ASP A 408 41.93 -4.32 -32.35
C ASP A 408 40.54 -4.91 -32.26
N GLN A 409 40.35 -5.97 -31.45
CA GLN A 409 39.02 -6.53 -31.23
C GLN A 409 38.31 -5.87 -30.05
N LEU A 410 39.02 -5.63 -28.93
CA LEU A 410 38.42 -4.89 -27.83
C LEU A 410 37.99 -3.51 -28.28
N ILE A 411 38.94 -2.76 -28.81
CA ILE A 411 38.80 -1.34 -29.13
C ILE A 411 37.55 -1.05 -29.95
N LEU A 412 37.10 -2.05 -30.72
CA LEU A 412 35.85 -1.92 -31.44
C LEU A 412 34.67 -2.15 -30.51
N THR A 413 34.71 -3.23 -29.72
CA THR A 413 33.68 -3.47 -28.71
C THR A 413 33.53 -2.29 -27.76
N LEU A 414 34.64 -1.66 -27.39
CA LEU A 414 34.60 -0.48 -26.55
C LEU A 414 33.83 0.64 -27.23
N ALA A 415 34.01 0.80 -28.54
CA ALA A 415 33.32 1.84 -29.29
C ALA A 415 31.82 1.59 -29.38
N TRP A 416 31.37 0.35 -29.19
CA TRP A 416 30.00 -0.06 -29.49
C TRP A 416 29.08 -0.08 -28.27
N ASP A 417 29.65 -0.05 -27.07
CA ASP A 417 28.94 -0.30 -25.81
C ASP A 417 28.53 -1.76 -25.68
N ARG A 418 29.42 -2.68 -26.04
CA ARG A 418 29.17 -4.12 -25.92
C ARG A 418 30.33 -4.76 -25.16
N VAL A 419 30.16 -4.80 -23.85
CA VAL A 419 31.04 -5.52 -22.93
C VAL A 419 30.84 -7.01 -23.12
N ASP A 420 29.58 -7.42 -23.29
CA ASP A 420 29.23 -8.83 -23.41
C ASP A 420 29.98 -9.48 -24.57
N ILE A 421 30.17 -8.74 -25.64
CA ILE A 421 30.99 -9.22 -26.75
C ILE A 421 32.45 -9.28 -26.32
N ALA A 422 32.91 -8.29 -25.56
CA ALA A 422 34.32 -8.25 -25.17
C ALA A 422 34.67 -9.30 -24.12
N LYS A 423 33.86 -9.42 -23.08
CA LYS A 423 34.18 -10.39 -22.03
C LYS A 423 34.07 -11.82 -22.53
N ASN A 424 33.13 -12.08 -23.43
CA ASN A 424 32.87 -13.46 -23.86
C ASN A 424 33.76 -13.89 -25.02
N HIS A 425 34.19 -12.96 -25.87
CA HIS A 425 34.98 -13.29 -27.05
C HIS A 425 36.39 -12.70 -27.01
N VAL A 426 36.51 -11.40 -26.71
CA VAL A 426 37.82 -10.76 -26.73
C VAL A 426 38.65 -11.27 -25.55
N PHE A 427 38.01 -11.36 -24.38
CA PHE A 427 38.66 -11.91 -23.19
C PHE A 427 38.37 -13.40 -23.10
N VAL A 428 38.98 -14.13 -24.02
CA VAL A 428 38.78 -15.56 -24.18
C VAL A 428 40.02 -16.29 -23.65
N TYR A 429 39.80 -17.53 -23.22
CA TYR A 429 40.88 -18.35 -22.69
C TYR A 429 42.00 -18.49 -23.72
N GLY A 430 43.23 -18.22 -23.28
CA GLY A 430 44.39 -18.28 -24.16
C GLY A 430 44.52 -17.13 -25.15
N GLN A 431 44.86 -15.94 -24.67
CA GLN A 431 44.91 -14.73 -25.50
C GLN A 431 46.20 -13.97 -25.18
N GLN A 432 46.61 -13.07 -26.09
CA GLN A 432 47.97 -12.54 -26.10
C GLN A 432 48.17 -11.23 -25.32
N TRP A 433 47.55 -10.13 -25.74
CA TRP A 433 47.56 -8.89 -24.96
C TRP A 433 48.95 -8.32 -24.69
N LEU A 434 49.60 -7.72 -25.70
CA LEU A 434 51.06 -7.57 -25.73
C LEU A 434 51.72 -6.88 -24.53
N VAL A 435 51.65 -5.54 -24.43
CA VAL A 435 52.24 -4.83 -23.29
C VAL A 435 51.30 -3.78 -22.71
N GLY A 436 50.95 -2.76 -23.50
CA GLY A 436 50.14 -1.66 -23.03
C GLY A 436 48.80 -1.57 -23.74
N SER A 437 48.45 -2.61 -24.50
CA SER A 437 47.13 -2.74 -25.11
C SER A 437 46.04 -2.56 -24.08
N LEU A 438 46.15 -3.29 -22.96
CA LEU A 438 45.25 -3.06 -21.85
C LEU A 438 45.28 -1.61 -21.41
N GLU A 439 46.49 -1.07 -21.23
CA GLU A 439 46.66 0.30 -20.79
C GLU A 439 46.14 1.30 -21.79
N GLN A 440 46.30 1.05 -23.09
CA GLN A 440 45.77 1.99 -24.06
C GLN A 440 44.25 1.93 -24.13
N ALA A 441 43.67 0.75 -23.90
CA ALA A 441 42.22 0.65 -23.83
C ALA A 441 41.66 1.42 -22.65
N MET A 442 42.40 1.49 -21.55
CA MET A 442 41.89 2.12 -20.35
C MET A 442 41.94 3.64 -20.47
N LEU A 443 42.98 4.15 -21.11
CA LEU A 443 42.97 5.57 -21.46
C LEU A 443 41.84 5.88 -22.42
N ASP A 444 41.39 4.88 -23.20
CA ASP A 444 40.27 5.07 -24.11
C ASP A 444 38.94 4.90 -23.39
N ALA A 445 38.85 3.92 -22.50
CA ALA A 445 37.59 3.66 -21.80
C ALA A 445 37.25 4.74 -20.78
N LEU A 446 38.25 5.34 -20.14
CA LEU A 446 38.02 6.34 -19.12
C LEU A 446 37.59 7.67 -19.73
N VAL A 447 38.33 8.14 -20.72
CA VAL A 447 37.99 9.39 -21.41
C VAL A 447 36.63 9.28 -22.09
N MET A 448 36.25 8.08 -22.53
CA MET A 448 34.96 7.88 -23.19
C MET A 448 33.84 7.59 -22.19
N ASP A 449 34.18 7.43 -20.90
CA ASP A 449 33.18 7.34 -19.84
C ASP A 449 32.38 6.06 -19.98
N ARG A 450 33.08 4.95 -20.17
CA ARG A 450 32.50 3.61 -20.25
C ARG A 450 33.03 2.83 -19.06
N VAL A 451 32.29 2.89 -17.96
CA VAL A 451 32.74 2.24 -16.73
C VAL A 451 32.78 0.73 -16.91
N SER A 452 31.82 0.19 -17.65
CA SER A 452 31.65 -1.26 -17.71
C SER A 452 32.85 -1.93 -18.37
N PHE A 453 33.54 -1.22 -19.28
CA PHE A 453 34.80 -1.71 -19.82
C PHE A 453 35.95 -1.45 -18.87
N VAL A 454 35.91 -0.32 -18.17
CA VAL A 454 36.89 -0.04 -17.12
C VAL A 454 36.80 -1.10 -16.04
N LYS A 455 35.59 -1.41 -15.61
CA LYS A 455 35.35 -2.46 -14.64
C LYS A 455 35.94 -3.78 -15.11
N LEU A 456 35.67 -4.13 -16.37
CA LEU A 456 36.19 -5.38 -16.93
C LEU A 456 37.71 -5.37 -16.95
N LEU A 457 38.29 -4.32 -17.53
CA LEU A 457 39.75 -4.21 -17.62
C LEU A 457 40.42 -4.30 -16.26
N ILE A 458 39.86 -3.63 -15.26
CA ILE A 458 40.40 -3.72 -13.90
C ILE A 458 40.39 -5.16 -13.39
N GLU A 459 39.48 -6.00 -13.90
CA GLU A 459 39.43 -7.40 -13.53
C GLU A 459 40.35 -8.28 -14.35
N ASN A 460 40.80 -7.81 -15.51
CA ASN A 460 41.46 -8.65 -16.50
C ASN A 460 42.91 -8.22 -16.72
N GLY A 461 43.60 -7.90 -15.62
CA GLY A 461 45.04 -7.71 -15.62
C GLY A 461 45.48 -6.28 -15.42
N VAL A 462 44.59 -5.30 -15.60
CA VAL A 462 44.96 -3.91 -15.43
C VAL A 462 45.15 -3.62 -13.95
N SER A 463 46.11 -2.75 -13.66
CA SER A 463 46.30 -2.19 -12.33
C SER A 463 46.48 -0.69 -12.48
N MET A 464 45.68 0.07 -11.74
CA MET A 464 45.77 1.53 -11.78
C MET A 464 47.07 2.05 -11.18
N HIS A 465 47.81 1.22 -10.47
CA HIS A 465 49.02 1.65 -9.78
C HIS A 465 50.14 2.00 -10.75
N LYS A 466 50.43 1.13 -11.70
CA LYS A 466 51.43 1.42 -12.72
C LYS A 466 50.86 2.20 -13.89
N PHE A 467 49.55 2.39 -13.93
CA PHE A 467 48.88 3.13 -15.00
C PHE A 467 48.17 4.35 -14.39
N LEU A 468 48.93 5.42 -14.12
CA LEU A 468 48.29 6.71 -13.93
C LEU A 468 49.26 7.84 -14.19
N THR A 469 50.24 7.66 -15.09
CA THR A 469 51.37 8.58 -15.21
C THR A 469 51.00 10.04 -15.40
N ILE A 470 51.96 10.94 -15.14
CA ILE A 470 51.67 12.36 -15.15
C ILE A 470 51.20 12.86 -16.53
N PRO A 471 51.88 12.50 -17.65
CA PRO A 471 51.32 12.91 -18.96
C PRO A 471 49.97 12.29 -19.21
N ARG A 472 49.79 11.04 -18.79
CA ARG A 472 48.55 10.34 -19.05
C ARG A 472 47.37 10.98 -18.33
N LEU A 473 47.43 11.05 -17.00
CA LEU A 473 46.33 11.61 -16.24
C LEU A 473 46.15 13.10 -16.56
N GLU A 474 47.23 13.77 -16.96
CA GLU A 474 47.11 15.13 -17.45
C GLU A 474 46.38 15.16 -18.78
N GLU A 475 46.57 14.13 -19.61
CA GLU A 475 45.82 14.01 -20.85
C GLU A 475 44.36 13.87 -20.48
N LEU A 476 44.07 12.82 -19.73
CA LEU A 476 42.74 12.43 -19.28
C LEU A 476 41.93 13.57 -18.67
N TYR A 477 42.60 14.59 -18.14
CA TYR A 477 41.90 15.81 -17.74
C TYR A 477 41.44 16.59 -18.96
N ASN A 478 42.36 16.84 -19.89
CA ASN A 478 42.19 17.88 -20.91
C ASN A 478 41.78 17.28 -22.24
N THR A 479 40.60 16.68 -22.24
CA THR A 479 40.00 16.07 -23.43
C THR A 479 38.54 16.47 -23.50
N LYS A 480 38.16 17.10 -24.60
CA LYS A 480 36.77 17.32 -24.94
C LYS A 480 36.16 16.14 -25.69
N GLN A 481 36.92 15.06 -25.90
CA GLN A 481 36.37 13.80 -26.36
C GLN A 481 35.56 13.16 -25.24
N GLY A 482 34.29 12.91 -25.49
CA GLY A 482 33.43 12.28 -24.53
C GLY A 482 32.72 13.27 -23.65
N PRO A 483 31.97 12.78 -22.65
CA PRO A 483 31.20 13.67 -21.77
C PRO A 483 32.06 14.75 -21.12
N THR A 484 31.81 15.99 -21.51
CA THR A 484 32.67 17.12 -21.19
C THR A 484 31.95 18.07 -20.24
N ASN A 485 32.74 18.71 -19.38
CA ASN A 485 32.23 19.67 -18.42
C ASN A 485 32.47 21.09 -18.93
N PRO A 486 31.45 21.93 -19.08
CA PRO A 486 31.69 23.36 -19.32
C PRO A 486 32.07 24.15 -18.08
N MET A 487 31.98 23.55 -16.90
CA MET A 487 32.20 24.24 -15.64
C MET A 487 33.67 24.31 -15.27
N LEU A 488 34.42 23.22 -15.48
CA LEU A 488 35.82 23.18 -15.11
C LEU A 488 36.62 24.24 -15.86
N PHE A 489 36.30 24.46 -17.13
CA PHE A 489 37.01 25.47 -17.89
C PHE A 489 36.70 26.87 -17.37
N HIS A 490 35.53 27.05 -16.77
CA HIS A 490 35.26 28.28 -16.05
C HIS A 490 36.02 28.34 -14.74
N LEU A 491 36.18 27.21 -14.07
CA LEU A 491 36.88 27.20 -12.79
C LEU A 491 38.35 27.51 -13.00
N ILE A 492 38.94 26.95 -14.05
CA ILE A 492 40.33 27.23 -14.34
C ILE A 492 40.51 28.69 -14.74
N ARG A 493 39.45 29.30 -15.29
CA ARG A 493 39.52 30.71 -15.66
C ARG A 493 39.80 31.57 -14.43
N ASP A 494 38.96 31.44 -13.40
CA ASP A 494 39.07 32.30 -12.23
C ASP A 494 40.40 32.15 -11.53
N VAL A 495 40.81 30.90 -11.27
CA VAL A 495 42.07 30.67 -10.55
C VAL A 495 43.26 31.14 -11.37
N LYS A 496 43.14 31.12 -12.70
CA LYS A 496 44.17 31.67 -13.57
C LYS A 496 43.91 33.13 -13.90
N GLN A 497 43.57 33.93 -12.89
CA GLN A 497 43.45 35.37 -13.03
C GLN A 497 42.39 35.79 -14.06
N GLY A 498 41.53 34.85 -14.45
CA GLY A 498 40.60 35.12 -15.53
C GLY A 498 41.28 35.46 -16.83
N ASN A 499 42.43 34.84 -17.08
CA ASN A 499 43.18 35.01 -18.33
C ASN A 499 43.50 33.64 -18.89
N LEU A 500 43.01 33.38 -20.10
CA LEU A 500 43.28 32.14 -20.81
C LEU A 500 44.18 32.44 -22.01
N PRO A 501 45.31 31.77 -22.17
CA PRO A 501 45.86 31.60 -23.50
C PRO A 501 44.82 30.92 -24.37
N PRO A 502 44.64 31.32 -25.64
CA PRO A 502 43.56 30.72 -26.43
C PRO A 502 43.67 29.20 -26.57
N GLY A 503 44.89 28.66 -26.64
CA GLY A 503 45.08 27.23 -26.54
C GLY A 503 45.00 26.70 -25.12
N TYR A 504 45.99 27.04 -24.30
CA TYR A 504 46.00 26.74 -22.86
C TYR A 504 45.78 25.27 -22.53
N LYS A 505 46.80 24.44 -22.75
CA LYS A 505 46.83 23.09 -22.20
C LYS A 505 46.67 23.15 -20.68
N ILE A 506 45.87 22.24 -20.12
CA ILE A 506 45.61 22.19 -18.68
C ILE A 506 46.71 21.37 -18.02
N THR A 507 47.29 21.91 -16.95
CA THR A 507 48.28 21.19 -16.16
C THR A 507 47.57 20.45 -15.03
N LEU A 508 48.34 19.66 -14.27
CA LEU A 508 47.85 19.17 -12.99
C LEU A 508 47.85 20.29 -11.97
N ILE A 509 48.76 21.26 -12.14
CA ILE A 509 48.96 22.32 -11.15
C ILE A 509 47.71 23.18 -11.03
N ASP A 510 47.28 23.77 -12.15
CA ASP A 510 46.15 24.69 -12.14
C ASP A 510 44.88 24.01 -11.63
N ILE A 511 44.77 22.69 -11.80
CA ILE A 511 43.67 21.96 -11.18
C ILE A 511 43.77 22.02 -9.66
N GLY A 512 44.97 21.89 -9.12
CA GLY A 512 45.14 21.92 -7.68
C GLY A 512 44.60 23.18 -7.06
N LEU A 513 44.72 24.30 -7.77
CA LEU A 513 44.13 25.55 -7.31
C LEU A 513 42.62 25.56 -7.45
N VAL A 514 42.05 24.72 -8.31
CA VAL A 514 40.60 24.61 -8.42
C VAL A 514 40.04 23.91 -7.19
N ILE A 515 40.69 22.80 -6.80
CA ILE A 515 40.24 22.04 -5.64
C ILE A 515 40.34 22.88 -4.37
N GLU A 516 41.46 23.58 -4.22
CA GLU A 516 41.65 24.47 -3.09
C GLU A 516 40.63 25.60 -3.04
N TYR A 517 39.98 25.89 -4.17
CA TYR A 517 38.87 26.82 -4.22
C TYR A 517 37.53 26.14 -3.98
N LEU A 518 37.41 24.88 -4.38
CA LEU A 518 36.19 24.12 -4.20
C LEU A 518 36.08 23.53 -2.80
N MET A 519 37.16 22.97 -2.29
CA MET A 519 37.16 22.46 -0.93
C MET A 519 37.14 23.58 0.10
N GLY A 520 37.72 24.72 -0.23
CA GLY A 520 37.53 25.91 0.56
C GLY A 520 38.40 25.95 1.79
N GLY A 521 38.26 27.05 2.52
CA GLY A 521 38.99 27.22 3.75
C GLY A 521 40.48 27.31 3.49
N THR A 522 41.22 26.39 4.10
CA THR A 522 42.67 26.34 4.01
C THR A 522 43.14 24.96 3.55
N TYR A 523 42.40 24.38 2.60
CA TYR A 523 42.79 23.11 2.01
C TYR A 523 44.00 23.32 1.11
N ARG A 524 44.84 22.29 1.04
CA ARG A 524 46.08 22.33 0.28
C ARG A 524 46.18 21.03 -0.49
N CYS A 525 45.91 21.09 -1.79
CA CYS A 525 45.96 19.89 -2.61
C CYS A 525 47.39 19.41 -2.77
N THR A 526 47.55 18.10 -2.95
CA THR A 526 48.87 17.53 -3.21
C THR A 526 49.40 17.84 -4.59
N TYR A 527 48.64 18.54 -5.43
CA TYR A 527 49.11 18.97 -6.75
C TYR A 527 49.78 20.33 -6.73
N THR A 528 49.63 21.10 -5.64
CA THR A 528 50.24 22.41 -5.52
C THR A 528 51.42 22.42 -4.55
N ARG A 529 51.85 21.26 -4.07
CA ARG A 529 52.90 21.23 -3.06
C ARG A 529 54.25 21.52 -3.72
N LYS A 530 55.28 21.63 -2.89
CA LYS A 530 56.58 22.05 -3.36
C LYS A 530 57.25 20.95 -4.17
N ARG A 531 57.30 19.75 -3.60
CA ARG A 531 57.91 18.59 -4.27
C ARG A 531 57.23 18.32 -5.60
N PHE A 532 55.92 18.13 -5.57
CA PHE A 532 55.16 17.82 -6.77
C PHE A 532 55.33 18.88 -7.84
N ARG A 533 55.26 20.15 -7.45
CA ARG A 533 55.33 21.23 -8.43
C ARG A 533 56.66 21.22 -9.16
N LEU A 534 57.73 20.73 -8.51
CA LEU A 534 59.04 20.70 -9.14
C LEU A 534 59.18 19.51 -10.07
N ILE A 535 58.94 18.30 -9.53
CA ILE A 535 59.07 17.06 -10.32
C ILE A 535 58.16 17.10 -11.54
N TYR A 536 57.08 17.86 -11.47
CA TYR A 536 56.21 18.03 -12.63
C TYR A 536 56.96 18.75 -13.75
N ASN A 537 57.51 19.92 -13.46
CA ASN A 537 58.32 20.65 -14.42
C ASN A 537 59.49 19.81 -14.92
N SER A 538 60.16 19.13 -13.99
CA SER A 538 61.31 18.30 -14.32
C SER A 538 60.93 17.19 -15.28
N LEU A 539 59.94 16.38 -14.90
CA LEU A 539 59.44 15.33 -15.77
C LEU A 539 58.86 15.91 -17.05
N GLU A 613 59.12 6.77 -14.04
CA GLU A 613 59.59 5.87 -13.00
C GLU A 613 58.89 6.15 -11.67
N THR A 614 59.21 7.30 -11.07
CA THR A 614 58.54 7.72 -9.84
C THR A 614 57.19 8.36 -10.10
N LYS A 615 56.80 8.49 -11.36
CA LYS A 615 55.57 9.18 -11.74
C LYS A 615 54.39 8.20 -11.75
N ARG A 616 54.20 7.54 -10.60
CA ARG A 616 53.16 6.53 -10.49
C ARG A 616 52.28 6.69 -9.25
N PHE A 617 52.20 7.89 -8.64
CA PHE A 617 51.04 8.31 -7.85
C PHE A 617 50.60 7.35 -6.76
N PRO A 618 51.20 7.39 -5.55
CA PRO A 618 51.05 6.29 -4.58
C PRO A 618 49.65 5.74 -4.32
N TYR A 619 48.61 6.55 -4.56
CA TYR A 619 47.22 6.15 -4.29
C TYR A 619 46.32 6.61 -5.43
N PRO A 620 46.46 5.99 -6.61
CA PRO A 620 45.84 6.57 -7.82
C PRO A 620 44.33 6.71 -7.78
N LEU A 621 43.63 5.79 -7.12
CA LEU A 621 42.18 5.82 -7.09
C LEU A 621 41.63 7.03 -6.34
N ASN A 622 42.49 7.77 -5.65
CA ASN A 622 42.14 9.05 -5.07
C ASN A 622 42.12 10.15 -6.11
N GLU A 623 43.06 10.11 -7.06
CA GLU A 623 43.18 11.18 -8.04
C GLU A 623 42.16 11.06 -9.15
N LEU A 624 41.70 9.84 -9.44
CA LEU A 624 40.67 9.66 -10.46
C LEU A 624 39.29 10.01 -9.94
N LEU A 625 39.05 9.81 -8.64
CA LEU A 625 37.76 10.18 -8.07
C LEU A 625 37.56 11.68 -8.12
N ILE A 626 38.64 12.44 -8.02
CA ILE A 626 38.56 13.88 -8.18
C ILE A 626 38.21 14.22 -9.62
N TRP A 627 38.87 13.55 -10.55
CA TRP A 627 38.62 13.74 -11.97
C TRP A 627 37.16 13.51 -12.32
N ALA A 628 36.65 12.31 -12.03
CA ALA A 628 35.27 11.96 -12.35
C ALA A 628 34.25 12.92 -11.76
N CYS A 629 34.59 13.61 -10.69
CA CYS A 629 33.69 14.55 -10.05
C CYS A 629 33.84 15.95 -10.58
N LEU A 630 35.06 16.37 -10.92
CA LEU A 630 35.27 17.65 -11.58
C LEU A 630 34.74 17.67 -13.00
N MET A 631 34.47 16.50 -13.59
CA MET A 631 33.96 16.38 -14.94
C MET A 631 32.55 15.80 -14.99
N LYS A 632 31.81 15.87 -13.88
CA LYS A 632 30.45 15.38 -13.73
C LYS A 632 30.25 13.97 -14.28
N ARG A 633 31.23 13.10 -14.08
CA ARG A 633 31.14 11.70 -14.48
C ARG A 633 30.84 10.87 -13.23
N GLN A 634 29.56 10.90 -12.85
CA GLN A 634 29.10 10.25 -11.63
C GLN A 634 29.31 8.74 -11.67
N VAL A 635 28.80 8.09 -12.71
CA VAL A 635 28.84 6.64 -12.79
C VAL A 635 30.28 6.14 -12.78
N MET A 636 31.21 6.97 -13.24
CA MET A 636 32.63 6.69 -13.07
C MET A 636 33.08 6.99 -11.65
N ALA A 637 32.66 8.12 -11.11
CA ALA A 637 33.02 8.49 -9.74
C ALA A 637 32.54 7.43 -8.76
N ARG A 638 31.25 7.12 -8.80
CA ARG A 638 30.66 6.17 -7.87
C ARG A 638 31.30 4.80 -8.02
N PHE A 639 31.76 4.46 -9.21
CA PHE A 639 32.43 3.19 -9.42
C PHE A 639 33.82 3.20 -8.81
N LEU A 640 34.63 4.18 -9.18
CA LEU A 640 35.99 4.28 -8.69
C LEU A 640 36.05 4.40 -7.17
N TRP A 641 35.02 5.00 -6.58
CA TRP A 641 34.98 5.15 -5.13
C TRP A 641 35.04 3.80 -4.43
N GLN A 642 34.28 2.83 -4.96
CA GLN A 642 34.22 1.46 -4.46
C GLN A 642 35.62 0.89 -4.29
N HIS A 643 36.51 1.24 -5.21
CA HIS A 643 37.87 0.74 -5.24
C HIS A 643 38.78 1.59 -4.39
N GLY A 644 39.88 0.99 -3.96
CA GLY A 644 40.87 1.68 -3.17
C GLY A 644 40.54 1.66 -1.70
N GLU A 645 41.11 2.63 -0.98
CA GLU A 645 40.88 2.79 0.45
C GLU A 645 40.52 4.25 0.73
N GLU A 646 40.27 4.55 2.00
CA GLU A 646 39.80 5.85 2.46
C GLU A 646 38.42 6.14 1.90
N SER A 647 37.55 5.14 1.95
CA SER A 647 36.22 5.25 1.34
C SER A 647 35.39 6.38 1.94
N MET A 648 35.35 6.46 3.28
CA MET A 648 34.49 7.43 3.94
C MET A 648 34.97 8.85 3.67
N ALA A 649 36.28 9.04 3.59
CA ALA A 649 36.84 10.34 3.30
C ALA A 649 36.55 10.76 1.86
N LYS A 650 36.76 9.86 0.90
CA LYS A 650 36.52 10.18 -0.50
C LYS A 650 35.07 10.59 -0.75
N ALA A 651 34.15 10.04 0.01
CA ALA A 651 32.74 10.36 -0.14
C ALA A 651 32.36 11.71 0.41
N LEU A 652 33.11 12.21 1.40
CA LEU A 652 32.82 13.48 2.02
C LEU A 652 33.56 14.62 1.35
N VAL A 653 34.61 14.30 0.60
CA VAL A 653 35.24 15.25 -0.31
C VAL A 653 34.35 15.49 -1.52
N ALA A 654 33.99 14.41 -2.20
CA ALA A 654 33.05 14.45 -3.32
C ALA A 654 31.81 15.25 -3.01
N CYS A 655 31.18 15.02 -1.85
CA CYS A 655 30.05 15.83 -1.44
C CYS A 655 30.41 17.31 -1.38
N LYS A 656 31.65 17.61 -1.02
CA LYS A 656 32.07 19.01 -0.93
C LYS A 656 32.38 19.57 -2.31
N ILE A 657 33.02 18.78 -3.18
CA ILE A 657 33.35 19.25 -4.51
C ILE A 657 32.09 19.54 -5.31
N TYR A 658 31.15 18.59 -5.33
CA TYR A 658 29.92 18.80 -6.06
C TYR A 658 29.09 19.94 -5.48
N ARG A 659 29.03 20.02 -4.15
CA ARG A 659 28.20 21.04 -3.52
C ARG A 659 28.69 22.44 -3.83
N SER A 660 29.99 22.61 -3.98
CA SER A 660 30.54 23.92 -4.29
C SER A 660 30.33 24.27 -5.76
N MET A 661 30.54 23.32 -6.67
CA MET A 661 30.19 23.53 -8.06
C MET A 661 28.69 23.74 -8.23
N ALA A 662 27.88 23.04 -7.44
CA ALA A 662 26.44 23.28 -7.46
C ALA A 662 26.07 24.66 -6.96
N TYR A 663 26.97 25.35 -6.28
CA TYR A 663 26.78 26.72 -5.85
C TYR A 663 27.31 27.71 -6.86
N GLU A 664 28.46 27.39 -7.46
CA GLU A 664 29.11 28.31 -8.37
C GLU A 664 28.39 28.36 -9.70
N ALA A 665 27.67 27.31 -10.04
CA ALA A 665 26.71 27.37 -11.14
C ALA A 665 25.63 28.41 -10.84
N LYS A 666 24.96 28.27 -9.70
CA LYS A 666 23.93 29.23 -9.30
C LYS A 666 24.50 30.61 -8.98
N GLN A 667 25.83 30.71 -8.83
CA GLN A 667 26.48 32.00 -8.58
C GLN A 667 26.99 32.59 -9.88
N SER A 668 27.82 31.84 -10.61
CA SER A 668 28.41 32.33 -11.86
C SER A 668 27.29 32.73 -12.82
N ASP A 669 26.28 31.87 -12.94
CA ASP A 669 25.03 32.20 -13.62
C ASP A 669 25.26 32.53 -15.10
N LEU A 670 26.30 31.97 -15.68
CA LEU A 670 26.66 32.15 -17.08
C LEU A 670 25.93 31.12 -17.95
N VAL A 671 26.43 30.94 -19.18
CA VAL A 671 26.01 29.88 -20.10
C VAL A 671 25.89 28.52 -19.42
N ASP A 672 26.69 28.28 -18.38
CA ASP A 672 26.63 27.03 -17.63
C ASP A 672 25.26 26.85 -16.98
N ASP A 673 24.99 25.62 -16.54
CA ASP A 673 23.71 25.22 -15.98
C ASP A 673 23.98 23.93 -15.19
N THR A 674 22.95 23.11 -14.97
CA THR A 674 23.04 21.77 -14.37
C THR A 674 23.68 21.80 -12.98
N SER A 675 22.98 22.43 -12.04
CA SER A 675 23.39 22.49 -10.63
C SER A 675 22.62 21.50 -9.77
N GLU A 676 21.30 21.44 -9.90
CA GLU A 676 20.52 20.47 -9.14
C GLU A 676 20.93 19.04 -9.44
N GLU A 677 21.56 18.81 -10.60
CA GLU A 677 22.22 17.55 -10.88
C GLU A 677 23.43 17.35 -9.99
N LEU A 678 24.17 18.42 -9.73
CA LEU A 678 25.32 18.34 -8.84
C LEU A 678 24.88 18.20 -7.39
N LYS A 679 23.91 19.02 -6.98
CA LYS A 679 23.27 18.89 -5.68
C LYS A 679 22.89 17.44 -5.38
N GLN A 680 22.33 16.74 -6.35
CA GLN A 680 21.99 15.34 -6.16
C GLN A 680 23.23 14.48 -6.05
N TYR A 681 24.26 14.80 -6.82
CA TYR A 681 25.47 13.99 -6.79
C TYR A 681 26.15 14.11 -5.43
N SER A 682 26.12 15.29 -4.83
CA SER A 682 26.69 15.45 -3.50
C SER A 682 25.94 14.63 -2.48
N ASN A 683 24.62 14.74 -2.47
CA ASN A 683 23.81 14.00 -1.51
C ASN A 683 23.86 12.50 -1.76
N ASP A 684 24.25 12.07 -2.96
CA ASP A 684 24.48 10.66 -3.21
C ASP A 684 25.70 10.16 -2.45
N PHE A 685 26.84 10.82 -2.63
CA PHE A 685 28.03 10.47 -1.87
C PHE A 685 27.87 10.74 -0.38
N GLY A 686 27.09 11.77 -0.02
CA GLY A 686 26.90 12.07 1.38
C GLY A 686 26.28 10.91 2.13
N GLN A 687 25.22 10.34 1.58
CA GLN A 687 24.58 9.19 2.18
C GLN A 687 25.51 7.98 2.26
N LEU A 688 26.46 7.89 1.34
CA LEU A 688 27.39 6.76 1.38
C LEU A 688 28.29 6.84 2.59
N ALA A 689 28.77 8.04 2.91
CA ALA A 689 29.58 8.25 4.10
C ALA A 689 28.80 8.00 5.38
N VAL A 690 27.52 8.37 5.39
CA VAL A 690 26.66 8.12 6.54
C VAL A 690 26.44 6.63 6.73
N GLU A 691 26.20 5.90 5.65
CA GLU A 691 25.92 4.48 5.76
C GLU A 691 27.16 3.67 6.11
N LEU A 692 28.35 4.20 5.81
CA LEU A 692 29.57 3.58 6.31
C LEU A 692 29.77 3.85 7.79
N LEU A 693 29.28 4.99 8.27
CA LEU A 693 29.43 5.32 9.68
C LEU A 693 28.54 4.42 10.54
N GLU A 694 27.28 4.32 10.16
CA GLU A 694 26.35 3.34 10.71
C GLU A 694 26.97 1.97 10.86
N GLN A 695 27.44 1.41 9.75
CA GLN A 695 28.07 0.10 9.73
C GLN A 695 29.24 0.04 10.71
N SER A 696 30.14 0.99 10.58
CA SER A 696 31.35 1.01 11.40
C SER A 696 31.04 1.22 12.87
N PHE A 697 29.91 1.84 13.18
CA PHE A 697 29.53 2.12 14.56
C PHE A 697 28.85 0.92 15.20
N ARG A 698 28.09 0.16 14.43
CA ARG A 698 27.44 -1.04 14.93
C ARG A 698 28.42 -2.18 15.20
N GLN A 699 29.68 -2.04 14.80
CA GLN A 699 30.71 -3.03 15.09
C GLN A 699 31.47 -2.70 16.37
N ASP A 700 32.16 -1.55 16.41
CA ASP A 700 32.78 -1.05 17.63
C ASP A 700 32.58 0.45 17.69
N GLU A 701 31.80 0.90 18.67
CA GLU A 701 31.52 2.31 18.87
C GLU A 701 32.80 3.11 19.06
N THR A 702 33.74 2.57 19.81
CA THR A 702 34.94 3.32 20.18
C THR A 702 35.84 3.55 18.97
N MET A 703 35.94 2.57 18.08
CA MET A 703 36.80 2.70 16.93
C MET A 703 36.21 3.65 15.92
N ALA A 704 34.89 3.62 15.76
CA ALA A 704 34.21 4.54 14.85
C ALA A 704 34.49 5.99 15.23
N MET A 705 34.45 6.32 16.52
CA MET A 705 34.84 7.64 16.98
C MET A 705 36.26 8.01 16.58
N LYS A 706 37.17 7.05 16.62
CA LYS A 706 38.54 7.32 16.19
C LYS A 706 38.62 7.53 14.69
N LEU A 707 37.67 6.98 13.94
CA LEU A 707 37.69 7.17 12.50
C LEU A 707 37.28 8.58 12.11
N LEU A 708 36.43 9.20 12.91
CA LEU A 708 36.00 10.56 12.68
C LEU A 708 37.06 11.58 12.98
N THR A 709 38.22 11.20 13.53
CA THR A 709 39.19 12.16 14.03
C THR A 709 40.65 11.88 13.69
N TYR A 710 40.98 10.82 12.96
CA TYR A 710 42.37 10.63 12.54
C TYR A 710 42.69 11.50 11.34
N GLU A 711 43.88 12.09 11.37
CA GLU A 711 44.40 12.84 10.23
C GLU A 711 44.48 11.94 9.01
N LEU A 712 44.15 12.51 7.86
CA LEU A 712 44.01 11.73 6.64
C LEU A 712 45.31 11.63 5.86
N LYS A 713 46.01 12.74 5.70
CA LYS A 713 47.37 12.86 5.17
C LYS A 713 47.47 12.71 3.65
N ASN A 714 46.38 12.28 3.01
CA ASN A 714 46.19 12.41 1.58
C ASN A 714 45.18 13.49 1.24
N TRP A 715 44.65 14.18 2.27
CA TRP A 715 43.51 15.06 2.13
C TRP A 715 43.78 16.33 2.94
N SER A 716 44.99 16.83 2.80
CA SER A 716 45.43 18.10 3.39
C SER A 716 45.44 18.05 4.90
N ASN A 717 45.69 16.87 5.47
CA ASN A 717 45.80 16.69 6.91
C ASN A 717 44.53 17.17 7.59
N SER A 718 43.41 16.74 7.02
CA SER A 718 42.09 17.09 7.46
C SER A 718 41.46 15.86 8.10
N THR A 719 40.17 15.94 8.36
CA THR A 719 39.47 14.97 9.17
C THR A 719 38.10 14.76 8.54
N CYS A 720 37.64 13.51 8.59
CA CYS A 720 36.39 13.17 7.94
C CYS A 720 35.23 13.95 8.53
N LEU A 721 35.27 14.17 9.83
CA LEU A 721 34.29 15.03 10.48
C LEU A 721 34.39 16.46 9.96
N LYS A 722 35.59 17.05 10.01
CA LYS A 722 35.79 18.41 9.52
C LYS A 722 35.31 18.58 8.08
N LEU A 723 35.51 17.56 7.25
CA LEU A 723 35.06 17.62 5.87
C LEU A 723 33.54 17.63 5.78
N ALA A 724 32.89 16.84 6.62
CA ALA A 724 31.44 16.74 6.59
C ALA A 724 30.77 17.98 7.12
N VAL A 725 31.43 18.72 8.01
CA VAL A 725 30.91 19.99 8.46
C VAL A 725 31.00 21.03 7.36
N SER A 726 32.02 20.94 6.52
CA SER A 726 32.18 21.89 5.42
C SER A 726 31.04 21.76 4.42
N SER A 727 30.62 20.53 4.13
CA SER A 727 29.49 20.29 3.27
C SER A 727 28.14 20.49 3.95
N ARG A 728 28.14 20.79 5.24
CA ARG A 728 26.91 20.90 6.02
C ARG A 728 26.08 19.63 5.90
N LEU A 729 26.77 18.51 6.00
CA LEU A 729 26.19 17.19 5.82
C LEU A 729 25.69 16.70 7.17
N ARG A 730 24.46 17.05 7.48
CA ARG A 730 23.84 16.92 8.78
C ARG A 730 23.56 15.50 9.27
N PRO A 731 23.15 14.56 8.43
CA PRO A 731 22.91 13.20 8.92
C PRO A 731 24.15 12.51 9.45
N PHE A 732 25.33 13.04 9.16
CA PHE A 732 26.62 12.52 9.61
C PHE A 732 27.01 13.14 10.94
N VAL A 733 26.80 14.45 11.08
CA VAL A 733 27.09 15.15 12.32
C VAL A 733 26.02 14.87 13.35
N ALA A 734 24.79 14.62 12.92
CA ALA A 734 23.71 14.25 13.82
C ALA A 734 23.61 12.75 14.03
N HIS A 735 24.63 12.00 13.65
CA HIS A 735 24.68 10.57 13.87
C HIS A 735 25.23 10.30 15.26
N THR A 736 24.71 9.25 15.89
CA THR A 736 24.98 9.01 17.30
C THR A 736 26.45 8.77 17.59
N CYS A 737 27.23 8.38 16.59
CA CYS A 737 28.67 8.25 16.77
C CYS A 737 29.32 9.60 17.06
N THR A 738 29.04 10.61 16.24
CA THR A 738 29.59 11.93 16.48
C THR A 738 29.07 12.50 17.78
N GLN A 739 27.78 12.31 18.04
CA GLN A 739 27.17 12.84 19.24
C GLN A 739 27.85 12.30 20.49
N MET A 740 28.04 10.99 20.56
CA MET A 740 28.77 10.40 21.68
C MET A 740 30.19 10.93 21.76
N LEU A 741 30.81 11.23 20.62
CA LEU A 741 32.12 11.87 20.63
C LEU A 741 32.03 13.34 21.01
N LEU A 742 30.99 14.04 20.55
CA LEU A 742 30.86 15.45 20.92
C LEU A 742 30.62 15.57 22.41
N SER A 743 29.90 14.62 22.98
CA SER A 743 29.68 14.59 24.41
C SER A 743 30.97 14.33 25.18
N ASP A 744 31.86 13.51 24.63
CA ASP A 744 33.09 13.19 25.30
C ASP A 744 34.12 14.32 25.22
N MET A 745 34.07 15.12 24.15
CA MET A 745 34.88 16.32 24.08
C MET A 745 34.34 17.43 24.96
N TRP A 746 33.02 17.46 25.15
CA TRP A 746 32.37 18.41 26.04
C TRP A 746 32.80 18.23 27.48
N MET A 747 32.90 16.98 27.93
CA MET A 747 33.31 16.69 29.29
C MET A 747 34.80 16.86 29.53
N GLY A 748 35.63 16.49 28.57
CA GLY A 748 37.05 16.46 28.81
C GLY A 748 37.39 15.22 29.60
N ARG A 749 38.13 15.40 30.70
CA ARG A 749 38.47 14.33 31.61
C ARG A 749 37.51 14.21 32.77
N LEU A 750 36.29 14.72 32.64
CA LEU A 750 35.25 14.59 33.62
C LEU A 750 34.30 13.47 33.22
N ASN A 751 33.93 12.63 34.18
CA ASN A 751 33.05 11.51 33.93
C ASN A 751 31.65 11.93 34.40
N MET A 752 30.93 12.62 33.52
CA MET A 752 29.69 13.24 33.93
C MET A 752 28.52 12.28 33.99
N ARG A 753 28.67 11.05 33.51
CA ARG A 753 27.69 10.02 33.81
C ARG A 753 27.67 9.68 35.30
N LYS A 754 28.75 10.00 36.02
CA LYS A 754 28.85 9.83 37.46
C LYS A 754 28.68 11.15 38.20
N ASN A 755 29.27 12.23 37.69
CA ASN A 755 29.07 13.56 38.24
C ASN A 755 27.76 14.13 37.72
N SER A 756 27.48 15.39 38.01
CA SER A 756 26.30 16.07 37.48
C SER A 756 26.56 17.56 37.35
N TRP A 757 25.78 18.20 36.49
CA TRP A 757 26.04 19.60 36.14
C TRP A 757 25.86 20.53 37.33
N TYR A 758 25.14 20.10 38.37
CA TYR A 758 25.08 20.89 39.58
C TYR A 758 26.35 20.76 40.42
N LYS A 759 27.09 19.67 40.23
CA LYS A 759 28.37 19.50 40.93
C LYS A 759 29.47 20.29 40.25
N VAL A 760 29.33 20.55 38.94
CA VAL A 760 30.29 21.37 38.22
C VAL A 760 30.16 22.83 38.65
N ILE A 761 28.93 23.32 38.73
CA ILE A 761 28.70 24.69 39.17
C ILE A 761 29.24 24.90 40.58
N LEU A 762 28.92 23.98 41.48
CA LEU A 762 29.43 24.05 42.84
C LEU A 762 30.94 24.04 42.89
N SER A 763 31.57 23.20 42.07
CA SER A 763 33.02 23.09 42.07
C SER A 763 33.70 24.30 41.45
N ILE A 764 32.99 25.10 40.67
CA ILE A 764 33.54 26.36 40.18
C ILE A 764 33.53 27.40 41.28
N LEU A 765 32.43 27.51 42.00
CA LEU A 765 32.28 28.44 43.09
C LEU A 765 32.99 27.98 44.35
N VAL A 766 33.25 26.68 44.46
CA VAL A 766 33.98 26.09 45.58
C VAL A 766 35.08 25.21 44.98
N PRO A 767 36.26 25.75 44.69
CA PRO A 767 37.30 24.98 43.99
C PRO A 767 37.69 23.68 44.69
N PRO A 768 37.74 23.62 46.03
CA PRO A 768 38.16 22.35 46.65
C PRO A 768 37.30 21.14 46.30
N ALA A 769 36.06 21.34 45.85
CA ALA A 769 35.25 20.22 45.37
C ALA A 769 35.77 19.66 44.05
N ILE A 770 36.69 20.36 43.38
CA ILE A 770 37.28 19.88 42.14
C ILE A 770 38.04 18.59 42.39
N LEU A 771 38.70 18.49 43.53
CA LEU A 771 39.48 17.31 43.88
C LEU A 771 38.62 16.19 44.44
N MET A 772 37.30 16.36 44.46
CA MET A 772 36.36 15.35 44.91
C MET A 772 35.59 14.72 43.75
N LEU A 773 35.79 15.20 42.53
CA LEU A 773 35.03 14.76 41.38
C LEU A 773 35.70 13.56 40.71
N GLU A 774 34.88 12.79 40.01
CA GLU A 774 35.35 11.59 39.34
C GLU A 774 35.88 11.96 37.97
N TYR A 775 37.19 11.81 37.79
CA TYR A 775 37.86 12.10 36.53
C TYR A 775 38.01 10.82 35.73
N LYS A 776 38.81 10.87 34.66
CA LYS A 776 38.98 9.78 33.72
C LYS A 776 40.44 9.44 33.56
N THR A 777 40.68 8.25 33.04
CA THR A 777 42.01 7.73 32.79
C THR A 777 42.46 8.08 31.38
N LYS A 778 43.53 7.44 30.92
CA LYS A 778 43.97 7.55 29.55
C LYS A 778 43.25 6.57 28.62
N ALA A 779 42.75 5.45 29.14
CA ALA A 779 42.14 4.43 28.30
C ALA A 779 40.77 4.82 27.82
N GLU A 780 39.98 5.47 28.68
CA GLU A 780 38.68 6.00 28.32
C GLU A 780 38.76 7.44 27.81
N MET A 781 39.96 7.89 27.44
CA MET A 781 40.17 9.18 26.77
C MET A 781 40.94 9.03 25.46
N SER A 782 41.15 7.81 24.99
CA SER A 782 42.02 7.56 23.85
C SER A 782 41.33 7.84 22.53
N HIS A 783 40.01 7.74 22.48
CA HIS A 783 39.23 8.01 21.28
C HIS A 783 38.98 9.49 21.03
N ILE A 784 39.43 10.36 21.92
CA ILE A 784 39.03 11.77 21.93
C ILE A 784 40.18 12.57 21.34
N PRO A 785 39.95 13.46 20.39
CA PRO A 785 41.04 14.31 19.93
C PRO A 785 41.42 15.31 21.01
N GLN A 786 42.71 15.32 21.35
CA GLN A 786 43.25 16.09 22.44
C GLN A 786 44.25 17.10 21.93
N SER A 787 44.60 18.03 22.80
CA SER A 787 45.63 19.01 22.50
C SER A 787 47.01 18.40 22.67
N GLN A 788 48.03 19.17 22.32
CA GLN A 788 49.40 18.78 22.66
C GLN A 788 49.55 18.62 24.17
N ASP A 789 49.05 19.60 24.92
CA ASP A 789 49.17 19.61 26.37
C ASP A 789 48.36 18.50 27.02
N ALA A 790 47.03 18.52 26.80
CA ALA A 790 46.13 17.52 27.37
C ALA A 790 46.60 16.10 27.07
N HIS A 791 47.20 15.91 25.90
CA HIS A 791 47.92 14.69 25.61
C HIS A 791 49.09 14.55 26.59
N GLN A 792 50.01 15.52 26.56
CA GLN A 792 51.29 15.39 27.25
C GLN A 792 51.12 15.36 28.76
N MET A 793 50.26 16.23 29.29
CA MET A 793 50.05 16.29 30.74
C MET A 793 49.53 14.97 31.30
N THR A 794 48.90 14.15 30.45
CA THR A 794 48.47 12.81 30.85
C THR A 794 49.58 11.76 30.71
N MET A 795 50.60 12.02 29.89
CA MET A 795 51.62 11.01 29.61
C MET A 795 52.52 10.73 30.80
N GLU A 796 53.25 11.76 31.25
CA GLU A 796 54.30 11.62 32.26
C GLU A 796 53.80 10.96 33.54
N LEU A 838 47.24 10.38 39.63
CA LEU A 838 46.61 11.60 39.13
C LEU A 838 46.82 12.75 40.14
N PRO A 839 47.97 13.44 40.07
CA PRO A 839 48.30 14.41 41.12
C PRO A 839 47.37 15.62 41.08
N ILE A 840 47.55 16.48 42.08
CA ILE A 840 46.60 17.56 42.39
C ILE A 840 46.58 18.60 41.28
N THR A 841 47.75 19.10 40.91
CA THR A 841 47.84 20.15 39.90
C THR A 841 47.26 19.69 38.57
N ARG A 842 47.34 18.39 38.29
CA ARG A 842 46.75 17.83 37.08
C ARG A 842 45.25 17.67 37.22
N LYS A 843 44.73 17.67 38.45
CA LYS A 843 43.29 17.57 38.64
C LYS A 843 42.62 18.91 38.43
N PHE A 844 43.32 20.01 38.68
CA PHE A 844 42.80 21.34 38.35
C PHE A 844 42.93 21.62 36.87
N TYR A 845 44.02 21.17 36.26
CA TYR A 845 44.17 21.37 34.83
C TYR A 845 43.09 20.63 34.05
N ALA A 846 42.64 19.49 34.56
CA ALA A 846 41.60 18.72 33.89
C ALA A 846 40.25 19.40 33.96
N PHE A 847 40.03 20.18 35.01
CA PHE A 847 38.71 20.75 35.27
C PHE A 847 38.51 22.04 34.51
N TYR A 848 39.43 22.99 34.67
CA TYR A 848 39.29 24.31 34.11
C TYR A 848 39.52 24.35 32.62
N HIS A 849 39.94 23.26 32.02
CA HIS A 849 40.16 23.16 30.59
C HIS A 849 39.13 22.30 29.88
N ALA A 850 38.14 21.78 30.60
CA ALA A 850 37.03 21.08 29.97
C ALA A 850 36.05 22.08 29.38
N PRO A 851 35.44 21.80 28.23
CA PRO A 851 34.47 22.74 27.68
C PRO A 851 33.23 22.94 28.52
N ILE A 852 32.77 21.90 29.21
CA ILE A 852 31.62 22.05 30.08
C ILE A 852 31.88 23.04 31.20
N VAL A 853 33.13 23.15 31.65
CA VAL A 853 33.43 24.06 32.73
C VAL A 853 33.56 25.46 32.20
N LYS A 854 34.17 25.63 31.03
CA LYS A 854 34.31 26.95 30.45
C LYS A 854 32.97 27.54 30.06
N PHE A 855 31.97 26.70 29.79
CA PHE A 855 30.62 27.19 29.56
C PHE A 855 29.99 27.71 30.84
N TRP A 856 29.92 26.88 31.88
CA TRP A 856 29.28 27.24 33.13
C TRP A 856 30.09 28.22 33.97
N PHE A 857 31.22 28.70 33.46
CA PHE A 857 32.10 29.65 34.11
C PHE A 857 32.01 30.99 33.40
N ASN A 858 31.75 30.94 32.09
CA ASN A 858 31.37 32.12 31.34
C ASN A 858 29.91 32.46 31.54
N THR A 859 29.06 31.44 31.64
CA THR A 859 27.65 31.63 31.91
C THR A 859 27.41 32.32 33.24
N LEU A 860 28.08 31.88 34.30
CA LEU A 860 27.91 32.50 35.59
C LEU A 860 28.44 33.92 35.62
N ALA A 861 29.54 34.18 34.95
CA ALA A 861 30.05 35.54 34.85
C ALA A 861 29.12 36.41 34.02
N TYR A 862 28.57 35.86 32.95
CA TYR A 862 27.62 36.62 32.15
C TYR A 862 26.35 36.93 32.92
N LEU A 863 25.86 35.98 33.72
CA LEU A 863 24.71 36.27 34.53
C LEU A 863 25.02 37.28 35.62
N GLY A 864 26.22 37.20 36.20
CA GLY A 864 26.61 38.21 37.16
C GLY A 864 26.91 39.54 36.51
N PHE A 865 27.27 39.53 35.25
CA PHE A 865 27.37 40.75 34.48
C PHE A 865 26.04 41.46 34.32
N LEU A 866 24.99 40.74 33.93
CA LEU A 866 23.68 41.34 33.77
C LEU A 866 23.05 41.78 35.07
N MET A 867 23.31 41.09 36.16
CA MET A 867 22.82 41.51 37.45
C MET A 867 23.39 42.85 37.86
N LEU A 868 24.66 43.07 37.57
CA LEU A 868 25.29 44.35 37.85
C LEU A 868 24.88 45.41 36.87
N TYR A 869 24.77 45.06 35.61
CA TYR A 869 24.45 46.01 34.58
C TYR A 869 22.98 46.42 34.64
N THR A 870 22.12 45.50 35.08
CA THR A 870 20.76 45.83 35.49
C THR A 870 20.75 46.78 36.67
N PHE A 871 21.60 46.53 37.67
CA PHE A 871 21.69 47.38 38.85
C PHE A 871 22.13 48.80 38.50
N VAL A 872 22.94 48.95 37.47
CA VAL A 872 23.51 50.26 37.11
C VAL A 872 22.47 51.12 36.42
N VAL A 873 21.68 50.54 35.52
CA VAL A 873 20.69 51.30 34.79
C VAL A 873 19.50 51.68 35.67
N LEU A 874 19.17 50.85 36.65
CA LEU A 874 18.06 51.13 37.54
C LEU A 874 18.40 52.09 38.66
N VAL A 875 19.64 52.11 39.10
CA VAL A 875 20.10 52.98 40.16
C VAL A 875 20.67 54.24 39.51
N LYS A 876 20.55 55.37 40.19
CA LYS A 876 20.97 56.64 39.64
C LYS A 876 22.46 56.66 39.36
N MET A 877 22.84 57.48 38.40
CA MET A 877 24.24 57.72 38.07
C MET A 877 24.66 59.07 38.62
N GLU A 878 25.68 59.05 39.46
CA GLU A 878 26.39 60.25 39.83
C GLU A 878 27.41 60.54 38.74
N GLN A 879 28.33 61.47 38.97
CA GLN A 879 29.23 61.93 37.93
C GLN A 879 30.16 60.83 37.44
N LEU A 880 30.81 60.17 38.35
CA LEU A 880 31.78 59.13 38.01
C LEU A 880 31.13 57.76 38.14
N PRO A 881 31.58 56.78 37.37
CA PRO A 881 31.01 55.45 37.53
C PRO A 881 31.26 54.83 38.88
N SER A 882 30.34 53.97 39.27
CA SER A 882 30.44 53.16 40.44
C SER A 882 31.26 51.91 40.13
N VAL A 883 31.66 51.22 41.21
CA VAL A 883 32.42 49.99 41.08
C VAL A 883 31.66 48.99 40.22
N GLN A 884 30.34 48.97 40.36
CA GLN A 884 29.49 48.15 39.52
C GLN A 884 29.66 48.51 38.04
N GLU A 885 29.60 49.79 37.72
CA GLU A 885 29.68 50.21 36.33
C GLU A 885 31.08 49.99 35.76
N TRP A 886 32.11 50.12 36.58
CA TRP A 886 33.45 49.80 36.09
C TRP A 886 33.59 48.31 35.77
N ILE A 887 33.09 47.45 36.64
CA ILE A 887 33.12 46.02 36.38
C ILE A 887 32.34 45.67 35.11
N VAL A 888 31.30 46.45 34.79
CA VAL A 888 30.52 46.28 33.57
C VAL A 888 31.35 46.64 32.35
N ILE A 889 32.02 47.79 32.41
CA ILE A 889 32.83 48.27 31.31
C ILE A 889 33.99 47.32 31.06
N ALA A 890 34.56 46.76 32.13
CA ALA A 890 35.64 45.80 32.00
C ALA A 890 35.21 44.54 31.28
N TYR A 891 34.08 43.97 31.68
CA TYR A 891 33.51 42.86 30.93
C TYR A 891 33.37 43.20 29.46
N ILE A 892 32.64 44.27 29.12
CA ILE A 892 32.34 44.56 27.73
C ILE A 892 33.61 44.83 26.95
N PHE A 893 34.59 45.47 27.57
CA PHE A 893 35.83 45.79 26.87
C PHE A 893 36.59 44.54 26.49
N THR A 894 36.73 43.62 27.43
CA THR A 894 37.46 42.39 27.22
C THR A 894 36.65 41.37 26.42
N TYR A 895 35.36 41.31 26.69
CA TYR A 895 34.42 40.58 25.84
C TYR A 895 34.61 40.95 24.37
N ALA A 896 34.87 42.22 24.08
CA ALA A 896 35.10 42.64 22.71
C ALA A 896 36.40 42.05 22.16
N ILE A 897 37.49 42.20 22.91
CA ILE A 897 38.78 41.66 22.52
C ILE A 897 38.67 40.17 22.27
N GLU A 898 37.97 39.47 23.15
CA GLU A 898 37.62 38.08 22.94
C GLU A 898 36.96 37.83 21.59
N LYS A 899 36.14 38.75 21.10
CA LYS A 899 35.46 38.55 19.82
C LYS A 899 36.37 38.87 18.65
N VAL A 900 37.27 39.83 18.82
CA VAL A 900 38.28 40.11 17.81
C VAL A 900 39.13 38.88 17.57
N ARG A 901 39.63 38.28 18.66
CA ARG A 901 40.51 37.13 18.57
C ARG A 901 39.86 35.97 17.82
N GLU A 902 38.63 35.64 18.15
CA GLU A 902 37.99 34.49 17.51
C GLU A 902 37.61 34.77 16.06
N VAL A 903 37.77 36.00 15.58
CA VAL A 903 37.75 36.28 14.16
C VAL A 903 39.12 36.03 13.55
N PHE A 904 40.15 36.66 14.11
CA PHE A 904 41.50 36.53 13.58
C PHE A 904 42.02 35.10 13.75
N MET A 905 41.61 34.42 14.81
CA MET A 905 41.95 33.03 15.04
C MET A 905 40.86 32.08 14.57
N SER A 906 40.17 32.45 13.50
CA SER A 906 39.16 31.59 12.91
C SER A 906 39.85 30.47 12.12
N GLU A 907 39.05 29.71 11.40
CA GLU A 907 39.51 28.58 10.60
C GLU A 907 39.86 28.95 9.18
N ALA A 908 39.09 29.84 8.55
CA ALA A 908 39.40 30.34 7.22
C ALA A 908 40.73 31.08 7.25
N GLY A 909 41.24 31.42 6.07
CA GLY A 909 42.54 32.04 5.96
C GLY A 909 42.46 33.45 5.43
N LYS A 910 41.54 33.69 4.50
CA LYS A 910 41.30 35.03 3.99
C LYS A 910 40.57 35.84 5.03
N ILE A 911 41.15 36.98 5.41
CA ILE A 911 40.54 37.84 6.43
C ILE A 911 39.16 38.29 6.00
N SER A 912 38.97 38.51 4.70
CA SER A 912 37.66 38.90 4.21
C SER A 912 36.65 37.75 4.26
N GLN A 913 37.11 36.51 4.48
CA GLN A 913 36.23 35.37 4.68
C GLN A 913 36.18 34.91 6.12
N LYS A 914 37.22 35.20 6.90
CA LYS A 914 37.09 35.12 8.34
C LYS A 914 36.02 36.07 8.85
N ILE A 915 35.83 37.19 8.16
CA ILE A 915 34.87 38.22 8.54
C ILE A 915 33.44 37.90 8.08
N LYS A 916 33.24 37.53 6.83
CA LYS A 916 31.89 37.33 6.33
C LYS A 916 31.19 36.14 6.96
N VAL A 917 31.94 35.21 7.52
CA VAL A 917 31.36 34.07 8.20
C VAL A 917 30.91 34.43 9.60
N TRP A 918 31.75 35.18 10.31
CA TRP A 918 31.44 35.53 11.69
C TRP A 918 30.24 36.46 11.75
N PHE A 919 30.17 37.43 10.86
CA PHE A 919 29.03 38.33 10.78
C PHE A 919 27.80 37.67 10.16
N SER A 920 27.86 36.39 9.81
CA SER A 920 26.72 35.65 9.31
C SER A 920 25.98 34.90 10.41
N ASP A 921 26.11 35.33 11.65
CA ASP A 921 25.38 34.78 12.78
C ASP A 921 24.65 35.91 13.47
N TYR A 922 23.44 35.64 13.95
CA TYR A 922 22.61 36.69 14.51
C TYR A 922 23.26 37.34 15.72
N PHE A 923 23.79 36.53 16.63
CA PHE A 923 24.24 37.04 17.91
C PHE A 923 25.61 37.68 17.84
N ASN A 924 26.34 37.50 16.75
CA ASN A 924 27.60 38.18 16.55
C ASN A 924 27.40 39.56 15.96
N VAL A 925 26.38 39.71 15.14
CA VAL A 925 25.95 41.02 14.66
C VAL A 925 25.40 41.86 15.80
N SER A 926 24.59 41.24 16.67
CA SER A 926 24.03 41.96 17.80
C SER A 926 25.09 42.38 18.80
N ASP A 927 26.10 41.54 19.02
CA ASP A 927 27.18 41.89 19.93
C ASP A 927 28.00 43.05 19.39
N THR A 928 28.26 43.06 18.09
CA THR A 928 28.94 44.19 17.45
C THR A 928 28.20 45.49 17.71
N ILE A 929 26.88 45.48 17.53
CA ILE A 929 26.06 46.66 17.80
C ILE A 929 26.05 46.98 19.29
N ALA A 930 25.93 45.96 20.12
CA ALA A 930 25.93 46.14 21.56
C ALA A 930 27.27 46.65 22.09
N ILE A 931 28.37 46.22 21.50
CA ILE A 931 29.68 46.70 21.93
C ILE A 931 29.94 48.11 21.42
N ILE A 932 29.64 48.38 20.15
CA ILE A 932 29.83 49.71 19.61
C ILE A 932 28.93 50.70 20.31
N SER A 933 27.66 50.32 20.52
CA SER A 933 26.72 51.26 21.12
C SER A 933 27.05 51.53 22.58
N PHE A 934 27.70 50.61 23.28
CA PHE A 934 28.05 50.85 24.66
C PHE A 934 29.08 51.96 24.83
N PHE A 935 30.08 52.03 23.97
CA PHE A 935 31.17 52.96 24.17
C PHE A 935 30.88 54.33 23.60
N VAL A 936 29.95 54.40 22.64
CA VAL A 936 29.29 55.67 22.37
C VAL A 936 28.66 56.19 23.63
N GLY A 937 27.96 55.33 24.36
CA GLY A 937 27.35 55.71 25.62
C GLY A 937 28.33 56.03 26.70
N PHE A 938 29.35 55.20 26.89
CA PHE A 938 30.38 55.52 27.85
C PHE A 938 31.08 56.83 27.52
N GLY A 939 31.38 57.07 26.24
CA GLY A 939 32.01 58.31 25.84
C GLY A 939 31.19 59.53 26.13
N LEU A 940 29.87 59.43 26.01
CA LEU A 940 28.97 60.52 26.35
C LEU A 940 28.72 60.62 27.85
N ARG A 941 28.50 59.49 28.52
CA ARG A 941 28.31 59.45 29.96
C ARG A 941 29.53 59.96 30.70
N PHE A 942 30.72 59.61 30.24
CA PHE A 942 31.98 59.96 30.87
C PHE A 942 32.59 61.24 30.35
N GLY A 943 32.45 61.52 29.06
CA GLY A 943 33.00 62.71 28.46
C GLY A 943 32.09 63.92 28.50
N ALA A 944 31.12 63.91 29.40
CA ALA A 944 30.19 65.00 29.58
C ALA A 944 30.64 65.93 30.70
N LYS A 945 30.31 67.21 30.55
CA LYS A 945 30.57 68.22 31.57
C LYS A 945 29.40 68.23 32.54
N TRP A 946 29.63 67.67 33.73
CA TRP A 946 28.62 67.54 34.76
C TRP A 946 28.09 68.91 35.18
N ASN A 947 26.78 68.98 35.44
CA ASN A 947 26.08 70.25 35.64
C ASN A 947 26.09 70.71 37.09
N TYR A 948 25.93 69.80 38.05
CA TYR A 948 25.96 70.02 39.50
C TYR A 948 24.71 70.66 40.08
N ILE A 949 23.76 71.10 39.24
CA ILE A 949 22.46 71.54 39.73
C ILE A 949 21.49 70.38 39.51
N ASN A 950 21.62 69.69 38.38
CA ASN A 950 20.83 68.51 38.09
C ASN A 950 21.52 67.73 37.00
N ALA A 951 21.71 66.43 37.23
CA ALA A 951 22.38 65.56 36.27
C ALA A 951 21.68 65.57 34.92
N TYR A 952 20.36 65.53 34.91
CA TYR A 952 19.58 65.35 33.70
C TYR A 952 19.24 66.66 33.01
N ASP A 953 19.99 67.72 33.29
CA ASP A 953 19.95 68.92 32.48
C ASP A 953 20.98 68.89 31.36
N ASN A 954 22.13 68.26 31.59
CA ASN A 954 23.11 68.09 30.54
C ASN A 954 22.67 66.96 29.62
N HIS A 955 22.34 67.31 28.38
CA HIS A 955 21.76 66.37 27.44
C HIS A 955 22.75 65.40 26.84
N VAL A 956 24.04 65.59 27.10
CA VAL A 956 25.06 64.66 26.63
C VAL A 956 25.18 63.50 27.61
N PHE A 957 25.03 63.79 28.90
CA PHE A 957 24.96 62.76 29.91
C PHE A 957 23.71 61.91 29.78
N VAL A 958 22.61 62.52 29.37
CA VAL A 958 21.34 61.81 29.28
C VAL A 958 21.36 60.84 28.11
N ALA A 959 21.83 61.30 26.96
CA ALA A 959 21.99 60.45 25.80
C ALA A 959 22.87 59.25 26.11
N GLY A 960 23.89 59.44 26.95
CA GLY A 960 24.73 58.32 27.33
C GLY A 960 24.01 57.30 28.17
N ARG A 961 23.30 57.75 29.19
CA ARG A 961 22.53 56.85 30.04
C ARG A 961 21.44 56.14 29.24
N LEU A 962 20.77 56.83 28.34
CA LEU A 962 19.67 56.23 27.60
C LEU A 962 20.15 55.22 26.58
N ILE A 963 21.41 55.31 26.14
CA ILE A 963 21.96 54.28 25.28
C ILE A 963 22.21 53.02 26.06
N TYR A 964 22.73 53.14 27.29
CA TYR A 964 22.92 51.99 28.15
C TYR A 964 21.62 51.25 28.39
N CYS A 965 20.56 51.99 28.71
CA CYS A 965 19.29 51.38 29.06
C CYS A 965 18.65 50.68 27.86
N LEU A 966 19.08 51.01 26.66
CA LEU A 966 18.68 50.28 25.46
C LEU A 966 19.71 49.25 25.05
N ASN A 967 20.99 49.57 25.21
CA ASN A 967 22.08 48.61 25.11
C ASN A 967 21.80 47.32 25.87
N ILE A 968 21.22 47.41 27.06
CA ILE A 968 21.04 46.24 27.91
C ILE A 968 20.11 45.20 27.28
N ILE A 969 19.23 45.63 26.36
CA ILE A 969 18.33 44.71 25.68
C ILE A 969 19.12 43.72 24.85
N PHE A 970 20.21 44.16 24.23
CA PHE A 970 21.09 43.27 23.49
C PHE A 970 21.61 42.16 24.37
N TRP A 971 21.87 42.45 25.64
CA TRP A 971 22.54 41.54 26.51
C TRP A 971 21.57 40.56 27.18
N TYR A 972 20.30 40.94 27.35
CA TYR A 972 19.30 39.95 27.73
C TYR A 972 19.05 38.96 26.60
N VAL A 973 19.02 39.44 25.36
CA VAL A 973 18.69 38.61 24.23
C VAL A 973 19.82 37.65 23.88
N ARG A 974 21.07 38.01 24.18
CA ARG A 974 22.20 37.09 24.07
C ARG A 974 22.06 35.86 24.95
N LEU A 975 21.20 35.89 25.97
CA LEU A 975 20.96 34.71 26.80
C LEU A 975 20.21 33.63 26.06
N LEU A 976 19.46 33.97 25.03
CA LEU A 976 18.82 32.96 24.21
C LEU A 976 19.83 32.08 23.51
N ASP A 977 21.06 32.56 23.35
CA ASP A 977 22.10 31.75 22.75
C ASP A 977 22.64 30.71 23.72
N PHE A 978 22.72 31.06 25.00
CA PHE A 978 23.05 30.09 26.03
C PHE A 978 21.96 29.04 26.15
N LEU A 979 20.70 29.45 26.06
CA LEU A 979 19.58 28.51 26.20
C LEU A 979 19.45 27.60 25.00
N ALA A 980 19.83 28.07 23.82
CA ALA A 980 19.80 27.29 22.60
C ALA A 980 20.74 26.10 22.63
N VAL A 981 21.60 26.04 23.64
CA VAL A 981 22.45 24.90 23.90
C VAL A 981 21.67 23.69 24.41
N ASN A 982 20.54 23.92 25.06
CA ASN A 982 19.75 22.83 25.60
C ASN A 982 18.84 22.24 24.54
N GLN A 983 18.72 20.92 24.58
CA GLN A 983 17.95 20.17 23.60
C GLN A 983 16.48 20.53 23.62
N GLN A 984 15.98 20.98 24.76
CA GLN A 984 14.56 21.26 24.93
C GLN A 984 14.22 22.71 24.64
N ALA A 985 15.06 23.64 25.06
CA ALA A 985 14.85 25.06 24.84
C ALA A 985 15.20 25.54 23.45
N GLY A 986 16.24 25.01 22.84
CA GLY A 986 16.71 25.47 21.57
C GLY A 986 15.74 25.49 20.41
N PRO A 987 14.89 24.49 20.30
CA PRO A 987 13.84 24.54 19.28
C PRO A 987 12.93 25.74 19.39
N TYR A 988 12.75 26.30 20.58
CA TYR A 988 11.85 27.42 20.78
C TYR A 988 12.54 28.74 20.45
N VAL A 989 13.86 28.77 20.50
CA VAL A 989 14.62 29.92 20.05
C VAL A 989 14.70 29.95 18.53
N MET A 990 14.75 28.79 17.90
CA MET A 990 14.72 28.70 16.44
C MET A 990 13.40 29.20 15.87
N MET A 991 12.29 28.79 16.48
CA MET A 991 10.96 29.28 16.12
C MET A 991 10.88 30.79 16.10
N ILE A 992 11.25 31.43 17.20
CA ILE A 992 11.12 32.87 17.37
C ILE A 992 11.81 33.60 16.23
N GLY A 993 12.98 33.14 15.84
CA GLY A 993 13.68 33.75 14.73
C GLY A 993 12.98 33.56 13.41
N LYS A 994 12.53 32.35 13.12
CA LYS A 994 11.76 32.09 11.92
C LYS A 994 10.43 32.82 11.90
N MET A 995 9.76 32.90 13.06
CA MET A 995 8.55 33.70 13.15
C MET A 995 8.82 35.16 12.79
N VAL A 996 9.83 35.77 13.39
CA VAL A 996 10.10 37.18 13.18
C VAL A 996 10.63 37.45 11.79
N ALA A 997 11.48 36.57 11.25
CA ALA A 997 12.07 36.76 9.94
C ALA A 997 11.06 36.72 8.81
N ASN A 998 10.02 35.91 8.93
CA ASN A 998 9.15 35.57 7.82
C ASN A 998 7.72 36.05 7.97
N MET A 999 7.44 36.86 8.98
CA MET A 999 6.15 37.48 9.17
C MET A 999 6.02 38.85 8.53
N PHE A 1000 6.99 39.24 7.70
CA PHE A 1000 7.06 40.59 7.15
C PHE A 1000 5.79 41.00 6.42
N TYR A 1001 5.27 40.13 5.56
CA TYR A 1001 4.19 40.57 4.69
C TYR A 1001 2.83 40.61 5.38
N ILE A 1002 2.60 39.78 6.39
CA ILE A 1002 1.38 39.89 7.20
C ILE A 1002 1.37 41.20 7.95
N VAL A 1003 2.52 41.63 8.47
CA VAL A 1003 2.62 42.86 9.23
C VAL A 1003 2.51 44.10 8.37
N VAL A 1004 2.83 44.02 7.08
CA VAL A 1004 2.60 45.12 6.16
C VAL A 1004 1.10 45.29 5.90
N ILE A 1005 0.39 44.19 5.75
CA ILE A 1005 -1.06 44.25 5.62
C ILE A 1005 -1.67 44.80 6.90
N MET A 1006 -1.22 44.34 8.06
CA MET A 1006 -1.68 44.87 9.34
C MET A 1006 -1.44 46.36 9.48
N ALA A 1007 -0.31 46.87 9.00
CA ALA A 1007 -0.02 48.29 9.05
C ALA A 1007 -0.85 49.09 8.05
N LEU A 1008 -1.27 48.47 6.97
CA LEU A 1008 -2.17 49.06 6.00
C LEU A 1008 -3.60 49.18 6.52
N VAL A 1009 -4.12 48.09 7.09
CA VAL A 1009 -5.41 48.08 7.76
C VAL A 1009 -5.45 49.12 8.85
N LEU A 1010 -4.33 49.28 9.55
CA LEU A 1010 -4.18 50.28 10.60
C LEU A 1010 -4.36 51.70 10.09
N LEU A 1011 -3.68 52.04 9.00
CA LEU A 1011 -3.80 53.38 8.43
C LEU A 1011 -5.12 53.58 7.71
N SER A 1012 -5.66 52.54 7.06
CA SER A 1012 -7.04 52.55 6.59
C SER A 1012 -8.02 53.06 7.63
N PHE A 1013 -7.80 52.73 8.90
CA PHE A 1013 -8.61 53.21 10.01
C PHE A 1013 -8.10 54.46 10.67
N GLY A 1014 -6.79 54.57 10.89
CA GLY A 1014 -6.25 55.66 11.68
C GLY A 1014 -6.34 57.01 11.02
N VAL A 1015 -6.30 57.04 9.70
CA VAL A 1015 -6.30 58.29 8.96
C VAL A 1015 -7.72 58.83 8.85
N PRO A 1016 -8.73 58.04 8.48
CA PRO A 1016 -10.10 58.55 8.53
C PRO A 1016 -10.59 58.96 9.91
N ARG A 1017 -10.19 58.28 10.96
CA ARG A 1017 -10.59 58.66 12.30
C ARG A 1017 -10.04 60.02 12.68
N LYS A 1018 -8.74 60.22 12.48
CA LYS A 1018 -8.10 61.46 12.87
C LYS A 1018 -8.61 62.62 12.03
N ALA A 1019 -9.03 62.33 10.81
CA ALA A 1019 -9.51 63.34 9.89
C ALA A 1019 -10.95 63.74 10.19
N ILE A 1020 -11.78 62.77 10.57
CA ILE A 1020 -13.14 63.04 10.99
C ILE A 1020 -13.19 63.75 12.34
N LEU A 1021 -12.35 63.34 13.28
CA LEU A 1021 -12.43 63.84 14.65
C LEU A 1021 -11.66 65.11 14.89
N TYR A 1022 -10.61 65.37 14.12
CA TYR A 1022 -9.73 66.52 14.31
C TYR A 1022 -9.63 67.24 12.97
N PRO A 1023 -10.59 68.10 12.63
CA PRO A 1023 -10.65 68.66 11.29
C PRO A 1023 -10.02 70.03 11.13
N HIS A 1024 -9.36 70.57 12.15
CA HIS A 1024 -8.83 71.93 12.12
C HIS A 1024 -7.33 71.89 12.40
N GLU A 1025 -6.66 70.85 11.92
CA GLU A 1025 -5.28 70.58 12.29
C GLU A 1025 -4.34 71.16 11.24
N GLU A 1026 -3.46 72.04 11.67
CA GLU A 1026 -2.32 72.41 10.88
C GLU A 1026 -1.38 71.21 10.78
N PRO A 1027 -0.44 71.23 9.85
CA PRO A 1027 0.58 70.18 9.82
C PRO A 1027 1.37 70.14 11.12
N SER A 1028 1.67 68.92 11.58
CA SER A 1028 2.30 68.72 12.86
C SER A 1028 2.83 67.29 12.92
N TRP A 1029 3.86 67.11 13.74
CA TRP A 1029 4.40 65.78 13.97
C TRP A 1029 3.43 64.88 14.73
N SER A 1030 2.51 65.48 15.47
CA SER A 1030 1.51 64.71 16.19
C SER A 1030 0.61 63.92 15.24
N LEU A 1031 0.40 64.44 14.03
CA LEU A 1031 -0.42 63.74 13.06
C LEU A 1031 0.15 62.39 12.68
N ALA A 1032 1.45 62.21 12.84
CA ALA A 1032 2.09 60.93 12.53
C ALA A 1032 1.95 59.94 13.68
N LYS A 1033 1.87 60.46 14.90
CA LYS A 1033 1.66 59.66 16.08
C LYS A 1033 0.22 59.21 16.22
N ASP A 1034 -0.70 60.10 15.93
CA ASP A 1034 -2.11 59.91 16.20
C ASP A 1034 -2.82 59.06 15.16
N ILE A 1035 -2.15 58.76 14.06
CA ILE A 1035 -2.66 57.81 13.07
C ILE A 1035 -2.15 56.41 13.30
N VAL A 1036 -1.26 56.20 14.28
CA VAL A 1036 -0.73 54.89 14.59
C VAL A 1036 -1.00 54.47 16.03
N PHE A 1037 -1.07 55.43 16.93
CA PHE A 1037 -1.04 55.15 18.35
C PHE A 1037 -2.25 54.34 18.79
N HIS A 1038 -3.45 54.92 18.80
CA HIS A 1038 -4.60 54.16 19.26
C HIS A 1038 -4.93 52.96 18.39
N PRO A 1039 -4.82 53.02 17.07
CA PRO A 1039 -5.05 51.83 16.27
C PRO A 1039 -4.14 50.66 16.57
N TYR A 1040 -2.98 50.91 17.16
CA TYR A 1040 -2.04 49.84 17.46
C TYR A 1040 -2.40 49.14 18.76
N TRP A 1041 -2.92 49.87 19.73
CA TRP A 1041 -3.25 49.33 21.03
C TRP A 1041 -4.58 48.59 21.00
N MET A 1042 -5.45 48.89 20.05
CA MET A 1042 -6.58 48.06 19.63
C MET A 1042 -6.22 46.65 19.24
N ILE A 1043 -5.10 46.45 18.54
CA ILE A 1043 -4.61 45.14 18.19
C ILE A 1043 -4.51 44.24 19.40
N PHE A 1044 -4.22 44.83 20.56
CA PHE A 1044 -4.04 44.12 21.80
C PHE A 1044 -5.26 44.21 22.69
N GLY A 1045 -6.41 44.54 22.12
CA GLY A 1045 -7.68 44.48 22.76
C GLY A 1045 -8.09 45.67 23.57
N GLU A 1046 -7.40 46.79 23.44
CA GLU A 1046 -7.83 48.04 24.06
C GLU A 1046 -8.70 48.81 23.08
N VAL A 1047 -10.01 48.86 23.37
CA VAL A 1047 -10.99 49.43 22.48
C VAL A 1047 -11.26 50.90 22.78
N TYR A 1048 -10.70 51.43 23.86
CA TYR A 1048 -10.87 52.81 24.27
C TYR A 1048 -12.36 53.16 24.37
N ALA A 1049 -13.00 52.49 25.33
CA ALA A 1049 -14.45 52.31 25.29
C ALA A 1049 -15.19 53.62 25.45
N TYR A 1050 -14.65 54.53 26.23
CA TYR A 1050 -15.29 55.79 26.52
C TYR A 1050 -14.82 56.91 25.60
N GLU A 1051 -14.21 56.56 24.48
CA GLU A 1051 -13.74 57.50 23.48
C GLU A 1051 -14.32 57.24 22.10
N ILE A 1052 -15.06 56.15 21.91
CA ILE A 1052 -15.55 55.74 20.61
C ILE A 1052 -16.63 56.70 20.12
N ASP A 1053 -17.72 56.80 20.87
CA ASP A 1053 -18.75 57.80 20.64
C ASP A 1053 -18.42 59.01 21.48
N VAL A 1054 -18.00 60.08 20.82
CA VAL A 1054 -17.53 61.27 21.51
C VAL A 1054 -18.66 62.23 21.83
N CYS A 1055 -19.87 61.96 21.37
CA CYS A 1055 -21.04 62.76 21.69
C CYS A 1055 -21.92 62.06 22.70
N ALA A 1056 -21.51 60.91 23.21
CA ALA A 1056 -22.21 60.21 24.27
C ALA A 1056 -21.99 60.91 25.60
N ASN A 1057 -22.92 60.69 26.54
CA ASN A 1057 -22.87 61.37 27.81
C ASN A 1057 -21.70 60.89 28.66
N ASP A 1058 -21.33 59.62 28.56
CA ASP A 1058 -20.20 59.08 29.30
C ASP A 1058 -18.89 59.22 28.56
N SER A 1059 -18.81 60.17 27.64
CA SER A 1059 -17.61 60.38 26.85
C SER A 1059 -16.52 61.04 27.69
N THR A 1060 -15.30 60.60 27.46
CA THR A 1060 -14.10 61.26 27.94
C THR A 1060 -13.57 62.29 26.95
N LEU A 1061 -14.16 62.38 25.76
CA LEU A 1061 -13.76 63.35 24.74
C LEU A 1061 -14.96 64.15 24.27
N PRO A 1062 -15.64 64.85 25.17
CA PRO A 1062 -16.87 65.56 24.79
C PRO A 1062 -16.65 66.78 23.91
N THR A 1063 -15.40 67.20 23.72
CA THR A 1063 -15.10 68.44 23.02
C THR A 1063 -14.82 68.24 21.54
N ILE A 1064 -14.50 67.02 21.10
CA ILE A 1064 -14.28 66.76 19.69
C ILE A 1064 -15.56 66.23 19.06
N CYS A 1065 -16.69 66.42 19.74
CA CYS A 1065 -17.98 66.16 19.14
C CYS A 1065 -18.23 67.20 18.06
N GLY A 1066 -18.80 66.74 16.95
CA GLY A 1066 -18.99 67.58 15.81
C GLY A 1066 -19.49 66.80 14.62
N PRO A 1067 -19.49 67.42 13.45
CA PRO A 1067 -20.01 66.75 12.26
C PRO A 1067 -19.18 65.56 11.82
N GLY A 1068 -19.87 64.46 11.55
CA GLY A 1068 -19.26 63.26 11.07
C GLY A 1068 -18.74 62.31 12.12
N THR A 1069 -18.63 62.75 13.37
CA THR A 1069 -17.97 61.97 14.40
C THR A 1069 -18.70 60.67 14.70
N TRP A 1070 -19.99 60.62 14.39
CA TRP A 1070 -20.77 59.41 14.48
C TRP A 1070 -20.34 58.32 13.52
N LEU A 1071 -19.45 58.61 12.57
CA LEU A 1071 -18.92 57.62 11.67
C LEU A 1071 -17.86 56.75 12.30
N THR A 1072 -17.16 57.25 13.30
CA THR A 1072 -16.02 56.57 13.91
C THR A 1072 -16.34 55.30 14.68
N PRO A 1073 -17.53 55.12 15.26
CA PRO A 1073 -17.85 53.78 15.76
C PRO A 1073 -17.96 52.72 14.69
N PHE A 1074 -18.68 53.00 13.62
CA PHE A 1074 -18.74 52.10 12.48
C PHE A 1074 -17.38 51.77 11.92
N LEU A 1075 -16.50 52.75 11.78
CA LEU A 1075 -15.16 52.51 11.31
C LEU A 1075 -14.40 51.55 12.21
N GLN A 1076 -14.47 51.77 13.51
CA GLN A 1076 -13.73 50.98 14.47
C GLN A 1076 -14.29 49.57 14.61
N ALA A 1077 -15.60 49.43 14.47
CA ALA A 1077 -16.22 48.11 14.42
C ALA A 1077 -15.67 47.25 13.29
N VAL A 1078 -15.50 47.85 12.12
CA VAL A 1078 -14.92 47.15 10.98
C VAL A 1078 -13.44 46.89 11.21
N TYR A 1079 -12.73 47.89 11.71
CA TYR A 1079 -11.30 47.76 11.96
C TYR A 1079 -10.96 46.60 12.86
N LEU A 1080 -11.65 46.47 13.99
CA LEU A 1080 -11.26 45.44 14.94
C LEU A 1080 -11.62 44.06 14.47
N PHE A 1081 -12.78 43.92 13.87
CA PHE A 1081 -13.10 42.67 13.23
C PHE A 1081 -11.99 42.25 12.27
N VAL A 1082 -11.52 43.16 11.43
CA VAL A 1082 -10.48 42.85 10.49
C VAL A 1082 -9.14 42.67 11.20
N GLN A 1083 -8.79 43.62 12.05
CA GLN A 1083 -7.51 43.58 12.72
C GLN A 1083 -7.46 42.50 13.80
N TYR A 1084 -8.34 42.58 14.80
CA TYR A 1084 -8.21 41.77 16.00
C TYR A 1084 -8.54 40.32 15.73
N ILE A 1085 -9.50 40.04 14.86
CA ILE A 1085 -9.96 38.69 14.60
C ILE A 1085 -9.30 38.10 13.37
N ILE A 1086 -9.37 38.77 12.23
CA ILE A 1086 -8.84 38.19 11.00
C ILE A 1086 -7.32 38.21 10.99
N MET A 1087 -6.73 39.39 11.18
CA MET A 1087 -5.31 39.56 10.88
C MET A 1087 -4.41 39.01 11.98
N VAL A 1088 -4.83 39.12 13.23
CA VAL A 1088 -4.02 38.59 14.31
C VAL A 1088 -4.02 37.07 14.30
N ASN A 1089 -5.14 36.45 13.95
CA ASN A 1089 -5.23 35.00 13.93
C ASN A 1089 -4.72 34.40 12.64
N LEU A 1090 -4.59 35.19 11.60
CA LEU A 1090 -3.86 34.82 10.40
C LEU A 1090 -2.37 34.75 10.65
N LEU A 1091 -1.86 35.73 11.38
CA LEU A 1091 -0.50 35.71 11.87
C LEU A 1091 -0.25 34.55 12.82
N ILE A 1092 -1.20 34.28 13.72
CA ILE A 1092 -1.08 33.13 14.62
C ILE A 1092 -1.09 31.83 13.83
N ALA A 1093 -1.96 31.72 12.84
CA ALA A 1093 -1.98 30.56 11.98
C ALA A 1093 -0.65 30.35 11.26
N PHE A 1094 -0.02 31.44 10.82
CA PHE A 1094 1.33 31.36 10.30
C PHE A 1094 2.31 30.82 11.34
N PHE A 1095 2.33 31.43 12.51
CA PHE A 1095 3.18 30.99 13.61
C PHE A 1095 2.92 29.54 14.00
N ASN A 1096 1.68 29.09 13.93
CA ASN A 1096 1.39 27.69 14.25
C ASN A 1096 2.05 26.73 13.28
N GLN A 1097 2.27 27.16 12.05
CA GLN A 1097 2.88 26.31 11.04
C GLN A 1097 4.40 26.35 11.12
N VAL A 1098 4.94 27.51 11.48
CA VAL A 1098 6.36 27.60 11.85
C VAL A 1098 6.68 26.63 12.98
N TYR A 1099 5.88 26.65 14.04
CA TYR A 1099 6.05 25.73 15.15
C TYR A 1099 6.16 24.29 14.66
N LEU A 1100 5.21 23.86 13.84
CA LEU A 1100 5.18 22.47 13.40
C LEU A 1100 6.33 22.15 12.47
N GLN A 1101 6.80 23.13 11.70
CA GLN A 1101 7.92 22.93 10.81
C GLN A 1101 9.23 22.77 11.59
N VAL A 1102 9.45 23.64 12.56
CA VAL A 1102 10.68 23.59 13.35
C VAL A 1102 10.75 22.30 14.15
N LYS A 1103 9.67 21.94 14.84
CA LYS A 1103 9.66 20.71 15.63
C LYS A 1103 9.94 19.47 14.79
N ALA A 1104 9.59 19.48 13.51
CA ALA A 1104 9.90 18.35 12.65
C ALA A 1104 11.37 18.24 12.33
N ILE A 1105 12.12 19.34 12.37
CA ILE A 1105 13.53 19.38 12.05
C ILE A 1105 14.40 19.79 13.22
N SER A 1106 13.82 20.05 14.40
CA SER A 1106 14.54 20.76 15.45
C SER A 1106 15.68 19.92 16.01
N ASN A 1107 15.51 18.61 16.06
CA ASN A 1107 16.48 17.78 16.74
C ASN A 1107 17.72 17.55 15.90
N ILE A 1108 17.57 17.43 14.58
CA ILE A 1108 18.72 17.30 13.71
C ILE A 1108 19.54 18.58 13.70
N VAL A 1109 18.86 19.73 13.63
CA VAL A 1109 19.57 21.00 13.60
C VAL A 1109 20.27 21.26 14.93
N TRP A 1110 19.65 20.88 16.04
CA TRP A 1110 20.30 21.04 17.34
C TRP A 1110 21.56 20.20 17.41
N LYS A 1111 21.48 18.96 16.95
CA LYS A 1111 22.62 18.06 16.95
C LYS A 1111 23.74 18.55 16.05
N TYR A 1112 23.41 19.16 14.92
CA TYR A 1112 24.43 19.69 14.04
C TYR A 1112 25.11 20.91 14.64
N GLN A 1113 24.39 21.71 15.40
CA GLN A 1113 24.95 22.92 15.97
C GLN A 1113 25.74 22.68 17.25
N ARG A 1114 25.67 21.49 17.82
CA ARG A 1114 26.54 21.13 18.93
C ARG A 1114 28.00 21.16 18.54
N TYR A 1115 28.32 20.89 17.27
CA TYR A 1115 29.71 20.85 16.85
C TYR A 1115 30.36 22.21 16.99
N HIS A 1116 29.81 23.23 16.34
CA HIS A 1116 30.42 24.53 16.38
C HIS A 1116 30.40 25.09 17.79
N PHE A 1117 29.37 24.74 18.54
CA PHE A 1117 29.28 25.08 19.93
C PHE A 1117 30.42 24.47 20.74
N ILE A 1118 30.55 23.16 20.70
CA ILE A 1118 31.53 22.46 21.51
C ILE A 1118 32.95 22.81 21.06
N MET A 1119 33.18 22.95 19.76
CA MET A 1119 34.50 23.34 19.30
C MET A 1119 34.85 24.77 19.68
N ALA A 1120 33.86 25.64 19.79
CA ALA A 1120 34.11 26.97 20.32
C ALA A 1120 34.67 26.89 21.73
N TYR A 1121 33.98 26.20 22.64
CA TYR A 1121 34.43 26.02 24.01
C TYR A 1121 35.51 24.97 24.15
N HIS A 1122 36.11 24.51 23.07
CA HIS A 1122 37.39 23.84 23.12
C HIS A 1122 38.55 24.77 22.83
N GLU A 1123 38.28 25.94 22.27
CA GLU A 1123 39.30 26.90 21.89
C GLU A 1123 39.32 28.14 22.76
N LYS A 1124 38.28 28.40 23.52
CA LYS A 1124 38.25 29.59 24.34
C LYS A 1124 39.29 29.52 25.45
N PRO A 1125 39.66 30.66 26.01
CA PRO A 1125 40.46 30.63 27.24
C PRO A 1125 39.69 30.05 28.40
N VAL A 1126 40.44 29.70 29.44
CA VAL A 1126 39.86 29.12 30.65
C VAL A 1126 39.37 30.17 31.62
N LEU A 1127 39.71 31.43 31.41
CA LEU A 1127 39.23 32.54 32.22
C LEU A 1127 38.11 33.28 31.51
N PRO A 1128 37.07 33.74 32.21
CA PRO A 1128 35.96 34.41 31.56
C PRO A 1128 36.22 35.90 31.39
N PRO A 1129 35.32 36.61 30.70
CA PRO A 1129 35.69 37.88 30.03
C PRO A 1129 36.19 38.99 30.93
N PRO A 1130 35.90 39.05 32.23
CA PRO A 1130 36.65 40.05 33.02
C PRO A 1130 38.08 39.63 33.28
N LEU A 1131 38.31 38.39 33.65
CA LEU A 1131 39.64 37.89 33.96
C LEU A 1131 40.38 37.36 32.75
N ILE A 1132 39.69 37.17 31.63
CA ILE A 1132 40.25 36.64 30.39
C ILE A 1132 41.48 37.41 29.90
N ILE A 1133 41.60 38.67 30.30
CA ILE A 1133 42.68 39.51 29.80
C ILE A 1133 44.03 38.93 30.19
N LEU A 1134 44.11 38.30 31.35
CA LEU A 1134 45.32 37.62 31.74
C LEU A 1134 45.62 36.45 30.81
N SER A 1135 44.59 35.74 30.39
CA SER A 1135 44.77 34.64 29.44
C SER A 1135 45.21 35.15 28.08
N HIS A 1136 44.69 36.31 27.64
CA HIS A 1136 45.18 36.90 26.42
C HIS A 1136 46.64 37.32 26.55
N ILE A 1137 46.96 38.05 27.61
CA ILE A 1137 48.32 38.53 27.87
C ILE A 1137 49.30 37.37 27.83
N VAL A 1138 49.02 36.32 28.60
CA VAL A 1138 49.90 35.16 28.66
C VAL A 1138 49.95 34.45 27.32
N SER A 1139 48.84 34.41 26.59
CA SER A 1139 48.77 33.77 25.29
C SER A 1139 49.21 34.72 24.16
N LEU A 1140 49.78 35.87 24.49
CA LEU A 1140 50.29 36.81 23.49
C LEU A 1140 51.79 36.89 23.62
N PHE A 1141 52.27 37.25 24.82
CA PHE A 1141 53.70 37.31 25.07
C PHE A 1141 54.38 35.95 24.93
N CYS A 1142 53.61 34.86 24.95
CA CYS A 1142 54.10 33.56 24.55
C CYS A 1142 54.47 33.58 23.08
N CYS A 1143 53.51 33.91 22.22
CA CYS A 1143 53.73 33.90 20.78
C CYS A 1143 54.79 34.93 20.37
N VAL A 1144 54.71 36.14 20.95
CA VAL A 1144 55.66 37.21 20.68
C VAL A 1144 57.07 36.73 21.02
N CYS A 1145 57.21 35.98 22.10
CA CYS A 1145 58.51 35.45 22.50
C CYS A 1145 58.82 34.15 21.77
N LYS A 1146 57.97 33.15 21.91
CA LYS A 1146 58.13 31.88 21.20
C LYS A 1146 58.16 32.11 19.69
N GLY A 1156 43.68 22.09 16.06
CA GLY A 1156 44.18 22.19 17.40
C GLY A 1156 44.16 20.88 18.14
N PRO A 1157 42.97 20.27 18.26
CA PRO A 1157 42.89 18.92 18.82
C PRO A 1157 43.13 17.85 17.78
N LYS A 1158 44.01 16.92 18.14
CA LYS A 1158 44.42 15.83 17.27
C LYS A 1158 44.22 14.52 18.01
N LEU A 1159 43.75 13.50 17.29
CA LEU A 1159 43.72 12.15 17.82
C LEU A 1159 45.12 11.59 17.71
N PHE A 1160 45.79 11.47 18.85
CA PHE A 1160 47.10 10.85 18.91
C PHE A 1160 46.94 9.35 19.09
N LEU A 1161 47.31 8.60 18.05
CA LEU A 1161 47.29 7.14 18.08
C LEU A 1161 48.71 6.63 17.87
N THR A 1162 49.15 5.76 18.77
CA THR A 1162 50.41 5.06 18.57
C THR A 1162 50.29 4.14 17.37
N GLU A 1163 51.43 3.83 16.74
CA GLU A 1163 51.44 3.07 15.50
C GLU A 1163 50.78 1.71 15.65
N GLU A 1164 50.91 1.13 16.84
CA GLU A 1164 50.24 -0.13 17.14
C GLU A 1164 48.72 0.01 17.08
N ASP A 1165 48.21 1.18 17.47
CA ASP A 1165 46.76 1.42 17.43
C ASP A 1165 46.35 2.01 16.08
N GLN A 1166 47.16 2.93 15.55
CA GLN A 1166 46.96 3.52 14.24
C GLN A 1166 46.82 2.43 13.18
N LYS A 1167 47.57 1.35 13.37
CA LYS A 1167 47.49 0.20 12.48
C LYS A 1167 46.12 -0.47 12.58
N LYS A 1168 45.69 -0.80 13.79
CA LYS A 1168 44.45 -1.55 13.97
C LYS A 1168 43.23 -0.75 13.54
N LEU A 1169 43.33 0.57 13.57
CA LEU A 1169 42.24 1.41 13.10
C LEU A 1169 42.01 1.17 11.61
N HIS A 1170 43.07 1.27 10.82
CA HIS A 1170 43.03 0.93 9.40
C HIS A 1170 42.49 -0.47 9.18
N ASP A 1171 42.79 -1.39 10.10
CA ASP A 1171 42.18 -2.72 10.04
C ASP A 1171 40.69 -2.63 10.32
N PHE A 1172 40.31 -1.77 11.27
CA PHE A 1172 38.89 -1.61 11.57
C PHE A 1172 38.18 -0.88 10.43
N GLU A 1173 38.91 0.00 9.73
CA GLU A 1173 38.38 0.61 8.53
C GLU A 1173 37.97 -0.46 7.54
N GLU A 1174 38.98 -1.19 7.03
CA GLU A 1174 38.78 -2.08 5.90
C GLU A 1174 37.70 -3.13 6.21
N GLN A 1175 37.75 -3.71 7.40
CA GLN A 1175 36.76 -4.69 7.83
C GLN A 1175 35.35 -4.12 7.73
N CYS A 1176 35.17 -2.88 8.15
CA CYS A 1176 33.85 -2.27 8.10
C CYS A 1176 33.57 -1.67 6.73
N VAL A 1177 34.63 -1.25 6.03
CA VAL A 1177 34.52 -0.86 4.64
C VAL A 1177 33.99 -2.07 3.88
N GLU A 1178 34.61 -3.23 4.07
CA GLU A 1178 34.16 -4.46 3.43
C GLU A 1178 32.72 -4.83 3.72
N MET A 1179 32.42 -5.09 4.99
CA MET A 1179 31.13 -5.64 5.39
C MET A 1179 29.96 -4.80 4.87
N TYR A 1180 30.19 -3.50 4.67
CA TYR A 1180 29.16 -2.66 4.11
C TYR A 1180 28.80 -3.06 2.69
N PHE A 1181 29.80 -3.19 1.81
CA PHE A 1181 29.54 -3.40 0.39
C PHE A 1181 28.80 -4.71 0.16
N ASP A 1182 29.23 -5.78 0.81
CA ASP A 1182 28.59 -7.07 0.72
C ASP A 1182 27.11 -7.00 1.10
N GLU A 1183 26.82 -6.26 2.16
CA GLU A 1183 25.46 -6.17 2.70
C GLU A 1183 24.47 -5.62 1.70
N LYS A 1184 24.77 -4.44 1.14
CA LYS A 1184 23.87 -3.70 0.27
C LYS A 1184 23.33 -4.56 -0.85
N ASP A 1185 24.22 -5.28 -1.53
CA ASP A 1185 23.82 -6.20 -2.60
C ASP A 1185 22.84 -7.25 -2.08
N ASP A 1186 23.15 -7.82 -0.91
CA ASP A 1186 22.41 -8.97 -0.40
C ASP A 1186 20.96 -8.62 -0.09
N LYS A 1187 20.74 -7.48 0.58
CA LYS A 1187 19.38 -7.00 0.80
C LYS A 1187 18.72 -6.64 -0.53
N PHE A 1188 19.49 -5.98 -1.41
CA PHE A 1188 18.95 -5.47 -2.66
C PHE A 1188 18.49 -6.61 -3.55
N ASN A 1189 19.16 -7.76 -3.51
CA ASN A 1189 18.75 -8.93 -4.27
C ASN A 1189 17.33 -9.35 -3.91
N SER A 1190 17.06 -9.46 -2.61
CA SER A 1190 15.78 -9.94 -2.11
C SER A 1190 14.61 -9.08 -2.61
N GLY A 1191 14.56 -7.83 -2.18
CA GLY A 1191 13.52 -6.92 -2.66
C GLY A 1191 12.13 -7.34 -2.23
N SER A 1192 11.13 -6.53 -2.61
CA SER A 1192 9.72 -6.84 -2.35
C SER A 1192 8.93 -6.99 -3.64
N GLU A 1193 8.90 -5.94 -4.47
CA GLU A 1193 8.23 -6.03 -5.78
C GLU A 1193 9.21 -6.40 -6.86
N GLU A 1194 10.50 -6.13 -6.64
CA GLU A 1194 11.57 -6.68 -7.47
C GLU A 1194 11.33 -8.16 -7.70
N ARG A 1195 11.20 -8.89 -6.59
CA ARG A 1195 10.90 -10.32 -6.63
C ARG A 1195 9.68 -10.63 -7.50
N ILE A 1196 8.65 -9.77 -7.45
CA ILE A 1196 7.43 -10.04 -8.22
C ILE A 1196 7.69 -9.80 -9.70
N ARG A 1197 8.52 -8.81 -10.03
CA ARG A 1197 8.87 -8.57 -11.44
C ARG A 1197 10.05 -9.41 -11.87
N VAL A 1198 10.78 -10.05 -10.95
CA VAL A 1198 11.66 -11.14 -11.32
C VAL A 1198 10.84 -12.39 -11.63
N THR A 1199 9.73 -12.57 -10.92
CA THR A 1199 8.81 -13.65 -11.29
C THR A 1199 8.29 -13.46 -12.70
N PHE A 1200 7.74 -12.29 -12.99
CA PHE A 1200 7.15 -12.01 -14.31
C PHE A 1200 8.17 -12.23 -15.41
N GLU A 1201 9.43 -11.85 -15.17
CA GLU A 1201 10.49 -12.22 -16.10
C GLU A 1201 10.55 -13.73 -16.30
N ARG A 1202 10.35 -14.48 -15.21
CA ARG A 1202 10.37 -15.94 -15.31
C ARG A 1202 9.07 -16.50 -15.86
N VAL A 1203 8.00 -15.72 -15.92
CA VAL A 1203 6.74 -16.21 -16.47
C VAL A 1203 6.87 -16.43 -17.98
N GLU A 1204 7.85 -15.79 -18.64
CA GLU A 1204 8.02 -16.02 -20.07
C GLU A 1204 8.72 -17.34 -20.38
N GLN A 1205 9.90 -17.58 -19.80
CA GLN A 1205 10.68 -18.78 -20.13
C GLN A 1205 9.84 -20.02 -19.87
N MET A 1206 9.02 -19.98 -18.82
CA MET A 1206 8.02 -21.02 -18.61
C MET A 1206 7.07 -21.09 -19.81
N SER A 1207 6.41 -19.99 -20.13
CA SER A 1207 5.41 -19.99 -21.19
C SER A 1207 6.02 -20.36 -22.54
N ILE A 1208 7.22 -19.85 -22.83
CA ILE A 1208 7.94 -20.26 -24.04
C ILE A 1208 8.20 -21.76 -24.01
N GLN A 1209 8.64 -22.26 -22.85
CA GLN A 1209 9.18 -23.61 -22.78
C GLN A 1209 8.07 -24.62 -22.50
N ILE A 1210 7.00 -24.17 -21.85
CA ILE A 1210 5.75 -24.90 -21.78
C ILE A 1210 5.14 -24.96 -23.18
N LYS A 1211 5.54 -24.04 -24.06
CA LYS A 1211 5.25 -24.15 -25.49
C LYS A 1211 6.35 -24.90 -26.23
N GLU A 1212 7.60 -24.85 -25.73
CA GLU A 1212 8.61 -25.73 -26.30
C GLU A 1212 8.14 -27.17 -26.13
N VAL A 1213 8.06 -27.65 -24.89
CA VAL A 1213 7.62 -29.01 -24.60
C VAL A 1213 6.24 -29.25 -25.21
N GLY A 1214 5.34 -28.29 -25.03
CA GLY A 1214 3.98 -28.45 -25.53
C GLY A 1214 3.90 -28.46 -27.05
N ASP A 1215 4.92 -27.94 -27.72
CA ASP A 1215 5.00 -28.13 -29.15
C ASP A 1215 5.42 -29.56 -29.48
N ARG A 1216 6.35 -30.11 -28.70
CA ARG A 1216 6.87 -31.44 -29.00
C ARG A 1216 5.88 -32.54 -28.62
N VAL A 1217 5.12 -32.35 -27.53
CA VAL A 1217 4.20 -33.39 -27.05
C VAL A 1217 3.23 -33.80 -28.15
N ASN A 1218 2.84 -32.86 -29.00
CA ASN A 1218 2.13 -33.21 -30.21
C ASN A 1218 3.04 -33.88 -31.23
N TYR A 1219 4.32 -33.49 -31.28
CA TYR A 1219 5.29 -34.22 -32.09
C TYR A 1219 5.61 -35.59 -31.52
N ILE A 1220 5.45 -35.79 -30.21
CA ILE A 1220 5.70 -37.11 -29.63
C ILE A 1220 4.58 -38.05 -30.04
N LYS A 1221 3.34 -37.64 -29.81
CA LYS A 1221 2.21 -38.56 -29.97
C LYS A 1221 2.00 -38.94 -31.41
N ARG A 1222 2.29 -38.04 -32.35
CA ARG A 1222 2.19 -38.39 -33.77
C ARG A 1222 3.18 -39.49 -34.10
N SER A 1223 4.35 -39.47 -33.45
CA SER A 1223 5.33 -40.52 -33.63
C SER A 1223 4.77 -41.88 -33.26
N LEU A 1224 4.28 -42.01 -32.01
CA LEU A 1224 3.90 -43.28 -31.41
C LEU A 1224 2.96 -44.08 -32.31
N GLN A 1225 1.92 -43.42 -32.83
CA GLN A 1225 1.01 -44.09 -33.76
C GLN A 1225 1.65 -44.29 -35.12
N SER A 1226 2.59 -43.42 -35.50
CA SER A 1226 3.30 -43.62 -36.75
C SER A 1226 4.28 -44.78 -36.66
N LEU A 1227 4.83 -45.03 -35.46
CA LEU A 1227 5.62 -46.23 -35.23
C LEU A 1227 4.75 -47.49 -35.19
N ASP A 1228 3.47 -47.35 -34.83
CA ASP A 1228 2.50 -48.43 -34.88
C ASP A 1228 1.56 -48.28 -36.07
N SER A 1229 2.05 -47.69 -37.16
CA SER A 1229 1.25 -47.49 -38.37
C SER A 1229 1.48 -48.63 -39.37
N GLN B 2 61.91 -7.91 18.07
CA GLN B 2 61.40 -7.51 16.76
C GLN B 2 59.88 -7.62 16.67
N LYS B 3 59.23 -8.26 17.65
CA LYS B 3 57.77 -8.31 17.75
C LYS B 3 57.16 -8.98 16.51
N SER B 4 57.92 -9.93 15.96
CA SER B 4 57.61 -10.55 14.68
C SER B 4 57.80 -12.06 14.78
N TRP B 5 57.08 -12.69 15.73
CA TRP B 5 57.18 -14.11 16.07
C TRP B 5 57.42 -15.02 14.87
N ILE B 6 56.81 -14.68 13.73
CA ILE B 6 57.15 -15.29 12.45
C ILE B 6 58.66 -15.18 12.24
N GLU B 7 59.19 -13.96 12.24
CA GLU B 7 60.63 -13.79 12.02
C GLU B 7 61.46 -14.50 13.08
N SER B 8 60.97 -14.57 14.32
CA SER B 8 61.81 -15.06 15.42
C SER B 8 61.90 -16.58 15.42
N THR B 9 60.76 -17.23 15.62
CA THR B 9 60.72 -18.67 15.85
C THR B 9 60.70 -19.44 14.54
N LEU B 10 59.90 -18.96 13.60
CA LEU B 10 59.78 -19.59 12.29
C LEU B 10 60.90 -19.09 11.38
N THR B 11 61.28 -19.90 10.40
CA THR B 11 62.44 -19.59 9.55
C THR B 11 62.27 -20.13 8.13
N LYS B 12 63.11 -19.61 7.23
CA LYS B 12 63.16 -19.92 5.80
C LYS B 12 64.34 -20.85 5.53
N ARG B 13 64.69 -21.00 4.24
CA ARG B 13 65.74 -21.89 3.78
C ARG B 13 66.49 -21.25 2.61
N GLU B 14 67.82 -21.40 2.61
CA GLU B 14 68.71 -20.80 1.61
C GLU B 14 69.62 -21.85 1.00
N CYS B 15 69.67 -21.94 -0.32
CA CYS B 15 70.65 -22.80 -0.96
C CYS B 15 72.03 -22.14 -0.84
N VAL B 16 72.86 -22.69 0.05
CA VAL B 16 74.14 -22.09 0.45
C VAL B 16 75.29 -22.86 -0.19
N TYR B 17 75.03 -23.50 -1.32
CA TYR B 17 76.02 -24.34 -1.98
C TYR B 17 75.56 -24.52 -3.42
N ILE B 18 76.50 -24.88 -4.29
CA ILE B 18 76.30 -24.80 -5.74
C ILE B 18 76.71 -26.14 -6.31
N ILE B 19 75.77 -26.81 -7.00
CA ILE B 19 76.01 -28.12 -7.61
C ILE B 19 75.48 -28.08 -9.03
N PRO B 20 76.32 -27.79 -10.06
CA PRO B 20 75.82 -27.68 -11.44
C PRO B 20 74.96 -28.84 -11.93
N SER B 21 73.72 -28.52 -12.31
CA SER B 21 72.77 -29.50 -12.81
C SER B 21 72.56 -29.29 -14.30
N SER B 22 72.60 -30.39 -15.05
CA SER B 22 72.46 -30.38 -16.50
C SER B 22 73.57 -29.56 -17.15
N LYS B 23 74.78 -29.67 -16.61
CA LYS B 23 75.93 -28.92 -17.10
C LYS B 23 76.42 -29.49 -18.43
N ASP B 24 75.79 -29.03 -19.51
CA ASP B 24 76.04 -29.47 -20.88
C ASP B 24 76.65 -28.32 -21.68
N PRO B 25 77.98 -28.19 -21.74
CA PRO B 25 78.59 -27.10 -22.52
C PRO B 25 78.19 -27.11 -23.99
N HIS B 26 77.83 -25.92 -24.47
CA HIS B 26 77.16 -25.71 -25.74
C HIS B 26 77.59 -24.33 -26.23
N ARG B 27 76.68 -23.59 -26.88
CA ARG B 27 76.95 -22.45 -27.77
C ARG B 27 78.00 -21.45 -27.29
N CYS B 28 78.45 -20.57 -28.20
CA CYS B 28 79.35 -19.48 -27.83
C CYS B 28 80.68 -20.02 -27.31
N LEU B 29 81.55 -20.44 -28.24
CA LEU B 29 82.75 -21.27 -28.10
C LEU B 29 83.47 -21.19 -26.76
N PRO B 30 83.85 -20.01 -26.23
CA PRO B 30 84.54 -20.03 -24.93
C PRO B 30 83.63 -20.52 -23.81
N GLY B 31 84.17 -21.41 -22.98
CA GLY B 31 83.43 -22.06 -21.92
C GLY B 31 82.75 -21.16 -20.90
N CYS B 32 83.48 -20.19 -20.33
CA CYS B 32 83.01 -19.45 -19.16
C CYS B 32 81.65 -18.78 -19.40
N GLN B 33 81.47 -18.19 -20.58
CA GLN B 33 80.26 -17.43 -20.90
C GLN B 33 79.03 -18.31 -20.75
N ILE B 34 79.05 -19.48 -21.38
CA ILE B 34 77.92 -20.42 -21.27
C ILE B 34 78.05 -21.28 -20.02
N CYS B 35 79.25 -21.42 -19.46
CA CYS B 35 79.37 -21.93 -18.10
C CYS B 35 78.94 -20.88 -17.07
N GLN B 36 78.60 -19.67 -17.53
CA GLN B 36 78.03 -18.62 -16.69
C GLN B 36 76.64 -18.22 -17.18
N GLN B 37 76.16 -18.80 -18.29
CA GLN B 37 74.83 -18.48 -18.81
C GLN B 37 73.74 -19.33 -18.17
N LEU B 38 73.79 -20.66 -18.34
CA LEU B 38 72.78 -21.55 -17.78
C LEU B 38 73.47 -22.74 -17.13
N VAL B 39 73.82 -22.55 -15.86
CA VAL B 39 74.31 -23.62 -14.99
C VAL B 39 73.37 -23.67 -13.77
N ARG B 40 72.28 -24.42 -13.87
CA ARG B 40 71.37 -24.54 -12.75
C ARG B 40 72.00 -25.41 -11.66
N CYS B 41 71.38 -25.40 -10.49
CA CYS B 41 71.76 -26.31 -9.42
C CYS B 41 70.68 -27.34 -9.19
N PHE B 42 71.02 -28.41 -8.47
CA PHE B 42 70.05 -29.36 -7.94
C PHE B 42 69.21 -28.74 -6.83
N CYS B 43 69.56 -27.54 -6.38
CA CYS B 43 68.64 -26.64 -5.69
C CYS B 43 67.57 -26.09 -6.60
N GLY B 44 67.90 -25.85 -7.88
CA GLY B 44 66.95 -25.36 -8.86
C GLY B 44 67.27 -24.01 -9.47
N ARG B 45 68.20 -23.25 -8.87
CA ARG B 45 68.55 -21.92 -9.35
C ARG B 45 69.93 -21.93 -9.98
N LEU B 46 70.26 -20.79 -10.58
CA LEU B 46 71.59 -20.53 -11.09
C LEU B 46 72.53 -20.13 -9.96
N VAL B 47 73.82 -20.35 -10.19
CA VAL B 47 74.84 -19.81 -9.29
C VAL B 47 74.77 -18.28 -9.29
N LYS B 48 74.41 -17.69 -10.43
CA LYS B 48 74.29 -16.22 -10.50
C LYS B 48 72.95 -15.74 -9.95
N GLN B 49 71.95 -16.62 -9.90
CA GLN B 49 70.68 -16.26 -9.28
C GLN B 49 70.67 -16.52 -7.78
N HIS B 50 71.65 -17.25 -7.24
CA HIS B 50 71.69 -17.40 -5.79
C HIS B 50 72.32 -16.17 -5.14
N ALA B 51 73.65 -16.09 -5.22
CA ALA B 51 74.53 -15.02 -4.76
C ALA B 51 74.52 -14.77 -3.25
N CYS B 52 73.35 -14.93 -2.60
CA CYS B 52 73.12 -15.34 -1.21
C CYS B 52 74.20 -15.04 -0.16
N PHE B 53 75.03 -14.01 -0.36
CA PHE B 53 76.13 -13.63 0.54
C PHE B 53 77.25 -14.68 0.75
N THR B 54 77.06 -15.91 0.29
CA THR B 54 78.03 -17.00 0.31
C THR B 54 78.08 -17.76 -1.01
N ALA B 55 77.01 -17.68 -1.80
CA ALA B 55 76.98 -18.20 -3.15
C ALA B 55 77.49 -17.20 -4.18
N SER B 56 77.64 -15.92 -3.81
CA SER B 56 78.33 -14.96 -4.66
C SER B 56 79.79 -15.29 -4.81
N LEU B 57 80.35 -16.07 -3.87
CA LEU B 57 81.75 -16.44 -3.91
C LEU B 57 82.05 -17.47 -4.99
N ALA B 58 81.04 -17.92 -5.75
CA ALA B 58 81.23 -18.82 -6.87
C ALA B 58 80.98 -18.14 -8.22
N MET B 59 80.08 -17.15 -8.26
CA MET B 59 79.96 -16.28 -9.41
C MET B 59 81.30 -15.71 -9.82
N LYS B 60 82.12 -15.31 -8.85
CA LYS B 60 83.41 -14.68 -9.12
C LYS B 60 84.47 -15.71 -9.54
N TYR B 61 84.56 -16.84 -8.83
CA TYR B 61 85.60 -17.83 -9.10
C TYR B 61 85.13 -18.97 -9.99
N SER B 62 84.20 -19.76 -9.47
CA SER B 62 83.64 -20.95 -10.10
C SER B 62 82.68 -21.52 -9.08
N ASP B 63 81.79 -22.42 -9.51
CA ASP B 63 80.81 -23.08 -8.65
C ASP B 63 81.40 -23.48 -7.29
N VAL B 64 80.63 -23.32 -6.20
CA VAL B 64 81.18 -23.47 -4.85
C VAL B 64 81.58 -24.92 -4.72
N LYS B 65 82.81 -25.18 -5.16
CA LYS B 65 83.45 -26.50 -5.18
C LYS B 65 84.79 -26.30 -5.89
N LEU B 66 85.51 -27.39 -6.12
CA LEU B 66 86.69 -27.40 -6.97
C LEU B 66 86.26 -27.39 -8.44
N GLY B 67 87.14 -27.81 -9.34
CA GLY B 67 86.80 -27.79 -10.75
C GLY B 67 85.97 -29.01 -11.08
N GLU B 68 86.54 -29.99 -11.77
CA GLU B 68 85.86 -31.27 -12.01
C GLU B 68 85.18 -31.79 -10.74
N HIS B 69 85.93 -31.91 -9.64
CA HIS B 69 85.33 -32.14 -8.34
C HIS B 69 84.48 -33.40 -8.30
N PHE B 70 85.11 -34.58 -8.17
CA PHE B 70 84.58 -35.90 -8.54
C PHE B 70 83.07 -36.06 -8.51
N ASN B 71 82.50 -36.59 -9.59
CA ASN B 71 81.06 -36.82 -9.66
C ASN B 71 80.59 -37.92 -8.72
N GLN B 72 81.52 -38.63 -8.06
CA GLN B 72 81.21 -39.39 -6.86
C GLN B 72 80.77 -38.49 -5.71
N ALA B 73 81.08 -37.19 -5.76
CA ALA B 73 80.74 -36.24 -4.71
C ALA B 73 79.79 -35.13 -5.16
N ILE B 74 79.57 -34.96 -6.46
CA ILE B 74 78.75 -33.86 -6.95
C ILE B 74 77.28 -34.06 -6.54
N GLU B 75 76.78 -35.29 -6.69
CA GLU B 75 75.37 -35.58 -6.46
C GLU B 75 74.91 -35.26 -5.05
N GLU B 76 75.85 -35.23 -4.11
CA GLU B 76 75.51 -35.17 -2.69
C GLU B 76 75.06 -33.77 -2.26
N TRP B 77 73.93 -33.30 -2.80
CA TRP B 77 73.16 -32.25 -2.14
C TRP B 77 72.23 -32.93 -1.14
N SER B 78 71.92 -32.21 -0.08
CA SER B 78 70.66 -32.39 0.60
C SER B 78 70.39 -31.13 1.38
N VAL B 79 69.12 -30.72 1.41
CA VAL B 79 68.71 -29.58 2.21
C VAL B 79 69.11 -29.77 3.67
N GLU B 80 69.17 -31.03 4.11
CA GLU B 80 69.82 -31.34 5.38
C GLU B 80 71.28 -30.88 5.40
N LYS B 81 72.01 -31.06 4.30
CA LYS B 81 73.45 -30.82 4.27
C LYS B 81 73.78 -29.35 3.97
N HIS B 82 73.37 -28.87 2.80
CA HIS B 82 73.65 -27.50 2.37
C HIS B 82 72.35 -26.71 2.29
N THR B 83 71.92 -26.15 3.42
CA THR B 83 70.86 -25.16 3.41
C THR B 83 70.76 -24.50 4.79
N GLU B 84 70.94 -23.17 4.83
CA GLU B 84 70.96 -22.42 6.08
C GLU B 84 69.70 -21.59 6.24
N GLN B 85 69.17 -21.52 7.46
CA GLN B 85 67.77 -21.21 7.69
C GLN B 85 67.45 -19.71 7.63
N SER B 86 68.03 -18.89 8.53
CA SER B 86 68.17 -17.44 8.29
C SER B 86 66.86 -16.67 8.04
N PRO B 87 66.20 -16.14 9.08
CA PRO B 87 64.73 -15.90 9.08
C PRO B 87 64.04 -15.44 7.79
N THR B 88 62.75 -15.79 7.71
CA THR B 88 61.86 -15.46 6.61
C THR B 88 61.89 -13.96 6.30
N ASP B 89 61.47 -13.61 5.09
CA ASP B 89 61.37 -12.23 4.62
C ASP B 89 60.07 -12.04 3.82
N ALA B 90 59.05 -12.83 4.13
CA ALA B 90 57.79 -12.84 3.36
C ALA B 90 56.58 -13.02 4.28
N TYR B 91 56.43 -12.18 5.30
CA TYR B 91 55.30 -12.25 6.23
C TYR B 91 54.33 -11.07 6.02
N GLY B 92 54.07 -10.72 4.77
CA GLY B 92 53.17 -9.64 4.44
C GLY B 92 51.72 -10.09 4.28
N VAL B 93 50.97 -9.30 3.52
CA VAL B 93 49.54 -9.49 3.29
C VAL B 93 49.21 -9.12 1.85
N ILE B 94 48.55 -10.03 1.13
CA ILE B 94 48.27 -9.83 -0.30
C ILE B 94 47.02 -8.99 -0.47
N ASN B 95 46.98 -8.25 -1.58
CA ASN B 95 45.88 -7.36 -1.93
C ASN B 95 45.35 -7.70 -3.32
N PHE B 96 45.01 -8.97 -3.56
CA PHE B 96 44.61 -9.48 -4.88
C PHE B 96 43.60 -8.57 -5.56
N GLN B 97 44.00 -7.89 -6.63
CA GLN B 97 43.08 -6.96 -7.28
C GLN B 97 42.17 -7.72 -8.23
N GLY B 98 40.98 -7.15 -8.45
CA GLY B 98 39.94 -7.87 -9.17
C GLY B 98 38.65 -7.08 -9.29
N GLY B 99 37.54 -7.70 -8.91
CA GLY B 99 36.23 -7.11 -9.02
C GLY B 99 36.05 -5.90 -8.13
N SER B 100 34.80 -5.56 -7.77
CA SER B 100 34.55 -4.36 -6.97
C SER B 100 34.83 -4.62 -5.50
N HIS B 101 36.03 -5.14 -5.23
CA HIS B 101 36.50 -5.53 -3.93
C HIS B 101 37.97 -5.93 -4.18
N SER B 102 38.63 -6.58 -3.23
CA SER B 102 40.08 -6.62 -3.06
C SER B 102 40.60 -8.00 -2.67
N TYR B 103 39.72 -8.90 -2.21
CA TYR B 103 40.02 -10.32 -1.96
C TYR B 103 41.31 -10.47 -1.15
N ARG B 104 41.46 -9.63 -0.13
CA ARG B 104 42.67 -9.58 0.68
C ARG B 104 42.95 -10.94 1.31
N ALA B 105 44.23 -11.25 1.45
CA ALA B 105 44.68 -12.54 1.94
C ALA B 105 46.06 -12.38 2.56
N LYS B 106 46.50 -13.43 3.26
CA LYS B 106 47.74 -13.42 4.01
C LYS B 106 48.65 -14.55 3.56
N TYR B 107 49.89 -14.55 4.04
CA TYR B 107 50.84 -15.60 3.68
C TYR B 107 52.03 -15.67 4.60
N VAL B 108 52.89 -16.68 4.36
CA VAL B 108 54.12 -16.83 5.10
C VAL B 108 54.99 -17.86 4.36
N ARG B 109 56.31 -17.71 4.47
CA ARG B 109 57.27 -18.71 4.02
C ARG B 109 57.63 -19.58 5.20
N LEU B 110 57.94 -20.86 4.96
CA LEU B 110 58.39 -21.72 6.04
C LEU B 110 58.96 -23.00 5.45
N SER B 111 59.58 -23.80 6.31
CA SER B 111 60.22 -25.03 5.89
C SER B 111 59.28 -26.22 6.00
N TYR B 112 59.59 -27.27 5.23
CA TYR B 112 58.84 -28.51 5.24
C TYR B 112 58.92 -29.26 6.57
N ASP B 113 59.90 -28.94 7.44
CA ASP B 113 60.00 -29.53 8.78
C ASP B 113 59.65 -28.56 9.89
N THR B 114 58.96 -27.47 9.58
CA THR B 114 58.34 -26.59 10.56
C THR B 114 57.48 -27.44 11.48
N LYS B 115 57.59 -27.22 12.80
CA LYS B 115 56.95 -28.09 13.77
C LYS B 115 55.44 -28.06 13.59
N PRO B 116 54.72 -29.18 13.76
CA PRO B 116 53.25 -29.11 13.61
C PRO B 116 52.55 -28.25 14.66
N GLU B 117 53.21 -27.92 15.79
CA GLU B 117 52.54 -27.11 16.80
C GLU B 117 52.72 -25.62 16.55
N ILE B 118 53.83 -25.20 15.94
CA ILE B 118 54.03 -23.78 15.71
C ILE B 118 53.21 -23.30 14.51
N ILE B 119 53.05 -24.17 13.51
CA ILE B 119 52.14 -23.86 12.40
C ILE B 119 50.73 -23.65 12.91
N LEU B 120 50.34 -24.42 13.94
CA LEU B 120 49.10 -24.13 14.65
C LEU B 120 49.18 -22.79 15.37
N GLN B 121 50.30 -22.56 16.07
CA GLN B 121 50.56 -21.30 16.76
C GLN B 121 50.75 -20.13 15.79
N LEU B 122 50.74 -20.39 14.48
CA LEU B 122 50.67 -19.37 13.46
C LEU B 122 49.24 -19.15 12.98
N LEU B 123 48.49 -20.24 12.77
CA LEU B 123 47.12 -20.12 12.29
C LEU B 123 46.21 -19.50 13.33
N LEU B 124 46.24 -20.04 14.55
CA LEU B 124 45.32 -19.61 15.60
C LEU B 124 45.86 -18.42 16.38
N LYS B 125 47.10 -18.52 16.86
CA LYS B 125 47.66 -17.47 17.71
C LYS B 125 47.98 -16.23 16.89
N GLU B 126 48.74 -16.39 15.81
CA GLU B 126 49.24 -15.22 15.08
C GLU B 126 48.19 -14.68 14.11
N TRP B 127 47.55 -15.56 13.34
CA TRP B 127 46.55 -15.13 12.37
C TRP B 127 45.15 -15.02 12.96
N GLN B 128 44.97 -15.28 14.26
CA GLN B 128 43.71 -15.07 15.00
C GLN B 128 42.61 -16.04 14.61
N MET B 129 42.89 -16.97 13.70
CA MET B 129 41.88 -17.80 13.08
C MET B 129 41.33 -18.80 14.08
N GLU B 130 40.03 -18.77 14.32
CA GLU B 130 39.43 -19.60 15.36
C GLU B 130 39.33 -21.04 14.90
N LEU B 131 39.76 -21.96 15.78
CA LEU B 131 39.86 -23.40 15.59
C LEU B 131 38.56 -23.94 14.97
N PRO B 132 38.63 -24.78 13.91
CA PRO B 132 37.38 -25.17 13.25
C PRO B 132 36.71 -26.37 13.89
N LYS B 133 35.52 -26.69 13.39
CA LYS B 133 34.80 -27.90 13.71
C LYS B 133 34.76 -28.88 12.55
N LEU B 134 35.27 -28.48 11.39
CA LEU B 134 35.45 -29.37 10.25
C LEU B 134 36.61 -28.87 9.42
N VAL B 135 37.30 -29.79 8.77
CA VAL B 135 38.29 -29.48 7.75
C VAL B 135 37.94 -30.26 6.50
N ILE B 136 38.05 -29.59 5.35
CA ILE B 136 37.85 -30.23 4.07
C ILE B 136 39.19 -30.27 3.35
N SER B 137 39.90 -31.38 3.49
CA SER B 137 41.18 -31.59 2.83
C SER B 137 40.96 -31.91 1.36
N VAL B 138 41.16 -30.93 0.48
CA VAL B 138 40.80 -31.07 -0.93
C VAL B 138 42.01 -31.63 -1.67
N HIS B 139 41.81 -32.76 -2.34
CA HIS B 139 42.88 -33.46 -3.06
C HIS B 139 42.32 -33.94 -4.39
N GLY B 140 42.41 -33.09 -5.40
CA GLY B 140 41.92 -33.42 -6.73
C GLY B 140 42.97 -33.09 -7.77
N GLY B 141 42.51 -32.65 -8.94
CA GLY B 141 43.40 -32.36 -10.04
C GLY B 141 44.41 -31.30 -9.67
N MET B 142 45.65 -31.51 -10.10
CA MET B 142 46.73 -30.55 -9.94
C MET B 142 47.02 -29.79 -11.23
N GLN B 143 46.25 -30.04 -12.29
CA GLN B 143 46.32 -29.27 -13.52
C GLN B 143 44.99 -28.59 -13.77
N LYS B 144 44.95 -27.74 -14.80
CA LYS B 144 43.77 -26.94 -15.10
C LYS B 144 42.67 -27.83 -15.69
N PHE B 145 41.94 -28.53 -14.82
CA PHE B 145 40.81 -29.32 -15.27
C PHE B 145 39.55 -28.45 -15.33
N GLU B 146 38.54 -28.95 -16.03
CA GLU B 146 37.34 -28.19 -16.36
C GLU B 146 36.12 -29.08 -16.15
N LEU B 147 34.98 -28.45 -15.89
CA LEU B 147 33.74 -29.14 -15.53
C LEU B 147 32.61 -28.53 -16.37
N HIS B 148 31.39 -29.06 -16.19
CA HIS B 148 30.19 -28.60 -16.89
C HIS B 148 29.27 -27.85 -15.93
N PRO B 149 28.21 -27.17 -16.43
CA PRO B 149 27.45 -26.23 -15.56
C PRO B 149 26.74 -26.83 -14.35
N ARG B 150 26.09 -27.98 -14.52
CA ARG B 150 25.32 -28.56 -13.43
C ARG B 150 26.22 -28.86 -12.24
N ILE B 151 27.29 -29.61 -12.47
CA ILE B 151 28.24 -29.92 -11.41
C ILE B 151 28.92 -28.65 -10.90
N LYS B 152 29.11 -27.66 -11.78
CA LYS B 152 29.72 -26.39 -11.39
C LYS B 152 28.95 -25.70 -10.29
N GLN B 153 27.62 -25.85 -10.26
CA GLN B 153 26.77 -25.14 -9.31
C GLN B 153 26.44 -26.00 -8.10
N LEU B 154 25.94 -27.21 -8.32
CA LEU B 154 25.47 -28.05 -7.23
C LEU B 154 26.61 -28.45 -6.29
N LEU B 155 27.68 -29.01 -6.86
CA LEU B 155 28.86 -29.36 -6.08
C LEU B 155 29.40 -28.15 -5.35
N GLY B 156 29.36 -26.99 -6.01
CA GLY B 156 29.83 -25.75 -5.42
C GLY B 156 29.08 -25.38 -4.17
N LYS B 157 27.75 -25.30 -4.28
CA LYS B 157 26.89 -24.99 -3.13
C LYS B 157 27.15 -25.91 -1.95
N GLY B 158 27.11 -27.22 -2.19
CA GLY B 158 27.24 -28.20 -1.13
C GLY B 158 28.56 -28.09 -0.42
N LEU B 159 29.64 -27.98 -1.18
CA LEU B 159 30.96 -27.85 -0.58
C LEU B 159 31.07 -26.55 0.20
N ILE B 160 30.47 -25.49 -0.32
CA ILE B 160 30.45 -24.20 0.34
C ILE B 160 29.60 -24.27 1.60
N LYS B 161 28.34 -24.67 1.44
CA LYS B 161 27.40 -24.70 2.54
C LYS B 161 27.91 -25.56 3.69
N ALA B 162 28.49 -26.72 3.36
CA ALA B 162 29.07 -27.59 4.37
C ALA B 162 30.13 -26.88 5.19
N ALA B 163 30.85 -25.94 4.56
CA ALA B 163 31.85 -25.15 5.25
C ALA B 163 31.21 -24.01 6.04
N VAL B 164 30.10 -23.48 5.52
CA VAL B 164 29.38 -22.42 6.22
C VAL B 164 28.86 -22.93 7.55
N THR B 165 28.21 -24.09 7.55
CA THR B 165 27.52 -24.58 8.74
C THR B 165 28.52 -24.91 9.84
N THR B 166 29.59 -25.62 9.51
CA THR B 166 30.56 -26.12 10.47
C THR B 166 31.72 -25.17 10.70
N GLY B 167 31.65 -23.95 10.17
CA GLY B 167 32.74 -23.00 10.24
C GLY B 167 34.07 -23.58 9.81
N ALA B 168 34.04 -24.35 8.73
CA ALA B 168 35.14 -25.23 8.40
C ALA B 168 36.36 -24.47 7.89
N TRP B 169 37.46 -25.20 7.76
CA TRP B 169 38.70 -24.72 7.15
C TRP B 169 38.96 -25.60 5.94
N ILE B 170 38.71 -25.06 4.74
CA ILE B 170 39.08 -25.76 3.52
C ILE B 170 40.60 -25.77 3.44
N LEU B 171 41.16 -26.83 2.86
CA LEU B 171 42.59 -26.93 2.62
C LEU B 171 42.80 -27.35 1.16
N THR B 172 43.67 -26.61 0.47
CA THR B 172 43.99 -26.86 -0.93
C THR B 172 45.49 -26.77 -1.10
N GLY B 173 45.95 -26.78 -2.35
CA GLY B 173 47.34 -26.52 -2.65
C GLY B 173 47.61 -25.03 -2.76
N GLY B 174 46.59 -24.25 -3.07
CA GLY B 174 46.72 -22.81 -3.18
C GLY B 174 47.13 -22.33 -4.54
N VAL B 175 46.82 -23.09 -5.59
CA VAL B 175 47.34 -22.86 -6.93
C VAL B 175 46.19 -23.03 -7.91
N ASN B 176 46.00 -22.05 -8.81
CA ASN B 176 44.81 -22.06 -9.65
C ASN B 176 45.00 -22.91 -10.91
N THR B 177 45.91 -23.88 -10.88
CA THR B 177 45.86 -25.01 -11.79
C THR B 177 45.49 -26.27 -10.99
N GLY B 178 44.19 -26.48 -10.83
CA GLY B 178 43.72 -27.63 -10.09
C GLY B 178 42.48 -27.32 -9.28
N VAL B 179 42.34 -28.04 -8.16
CA VAL B 179 41.22 -27.86 -7.26
C VAL B 179 41.07 -26.41 -6.85
N ALA B 180 42.17 -25.77 -6.47
CA ALA B 180 42.14 -24.42 -5.89
C ALA B 180 41.41 -23.43 -6.80
N LYS B 181 41.63 -23.54 -8.11
CA LYS B 181 40.89 -22.72 -9.05
C LYS B 181 39.40 -22.93 -8.89
N HIS B 182 39.00 -24.20 -8.81
CA HIS B 182 37.58 -24.53 -8.80
C HIS B 182 36.99 -24.43 -7.40
N VAL B 183 37.80 -24.70 -6.38
CA VAL B 183 37.40 -24.43 -5.00
C VAL B 183 37.15 -22.94 -4.84
N GLY B 184 38.13 -22.14 -5.22
CA GLY B 184 38.05 -20.70 -5.08
C GLY B 184 36.91 -20.07 -5.87
N ASP B 185 36.73 -20.51 -7.12
CA ASP B 185 35.66 -19.98 -7.96
C ASP B 185 34.31 -20.07 -7.26
N ALA B 186 33.97 -21.26 -6.79
CA ALA B 186 32.67 -21.52 -6.21
C ALA B 186 32.33 -20.53 -5.10
N LEU B 187 33.34 -20.13 -4.33
CA LEU B 187 33.18 -19.09 -3.32
C LEU B 187 32.76 -17.77 -3.95
N LYS B 188 33.32 -17.47 -5.12
CA LYS B 188 33.11 -16.19 -5.78
C LYS B 188 31.65 -15.95 -6.12
N GLU B 189 31.06 -16.83 -6.93
CA GLU B 189 29.69 -16.63 -7.42
C GLU B 189 28.68 -16.72 -6.29
N HIS B 190 28.85 -17.72 -5.41
CA HIS B 190 27.86 -18.02 -4.38
C HIS B 190 27.71 -16.92 -3.35
N ALA B 191 28.62 -15.95 -3.35
CA ALA B 191 28.60 -14.85 -2.38
C ALA B 191 28.76 -15.37 -0.97
N SER B 192 29.62 -16.39 -0.80
CA SER B 192 30.02 -16.90 0.50
C SER B 192 30.60 -15.80 1.39
N ARG B 193 31.15 -14.76 0.77
CA ARG B 193 31.68 -13.63 1.52
C ARG B 193 30.57 -12.84 2.20
N SER B 194 29.35 -12.92 1.67
CA SER B 194 28.30 -11.99 2.07
C SER B 194 27.97 -12.08 3.54
N SER B 195 28.40 -11.06 4.30
CA SER B 195 28.43 -11.06 5.76
C SER B 195 28.85 -12.41 6.31
N ARG B 196 29.92 -12.98 5.74
CA ARG B 196 30.30 -14.34 6.06
C ARG B 196 31.70 -14.62 5.53
N LYS B 197 32.37 -15.62 6.09
CA LYS B 197 33.69 -16.04 5.62
C LYS B 197 33.68 -17.57 5.65
N ILE B 198 33.96 -18.19 4.51
CA ILE B 198 34.42 -19.57 4.52
C ILE B 198 35.93 -19.52 4.58
N CYS B 199 36.48 -19.85 5.74
CA CYS B 199 37.92 -19.85 5.92
C CYS B 199 38.56 -20.85 4.97
N THR B 200 39.55 -20.38 4.21
CA THR B 200 40.08 -21.11 3.08
C THR B 200 41.58 -20.87 3.03
N ILE B 201 42.35 -21.95 2.90
CA ILE B 201 43.79 -21.93 3.07
C ILE B 201 44.40 -22.76 1.95
N GLY B 202 45.52 -22.28 1.41
CA GLY B 202 46.31 -23.02 0.45
C GLY B 202 47.73 -23.29 0.90
N ILE B 203 48.06 -24.54 1.18
CA ILE B 203 49.44 -24.93 1.42
C ILE B 203 50.09 -25.12 0.04
N ALA B 204 50.93 -24.17 -0.37
CA ALA B 204 51.69 -24.29 -1.60
C ALA B 204 53.19 -24.33 -1.28
N PRO B 205 54.06 -24.52 -2.28
CA PRO B 205 55.49 -24.23 -2.08
C PRO B 205 55.88 -22.83 -2.51
N TRP B 206 56.92 -22.28 -1.91
CA TRP B 206 57.30 -20.90 -2.19
C TRP B 206 57.95 -20.75 -3.54
N GLY B 207 58.91 -21.62 -3.85
CA GLY B 207 59.80 -21.43 -4.98
C GLY B 207 59.09 -21.27 -6.31
N VAL B 208 57.92 -21.88 -6.45
CA VAL B 208 57.25 -21.95 -7.73
C VAL B 208 56.48 -20.67 -8.00
N ILE B 209 55.76 -20.14 -7.01
CA ILE B 209 54.66 -19.20 -7.25
C ILE B 209 55.21 -17.97 -7.95
N GLU B 210 54.75 -17.72 -9.16
CA GLU B 210 55.40 -16.72 -9.99
C GLU B 210 55.13 -15.33 -9.42
N ASN B 211 56.16 -14.49 -9.44
CA ASN B 211 56.27 -13.25 -8.68
C ASN B 211 56.43 -13.53 -7.20
N ARG B 212 57.06 -14.65 -6.82
CA ARG B 212 57.42 -14.85 -5.42
C ARG B 212 58.33 -13.72 -4.95
N ASN B 213 59.25 -13.31 -5.82
CA ASN B 213 60.18 -12.22 -5.53
C ASN B 213 59.46 -10.92 -5.19
N ASP B 214 58.22 -10.76 -5.67
CA ASP B 214 57.39 -9.62 -5.30
C ASP B 214 57.00 -9.72 -3.82
N LEU B 215 56.44 -10.86 -3.43
CA LEU B 215 56.00 -11.11 -2.06
C LEU B 215 57.13 -11.01 -1.05
N VAL B 216 58.38 -11.12 -1.50
CA VAL B 216 59.56 -10.98 -0.64
C VAL B 216 59.50 -9.61 0.02
N GLY B 217 60.08 -9.49 1.21
CA GLY B 217 60.02 -8.27 2.00
C GLY B 217 59.20 -8.45 3.25
N ARG B 218 59.45 -7.57 4.23
CA ARG B 218 58.80 -7.66 5.52
C ARG B 218 57.33 -7.27 5.36
N ASP B 219 56.61 -7.16 6.49
CA ASP B 219 55.17 -6.91 6.47
C ASP B 219 54.79 -5.75 5.55
N VAL B 220 54.03 -6.07 4.51
CA VAL B 220 53.77 -5.15 3.40
C VAL B 220 52.43 -5.50 2.81
N VAL B 221 51.82 -4.54 2.13
CA VAL B 221 50.66 -4.85 1.30
C VAL B 221 51.23 -5.49 0.05
N ALA B 222 51.40 -6.83 0.10
CA ALA B 222 52.01 -7.61 -0.96
C ALA B 222 51.33 -7.32 -2.29
N PRO B 223 51.97 -6.59 -3.22
CA PRO B 223 51.23 -6.22 -4.44
C PRO B 223 51.24 -7.37 -5.45
N TYR B 224 50.57 -8.45 -5.09
CA TYR B 224 50.47 -9.58 -5.99
C TYR B 224 49.66 -9.16 -7.21
N GLN B 225 50.27 -9.25 -8.39
CA GLN B 225 49.81 -8.48 -9.54
C GLN B 225 48.66 -9.12 -10.28
N THR B 226 48.30 -10.37 -9.98
CA THR B 226 47.14 -11.03 -10.56
C THR B 226 47.28 -11.23 -12.07
N LEU B 227 48.50 -11.18 -12.62
CA LEU B 227 48.64 -11.39 -14.05
C LEU B 227 48.33 -12.84 -14.40
N LEU B 228 47.34 -13.02 -15.27
CA LEU B 228 47.01 -14.35 -15.79
C LEU B 228 47.91 -14.76 -16.95
N ASN B 229 49.04 -14.08 -17.16
CA ASN B 229 49.98 -14.38 -18.25
C ASN B 229 50.33 -15.87 -18.29
N PRO B 230 49.89 -16.62 -19.30
CA PRO B 230 50.11 -18.08 -19.27
C PRO B 230 51.56 -18.48 -19.42
N LEU B 231 52.46 -17.54 -19.74
CA LEU B 231 53.89 -17.83 -19.70
C LEU B 231 54.31 -18.35 -18.34
N SER B 232 53.68 -17.83 -17.28
CA SER B 232 53.98 -18.24 -15.91
C SER B 232 53.21 -19.51 -15.59
N LYS B 233 53.74 -20.64 -16.03
CA LYS B 233 53.16 -21.93 -15.69
C LYS B 233 53.19 -22.20 -14.20
N LEU B 234 54.19 -21.63 -13.51
CA LEU B 234 54.61 -22.09 -12.19
C LEU B 234 53.47 -22.08 -11.19
N ASN B 235 52.84 -20.91 -11.01
CA ASN B 235 51.40 -20.76 -10.87
C ASN B 235 51.01 -19.32 -10.57
N VAL B 236 49.74 -19.01 -10.82
CA VAL B 236 49.10 -17.82 -10.29
C VAL B 236 48.39 -18.28 -9.02
N LEU B 237 48.75 -17.70 -7.88
CA LEU B 237 48.00 -17.94 -6.65
C LEU B 237 46.53 -17.62 -6.85
N ASN B 238 45.64 -18.59 -6.60
CA ASN B 238 44.23 -18.31 -6.74
C ASN B 238 43.81 -17.23 -5.75
N ASN B 239 43.17 -16.18 -6.26
CA ASN B 239 42.96 -14.97 -5.50
C ASN B 239 41.81 -15.02 -4.51
N LEU B 240 41.17 -16.17 -4.30
CA LEU B 240 40.03 -16.26 -3.38
C LEU B 240 40.42 -16.87 -2.04
N HIS B 241 41.36 -17.83 -2.05
CA HIS B 241 41.91 -18.37 -0.82
C HIS B 241 42.45 -17.25 0.06
N SER B 242 42.04 -17.27 1.32
CA SER B 242 42.34 -16.16 2.22
C SER B 242 43.74 -16.24 2.82
N HIS B 243 44.36 -17.42 2.83
CA HIS B 243 45.62 -17.63 3.51
C HIS B 243 46.51 -18.54 2.69
N PHE B 244 47.82 -18.28 2.73
CA PHE B 244 48.79 -18.95 1.86
C PHE B 244 50.04 -19.30 2.64
N ILE B 245 50.05 -20.49 3.26
CA ILE B 245 51.27 -21.03 3.86
C ILE B 245 52.07 -21.60 2.68
N LEU B 246 53.35 -21.23 2.63
CA LEU B 246 54.17 -21.49 1.47
C LEU B 246 55.47 -22.14 1.93
N VAL B 247 55.64 -23.42 1.59
CA VAL B 247 56.72 -24.22 2.15
C VAL B 247 58.03 -23.84 1.48
N ASP B 248 58.78 -22.93 2.09
CA ASP B 248 60.16 -22.63 1.70
C ASP B 248 61.08 -23.76 2.15
N ASP B 249 60.94 -24.90 1.46
CA ASP B 249 61.76 -26.07 1.76
C ASP B 249 63.23 -25.79 1.51
N GLY B 250 63.53 -24.92 0.56
CA GLY B 250 64.90 -24.68 0.12
C GLY B 250 65.13 -25.20 -1.28
N THR B 251 64.06 -25.27 -2.07
CA THR B 251 64.12 -25.67 -3.46
C THR B 251 63.25 -24.72 -4.26
N VAL B 252 63.43 -24.72 -5.58
CA VAL B 252 62.64 -23.91 -6.49
C VAL B 252 62.50 -24.70 -7.78
N GLY B 253 61.26 -24.84 -8.26
CA GLY B 253 60.96 -25.74 -9.35
C GLY B 253 60.68 -27.17 -8.91
N LYS B 254 61.12 -27.55 -7.71
CA LYS B 254 60.78 -28.84 -7.16
C LYS B 254 59.34 -28.81 -6.61
N TYR B 255 58.79 -30.00 -6.41
CA TYR B 255 57.39 -30.15 -6.04
C TYR B 255 57.27 -31.24 -4.98
N GLY B 256 56.33 -31.04 -4.07
CA GLY B 256 56.01 -32.03 -3.05
C GLY B 256 56.63 -31.71 -1.70
N ALA B 257 56.79 -30.41 -1.43
CA ALA B 257 57.33 -29.96 -0.14
C ALA B 257 56.30 -30.01 0.98
N GLU B 258 55.01 -30.08 0.64
CA GLU B 258 53.92 -29.97 1.60
C GLU B 258 53.24 -31.29 1.90
N VAL B 259 53.44 -32.30 1.04
CA VAL B 259 52.66 -33.54 1.01
C VAL B 259 52.58 -34.18 2.38
N ARG B 260 53.63 -34.02 3.17
CA ARG B 260 53.64 -34.51 4.55
C ARG B 260 53.15 -33.42 5.51
N LEU B 261 53.73 -32.21 5.39
CA LEU B 261 53.37 -31.10 6.26
C LEU B 261 51.88 -30.80 6.23
N ARG B 262 51.32 -30.70 5.02
CA ARG B 262 49.90 -30.48 4.84
C ARG B 262 49.11 -31.50 5.63
N ARG B 263 49.51 -32.76 5.52
CA ARG B 263 48.87 -33.82 6.27
C ARG B 263 49.12 -33.67 7.77
N GLU B 264 50.36 -33.40 8.18
CA GLU B 264 50.67 -33.32 9.61
C GLU B 264 49.87 -32.20 10.27
N LEU B 265 49.77 -31.06 9.60
CA LEU B 265 48.86 -30.01 10.06
C LEU B 265 47.46 -30.55 10.27
N GLU B 266 46.95 -31.32 9.31
CA GLU B 266 45.63 -31.94 9.46
C GLU B 266 45.64 -32.95 10.61
N LYS B 267 46.74 -33.68 10.78
CA LYS B 267 46.85 -34.60 11.90
C LYS B 267 46.80 -33.88 13.23
N THR B 268 47.49 -32.75 13.36
CA THR B 268 47.40 -31.91 14.54
C THR B 268 46.31 -30.83 14.39
N ILE B 269 45.31 -31.05 13.52
CA ILE B 269 44.03 -30.40 13.60
C ILE B 269 42.96 -31.34 14.13
N ASN B 270 43.09 -32.63 13.85
CA ASN B 270 42.22 -33.66 14.38
C ASN B 270 42.73 -34.23 15.70
N GLN B 271 43.47 -33.43 16.47
CA GLN B 271 44.07 -33.85 17.72
C GLN B 271 43.76 -32.88 18.85
N GLN B 272 43.00 -31.82 18.59
CA GLN B 272 42.54 -30.88 19.60
C GLN B 272 41.04 -30.99 19.78
N ARG B 273 40.55 -30.43 20.89
CA ARG B 273 39.14 -30.53 21.22
C ARG B 273 38.31 -29.60 20.37
N ILE B 274 37.01 -29.90 20.32
CA ILE B 274 36.03 -29.31 19.42
C ILE B 274 34.96 -28.57 20.21
N HIS B 275 35.39 -27.63 21.07
CA HIS B 275 34.56 -26.95 22.09
C HIS B 275 34.33 -27.75 23.37
N ALA B 276 35.25 -27.55 24.31
CA ALA B 276 35.47 -28.27 25.56
C ALA B 276 34.27 -28.97 26.20
N ARG B 277 33.10 -28.33 26.20
CA ARG B 277 31.86 -29.03 26.56
C ARG B 277 31.79 -30.33 25.76
N ILE B 278 32.05 -30.22 24.45
CA ILE B 278 32.24 -31.39 23.61
C ILE B 278 33.66 -31.91 23.80
N GLY B 279 33.79 -33.22 23.99
CA GLY B 279 35.08 -33.88 23.92
C GLY B 279 35.21 -34.80 22.73
N GLN B 280 35.87 -34.32 21.68
CA GLN B 280 36.17 -35.08 20.48
C GLN B 280 37.29 -34.37 19.74
N GLY B 281 37.99 -35.10 18.88
CA GLY B 281 38.90 -34.46 17.95
C GLY B 281 38.14 -33.85 16.79
N VAL B 282 38.68 -32.78 16.21
CA VAL B 282 38.04 -32.13 15.09
C VAL B 282 38.02 -33.12 13.93
N PRO B 283 36.86 -33.51 13.41
CA PRO B 283 36.85 -34.50 12.33
C PRO B 283 37.38 -33.89 11.04
N VAL B 284 37.88 -34.75 10.17
CA VAL B 284 38.53 -34.32 8.93
C VAL B 284 38.03 -35.21 7.81
N VAL B 285 37.31 -34.62 6.86
CA VAL B 285 36.93 -35.29 5.62
C VAL B 285 38.04 -35.10 4.61
N ALA B 286 37.98 -35.81 3.48
CA ALA B 286 38.86 -35.58 2.34
C ALA B 286 38.08 -35.78 1.05
N LEU B 287 38.19 -34.84 0.11
CA LEU B 287 37.48 -34.88 -1.17
C LEU B 287 38.44 -35.04 -2.33
N ILE B 288 37.86 -35.48 -3.45
CA ILE B 288 38.60 -35.86 -4.65
C ILE B 288 37.88 -35.25 -5.85
N PHE B 289 38.55 -34.35 -6.57
CA PHE B 289 38.13 -33.85 -7.87
C PHE B 289 38.93 -34.60 -8.93
N GLU B 290 38.92 -34.07 -10.16
CA GLU B 290 39.40 -34.69 -11.40
C GLU B 290 40.59 -35.62 -11.19
N GLY B 291 41.67 -35.11 -10.59
CA GLY B 291 42.61 -35.92 -9.85
C GLY B 291 43.49 -36.83 -10.70
N GLY B 292 44.71 -37.08 -10.21
CA GLY B 292 45.67 -37.89 -10.92
C GLY B 292 45.88 -39.26 -10.29
N PRO B 293 46.96 -39.93 -10.68
CA PRO B 293 47.25 -41.25 -10.11
C PRO B 293 47.78 -41.18 -8.69
N ASN B 294 48.35 -40.05 -8.28
CA ASN B 294 48.71 -39.81 -6.89
C ASN B 294 47.51 -39.42 -6.04
N VAL B 295 46.46 -38.89 -6.66
CA VAL B 295 45.27 -38.49 -5.91
C VAL B 295 44.49 -39.71 -5.44
N ILE B 296 44.43 -40.74 -6.28
CA ILE B 296 43.92 -42.03 -5.82
C ILE B 296 44.87 -42.65 -4.82
N LEU B 297 46.17 -42.41 -4.98
CA LEU B 297 47.17 -43.02 -4.12
C LEU B 297 47.00 -42.55 -2.68
N THR B 298 46.70 -41.26 -2.48
CA THR B 298 46.56 -40.73 -1.13
C THR B 298 45.24 -41.16 -0.49
N VAL B 299 44.29 -41.69 -1.28
CA VAL B 299 43.11 -42.31 -0.68
C VAL B 299 43.53 -43.53 0.12
N LEU B 300 44.53 -44.27 -0.37
CA LEU B 300 45.11 -45.37 0.38
C LEU B 300 45.91 -44.90 1.59
N GLU B 301 46.20 -43.60 1.66
CA GLU B 301 46.86 -42.99 2.81
C GLU B 301 45.87 -42.43 3.82
N TYR B 302 44.56 -42.63 3.62
CA TYR B 302 43.53 -42.24 4.56
C TYR B 302 42.78 -43.46 5.08
N LEU B 303 42.38 -44.35 4.17
CA LEU B 303 41.58 -45.51 4.56
C LEU B 303 42.32 -46.43 5.51
N GLN B 304 43.66 -46.45 5.44
CA GLN B 304 44.48 -47.39 6.20
C GLN B 304 45.51 -46.61 6.99
N GLU B 305 45.05 -45.60 7.72
CA GLU B 305 45.87 -44.55 8.33
C GLU B 305 45.38 -44.30 9.75
N SER B 306 46.17 -43.54 10.53
CA SER B 306 45.83 -43.02 11.85
C SER B 306 44.48 -42.32 11.73
N PRO B 307 43.78 -42.05 12.84
CA PRO B 307 42.34 -42.42 12.95
C PRO B 307 41.60 -42.28 11.63
N PRO B 308 40.96 -43.37 11.11
CA PRO B 308 40.58 -43.42 9.69
C PRO B 308 39.80 -42.22 9.15
N VAL B 309 40.35 -41.64 8.10
CA VAL B 309 39.87 -40.36 7.55
C VAL B 309 38.96 -40.68 6.37
N PRO B 310 37.65 -40.37 6.42
CA PRO B 310 36.78 -40.76 5.31
C PRO B 310 37.04 -39.97 4.05
N VAL B 311 36.43 -40.44 2.96
CA VAL B 311 36.74 -39.97 1.62
C VAL B 311 35.43 -39.76 0.88
N VAL B 312 35.35 -38.62 0.19
CA VAL B 312 34.11 -38.13 -0.43
C VAL B 312 34.38 -37.91 -1.92
N VAL B 313 35.01 -38.90 -2.57
CA VAL B 313 35.05 -38.91 -4.02
C VAL B 313 33.64 -38.59 -4.53
N CYS B 314 33.52 -37.56 -5.34
CA CYS B 314 32.24 -37.24 -5.96
C CYS B 314 32.14 -37.99 -7.28
N GLU B 315 30.94 -37.95 -7.84
CA GLU B 315 30.64 -38.58 -9.12
C GLU B 315 30.55 -37.47 -10.16
N GLY B 316 31.13 -37.70 -11.33
CA GLY B 316 30.96 -36.84 -12.48
C GLY B 316 32.02 -35.77 -12.69
N THR B 317 32.96 -35.62 -11.77
CA THR B 317 33.98 -34.58 -11.91
C THR B 317 34.90 -34.80 -13.11
N GLY B 318 35.71 -35.85 -13.07
CA GLY B 318 36.79 -36.01 -14.03
C GLY B 318 37.31 -37.44 -14.12
N ARG B 319 38.63 -37.59 -14.17
CA ARG B 319 39.23 -38.91 -14.38
C ARG B 319 39.31 -39.72 -13.09
N ALA B 320 39.79 -39.13 -12.00
CA ALA B 320 39.99 -39.87 -10.75
C ALA B 320 38.71 -39.99 -9.94
N ALA B 321 38.12 -38.86 -9.56
CA ALA B 321 36.94 -38.80 -8.71
C ALA B 321 35.80 -39.66 -9.25
N ASP B 322 35.66 -39.69 -10.58
CA ASP B 322 34.58 -40.45 -11.19
C ASP B 322 34.91 -41.92 -11.34
N LEU B 323 36.17 -42.23 -11.65
CA LEU B 323 36.57 -43.61 -11.82
C LEU B 323 36.48 -44.40 -10.52
N LEU B 324 36.71 -43.72 -9.39
CA LEU B 324 36.61 -44.42 -8.11
C LEU B 324 35.16 -44.79 -7.80
N ALA B 325 34.21 -44.05 -8.36
CA ALA B 325 32.81 -44.47 -8.29
C ALA B 325 32.61 -45.78 -9.04
N TYR B 326 33.29 -45.92 -10.18
CA TYR B 326 33.13 -47.09 -11.03
C TYR B 326 33.53 -48.36 -10.27
N ILE B 327 34.75 -48.38 -9.74
CA ILE B 327 35.22 -49.51 -8.96
C ILE B 327 34.38 -49.67 -7.68
N HIS B 328 33.90 -48.56 -7.12
CA HIS B 328 32.97 -48.66 -6.01
C HIS B 328 31.70 -49.39 -6.44
N LYS B 329 31.02 -48.86 -7.46
CA LYS B 329 29.72 -49.34 -7.90
C LYS B 329 29.70 -50.83 -8.25
N GLN B 330 30.51 -51.23 -9.23
CA GLN B 330 30.44 -52.58 -9.76
C GLN B 330 30.99 -53.63 -8.80
N THR B 331 31.58 -53.21 -7.69
CA THR B 331 32.24 -54.12 -6.76
C THR B 331 31.42 -54.20 -5.47
N GLU B 332 31.42 -55.38 -4.86
CA GLU B 332 30.57 -55.66 -3.71
C GLU B 332 31.07 -54.89 -2.50
N GLU B 333 30.29 -54.93 -1.41
CA GLU B 333 30.65 -54.27 -0.16
C GLU B 333 32.05 -54.65 0.31
N GLY B 334 32.47 -55.89 0.04
CA GLY B 334 33.83 -56.32 0.29
C GLY B 334 34.77 -56.09 -0.87
N GLY B 335 34.38 -55.26 -1.84
CA GLY B 335 35.21 -55.01 -3.01
C GLY B 335 35.28 -56.17 -3.98
N ASN B 336 34.27 -57.03 -4.00
CA ASN B 336 34.29 -58.20 -4.87
C ASN B 336 33.98 -57.78 -6.31
N LEU B 337 34.98 -57.91 -7.18
CA LEU B 337 34.90 -57.46 -8.57
C LEU B 337 34.23 -58.51 -9.46
N PRO B 338 33.56 -58.11 -10.53
CA PRO B 338 33.24 -59.08 -11.59
C PRO B 338 34.53 -59.52 -12.25
N ASP B 339 34.76 -60.83 -12.28
CA ASP B 339 36.05 -61.43 -12.61
C ASP B 339 36.68 -60.90 -13.89
N ALA B 340 35.86 -60.41 -14.83
CA ALA B 340 36.37 -59.74 -16.01
C ALA B 340 36.60 -58.23 -15.78
N ALA B 341 36.65 -57.78 -14.52
CA ALA B 341 36.92 -56.36 -14.23
C ALA B 341 38.33 -55.98 -14.62
N GLU B 342 39.33 -56.58 -13.97
CA GLU B 342 40.72 -56.36 -14.35
C GLU B 342 40.95 -56.69 -15.82
N PRO B 343 40.26 -57.65 -16.41
CA PRO B 343 40.29 -57.79 -17.88
C PRO B 343 39.59 -56.70 -18.69
N ASP B 344 38.88 -55.74 -18.09
CA ASP B 344 38.32 -54.64 -18.89
C ASP B 344 38.46 -53.24 -18.26
N ILE B 345 38.84 -53.14 -16.98
CA ILE B 345 39.13 -51.84 -16.37
C ILE B 345 40.52 -51.37 -16.78
N ILE B 346 41.44 -52.31 -17.00
CA ILE B 346 42.80 -51.92 -17.36
C ILE B 346 42.81 -51.27 -18.73
N SER B 347 41.75 -51.47 -19.51
CA SER B 347 41.50 -50.63 -20.67
C SER B 347 41.10 -49.22 -20.26
N THR B 348 40.25 -49.08 -19.24
CA THR B 348 39.81 -47.77 -18.77
C THR B 348 41.01 -46.91 -18.35
N ILE B 349 41.93 -47.52 -17.61
CA ILE B 349 43.13 -46.80 -17.18
C ILE B 349 43.93 -46.38 -18.41
N LYS B 350 44.14 -47.32 -19.33
CA LYS B 350 44.84 -47.02 -20.58
C LYS B 350 43.98 -46.14 -21.48
N LYS B 351 42.67 -46.12 -21.25
CA LYS B 351 41.79 -45.19 -21.97
C LYS B 351 41.88 -43.79 -21.38
N THR B 352 41.72 -43.66 -20.06
CA THR B 352 41.79 -42.36 -19.41
C THR B 352 43.23 -41.87 -19.39
N PHE B 353 44.10 -42.61 -18.74
CA PHE B 353 45.53 -42.33 -18.73
C PHE B 353 46.19 -43.04 -19.90
N ASN B 354 47.38 -42.58 -20.27
CA ASN B 354 48.39 -43.47 -20.82
C ASN B 354 49.33 -43.95 -19.72
N PHE B 355 48.76 -44.45 -18.63
CA PHE B 355 49.56 -44.88 -17.48
C PHE B 355 50.28 -46.19 -17.78
N GLY B 356 49.68 -47.03 -18.64
CA GLY B 356 50.33 -48.20 -19.20
C GLY B 356 49.41 -49.40 -19.21
N GLN B 357 50.01 -50.59 -19.24
CA GLN B 357 49.28 -51.83 -18.99
C GLN B 357 49.72 -52.51 -17.70
N SER B 358 50.99 -52.91 -17.60
CA SER B 358 51.47 -53.46 -16.33
C SER B 358 51.41 -52.41 -15.24
N GLU B 359 51.74 -51.17 -15.59
CA GLU B 359 51.49 -50.04 -14.70
C GLU B 359 50.02 -49.98 -14.32
N ALA B 360 49.13 -50.02 -15.32
CA ALA B 360 47.70 -49.92 -15.08
C ALA B 360 47.19 -51.08 -14.23
N VAL B 361 47.76 -52.27 -14.41
CA VAL B 361 47.39 -53.43 -13.59
C VAL B 361 47.69 -53.09 -12.13
N HIS B 362 48.86 -52.51 -11.88
CA HIS B 362 49.23 -52.08 -10.53
C HIS B 362 48.25 -51.06 -9.97
N LEU B 363 47.83 -50.10 -10.80
CA LEU B 363 46.89 -49.05 -10.40
C LEU B 363 45.59 -49.64 -9.86
N PHE B 364 44.90 -50.44 -10.69
CA PHE B 364 43.65 -51.06 -10.25
C PHE B 364 43.89 -51.95 -9.03
N GLN B 365 45.02 -52.65 -9.00
CA GLN B 365 45.36 -53.49 -7.86
C GLN B 365 45.47 -52.66 -6.59
N THR B 366 46.23 -51.56 -6.62
CA THR B 366 46.28 -50.66 -5.49
C THR B 366 44.93 -49.99 -5.28
N MET B 367 44.21 -49.69 -6.36
CA MET B 367 42.92 -49.06 -6.24
C MET B 367 41.88 -49.99 -5.63
N MET B 368 42.09 -51.31 -5.66
CA MET B 368 41.25 -52.20 -4.88
C MET B 368 41.79 -52.30 -3.46
N GLU B 369 43.11 -52.25 -3.30
CA GLU B 369 43.74 -52.15 -1.98
C GLU B 369 43.21 -50.92 -1.28
N CYS B 370 42.89 -49.87 -2.04
CA CYS B 370 42.04 -48.79 -1.55
C CYS B 370 40.63 -49.29 -1.23
N MET B 371 39.98 -49.98 -2.17
CA MET B 371 38.57 -50.34 -2.03
C MET B 371 38.34 -51.60 -1.21
N LYS B 372 39.32 -52.04 -0.41
CA LYS B 372 39.10 -53.15 0.50
C LYS B 372 38.16 -52.78 1.64
N LYS B 373 37.96 -51.49 1.92
CA LYS B 373 37.04 -51.02 2.95
C LYS B 373 36.20 -49.88 2.38
N LYS B 374 34.98 -50.22 1.93
CA LYS B 374 34.08 -49.24 1.34
C LYS B 374 32.93 -48.85 2.26
N GLU B 375 33.00 -49.20 3.54
CA GLU B 375 32.10 -48.64 4.54
C GLU B 375 32.51 -47.22 4.95
N LEU B 376 33.61 -46.71 4.39
CA LEU B 376 34.28 -45.52 4.88
C LEU B 376 34.51 -44.48 3.78
N ILE B 377 34.31 -44.85 2.51
CA ILE B 377 34.32 -43.89 1.41
C ILE B 377 32.89 -43.53 1.07
N THR B 378 32.75 -42.52 0.22
CA THR B 378 31.44 -41.97 -0.09
C THR B 378 31.45 -41.43 -1.52
N VAL B 379 30.82 -42.18 -2.42
CA VAL B 379 30.59 -41.72 -3.78
C VAL B 379 29.38 -40.79 -3.74
N PHE B 380 29.62 -39.49 -3.90
CA PHE B 380 28.50 -38.58 -4.04
C PHE B 380 27.93 -38.68 -5.45
N HIS B 381 26.90 -39.51 -5.61
CA HIS B 381 26.28 -39.69 -6.90
C HIS B 381 25.52 -38.42 -7.25
N ILE B 382 26.23 -37.42 -7.78
CA ILE B 382 25.60 -36.13 -8.10
C ILE B 382 24.49 -36.33 -9.11
N GLY B 383 24.71 -37.23 -10.07
CA GLY B 383 23.61 -37.71 -10.90
C GLY B 383 22.77 -38.65 -10.05
N SER B 384 21.45 -38.54 -10.18
CA SER B 384 20.44 -39.23 -9.38
C SER B 384 20.27 -38.61 -7.99
N GLU B 385 21.06 -37.56 -7.69
CA GLU B 385 20.83 -36.70 -6.53
C GLU B 385 20.78 -37.49 -5.22
N ASP B 386 21.92 -38.07 -4.82
CA ASP B 386 22.05 -38.82 -3.59
C ASP B 386 22.81 -37.95 -2.61
N HIS B 387 22.14 -37.57 -1.51
CA HIS B 387 22.58 -36.58 -0.50
C HIS B 387 22.35 -35.14 -0.97
N GLN B 388 21.90 -34.94 -2.22
CA GLN B 388 21.35 -33.69 -2.76
C GLN B 388 22.16 -32.41 -2.59
N ASP B 389 23.39 -32.53 -2.11
CA ASP B 389 24.43 -31.52 -2.01
C ASP B 389 25.58 -32.36 -1.52
N ILE B 390 26.81 -32.04 -1.89
CA ILE B 390 27.93 -32.86 -1.43
C ILE B 390 28.00 -32.82 0.09
N ASP B 391 27.58 -31.71 0.69
CA ASP B 391 27.49 -31.50 2.13
C ASP B 391 26.94 -32.68 2.93
N VAL B 392 25.70 -33.07 2.64
CA VAL B 392 25.00 -34.07 3.44
C VAL B 392 25.78 -35.38 3.39
N ALA B 393 26.50 -35.61 2.28
CA ALA B 393 27.40 -36.75 2.20
C ALA B 393 28.69 -36.48 2.97
N ILE B 394 29.18 -35.24 2.94
CA ILE B 394 30.40 -34.90 3.67
C ILE B 394 30.18 -35.10 5.16
N LEU B 395 29.11 -34.53 5.70
CA LEU B 395 28.88 -34.57 7.14
C LEU B 395 28.51 -35.98 7.58
N THR B 396 27.62 -36.63 6.83
CA THR B 396 27.31 -38.05 7.09
C THR B 396 28.57 -38.90 7.08
N ALA B 397 29.49 -38.61 6.15
CA ALA B 397 30.71 -39.40 5.99
C ALA B 397 31.54 -39.43 7.26
N LEU B 398 31.42 -38.40 8.11
CA LEU B 398 32.14 -38.32 9.36
C LEU B 398 31.37 -38.89 10.54
N LEU B 399 30.21 -39.50 10.30
CA LEU B 399 29.35 -40.07 11.32
C LEU B 399 29.13 -41.55 11.06
N LYS B 400 30.02 -42.16 10.26
CA LYS B 400 29.84 -43.53 9.83
C LYS B 400 31.16 -44.08 9.30
N GLY B 401 31.76 -45.01 10.04
CA GLY B 401 32.99 -45.64 9.63
C GLY B 401 34.15 -45.42 10.58
N THR B 402 33.85 -44.92 11.79
CA THR B 402 34.85 -44.71 12.83
C THR B 402 34.44 -45.42 14.11
N ASN B 403 33.66 -46.51 13.97
CA ASN B 403 32.98 -47.26 15.04
C ASN B 403 32.50 -46.37 16.18
N ALA B 404 31.91 -45.22 15.83
CA ALA B 404 31.46 -44.26 16.82
C ALA B 404 30.04 -44.58 17.28
N SER B 405 29.75 -44.21 18.52
CA SER B 405 28.45 -44.45 19.11
C SER B 405 27.47 -43.35 18.68
N ALA B 406 26.17 -43.67 18.77
CA ALA B 406 25.16 -42.73 18.36
C ALA B 406 25.15 -41.48 19.23
N PHE B 407 25.59 -41.59 20.49
CA PHE B 407 25.85 -40.38 21.26
C PHE B 407 27.06 -39.64 20.71
N ASP B 408 28.11 -40.38 20.34
CA ASP B 408 29.24 -39.77 19.67
C ASP B 408 28.89 -39.23 18.29
N GLN B 409 27.73 -39.62 17.74
CA GLN B 409 27.27 -39.07 16.48
C GLN B 409 26.42 -37.82 16.67
N LEU B 410 25.51 -37.82 17.66
CA LEU B 410 24.75 -36.60 17.96
C LEU B 410 25.70 -35.48 18.34
N ILE B 411 26.51 -35.73 19.37
CA ILE B 411 27.36 -34.75 20.04
C ILE B 411 28.19 -33.93 19.05
N LEU B 412 28.49 -34.54 17.90
CA LEU B 412 29.17 -33.82 16.84
C LEU B 412 28.20 -32.93 16.07
N THR B 413 27.05 -33.50 15.67
CA THR B 413 26.00 -32.70 15.04
C THR B 413 25.58 -31.53 15.91
N LEU B 414 25.51 -31.73 17.21
CA LEU B 414 25.20 -30.64 18.14
C LEU B 414 26.25 -29.54 18.04
N ALA B 415 27.52 -29.92 17.92
CA ALA B 415 28.59 -28.94 17.82
C ALA B 415 28.54 -28.14 16.53
N TRP B 416 27.86 -28.65 15.49
CA TRP B 416 27.95 -28.10 14.14
C TRP B 416 26.80 -27.16 13.78
N ASP B 417 25.71 -27.20 14.55
CA ASP B 417 24.44 -26.55 14.22
C ASP B 417 23.75 -27.26 13.07
N ARG B 418 23.74 -28.59 13.08
CA ARG B 418 23.05 -29.39 12.06
C ARG B 418 22.14 -30.40 12.74
N VAL B 419 20.91 -29.95 12.96
CA VAL B 419 19.81 -30.78 13.43
C VAL B 419 19.41 -31.73 12.33
N ASP B 420 19.36 -31.23 11.10
CA ASP B 420 18.91 -32.01 9.95
C ASP B 420 19.74 -33.28 9.79
N ILE B 421 21.04 -33.19 10.09
CA ILE B 421 21.88 -34.37 10.10
C ILE B 421 21.50 -35.27 11.27
N ALA B 422 21.20 -34.68 12.43
CA ALA B 422 20.90 -35.48 13.60
C ALA B 422 19.54 -36.15 13.52
N LYS B 423 18.50 -35.41 13.13
CA LYS B 423 17.16 -36.00 13.09
C LYS B 423 17.07 -37.06 11.99
N ASN B 424 17.78 -36.87 10.88
CA ASN B 424 17.63 -37.77 9.74
C ASN B 424 18.55 -38.97 9.82
N HIS B 425 19.70 -38.85 10.48
CA HIS B 425 20.69 -39.93 10.54
C HIS B 425 20.91 -40.44 11.95
N VAL B 426 21.14 -39.55 12.91
CA VAL B 426 21.45 -39.98 14.27
C VAL B 426 20.19 -40.55 14.90
N PHE B 427 19.06 -39.88 14.70
CA PHE B 427 17.76 -40.36 15.18
C PHE B 427 17.09 -41.18 14.09
N VAL B 428 17.67 -42.35 13.85
CA VAL B 428 17.25 -43.25 12.79
C VAL B 428 16.51 -44.42 13.42
N TYR B 429 15.63 -45.03 12.63
CA TYR B 429 14.86 -46.18 13.08
C TYR B 429 15.78 -47.31 13.55
N GLY B 430 15.51 -47.82 14.74
CA GLY B 430 16.33 -48.87 15.33
C GLY B 430 17.69 -48.43 15.84
N GLN B 431 17.72 -47.69 16.96
CA GLN B 431 18.96 -47.11 17.50
C GLN B 431 18.99 -47.36 19.01
N GLN B 432 20.19 -47.25 19.60
CA GLN B 432 20.45 -47.79 20.94
C GLN B 432 20.24 -46.81 22.09
N TRP B 433 21.04 -45.74 22.19
CA TRP B 433 20.81 -44.67 23.16
C TRP B 433 20.82 -45.13 24.62
N LEU B 434 21.99 -45.42 25.18
CA LEU B 434 22.13 -46.29 26.35
C LEU B 434 21.32 -45.92 27.60
N VAL B 435 21.73 -44.92 28.38
CA VAL B 435 20.98 -44.51 29.57
C VAL B 435 20.83 -42.99 29.66
N GLY B 436 21.94 -42.27 29.80
CA GLY B 436 21.93 -40.83 29.99
C GLY B 436 22.57 -40.08 28.85
N SER B 437 22.85 -40.77 27.74
CA SER B 437 23.33 -40.16 26.52
C SER B 437 22.42 -39.02 26.09
N LEU B 438 21.12 -39.29 26.05
CA LEU B 438 20.16 -38.23 25.82
C LEU B 438 20.31 -37.13 26.85
N GLU B 439 20.40 -37.51 28.12
CA GLU B 439 20.51 -36.55 29.20
C GLU B 439 21.82 -35.77 29.13
N GLN B 440 22.91 -36.41 28.74
CA GLN B 440 24.17 -35.68 28.66
C GLN B 440 24.16 -34.73 27.46
N ALA B 441 23.48 -35.09 26.38
CA ALA B 441 23.35 -34.18 25.26
C ALA B 441 22.54 -32.94 25.63
N MET B 442 21.57 -33.09 26.53
CA MET B 442 20.70 -31.99 26.87
C MET B 442 21.40 -31.01 27.79
N LEU B 443 22.23 -31.51 28.70
CA LEU B 443 23.09 -30.62 29.46
C LEU B 443 24.08 -29.92 28.53
N ASP B 444 24.38 -30.52 27.38
CA ASP B 444 25.27 -29.89 26.40
C ASP B 444 24.50 -28.93 25.51
N ALA B 445 23.28 -29.30 25.09
CA ALA B 445 22.51 -28.46 24.19
C ALA B 445 21.99 -27.20 24.87
N LEU B 446 21.67 -27.29 26.16
CA LEU B 446 21.12 -26.14 26.87
C LEU B 446 22.18 -25.10 27.19
N VAL B 447 23.29 -25.54 27.76
CA VAL B 447 24.41 -24.63 28.06
C VAL B 447 24.95 -23.99 26.79
N MET B 448 24.88 -24.69 25.66
CA MET B 448 25.37 -24.16 24.40
C MET B 448 24.30 -23.34 23.67
N ASP B 449 23.08 -23.31 24.17
CA ASP B 449 22.03 -22.44 23.67
C ASP B 449 21.65 -22.83 22.26
N ARG B 450 21.41 -24.11 22.05
CA ARG B 450 20.95 -24.68 20.79
C ARG B 450 19.56 -25.24 21.04
N VAL B 451 18.53 -24.41 20.83
CA VAL B 451 17.17 -24.82 21.12
C VAL B 451 16.75 -25.95 20.19
N SER B 452 17.19 -25.90 18.94
CA SER B 452 16.69 -26.80 17.92
C SER B 452 17.07 -28.25 18.21
N PHE B 453 18.18 -28.45 18.91
CA PHE B 453 18.53 -29.79 19.40
C PHE B 453 17.78 -30.11 20.69
N VAL B 454 17.58 -29.10 21.53
CA VAL B 454 16.76 -29.27 22.72
C VAL B 454 15.34 -29.66 22.33
N LYS B 455 14.79 -28.95 21.34
CA LYS B 455 13.48 -29.25 20.80
C LYS B 455 13.42 -30.69 20.32
N LEU B 456 14.43 -31.11 19.56
CA LEU B 456 14.48 -32.46 19.03
C LEU B 456 14.55 -33.48 20.16
N LEU B 457 15.50 -33.28 21.07
CA LEU B 457 15.67 -34.21 22.19
C LEU B 457 14.40 -34.35 23.02
N ILE B 458 13.71 -33.23 23.29
CA ILE B 458 12.44 -33.28 24.01
C ILE B 458 11.42 -34.13 23.28
N GLU B 459 11.53 -34.24 21.95
CA GLU B 459 10.64 -35.09 21.17
C GLU B 459 11.09 -36.54 21.10
N ASN B 460 12.35 -36.82 21.39
CA ASN B 460 12.95 -38.13 21.11
C ASN B 460 13.35 -38.84 22.38
N GLY B 461 12.49 -38.79 23.40
CA GLY B 461 12.60 -39.61 24.58
C GLY B 461 12.98 -38.85 25.84
N VAL B 462 13.50 -37.63 25.71
CA VAL B 462 13.91 -36.88 26.88
C VAL B 462 12.67 -36.39 27.61
N SER B 463 12.75 -36.34 28.93
CA SER B 463 11.76 -35.72 29.77
C SER B 463 12.48 -34.83 30.78
N MET B 464 12.07 -33.56 30.85
CA MET B 464 12.69 -32.63 31.78
C MET B 464 12.37 -32.96 33.23
N HIS B 465 11.41 -33.84 33.49
CA HIS B 465 10.97 -34.16 34.83
C HIS B 465 12.03 -34.92 35.62
N LYS B 466 12.58 -35.99 35.04
CA LYS B 466 13.65 -36.72 35.69
C LYS B 466 15.03 -36.12 35.40
N PHE B 467 15.11 -35.13 34.52
CA PHE B 467 16.35 -34.46 34.18
C PHE B 467 16.25 -32.98 34.55
N LEU B 468 16.43 -32.67 35.84
CA LEU B 468 16.75 -31.30 36.20
C LEU B 468 17.46 -31.22 37.54
N THR B 469 18.23 -32.25 37.91
CA THR B 469 18.74 -32.39 39.28
C THR B 469 19.47 -31.18 39.83
N ILE B 470 19.61 -31.13 41.17
CA ILE B 470 20.16 -29.95 41.80
C ILE B 470 21.61 -29.68 41.37
N PRO B 471 22.52 -30.68 41.35
CA PRO B 471 23.87 -30.38 40.82
C PRO B 471 23.84 -29.98 39.36
N ARG B 472 22.95 -30.62 38.59
CA ARG B 472 22.89 -30.35 37.17
C ARG B 472 22.43 -28.92 36.88
N LEU B 473 21.24 -28.55 37.34
CA LEU B 473 20.74 -27.22 37.07
C LEU B 473 21.59 -26.16 37.74
N GLU B 474 22.25 -26.52 38.84
CA GLU B 474 23.24 -25.63 39.43
C GLU B 474 24.45 -25.49 38.54
N GLU B 475 24.82 -26.55 37.83
CA GLU B 475 25.90 -26.48 36.85
C GLU B 475 25.46 -25.50 35.78
N LEU B 476 24.36 -25.84 35.14
CA LEU B 476 23.75 -25.10 34.03
C LEU B 476 23.61 -23.60 34.29
N TYR B 477 23.54 -23.19 35.56
CA TYR B 477 23.64 -21.77 35.88
C TYR B 477 25.05 -21.26 35.67
N ASN B 478 26.02 -21.95 36.26
CA ASN B 478 27.36 -21.39 36.48
C ASN B 478 28.35 -21.91 35.44
N THR B 479 28.08 -21.53 34.19
CA THR B 479 28.91 -21.89 33.05
C THR B 479 29.09 -20.67 32.18
N LYS B 480 30.35 -20.28 31.97
CA LYS B 480 30.70 -19.29 30.97
C LYS B 480 30.92 -19.90 29.59
N GLN B 481 30.71 -21.22 29.46
CA GLN B 481 30.63 -21.85 28.14
C GLN B 481 29.33 -21.46 27.47
N GLY B 482 29.44 -20.85 26.30
CA GLY B 482 28.28 -20.46 25.54
C GLY B 482 27.84 -19.04 25.86
N PRO B 483 26.71 -18.62 25.27
CA PRO B 483 26.22 -17.26 25.49
C PRO B 483 26.06 -16.89 26.96
N THR B 484 26.90 -15.97 27.42
CA THR B 484 27.07 -15.68 28.83
C THR B 484 26.55 -14.27 29.13
N ASN B 485 26.02 -14.12 30.35
CA ASN B 485 25.51 -12.84 30.81
C ASN B 485 26.54 -12.16 31.70
N PRO B 486 26.97 -10.93 31.42
CA PRO B 486 27.75 -10.17 32.39
C PRO B 486 26.93 -9.54 33.50
N MET B 487 25.61 -9.57 33.40
CA MET B 487 24.71 -8.88 34.33
C MET B 487 24.45 -9.71 35.58
N LEU B 488 24.23 -11.02 35.41
CA LEU B 488 23.91 -11.88 36.54
C LEU B 488 25.04 -11.89 37.57
N PHE B 489 26.28 -11.87 37.11
CA PHE B 489 27.40 -11.85 38.04
C PHE B 489 27.46 -10.53 38.80
N HIS B 490 26.94 -9.46 38.20
CA HIS B 490 26.76 -8.23 38.94
C HIS B 490 25.59 -8.32 39.90
N LEU B 491 24.54 -9.05 39.53
CA LEU B 491 23.38 -9.16 40.39
C LEU B 491 23.72 -9.98 41.63
N ILE B 492 24.49 -11.05 41.44
CA ILE B 492 24.90 -11.87 42.57
C ILE B 492 25.84 -11.09 43.47
N ARG B 493 26.56 -10.10 42.90
CA ARG B 493 27.44 -9.27 43.71
C ARG B 493 26.67 -8.51 44.77
N ASP B 494 25.64 -7.77 44.35
CA ASP B 494 24.90 -6.92 45.27
C ASP B 494 24.24 -7.73 46.38
N VAL B 495 23.52 -8.79 45.99
CA VAL B 495 22.80 -9.58 47.00
C VAL B 495 23.77 -10.28 47.94
N LYS B 496 24.98 -10.57 47.47
CA LYS B 496 26.03 -11.12 48.33
C LYS B 496 26.89 -10.03 48.92
N GLN B 497 26.26 -8.97 49.43
CA GLN B 497 26.95 -7.93 50.19
C GLN B 497 28.03 -7.21 49.36
N GLY B 498 28.01 -7.40 48.03
CA GLY B 498 29.07 -6.89 47.21
C GLY B 498 30.43 -7.46 47.56
N ASN B 499 30.45 -8.72 47.97
CA ASN B 499 31.68 -9.45 48.30
C ASN B 499 31.68 -10.77 47.55
N LEU B 500 32.67 -10.96 46.69
CA LEU B 500 32.85 -12.19 45.93
C LEU B 500 34.09 -12.91 46.46
N PRO B 501 34.01 -14.17 46.85
CA PRO B 501 35.19 -15.01 46.79
C PRO B 501 35.69 -15.04 45.35
N PRO B 502 37.02 -14.99 45.11
CA PRO B 502 37.49 -14.91 43.73
C PRO B 502 37.02 -16.07 42.85
N GLY B 503 36.90 -17.27 43.42
CA GLY B 503 36.26 -18.37 42.71
C GLY B 503 34.74 -18.29 42.73
N TYR B 504 34.15 -18.50 43.91
CA TYR B 504 32.71 -18.31 44.13
C TYR B 504 31.83 -19.10 43.16
N LYS B 505 31.73 -20.41 43.36
CA LYS B 505 30.70 -21.22 42.73
C LYS B 505 29.32 -20.65 43.07
N ILE B 506 28.43 -20.60 42.08
CA ILE B 506 27.08 -20.07 42.25
C ILE B 506 26.18 -21.19 42.76
N THR B 507 25.43 -20.90 43.82
CA THR B 507 24.44 -21.85 44.33
C THR B 507 23.09 -21.58 43.68
N LEU B 508 22.11 -22.44 43.98
CA LEU B 508 20.72 -22.09 43.68
C LEU B 508 20.22 -21.03 44.64
N ILE B 509 20.78 -21.00 45.85
CA ILE B 509 20.29 -20.14 46.91
C ILE B 509 20.48 -18.68 46.54
N ASP B 510 21.73 -18.29 46.27
CA ASP B 510 22.04 -16.89 45.97
C ASP B 510 21.28 -16.38 44.76
N ILE B 511 20.91 -17.26 43.85
CA ILE B 511 20.03 -16.88 42.75
C ILE B 511 18.67 -16.48 43.27
N GLY B 512 18.15 -17.23 44.25
CA GLY B 512 16.84 -16.92 44.78
C GLY B 512 16.74 -15.52 45.32
N LEU B 513 17.82 -15.01 45.89
CA LEU B 513 17.88 -13.63 46.34
C LEU B 513 17.98 -12.65 45.17
N VAL B 514 18.43 -13.10 44.00
CA VAL B 514 18.43 -12.23 42.83
C VAL B 514 17.01 -12.02 42.33
N ILE B 515 16.25 -13.10 42.24
CA ILE B 515 14.87 -13.03 41.77
C ILE B 515 14.04 -12.16 42.70
N GLU B 516 14.19 -12.37 44.01
CA GLU B 516 13.51 -11.57 45.01
C GLU B 516 13.88 -10.09 44.93
N TYR B 517 15.01 -9.77 44.32
CA TYR B 517 15.40 -8.40 44.02
C TYR B 517 14.87 -7.92 42.68
N LEU B 518 14.74 -8.82 41.72
CA LEU B 518 14.25 -8.49 40.40
C LEU B 518 12.73 -8.43 40.35
N MET B 519 12.06 -9.41 40.97
CA MET B 519 10.62 -9.39 41.03
C MET B 519 10.11 -8.33 41.98
N GLY B 520 10.87 -8.00 43.01
CA GLY B 520 10.60 -6.83 43.81
C GLY B 520 9.50 -7.04 44.82
N GLY B 521 9.26 -5.98 45.59
CA GLY B 521 8.21 -6.01 46.59
C GLY B 521 8.52 -7.01 47.68
N THR B 522 7.62 -7.98 47.84
CA THR B 522 7.73 -9.00 48.87
C THR B 522 7.63 -10.39 48.25
N TYR B 523 8.24 -10.57 47.08
CA TYR B 523 8.32 -11.87 46.44
C TYR B 523 9.25 -12.78 47.23
N ARG B 524 8.95 -14.07 47.20
CA ARG B 524 9.69 -15.08 47.95
C ARG B 524 9.89 -16.26 47.01
N CYS B 525 11.11 -16.40 46.50
CA CYS B 525 11.40 -17.49 45.58
C CYS B 525 11.39 -18.81 46.32
N THR B 526 11.07 -19.87 45.59
CA THR B 526 11.10 -21.22 46.15
C THR B 526 12.52 -21.74 46.36
N TYR B 527 13.54 -20.97 45.98
CA TYR B 527 14.93 -21.36 46.23
C TYR B 527 15.46 -20.85 47.56
N THR B 528 14.76 -19.92 48.21
CA THR B 528 15.17 -19.38 49.50
C THR B 528 14.32 -19.89 50.65
N ARG B 529 13.43 -20.84 50.40
CA ARG B 529 12.52 -21.30 51.44
C ARG B 529 13.28 -22.16 52.44
N LYS B 530 12.58 -22.55 53.51
CA LYS B 530 13.22 -23.25 54.61
C LYS B 530 13.55 -24.69 54.21
N ARG B 531 12.56 -25.41 53.68
CA ARG B 531 12.74 -26.78 53.25
C ARG B 531 13.84 -26.89 52.21
N PHE B 532 13.70 -26.14 51.12
CA PHE B 532 14.67 -26.19 50.04
C PHE B 532 16.07 -25.85 50.51
N ARG B 533 16.20 -24.81 51.34
CA ARG B 533 17.53 -24.38 51.77
C ARG B 533 18.24 -25.48 52.56
N LEU B 534 17.48 -26.34 53.23
CA LEU B 534 18.07 -27.41 54.03
C LEU B 534 18.46 -28.59 53.15
N ILE B 535 17.51 -29.13 52.38
CA ILE B 535 17.75 -30.28 51.52
C ILE B 535 18.85 -30.00 50.52
N TYR B 536 19.06 -28.72 50.18
CA TYR B 536 20.17 -28.34 49.33
C TYR B 536 21.50 -28.66 50.00
N ASN B 537 21.71 -28.12 51.21
CA ASN B 537 22.90 -28.42 51.99
C ASN B 537 23.06 -29.92 52.21
N SER B 538 21.95 -30.59 52.56
CA SER B 538 21.96 -32.01 52.83
C SER B 538 22.42 -32.79 51.60
N LEU B 539 21.73 -32.59 50.48
CA LEU B 539 22.10 -33.24 49.23
C LEU B 539 23.49 -32.80 48.80
N GLU B 613 17.17 -38.48 44.29
CA GLU B 613 15.87 -39.14 44.39
C GLU B 613 14.74 -38.11 44.40
N THR B 614 14.63 -37.36 45.49
CA THR B 614 13.64 -36.29 45.60
C THR B 614 14.10 -35.02 44.91
N LYS B 615 15.31 -35.02 44.34
CA LYS B 615 15.89 -33.82 43.73
C LYS B 615 15.48 -33.72 42.27
N ARG B 616 14.17 -33.73 42.03
CA ARG B 616 13.64 -33.71 40.69
C ARG B 616 12.53 -32.68 40.46
N PHE B 617 12.44 -31.62 41.30
CA PHE B 617 11.86 -30.34 40.91
C PHE B 617 10.45 -30.43 40.30
N PRO B 618 9.38 -30.46 41.11
CA PRO B 618 8.05 -30.85 40.60
C PRO B 618 7.57 -30.23 39.30
N TYR B 619 8.07 -29.04 38.94
CA TYR B 619 7.63 -28.32 37.74
C TYR B 619 8.83 -27.72 37.04
N PRO B 620 9.68 -28.56 36.43
CA PRO B 620 11.01 -28.08 35.98
C PRO B 620 10.98 -26.97 34.96
N LEU B 621 10.00 -26.97 34.07
CA LEU B 621 9.95 -25.97 33.00
C LEU B 621 9.71 -24.56 33.54
N ASN B 622 9.38 -24.43 34.81
CA ASN B 622 9.34 -23.14 35.48
C ASN B 622 10.73 -22.66 35.86
N GLU B 623 11.60 -23.57 36.27
CA GLU B 623 12.93 -23.18 36.74
C GLU B 623 13.88 -22.88 35.58
N LEU B 624 13.65 -23.50 34.42
CA LEU B 624 14.50 -23.23 33.27
C LEU B 624 14.12 -21.91 32.59
N LEU B 625 12.84 -21.55 32.66
CA LEU B 625 12.42 -20.28 32.08
C LEU B 625 13.05 -19.11 32.81
N ILE B 626 13.28 -19.27 34.11
CA ILE B 626 13.99 -18.26 34.88
C ILE B 626 15.44 -18.19 34.43
N TRP B 627 16.05 -19.35 34.25
CA TRP B 627 17.42 -19.44 33.78
C TRP B 627 17.62 -18.72 32.46
N ALA B 628 16.87 -19.14 31.44
CA ALA B 628 16.99 -18.55 30.10
C ALA B 628 16.79 -17.04 30.08
N CYS B 629 16.08 -16.50 31.06
CA CYS B 629 15.84 -15.08 31.13
C CYS B 629 16.89 -14.34 31.93
N LEU B 630 17.38 -14.95 33.01
CA LEU B 630 18.49 -14.39 33.76
C LEU B 630 19.80 -14.42 32.98
N MET B 631 19.88 -15.21 31.90
CA MET B 631 21.06 -15.32 31.08
C MET B 631 20.84 -14.79 29.66
N LYS B 632 19.82 -13.95 29.46
CA LYS B 632 19.46 -13.35 28.18
C LYS B 632 19.42 -14.35 27.04
N ARG B 633 18.92 -15.56 27.30
CA ARG B 633 18.73 -16.56 26.27
C ARG B 633 17.26 -16.60 25.89
N GLN B 634 16.89 -15.63 25.06
CA GLN B 634 15.49 -15.44 24.67
C GLN B 634 14.95 -16.63 23.89
N VAL B 635 15.65 -17.04 22.83
CA VAL B 635 15.16 -18.09 21.96
C VAL B 635 14.99 -19.39 22.74
N MET B 636 15.76 -19.56 23.80
CA MET B 636 15.53 -20.66 24.74
C MET B 636 14.35 -20.36 25.65
N ALA B 637 14.28 -19.14 26.18
CA ALA B 637 13.17 -18.75 27.04
C ALA B 637 11.85 -18.90 26.33
N ARG B 638 11.73 -18.27 25.16
CA ARG B 638 10.50 -18.29 24.40
C ARG B 638 10.10 -19.70 24.00
N PHE B 639 11.09 -20.57 23.81
CA PHE B 639 10.79 -21.96 23.49
C PHE B 639 10.28 -22.70 24.71
N LEU B 640 11.03 -22.66 25.80
CA LEU B 640 10.65 -23.37 27.01
C LEU B 640 9.31 -22.89 27.55
N TRP B 641 8.95 -21.63 27.31
CA TRP B 641 7.68 -21.11 27.77
C TRP B 641 6.51 -21.90 27.18
N GLN B 642 6.60 -22.21 25.89
CA GLN B 642 5.61 -22.98 25.17
C GLN B 642 5.27 -24.27 25.90
N HIS B 643 6.28 -24.87 26.52
CA HIS B 643 6.15 -26.14 27.23
C HIS B 643 5.71 -25.90 28.66
N GLY B 644 5.12 -26.94 29.24
CA GLY B 644 4.69 -26.90 30.61
C GLY B 644 3.31 -26.28 30.76
N GLU B 645 3.04 -25.81 31.97
CA GLU B 645 1.79 -25.14 32.30
C GLU B 645 2.09 -23.81 32.98
N GLU B 646 1.02 -23.08 33.32
CA GLU B 646 1.10 -21.75 33.89
C GLU B 646 1.69 -20.78 32.89
N SER B 647 1.23 -20.87 31.64
CA SER B 647 1.80 -20.09 30.55
C SER B 647 1.66 -18.59 30.79
N MET B 648 0.46 -18.14 31.16
CA MET B 648 0.21 -16.71 31.31
C MET B 648 1.02 -16.12 32.43
N ALA B 649 1.20 -16.88 33.51
CA ALA B 649 2.00 -16.43 34.64
C ALA B 649 3.47 -16.33 34.28
N LYS B 650 4.02 -17.36 33.63
CA LYS B 650 5.42 -17.37 33.24
C LYS B 650 5.77 -16.19 32.35
N ALA B 651 4.83 -15.75 31.52
CA ALA B 651 5.07 -14.63 30.63
C ALA B 651 5.07 -13.29 31.33
N LEU B 652 4.37 -13.17 32.45
CA LEU B 652 4.29 -11.93 33.18
C LEU B 652 5.37 -11.80 34.24
N VAL B 653 5.96 -12.94 34.62
CA VAL B 653 7.19 -12.95 35.41
C VAL B 653 8.36 -12.52 34.56
N ALA B 654 8.56 -13.22 33.44
CA ALA B 654 9.58 -12.88 32.46
C ALA B 654 9.57 -11.39 32.10
N CYS B 655 8.40 -10.83 31.81
CA CYS B 655 8.32 -9.40 31.57
C CYS B 655 8.84 -8.60 32.75
N LYS B 656 8.67 -9.12 33.97
CA LYS B 656 9.14 -8.40 35.14
C LYS B 656 10.64 -8.59 35.35
N ILE B 657 11.14 -9.80 35.10
CA ILE B 657 12.56 -10.06 35.26
C ILE B 657 13.37 -9.24 34.27
N TYR B 658 13.00 -9.29 32.98
CA TYR B 658 13.73 -8.52 31.99
C TYR B 658 13.60 -7.02 32.22
N ARG B 659 12.42 -6.55 32.59
CA ARG B 659 12.21 -5.12 32.77
C ARG B 659 13.06 -4.56 33.90
N SER B 660 13.29 -5.35 34.93
CA SER B 660 14.11 -4.90 36.04
C SER B 660 15.58 -4.91 35.69
N MET B 661 16.05 -5.97 35.02
CA MET B 661 17.41 -5.96 34.50
C MET B 661 17.60 -4.87 33.46
N ALA B 662 16.59 -4.60 32.65
CA ALA B 662 16.65 -3.48 31.72
C ALA B 662 16.74 -2.14 32.42
N TYR B 663 16.39 -2.07 33.70
CA TYR B 663 16.54 -0.86 34.49
C TYR B 663 17.86 -0.82 35.21
N GLU B 664 18.31 -1.97 35.71
CA GLU B 664 19.53 -2.01 36.51
C GLU B 664 20.76 -1.86 35.63
N ALA B 665 20.64 -2.21 34.35
CA ALA B 665 21.65 -1.82 33.37
C ALA B 665 21.76 -0.30 33.27
N LYS B 666 20.63 0.36 33.01
CA LYS B 666 20.61 1.82 32.94
C LYS B 666 20.86 2.48 34.28
N GLN B 667 20.80 1.72 35.37
CA GLN B 667 21.09 2.24 36.72
C GLN B 667 22.54 1.96 37.09
N SER B 668 22.93 0.68 37.05
CA SER B 668 24.29 0.29 37.43
C SER B 668 25.30 1.04 36.59
N ASP B 669 25.05 1.09 35.28
CA ASP B 669 25.77 1.96 34.36
C ASP B 669 27.26 1.63 34.31
N LEU B 670 27.61 0.39 34.60
CA LEU B 670 28.98 -0.10 34.58
C LEU B 670 29.37 -0.57 33.18
N VAL B 671 30.44 -1.37 33.09
CA VAL B 671 30.86 -2.08 31.89
C VAL B 671 29.70 -2.75 31.16
N ASP B 672 28.66 -3.17 31.89
CA ASP B 672 27.49 -3.79 31.31
C ASP B 672 26.78 -2.82 30.36
N ASP B 673 25.90 -3.38 29.54
CA ASP B 673 25.19 -2.65 28.49
C ASP B 673 23.98 -3.51 28.13
N THR B 674 23.41 -3.34 26.93
CA THR B 674 22.35 -4.16 26.35
C THR B 674 21.09 -4.19 27.24
N SER B 675 20.45 -3.03 27.36
CA SER B 675 19.19 -2.86 28.08
C SER B 675 17.99 -2.81 27.16
N GLU B 676 18.06 -2.01 26.09
CA GLU B 676 16.95 -1.95 25.13
C GLU B 676 16.69 -3.30 24.50
N GLU B 677 17.68 -4.20 24.51
CA GLU B 677 17.47 -5.58 24.15
C GLU B 677 16.60 -6.29 25.18
N LEU B 678 16.80 -5.96 26.46
CA LEU B 678 15.99 -6.54 27.51
C LEU B 678 14.59 -5.95 27.51
N LYS B 679 14.49 -4.62 27.39
CA LYS B 679 13.23 -3.93 27.19
C LYS B 679 12.38 -4.60 26.12
N GLN B 680 12.99 -4.98 25.00
CA GLN B 680 12.25 -5.67 23.96
C GLN B 680 11.85 -7.07 24.38
N TYR B 681 12.71 -7.75 25.13
CA TYR B 681 12.40 -9.10 25.56
C TYR B 681 11.21 -9.11 26.51
N SER B 682 11.11 -8.09 27.37
CA SER B 682 9.98 -8.00 28.27
C SER B 682 8.68 -7.79 27.49
N ASN B 683 8.69 -6.82 26.58
CA ASN B 683 7.50 -6.53 25.79
C ASN B 683 7.15 -7.69 24.85
N ASP B 684 8.10 -8.57 24.55
CA ASP B 684 7.78 -9.78 23.79
C ASP B 684 6.92 -10.72 24.62
N PHE B 685 7.37 -11.06 25.81
CA PHE B 685 6.57 -11.90 26.71
C PHE B 685 5.30 -11.19 27.16
N GLY B 686 5.35 -9.87 27.30
CA GLY B 686 4.17 -9.14 27.73
C GLY B 686 3.01 -9.32 26.78
N GLN B 687 3.27 -9.17 25.48
CA GLN B 687 2.24 -9.38 24.48
C GLN B 687 1.73 -10.81 24.46
N LEU B 688 2.56 -11.76 24.86
CA LEU B 688 2.12 -13.15 24.89
C LEU B 688 1.06 -13.36 25.95
N ALA B 689 1.24 -12.76 27.11
CA ALA B 689 0.25 -12.84 28.18
C ALA B 689 -1.04 -12.13 27.79
N VAL B 690 -0.94 -11.03 27.07
CA VAL B 690 -2.13 -10.31 26.59
C VAL B 690 -2.89 -11.14 25.58
N GLU B 691 -2.18 -11.79 24.67
CA GLU B 691 -2.84 -12.56 23.63
C GLU B 691 -3.44 -13.85 24.17
N LEU B 692 -2.94 -14.36 25.28
CA LEU B 692 -3.61 -15.46 25.96
C LEU B 692 -4.86 -15.00 26.68
N LEU B 693 -4.88 -13.75 27.15
CA LEU B 693 -6.04 -13.23 27.84
C LEU B 693 -7.20 -13.03 26.88
N GLU B 694 -6.92 -12.36 25.76
CA GLU B 694 -7.84 -12.27 24.63
C GLU B 694 -8.49 -13.60 24.31
N GLN B 695 -7.67 -14.61 24.02
CA GLN B 695 -8.15 -15.94 23.68
C GLN B 695 -9.04 -16.49 24.78
N SER B 696 -8.53 -16.47 26.01
CA SER B 696 -9.25 -17.03 27.14
C SER B 696 -10.53 -16.27 27.46
N PHE B 697 -10.60 -15.01 27.07
CA PHE B 697 -11.77 -14.19 27.34
C PHE B 697 -12.85 -14.39 26.28
N ARG B 698 -12.45 -14.63 25.03
CA ARG B 698 -13.39 -14.88 23.97
C ARG B 698 -14.06 -16.26 24.08
N GLN B 699 -13.60 -17.11 25.00
CA GLN B 699 -14.23 -18.40 25.25
C GLN B 699 -15.27 -18.32 26.38
N ASP B 700 -14.83 -17.98 27.59
CA ASP B 700 -15.75 -17.71 28.69
C ASP B 700 -15.21 -16.51 29.47
N GLU B 701 -15.98 -15.41 29.43
CA GLU B 701 -15.62 -14.20 30.13
C GLU B 701 -15.43 -14.43 31.63
N THR B 702 -16.32 -15.22 32.21
CA THR B 702 -16.32 -15.41 33.65
C THR B 702 -15.11 -16.17 34.13
N MET B 703 -14.67 -17.16 33.37
CA MET B 703 -13.54 -17.98 33.77
C MET B 703 -12.23 -17.19 33.63
N ALA B 704 -12.15 -16.37 32.58
CA ALA B 704 -10.98 -15.53 32.37
C ALA B 704 -10.74 -14.61 33.56
N MET B 705 -11.80 -14.00 34.09
CA MET B 705 -11.70 -13.21 35.31
C MET B 705 -11.15 -14.01 36.48
N LYS B 706 -11.54 -15.28 36.60
CA LYS B 706 -11.00 -16.12 37.65
C LYS B 706 -9.54 -16.42 37.43
N LEU B 707 -9.09 -16.39 36.17
CA LEU B 707 -7.68 -16.68 35.90
C LEU B 707 -6.80 -15.53 36.35
N LEU B 708 -7.31 -14.31 36.31
CA LEU B 708 -6.58 -13.14 36.75
C LEU B 708 -6.42 -13.05 38.25
N THR B 709 -7.05 -13.94 39.03
CA THR B 709 -7.11 -13.78 40.48
C THR B 709 -6.87 -15.04 41.30
N TYR B 710 -6.60 -16.20 40.70
CA TYR B 710 -6.25 -17.37 41.50
C TYR B 710 -4.80 -17.31 41.93
N GLU B 711 -4.56 -17.68 43.19
CA GLU B 711 -3.21 -17.81 43.71
C GLU B 711 -2.44 -18.84 42.90
N LEU B 712 -1.16 -18.54 42.67
CA LEU B 712 -0.35 -19.33 41.76
C LEU B 712 0.37 -20.47 42.45
N LYS B 713 0.97 -20.19 43.61
CA LYS B 713 1.54 -21.17 44.54
C LYS B 713 2.88 -21.75 44.09
N ASN B 714 3.26 -21.51 42.85
CA ASN B 714 4.64 -21.68 42.39
C ASN B 714 5.33 -20.35 42.19
N TRP B 715 4.65 -19.24 42.50
CA TRP B 715 5.09 -17.91 42.15
C TRP B 715 4.85 -16.99 43.33
N SER B 716 5.19 -17.48 44.52
CA SER B 716 5.16 -16.73 45.76
C SER B 716 3.74 -16.35 46.17
N ASN B 717 2.78 -17.18 45.79
CA ASN B 717 1.39 -16.99 46.16
C ASN B 717 0.91 -15.62 45.70
N SER B 718 1.24 -15.33 44.45
CA SER B 718 0.93 -14.09 43.79
C SER B 718 -0.15 -14.34 42.76
N THR B 719 -0.39 -13.36 41.92
CA THR B 719 -1.53 -13.35 41.04
C THR B 719 -1.08 -12.76 39.71
N CYS B 720 -1.62 -13.30 38.62
CA CYS B 720 -1.19 -12.89 37.30
C CYS B 720 -1.46 -11.41 37.07
N LEU B 721 -2.57 -10.93 37.60
CA LEU B 721 -2.85 -9.51 37.57
C LEU B 721 -1.82 -8.71 38.36
N LYS B 722 -1.61 -9.09 39.63
CA LYS B 722 -0.62 -8.43 40.47
C LYS B 722 0.75 -8.38 39.81
N LEU B 723 1.13 -9.45 39.11
CA LEU B 723 2.42 -9.48 38.42
C LEU B 723 2.45 -8.48 37.27
N ALA B 724 1.36 -8.38 36.54
CA ALA B 724 1.32 -7.49 35.39
C ALA B 724 1.29 -6.03 35.79
N VAL B 725 0.78 -5.72 36.98
CA VAL B 725 0.85 -4.37 37.49
C VAL B 725 2.26 -4.00 37.88
N SER B 726 3.04 -4.98 38.35
CA SER B 726 4.41 -4.73 38.73
C SER B 726 5.26 -4.33 37.53
N SER B 727 5.04 -4.98 36.40
CA SER B 727 5.71 -4.64 35.16
C SER B 727 5.13 -3.42 34.48
N ARG B 728 4.04 -2.85 35.00
CA ARG B 728 3.33 -1.74 34.37
C ARG B 728 2.93 -2.10 32.95
N LEU B 729 2.42 -3.31 32.81
CA LEU B 729 2.06 -3.90 31.53
C LEU B 729 0.61 -3.54 31.24
N ARG B 730 0.43 -2.39 30.62
CA ARG B 730 -0.84 -1.70 30.44
C ARG B 730 -1.85 -2.37 29.51
N PRO B 731 -1.45 -2.99 28.40
CA PRO B 731 -2.44 -3.64 27.53
C PRO B 731 -3.16 -4.80 28.19
N PHE B 732 -2.65 -5.29 29.31
CA PHE B 732 -3.24 -6.38 30.08
C PHE B 732 -4.22 -5.85 31.12
N VAL B 733 -3.84 -4.77 31.80
CA VAL B 733 -4.70 -4.13 32.78
C VAL B 733 -5.79 -3.33 32.10
N ALA B 734 -5.52 -2.80 30.91
CA ALA B 734 -6.51 -2.10 30.11
C ALA B 734 -7.30 -3.01 29.20
N HIS B 735 -7.22 -4.31 29.40
CA HIS B 735 -7.98 -5.28 28.63
C HIS B 735 -9.34 -5.46 29.27
N THR B 736 -10.35 -5.66 28.42
CA THR B 736 -11.73 -5.62 28.87
C THR B 736 -12.05 -6.69 29.90
N CYS B 737 -11.26 -7.75 29.97
CA CYS B 737 -11.45 -8.75 31.01
C CYS B 737 -11.17 -8.16 32.39
N THR B 738 -10.02 -7.50 32.56
CA THR B 738 -9.72 -6.88 33.85
C THR B 738 -10.70 -5.78 34.17
N GLN B 739 -11.05 -4.99 33.17
CA GLN B 739 -11.97 -3.89 33.36
C GLN B 739 -13.30 -4.37 33.89
N MET B 740 -13.88 -5.39 33.25
CA MET B 740 -15.12 -5.97 33.75
C MET B 740 -14.95 -6.53 35.15
N LEU B 741 -13.76 -7.04 35.48
CA LEU B 741 -13.49 -7.46 36.85
C LEU B 741 -13.27 -6.28 37.77
N LEU B 742 -12.61 -5.23 37.31
CA LEU B 742 -12.40 -4.06 38.14
C LEU B 742 -13.72 -3.41 38.47
N SER B 743 -14.64 -3.44 37.52
CA SER B 743 -15.98 -2.92 37.73
C SER B 743 -16.75 -3.75 38.74
N ASP B 744 -16.53 -5.06 38.75
CA ASP B 744 -17.25 -5.92 39.67
C ASP B 744 -16.70 -5.84 41.09
N MET B 745 -15.42 -5.55 41.25
CA MET B 745 -14.87 -5.27 42.57
C MET B 745 -15.26 -3.89 43.07
N TRP B 746 -15.45 -2.95 42.16
CA TRP B 746 -15.92 -1.62 42.50
C TRP B 746 -17.30 -1.63 43.11
N MET B 747 -18.20 -2.43 42.56
CA MET B 747 -19.56 -2.54 43.06
C MET B 747 -19.67 -3.35 44.34
N GLY B 748 -18.91 -4.41 44.47
CA GLY B 748 -19.11 -5.32 45.58
C GLY B 748 -20.31 -6.18 45.30
N ARG B 749 -21.22 -6.24 46.27
CA ARG B 749 -22.47 -6.98 46.13
C ARG B 749 -23.61 -6.09 45.66
N LEU B 750 -23.32 -4.97 45.02
CA LEU B 750 -24.32 -4.09 44.44
C LEU B 750 -24.41 -4.36 42.94
N ASN B 751 -25.62 -4.43 42.42
CA ASN B 751 -25.86 -4.69 41.01
C ASN B 751 -26.15 -3.34 40.36
N MET B 752 -25.10 -2.62 40.00
CA MET B 752 -25.27 -1.25 39.56
C MET B 752 -25.73 -1.12 38.13
N ARG B 753 -25.76 -2.21 37.35
CA ARG B 753 -26.47 -2.18 36.09
C ARG B 753 -27.97 -2.00 36.28
N LYS B 754 -28.47 -2.30 37.48
CA LYS B 754 -29.86 -2.08 37.84
C LYS B 754 -30.04 -0.86 38.73
N ASN B 755 -29.13 -0.64 39.67
CA ASN B 755 -29.13 0.56 40.49
C ASN B 755 -28.47 1.70 39.70
N SER B 756 -28.24 2.83 40.35
CA SER B 756 -27.53 3.94 39.73
C SER B 756 -26.82 4.77 40.79
N TRP B 757 -25.80 5.50 40.35
CA TRP B 757 -24.92 6.20 41.30
C TRP B 757 -25.66 7.29 42.06
N TYR B 758 -26.81 7.76 41.54
CA TYR B 758 -27.61 8.68 42.32
C TYR B 758 -28.40 7.98 43.41
N LYS B 759 -28.63 6.67 43.26
CA LYS B 759 -29.30 5.90 44.30
C LYS B 759 -28.34 5.52 45.42
N VAL B 760 -27.05 5.44 45.11
CA VAL B 760 -26.03 5.18 46.12
C VAL B 760 -25.86 6.39 47.02
N ILE B 761 -25.78 7.58 46.43
CA ILE B 761 -25.65 8.80 47.21
C ILE B 761 -26.85 8.97 48.12
N LEU B 762 -28.05 8.79 47.58
CA LEU B 762 -29.27 8.88 48.37
C LEU B 762 -29.27 7.88 49.51
N SER B 763 -28.84 6.64 49.25
CA SER B 763 -28.83 5.61 50.26
C SER B 763 -27.78 5.83 51.34
N ILE B 764 -26.77 6.64 51.07
CA ILE B 764 -25.80 7.02 52.10
C ILE B 764 -26.41 8.05 53.04
N LEU B 765 -27.06 9.06 52.48
CA LEU B 765 -27.71 10.10 53.24
C LEU B 765 -29.03 9.64 53.83
N VAL B 766 -29.63 8.60 53.28
CA VAL B 766 -30.87 8.01 53.77
C VAL B 766 -30.62 6.51 53.88
N PRO B 767 -30.13 6.02 55.02
CA PRO B 767 -29.76 4.60 55.14
C PRO B 767 -30.89 3.63 54.83
N PRO B 768 -32.15 3.92 55.21
CA PRO B 768 -33.21 2.94 54.92
C PRO B 768 -33.37 2.57 53.45
N ALA B 769 -32.91 3.41 52.52
CA ALA B 769 -32.93 3.04 51.11
C ALA B 769 -31.93 1.93 50.79
N ILE B 770 -31.01 1.64 51.71
CA ILE B 770 -30.04 0.56 51.52
C ILE B 770 -30.74 -0.77 51.37
N LEU B 771 -31.82 -0.97 52.12
CA LEU B 771 -32.59 -2.20 52.09
C LEU B 771 -33.56 -2.26 50.93
N MET B 772 -33.53 -1.26 50.04
CA MET B 772 -34.38 -1.21 48.86
C MET B 772 -33.58 -1.45 47.58
N LEU B 773 -32.26 -1.59 47.68
CA LEU B 773 -31.38 -1.71 46.54
C LEU B 773 -31.23 -3.16 46.12
N GLU B 774 -30.90 -3.35 44.86
CA GLU B 774 -30.73 -4.68 44.29
C GLU B 774 -29.31 -5.15 44.53
N TYR B 775 -29.18 -6.17 45.37
CA TYR B 775 -27.89 -6.76 45.69
C TYR B 775 -27.65 -7.98 44.80
N LYS B 776 -26.62 -8.77 45.13
CA LYS B 776 -26.17 -9.89 44.33
C LYS B 776 -26.13 -11.14 45.19
N THR B 777 -26.10 -12.27 44.49
CA THR B 777 -26.04 -13.58 45.11
C THR B 777 -24.59 -14.02 45.26
N LYS B 778 -24.39 -15.31 45.54
CA LYS B 778 -23.07 -15.91 45.55
C LYS B 778 -22.62 -16.35 44.17
N ALA B 779 -23.54 -16.66 43.26
CA ALA B 779 -23.19 -17.20 41.97
C ALA B 779 -22.63 -16.14 41.03
N GLU B 780 -23.19 -14.94 41.07
CA GLU B 780 -22.69 -13.80 40.34
C GLU B 780 -21.65 -13.00 41.12
N MET B 781 -21.09 -13.57 42.19
CA MET B 781 -19.98 -13.01 42.93
C MET B 781 -18.81 -13.98 43.06
N SER B 782 -18.85 -15.11 42.34
CA SER B 782 -17.87 -16.16 42.53
C SER B 782 -16.56 -15.87 41.82
N HIS B 783 -16.59 -15.07 40.76
CA HIS B 783 -15.40 -14.71 40.00
C HIS B 783 -14.60 -13.58 40.64
N ILE B 784 -15.08 -13.02 41.75
CA ILE B 784 -14.55 -11.79 42.31
C ILE B 784 -13.66 -12.16 43.48
N PRO B 785 -12.45 -11.64 43.59
CA PRO B 785 -11.66 -11.90 44.80
C PRO B 785 -12.26 -11.16 45.98
N GLN B 786 -12.53 -11.92 47.04
CA GLN B 786 -13.22 -11.44 48.21
C GLN B 786 -12.32 -11.56 49.43
N SER B 787 -12.75 -10.90 50.50
CA SER B 787 -12.07 -10.97 51.77
C SER B 787 -12.44 -12.28 52.47
N GLN B 788 -11.78 -12.52 53.61
CA GLN B 788 -12.20 -13.61 54.49
C GLN B 788 -13.65 -13.40 54.92
N ASP B 789 -13.98 -12.19 55.35
CA ASP B 789 -15.30 -11.86 55.85
C ASP B 789 -16.36 -11.90 54.76
N ALA B 790 -16.19 -11.08 53.72
CA ALA B 790 -17.12 -11.02 52.59
C ALA B 790 -17.38 -12.39 52.01
N HIS B 791 -16.36 -13.24 52.01
CA HIS B 791 -16.56 -14.66 51.73
C HIS B 791 -17.47 -15.26 52.80
N GLN B 792 -17.04 -15.20 54.05
CA GLN B 792 -17.69 -15.96 55.12
C GLN B 792 -19.10 -15.45 55.40
N MET B 793 -19.29 -14.13 55.43
CA MET B 793 -20.60 -13.55 55.71
C MET B 793 -21.64 -13.97 54.68
N THR B 794 -21.20 -14.36 53.49
CA THR B 794 -22.10 -14.89 52.46
C THR B 794 -22.35 -16.39 52.61
N MET B 795 -21.47 -17.12 53.31
CA MET B 795 -21.58 -18.58 53.37
C MET B 795 -22.76 -19.03 54.21
N GLU B 796 -22.75 -18.69 55.50
CA GLU B 796 -23.71 -19.21 56.48
C GLU B 796 -25.15 -18.98 56.06
N LEU B 838 -31.16 -13.35 52.51
CA LEU B 838 -30.25 -12.22 52.64
C LEU B 838 -30.71 -11.28 53.77
N PRO B 839 -30.36 -11.58 55.02
CA PRO B 839 -30.93 -10.84 56.15
C PRO B 839 -30.45 -9.39 56.18
N ILE B 840 -31.03 -8.63 57.11
CA ILE B 840 -30.92 -7.18 57.14
C ILE B 840 -29.49 -6.74 57.45
N THR B 841 -28.93 -7.27 58.52
CA THR B 841 -27.58 -6.89 58.94
C THR B 841 -26.55 -7.19 57.86
N ARG B 842 -26.81 -8.22 57.06
CA ARG B 842 -25.93 -8.55 55.94
C ARG B 842 -26.16 -7.62 54.76
N LYS B 843 -27.31 -6.94 54.71
CA LYS B 843 -27.55 -6.00 53.63
C LYS B 843 -26.85 -4.68 53.88
N PHE B 844 -26.64 -4.31 55.15
CA PHE B 844 -25.83 -3.14 55.46
C PHE B 844 -24.35 -3.43 55.32
N TYR B 845 -23.94 -4.64 55.69
CA TYR B 845 -22.54 -4.99 55.54
C TYR B 845 -22.14 -5.00 54.07
N ALA B 846 -23.07 -5.35 53.18
CA ALA B 846 -22.77 -5.38 51.76
C ALA B 846 -22.62 -3.99 51.18
N PHE B 847 -23.28 -3.00 51.77
CA PHE B 847 -23.34 -1.67 51.21
C PHE B 847 -22.14 -0.85 51.64
N TYR B 848 -21.90 -0.75 52.93
CA TYR B 848 -20.87 0.10 53.47
C TYR B 848 -19.47 -0.43 53.26
N HIS B 849 -19.33 -1.63 52.74
CA HIS B 849 -18.04 -2.25 52.44
C HIS B 849 -17.76 -2.35 50.96
N ALA B 850 -18.65 -1.86 50.10
CA ALA B 850 -18.37 -1.78 48.68
C ALA B 850 -17.46 -0.59 48.39
N PRO B 851 -16.53 -0.70 47.44
CA PRO B 851 -15.68 0.46 47.14
C PRO B 851 -16.41 1.64 46.56
N ILE B 852 -17.46 1.42 45.79
CA ILE B 852 -18.25 2.52 45.26
C ILE B 852 -18.87 3.35 46.37
N VAL B 853 -19.22 2.72 47.49
CA VAL B 853 -19.84 3.45 48.57
C VAL B 853 -18.80 4.19 49.37
N LYS B 854 -17.66 3.58 49.59
CA LYS B 854 -16.60 4.25 50.33
C LYS B 854 -16.05 5.44 49.58
N PHE B 855 -16.15 5.44 48.26
CA PHE B 855 -15.79 6.61 47.48
C PHE B 855 -16.78 7.75 47.68
N TRP B 856 -18.06 7.51 47.42
CA TRP B 856 -19.09 8.53 47.51
C TRP B 856 -19.46 8.90 48.93
N PHE B 857 -18.79 8.34 49.92
CA PHE B 857 -18.98 8.59 51.34
C PHE B 857 -17.80 9.38 51.88
N ASN B 858 -16.62 9.16 51.30
CA ASN B 858 -15.49 10.03 51.52
C ASN B 858 -15.57 11.29 50.69
N THR B 859 -16.08 11.17 49.47
CA THR B 859 -16.30 12.33 48.60
C THR B 859 -17.26 13.33 49.20
N LEU B 860 -18.38 12.86 49.74
CA LEU B 860 -19.35 13.77 50.34
C LEU B 860 -18.81 14.40 51.61
N ALA B 861 -18.04 13.67 52.40
CA ALA B 861 -17.42 14.25 53.57
C ALA B 861 -16.35 15.25 53.19
N TYR B 862 -15.58 14.94 52.13
CA TYR B 862 -14.57 15.87 51.66
C TYR B 862 -15.21 17.14 51.13
N LEU B 863 -16.31 17.03 50.41
CA LEU B 863 -16.99 18.22 49.94
C LEU B 863 -17.58 19.00 51.09
N GLY B 864 -18.11 18.33 52.09
CA GLY B 864 -18.59 19.02 53.26
C GLY B 864 -17.48 19.58 54.11
N PHE B 865 -16.31 18.98 54.02
CA PHE B 865 -15.11 19.54 54.63
C PHE B 865 -14.73 20.89 54.01
N LEU B 866 -14.68 20.97 52.69
CA LEU B 866 -14.34 22.21 52.03
C LEU B 866 -15.38 23.31 52.19
N MET B 867 -16.64 22.95 52.27
CA MET B 867 -17.68 23.92 52.51
C MET B 867 -17.52 24.58 53.87
N LEU B 868 -17.13 23.81 54.86
CA LEU B 868 -16.89 24.35 56.19
C LEU B 868 -15.58 25.10 56.25
N TYR B 869 -14.56 24.57 55.60
CA TYR B 869 -13.24 25.18 55.65
C TYR B 869 -13.17 26.45 54.82
N THR B 870 -13.96 26.50 53.75
CA THR B 870 -14.25 27.74 53.05
C THR B 870 -14.97 28.74 53.94
N PHE B 871 -15.96 28.27 54.70
CA PHE B 871 -16.71 29.13 55.61
C PHE B 871 -15.83 29.73 56.70
N VAL B 872 -14.79 29.01 57.11
CA VAL B 872 -13.95 29.45 58.22
C VAL B 872 -12.99 30.54 57.78
N VAL B 873 -12.42 30.41 56.59
CA VAL B 873 -11.48 31.40 56.11
C VAL B 873 -12.17 32.70 55.69
N LEU B 874 -13.41 32.62 55.22
CA LEU B 874 -14.14 33.78 54.80
C LEU B 874 -14.79 34.53 55.95
N VAL B 875 -15.16 33.85 57.01
CA VAL B 875 -15.78 34.44 58.18
C VAL B 875 -14.68 34.75 59.18
N LYS B 876 -14.87 35.80 59.96
CA LYS B 876 -13.86 36.26 60.89
C LYS B 876 -13.55 35.20 61.94
N MET B 877 -12.33 35.26 62.46
CA MET B 877 -11.90 34.40 63.54
C MET B 877 -11.87 35.20 64.83
N GLU B 878 -12.63 34.74 65.81
CA GLU B 878 -12.47 35.21 67.17
C GLU B 878 -11.33 34.44 67.80
N GLN B 879 -11.17 34.52 69.12
CA GLN B 879 -9.99 33.97 69.78
C GLN B 879 -9.94 32.45 69.66
N LEU B 880 -11.03 31.80 70.02
CA LEU B 880 -11.10 30.36 70.01
C LEU B 880 -11.77 29.87 68.74
N PRO B 881 -11.43 28.67 68.27
CA PRO B 881 -12.10 28.18 67.08
C PRO B 881 -13.58 27.95 67.27
N SER B 882 -14.29 28.07 66.17
CA SER B 882 -15.70 27.75 66.08
C SER B 882 -15.88 26.26 65.85
N VAL B 883 -17.12 25.82 66.03
CA VAL B 883 -17.47 24.41 65.81
C VAL B 883 -17.09 24.00 64.40
N GLN B 884 -17.26 24.90 63.45
CA GLN B 884 -16.81 24.66 62.08
C GLN B 884 -15.33 24.39 62.01
N GLU B 885 -14.52 25.23 62.65
CA GLU B 885 -13.07 25.09 62.59
C GLU B 885 -12.61 23.86 63.34
N TRP B 886 -13.28 23.48 64.42
CA TRP B 886 -12.92 22.23 65.08
C TRP B 886 -13.20 21.02 64.20
N ILE B 887 -14.35 20.99 63.55
CA ILE B 887 -14.66 19.90 62.63
C ILE B 887 -13.66 19.84 61.48
N VAL B 888 -13.09 20.98 61.09
CA VAL B 888 -12.04 21.04 60.06
C VAL B 888 -10.76 20.40 60.58
N ILE B 889 -10.35 20.78 61.78
CA ILE B 889 -9.13 20.27 62.37
C ILE B 889 -9.23 18.77 62.60
N ALA B 890 -10.43 18.30 62.96
CA ALA B 890 -10.65 16.88 63.16
C ALA B 890 -10.49 16.09 61.88
N TYR B 891 -11.12 16.55 60.81
CA TYR B 891 -10.87 15.96 59.50
C TYR B 891 -9.38 15.87 59.20
N ILE B 892 -8.68 17.02 59.21
CA ILE B 892 -7.29 17.03 58.77
C ILE B 892 -6.43 16.16 59.67
N PHE B 893 -6.72 16.13 60.95
CA PHE B 893 -5.92 15.33 61.87
C PHE B 893 -6.04 13.85 61.57
N THR B 894 -7.26 13.39 61.38
CA THR B 894 -7.53 11.98 61.13
C THR B 894 -7.21 11.60 59.69
N TYR B 895 -7.51 12.49 58.76
CA TYR B 895 -7.04 12.36 57.38
C TYR B 895 -5.55 12.09 57.34
N ALA B 896 -4.77 12.73 58.22
CA ALA B 896 -3.34 12.49 58.27
C ALA B 896 -3.03 11.07 58.73
N ILE B 897 -3.64 10.65 59.84
CA ILE B 897 -3.45 9.31 60.38
C ILE B 897 -3.80 8.27 59.32
N GLU B 898 -4.90 8.51 58.61
CA GLU B 898 -5.27 7.72 57.45
C GLU B 898 -4.13 7.60 56.44
N LYS B 899 -3.35 8.66 56.24
CA LYS B 899 -2.27 8.61 55.26
C LYS B 899 -1.04 7.91 55.81
N VAL B 900 -0.80 8.03 57.11
CA VAL B 900 0.26 7.27 57.75
C VAL B 900 0.02 5.78 57.58
N ARG B 901 -1.19 5.33 57.89
CA ARG B 901 -1.53 3.92 57.83
C ARG B 901 -1.31 3.35 56.43
N GLU B 902 -1.78 4.03 55.39
CA GLU B 902 -1.65 3.48 54.06
C GLU B 902 -0.23 3.53 53.53
N VAL B 903 0.70 4.15 54.27
CA VAL B 903 2.13 3.96 54.02
C VAL B 903 2.63 2.70 54.73
N PHE B 904 2.38 2.62 56.04
CA PHE B 904 2.85 1.48 56.81
C PHE B 904 2.16 0.20 56.38
N MET B 905 0.91 0.28 55.96
CA MET B 905 0.15 -0.85 55.44
C MET B 905 0.20 -0.91 53.93
N SER B 906 1.29 -0.48 53.33
CA SER B 906 1.49 -0.58 51.90
C SER B 906 1.80 -2.03 51.52
N GLU B 907 2.15 -2.22 50.25
CA GLU B 907 2.45 -3.53 49.69
C GLU B 907 3.91 -3.89 49.78
N ALA B 908 4.81 -2.93 49.57
CA ALA B 908 6.24 -3.17 49.74
C ALA B 908 6.55 -3.54 51.18
N GLY B 909 7.78 -3.95 51.44
CA GLY B 909 8.15 -4.42 52.76
C GLY B 909 9.19 -3.53 53.41
N LYS B 910 10.10 -3.01 52.60
CA LYS B 910 11.08 -2.06 53.10
C LYS B 910 10.43 -0.72 53.33
N ILE B 911 10.54 -0.21 54.56
CA ILE B 911 9.92 1.06 54.91
C ILE B 911 10.46 2.18 54.03
N SER B 912 11.74 2.10 53.66
CA SER B 912 12.30 3.11 52.78
C SER B 912 11.78 3.00 51.35
N GLN B 913 11.11 1.89 51.01
CA GLN B 913 10.46 1.74 49.71
C GLN B 913 8.95 1.85 49.80
N LYS B 914 8.37 1.57 50.96
CA LYS B 914 7.01 2.00 51.22
C LYS B 914 6.88 3.52 51.14
N ILE B 915 7.95 4.22 51.47
CA ILE B 915 7.99 5.68 51.48
C ILE B 915 8.24 6.29 50.11
N LYS B 916 9.24 5.82 49.38
CA LYS B 916 9.59 6.44 48.11
C LYS B 916 8.52 6.25 47.05
N VAL B 917 7.66 5.26 47.21
CA VAL B 917 6.58 5.04 46.25
C VAL B 917 5.42 5.97 46.55
N TRP B 918 5.08 6.13 47.82
CA TRP B 918 3.94 6.96 48.19
C TRP B 918 4.20 8.43 47.87
N PHE B 919 5.40 8.90 48.15
CA PHE B 919 5.80 10.25 47.81
C PHE B 919 6.08 10.45 46.34
N SER B 920 5.91 9.43 45.51
CA SER B 920 6.04 9.53 44.07
C SER B 920 4.73 9.80 43.36
N ASP B 921 3.74 10.36 44.07
CA ASP B 921 2.47 10.76 43.50
C ASP B 921 2.26 12.23 43.83
N TYR B 922 1.68 12.98 42.90
CA TYR B 922 1.56 14.41 43.08
C TYR B 922 0.70 14.76 44.28
N PHE B 923 -0.42 14.09 44.44
CA PHE B 923 -1.39 14.50 45.44
C PHE B 923 -1.04 14.03 46.83
N ASN B 924 -0.10 13.10 46.96
CA ASN B 924 0.39 12.68 48.27
C ASN B 924 1.47 13.61 48.79
N VAL B 925 2.25 14.18 47.89
CA VAL B 925 3.19 15.24 48.22
C VAL B 925 2.46 16.50 48.63
N SER B 926 1.40 16.85 47.90
CA SER B 926 0.62 18.03 48.23
C SER B 926 -0.11 17.89 49.56
N ASP B 927 -0.62 16.70 49.85
CA ASP B 927 -1.28 16.47 51.13
C ASP B 927 -0.32 16.58 52.29
N THR B 928 0.89 16.06 52.14
CA THR B 928 1.93 16.22 53.14
C THR B 928 2.19 17.69 53.45
N ILE B 929 2.32 18.52 52.42
CA ILE B 929 2.51 19.95 52.60
C ILE B 929 1.25 20.57 53.20
N ALA B 930 0.09 20.18 52.71
CA ALA B 930 -1.17 20.70 53.22
C ALA B 930 -1.42 20.31 54.67
N ILE B 931 -1.01 19.11 55.08
CA ILE B 931 -1.19 18.69 56.46
C ILE B 931 -0.16 19.37 57.37
N ILE B 932 1.10 19.40 56.95
CA ILE B 932 2.13 20.05 57.76
C ILE B 932 1.85 21.54 57.87
N SER B 933 1.46 22.17 56.76
CA SER B 933 1.26 23.61 56.79
C SER B 933 0.03 23.99 57.61
N PHE B 934 -0.95 23.10 57.72
CA PHE B 934 -2.13 23.41 58.52
C PHE B 934 -1.83 23.55 60.01
N PHE B 935 -0.97 22.69 60.55
CA PHE B 935 -0.77 22.67 61.99
C PHE B 935 0.28 23.66 62.44
N VAL B 936 1.16 24.07 61.52
CA VAL B 936 1.89 25.30 61.72
C VAL B 936 0.91 26.44 61.92
N GLY B 937 -0.11 26.50 61.07
CA GLY B 937 -1.13 27.52 61.19
C GLY B 937 -1.99 27.39 62.43
N PHE B 938 -2.46 26.19 62.73
CA PHE B 938 -3.18 25.99 63.97
C PHE B 938 -2.34 26.33 65.19
N GLY B 939 -1.07 25.94 65.20
CA GLY B 939 -0.21 26.28 66.31
C GLY B 939 -0.02 27.76 66.52
N LEU B 940 0.01 28.54 65.44
CA LEU B 940 0.10 29.98 65.52
C LEU B 940 -1.23 30.62 65.81
N ARG B 941 -2.29 30.17 65.15
CA ARG B 941 -3.65 30.66 65.39
C ARG B 941 -4.11 30.41 66.81
N PHE B 942 -3.78 29.26 67.36
CA PHE B 942 -4.20 28.84 68.69
C PHE B 942 -3.19 29.18 69.77
N GLY B 943 -1.90 29.09 69.48
CA GLY B 943 -0.87 29.40 70.45
C GLY B 943 -0.47 30.86 70.51
N ALA B 944 -1.33 31.74 70.02
CA ALA B 944 -1.08 33.17 70.05
C ALA B 944 -1.75 33.82 71.25
N LYS B 945 -1.12 34.89 71.73
CA LYS B 945 -1.66 35.70 72.83
C LYS B 945 -2.58 36.76 72.23
N TRP B 946 -3.88 36.54 72.39
CA TRP B 946 -4.91 37.41 71.84
C TRP B 946 -4.79 38.82 72.39
N ASN B 947 -5.02 39.81 71.53
CA ASN B 947 -4.74 41.20 71.83
C ASN B 947 -5.88 41.92 72.53
N TYR B 948 -7.13 41.66 72.12
CA TYR B 948 -8.38 42.19 72.68
C TYR B 948 -8.69 43.63 72.29
N ILE B 949 -7.79 44.32 71.61
CA ILE B 949 -8.10 45.63 71.04
C ILE B 949 -8.36 45.41 69.56
N ASN B 950 -7.59 44.53 68.93
CA ASN B 950 -7.82 44.17 67.54
C ASN B 950 -7.09 42.86 67.28
N ALA B 951 -7.80 41.90 66.69
CA ALA B 951 -7.24 40.60 66.41
C ALA B 951 -6.01 40.69 65.52
N TYR B 952 -6.06 41.53 64.50
CA TYR B 952 -5.04 41.60 63.47
C TYR B 952 -3.90 42.55 63.83
N ASP B 953 -3.72 42.86 65.10
CA ASP B 953 -2.50 43.49 65.57
C ASP B 953 -1.46 42.49 66.02
N ASN B 954 -1.88 41.35 66.56
CA ASN B 954 -0.96 40.28 66.89
C ASN B 954 -0.56 39.54 65.62
N HIS B 955 0.71 39.66 65.25
CA HIS B 955 1.19 39.14 63.98
C HIS B 955 1.40 37.64 63.97
N VAL B 956 1.26 36.98 65.11
CA VAL B 956 1.36 35.54 65.19
C VAL B 956 0.01 34.92 64.85
N PHE B 957 -1.07 35.58 65.26
CA PHE B 957 -2.41 35.18 64.88
C PHE B 957 -2.65 35.39 63.39
N VAL B 958 -2.07 36.44 62.82
CA VAL B 958 -2.28 36.76 61.42
C VAL B 958 -1.59 35.75 60.53
N ALA B 959 -0.34 35.45 60.84
CA ALA B 959 0.40 34.42 60.12
C ALA B 959 -0.34 33.09 60.14
N GLY B 960 -1.01 32.77 61.24
CA GLY B 960 -1.76 31.54 61.30
C GLY B 960 -2.95 31.54 60.37
N ARG B 961 -3.74 32.61 60.40
CA ARG B 961 -4.89 32.74 59.52
C ARG B 961 -4.47 32.74 58.06
N LEU B 962 -3.38 33.43 57.73
CA LEU B 962 -2.96 33.53 56.34
C LEU B 962 -2.40 32.23 55.80
N ILE B 963 -1.93 31.34 56.67
CA ILE B 963 -1.52 30.03 56.22
C ILE B 963 -2.74 29.19 55.87
N TYR B 964 -3.80 29.27 56.67
CA TYR B 964 -5.04 28.58 56.35
C TYR B 964 -5.57 28.99 54.99
N CYS B 965 -5.61 30.29 54.74
CA CYS B 965 -6.21 30.82 53.52
C CYS B 965 -5.39 30.43 52.29
N LEU B 966 -4.14 30.04 52.47
CA LEU B 966 -3.33 29.47 51.41
C LEU B 966 -3.34 27.96 51.43
N ASN B 967 -3.32 27.37 52.63
CA ASN B 967 -3.57 25.95 52.83
C ASN B 967 -4.78 25.45 52.05
N ILE B 968 -5.86 26.22 52.01
CA ILE B 968 -7.10 25.76 51.40
C ILE B 968 -6.94 25.50 49.90
N ILE B 969 -5.96 26.12 49.25
CA ILE B 969 -5.72 25.89 47.83
C ILE B 969 -5.32 24.45 47.59
N PHE B 970 -4.55 23.87 48.50
CA PHE B 970 -4.19 22.46 48.41
C PHE B 970 -5.42 21.58 48.37
N TRP B 971 -6.46 21.96 49.09
CA TRP B 971 -7.62 21.12 49.29
C TRP B 971 -8.63 21.27 48.16
N TYR B 972 -8.69 22.42 47.48
CA TYR B 972 -9.43 22.51 46.24
C TYR B 972 -8.79 21.67 45.14
N VAL B 973 -7.46 21.69 45.07
CA VAL B 973 -6.75 21.02 44.00
C VAL B 973 -6.77 19.50 44.18
N ARG B 974 -6.87 19.01 45.40
CA ARG B 974 -7.10 17.59 45.66
C ARG B 974 -8.39 17.07 45.05
N LEU B 975 -9.34 17.94 44.72
CA LEU B 975 -10.57 17.50 44.06
C LEU B 975 -10.34 17.05 42.63
N LEU B 976 -9.26 17.51 41.99
CA LEU B 976 -8.93 17.01 40.67
C LEU B 976 -8.60 15.53 40.71
N ASP B 977 -8.23 14.99 41.86
CA ASP B 977 -7.96 13.57 41.99
C ASP B 977 -9.25 12.77 42.04
N PHE B 978 -10.29 13.31 42.66
CA PHE B 978 -11.61 12.70 42.60
C PHE B 978 -12.16 12.73 41.19
N LEU B 979 -11.95 13.83 40.47
CA LEU B 979 -12.46 13.96 39.12
C LEU B 979 -11.73 13.07 38.13
N ALA B 980 -10.45 12.84 38.37
CA ALA B 980 -9.63 11.98 37.53
C ALA B 980 -10.10 10.53 37.52
N VAL B 981 -11.02 10.18 38.40
CA VAL B 981 -11.69 8.90 38.43
C VAL B 981 -12.64 8.73 37.26
N ASN B 982 -13.19 9.81 36.73
CA ASN B 982 -14.13 9.74 35.63
C ASN B 982 -13.40 9.65 34.30
N GLN B 983 -13.96 8.82 33.42
CA GLN B 983 -13.37 8.53 32.12
C GLN B 983 -13.28 9.77 31.26
N GLN B 984 -14.17 10.73 31.47
CA GLN B 984 -14.26 11.90 30.63
C GLN B 984 -13.45 13.07 31.17
N ALA B 985 -13.45 13.26 32.48
CA ALA B 985 -12.70 14.34 33.12
C ALA B 985 -11.21 14.06 33.27
N GLY B 986 -10.84 12.82 33.57
CA GLY B 986 -9.46 12.48 33.84
C GLY B 986 -8.42 12.81 32.81
N PRO B 987 -8.73 12.66 31.53
CA PRO B 987 -7.80 13.11 30.50
C PRO B 987 -7.45 14.60 30.58
N TYR B 988 -8.35 15.42 31.12
CA TYR B 988 -8.11 16.85 31.18
C TYR B 988 -7.27 17.22 32.39
N VAL B 989 -7.27 16.38 33.42
CA VAL B 989 -6.39 16.55 34.56
C VAL B 989 -4.97 16.10 34.21
N MET B 990 -4.85 15.08 33.36
CA MET B 990 -3.55 14.64 32.88
C MET B 990 -2.86 15.71 32.04
N MET B 991 -3.60 16.33 31.13
CA MET B 991 -3.13 17.47 30.34
C MET B 991 -2.51 18.55 31.20
N ILE B 992 -3.28 19.05 32.16
CA ILE B 992 -2.88 20.18 32.98
C ILE B 992 -1.53 19.93 33.63
N GLY B 993 -1.31 18.71 34.11
CA GLY B 993 -0.03 18.37 34.69
C GLY B 993 1.10 18.34 33.69
N LYS B 994 0.87 17.71 32.53
CA LYS B 994 1.87 17.72 31.48
C LYS B 994 2.12 19.11 30.91
N MET B 995 1.08 19.93 30.78
CA MET B 995 1.27 21.32 30.40
C MET B 995 2.17 22.04 31.37
N VAL B 996 1.89 21.96 32.66
CA VAL B 996 2.64 22.70 33.67
C VAL B 996 4.05 22.15 33.84
N ALA B 997 4.21 20.84 33.79
CA ALA B 997 5.50 20.23 33.98
C ALA B 997 6.51 20.55 32.89
N ASN B 998 6.06 20.72 31.66
CA ASN B 998 6.92 20.75 30.49
C ASN B 998 6.93 22.08 29.76
N MET B 999 6.32 23.11 30.33
CA MET B 999 6.34 24.45 29.77
C MET B 999 7.46 25.31 30.34
N PHE B 1000 8.41 24.70 31.06
CA PHE B 1000 9.44 25.45 31.78
C PHE B 1000 10.24 26.37 30.88
N TYR B 1001 10.68 25.88 29.73
CA TYR B 1001 11.62 26.66 28.93
C TYR B 1001 10.96 27.79 28.15
N ILE B 1002 9.70 27.64 27.75
CA ILE B 1002 8.98 28.74 27.13
C ILE B 1002 8.79 29.88 28.13
N VAL B 1003 8.51 29.54 29.39
CA VAL B 1003 8.28 30.54 30.42
C VAL B 1003 9.56 31.24 30.86
N VAL B 1004 10.73 30.62 30.68
CA VAL B 1004 12.00 31.29 30.92
C VAL B 1004 12.26 32.33 29.84
N ILE B 1005 11.94 32.00 28.60
CA ILE B 1005 12.04 32.97 27.51
C ILE B 1005 11.07 34.11 27.75
N MET B 1006 9.84 33.80 28.13
CA MET B 1006 8.85 34.82 28.45
C MET B 1006 9.31 35.75 29.58
N ALA B 1007 9.98 35.21 30.60
CA ALA B 1007 10.50 36.02 31.68
C ALA B 1007 11.70 36.85 31.28
N LEU B 1008 12.44 36.41 30.28
CA LEU B 1008 13.55 37.15 29.70
C LEU B 1008 13.08 38.32 28.86
N VAL B 1009 12.11 38.07 27.96
CA VAL B 1009 11.46 39.11 27.18
C VAL B 1009 10.86 40.15 28.09
N LEU B 1010 10.30 39.72 29.21
CA LEU B 1010 9.73 40.59 30.21
C LEU B 1010 10.76 41.55 30.79
N LEU B 1011 11.91 41.04 31.21
CA LEU B 1011 12.95 41.90 31.77
C LEU B 1011 13.67 42.71 30.71
N SER B 1012 13.83 42.17 29.50
CA SER B 1012 14.24 42.96 28.35
C SER B 1012 13.44 44.26 28.21
N PHE B 1013 12.15 44.24 28.53
CA PHE B 1013 11.30 45.41 28.51
C PHE B 1013 11.20 46.13 29.84
N GLY B 1014 11.06 45.39 30.95
CA GLY B 1014 10.77 46.00 32.22
C GLY B 1014 11.91 46.82 32.79
N VAL B 1015 13.13 46.45 32.47
CA VAL B 1015 14.31 47.12 33.02
C VAL B 1015 14.58 48.41 32.27
N PRO B 1016 14.58 48.43 30.93
CA PRO B 1016 14.69 49.71 30.23
C PRO B 1016 13.58 50.71 30.49
N ARG B 1017 12.35 50.24 30.67
CA ARG B 1017 11.26 51.14 30.97
C ARG B 1017 11.45 51.83 32.32
N LYS B 1018 11.75 51.04 33.35
CA LYS B 1018 11.89 51.59 34.69
C LYS B 1018 13.11 52.51 34.77
N ALA B 1019 14.11 52.25 33.95
CA ALA B 1019 15.33 53.01 33.94
C ALA B 1019 15.16 54.33 33.19
N ILE B 1020 14.42 54.31 32.10
CA ILE B 1020 14.10 55.52 31.35
C ILE B 1020 13.13 56.42 32.12
N LEU B 1021 12.13 55.84 32.77
CA LEU B 1021 11.07 56.61 33.38
C LEU B 1021 11.36 57.05 34.80
N TYR B 1022 12.20 56.32 35.53
CA TYR B 1022 12.50 56.59 36.93
C TYR B 1022 14.01 56.64 37.07
N PRO B 1023 14.63 57.79 36.77
CA PRO B 1023 16.08 57.85 36.70
C PRO B 1023 16.79 58.33 37.95
N HIS B 1024 16.08 58.56 39.06
CA HIS B 1024 16.64 59.13 40.27
C HIS B 1024 16.40 58.20 41.44
N GLU B 1025 16.46 56.90 41.17
CA GLU B 1025 16.06 55.89 42.15
C GLU B 1025 17.27 55.38 42.91
N GLU B 1026 17.24 55.52 44.22
CA GLU B 1026 18.15 54.79 45.07
C GLU B 1026 17.79 53.32 45.02
N PRO B 1027 18.69 52.45 45.47
CA PRO B 1027 18.33 51.03 45.59
C PRO B 1027 17.13 50.83 46.51
N SER B 1028 16.25 49.92 46.12
CA SER B 1028 15.01 49.70 46.84
C SER B 1028 14.41 48.39 46.39
N TRP B 1029 13.60 47.79 47.27
CA TRP B 1029 12.90 46.58 46.92
C TRP B 1029 11.82 46.81 45.87
N SER B 1030 11.35 48.04 45.75
CA SER B 1030 10.36 48.37 44.74
C SER B 1030 10.90 48.15 43.34
N LEU B 1031 12.21 48.32 43.15
CA LEU B 1031 12.81 48.12 41.85
C LEU B 1031 12.64 46.69 41.36
N ALA B 1032 12.46 45.74 42.26
CA ALA B 1032 12.27 44.35 41.88
C ALA B 1032 10.83 44.08 41.50
N LYS B 1033 9.91 44.82 42.08
CA LYS B 1033 8.49 44.72 41.78
C LYS B 1033 8.15 45.42 40.46
N ASP B 1034 8.74 46.57 40.23
CA ASP B 1034 8.38 47.45 39.14
C ASP B 1034 8.99 47.04 37.82
N ILE B 1035 9.91 46.08 37.81
CA ILE B 1035 10.43 45.48 36.60
C ILE B 1035 9.69 44.24 36.19
N VAL B 1036 8.73 43.77 37.00
CA VAL B 1036 7.95 42.59 36.69
C VAL B 1036 6.45 42.88 36.63
N PHE B 1037 6.01 43.85 37.41
CA PHE B 1037 4.58 44.01 37.65
C PHE B 1037 3.82 44.37 36.38
N HIS B 1038 4.01 45.57 35.85
CA HIS B 1038 3.25 45.95 34.66
C HIS B 1038 3.58 45.10 33.44
N PRO B 1039 4.82 44.70 33.20
CA PRO B 1039 5.09 43.81 32.07
C PRO B 1039 4.39 42.48 32.13
N TYR B 1040 3.97 42.03 33.31
CA TYR B 1040 3.30 40.75 33.45
C TYR B 1040 1.82 40.86 33.12
N TRP B 1041 1.21 41.98 33.45
CA TRP B 1041 -0.21 42.19 33.23
C TRP B 1041 -0.52 42.55 31.78
N MET B 1042 0.47 43.07 31.05
CA MET B 1042 0.49 43.13 29.60
C MET B 1042 0.32 41.80 28.90
N ILE B 1043 0.90 40.73 29.43
CA ILE B 1043 0.73 39.39 28.89
C ILE B 1043 -0.74 39.04 28.77
N PHE B 1044 -1.56 39.57 29.65
CA PHE B 1044 -2.98 39.30 29.70
C PHE B 1044 -3.80 40.42 29.09
N GLY B 1045 -3.16 41.25 28.29
CA GLY B 1045 -3.81 42.23 27.46
C GLY B 1045 -4.11 43.56 28.11
N GLU B 1046 -3.54 43.84 29.27
CA GLU B 1046 -3.62 45.16 29.88
C GLU B 1046 -2.46 46.02 29.42
N VAL B 1047 -2.74 46.99 28.55
CA VAL B 1047 -1.72 47.80 27.92
C VAL B 1047 -1.42 49.08 28.68
N TYR B 1048 -2.20 49.37 29.72
CA TYR B 1048 -2.05 50.56 30.55
C TYR B 1048 -2.05 51.81 29.68
N ALA B 1049 -3.20 52.04 29.05
CA ALA B 1049 -3.28 52.86 27.86
C ALA B 1049 -2.94 54.31 28.15
N TYR B 1050 -3.29 54.80 29.32
CA TYR B 1050 -3.08 56.19 29.68
C TYR B 1050 -1.78 56.39 30.45
N GLU B 1051 -0.86 55.43 30.38
CA GLU B 1051 0.43 55.50 31.02
C GLU B 1051 1.59 55.32 30.05
N ILE B 1052 1.31 55.01 28.78
CA ILE B 1052 2.35 54.69 27.81
C ILE B 1052 3.14 55.94 27.45
N ASP B 1053 2.46 56.95 26.91
CA ASP B 1053 3.04 58.26 26.68
C ASP B 1053 2.73 59.11 27.89
N VAL B 1054 3.77 59.40 28.68
CA VAL B 1054 3.61 60.10 29.93
C VAL B 1054 3.66 61.61 29.76
N CYS B 1055 3.95 62.10 28.56
CA CYS B 1055 3.93 63.51 28.26
C CYS B 1055 2.70 63.90 27.46
N ALA B 1056 1.80 62.97 27.22
CA ALA B 1056 0.54 63.24 26.57
C ALA B 1056 -0.42 63.94 27.52
N ASN B 1057 -1.38 64.66 26.94
CA ASN B 1057 -2.30 65.45 27.75
C ASN B 1057 -3.23 64.58 28.58
N ASP B 1058 -3.62 63.41 28.06
CA ASP B 1058 -4.49 62.49 28.77
C ASP B 1058 -3.72 61.51 29.63
N SER B 1059 -2.49 61.87 30.01
CA SER B 1059 -1.66 61.00 30.81
C SER B 1059 -2.14 60.96 32.26
N THR B 1060 -2.06 59.78 32.85
CA THR B 1060 -2.21 59.58 34.27
C THR B 1060 -0.90 59.67 35.02
N LEU B 1061 0.22 59.79 34.30
CA LEU B 1061 1.54 59.92 34.90
C LEU B 1061 2.26 61.15 34.35
N PRO B 1062 1.69 62.34 34.52
CA PRO B 1062 2.29 63.54 33.93
C PRO B 1062 3.57 63.99 34.59
N THR B 1063 3.95 63.41 35.72
CA THR B 1063 5.09 63.88 36.50
C THR B 1063 6.38 63.15 36.18
N ILE B 1064 6.31 61.97 35.56
CA ILE B 1064 7.52 61.26 35.17
C ILE B 1064 7.86 61.57 33.72
N CYS B 1065 7.27 62.63 33.18
CA CYS B 1065 7.69 63.14 31.90
C CYS B 1065 9.08 63.74 32.03
N GLY B 1066 9.91 63.50 31.03
CA GLY B 1066 11.28 63.90 31.07
C GLY B 1066 12.05 63.36 29.89
N PRO B 1067 13.38 63.46 29.95
CA PRO B 1067 14.20 63.02 28.82
C PRO B 1067 14.17 61.52 28.61
N GLY B 1068 13.96 61.14 27.36
CA GLY B 1068 13.95 59.77 26.94
C GLY B 1068 12.63 59.05 27.05
N THR B 1069 11.65 59.63 27.75
CA THR B 1069 10.41 58.93 28.05
C THR B 1069 9.62 58.59 26.80
N TRP B 1070 9.85 59.33 25.73
CA TRP B 1070 9.27 59.03 24.42
C TRP B 1070 9.74 57.73 23.83
N LEU B 1071 10.75 57.08 24.41
CA LEU B 1071 11.21 55.79 23.95
C LEU B 1071 10.33 54.65 24.40
N THR B 1072 9.61 54.81 25.49
CA THR B 1072 8.82 53.75 26.11
C THR B 1072 7.61 53.29 25.31
N PRO B 1073 6.97 54.11 24.47
CA PRO B 1073 5.98 53.53 23.56
C PRO B 1073 6.55 52.57 22.54
N PHE B 1074 7.63 52.96 21.88
CA PHE B 1074 8.33 52.07 20.97
C PHE B 1074 8.75 50.76 21.63
N LEU B 1075 9.28 50.83 22.84
CA LEU B 1075 9.66 49.64 23.57
C LEU B 1075 8.47 48.72 23.80
N GLN B 1076 7.35 49.27 24.24
CA GLN B 1076 6.19 48.49 24.58
C GLN B 1076 5.50 47.93 23.36
N ALA B 1077 5.53 48.65 22.25
CA ALA B 1077 5.05 48.14 20.99
C ALA B 1077 5.77 46.87 20.56
N VAL B 1078 7.08 46.85 20.72
CA VAL B 1078 7.88 45.67 20.41
C VAL B 1078 7.61 44.57 21.42
N TYR B 1079 7.55 44.93 22.70
CA TYR B 1079 7.31 43.96 23.75
C TYR B 1079 6.04 43.17 23.55
N LEU B 1080 4.92 43.85 23.29
CA LEU B 1080 3.67 43.13 23.21
C LEU B 1080 3.55 42.29 21.97
N PHE B 1081 4.02 42.80 20.85
CA PHE B 1081 4.11 41.96 19.68
C PHE B 1081 4.86 40.67 19.99
N VAL B 1082 6.01 40.76 20.66
CA VAL B 1082 6.78 39.59 20.99
C VAL B 1082 6.08 38.79 22.08
N GLN B 1083 5.68 39.43 23.15
CA GLN B 1083 5.08 38.73 24.28
C GLN B 1083 3.67 38.25 23.95
N TYR B 1084 2.76 39.17 23.63
CA TYR B 1084 1.34 38.85 23.56
C TYR B 1084 1.00 37.98 22.36
N ILE B 1085 1.68 38.20 21.23
CA ILE B 1085 1.38 37.49 20.00
C ILE B 1085 2.31 36.30 19.80
N ILE B 1086 3.62 36.50 19.84
CA ILE B 1086 4.54 35.41 19.53
C ILE B 1086 4.59 34.42 20.68
N MET B 1087 4.90 34.88 21.88
CA MET B 1087 5.26 33.99 22.96
C MET B 1087 4.07 33.31 23.61
N VAL B 1088 2.94 34.00 23.70
CA VAL B 1088 1.76 33.38 24.29
C VAL B 1088 1.18 32.33 23.37
N ASN B 1089 1.24 32.54 22.06
CA ASN B 1089 0.70 31.59 21.12
C ASN B 1089 1.65 30.48 20.77
N LEU B 1090 2.93 30.66 21.06
CA LEU B 1090 3.91 29.59 21.04
C LEU B 1090 3.69 28.63 22.19
N LEU B 1091 3.42 29.17 23.36
CA LEU B 1091 2.99 28.38 24.51
C LEU B 1091 1.66 27.67 24.26
N ILE B 1092 0.71 28.35 23.63
CA ILE B 1092 -0.55 27.72 23.27
C ILE B 1092 -0.35 26.62 22.26
N ALA B 1093 0.50 26.85 21.26
CA ALA B 1093 0.84 25.82 20.31
C ALA B 1093 1.46 24.60 20.97
N PHE B 1094 2.30 24.81 21.98
CA PHE B 1094 2.79 23.71 22.79
C PHE B 1094 1.65 22.97 23.49
N PHE B 1095 0.80 23.71 24.20
CA PHE B 1095 -0.35 23.13 24.87
C PHE B 1095 -1.28 22.41 23.91
N ASN B 1096 -1.44 22.89 22.69
CA ASN B 1096 -2.27 22.21 21.72
C ASN B 1096 -1.74 20.83 21.37
N GLN B 1097 -0.44 20.65 21.44
CA GLN B 1097 0.18 19.37 21.11
C GLN B 1097 0.16 18.42 22.29
N VAL B 1098 0.29 18.95 23.50
CA VAL B 1098 0.03 18.18 24.70
C VAL B 1098 -1.38 17.60 24.67
N TYR B 1099 -2.37 18.44 24.38
CA TYR B 1099 -3.74 17.98 24.25
C TYR B 1099 -3.85 16.78 23.33
N LEU B 1100 -3.29 16.89 22.13
CA LEU B 1100 -3.43 15.83 21.15
C LEU B 1100 -2.67 14.58 21.55
N GLN B 1101 -1.57 14.74 22.28
CA GLN B 1101 -0.80 13.61 22.76
C GLN B 1101 -1.53 12.85 23.85
N VAL B 1102 -2.08 13.56 24.82
CA VAL B 1102 -2.79 12.93 25.91
C VAL B 1102 -4.03 12.21 25.41
N LYS B 1103 -4.84 12.86 24.58
CA LYS B 1103 -6.04 12.24 24.04
C LYS B 1103 -5.75 10.95 23.28
N ALA B 1104 -4.58 10.84 22.67
CA ALA B 1104 -4.21 9.63 21.97
C ALA B 1104 -3.92 8.47 22.92
N ILE B 1105 -3.51 8.76 24.15
CA ILE B 1105 -3.16 7.76 25.14
C ILE B 1105 -4.06 7.78 26.36
N SER B 1106 -5.05 8.67 26.42
CA SER B 1106 -5.72 8.97 27.67
C SER B 1106 -6.54 7.78 28.17
N ASN B 1107 -7.10 7.00 27.26
CA ASN B 1107 -8.03 5.96 27.68
C ASN B 1107 -7.30 4.75 28.24
N ILE B 1108 -6.15 4.41 27.67
CA ILE B 1108 -5.36 3.31 28.22
C ILE B 1108 -4.83 3.67 29.60
N VAL B 1109 -4.33 4.88 29.77
CA VAL B 1109 -3.80 5.28 31.06
C VAL B 1109 -4.90 5.37 32.10
N TRP B 1110 -6.09 5.83 31.72
CA TRP B 1110 -7.20 5.86 32.66
C TRP B 1110 -7.56 4.46 33.13
N LYS B 1111 -7.63 3.53 32.18
CA LYS B 1111 -7.94 2.14 32.49
C LYS B 1111 -6.89 1.48 33.37
N TYR B 1112 -5.63 1.82 33.18
CA TYR B 1112 -4.58 1.27 34.02
C TYR B 1112 -4.64 1.83 35.43
N GLN B 1113 -5.05 3.07 35.59
CA GLN B 1113 -5.09 3.70 36.89
C GLN B 1113 -6.33 3.34 37.70
N ARG B 1114 -7.33 2.73 37.08
CA ARG B 1114 -8.46 2.20 37.82
C ARG B 1114 -8.05 1.15 38.82
N TYR B 1115 -7.00 0.40 38.54
CA TYR B 1115 -6.57 -0.66 39.43
C TYR B 1115 -6.16 -0.13 40.78
N HIS B 1116 -5.19 0.77 40.81
CA HIS B 1116 -4.70 1.30 42.07
C HIS B 1116 -5.77 2.07 42.77
N PHE B 1117 -6.62 2.72 42.00
CA PHE B 1117 -7.78 3.40 42.54
C PHE B 1117 -8.73 2.44 43.24
N ILE B 1118 -9.20 1.44 42.52
CA ILE B 1118 -10.19 0.51 43.06
C ILE B 1118 -9.61 -0.30 44.22
N MET B 1119 -8.35 -0.71 44.11
CA MET B 1119 -7.73 -1.45 45.20
C MET B 1119 -7.52 -0.59 46.43
N ALA B 1120 -7.31 0.71 46.25
CA ALA B 1120 -7.28 1.62 47.38
C ALA B 1120 -8.59 1.57 48.15
N TYR B 1121 -9.71 1.80 47.46
CA TYR B 1121 -11.02 1.75 48.06
C TYR B 1121 -11.54 0.34 48.29
N HIS B 1122 -10.70 -0.68 48.16
CA HIS B 1122 -10.98 -1.99 48.71
C HIS B 1122 -10.32 -2.19 50.07
N GLU B 1123 -9.36 -1.35 50.43
CA GLU B 1123 -8.60 -1.46 51.66
C GLU B 1123 -8.93 -0.38 52.67
N LYS B 1124 -9.56 0.71 52.25
CA LYS B 1124 -9.84 1.78 53.18
C LYS B 1124 -10.85 1.34 54.22
N PRO B 1125 -10.93 2.04 55.34
CA PRO B 1125 -12.05 1.83 56.26
C PRO B 1125 -13.36 2.26 55.66
N VAL B 1126 -14.44 1.79 56.29
CA VAL B 1126 -15.79 2.12 55.85
C VAL B 1126 -16.29 3.44 56.39
N LEU B 1127 -15.59 4.03 57.35
CA LEU B 1127 -15.92 5.34 57.89
C LEU B 1127 -15.01 6.41 57.29
N PRO B 1128 -15.51 7.61 56.99
CA PRO B 1128 -14.67 8.63 56.39
C PRO B 1128 -13.93 9.45 57.43
N PRO B 1129 -13.03 10.34 57.00
CA PRO B 1129 -11.92 10.80 57.85
C PRO B 1129 -12.30 11.49 59.16
N PRO B 1130 -13.49 12.07 59.34
CA PRO B 1130 -13.80 12.48 60.72
C PRO B 1130 -14.16 11.32 61.61
N LEU B 1131 -14.99 10.40 61.12
CA LEU B 1131 -15.43 9.26 61.90
C LEU B 1131 -14.50 8.06 61.80
N ILE B 1132 -13.56 8.08 60.87
CA ILE B 1132 -12.61 7.00 60.62
C ILE B 1132 -11.84 6.59 61.85
N ILE B 1133 -11.70 7.49 62.82
CA ILE B 1133 -10.89 7.22 63.99
C ILE B 1133 -11.43 6.03 64.76
N LEU B 1134 -12.75 5.85 64.75
CA LEU B 1134 -13.35 4.67 65.37
C LEU B 1134 -12.94 3.41 64.63
N SER B 1135 -12.84 3.50 63.31
CA SER B 1135 -12.40 2.35 62.52
C SER B 1135 -10.93 2.03 62.78
N HIS B 1136 -10.10 3.06 62.96
CA HIS B 1136 -8.71 2.81 63.35
C HIS B 1136 -8.63 2.17 64.72
N ILE B 1137 -9.33 2.75 65.70
CA ILE B 1137 -9.34 2.25 67.08
C ILE B 1137 -9.73 0.78 67.10
N VAL B 1138 -10.86 0.45 66.47
CA VAL B 1138 -11.33 -0.92 66.44
C VAL B 1138 -10.38 -1.82 65.67
N SER B 1139 -9.76 -1.30 64.61
CA SER B 1139 -8.80 -2.05 63.83
C SER B 1139 -7.39 -2.00 64.40
N LEU B 1140 -7.22 -1.48 65.62
CA LEU B 1140 -5.93 -1.45 66.29
C LEU B 1140 -5.97 -2.37 67.50
N PHE B 1141 -6.92 -2.10 68.40
CA PHE B 1141 -7.09 -2.95 69.58
C PHE B 1141 -7.47 -4.37 69.23
N CYS B 1142 -7.94 -4.61 68.00
CA CYS B 1142 -8.07 -5.96 67.47
C CYS B 1142 -6.69 -6.59 67.35
N CYS B 1143 -5.80 -5.95 66.59
CA CYS B 1143 -4.47 -6.50 66.36
C CYS B 1143 -3.66 -6.60 67.65
N VAL B 1144 -3.73 -5.55 68.48
CA VAL B 1144 -3.04 -5.52 69.76
C VAL B 1144 -3.50 -6.69 70.62
N CYS B 1145 -4.79 -7.01 70.57
CA CYS B 1145 -5.33 -8.13 71.33
C CYS B 1145 -5.14 -9.45 70.58
N LYS B 1146 -5.69 -9.54 69.36
CA LYS B 1146 -5.53 -10.71 68.52
C LYS B 1146 -4.05 -10.99 68.26
N GLY B 1156 -4.99 -9.31 50.39
CA GLY B 1156 -6.18 -9.21 51.21
C GLY B 1156 -7.38 -9.90 50.59
N PRO B 1157 -7.74 -9.51 49.38
CA PRO B 1157 -8.79 -10.23 48.65
C PRO B 1157 -8.25 -11.42 47.90
N LYS B 1158 -8.92 -12.55 48.09
CA LYS B 1158 -8.53 -13.82 47.49
C LYS B 1158 -9.72 -14.40 46.76
N LEU B 1159 -9.46 -14.99 45.59
CA LEU B 1159 -10.49 -15.76 44.89
C LEU B 1159 -10.57 -17.11 45.57
N PHE B 1160 -11.64 -17.33 46.32
CA PHE B 1160 -11.90 -18.62 46.95
C PHE B 1160 -12.65 -19.50 45.95
N LEU B 1161 -11.98 -20.55 45.49
CA LEU B 1161 -12.58 -21.55 44.60
C LEU B 1161 -12.56 -22.90 45.29
N THR B 1162 -13.70 -23.55 45.35
CA THR B 1162 -13.76 -24.92 45.81
C THR B 1162 -13.01 -25.82 44.82
N GLU B 1163 -12.52 -26.95 45.32
CA GLU B 1163 -11.67 -27.84 44.52
C GLU B 1163 -12.37 -28.30 43.25
N GLU B 1164 -13.69 -28.47 43.32
CA GLU B 1164 -14.48 -28.82 42.14
C GLU B 1164 -14.41 -27.72 41.08
N ASP B 1165 -14.33 -26.46 41.51
CA ASP B 1165 -14.22 -25.35 40.57
C ASP B 1165 -12.77 -25.04 40.24
N GLN B 1166 -11.90 -25.08 41.26
CA GLN B 1166 -10.46 -24.89 41.10
C GLN B 1166 -9.93 -25.85 40.04
N LYS B 1167 -10.50 -27.05 40.00
CA LYS B 1167 -10.12 -28.03 39.00
C LYS B 1167 -10.51 -27.57 37.60
N LYS B 1168 -11.77 -27.17 37.41
CA LYS B 1168 -12.26 -26.83 36.08
C LYS B 1168 -11.58 -25.57 35.54
N LEU B 1169 -11.11 -24.71 36.43
CA LEU B 1169 -10.36 -23.53 35.98
C LEU B 1169 -9.09 -23.96 35.25
N HIS B 1170 -8.29 -24.81 35.89
CA HIS B 1170 -7.13 -25.41 35.26
C HIS B 1170 -7.48 -26.08 33.94
N ASP B 1171 -8.67 -26.67 33.87
CA ASP B 1171 -9.15 -27.20 32.60
C ASP B 1171 -9.43 -26.07 31.62
N PHE B 1172 -9.97 -24.96 32.11
CA PHE B 1172 -10.22 -23.82 31.23
C PHE B 1172 -8.91 -23.15 30.83
N GLU B 1173 -7.90 -23.21 31.71
CA GLU B 1173 -6.56 -22.77 31.35
C GLU B 1173 -6.09 -23.52 30.12
N GLU B 1174 -5.87 -24.82 30.30
CA GLU B 1174 -5.18 -25.62 29.29
C GLU B 1174 -5.91 -25.56 27.95
N GLN B 1175 -7.24 -25.66 27.96
CA GLN B 1175 -8.02 -25.57 26.74
C GLN B 1175 -7.76 -24.27 26.00
N CYS B 1176 -7.66 -23.17 26.74
CA CYS B 1176 -7.41 -21.88 26.11
C CYS B 1176 -5.92 -21.66 25.89
N VAL B 1177 -5.10 -22.26 26.73
CA VAL B 1177 -3.66 -22.29 26.50
C VAL B 1177 -3.44 -22.99 25.16
N GLU B 1178 -4.06 -24.16 24.98
CA GLU B 1178 -3.96 -24.88 23.72
C GLU B 1178 -4.41 -24.10 22.51
N MET B 1179 -5.69 -23.74 22.48
CA MET B 1179 -6.30 -23.15 21.28
C MET B 1179 -5.53 -21.94 20.78
N TYR B 1180 -4.84 -21.24 21.68
CA TYR B 1180 -4.02 -20.12 21.26
C TYR B 1180 -2.87 -20.56 20.36
N PHE B 1181 -2.09 -21.55 20.79
CA PHE B 1181 -0.88 -21.92 20.07
C PHE B 1181 -1.19 -22.39 18.65
N ASP B 1182 -2.21 -23.24 18.52
CA ASP B 1182 -2.64 -23.75 17.23
C ASP B 1182 -3.00 -22.60 16.28
N GLU B 1183 -3.70 -21.59 16.79
CA GLU B 1183 -4.19 -20.49 16.00
C GLU B 1183 -3.08 -19.71 15.31
N LYS B 1184 -2.10 -19.26 16.09
CA LYS B 1184 -1.03 -18.38 15.63
C LYS B 1184 -0.35 -18.93 14.38
N ASP B 1185 0.02 -20.21 14.42
CA ASP B 1185 0.63 -20.87 13.28
C ASP B 1185 -0.28 -20.81 12.07
N ASP B 1186 -1.57 -21.08 12.27
CA ASP B 1186 -2.51 -21.26 11.16
C ASP B 1186 -2.70 -19.96 10.38
N LYS B 1187 -2.87 -18.85 11.09
CA LYS B 1187 -2.93 -17.55 10.42
C LYS B 1187 -1.58 -17.22 9.78
N PHE B 1188 -0.50 -17.52 10.50
CA PHE B 1188 0.84 -17.14 10.07
C PHE B 1188 1.21 -17.88 8.79
N ASN B 1189 0.74 -19.10 8.60
CA ASN B 1189 0.97 -19.87 7.38
C ASN B 1189 0.43 -19.11 6.16
N SER B 1190 -0.81 -18.65 6.26
CA SER B 1190 -1.49 -17.98 5.15
C SER B 1190 -0.73 -16.76 4.67
N GLY B 1191 -0.63 -15.73 5.50
CA GLY B 1191 0.14 -14.54 5.14
C GLY B 1191 -0.46 -13.79 3.95
N SER B 1192 0.18 -12.67 3.61
CA SER B 1192 -0.22 -11.88 2.45
C SER B 1192 0.89 -11.80 1.40
N GLU B 1193 2.06 -11.28 1.78
CA GLU B 1193 3.20 -11.25 0.86
C GLU B 1193 4.09 -12.47 1.07
N GLU B 1194 4.03 -13.09 2.26
CA GLU B 1194 4.61 -14.40 2.50
C GLU B 1194 4.23 -15.32 1.36
N ARG B 1195 2.93 -15.44 1.12
CA ARG B 1195 2.40 -16.25 0.02
C ARG B 1195 3.04 -15.89 -1.31
N ILE B 1196 3.30 -14.60 -1.55
CA ILE B 1196 3.88 -14.19 -2.84
C ILE B 1196 5.34 -14.60 -2.91
N ARG B 1197 6.05 -14.55 -1.78
CA ARG B 1197 7.45 -15.00 -1.77
C ARG B 1197 7.56 -16.50 -1.52
N VAL B 1198 6.48 -17.16 -1.10
CA VAL B 1198 6.42 -18.62 -1.21
C VAL B 1198 6.19 -19.02 -2.65
N THR B 1199 5.44 -18.21 -3.41
CA THR B 1199 5.33 -18.45 -4.85
C THR B 1199 6.69 -18.37 -5.51
N PHE B 1200 7.40 -17.25 -5.29
CA PHE B 1200 8.70 -17.05 -5.92
C PHE B 1200 9.67 -18.18 -5.60
N GLU B 1201 9.63 -18.69 -4.37
CA GLU B 1201 10.37 -19.90 -4.06
C GLU B 1201 9.96 -21.03 -4.98
N ARG B 1202 8.67 -21.13 -5.29
CA ARG B 1202 8.18 -22.18 -6.18
C ARG B 1202 8.44 -21.86 -7.65
N VAL B 1203 8.77 -20.62 -7.98
CA VAL B 1203 9.05 -20.27 -9.37
C VAL B 1203 10.35 -20.92 -9.83
N GLU B 1204 11.24 -21.32 -8.90
CA GLU B 1204 12.47 -21.98 -9.30
C GLU B 1204 12.27 -23.44 -9.66
N GLN B 1205 11.67 -24.24 -8.76
CA GLN B 1205 11.52 -25.68 -9.00
C GLN B 1205 10.77 -25.92 -10.31
N MET B 1206 9.80 -25.06 -10.61
CA MET B 1206 9.18 -25.06 -11.92
C MET B 1206 10.23 -24.80 -13.01
N SER B 1207 10.93 -23.67 -12.92
CA SER B 1207 11.88 -23.30 -13.96
C SER B 1207 13.00 -24.34 -14.11
N ILE B 1208 13.50 -24.87 -12.99
CA ILE B 1208 14.47 -25.96 -13.03
C ILE B 1208 13.86 -27.17 -13.74
N GLN B 1209 12.62 -27.49 -13.39
CA GLN B 1209 12.04 -28.76 -13.79
C GLN B 1209 11.36 -28.65 -15.14
N ILE B 1210 10.91 -27.45 -15.49
CA ILE B 1210 10.53 -27.11 -16.85
C ILE B 1210 11.77 -27.13 -17.73
N LYS B 1211 12.95 -27.00 -17.11
CA LYS B 1211 14.21 -27.27 -17.80
C LYS B 1211 14.64 -28.73 -17.63
N GLU B 1212 14.23 -29.39 -16.54
CA GLU B 1212 14.45 -30.83 -16.47
C GLU B 1212 13.72 -31.47 -17.65
N VAL B 1213 12.38 -31.41 -17.65
CA VAL B 1213 11.57 -31.98 -18.73
C VAL B 1213 12.00 -31.39 -20.07
N GLY B 1214 12.19 -30.07 -20.10
CA GLY B 1214 12.55 -29.43 -21.35
C GLY B 1214 13.93 -29.80 -21.85
N ASP B 1215 14.78 -30.29 -20.95
CA ASP B 1215 16.04 -30.88 -21.41
C ASP B 1215 15.79 -32.24 -22.04
N ARG B 1216 14.88 -33.03 -21.48
CA ARG B 1216 14.65 -34.38 -21.97
C ARG B 1216 13.85 -34.37 -23.27
N VAL B 1217 12.90 -33.44 -23.42
CA VAL B 1217 12.03 -33.43 -24.60
C VAL B 1217 12.85 -33.37 -25.88
N ASN B 1218 14.00 -32.68 -25.84
CA ASN B 1218 14.96 -32.78 -26.92
C ASN B 1218 15.66 -34.14 -26.93
N TYR B 1219 15.88 -34.72 -25.74
CA TYR B 1219 16.39 -36.09 -25.69
C TYR B 1219 15.32 -37.11 -26.13
N ILE B 1220 14.04 -36.78 -25.99
CA ILE B 1220 13.00 -37.70 -26.45
C ILE B 1220 12.99 -37.73 -27.96
N LYS B 1221 12.89 -36.55 -28.59
CA LYS B 1221 12.65 -36.49 -30.02
C LYS B 1221 13.83 -37.01 -30.82
N ARG B 1222 15.05 -36.84 -30.30
CA ARG B 1222 16.21 -37.40 -30.98
C ARG B 1222 16.11 -38.91 -31.01
N SER B 1223 15.56 -39.49 -29.95
CA SER B 1223 15.34 -40.94 -29.89
C SER B 1223 14.45 -41.40 -31.04
N LEU B 1224 13.25 -40.82 -31.14
CA LEU B 1224 12.19 -41.29 -32.02
C LEU B 1224 12.68 -41.45 -33.46
N GLN B 1225 13.39 -40.45 -33.98
CA GLN B 1225 13.94 -40.56 -35.32
C GLN B 1225 15.14 -41.50 -35.35
N SER B 1226 15.87 -41.63 -34.22
CA SER B 1226 16.96 -42.59 -34.16
C SER B 1226 16.44 -44.02 -34.11
N LEU B 1227 15.25 -44.23 -33.52
CA LEU B 1227 14.59 -45.53 -33.59
C LEU B 1227 14.05 -45.81 -34.98
N ASP B 1228 13.74 -44.76 -35.75
CA ASP B 1228 13.34 -44.88 -37.14
C ASP B 1228 14.46 -44.48 -38.09
N SER B 1229 15.71 -44.70 -37.67
CA SER B 1229 16.88 -44.36 -38.47
C SER B 1229 17.36 -45.57 -39.27
N GLN C 2 -17.99 -41.69 46.44
CA GLN C 2 -16.66 -41.44 45.93
C GLN C 2 -16.66 -40.52 44.71
N LYS C 3 -17.83 -40.27 44.11
CA LYS C 3 -17.98 -39.31 43.02
C LYS C 3 -17.11 -39.71 41.83
N SER C 4 -16.96 -41.02 41.65
CA SER C 4 -16.03 -41.61 40.69
C SER C 4 -16.70 -42.75 39.95
N TRP C 5 -17.85 -42.44 39.30
CA TRP C 5 -18.71 -43.40 38.60
C TRP C 5 -17.95 -44.53 37.89
N ILE C 6 -16.78 -44.20 37.34
CA ILE C 6 -15.84 -45.20 36.86
C ILE C 6 -15.56 -46.18 38.00
N GLU C 7 -15.07 -45.69 39.14
CA GLU C 7 -14.76 -46.59 40.25
C GLU C 7 -15.99 -47.35 40.74
N SER C 8 -17.17 -46.73 40.67
CA SER C 8 -18.34 -47.32 41.30
C SER C 8 -18.94 -48.44 40.46
N THR C 9 -19.40 -48.08 39.27
CA THR C 9 -20.19 -48.99 38.44
C THR C 9 -19.28 -49.87 37.59
N LEU C 10 -18.25 -49.26 37.01
CA LEU C 10 -17.29 -49.98 36.19
C LEU C 10 -16.23 -50.63 37.07
N THR C 11 -15.62 -51.72 36.58
CA THR C 11 -14.69 -52.50 37.40
C THR C 11 -13.61 -53.15 36.56
N LYS C 12 -12.55 -53.59 37.25
CA LYS C 12 -11.36 -54.24 36.70
C LYS C 12 -11.42 -55.75 36.94
N ARG C 13 -10.29 -56.43 36.75
CA ARG C 13 -10.19 -57.88 36.87
C ARG C 13 -8.84 -58.25 37.49
N GLU C 14 -8.86 -59.24 38.39
CA GLU C 14 -7.68 -59.68 39.15
C GLU C 14 -7.51 -61.19 39.01
N CYS C 15 -6.32 -61.64 38.63
CA CYS C 15 -6.04 -63.08 38.66
C CYS C 15 -5.86 -63.50 40.13
N VAL C 16 -6.87 -64.18 40.67
CA VAL C 16 -6.96 -64.51 42.09
C VAL C 16 -6.64 -65.98 42.31
N TYR C 17 -5.86 -66.57 41.41
CA TYR C 17 -5.55 -67.99 41.46
C TYR C 17 -4.31 -68.20 40.60
N ILE C 18 -3.62 -69.31 40.85
CA ILE C 18 -2.27 -69.52 40.34
C ILE C 18 -2.25 -70.89 39.68
N ILE C 19 -1.90 -70.91 38.39
CA ILE C 19 -1.85 -72.14 37.60
C ILE C 19 -0.53 -72.16 36.83
N PRO C 20 0.55 -72.79 37.35
CA PRO C 20 1.85 -72.77 36.66
C PRO C 20 1.82 -73.13 35.18
N SER C 21 2.26 -72.19 34.34
CA SER C 21 2.32 -72.38 32.89
C SER C 21 3.77 -72.51 32.46
N SER C 22 4.02 -73.50 31.60
CA SER C 22 5.36 -73.79 31.10
C SER C 22 6.31 -74.14 32.25
N LYS C 23 5.80 -74.87 33.24
CA LYS C 23 6.58 -75.25 34.42
C LYS C 23 7.59 -76.34 34.05
N ASP C 24 8.75 -75.89 33.56
CA ASP C 24 9.85 -76.74 33.11
C ASP C 24 11.05 -76.57 34.03
N PRO C 25 11.19 -77.38 35.08
CA PRO C 25 12.35 -77.24 35.98
C PRO C 25 13.69 -77.39 35.27
N HIS C 26 14.59 -76.45 35.58
CA HIS C 26 15.83 -76.21 34.85
C HIS C 26 16.82 -75.67 35.89
N ARG C 27 17.68 -74.73 35.47
CA ARG C 27 18.94 -74.35 36.11
C ARG C 27 18.94 -74.23 37.64
N CYS C 28 20.12 -74.16 38.24
CA CYS C 28 20.23 -73.90 39.69
C CYS C 28 19.57 -75.02 40.50
N LEU C 29 20.30 -76.14 40.63
CA LEU C 29 19.88 -77.48 41.06
C LEU C 29 18.70 -77.55 42.02
N PRO C 30 18.68 -76.83 43.16
CA PRO C 30 17.49 -76.94 44.03
C PRO C 30 16.25 -76.37 43.36
N GLY C 31 15.15 -77.12 43.46
CA GLY C 31 13.90 -76.79 42.81
C GLY C 31 13.30 -75.44 43.14
N CYS C 32 13.17 -75.09 44.43
CA CYS C 32 12.37 -73.94 44.84
C CYS C 32 12.81 -72.64 44.17
N GLN C 33 14.13 -72.44 44.06
CA GLN C 33 14.68 -71.19 43.54
C GLN C 33 14.17 -70.94 42.13
N ILE C 34 14.29 -71.94 41.25
CA ILE C 34 13.78 -71.82 39.88
C ILE C 34 12.29 -72.15 39.79
N CYS C 35 11.77 -72.90 40.76
CA CYS C 35 10.32 -72.96 40.92
C CYS C 35 9.77 -71.66 41.52
N GLN C 36 10.65 -70.72 41.89
CA GLN C 36 10.28 -69.38 42.32
C GLN C 36 10.84 -68.31 41.38
N GLN C 37 11.63 -68.70 40.37
CA GLN C 37 12.20 -67.73 39.43
C GLN C 37 11.24 -67.42 38.28
N LEU C 38 10.90 -68.43 37.46
CA LEU C 38 9.99 -68.23 36.32
C LEU C 38 8.95 -69.33 36.31
N VAL C 39 7.85 -69.08 37.04
CA VAL C 39 6.66 -69.90 37.00
C VAL C 39 5.49 -68.99 36.61
N ARG C 40 5.25 -68.83 35.31
CA ARG C 40 4.14 -67.98 34.88
C ARG C 40 2.84 -68.71 35.12
N CYS C 41 1.73 -67.98 34.99
CA CYS C 41 0.40 -68.58 35.02
C CYS C 41 -0.24 -68.49 33.65
N PHE C 42 -1.30 -69.27 33.46
CA PHE C 42 -2.19 -69.14 32.31
C PHE C 42 -3.00 -67.85 32.37
N CYS C 43 -2.92 -67.12 33.49
CA CYS C 43 -3.25 -65.70 33.52
C CYS C 43 -2.21 -64.85 32.80
N GLY C 44 -0.93 -65.25 32.84
CA GLY C 44 0.13 -64.56 32.15
C GLY C 44 1.22 -63.99 33.04
N ARG C 45 1.00 -63.91 34.36
CA ARG C 45 1.97 -63.36 35.29
C ARG C 45 2.59 -64.45 36.15
N LEU C 46 3.59 -64.05 36.91
CA LEU C 46 4.20 -64.88 37.92
C LEU C 46 3.34 -64.93 39.17
N VAL C 47 3.50 -66.01 39.94
CA VAL C 47 2.92 -66.06 41.28
C VAL C 47 3.50 -64.95 42.15
N LYS C 48 4.77 -64.60 41.92
CA LYS C 48 5.40 -63.53 42.69
C LYS C 48 5.05 -62.16 42.14
N GLN C 49 4.63 -62.09 40.87
CA GLN C 49 4.17 -60.82 40.31
C GLN C 49 2.69 -60.58 40.59
N HIS C 50 1.93 -61.59 41.02
CA HIS C 50 0.54 -61.33 41.35
C HIS C 50 0.44 -60.72 42.75
N ALA C 51 0.58 -61.58 43.77
CA ALA C 51 0.60 -61.29 45.20
C ALA C 51 -0.69 -60.68 45.77
N CYS C 52 -1.39 -59.85 44.98
CA CYS C 52 -2.83 -59.60 44.95
C CYS C 52 -3.65 -59.82 46.23
N PHE C 53 -3.04 -59.72 47.42
CA PHE C 53 -3.70 -59.93 48.72
C PHE C 53 -4.25 -61.34 48.98
N THR C 54 -4.32 -62.21 47.95
CA THR C 54 -4.75 -63.60 48.04
C THR C 54 -3.83 -64.52 47.25
N ALA C 55 -3.10 -63.97 46.27
CA ALA C 55 -2.04 -64.68 45.56
C ALA C 55 -0.70 -64.61 46.26
N SER C 56 -0.54 -63.72 47.24
CA SER C 56 0.64 -63.74 48.10
C SER C 56 0.68 -64.98 48.96
N LEU C 57 -0.46 -65.64 49.16
CA LEU C 57 -0.54 -66.84 49.97
C LEU C 57 0.06 -68.05 49.27
N ALA C 58 0.55 -67.90 48.04
CA ALA C 58 1.25 -68.95 47.32
C ALA C 58 2.75 -68.69 47.17
N MET C 59 3.14 -67.42 47.09
CA MET C 59 4.54 -67.04 47.21
C MET C 59 5.18 -67.66 48.44
N LYS C 60 4.46 -67.66 49.56
CA LYS C 60 5.00 -68.15 50.82
C LYS C 60 5.01 -69.67 50.88
N TYR C 61 3.92 -70.33 50.46
CA TYR C 61 3.81 -71.79 50.56
C TYR C 61 4.17 -72.51 49.27
N SER C 62 3.36 -72.30 48.24
CA SER C 62 3.46 -72.93 46.93
C SER C 62 2.26 -72.40 46.16
N ASP C 63 2.29 -72.55 44.83
CA ASP C 63 1.20 -72.13 43.94
C ASP C 63 -0.18 -72.42 44.51
N VAL C 64 -1.14 -71.50 44.34
CA VAL C 64 -2.43 -71.60 45.03
C VAL C 64 -3.10 -72.85 44.50
N LYS C 65 -2.77 -73.97 45.12
CA LYS C 65 -3.23 -75.30 44.81
C LYS C 65 -2.47 -76.25 45.73
N LEU C 66 -2.66 -77.55 45.54
CA LEU C 66 -1.86 -78.58 46.19
C LEU C 66 -0.52 -78.69 45.45
N GLY C 67 0.19 -79.81 45.61
CA GLY C 67 1.49 -79.95 44.98
C GLY C 67 1.29 -80.34 43.53
N GLU C 68 1.55 -81.59 43.16
CA GLU C 68 1.27 -82.09 41.82
C GLU C 68 -0.13 -81.65 41.35
N HIS C 69 -1.17 -81.94 42.14
CA HIS C 69 -2.48 -81.34 41.92
C HIS C 69 -3.03 -81.64 40.54
N PHE C 70 -3.58 -82.84 40.32
CA PHE C 70 -3.78 -83.52 39.04
C PHE C 70 -3.91 -82.61 37.82
N ASN C 71 -3.13 -82.89 36.77
CA ASN C 71 -3.21 -82.11 35.53
C ASN C 71 -4.51 -82.31 34.78
N GLN C 72 -5.36 -83.23 35.23
CA GLN C 72 -6.77 -83.23 34.88
C GLN C 72 -7.50 -82.00 35.42
N ALA C 73 -6.94 -81.32 36.41
CA ALA C 73 -7.55 -80.14 37.03
C ALA C 73 -6.73 -78.86 36.86
N ILE C 74 -5.46 -78.96 36.44
CA ILE C 74 -4.61 -77.77 36.35
C ILE C 74 -5.10 -76.84 35.25
N GLU C 75 -5.46 -77.40 34.09
CA GLU C 75 -5.82 -76.60 32.93
C GLU C 75 -7.01 -75.67 33.18
N GLU C 76 -7.84 -76.02 34.16
CA GLU C 76 -9.13 -75.36 34.34
C GLU C 76 -8.99 -73.98 34.96
N TRP C 77 -8.35 -73.05 34.25
CA TRP C 77 -8.57 -71.63 34.50
C TRP C 77 -9.77 -71.20 33.68
N SER C 78 -10.49 -70.21 34.18
CA SER C 78 -11.22 -69.32 33.31
C SER C 78 -11.45 -68.05 34.09
N VAL C 79 -11.34 -66.90 33.40
CA VAL C 79 -11.65 -65.62 34.00
C VAL C 79 -13.06 -65.62 34.59
N GLU C 80 -13.96 -66.42 34.00
CA GLU C 80 -15.23 -66.72 34.65
C GLU C 80 -15.03 -67.37 36.02
N LYS C 81 -14.06 -68.27 36.15
CA LYS C 81 -13.89 -69.07 37.36
C LYS C 81 -13.04 -68.35 38.41
N HIS C 82 -11.79 -68.06 38.08
CA HIS C 82 -10.86 -67.42 39.00
C HIS C 82 -10.51 -66.03 38.48
N THR C 83 -11.35 -65.05 38.80
CA THR C 83 -10.98 -63.65 38.61
C THR C 83 -11.99 -62.75 39.32
N GLU C 84 -11.51 -61.94 40.27
CA GLU C 84 -12.37 -61.09 41.08
C GLU C 84 -12.22 -59.62 40.69
N GLN C 85 -13.34 -58.90 40.69
CA GLN C 85 -13.47 -57.68 39.88
C GLN C 85 -12.84 -56.44 40.54
N SER C 86 -13.33 -56.01 41.72
CA SER C 86 -12.54 -55.16 42.63
C SER C 86 -12.04 -53.82 42.05
N PRO C 87 -12.81 -52.72 42.16
CA PRO C 87 -12.76 -51.58 41.21
C PRO C 87 -11.42 -51.17 40.62
N THR C 88 -11.51 -50.57 39.42
CA THR C 88 -10.38 -50.05 38.65
C THR C 88 -9.53 -49.11 39.49
N ASP C 89 -8.28 -48.93 39.05
CA ASP C 89 -7.32 -48.02 39.68
C ASP C 89 -6.55 -47.26 38.61
N ALA C 90 -7.17 -47.03 37.45
CA ALA C 90 -6.50 -46.42 36.30
C ALA C 90 -7.45 -45.48 35.53
N TYR C 91 -8.06 -44.52 36.22
CA TYR C 91 -8.97 -43.57 35.59
C TYR C 91 -8.37 -42.16 35.52
N GLY C 92 -7.08 -42.08 35.19
CA GLY C 92 -6.37 -40.82 35.07
C GLY C 92 -6.44 -40.21 33.68
N VAL C 93 -5.45 -39.37 33.39
CA VAL C 93 -5.36 -38.61 32.14
C VAL C 93 -3.90 -38.53 31.71
N ILE C 94 -3.60 -38.93 30.46
CA ILE C 94 -2.22 -39.00 29.99
C ILE C 94 -1.77 -37.62 29.52
N ASN C 95 -0.47 -37.38 29.62
CA ASN C 95 0.17 -36.13 29.24
C ASN C 95 1.30 -36.39 28.26
N PHE C 96 1.02 -37.13 27.17
CA PHE C 96 2.03 -37.56 26.20
C PHE C 96 2.98 -36.45 25.79
N GLN C 97 4.24 -36.54 26.21
CA GLN C 97 5.17 -35.46 25.90
C GLN C 97 5.73 -35.64 24.50
N GLY C 98 6.12 -34.52 23.89
CA GLY C 98 6.46 -34.52 22.49
C GLY C 98 6.86 -33.15 21.96
N GLY C 99 6.23 -32.74 20.87
CA GLY C 99 6.53 -31.48 20.21
C GLY C 99 6.17 -30.28 21.05
N SER C 100 5.95 -29.12 20.43
CA SER C 100 5.67 -27.89 21.19
C SER C 100 4.22 -27.85 21.66
N HIS C 101 3.80 -28.94 22.31
CA HIS C 101 2.45 -29.17 22.79
C HIS C 101 2.58 -30.50 23.57
N SER C 102 1.47 -31.14 23.95
CA SER C 102 1.33 -32.07 25.05
C SER C 102 0.46 -33.27 24.71
N TYR C 103 -0.34 -33.19 23.62
CA TYR C 103 -1.12 -34.30 23.08
C TYR C 103 -1.88 -35.04 24.16
N ARG C 104 -2.49 -34.28 25.06
CA ARG C 104 -3.18 -34.83 26.22
C ARG C 104 -4.28 -35.79 25.80
N ALA C 105 -4.50 -36.82 26.60
CA ALA C 105 -5.44 -37.88 26.29
C ALA C 105 -5.91 -38.52 27.59
N LYS C 106 -6.94 -39.35 27.48
CA LYS C 106 -7.60 -39.95 28.62
C LYS C 106 -7.60 -41.47 28.49
N TYR C 107 -8.00 -42.16 29.55
CA TYR C 107 -8.05 -43.62 29.52
C TYR C 107 -8.91 -44.22 30.63
N VAL C 108 -9.04 -45.54 30.59
CA VAL C 108 -9.76 -46.28 31.63
C VAL C 108 -9.45 -47.76 31.44
N ARG C 109 -9.46 -48.50 32.55
CA ARG C 109 -9.40 -49.96 32.54
C ARG C 109 -10.83 -50.49 32.62
N LEU C 110 -11.09 -51.64 32.00
CA LEU C 110 -12.40 -52.25 32.11
C LEU C 110 -12.35 -53.68 31.60
N SER C 111 -13.44 -54.40 31.82
CA SER C 111 -13.51 -55.81 31.45
C SER C 111 -14.11 -55.99 30.05
N TYR C 112 -13.79 -57.12 29.43
CA TYR C 112 -14.31 -57.48 28.12
C TYR C 112 -15.83 -57.69 28.11
N ASP C 113 -16.47 -57.89 29.27
CA ASP C 113 -17.92 -58.00 29.36
C ASP C 113 -18.58 -56.78 30.00
N THR C 114 -17.88 -55.66 30.05
CA THR C 114 -18.47 -54.37 30.40
C THR C 114 -19.67 -54.12 29.50
N LYS C 115 -20.79 -53.68 30.08
CA LYS C 115 -22.05 -53.61 29.34
C LYS C 115 -21.92 -52.62 28.18
N PRO C 116 -22.52 -52.87 27.01
CA PRO C 116 -22.40 -51.89 25.93
C PRO C 116 -23.05 -50.55 26.22
N GLU C 117 -23.93 -50.44 27.22
CA GLU C 117 -24.58 -49.16 27.49
C GLU C 117 -23.76 -48.30 28.46
N ILE C 118 -23.00 -48.92 29.36
CA ILE C 118 -22.22 -48.14 30.31
C ILE C 118 -20.97 -47.58 29.66
N ILE C 119 -20.38 -48.35 28.72
CA ILE C 119 -19.27 -47.84 27.93
C ILE C 119 -19.71 -46.61 27.15
N LEU C 120 -20.96 -46.61 26.68
CA LEU C 120 -21.53 -45.38 26.12
C LEU C 120 -21.67 -44.32 27.20
N GLN C 121 -22.19 -44.71 28.37
CA GLN C 121 -22.33 -43.81 29.51
C GLN C 121 -20.97 -43.39 30.09
N LEU C 122 -19.88 -43.93 29.56
CA LEU C 122 -18.54 -43.45 29.84
C LEU C 122 -18.06 -42.47 28.78
N LEU C 123 -18.30 -42.79 27.50
CA LEU C 123 -17.85 -41.93 26.41
C LEU C 123 -18.60 -40.61 26.40
N LEU C 124 -19.92 -40.67 26.44
CA LEU C 124 -20.75 -39.47 26.30
C LEU C 124 -20.99 -38.80 27.64
N LYS C 125 -21.44 -39.54 28.63
CA LYS C 125 -21.79 -38.96 29.93
C LYS C 125 -20.55 -38.53 30.70
N GLU C 126 -19.59 -39.44 30.86
CA GLU C 126 -18.44 -39.17 31.73
C GLU C 126 -17.38 -38.36 31.00
N TRP C 127 -17.03 -38.77 29.78
CA TRP C 127 -16.00 -38.06 29.03
C TRP C 127 -16.54 -36.89 28.21
N GLN C 128 -17.85 -36.60 28.28
CA GLN C 128 -18.48 -35.42 27.68
C GLN C 128 -18.53 -35.46 26.16
N MET C 129 -18.04 -36.55 25.56
CA MET C 129 -17.83 -36.61 24.13
C MET C 129 -19.15 -36.68 23.39
N GLU C 130 -19.40 -35.72 22.50
CA GLU C 130 -20.69 -35.61 21.85
C GLU C 130 -20.83 -36.67 20.77
N LEU C 131 -21.99 -37.36 20.79
CA LEU C 131 -22.36 -38.47 19.93
C LEU C 131 -22.05 -38.17 18.47
N PRO C 132 -21.39 -39.07 17.71
CA PRO C 132 -20.98 -38.70 16.36
C PRO C 132 -22.06 -38.91 15.31
N LYS C 133 -21.74 -38.49 14.10
CA LYS C 133 -22.54 -38.75 12.92
C LYS C 133 -21.85 -39.73 11.98
N LEU C 134 -20.61 -40.11 12.26
CA LEU C 134 -19.90 -41.16 11.54
C LEU C 134 -18.92 -41.81 12.50
N VAL C 135 -18.66 -43.09 12.25
CA VAL C 135 -17.57 -43.80 12.90
C VAL C 135 -16.74 -44.45 11.82
N ILE C 136 -15.42 -44.38 11.99
CA ILE C 136 -14.48 -45.04 11.10
C ILE C 136 -13.79 -46.15 11.87
N SER C 137 -14.34 -47.37 11.78
CA SER C 137 -13.78 -48.54 12.41
C SER C 137 -12.56 -49.02 11.64
N VAL C 138 -11.37 -48.71 12.15
CA VAL C 138 -10.13 -48.96 11.41
C VAL C 138 -9.63 -50.35 11.75
N HIS C 139 -9.46 -51.20 10.73
CA HIS C 139 -9.04 -52.58 10.91
C HIS C 139 -8.02 -52.92 9.84
N GLY C 140 -6.75 -52.65 10.13
CA GLY C 140 -5.67 -52.93 9.20
C GLY C 140 -4.55 -53.68 9.89
N GLY C 141 -3.33 -53.39 9.48
CA GLY C 141 -2.18 -54.08 10.02
C GLY C 141 -2.06 -53.91 11.52
N MET C 142 -1.73 -55.01 12.20
CA MET C 142 -1.47 -55.01 13.63
C MET C 142 0.02 -55.03 13.94
N GLN C 143 0.89 -54.98 12.92
CA GLN C 143 2.31 -54.83 13.10
C GLN C 143 2.78 -53.53 12.45
N LYS C 144 4.06 -53.20 12.64
CA LYS C 144 4.61 -51.94 12.15
C LYS C 144 4.78 -51.99 10.64
N PHE C 145 3.69 -51.76 9.92
CA PHE C 145 3.75 -51.67 8.47
C PHE C 145 4.12 -50.25 8.04
N GLU C 146 4.53 -50.12 6.79
CA GLU C 146 5.10 -48.89 6.25
C GLU C 146 4.53 -48.64 4.87
N LEU C 147 4.50 -47.37 4.47
CA LEU C 147 3.88 -46.92 3.22
C LEU C 147 4.84 -45.97 2.52
N HIS C 148 4.44 -45.48 1.34
CA HIS C 148 5.23 -44.56 0.52
C HIS C 148 4.61 -43.16 0.56
N PRO C 149 5.31 -42.11 0.04
CA PRO C 149 4.86 -40.73 0.28
C PRO C 149 3.49 -40.34 -0.27
N ARG C 150 3.17 -40.75 -1.50
CA ARG C 150 1.92 -40.34 -2.12
C ARG C 150 0.73 -40.82 -1.30
N ILE C 151 0.69 -42.13 -1.02
CA ILE C 151 -0.39 -42.68 -0.20
C ILE C 151 -0.33 -42.10 1.22
N LYS C 152 0.87 -41.79 1.71
CA LYS C 152 1.02 -41.21 3.04
C LYS C 152 0.24 -39.91 3.19
N GLN C 153 0.13 -39.13 2.13
CA GLN C 153 -0.49 -37.80 2.17
C GLN C 153 -1.96 -37.86 1.76
N LEU C 154 -2.24 -38.42 0.58
CA LEU C 154 -3.59 -38.40 0.03
C LEU C 154 -4.57 -39.17 0.89
N LEU C 155 -4.24 -40.42 1.19
CA LEU C 155 -5.05 -41.24 2.08
C LEU C 155 -5.24 -40.54 3.42
N GLY C 156 -4.18 -39.90 3.92
CA GLY C 156 -4.23 -39.20 5.17
C GLY C 156 -5.25 -38.09 5.19
N LYS C 157 -5.17 -37.19 4.21
CA LYS C 157 -6.12 -36.08 4.08
C LYS C 157 -7.56 -36.58 4.05
N GLY C 158 -7.84 -37.52 3.16
CA GLY C 158 -9.20 -37.99 2.95
C GLY C 158 -9.79 -38.61 4.20
N LEU C 159 -9.00 -39.46 4.87
CA LEU C 159 -9.47 -40.08 6.10
C LEU C 159 -9.68 -39.03 7.19
N ILE C 160 -8.80 -38.04 7.22
CA ILE C 160 -8.91 -36.95 8.19
C ILE C 160 -10.12 -36.10 7.86
N LYS C 161 -10.16 -35.58 6.62
CA LYS C 161 -11.22 -34.66 6.21
C LYS C 161 -12.59 -35.29 6.39
N ALA C 162 -12.72 -36.57 6.03
CA ALA C 162 -13.97 -37.30 6.22
C ALA C 162 -14.43 -37.27 7.68
N ALA C 163 -13.46 -37.27 8.60
CA ALA C 163 -13.77 -37.21 10.01
C ALA C 163 -14.06 -35.77 10.45
N VAL C 164 -13.40 -34.80 9.79
CA VAL C 164 -13.66 -33.39 10.09
C VAL C 164 -15.10 -33.04 9.76
N THR C 165 -15.57 -33.41 8.57
CA THR C 165 -16.88 -32.97 8.11
C THR C 165 -17.99 -33.56 8.96
N THR C 166 -17.93 -34.86 9.23
CA THR C 166 -18.99 -35.59 9.91
C THR C 166 -18.79 -35.64 11.43
N GLY C 167 -17.82 -34.89 11.96
CA GLY C 167 -17.49 -34.94 13.37
C GLY C 167 -17.28 -36.34 13.89
N ALA C 168 -16.58 -37.15 13.10
CA ALA C 168 -16.60 -38.59 13.29
C ALA C 168 -15.80 -39.00 14.52
N TRP C 169 -15.94 -40.28 14.88
CA TRP C 169 -15.15 -40.93 15.92
C TRP C 169 -14.36 -42.05 15.25
N ILE C 170 -13.07 -41.83 15.06
CA ILE C 170 -12.20 -42.90 14.57
C ILE C 170 -12.09 -43.95 15.67
N LEU C 171 -11.95 -45.21 15.28
CA LEU C 171 -11.73 -46.30 16.22
C LEU C 171 -10.55 -47.13 15.72
N THR C 172 -9.60 -47.38 16.62
CA THR C 172 -8.40 -48.15 16.31
C THR C 172 -8.16 -49.13 17.45
N GLY C 173 -7.00 -49.79 17.43
CA GLY C 173 -6.59 -50.62 18.55
C GLY C 173 -5.90 -49.79 19.63
N GLY C 174 -5.34 -48.65 19.24
CA GLY C 174 -4.68 -47.77 20.18
C GLY C 174 -3.22 -48.09 20.40
N VAL C 175 -2.56 -48.70 19.42
CA VAL C 175 -1.22 -49.25 19.56
C VAL C 175 -0.42 -48.87 18.33
N ASN C 176 0.78 -48.30 18.53
CA ASN C 176 1.52 -47.76 17.41
C ASN C 176 2.36 -48.81 16.68
N THR C 177 1.98 -50.08 16.79
CA THR C 177 2.37 -51.09 15.81
C THR C 177 1.14 -51.50 15.00
N GLY C 178 0.87 -50.74 13.95
CA GLY C 178 -0.27 -51.02 13.10
C GLY C 178 -0.94 -49.76 12.59
N VAL C 179 -2.25 -49.85 12.37
CA VAL C 179 -3.05 -48.73 11.88
C VAL C 179 -2.86 -47.51 12.77
N ALA C 180 -2.92 -47.70 14.09
CA ALA C 180 -2.93 -46.58 15.03
C ALA C 180 -1.73 -45.67 14.84
N LYS C 181 -0.56 -46.24 14.57
CA LYS C 181 0.61 -45.44 14.25
C LYS C 181 0.33 -44.55 13.05
N HIS C 182 -0.24 -45.14 12.01
CA HIS C 182 -0.42 -44.42 10.75
C HIS C 182 -1.69 -43.58 10.76
N VAL C 183 -2.72 -44.04 11.49
CA VAL C 183 -3.89 -43.20 11.73
C VAL C 183 -3.47 -41.95 12.50
N GLY C 184 -2.77 -42.15 13.61
CA GLY C 184 -2.34 -41.06 14.45
C GLY C 184 -1.41 -40.08 13.77
N ASP C 185 -0.42 -40.60 13.02
CA ASP C 185 0.53 -39.76 12.31
C ASP C 185 -0.19 -38.74 11.44
N ALA C 186 -1.10 -39.21 10.59
CA ALA C 186 -1.77 -38.36 9.63
C ALA C 186 -2.42 -37.14 10.29
N LEU C 187 -2.94 -37.33 11.50
CA LEU C 187 -3.48 -36.22 12.27
C LEU C 187 -2.39 -35.20 12.59
N LYS C 188 -1.18 -35.69 12.87
CA LYS C 188 -0.07 -34.83 13.30
C LYS C 188 0.28 -33.79 12.25
N GLU C 189 0.67 -34.23 11.05
CA GLU C 189 1.16 -33.32 10.03
C GLU C 189 0.06 -32.39 9.53
N HIS C 190 -1.13 -32.96 9.30
CA HIS C 190 -2.22 -32.24 8.67
C HIS C 190 -2.76 -31.08 9.50
N ALA C 191 -2.35 -31.01 10.78
CA ALA C 191 -2.81 -29.97 11.68
C ALA C 191 -4.32 -30.06 11.88
N SER C 192 -4.84 -31.29 11.97
CA SER C 192 -6.23 -31.55 12.31
C SER C 192 -6.59 -30.94 13.66
N ARG C 193 -5.60 -30.74 14.53
CA ARG C 193 -5.85 -30.11 15.81
C ARG C 193 -6.19 -28.63 15.66
N SER C 194 -5.77 -28.01 14.55
CA SER C 194 -5.80 -26.56 14.44
C SER C 194 -7.20 -26.00 14.54
N SER C 195 -7.49 -25.37 15.70
CA SER C 195 -8.83 -25.00 16.12
C SER C 195 -9.85 -26.07 15.78
N ARG C 196 -9.53 -27.33 16.06
CA ARG C 196 -10.34 -28.44 15.62
C ARG C 196 -9.91 -29.71 16.35
N LYS C 197 -10.80 -30.69 16.40
CA LYS C 197 -10.50 -31.99 16.99
C LYS C 197 -11.13 -33.04 16.08
N ILE C 198 -10.32 -33.97 15.60
CA ILE C 198 -10.85 -35.23 15.09
C ILE C 198 -10.83 -36.19 16.28
N CYS C 199 -12.02 -36.47 16.81
CA CYS C 199 -12.14 -37.37 17.93
C CYS C 199 -11.64 -38.75 17.55
N THR C 200 -10.74 -39.28 18.36
CA THR C 200 -9.95 -40.46 17.99
C THR C 200 -9.78 -41.31 19.24
N ILE C 201 -10.07 -42.60 19.13
CA ILE C 201 -10.16 -43.50 20.27
C ILE C 201 -9.44 -44.79 19.92
N GLY C 202 -8.72 -45.35 20.89
CA GLY C 202 -8.10 -46.65 20.76
C GLY C 202 -8.58 -47.65 21.79
N ILE C 203 -9.33 -48.66 21.35
CA ILE C 203 -9.66 -49.80 22.21
C ILE C 203 -8.45 -50.74 22.19
N ALA C 204 -7.67 -50.75 23.28
CA ALA C 204 -6.56 -51.68 23.44
C ALA C 204 -6.82 -52.60 24.62
N PRO C 205 -5.96 -53.59 24.87
CA PRO C 205 -5.99 -54.29 26.17
C PRO C 205 -5.03 -53.69 27.19
N TRP C 206 -5.36 -53.84 28.48
CA TRP C 206 -4.55 -53.21 29.51
C TRP C 206 -3.22 -53.91 29.70
N GLY C 207 -3.25 -55.23 29.82
CA GLY C 207 -2.11 -56.00 30.26
C GLY C 207 -0.84 -55.78 29.47
N VAL C 208 -0.99 -55.48 28.19
CA VAL C 208 0.15 -55.43 27.29
C VAL C 208 0.88 -54.09 27.41
N ILE C 209 0.14 -52.98 27.46
CA ILE C 209 0.70 -51.66 27.16
C ILE C 209 1.85 -51.37 28.12
N GLU C 210 3.05 -51.22 27.58
CA GLU C 210 4.21 -51.17 28.45
C GLU C 210 4.21 -49.88 29.24
N ASN C 211 4.59 -49.98 30.51
CA ASN C 211 4.39 -48.99 31.56
C ASN C 211 2.91 -48.88 31.90
N ARG C 212 2.14 -49.97 31.82
CA ARG C 212 0.79 -49.97 32.35
C ARG C 212 0.83 -49.66 33.84
N ASN C 213 1.81 -50.23 34.54
CA ASN C 213 1.99 -50.01 35.97
C ASN C 213 2.18 -48.53 36.31
N ASP C 214 2.64 -47.72 35.35
CA ASP C 214 2.71 -46.28 35.52
C ASP C 214 1.31 -45.69 35.59
N LEU C 215 0.49 -46.00 34.59
CA LEU C 215 -0.88 -45.50 34.49
C LEU C 215 -1.74 -45.91 35.68
N VAL C 216 -1.34 -46.94 36.42
CA VAL C 216 -2.04 -47.39 37.62
C VAL C 216 -2.11 -46.22 38.59
N GLY C 217 -3.14 -46.19 39.43
CA GLY C 217 -3.40 -45.09 40.34
C GLY C 217 -4.65 -44.33 39.97
N ARG C 218 -5.20 -43.62 40.96
CA ARG C 218 -6.44 -42.89 40.78
C ARG C 218 -6.18 -41.69 39.87
N ASP C 219 -7.19 -40.83 39.71
CA ASP C 219 -7.12 -39.69 38.79
C ASP C 219 -5.83 -38.89 38.94
N VAL C 220 -5.03 -38.89 37.89
CA VAL C 220 -3.66 -38.39 37.96
C VAL C 220 -3.28 -37.91 36.57
N VAL C 221 -2.29 -37.02 36.50
CA VAL C 221 -1.69 -36.68 35.22
C VAL C 221 -0.78 -37.85 34.92
N ALA C 222 -1.33 -38.87 34.25
CA ALA C 222 -0.65 -40.13 33.94
C ALA C 222 0.67 -39.82 33.23
N PRO C 223 1.83 -40.00 33.89
CA PRO C 223 3.09 -39.59 33.23
C PRO C 223 3.57 -40.66 32.26
N TYR C 224 2.79 -40.87 31.19
CA TYR C 224 3.18 -41.84 30.18
C TYR C 224 4.44 -41.33 29.50
N GLN C 225 5.50 -42.13 29.57
CA GLN C 225 6.84 -41.61 29.38
C GLN C 225 7.26 -41.50 27.92
N THR C 226 6.48 -42.05 26.99
CA THR C 226 6.72 -41.89 25.56
C THR C 226 8.03 -42.54 25.12
N LEU C 227 8.59 -43.46 25.90
CA LEU C 227 9.84 -44.09 25.49
C LEU C 227 9.59 -44.98 24.28
N LEU C 228 10.29 -44.69 23.19
CA LEU C 228 10.23 -45.53 22.00
C LEU C 228 11.18 -46.74 22.09
N ASN C 229 11.67 -47.08 23.30
CA ASN C 229 12.57 -48.21 23.52
C ASN C 229 12.04 -49.48 22.86
N PRO C 230 12.67 -49.99 21.80
CA PRO C 230 12.08 -51.14 21.09
C PRO C 230 12.10 -52.43 21.89
N LEU C 231 12.78 -52.47 23.04
CA LEU C 231 12.68 -53.61 23.94
C LEU C 231 11.23 -53.87 24.32
N SER C 232 10.45 -52.80 24.46
CA SER C 232 9.03 -52.91 24.81
C SER C 232 8.22 -53.19 23.56
N LYS C 233 8.20 -54.46 23.15
CA LYS C 233 7.36 -54.87 22.02
C LYS C 233 5.89 -54.67 22.32
N LEU C 234 5.50 -54.75 23.59
CA LEU C 234 4.12 -54.99 24.00
C LEU C 234 3.18 -53.95 23.43
N ASN C 235 3.45 -52.67 23.72
CA ASN C 235 3.33 -51.56 22.77
C ASN C 235 3.62 -50.23 23.43
N VAL C 236 3.92 -49.24 22.60
CA VAL C 236 3.88 -47.83 22.99
C VAL C 236 2.52 -47.33 22.52
N LEU C 237 1.71 -46.85 23.47
CA LEU C 237 0.45 -46.19 23.11
C LEU C 237 0.72 -45.05 22.15
N ASN C 238 0.09 -45.06 20.98
CA ASN C 238 0.29 -43.96 20.05
C ASN C 238 -0.21 -42.66 20.67
N ASN C 239 0.64 -41.65 20.68
CA ASN C 239 0.41 -40.46 21.47
C ASN C 239 -0.54 -39.45 20.86
N LEU C 240 -1.21 -39.77 19.75
CA LEU C 240 -2.12 -38.83 19.09
C LEU C 240 -3.58 -39.15 19.38
N HIS C 241 -3.92 -40.43 19.51
CA HIS C 241 -5.25 -40.84 19.93
C HIS C 241 -5.60 -40.18 21.25
N SER C 242 -6.79 -39.58 21.29
CA SER C 242 -7.18 -38.76 22.43
C SER C 242 -7.72 -39.58 23.60
N HIS C 243 -8.17 -40.80 23.35
CA HIS C 243 -8.85 -41.61 24.35
C HIS C 243 -8.42 -43.06 24.23
N PHE C 244 -8.32 -43.73 25.39
CA PHE C 244 -7.75 -45.08 25.46
C PHE C 244 -8.58 -45.95 26.39
N ILE C 245 -9.59 -46.61 25.86
CA ILE C 245 -10.33 -47.63 26.61
C ILE C 245 -9.45 -48.87 26.53
N LEU C 246 -9.21 -49.49 27.69
CA LEU C 246 -8.22 -50.54 27.83
C LEU C 246 -8.86 -51.73 28.54
N VAL C 247 -9.06 -52.82 27.80
CA VAL C 247 -9.86 -53.93 28.28
C VAL C 247 -9.04 -54.74 29.29
N ASP C 248 -9.23 -54.43 30.58
CA ASP C 248 -8.72 -55.24 31.68
C ASP C 248 -9.55 -56.52 31.81
N ASP C 249 -9.35 -57.41 30.83
CA ASP C 249 -10.07 -58.68 30.81
C ASP C 249 -9.69 -59.54 32.01
N GLY C 250 -8.47 -59.39 32.50
CA GLY C 250 -7.93 -60.25 33.53
C GLY C 250 -6.83 -61.15 33.00
N THR C 251 -6.17 -60.71 31.94
CA THR C 251 -5.04 -61.41 31.36
C THR C 251 -3.95 -60.38 31.06
N VAL C 252 -2.74 -60.87 30.83
CA VAL C 252 -1.61 -60.02 30.47
C VAL C 252 -0.73 -60.83 29.53
N GLY C 253 -0.38 -60.24 28.39
CA GLY C 253 0.26 -60.96 27.31
C GLY C 253 -0.70 -61.65 26.37
N LYS C 254 -1.94 -61.88 26.80
CA LYS C 254 -2.96 -62.40 25.91
C LYS C 254 -3.49 -61.27 25.02
N TYR C 255 -4.15 -61.68 23.94
CA TYR C 255 -4.60 -60.76 22.90
C TYR C 255 -6.00 -61.14 22.45
N GLY C 256 -6.80 -60.12 22.13
CA GLY C 256 -8.12 -60.33 21.58
C GLY C 256 -9.22 -60.14 22.60
N ALA C 257 -8.97 -59.27 23.59
CA ALA C 257 -9.95 -58.97 24.61
C ALA C 257 -11.04 -58.01 24.12
N GLU C 258 -10.80 -57.29 23.03
CA GLU C 258 -11.66 -56.23 22.56
C GLU C 258 -12.47 -56.61 21.33
N VAL C 259 -12.07 -57.67 20.63
CA VAL C 259 -12.53 -58.03 19.30
C VAL C 259 -14.06 -58.04 19.22
N ARG C 260 -14.70 -58.42 20.33
CA ARG C 260 -16.15 -58.38 20.42
C ARG C 260 -16.61 -57.05 20.99
N LEU C 261 -16.02 -56.61 22.11
CA LEU C 261 -16.41 -55.36 22.77
C LEU C 261 -16.30 -54.18 21.82
N ARG C 262 -15.17 -54.07 21.14
CA ARG C 262 -14.95 -53.02 20.15
C ARG C 262 -16.10 -52.98 19.16
N ARG C 263 -16.48 -54.16 18.68
CA ARG C 263 -17.60 -54.26 17.76
C ARG C 263 -18.92 -53.92 18.45
N GLU C 264 -19.15 -54.44 19.66
CA GLU C 264 -20.43 -54.20 20.34
C GLU C 264 -20.62 -52.71 20.59
N LEU C 265 -19.56 -52.02 21.02
CA LEU C 265 -19.61 -50.57 21.12
C LEU C 265 -20.05 -49.95 19.80
N GLU C 266 -19.48 -50.42 18.68
CA GLU C 266 -19.90 -49.93 17.38
C GLU C 266 -21.35 -50.32 17.08
N LYS C 267 -21.76 -51.51 17.51
CA LYS C 267 -23.14 -51.92 17.35
C LYS C 267 -24.09 -51.03 18.12
N THR C 268 -23.74 -50.66 19.36
CA THR C 268 -24.51 -49.69 20.12
C THR C 268 -23.98 -48.25 19.92
N ILE C 269 -23.30 -48.00 18.80
CA ILE C 269 -23.15 -46.65 18.25
C ILE C 269 -24.03 -46.46 17.05
N ASN C 270 -24.28 -47.51 16.28
CA ASN C 270 -25.20 -47.51 15.16
C ASN C 270 -26.62 -47.89 15.56
N GLN C 271 -26.99 -47.60 16.81
CA GLN C 271 -28.29 -47.95 17.35
C GLN C 271 -28.96 -46.76 18.03
N GLN C 272 -28.33 -45.59 18.02
CA GLN C 272 -28.90 -44.36 18.53
C GLN C 272 -29.16 -43.39 17.38
N ARG C 273 -29.97 -42.38 17.67
CA ARG C 273 -30.36 -41.42 16.65
C ARG C 273 -29.22 -40.45 16.35
N ILE C 274 -29.35 -39.80 15.19
CA ILE C 274 -28.30 -38.99 14.56
C ILE C 274 -28.79 -37.54 14.44
N HIS C 275 -29.20 -36.93 15.57
CA HIS C 275 -29.89 -35.64 15.64
C HIS C 275 -31.38 -35.69 15.35
N ALA C 276 -32.15 -35.91 16.41
CA ALA C 276 -33.57 -36.22 16.49
C ALA C 276 -34.46 -35.73 15.35
N ARG C 277 -34.25 -34.50 14.86
CA ARG C 277 -34.89 -34.07 13.62
C ARG C 277 -34.66 -35.14 12.56
N ILE C 278 -33.41 -35.60 12.45
CA ILE C 278 -33.08 -36.77 11.65
C ILE C 278 -33.42 -38.01 12.44
N GLY C 279 -34.10 -38.96 11.81
CA GLY C 279 -34.26 -40.29 12.35
C GLY C 279 -33.51 -41.35 11.56
N GLN C 280 -32.35 -41.74 12.05
CA GLN C 280 -31.53 -42.80 11.48
C GLN C 280 -30.53 -43.24 12.55
N GLY C 281 -30.01 -44.46 12.39
CA GLY C 281 -28.88 -44.87 13.19
C GLY C 281 -27.59 -44.27 12.66
N VAL C 282 -26.64 -44.04 13.56
CA VAL C 282 -25.36 -43.46 13.15
C VAL C 282 -24.69 -44.47 12.22
N PRO C 283 -24.39 -44.11 10.97
CA PRO C 283 -23.78 -45.09 10.07
C PRO C 283 -22.34 -45.36 10.48
N VAL C 284 -21.85 -46.54 10.09
CA VAL C 284 -20.53 -47.01 10.49
C VAL C 284 -19.86 -47.60 9.25
N VAL C 285 -18.78 -46.96 8.81
CA VAL C 285 -17.92 -47.51 7.78
C VAL C 285 -16.86 -48.41 8.44
N ALA C 286 -16.12 -49.17 7.64
CA ALA C 286 -14.95 -49.90 8.12
C ALA C 286 -13.86 -49.88 7.06
N LEU C 287 -12.62 -49.55 7.46
CA LEU C 287 -11.49 -49.45 6.55
C LEU C 287 -10.45 -50.53 6.83
N ILE C 288 -9.61 -50.76 5.83
CA ILE C 288 -8.62 -51.84 5.82
C ILE C 288 -7.31 -51.26 5.31
N PHE C 289 -6.28 -51.29 6.16
CA PHE C 289 -4.90 -51.01 5.79
C PHE C 289 -4.19 -52.36 5.64
N GLU C 290 -2.85 -52.32 5.61
CA GLU C 290 -1.94 -53.42 5.24
C GLU C 290 -2.46 -54.80 5.64
N GLY C 291 -2.77 -55.00 6.91
CA GLY C 291 -3.75 -55.98 7.33
C GLY C 291 -3.31 -57.42 7.20
N GLY C 292 -3.82 -58.27 8.09
CA GLY C 292 -3.45 -59.67 8.12
C GLY C 292 -4.56 -60.59 7.63
N PRO C 293 -4.43 -61.88 7.92
CA PRO C 293 -5.46 -62.83 7.50
C PRO C 293 -6.73 -62.74 8.33
N ASN C 294 -6.64 -62.23 9.55
CA ASN C 294 -7.82 -61.93 10.36
C ASN C 294 -8.48 -60.62 9.93
N VAL C 295 -7.74 -59.72 9.29
CA VAL C 295 -8.30 -58.45 8.87
C VAL C 295 -9.23 -58.65 7.68
N ILE C 296 -8.87 -59.56 6.76
CA ILE C 296 -9.80 -59.98 5.74
C ILE C 296 -10.95 -60.79 6.34
N LEU C 297 -10.66 -61.52 7.42
CA LEU C 297 -11.68 -62.37 8.04
C LEU C 297 -12.82 -61.53 8.60
N THR C 298 -12.50 -60.39 9.21
CA THR C 298 -13.54 -59.56 9.79
C THR C 298 -14.33 -58.79 8.73
N VAL C 299 -13.85 -58.75 7.49
CA VAL C 299 -14.68 -58.24 6.40
C VAL C 299 -15.87 -59.14 6.19
N LEU C 300 -15.68 -60.45 6.36
CA LEU C 300 -16.78 -61.40 6.32
C LEU C 300 -17.70 -61.27 7.55
N GLU C 301 -17.25 -60.55 8.58
CA GLU C 301 -18.04 -60.24 9.76
C GLU C 301 -18.79 -58.92 9.64
N TYR C 302 -18.72 -58.26 8.48
CA TYR C 302 -19.45 -57.03 8.21
C TYR C 302 -20.43 -57.23 7.06
N LEU C 303 -19.95 -57.84 5.98
CA LEU C 303 -20.77 -58.00 4.78
C LEU C 303 -22.00 -58.88 5.05
N GLN C 304 -21.90 -59.80 6.01
CA GLN C 304 -22.95 -60.80 6.26
C GLN C 304 -23.34 -60.72 7.73
N GLU C 305 -23.63 -59.51 8.20
CA GLU C 305 -23.76 -59.16 9.61
C GLU C 305 -24.99 -58.28 9.79
N SER C 306 -25.38 -58.06 11.06
CA SER C 306 -26.40 -57.11 11.48
C SER C 306 -26.07 -55.75 10.88
N PRO C 307 -27.00 -54.80 10.81
CA PRO C 307 -27.28 -54.06 9.55
C PRO C 307 -26.02 -53.84 8.72
N PRO C 308 -26.01 -54.30 7.43
CA PRO C 308 -24.72 -54.48 6.72
C PRO C 308 -23.78 -53.29 6.72
N VAL C 309 -22.57 -53.52 7.19
CA VAL C 309 -21.58 -52.49 7.45
C VAL C 309 -20.64 -52.41 6.25
N PRO C 310 -20.61 -51.31 5.47
CA PRO C 310 -19.76 -51.31 4.27
C PRO C 310 -18.28 -51.27 4.60
N VAL C 311 -17.48 -51.49 3.56
CA VAL C 311 -16.05 -51.75 3.70
C VAL C 311 -15.32 -50.93 2.64
N VAL C 312 -14.25 -50.28 3.07
CA VAL C 312 -13.52 -49.28 2.28
C VAL C 312 -12.07 -49.72 2.20
N VAL C 313 -11.83 -51.00 1.88
CA VAL C 313 -10.49 -51.43 1.51
C VAL C 313 -9.94 -50.41 0.50
N CYS C 314 -8.80 -49.83 0.81
CA CYS C 314 -8.15 -48.93 -0.12
C CYS C 314 -7.22 -49.74 -1.02
N GLU C 315 -6.71 -49.08 -2.04
CA GLU C 315 -5.80 -49.66 -3.01
C GLU C 315 -4.41 -49.12 -2.69
N GLY C 316 -3.41 -49.98 -2.72
CA GLY C 316 -2.01 -49.58 -2.66
C GLY C 316 -1.38 -49.61 -1.28
N THR C 317 -2.14 -49.88 -0.22
CA THR C 317 -1.58 -49.87 1.13
C THR C 317 -0.53 -50.96 1.35
N GLY C 318 -0.95 -52.22 1.32
CA GLY C 318 -0.11 -53.31 1.77
C GLY C 318 -0.56 -54.67 1.27
N ARG C 319 -0.54 -55.68 2.15
CA ARG C 319 -0.84 -57.04 1.74
C ARG C 319 -2.35 -57.32 1.67
N ALA C 320 -3.11 -56.91 2.68
CA ALA C 320 -4.54 -57.22 2.74
C ALA C 320 -5.37 -56.23 1.92
N ALA C 321 -5.29 -54.95 2.28
CA ALA C 321 -6.08 -53.90 1.67
C ALA C 321 -5.95 -53.89 0.16
N ASP C 322 -4.75 -54.17 -0.34
CA ASP C 322 -4.51 -54.15 -1.78
C ASP C 322 -4.93 -55.43 -2.46
N LEU C 323 -4.74 -56.56 -1.79
CA LEU C 323 -5.11 -57.85 -2.37
C LEU C 323 -6.61 -57.97 -2.55
N LEU C 324 -7.39 -57.35 -1.66
CA LEU C 324 -8.84 -57.42 -1.80
C LEU C 324 -9.32 -56.63 -3.01
N ALA C 325 -8.53 -55.63 -3.44
CA ALA C 325 -8.81 -54.98 -4.72
C ALA C 325 -8.62 -55.95 -5.87
N TYR C 326 -7.60 -56.81 -5.76
CA TYR C 326 -7.28 -57.75 -6.83
C TYR C 326 -8.46 -58.69 -7.08
N ILE C 327 -8.93 -59.37 -6.04
CA ILE C 327 -10.09 -60.26 -6.15
C ILE C 327 -11.33 -59.47 -6.51
N HIS C 328 -11.43 -58.22 -6.05
CA HIS C 328 -12.52 -57.36 -6.50
C HIS C 328 -12.46 -57.15 -8.01
N LYS C 329 -11.33 -56.61 -8.47
CA LYS C 329 -11.13 -56.19 -9.86
C LYS C 329 -11.39 -57.31 -10.87
N GLN C 330 -10.63 -58.40 -10.77
CA GLN C 330 -10.67 -59.44 -11.79
C GLN C 330 -11.95 -60.27 -11.76
N THR C 331 -12.80 -60.06 -10.75
CA THR C 331 -13.99 -60.88 -10.56
C THR C 331 -15.22 -60.03 -10.85
N GLU C 332 -16.24 -60.69 -11.39
CA GLU C 332 -17.43 -60.00 -11.88
C GLU C 332 -18.24 -59.46 -10.69
N GLU C 333 -19.27 -58.67 -11.01
CA GLU C 333 -20.16 -58.11 -9.98
C GLU C 333 -20.71 -59.19 -9.04
N GLY C 334 -20.92 -60.40 -9.55
CA GLY C 334 -21.29 -61.53 -8.72
C GLY C 334 -20.10 -62.32 -8.22
N GLY C 335 -18.89 -61.74 -8.27
CA GLY C 335 -17.70 -62.44 -7.83
C GLY C 335 -17.27 -63.56 -8.74
N ASN C 336 -17.61 -63.49 -10.03
CA ASN C 336 -17.25 -64.55 -10.95
C ASN C 336 -15.78 -64.45 -11.33
N LEU C 337 -15.00 -65.45 -10.91
CA LEU C 337 -13.55 -65.46 -11.09
C LEU C 337 -13.16 -65.99 -12.47
N PRO C 338 -12.02 -65.56 -13.03
CA PRO C 338 -11.45 -66.31 -14.14
C PRO C 338 -10.98 -67.66 -13.64
N ASP C 339 -11.45 -68.73 -14.27
CA ASP C 339 -11.34 -70.09 -13.75
C ASP C 339 -9.93 -70.49 -13.32
N ALA C 340 -8.90 -69.86 -13.90
CA ALA C 340 -7.53 -70.06 -13.44
C ALA C 340 -7.16 -69.10 -12.29
N ALA C 341 -8.14 -68.48 -11.64
CA ALA C 341 -7.85 -67.59 -10.50
C ALA C 341 -7.30 -68.38 -9.32
N GLU C 342 -8.10 -69.27 -8.74
CA GLU C 342 -7.63 -70.16 -7.68
C GLU C 342 -6.40 -70.95 -8.12
N PRO C 343 -6.25 -71.31 -9.40
CA PRO C 343 -4.95 -71.82 -9.85
C PRO C 343 -3.80 -70.83 -9.96
N ASP C 344 -3.99 -69.51 -9.73
CA ASP C 344 -2.85 -68.60 -9.69
C ASP C 344 -2.88 -67.55 -8.59
N ILE C 345 -4.01 -67.38 -7.88
CA ILE C 345 -4.06 -66.51 -6.71
C ILE C 345 -3.46 -67.22 -5.50
N ILE C 346 -3.59 -68.54 -5.43
CA ILE C 346 -3.08 -69.27 -4.29
C ILE C 346 -1.55 -69.21 -4.27
N SER C 347 -0.95 -68.85 -5.40
CA SER C 347 0.45 -68.42 -5.41
C SER C 347 0.61 -67.05 -4.74
N THR C 348 -0.31 -66.13 -5.01
CA THR C 348 -0.24 -64.79 -4.41
C THR C 348 -0.25 -64.88 -2.88
N ILE C 349 -1.14 -65.70 -2.34
CA ILE C 349 -1.23 -65.90 -0.90
C ILE C 349 0.08 -66.47 -0.39
N LYS C 350 0.58 -67.51 -1.06
CA LYS C 350 1.85 -68.10 -0.70
C LYS C 350 3.02 -67.18 -1.07
N LYS C 351 2.77 -66.22 -1.97
CA LYS C 351 3.76 -65.19 -2.27
C LYS C 351 3.78 -64.12 -1.18
N THR C 352 2.60 -63.57 -0.86
CA THR C 352 2.52 -62.53 0.16
C THR C 352 2.73 -63.13 1.55
N PHE C 353 1.86 -64.05 1.93
CA PHE C 353 2.01 -64.80 3.16
C PHE C 353 2.83 -66.06 2.90
N ASN C 354 3.38 -66.63 3.97
CA ASN C 354 3.56 -68.07 4.03
C ASN C 354 2.39 -68.73 4.75
N PHE C 355 1.17 -68.40 4.32
CA PHE C 355 -0.03 -68.91 4.97
C PHE C 355 -0.24 -70.38 4.63
N GLY C 356 0.21 -70.80 3.44
CA GLY C 356 0.29 -72.20 3.06
C GLY C 356 -0.21 -72.42 1.65
N GLN C 357 -0.61 -73.66 1.37
CA GLN C 357 -1.35 -73.96 0.14
C GLN C 357 -2.79 -74.38 0.42
N SER C 358 -3.01 -75.47 1.15
CA SER C 358 -4.37 -75.82 1.53
C SER C 358 -4.97 -74.76 2.43
N GLU C 359 -4.16 -74.21 3.33
CA GLU C 359 -4.54 -73.01 4.07
C GLU C 359 -4.91 -71.89 3.11
N ALA C 360 -4.02 -71.61 2.16
CA ALA C 360 -4.25 -70.53 1.22
C ALA C 360 -5.49 -70.75 0.37
N VAL C 361 -5.78 -72.01 0.03
CA VAL C 361 -7.00 -72.34 -0.73
C VAL C 361 -8.21 -71.90 0.10
N HIS C 362 -8.17 -72.22 1.40
CA HIS C 362 -9.24 -71.80 2.31
C HIS C 362 -9.38 -70.27 2.35
N LEU C 363 -8.25 -69.56 2.39
CA LEU C 363 -8.25 -68.10 2.43
C LEU C 363 -9.00 -67.49 1.26
N PHE C 364 -8.58 -67.82 0.03
CA PHE C 364 -9.26 -67.31 -1.15
C PHE C 364 -10.72 -67.73 -1.18
N GLN C 365 -10.99 -68.97 -0.76
CA GLN C 365 -12.36 -69.47 -0.68
C GLN C 365 -13.21 -68.61 0.26
N THR C 366 -12.72 -68.36 1.47
CA THR C 366 -13.41 -67.45 2.38
C THR C 366 -13.39 -66.03 1.83
N MET C 367 -12.29 -65.66 1.17
CA MET C 367 -12.19 -64.31 0.62
C MET C 367 -13.15 -64.11 -0.55
N MET C 368 -13.61 -65.18 -1.19
CA MET C 368 -14.71 -65.02 -2.13
C MET C 368 -16.05 -65.07 -1.40
N GLU C 369 -16.13 -65.87 -0.34
CA GLU C 369 -17.28 -65.85 0.55
C GLU C 369 -17.48 -64.44 1.10
N CYS C 370 -16.36 -63.71 1.29
CA CYS C 370 -16.41 -62.26 1.43
C CYS C 370 -16.96 -61.59 0.18
N MET C 371 -16.38 -61.89 -0.99
CA MET C 371 -16.68 -61.17 -2.22
C MET C 371 -17.94 -61.67 -2.93
N LYS C 372 -18.82 -62.40 -2.24
CA LYS C 372 -20.09 -62.78 -2.82
C LYS C 372 -21.03 -61.58 -2.98
N LYS C 373 -20.78 -60.48 -2.27
CA LYS C 373 -21.57 -59.26 -2.39
C LYS C 373 -20.63 -58.06 -2.50
N LYS C 374 -20.38 -57.61 -3.72
CA LYS C 374 -19.48 -56.49 -3.97
C LYS C 374 -20.21 -55.21 -4.33
N GLU C 375 -21.53 -55.14 -4.15
CA GLU C 375 -22.25 -53.88 -4.18
C GLU C 375 -22.06 -53.06 -2.92
N LEU C 376 -21.32 -53.58 -1.94
CA LEU C 376 -21.28 -53.07 -0.59
C LEU C 376 -19.86 -52.80 -0.10
N ILE C 377 -18.84 -53.27 -0.82
CA ILE C 377 -17.46 -52.92 -0.54
C ILE C 377 -17.04 -51.81 -1.49
N THR C 378 -15.87 -51.24 -1.21
CA THR C 378 -15.40 -50.07 -1.95
C THR C 378 -13.89 -50.11 -2.01
N VAL C 379 -13.36 -50.45 -3.18
CA VAL C 379 -11.93 -50.35 -3.46
C VAL C 379 -11.66 -48.89 -3.78
N PHE C 380 -10.99 -48.18 -2.87
CA PHE C 380 -10.53 -46.84 -3.19
C PHE C 380 -9.30 -46.93 -4.07
N HIS C 381 -9.51 -46.86 -5.38
CA HIS C 381 -8.39 -46.93 -6.31
C HIS C 381 -7.60 -45.63 -6.21
N ILE C 382 -6.70 -45.55 -5.22
CA ILE C 382 -5.93 -44.33 -5.01
C ILE C 382 -5.09 -44.01 -6.24
N GLY C 383 -4.56 -45.04 -6.90
CA GLY C 383 -4.02 -44.88 -8.23
C GLY C 383 -5.19 -44.72 -9.18
N SER C 384 -5.06 -43.81 -10.14
CA SER C 384 -6.10 -43.41 -11.09
C SER C 384 -7.14 -42.48 -10.45
N GLU C 385 -6.99 -42.19 -9.14
CA GLU C 385 -7.73 -41.13 -8.47
C GLU C 385 -9.24 -41.28 -8.62
N ASP C 386 -9.80 -42.33 -8.01
CA ASP C 386 -11.23 -42.60 -8.03
C ASP C 386 -11.77 -42.23 -6.65
N HIS C 387 -12.65 -41.22 -6.62
CA HIS C 387 -13.18 -40.56 -5.42
C HIS C 387 -12.19 -39.53 -4.85
N GLN C 388 -10.98 -39.43 -5.41
CA GLN C 388 -10.01 -38.35 -5.22
C GLN C 388 -9.65 -37.95 -3.78
N ASP C 389 -10.11 -38.72 -2.80
CA ASP C 389 -9.76 -38.68 -1.39
C ASP C 389 -10.51 -39.90 -0.91
N ILE C 390 -10.01 -40.59 0.11
CA ILE C 390 -10.72 -41.77 0.57
C ILE C 390 -12.11 -41.38 1.07
N ASP C 391 -12.23 -40.16 1.59
CA ASP C 391 -13.48 -39.56 2.06
C ASP C 391 -14.69 -39.80 1.16
N VAL C 392 -14.62 -39.32 -0.08
CA VAL C 392 -15.76 -39.34 -1.00
C VAL C 392 -16.20 -40.78 -1.21
N ALA C 393 -15.25 -41.72 -1.13
CA ALA C 393 -15.60 -43.13 -1.17
C ALA C 393 -16.16 -43.59 0.17
N ILE C 394 -15.63 -43.07 1.27
CA ILE C 394 -16.15 -43.44 2.60
C ILE C 394 -17.61 -43.03 2.73
N LEU C 395 -17.90 -41.77 2.42
CA LEU C 395 -19.25 -41.25 2.63
C LEU C 395 -20.22 -41.87 1.63
N THR C 396 -19.81 -41.94 0.36
CA THR C 396 -20.60 -42.64 -0.65
C THR C 396 -20.89 -44.08 -0.23
N ALA C 397 -19.89 -44.74 0.37
CA ALA C 397 -20.03 -46.14 0.76
C ALA C 397 -21.19 -46.37 1.72
N LEU C 398 -21.57 -45.34 2.47
CA LEU C 398 -22.67 -45.42 3.42
C LEU C 398 -24.00 -44.98 2.83
N LEU C 399 -24.04 -44.70 1.53
CA LEU C 399 -25.24 -44.24 0.83
C LEU C 399 -25.57 -45.19 -0.31
N LYS C 400 -25.04 -46.42 -0.24
CA LYS C 400 -25.19 -47.37 -1.32
C LYS C 400 -24.88 -48.78 -0.82
N GLY C 401 -25.91 -49.63 -0.72
CA GLY C 401 -25.75 -51.00 -0.29
C GLY C 401 -26.50 -51.34 0.97
N THR C 402 -27.42 -50.48 1.38
CA THR C 402 -28.27 -50.70 2.54
C THR C 402 -29.75 -50.58 2.17
N ASN C 403 -30.06 -50.85 0.89
CA ASN C 403 -31.35 -50.63 0.23
C ASN C 403 -32.06 -49.38 0.72
N ALA C 404 -31.32 -48.29 0.87
CA ALA C 404 -31.86 -47.05 1.40
C ALA C 404 -32.44 -46.20 0.28
N SER C 405 -33.46 -45.41 0.62
CA SER C 405 -34.13 -44.55 -0.32
C SER C 405 -33.34 -43.26 -0.52
N ALA C 406 -33.58 -42.59 -1.64
CA ALA C 406 -32.86 -41.37 -1.95
C ALA C 406 -33.18 -40.26 -0.96
N PHE C 407 -34.37 -40.28 -0.35
CA PHE C 407 -34.60 -39.41 0.79
C PHE C 407 -33.77 -39.85 1.98
N ASP C 408 -33.68 -41.16 2.21
CA ASP C 408 -32.81 -41.67 3.25
C ASP C 408 -31.34 -41.44 2.93
N GLN C 409 -31.01 -41.10 1.67
CA GLN C 409 -29.65 -40.75 1.31
C GLN C 409 -29.36 -39.26 1.48
N LEU C 410 -30.30 -38.39 1.08
CA LEU C 410 -30.12 -36.96 1.34
C LEU C 410 -30.01 -36.71 2.84
N ILE C 411 -31.02 -37.14 3.57
CA ILE C 411 -31.23 -36.83 4.98
C ILE C 411 -29.98 -37.09 5.81
N LEU C 412 -29.16 -38.03 5.36
CA LEU C 412 -27.88 -38.27 6.01
C LEU C 412 -26.85 -37.22 5.60
N THR C 413 -26.74 -36.96 4.30
CA THR C 413 -25.88 -35.88 3.82
C THR C 413 -26.22 -34.54 4.46
N LEU C 414 -27.52 -34.28 4.64
CA LEU C 414 -27.95 -33.07 5.33
C LEU C 414 -27.40 -33.02 6.75
N ALA C 415 -27.40 -34.16 7.43
CA ALA C 415 -26.90 -34.22 8.79
C ALA C 415 -25.39 -33.99 8.89
N TRP C 416 -24.66 -34.18 7.79
CA TRP C 416 -23.20 -34.22 7.79
C TRP C 416 -22.54 -32.91 7.41
N ASP C 417 -23.29 -31.99 6.78
CA ASP C 417 -22.78 -30.78 6.14
C ASP C 417 -22.01 -31.14 4.87
N ARG C 418 -22.54 -32.05 4.07
CA ARG C 418 -21.93 -32.43 2.78
C ARG C 418 -22.97 -32.33 1.68
N VAL C 419 -23.03 -31.15 1.09
CA VAL C 419 -23.82 -30.87 -0.09
C VAL C 419 -23.19 -31.57 -1.28
N ASP C 420 -21.86 -31.51 -1.35
CA ASP C 420 -21.13 -32.08 -2.48
C ASP C 420 -21.45 -33.55 -2.67
N ILE C 421 -21.65 -34.27 -1.57
CA ILE C 421 -22.10 -35.65 -1.64
C ILE C 421 -23.53 -35.70 -2.14
N ALA C 422 -24.38 -34.78 -1.69
CA ALA C 422 -25.78 -34.81 -2.08
C ALA C 422 -26.00 -34.39 -3.52
N LYS C 423 -25.39 -33.29 -3.95
CA LYS C 423 -25.61 -32.83 -5.32
C LYS C 423 -25.02 -33.81 -6.34
N ASN C 424 -23.90 -34.44 -6.01
CA ASN C 424 -23.21 -35.27 -6.98
C ASN C 424 -23.73 -36.71 -7.00
N HIS C 425 -24.25 -37.21 -5.88
CA HIS C 425 -24.70 -38.60 -5.78
C HIS C 425 -26.19 -38.71 -5.53
N VAL C 426 -26.73 -37.99 -4.55
CA VAL C 426 -28.13 -38.12 -4.20
C VAL C 426 -28.97 -37.51 -5.31
N PHE C 427 -28.56 -36.35 -5.80
CA PHE C 427 -29.22 -35.68 -6.93
C PHE C 427 -28.55 -36.11 -8.23
N VAL C 428 -28.77 -37.37 -8.56
CA VAL C 428 -28.16 -38.01 -9.72
C VAL C 428 -29.21 -38.16 -10.81
N TYR C 429 -28.75 -38.22 -12.05
CA TYR C 429 -29.64 -38.37 -13.20
C TYR C 429 -30.48 -39.63 -13.06
N GLY C 430 -31.79 -39.48 -13.24
CA GLY C 430 -32.71 -40.60 -13.09
C GLY C 430 -32.97 -41.06 -11.67
N GLN C 431 -33.71 -40.26 -10.89
CA GLN C 431 -33.96 -40.53 -9.47
C GLN C 431 -35.44 -40.31 -9.17
N GLN C 432 -35.90 -40.88 -8.04
CA GLN C 432 -37.34 -41.04 -7.81
C GLN C 432 -38.04 -39.91 -7.05
N TRP C 433 -37.68 -39.69 -5.78
CA TRP C 433 -38.16 -38.51 -5.04
C TRP C 433 -39.69 -38.44 -4.90
N LEU C 434 -40.29 -39.27 -4.03
CA LEU C 434 -41.69 -39.64 -4.14
C LEU C 434 -42.72 -38.51 -4.18
N VAL C 435 -43.04 -37.88 -3.04
CA VAL C 435 -44.00 -36.76 -3.02
C VAL C 435 -43.49 -35.57 -2.20
N GLY C 436 -43.31 -35.78 -0.88
CA GLY C 436 -42.93 -34.71 0.02
C GLY C 436 -41.56 -34.93 0.64
N SER C 437 -40.81 -35.91 0.12
CA SER C 437 -39.42 -36.14 0.50
C SER C 437 -38.62 -34.85 0.40
N LEU C 438 -38.71 -34.19 -0.75
CA LEU C 438 -38.12 -32.88 -0.88
C LEU C 438 -38.64 -31.93 0.18
N GLU C 439 -39.95 -31.91 0.37
CA GLU C 439 -40.57 -31.02 1.34
C GLU C 439 -40.16 -31.37 2.77
N GLN C 440 -40.02 -32.65 3.08
CA GLN C 440 -39.63 -33.00 4.44
C GLN C 440 -38.16 -32.66 4.68
N ALA C 441 -37.32 -32.76 3.65
CA ALA C 441 -35.93 -32.35 3.78
C ALA C 441 -35.82 -30.85 4.03
N MET C 442 -36.73 -30.06 3.46
CA MET C 442 -36.64 -28.62 3.59
C MET C 442 -37.09 -28.15 4.96
N LEU C 443 -38.10 -28.79 5.53
CA LEU C 443 -38.42 -28.54 6.92
C LEU C 443 -37.26 -28.96 7.82
N ASP C 444 -36.43 -29.91 7.36
CA ASP C 444 -35.26 -30.32 8.13
C ASP C 444 -34.09 -29.39 7.90
N ALA C 445 -33.88 -28.96 6.64
CA ALA C 445 -32.74 -28.11 6.33
C ALA C 445 -32.90 -26.70 6.88
N LEU C 446 -34.12 -26.18 6.95
CA LEU C 446 -34.35 -24.82 7.43
C LEU C 446 -34.21 -24.72 8.94
N VAL C 447 -34.87 -25.62 9.67
CA VAL C 447 -34.76 -25.65 11.12
C VAL C 447 -33.33 -25.90 11.58
N MET C 448 -32.57 -26.66 10.79
CA MET C 448 -31.18 -26.96 11.11
C MET C 448 -30.21 -25.88 10.61
N ASP C 449 -30.71 -24.91 9.85
CA ASP C 449 -29.93 -23.73 9.46
C ASP C 449 -28.79 -24.15 8.54
N ARG C 450 -29.12 -24.94 7.53
CA ARG C 450 -28.19 -25.36 6.50
C ARG C 450 -28.67 -24.76 5.19
N VAL C 451 -28.18 -23.56 4.87
CA VAL C 451 -28.64 -22.87 3.68
C VAL C 451 -28.25 -23.62 2.42
N SER C 452 -27.06 -24.22 2.44
CA SER C 452 -26.49 -24.80 1.22
C SER C 452 -27.31 -25.97 0.72
N PHE C 453 -28.00 -26.67 1.62
CA PHE C 453 -28.96 -27.68 1.21
C PHE C 453 -30.30 -27.06 0.82
N VAL C 454 -30.68 -26.00 1.51
CA VAL C 454 -31.87 -25.24 1.13
C VAL C 454 -31.69 -24.68 -0.27
N LYS C 455 -30.53 -24.09 -0.53
CA LYS C 455 -30.19 -23.58 -1.84
C LYS C 455 -30.30 -24.66 -2.89
N LEU C 456 -29.74 -25.83 -2.60
CA LEU C 456 -29.78 -26.95 -3.53
C LEU C 456 -31.21 -27.40 -3.78
N LEU C 457 -31.96 -27.65 -2.70
CA LEU C 457 -33.33 -28.10 -2.81
C LEU C 457 -34.19 -27.12 -3.62
N ILE C 458 -34.03 -25.81 -3.38
CA ILE C 458 -34.75 -24.80 -4.16
C ILE C 458 -34.43 -24.92 -5.65
N GLU C 459 -33.24 -25.43 -6.00
CA GLU C 459 -32.88 -25.65 -7.39
C GLU C 459 -33.36 -26.97 -7.95
N ASN C 460 -33.71 -27.93 -7.10
CA ASN C 460 -33.94 -29.31 -7.52
C ASN C 460 -35.38 -29.73 -7.29
N GLY C 461 -36.32 -28.83 -7.62
CA GLY C 461 -37.73 -29.15 -7.70
C GLY C 461 -38.59 -28.54 -6.61
N VAL C 462 -37.97 -28.07 -5.52
CA VAL C 462 -38.74 -27.50 -4.44
C VAL C 462 -39.25 -26.13 -4.87
N SER C 463 -40.46 -25.79 -4.40
CA SER C 463 -41.02 -24.47 -4.54
C SER C 463 -41.58 -24.05 -3.18
N MET C 464 -41.15 -22.88 -2.70
CA MET C 464 -41.63 -22.39 -1.42
C MET C 464 -43.10 -22.01 -1.44
N HIS C 465 -43.71 -21.91 -2.63
CA HIS C 465 -45.09 -21.47 -2.77
C HIS C 465 -46.08 -22.50 -2.22
N LYS C 466 -45.94 -23.76 -2.61
CA LYS C 466 -46.79 -24.81 -2.08
C LYS C 466 -46.27 -25.38 -0.77
N PHE C 467 -45.07 -24.99 -0.36
CA PHE C 467 -44.46 -25.44 0.88
C PHE C 467 -44.23 -24.24 1.80
N LEU C 468 -45.28 -23.79 2.48
CA LEU C 468 -45.06 -22.95 3.65
C LEU C 468 -46.26 -23.01 4.60
N THR C 469 -46.98 -24.14 4.66
CA THR C 469 -48.27 -24.20 5.33
C THR C 469 -48.29 -23.69 6.76
N ILE C 470 -49.49 -23.38 7.27
CA ILE C 470 -49.61 -22.75 8.58
C ILE C 470 -49.06 -23.64 9.70
N PRO C 471 -49.41 -24.95 9.77
CA PRO C 471 -48.77 -25.79 10.81
C PRO C 471 -47.27 -25.88 10.61
N ARG C 472 -46.83 -25.95 9.36
CA ARG C 472 -45.42 -26.11 9.07
C ARG C 472 -44.61 -24.90 9.52
N LEU C 473 -44.92 -23.73 8.98
CA LEU C 473 -44.17 -22.53 9.33
C LEU C 473 -44.35 -22.19 10.80
N GLU C 474 -45.48 -22.58 11.38
CA GLU C 474 -45.66 -22.45 12.82
C GLU C 474 -44.75 -23.40 13.57
N GLU C 475 -44.50 -24.58 12.99
CA GLU C 475 -43.54 -25.51 13.57
C GLU C 475 -42.18 -24.84 13.54
N LEU C 476 -41.75 -24.51 12.33
CA LEU C 476 -40.47 -23.90 12.02
C LEU C 476 -40.13 -22.69 12.90
N TYR C 477 -41.13 -22.01 13.44
CA TYR C 477 -40.87 -20.99 14.46
C TYR C 477 -40.44 -21.64 15.77
N ASN C 478 -41.21 -22.61 16.24
CA ASN C 478 -41.16 -23.05 17.63
C ASN C 478 -40.38 -24.35 17.77
N THR C 479 -39.10 -24.25 17.45
CA THR C 479 -38.16 -25.37 17.54
C THR C 479 -36.87 -24.87 18.17
N LYS C 480 -36.50 -25.50 19.29
CA LYS C 480 -35.18 -25.33 19.86
C LYS C 480 -34.15 -26.27 19.27
N GLN C 481 -34.54 -27.08 18.29
CA GLN C 481 -33.58 -27.83 17.48
C GLN C 481 -32.84 -26.87 16.56
N GLY C 482 -31.53 -26.84 16.67
CA GLY C 482 -30.71 -26.01 15.84
C GLY C 482 -30.46 -24.64 16.45
N PRO C 483 -29.80 -23.76 15.71
CA PRO C 483 -29.47 -22.43 16.23
C PRO C 483 -30.69 -21.67 16.74
N THR C 484 -30.73 -21.46 18.05
CA THR C 484 -31.91 -20.98 18.75
C THR C 484 -31.66 -19.58 19.28
N ASN C 485 -32.72 -18.79 19.33
CA ASN C 485 -32.68 -17.43 19.84
C ASN C 485 -33.20 -17.40 21.27
N PRO C 486 -32.44 -16.91 22.26
CA PRO C 486 -33.03 -16.64 23.57
C PRO C 486 -33.82 -15.34 23.65
N MET C 487 -33.77 -14.51 22.61
CA MET C 487 -34.39 -13.19 22.62
C MET C 487 -35.87 -13.24 22.27
N LEU C 488 -36.23 -14.05 21.27
CA LEU C 488 -37.61 -14.14 20.83
C LEU C 488 -38.53 -14.60 21.95
N PHE C 489 -38.07 -15.54 22.76
CA PHE C 489 -38.88 -16.02 23.87
C PHE C 489 -39.07 -14.93 24.91
N HIS C 490 -38.12 -14.01 25.01
CA HIS C 490 -38.32 -12.83 25.83
C HIS C 490 -39.28 -11.85 25.16
N LEU C 491 -39.24 -11.77 23.84
CA LEU C 491 -40.11 -10.84 23.15
C LEU C 491 -41.56 -11.30 23.25
N ILE C 492 -41.78 -12.60 23.13
CA ILE C 492 -43.14 -13.13 23.26
C ILE C 492 -43.63 -12.97 24.68
N ARG C 493 -42.70 -12.91 25.65
CA ARG C 493 -43.09 -12.71 27.04
C ARG C 493 -43.80 -11.37 27.21
N ASP C 494 -43.15 -10.28 26.78
CA ASP C 494 -43.69 -8.95 27.00
C ASP C 494 -45.04 -8.77 26.32
N VAL C 495 -45.13 -9.13 25.04
CA VAL C 495 -46.38 -8.93 24.29
C VAL C 495 -47.49 -9.80 24.87
N LYS C 496 -47.14 -10.94 25.46
CA LYS C 496 -48.12 -11.78 26.14
C LYS C 496 -48.21 -11.44 27.62
N GLN C 497 -48.28 -10.14 27.94
CA GLN C 497 -48.55 -9.67 29.29
C GLN C 497 -47.48 -10.12 30.30
N GLY C 498 -46.34 -10.59 29.79
CA GLY C 498 -45.35 -11.18 30.67
C GLY C 498 -45.86 -12.38 31.43
N ASN C 499 -46.73 -13.16 30.80
CA ASN C 499 -47.27 -14.39 31.37
C ASN C 499 -47.10 -15.51 30.36
N LEU C 500 -46.35 -16.53 30.75
CA LEU C 500 -46.13 -17.72 29.93
C LEU C 500 -46.86 -18.89 30.57
N PRO C 501 -47.72 -19.61 29.85
CA PRO C 501 -47.95 -21.00 30.20
C PRO C 501 -46.63 -21.74 30.17
N PRO C 502 -46.35 -22.66 31.13
CA PRO C 502 -45.03 -23.29 31.14
C PRO C 502 -44.69 -24.02 29.84
N GLY C 503 -45.68 -24.64 29.18
CA GLY C 503 -45.48 -25.15 27.84
C GLY C 503 -45.51 -24.10 26.75
N TYR C 504 -46.69 -23.52 26.51
CA TYR C 504 -46.86 -22.37 25.62
C TYR C 504 -46.30 -22.60 24.21
N LYS C 505 -47.00 -23.38 23.41
CA LYS C 505 -46.75 -23.44 21.97
C LYS C 505 -46.89 -22.04 21.39
N ILE C 506 -45.99 -21.68 20.48
CA ILE C 506 -45.98 -20.36 19.84
C ILE C 506 -46.91 -20.40 18.63
N THR C 507 -47.79 -19.42 18.54
CA THR C 507 -48.65 -19.27 17.37
C THR C 507 -47.99 -18.37 16.34
N LEU C 508 -48.63 -18.23 15.18
CA LEU C 508 -48.25 -17.16 14.27
C LEU C 508 -48.74 -15.81 14.80
N ILE C 509 -49.83 -15.84 15.56
CA ILE C 509 -50.48 -14.61 16.02
C ILE C 509 -49.57 -13.83 16.95
N ASP C 510 -49.12 -14.47 18.04
CA ASP C 510 -48.31 -13.78 19.03
C ASP C 510 -47.01 -13.25 18.44
N ILE C 511 -46.52 -13.88 17.37
CA ILE C 511 -45.39 -13.32 16.64
C ILE C 511 -45.75 -12.00 16.00
N GLY C 512 -46.96 -11.91 15.45
CA GLY C 512 -47.37 -10.68 14.80
C GLY C 512 -47.32 -9.48 15.73
N LEU C 513 -47.61 -9.70 17.00
CA LEU C 513 -47.48 -8.65 18.00
C LEU C 513 -46.03 -8.36 18.34
N VAL C 514 -45.11 -9.28 18.08
CA VAL C 514 -43.70 -9.01 18.28
C VAL C 514 -43.19 -8.06 17.21
N ILE C 515 -43.56 -8.32 15.96
CA ILE C 515 -43.13 -7.48 14.84
C ILE C 515 -43.67 -6.07 15.01
N GLU C 516 -44.95 -5.97 15.36
CA GLU C 516 -45.59 -4.67 15.62
C GLU C 516 -44.93 -3.92 16.76
N TYR C 517 -44.20 -4.62 17.63
CA TYR C 517 -43.39 -4.00 18.67
C TYR C 517 -41.98 -3.68 18.19
N LEU C 518 -41.45 -4.49 17.28
CA LEU C 518 -40.12 -4.29 16.74
C LEU C 518 -40.10 -3.26 15.63
N MET C 519 -41.06 -3.32 14.71
CA MET C 519 -41.16 -2.33 13.66
C MET C 519 -41.63 -0.98 14.20
N GLY C 520 -42.43 -0.99 15.24
CA GLY C 520 -42.71 0.22 15.97
C GLY C 520 -43.76 1.09 15.32
N GLY C 521 -44.06 2.19 15.98
CA GLY C 521 -45.02 3.14 15.46
C GLY C 521 -46.40 2.52 15.38
N THR C 522 -46.95 2.51 14.18
CA THR C 522 -48.29 2.01 13.92
C THR C 522 -48.27 0.93 12.84
N TYR C 523 -47.25 0.08 12.87
CA TYR C 523 -47.16 -1.04 11.96
C TYR C 523 -48.21 -2.08 12.33
N ARG C 524 -48.71 -2.78 11.30
CA ARG C 524 -49.77 -3.77 11.46
C ARG C 524 -49.36 -4.98 10.64
N CYS C 525 -48.89 -6.03 11.32
CA CYS C 525 -48.46 -7.23 10.62
C CYS C 525 -49.67 -7.94 10.02
N THR C 526 -49.42 -8.67 8.93
CA THR C 526 -50.46 -9.47 8.30
C THR C 526 -50.82 -10.72 9.10
N TYR C 527 -50.14 -10.97 10.22
CA TYR C 527 -50.47 -12.09 11.09
C TYR C 527 -51.49 -11.73 12.16
N THR C 528 -51.74 -10.44 12.39
CA THR C 528 -52.71 -9.98 13.38
C THR C 528 -54.00 -9.45 12.75
N ARG C 529 -54.16 -9.59 11.44
CA ARG C 529 -55.32 -9.02 10.80
C ARG C 529 -56.56 -9.85 11.10
N LYS C 530 -57.71 -9.36 10.65
CA LYS C 530 -58.99 -9.98 11.01
C LYS C 530 -59.17 -11.30 10.28
N ARG C 531 -58.98 -11.28 8.96
CA ARG C 531 -59.12 -12.48 8.14
C ARG C 531 -58.18 -13.57 8.60
N PHE C 532 -56.89 -13.26 8.65
CA PHE C 532 -55.88 -14.23 9.04
C PHE C 532 -56.14 -14.80 10.43
N ARG C 533 -56.50 -13.94 11.38
CA ARG C 533 -56.70 -14.39 12.76
C ARG C 533 -57.82 -15.42 12.84
N LEU C 534 -58.79 -15.33 11.93
CA LEU C 534 -59.93 -16.25 11.95
C LEU C 534 -59.57 -17.57 11.28
N ILE C 535 -59.10 -17.51 10.04
CA ILE C 535 -58.75 -18.71 9.28
C ILE C 535 -57.68 -19.53 9.99
N TYR C 536 -56.88 -18.88 10.83
CA TYR C 536 -55.91 -19.58 11.64
C TYR C 536 -56.61 -20.50 12.64
N ASN C 537 -57.51 -19.93 13.45
CA ASN C 537 -58.31 -20.72 14.38
C ASN C 537 -59.09 -21.81 13.65
N SER C 538 -59.70 -21.45 12.53
CA SER C 538 -60.51 -22.37 11.74
C SER C 538 -59.67 -23.55 11.26
N LEU C 539 -58.59 -23.25 10.56
CA LEU C 539 -57.67 -24.29 10.10
C LEU C 539 -57.06 -25.03 11.28
N GLU C 613 -55.30 -26.01 1.88
CA GLU C 613 -55.68 -25.57 0.53
C GLU C 613 -55.33 -24.11 0.32
N THR C 614 -56.05 -23.21 1.00
CA THR C 614 -55.76 -21.79 0.94
C THR C 614 -54.61 -21.39 1.85
N LYS C 615 -54.05 -22.35 2.59
CA LYS C 615 -53.02 -22.07 3.58
C LYS C 615 -51.64 -22.13 2.93
N ARG C 616 -51.46 -21.33 1.88
CA ARG C 616 -50.22 -21.34 1.12
C ARG C 616 -49.65 -19.95 0.86
N PHE C 617 -50.02 -18.92 1.66
CA PHE C 617 -49.18 -17.74 1.89
C PHE C 617 -48.68 -17.04 0.63
N PRO C 618 -49.47 -16.12 0.02
CA PRO C 618 -49.20 -15.65 -1.35
C PRO C 618 -47.76 -15.26 -1.70
N TYR C 619 -46.96 -14.86 -0.70
CA TYR C 619 -45.59 -14.40 -0.93
C TYR C 619 -44.67 -14.97 0.13
N PRO C 620 -44.42 -16.29 0.09
CA PRO C 620 -43.78 -16.96 1.24
C PRO C 620 -42.40 -16.45 1.61
N LEU C 621 -41.61 -16.04 0.63
CA LEU C 621 -40.24 -15.61 0.90
C LEU C 621 -40.18 -14.32 1.73
N ASN C 622 -41.33 -13.66 1.92
CA ASN C 622 -41.44 -12.56 2.85
C ASN C 622 -41.55 -13.04 4.28
N GLU C 623 -42.26 -14.15 4.50
CA GLU C 623 -42.50 -14.62 5.86
C GLU C 623 -41.31 -15.37 6.42
N LEU C 624 -40.48 -15.97 5.56
CA LEU C 624 -39.29 -16.66 6.04
C LEU C 624 -38.16 -15.67 6.35
N LEU C 625 -38.11 -14.55 5.64
CA LEU C 625 -37.10 -13.55 5.93
C LEU C 625 -37.31 -12.96 7.32
N ILE C 626 -38.56 -12.87 7.75
CA ILE C 626 -38.85 -12.43 9.11
C ILE C 626 -38.37 -13.46 10.10
N TRP C 627 -38.64 -14.73 9.81
CA TRP C 627 -38.21 -15.83 10.65
C TRP C 627 -36.70 -15.82 10.86
N ALA C 628 -35.94 -15.89 9.77
CA ALA C 628 -34.49 -15.92 9.83
C ALA C 628 -33.89 -14.76 10.60
N CYS C 629 -34.59 -13.64 10.67
CA CYS C 629 -34.10 -12.47 11.37
C CYS C 629 -34.53 -12.43 12.81
N LEU C 630 -35.75 -12.89 13.11
CA LEU C 630 -36.18 -13.03 14.48
C LEU C 630 -35.44 -14.13 15.23
N MET C 631 -34.76 -15.03 14.52
CA MET C 631 -34.00 -16.13 15.11
C MET C 631 -32.50 -16.00 14.86
N LYS C 632 -32.02 -14.79 14.55
CA LYS C 632 -30.62 -14.48 14.29
C LYS C 632 -29.95 -15.46 13.33
N ARG C 633 -30.68 -15.90 12.31
CA ARG C 633 -30.14 -16.76 11.27
C ARG C 633 -29.84 -15.90 10.05
N GLN C 634 -28.71 -15.21 10.12
CA GLN C 634 -28.31 -14.27 9.08
C GLN C 634 -28.08 -14.94 7.75
N VAL C 635 -27.24 -15.97 7.73
CA VAL C 635 -26.86 -16.62 6.47
C VAL C 635 -28.08 -17.20 5.78
N MET C 636 -29.11 -17.54 6.55
CA MET C 636 -30.41 -17.89 5.98
C MET C 636 -31.17 -16.66 5.53
N ALA C 637 -31.17 -15.61 6.36
CA ALA C 637 -31.86 -14.37 6.02
C ALA C 637 -31.28 -13.78 4.73
N ARG C 638 -29.97 -13.59 4.71
CA ARG C 638 -29.31 -12.98 3.56
C ARG C 638 -29.51 -13.81 2.30
N PHE C 639 -29.65 -15.12 2.47
CA PHE C 639 -29.90 -15.99 1.32
C PHE C 639 -31.32 -15.82 0.81
N LEU C 640 -32.29 -15.99 1.70
CA LEU C 640 -33.68 -15.90 1.33
C LEU C 640 -34.04 -14.53 0.76
N TRP C 641 -33.34 -13.49 1.20
CA TRP C 641 -33.59 -12.15 0.70
C TRP C 641 -33.39 -12.09 -0.81
N GLN C 642 -32.32 -12.72 -1.30
CA GLN C 642 -31.98 -12.79 -2.72
C GLN C 642 -33.17 -13.26 -3.54
N HIS C 643 -33.95 -14.17 -2.97
CA HIS C 643 -35.08 -14.77 -3.64
C HIS C 643 -36.33 -13.93 -3.43
N GLY C 644 -37.29 -14.10 -4.33
CA GLY C 644 -38.55 -13.41 -4.25
C GLY C 644 -38.48 -12.03 -4.86
N GLU C 645 -39.42 -11.18 -4.43
CA GLU C 645 -39.49 -9.80 -4.88
C GLU C 645 -39.61 -8.89 -3.66
N GLU C 646 -39.67 -7.58 -3.92
CA GLU C 646 -39.67 -6.54 -2.89
C GLU C 646 -38.34 -6.54 -2.15
N SER C 647 -37.24 -6.64 -2.90
CA SER C 647 -35.92 -6.77 -2.31
C SER C 647 -35.56 -5.58 -1.44
N MET C 648 -35.76 -4.35 -1.95
CA MET C 648 -35.34 -3.16 -1.24
C MET C 648 -36.14 -2.98 0.04
N ALA C 649 -37.42 -3.33 0.01
CA ALA C 649 -38.25 -3.25 1.20
C ALA C 649 -37.84 -4.25 2.25
N LYS C 650 -37.63 -5.51 1.86
CA LYS C 650 -37.24 -6.55 2.80
C LYS C 650 -35.94 -6.22 3.52
N ALA C 651 -35.04 -5.50 2.86
CA ALA C 651 -33.78 -5.13 3.46
C ALA C 651 -33.90 -4.00 4.46
N LEU C 652 -34.90 -3.15 4.32
CA LEU C 652 -35.10 -2.04 5.22
C LEU C 652 -35.99 -2.38 6.40
N VAL C 653 -36.76 -3.45 6.26
CA VAL C 653 -37.47 -4.06 7.38
C VAL C 653 -36.47 -4.77 8.29
N ALA C 654 -35.72 -5.70 7.70
CA ALA C 654 -34.65 -6.41 8.39
C ALA C 654 -33.75 -5.47 9.18
N CYS C 655 -33.30 -4.39 8.57
CA CYS C 655 -32.51 -3.40 9.31
C CYS C 655 -33.28 -2.86 10.51
N LYS C 656 -34.60 -2.77 10.41
CA LYS C 656 -35.39 -2.27 11.52
C LYS C 656 -35.60 -3.35 12.58
N ILE C 657 -35.83 -4.59 12.15
CA ILE C 657 -36.05 -5.67 13.10
C ILE C 657 -34.79 -5.91 13.92
N TYR C 658 -33.65 -6.04 13.26
CA TYR C 658 -32.40 -6.27 14.00
C TYR C 658 -32.04 -5.08 14.88
N ARG C 659 -32.23 -3.86 14.37
CA ARG C 659 -31.84 -2.69 15.12
C ARG C 659 -32.64 -2.56 16.41
N SER C 660 -33.89 -2.98 16.40
CA SER C 660 -34.72 -2.90 17.60
C SER C 660 -34.35 -3.99 18.59
N MET C 661 -34.13 -5.21 18.12
CA MET C 661 -33.61 -6.25 18.98
C MET C 661 -32.23 -5.91 19.50
N ALA C 662 -31.40 -5.27 18.68
CA ALA C 662 -30.11 -4.79 19.14
C ALA C 662 -30.22 -3.71 20.21
N TYR C 663 -31.38 -3.10 20.36
CA TYR C 663 -31.64 -2.14 21.41
C TYR C 663 -32.26 -2.79 22.63
N GLU C 664 -33.14 -3.75 22.41
CA GLU C 664 -33.87 -4.37 23.51
C GLU C 664 -32.96 -5.32 24.28
N ALA C 665 -31.93 -5.83 23.63
CA ALA C 665 -30.85 -6.51 24.33
C ALA C 665 -30.16 -5.55 25.31
N LYS C 666 -29.68 -4.41 24.79
CA LYS C 666 -29.05 -3.40 25.64
C LYS C 666 -30.03 -2.75 26.60
N GLN C 667 -31.34 -2.94 26.40
CA GLN C 667 -32.35 -2.39 27.31
C GLN C 667 -32.77 -3.45 28.32
N SER C 668 -33.23 -4.62 27.84
CA SER C 668 -33.68 -5.68 28.71
C SER C 668 -32.58 -6.07 29.69
N ASP C 669 -31.37 -6.22 29.16
CA ASP C 669 -30.16 -6.36 29.97
C ASP C 669 -30.20 -7.58 30.89
N LEU C 670 -30.94 -8.59 30.46
CA LEU C 670 -31.08 -9.85 31.19
C LEU C 670 -29.96 -10.82 30.79
N VAL C 671 -30.16 -12.10 31.09
CA VAL C 671 -29.32 -13.22 30.65
C VAL C 671 -28.94 -13.11 29.17
N ASP C 672 -29.81 -12.52 28.35
CA ASP C 672 -29.54 -12.31 26.94
C ASP C 672 -28.31 -11.44 26.72
N ASP C 673 -27.80 -11.46 25.50
CA ASP C 673 -26.58 -10.78 25.12
C ASP C 673 -26.61 -10.66 23.59
N THR C 674 -25.45 -10.50 22.94
CA THR C 674 -25.28 -10.51 21.49
C THR C 674 -26.13 -9.46 20.79
N SER C 675 -25.81 -8.19 21.04
CA SER C 675 -26.45 -7.05 20.40
C SER C 675 -25.60 -6.46 19.28
N GLU C 676 -24.31 -6.24 19.52
CA GLU C 676 -23.45 -5.72 18.46
C GLU C 676 -23.39 -6.67 17.26
N GLU C 677 -23.73 -7.94 17.47
CA GLU C 677 -23.94 -8.87 16.37
C GLU C 677 -25.18 -8.50 15.59
N LEU C 678 -26.23 -8.05 16.28
CA LEU C 678 -27.45 -7.62 15.62
C LEU C 678 -27.25 -6.29 14.93
N LYS C 679 -26.62 -5.34 15.64
CA LYS C 679 -26.20 -4.07 15.06
C LYS C 679 -25.50 -4.26 13.72
N GLN C 680 -24.61 -5.24 13.62
CA GLN C 680 -23.93 -5.51 12.37
C GLN C 680 -24.89 -6.09 11.35
N TYR C 681 -25.82 -6.93 11.79
CA TYR C 681 -26.76 -7.55 10.86
C TYR C 681 -27.66 -6.50 10.24
N SER C 682 -28.05 -5.50 11.01
CA SER C 682 -28.88 -4.42 10.47
C SER C 682 -28.11 -3.64 9.42
N ASN C 683 -26.90 -3.23 9.75
CA ASN C 683 -26.10 -2.45 8.82
C ASN C 683 -25.70 -3.27 7.59
N ASP C 684 -25.73 -4.60 7.69
CA ASP C 684 -25.51 -5.42 6.51
C ASP C 684 -26.66 -5.29 5.53
N PHE C 685 -27.89 -5.50 5.98
CA PHE C 685 -29.05 -5.30 5.13
C PHE C 685 -29.23 -3.84 4.75
N GLY C 686 -28.84 -2.92 5.61
CA GLY C 686 -28.99 -1.51 5.29
C GLY C 686 -28.22 -1.13 4.05
N GLN C 687 -26.96 -1.55 3.98
CA GLN C 687 -26.15 -1.28 2.81
C GLN C 687 -26.70 -1.95 1.56
N LEU C 688 -27.41 -3.06 1.71
CA LEU C 688 -28.00 -3.72 0.55
C LEU C 688 -29.08 -2.86 -0.08
N ALA C 689 -29.91 -2.24 0.75
CA ALA C 689 -30.95 -1.36 0.26
C ALA C 689 -30.37 -0.11 -0.39
N VAL C 690 -29.26 0.40 0.15
CA VAL C 690 -28.57 1.55 -0.42
C VAL C 690 -27.99 1.21 -1.78
N GLU C 691 -27.38 0.03 -1.91
CA GLU C 691 -26.74 -0.35 -3.15
C GLU C 691 -27.76 -0.70 -4.23
N LEU C 692 -28.97 -1.09 -3.84
CA LEU C 692 -30.04 -1.23 -4.82
C LEU C 692 -30.57 0.13 -5.27
N LEU C 693 -30.50 1.13 -4.40
CA LEU C 693 -30.98 2.46 -4.76
C LEU C 693 -30.04 3.10 -5.78
N GLU C 694 -28.75 3.09 -5.48
CA GLU C 694 -27.70 3.44 -6.42
C GLU C 694 -27.94 2.87 -7.81
N GLN C 695 -28.04 1.55 -7.89
CA GLN C 695 -28.26 0.84 -9.14
C GLN C 695 -29.52 1.37 -9.83
N SER C 696 -30.62 1.37 -9.10
CA SER C 696 -31.90 1.76 -9.65
C SER C 696 -31.93 3.23 -10.06
N PHE C 697 -31.08 4.05 -9.45
CA PHE C 697 -31.04 5.47 -9.75
C PHE C 697 -30.18 5.76 -10.98
N ARG C 698 -29.11 4.98 -11.17
CA ARG C 698 -28.26 5.15 -12.33
C ARG C 698 -28.92 4.67 -13.62
N GLN C 699 -30.08 4.03 -13.55
CA GLN C 699 -30.83 3.62 -14.73
C GLN C 699 -31.87 4.65 -15.13
N ASP C 700 -32.83 4.94 -14.26
CA ASP C 700 -33.77 6.05 -14.48
C ASP C 700 -34.01 6.74 -13.14
N GLU C 701 -33.57 7.98 -13.06
CA GLU C 701 -33.72 8.79 -11.85
C GLU C 701 -35.18 8.91 -11.45
N THR C 702 -36.07 9.10 -12.43
CA THR C 702 -37.46 9.39 -12.14
C THR C 702 -38.16 8.17 -11.56
N MET C 703 -37.83 6.98 -12.05
CA MET C 703 -38.49 5.78 -11.57
C MET C 703 -38.02 5.42 -10.18
N ALA C 704 -36.72 5.64 -9.90
CA ALA C 704 -36.18 5.39 -8.58
C ALA C 704 -36.91 6.19 -7.51
N MET C 705 -37.18 7.47 -7.79
CA MET C 705 -38.00 8.29 -6.89
C MET C 705 -39.37 7.69 -6.65
N LYS C 706 -39.97 7.09 -7.67
CA LYS C 706 -41.27 6.45 -7.49
C LYS C 706 -41.14 5.20 -6.63
N LEU C 707 -39.96 4.59 -6.63
CA LEU C 707 -39.78 3.37 -5.83
C LEU C 707 -39.72 3.70 -4.35
N LEU C 708 -39.22 4.88 -4.01
CA LEU C 708 -39.15 5.32 -2.63
C LEU C 708 -40.49 5.70 -2.05
N THR C 709 -41.58 5.71 -2.84
CA THR C 709 -42.85 6.25 -2.38
C THR C 709 -44.09 5.45 -2.73
N TYR C 710 -43.98 4.30 -3.39
CA TYR C 710 -45.17 3.47 -3.62
C TYR C 710 -45.51 2.66 -2.37
N GLU C 711 -46.80 2.59 -2.08
CA GLU C 711 -47.29 1.74 -1.01
C GLU C 711 -46.91 0.30 -1.27
N LEU C 712 -46.55 -0.40 -0.21
CA LEU C 712 -46.00 -1.74 -0.33
C LEU C 712 -47.07 -2.83 -0.29
N LYS C 713 -48.01 -2.72 0.64
CA LYS C 713 -49.23 -3.53 0.74
C LYS C 713 -49.00 -4.94 1.26
N ASN C 714 -47.76 -5.37 1.36
CA ASN C 714 -47.36 -6.52 2.15
C ASN C 714 -46.64 -6.11 3.42
N TRP C 715 -46.51 -4.80 3.67
CA TRP C 715 -45.66 -4.27 4.70
C TRP C 715 -46.39 -3.14 5.40
N SER C 716 -47.67 -3.40 5.69
CA SER C 716 -48.52 -2.51 6.48
C SER C 716 -48.78 -1.19 5.76
N ASN C 717 -48.79 -1.24 4.42
CA ASN C 717 -49.10 -0.07 3.61
C ASN C 717 -48.15 1.07 3.95
N SER C 718 -46.87 0.71 4.02
CA SER C 718 -45.80 1.61 4.36
C SER C 718 -44.98 1.86 3.12
N THR C 719 -43.82 2.48 3.29
CA THR C 719 -43.03 2.99 2.21
C THR C 719 -41.57 2.74 2.53
N CYS C 720 -40.80 2.43 1.49
CA CYS C 720 -39.41 2.06 1.70
C CYS C 720 -38.63 3.21 2.33
N LEU C 721 -38.96 4.43 1.93
CA LEU C 721 -38.39 5.60 2.57
C LEU C 721 -38.78 5.68 4.04
N LYS C 722 -40.08 5.62 4.33
CA LYS C 722 -40.57 5.66 5.71
C LYS C 722 -39.91 4.59 6.57
N LEU C 723 -39.67 3.41 6.01
CA LEU C 723 -39.02 2.34 6.76
C LEU C 723 -37.57 2.69 7.07
N ALA C 724 -36.88 3.30 6.12
CA ALA C 724 -35.48 3.63 6.30
C ALA C 724 -35.28 4.77 7.28
N VAL C 725 -36.27 5.65 7.41
CA VAL C 725 -36.21 6.69 8.42
C VAL C 725 -36.39 6.10 9.80
N SER C 726 -37.18 5.04 9.92
CA SER C 726 -37.40 4.40 11.20
C SER C 726 -36.11 3.79 11.74
N SER C 727 -35.33 3.18 10.87
CA SER C 727 -34.04 2.63 11.23
C SER C 727 -32.94 3.68 11.34
N ARG C 728 -33.24 4.93 11.03
CA ARG C 728 -32.25 6.00 10.99
C ARG C 728 -31.09 5.64 10.08
N LEU C 729 -31.44 5.10 8.92
CA LEU C 729 -30.51 4.58 7.95
C LEU C 729 -30.14 5.71 7.01
N ARG C 730 -29.13 6.46 7.39
CA ARG C 730 -28.73 7.73 6.81
C ARG C 730 -28.16 7.68 5.39
N PRO C 731 -27.36 6.68 5.01
CA PRO C 731 -26.85 6.66 3.64
C PRO C 731 -27.92 6.50 2.58
N PHE C 732 -29.13 6.13 2.96
CA PHE C 732 -30.28 5.97 2.09
C PHE C 732 -31.06 7.27 1.97
N VAL C 733 -31.25 7.96 3.09
CA VAL C 733 -31.93 9.25 3.10
C VAL C 733 -31.02 10.34 2.59
N ALA C 734 -29.72 10.21 2.78
CA ALA C 734 -28.75 11.14 2.25
C ALA C 734 -28.27 10.78 0.85
N HIS C 735 -28.97 9.86 0.18
CA HIS C 735 -28.66 9.49 -1.19
C HIS C 735 -29.35 10.46 -2.13
N THR C 736 -28.68 10.75 -3.25
CA THR C 736 -29.12 11.82 -4.13
C THR C 736 -30.49 11.57 -4.72
N CYS C 737 -30.95 10.33 -4.76
CA CYS C 737 -32.30 10.04 -5.20
C CYS C 737 -33.33 10.64 -4.26
N THR C 738 -33.20 10.39 -2.96
CA THR C 738 -34.13 10.96 -2.00
C THR C 738 -34.03 12.47 -1.98
N GLN C 739 -32.81 12.98 -2.03
CA GLN C 739 -32.58 14.41 -2.01
C GLN C 739 -33.29 15.11 -3.15
N MET C 740 -33.12 14.61 -4.37
CA MET C 740 -33.84 15.16 -5.51
C MET C 740 -35.35 15.05 -5.33
N LEU C 741 -35.81 13.99 -4.66
CA LEU C 741 -37.23 13.90 -4.33
C LEU C 741 -37.61 14.82 -3.19
N LEU C 742 -36.75 14.98 -2.19
CA LEU C 742 -37.06 15.88 -1.10
C LEU C 742 -37.14 17.30 -1.60
N SER C 743 -36.30 17.64 -2.57
CA SER C 743 -36.33 18.95 -3.20
C SER C 743 -37.61 19.16 -3.99
N ASP C 744 -38.13 18.11 -4.61
CA ASP C 744 -39.33 18.24 -5.42
C ASP C 744 -40.58 18.32 -4.56
N MET C 745 -40.58 17.71 -3.39
CA MET C 745 -41.68 17.90 -2.44
C MET C 745 -41.61 19.25 -1.76
N TRP C 746 -40.41 19.79 -1.59
CA TRP C 746 -40.22 21.12 -1.03
C TRP C 746 -40.82 22.20 -1.91
N MET C 747 -40.65 22.08 -3.22
CA MET C 747 -41.19 23.06 -4.15
C MET C 747 -42.69 22.92 -4.37
N GLY C 748 -43.20 21.70 -4.41
CA GLY C 748 -44.58 21.52 -4.79
C GLY C 748 -44.70 21.63 -6.29
N ARG C 749 -45.64 22.45 -6.74
CA ARG C 749 -45.83 22.75 -8.15
C ARG C 749 -45.08 23.99 -8.61
N LEU C 750 -44.05 24.40 -7.88
CA LEU C 750 -43.21 25.51 -8.26
C LEU C 750 -41.94 24.98 -8.90
N ASN C 751 -41.52 25.60 -9.99
CA ASN C 751 -40.33 25.18 -10.73
C ASN C 751 -39.21 26.14 -10.32
N MET C 752 -38.56 25.83 -9.19
CA MET C 752 -37.64 26.79 -8.61
C MET C 752 -36.27 26.79 -9.28
N ARG C 753 -35.99 25.84 -10.17
CA ARG C 753 -34.83 25.98 -11.04
C ARG C 753 -34.98 27.16 -11.99
N LYS C 754 -36.21 27.61 -12.21
CA LYS C 754 -36.50 28.79 -13.01
C LYS C 754 -36.85 30.00 -12.17
N ASN C 755 -37.60 29.81 -11.09
CA ASN C 755 -37.89 30.87 -10.13
C ASN C 755 -36.71 31.00 -9.18
N SER C 756 -36.85 31.82 -8.14
CA SER C 756 -35.82 31.94 -7.11
C SER C 756 -36.46 32.33 -5.79
N TRP C 757 -35.75 32.05 -4.70
CA TRP C 757 -36.32 32.20 -3.37
C TRP C 757 -36.62 33.66 -3.05
N TYR C 758 -35.99 34.61 -3.76
CA TYR C 758 -36.37 36.00 -3.58
C TYR C 758 -37.67 36.33 -4.30
N LYS C 759 -38.05 35.54 -5.31
CA LYS C 759 -39.33 35.73 -5.98
C LYS C 759 -40.48 35.14 -5.18
N VAL C 760 -40.19 34.14 -4.35
CA VAL C 760 -41.19 33.56 -3.47
C VAL C 760 -41.54 34.53 -2.36
N ILE C 761 -40.53 35.14 -1.75
CA ILE C 761 -40.76 36.12 -0.69
C ILE C 761 -41.58 37.28 -1.23
N LEU C 762 -41.18 37.81 -2.38
CA LEU C 762 -41.91 38.90 -3.02
C LEU C 762 -43.35 38.51 -3.31
N SER C 763 -43.57 37.30 -3.80
CA SER C 763 -44.91 36.85 -4.14
C SER C 763 -45.79 36.60 -2.93
N ILE C 764 -45.20 36.42 -1.75
CA ILE C 764 -45.96 36.32 -0.52
C ILE C 764 -46.45 37.69 -0.09
N LEU C 765 -45.55 38.67 -0.12
CA LEU C 765 -45.87 40.04 0.24
C LEU C 765 -46.63 40.77 -0.85
N VAL C 766 -46.54 40.29 -2.09
CA VAL C 766 -47.26 40.83 -3.23
C VAL C 766 -47.94 39.67 -3.93
N PRO C 767 -49.16 39.30 -3.53
CA PRO C 767 -49.82 38.10 -4.08
C PRO C 767 -49.95 38.10 -5.60
N PRO C 768 -50.21 39.24 -6.25
CA PRO C 768 -50.36 39.19 -7.73
C PRO C 768 -49.16 38.63 -8.48
N ALA C 769 -47.96 38.66 -7.89
CA ALA C 769 -46.82 38.02 -8.51
C ALA C 769 -46.92 36.49 -8.52
N ILE C 770 -47.85 35.94 -7.77
CA ILE C 770 -48.07 34.49 -7.74
C ILE C 770 -48.47 34.00 -9.11
N LEU C 771 -49.27 34.78 -9.83
CA LEU C 771 -49.74 34.42 -11.16
C LEU C 771 -48.72 34.71 -12.24
N MET C 772 -47.52 35.15 -11.87
CA MET C 772 -46.43 35.42 -12.79
C MET C 772 -45.33 34.36 -12.69
N LEU C 773 -45.44 33.42 -11.77
CA LEU C 773 -44.40 32.44 -11.51
C LEU C 773 -44.59 31.22 -12.38
N GLU C 774 -43.48 30.52 -12.61
CA GLU C 774 -43.47 29.33 -13.45
C GLU C 774 -43.84 28.13 -12.61
N TYR C 775 -45.00 27.56 -12.89
CA TYR C 775 -45.49 26.38 -12.19
C TYR C 775 -45.15 25.12 -13.00
N LYS C 776 -45.73 24.00 -12.61
CA LYS C 776 -45.41 22.69 -13.18
C LYS C 776 -46.69 22.02 -13.66
N THR C 777 -46.49 21.03 -14.52
CA THR C 777 -47.56 20.25 -15.10
C THR C 777 -47.83 19.02 -14.25
N LYS C 778 -48.59 18.07 -14.78
CA LYS C 778 -48.79 16.78 -14.16
C LYS C 778 -47.68 15.79 -14.48
N ALA C 779 -47.00 15.95 -15.60
CA ALA C 779 -46.00 14.98 -16.03
C ALA C 779 -44.71 15.09 -15.23
N GLU C 780 -44.30 16.31 -14.90
CA GLU C 780 -43.15 16.56 -14.05
C GLU C 780 -43.54 16.65 -12.57
N MET C 781 -44.74 16.16 -12.21
CA MET C 781 -45.17 16.03 -10.82
C MET C 781 -45.63 14.61 -10.51
N SER C 782 -45.41 13.65 -11.42
CA SER C 782 -45.96 12.32 -11.27
C SER C 782 -45.17 11.46 -10.32
N HIS C 783 -43.88 11.73 -10.16
CA HIS C 783 -43.00 11.00 -9.25
C HIS C 783 -43.14 11.42 -7.80
N ILE C 784 -43.95 12.43 -7.51
CA ILE C 784 -43.97 13.09 -6.21
C ILE C 784 -45.18 12.56 -5.45
N PRO C 785 -45.03 12.14 -4.20
CA PRO C 785 -46.22 11.77 -3.43
C PRO C 785 -47.04 13.01 -3.10
N GLN C 786 -48.32 12.95 -3.46
CA GLN C 786 -49.23 14.06 -3.37
C GLN C 786 -50.37 13.72 -2.43
N SER C 787 -51.11 14.75 -2.05
CA SER C 787 -52.29 14.60 -1.25
C SER C 787 -53.46 14.12 -2.09
N GLN C 788 -54.58 13.84 -1.45
CA GLN C 788 -55.82 13.60 -2.17
C GLN C 788 -56.18 14.83 -3.00
N ASP C 789 -56.11 16.01 -2.40
CA ASP C 789 -56.48 17.25 -3.04
C ASP C 789 -55.52 17.62 -4.17
N ALA C 790 -54.24 17.80 -3.83
CA ALA C 790 -53.21 18.16 -4.81
C ALA C 790 -53.21 17.21 -5.99
N HIS C 791 -53.52 15.94 -5.74
CA HIS C 791 -53.81 15.01 -6.82
C HIS C 791 -55.05 15.49 -7.58
N GLN C 792 -56.18 15.60 -6.87
CA GLN C 792 -57.48 15.79 -7.51
C GLN C 792 -57.58 17.16 -8.18
N MET C 793 -57.09 18.21 -7.51
CA MET C 793 -57.17 19.56 -8.06
C MET C 793 -56.41 19.67 -9.38
N THR C 794 -55.44 18.78 -9.62
CA THR C 794 -54.74 18.74 -10.89
C THR C 794 -55.46 17.90 -11.95
N MET C 795 -56.37 17.00 -11.53
CA MET C 795 -56.99 16.07 -12.48
C MET C 795 -57.98 16.77 -13.40
N GLU C 796 -59.03 17.35 -12.83
CA GLU C 796 -60.16 17.89 -13.59
C GLU C 796 -59.73 18.91 -14.65
N LEU C 838 -54.43 25.85 -16.72
CA LEU C 838 -54.09 26.06 -15.31
C LEU C 838 -54.78 27.33 -14.78
N PRO C 839 -56.04 27.22 -14.34
CA PRO C 839 -56.80 28.43 -14.00
C PRO C 839 -56.24 29.13 -12.78
N ILE C 840 -56.82 30.29 -12.48
CA ILE C 840 -56.28 31.24 -11.52
C ILE C 840 -56.36 30.68 -10.10
N THR C 841 -57.54 30.22 -9.69
CA THR C 841 -57.74 29.71 -8.35
C THR C 841 -56.83 28.53 -8.06
N ARG C 842 -56.50 27.76 -9.10
CA ARG C 842 -55.58 26.64 -8.95
C ARG C 842 -54.13 27.11 -8.89
N LYS C 843 -53.85 28.33 -9.35
CA LYS C 843 -52.50 28.86 -9.27
C LYS C 843 -52.19 29.38 -7.86
N PHE C 844 -53.21 29.84 -7.15
CA PHE C 844 -53.02 30.21 -5.74
C PHE C 844 -52.97 28.99 -4.85
N TYR C 845 -53.76 27.96 -5.18
CA TYR C 845 -53.72 26.74 -4.39
C TYR C 845 -52.36 26.07 -4.51
N ALA C 846 -51.71 26.20 -5.65
CA ALA C 846 -50.40 25.60 -5.84
C ALA C 846 -49.32 26.30 -5.05
N PHE C 847 -49.50 27.59 -4.78
CA PHE C 847 -48.46 28.40 -4.18
C PHE C 847 -48.50 28.29 -2.67
N TYR C 848 -49.65 28.55 -2.07
CA TYR C 848 -49.78 28.61 -0.63
C TYR C 848 -49.76 27.25 0.03
N HIS C 849 -49.75 26.17 -0.75
CA HIS C 849 -49.69 24.82 -0.23
C HIS C 849 -48.34 24.16 -0.49
N ALA C 850 -47.40 24.85 -1.10
CA ALA C 850 -46.05 24.33 -1.24
C ALA C 850 -45.28 24.48 0.07
N PRO C 851 -44.43 23.52 0.44
CA PRO C 851 -43.67 23.68 1.69
C PRO C 851 -42.71 24.82 1.70
N ILE C 852 -42.11 25.16 0.56
CA ILE C 852 -41.21 26.30 0.50
C ILE C 852 -41.93 27.59 0.83
N VAL C 853 -43.21 27.69 0.52
CA VAL C 853 -43.95 28.90 0.78
C VAL C 853 -44.36 28.96 2.23
N LYS C 854 -44.78 27.83 2.79
CA LYS C 854 -45.16 27.79 4.18
C LYS C 854 -43.99 28.05 5.11
N PHE C 855 -42.77 27.75 4.66
CA PHE C 855 -41.59 28.12 5.42
C PHE C 855 -41.36 29.62 5.43
N TRP C 856 -41.25 30.23 4.25
CA TRP C 856 -40.96 31.65 4.13
C TRP C 856 -42.14 32.54 4.47
N PHE C 857 -43.26 31.98 4.91
CA PHE C 857 -44.46 32.66 5.32
C PHE C 857 -44.62 32.58 6.82
N ASN C 858 -44.14 31.49 7.41
CA ASN C 858 -43.97 31.39 8.85
C ASN C 858 -42.72 32.10 9.31
N THR C 859 -41.65 32.02 8.52
CA THR C 859 -40.41 32.73 8.81
C THR C 859 -40.60 34.23 8.86
N LEU C 860 -41.31 34.80 7.89
CA LEU C 860 -41.53 36.23 7.89
C LEU C 860 -42.44 36.67 9.03
N ALA C 861 -43.44 35.86 9.38
CA ALA C 861 -44.27 36.17 10.52
C ALA C 861 -43.50 36.05 11.82
N TYR C 862 -42.63 35.03 11.91
CA TYR C 862 -41.80 34.89 13.08
C TYR C 862 -40.82 36.04 13.24
N LEU C 863 -40.25 36.50 12.14
CA LEU C 863 -39.37 37.65 12.23
C LEU C 863 -40.14 38.90 12.59
N GLY C 864 -41.34 39.06 12.06
CA GLY C 864 -42.16 40.19 12.44
C GLY C 864 -42.69 40.07 13.85
N PHE C 865 -42.81 38.84 14.34
CA PHE C 865 -43.11 38.61 15.73
C PHE C 865 -42.02 39.12 16.66
N LEU C 866 -40.76 38.78 16.37
CA LEU C 866 -39.66 39.23 17.20
C LEU C 866 -39.41 40.73 17.13
N MET C 867 -39.66 41.34 15.99
CA MET C 867 -39.54 42.78 15.87
C MET C 867 -40.51 43.50 16.77
N LEU C 868 -41.73 42.98 16.87
CA LEU C 868 -42.73 43.55 17.76
C LEU C 868 -42.45 43.22 19.20
N TYR C 869 -42.04 41.99 19.47
CA TYR C 869 -41.82 41.55 20.82
C TYR C 869 -40.54 42.17 21.41
N THR C 870 -39.56 42.43 20.56
CA THR C 870 -38.44 43.29 20.90
C THR C 870 -38.89 44.72 21.20
N PHE C 871 -39.81 45.25 20.40
CA PHE C 871 -40.33 46.60 20.62
C PHE C 871 -41.08 46.73 21.94
N VAL C 872 -41.71 45.65 22.39
CA VAL C 872 -42.54 45.70 23.59
C VAL C 872 -41.68 45.70 24.85
N VAL C 873 -40.61 44.91 24.87
CA VAL C 873 -39.76 44.84 26.04
C VAL C 873 -38.88 46.07 26.18
N LEU C 874 -38.52 46.71 25.08
CA LEU C 874 -37.70 47.91 25.12
C LEU C 874 -38.48 49.18 25.40
N VAL C 875 -39.74 49.22 25.01
CA VAL C 875 -40.60 50.38 25.24
C VAL C 875 -41.37 50.13 26.52
N LYS C 876 -41.68 51.21 27.23
CA LYS C 876 -42.34 51.09 28.52
C LYS C 876 -43.70 50.44 28.40
N MET C 877 -44.12 49.82 29.48
CA MET C 877 -45.45 49.25 29.60
C MET C 877 -46.31 50.13 30.47
N GLU C 878 -47.42 50.58 29.90
CA GLU C 878 -48.49 51.18 30.67
C GLU C 878 -49.34 50.05 31.24
N GLN C 879 -50.51 50.36 31.78
CA GLN C 879 -51.30 49.38 32.50
C GLN C 879 -51.79 48.26 31.59
N LEU C 880 -52.39 48.63 30.48
CA LEU C 880 -52.96 47.66 29.56
C LEU C 880 -51.99 47.41 28.41
N PRO C 881 -52.01 46.23 27.80
CA PRO C 881 -51.13 46.01 26.67
C PRO C 881 -51.43 46.89 25.48
N SER C 882 -50.40 47.15 24.72
CA SER C 882 -50.48 47.84 23.45
C SER C 882 -50.85 46.86 22.35
N VAL C 883 -51.22 47.42 21.20
CA VAL C 883 -51.57 46.62 20.05
C VAL C 883 -50.43 45.69 19.67
N GLN C 884 -49.20 46.18 19.83
CA GLN C 884 -48.04 45.33 19.63
C GLN C 884 -48.03 44.14 20.56
N GLU C 885 -48.27 44.37 21.85
CA GLU C 885 -48.22 43.29 22.82
C GLU C 885 -49.39 42.32 22.64
N TRP C 886 -50.55 42.81 22.20
CA TRP C 886 -51.63 41.88 21.91
C TRP C 886 -51.30 40.98 20.72
N ILE C 887 -50.75 41.55 19.65
CA ILE C 887 -50.33 40.76 18.51
C ILE C 887 -49.27 39.72 18.91
N VAL C 888 -48.45 40.03 19.92
CA VAL C 888 -47.46 39.10 20.45
C VAL C 888 -48.13 37.94 21.16
N ILE C 889 -49.09 38.25 22.03
CA ILE C 889 -49.80 37.25 22.80
C ILE C 889 -50.58 36.34 21.88
N ALA C 890 -51.15 36.90 20.80
CA ALA C 890 -51.89 36.12 19.83
C ALA C 890 -51.01 35.12 19.12
N TYR C 891 -49.85 35.56 18.63
CA TYR C 891 -48.88 34.63 18.09
C TYR C 891 -48.58 33.50 19.08
N ILE C 892 -48.13 33.82 20.28
CA ILE C 892 -47.68 32.79 21.22
C ILE C 892 -48.82 31.86 21.58
N PHE C 893 -50.03 32.38 21.70
CA PHE C 893 -51.17 31.55 22.07
C PHE C 893 -51.47 30.52 21.00
N THR C 894 -51.52 30.96 19.75
CA THR C 894 -51.84 30.08 18.64
C THR C 894 -50.66 29.22 18.25
N TYR C 895 -49.45 29.78 18.29
CA TYR C 895 -48.23 29.01 18.19
C TYR C 895 -48.25 27.81 19.13
N ALA C 896 -48.79 27.99 20.33
CA ALA C 896 -48.89 26.87 21.27
C ALA C 896 -49.85 25.80 20.77
N ILE C 897 -51.06 26.23 20.38
CA ILE C 897 -52.07 25.31 19.86
C ILE C 897 -51.51 24.54 18.68
N GLU C 898 -50.80 25.24 17.80
CA GLU C 898 -50.04 24.62 16.73
C GLU C 898 -49.12 23.50 17.22
N LYS C 899 -48.51 23.66 18.38
CA LYS C 899 -47.60 22.64 18.89
C LYS C 899 -48.34 21.49 19.55
N VAL C 900 -49.49 21.77 20.15
CA VAL C 900 -50.35 20.70 20.67
C VAL C 900 -50.77 19.79 19.54
N ARG C 901 -51.26 20.37 18.45
CA ARG C 901 -51.76 19.60 17.32
C ARG C 901 -50.70 18.67 16.76
N GLU C 902 -49.50 19.17 16.52
CA GLU C 902 -48.47 18.33 15.91
C GLU C 902 -47.93 17.28 16.87
N VAL C 903 -48.34 17.29 18.13
CA VAL C 903 -48.15 16.15 19.01
C VAL C 903 -49.27 15.14 18.82
N PHE C 904 -50.52 15.60 18.96
CA PHE C 904 -51.66 14.71 18.83
C PHE C 904 -51.78 14.15 17.42
N MET C 905 -51.40 14.94 16.42
CA MET C 905 -51.38 14.50 15.03
C MET C 905 -50.01 14.03 14.60
N SER C 906 -49.27 13.43 15.52
CA SER C 906 -47.98 12.84 15.20
C SER C 906 -48.18 11.52 14.45
N GLU C 907 -47.08 10.80 14.24
CA GLU C 907 -47.07 9.54 13.51
C GLU C 907 -47.25 8.33 14.42
N ALA C 908 -46.66 8.36 15.61
CA ALA C 908 -46.87 7.29 16.58
C ALA C 908 -48.33 7.23 17.00
N GLY C 909 -48.70 6.18 17.73
CA GLY C 909 -50.08 5.97 18.09
C GLY C 909 -50.30 6.07 19.59
N LYS C 910 -49.33 5.61 20.36
CA LYS C 910 -49.40 5.75 21.80
C LYS C 910 -49.10 7.19 22.19
N ILE C 911 -50.03 7.80 22.93
CA ILE C 911 -49.87 9.19 23.33
C ILE C 911 -48.62 9.37 24.16
N SER C 912 -48.26 8.37 24.96
CA SER C 912 -47.05 8.45 25.75
C SER C 912 -45.80 8.32 24.89
N GLN C 913 -45.92 7.92 23.63
CA GLN C 913 -44.81 7.88 22.69
C GLN C 913 -44.89 8.99 21.65
N LYS C 914 -46.08 9.50 21.37
CA LYS C 914 -46.19 10.78 20.69
C LYS C 914 -45.53 11.89 21.49
N ILE C 915 -45.54 11.76 22.81
CA ILE C 915 -44.98 12.76 23.73
C ILE C 915 -43.46 12.63 23.89
N LYS C 916 -42.95 11.43 24.16
CA LYS C 916 -41.53 11.29 24.43
C LYS C 916 -40.66 11.58 23.23
N VAL C 917 -41.21 11.51 22.03
CA VAL C 917 -40.45 11.81 20.82
C VAL C 917 -40.38 13.32 20.60
N TRP C 918 -41.50 14.00 20.80
CA TRP C 918 -41.55 15.43 20.56
C TRP C 918 -40.68 16.18 21.55
N PHE C 919 -40.73 15.79 22.81
CA PHE C 919 -39.88 16.39 23.83
C PHE C 919 -38.43 15.93 23.75
N SER C 920 -38.08 15.11 22.77
CA SER C 920 -36.71 14.68 22.53
C SER C 920 -35.99 15.56 21.51
N ASP C 921 -36.45 16.79 21.32
CA ASP C 921 -35.79 17.77 20.46
C ASP C 921 -35.54 19.01 21.27
N TYR C 922 -34.41 19.67 21.03
CA TYR C 922 -34.01 20.80 21.86
C TYR C 922 -35.02 21.94 21.77
N PHE C 923 -35.46 22.26 20.57
CA PHE C 923 -36.23 23.47 20.37
C PHE C 923 -37.70 23.28 20.73
N ASN C 924 -38.14 22.04 20.92
CA ASN C 924 -39.50 21.79 21.39
C ASN C 924 -39.59 21.86 22.90
N VAL C 925 -38.52 21.49 23.58
CA VAL C 925 -38.39 21.69 25.01
C VAL C 925 -38.30 23.17 25.34
N SER C 926 -37.51 23.91 24.56
CA SER C 926 -37.37 25.34 24.79
C SER C 926 -38.68 26.09 24.52
N ASP C 927 -39.42 25.69 23.51
CA ASP C 927 -40.70 26.32 23.23
C ASP C 927 -41.71 26.07 24.34
N THR C 928 -41.73 24.86 24.88
CA THR C 928 -42.57 24.56 26.03
C THR C 928 -42.27 25.49 27.20
N ILE C 929 -41.00 25.70 27.51
CA ILE C 929 -40.60 26.61 28.57
C ILE C 929 -40.93 28.05 28.18
N ALA C 930 -40.67 28.42 26.93
CA ALA C 930 -40.98 29.75 26.46
C ALA C 930 -42.48 30.04 26.43
N ILE C 931 -43.30 29.06 26.12
CA ILE C 931 -44.75 29.26 26.13
C ILE C 931 -45.29 29.29 27.55
N ILE C 932 -44.86 28.36 28.40
CA ILE C 932 -45.31 28.36 29.78
C ILE C 932 -44.84 29.60 30.50
N SER C 933 -43.59 30.00 30.29
CA SER C 933 -43.07 31.15 31.01
C SER C 933 -43.70 32.45 30.55
N PHE C 934 -44.18 32.51 29.31
CA PHE C 934 -44.83 33.72 28.85
C PHE C 934 -46.14 34.03 29.57
N PHE C 935 -46.94 33.01 29.84
CA PHE C 935 -48.28 33.26 30.38
C PHE C 935 -48.26 33.38 31.89
N VAL C 936 -47.25 32.81 32.54
CA VAL C 936 -46.92 33.24 33.89
C VAL C 936 -46.69 34.74 33.90
N GLY C 937 -45.91 35.23 32.93
CA GLY C 937 -45.66 36.65 32.82
C GLY C 937 -46.87 37.47 32.46
N PHE C 938 -47.63 37.02 31.46
CA PHE C 938 -48.88 37.70 31.13
C PHE C 938 -49.84 37.73 32.31
N GLY C 939 -49.95 36.61 33.03
CA GLY C 939 -50.82 36.58 34.19
C GLY C 939 -50.43 37.54 35.28
N LEU C 940 -49.15 37.75 35.48
CA LEU C 940 -48.65 38.73 36.43
C LEU C 940 -48.71 40.15 35.91
N ARG C 941 -48.31 40.35 34.66
CA ARG C 941 -48.37 41.65 34.02
C ARG C 941 -49.79 42.18 33.91
N PHE C 942 -50.73 41.30 33.60
CA PHE C 942 -52.13 41.66 33.41
C PHE C 942 -52.96 41.53 34.67
N GLY C 943 -52.69 40.53 35.50
CA GLY C 943 -53.44 40.32 36.73
C GLY C 943 -52.91 41.08 37.93
N ALA C 944 -52.15 42.13 37.68
CA ALA C 944 -51.60 42.97 38.74
C ALA C 944 -52.48 44.19 38.98
N LYS C 945 -52.48 44.65 40.22
CA LYS C 945 -53.20 45.87 40.61
C LYS C 945 -52.26 47.06 40.40
N TRP C 946 -52.53 47.80 39.34
CA TRP C 946 -51.71 48.95 38.94
C TRP C 946 -51.67 50.00 40.05
N ASN C 947 -50.49 50.61 40.22
CA ASN C 947 -50.22 51.47 41.37
C ASN C 947 -50.62 52.93 41.13
N TYR C 948 -50.36 53.45 39.93
CA TYR C 948 -50.72 54.81 39.48
C TYR C 948 -49.80 55.91 40.00
N ILE C 949 -48.89 55.61 40.91
CA ILE C 949 -47.86 56.57 41.31
C ILE C 949 -46.59 56.19 40.57
N ASN C 950 -46.34 54.89 40.44
CA ASN C 950 -45.20 54.40 39.67
C ASN C 950 -45.45 52.94 39.34
N ALA C 951 -45.30 52.59 38.06
CA ALA C 951 -45.53 51.22 37.62
C ALA C 951 -44.65 50.23 38.34
N TYR C 952 -43.37 50.57 38.54
CA TYR C 952 -42.38 49.65 39.06
C TYR C 952 -42.30 49.65 40.58
N ASP C 953 -43.36 50.10 41.25
CA ASP C 953 -43.51 49.87 42.68
C ASP C 953 -44.29 48.59 42.97
N ASN C 954 -45.24 48.23 42.11
CA ASN C 954 -45.93 46.96 42.25
C ASN C 954 -45.04 45.83 41.75
N HIS C 955 -44.61 44.97 42.65
CA HIS C 955 -43.63 43.94 42.35
C HIS C 955 -44.21 42.76 41.59
N VAL C 956 -45.52 42.72 41.42
CA VAL C 956 -46.14 41.67 40.63
C VAL C 956 -46.11 42.04 39.16
N PHE C 957 -46.27 43.32 38.87
CA PHE C 957 -46.10 43.83 37.53
C PHE C 957 -44.66 43.73 37.06
N VAL C 958 -43.71 43.92 37.96
CA VAL C 958 -42.30 43.90 37.60
C VAL C 958 -41.86 42.50 37.27
N ALA C 959 -42.22 41.53 38.11
CA ALA C 959 -41.93 40.13 37.83
C ALA C 959 -42.49 39.71 36.49
N GLY C 960 -43.65 40.23 36.10
CA GLY C 960 -44.22 39.90 34.82
C GLY C 960 -43.39 40.43 33.66
N ARG C 961 -43.02 41.71 33.74
CA ARG C 961 -42.20 42.32 32.71
C ARG C 961 -40.83 41.64 32.61
N LEU C 962 -40.23 41.29 33.75
CA LEU C 962 -38.89 40.71 33.74
C LEU C 962 -38.90 39.29 33.22
N ILE C 963 -40.02 38.60 33.28
CA ILE C 963 -40.12 37.29 32.66
C ILE C 963 -40.15 37.42 31.16
N TYR C 964 -40.88 38.40 30.63
CA TYR C 964 -40.90 38.65 29.19
C TYR C 964 -39.50 38.93 28.67
N CYS C 965 -38.77 39.79 29.36
CA CYS C 965 -37.45 40.21 28.89
C CYS C 965 -36.45 39.07 28.91
N LEU C 966 -36.73 38.02 29.67
CA LEU C 966 -35.95 36.79 29.63
C LEU C 966 -36.56 35.75 28.72
N ASN C 967 -37.89 35.66 28.71
CA ASN C 967 -38.65 34.90 27.72
C ASN C 967 -38.15 35.14 26.31
N ILE C 968 -37.84 36.38 25.95
CA ILE C 968 -37.49 36.71 24.57
C ILE C 968 -36.22 36.01 24.11
N ILE C 969 -35.35 35.62 25.04
CA ILE C 969 -34.12 34.91 24.69
C ILE C 969 -34.45 33.58 24.05
N PHE C 970 -35.50 32.91 24.53
CA PHE C 970 -35.95 31.67 23.92
C PHE C 970 -36.29 31.86 22.45
N TRP C 971 -36.83 33.02 22.12
CA TRP C 971 -37.37 33.26 20.80
C TRP C 971 -36.30 33.72 19.82
N TYR C 972 -35.24 34.37 20.29
CA TYR C 972 -34.08 34.58 19.43
C TYR C 972 -33.37 33.29 19.10
N VAL C 973 -33.27 32.39 20.08
CA VAL C 973 -32.53 31.15 19.91
C VAL C 973 -33.28 30.17 19.02
N ARG C 974 -34.61 30.23 18.99
CA ARG C 974 -35.40 29.46 18.04
C ARG C 974 -35.07 29.79 16.58
N LEU C 975 -34.46 30.94 16.31
CA LEU C 975 -34.05 31.28 14.96
C LEU C 975 -32.91 30.42 14.45
N LEU C 976 -32.11 29.85 15.35
CA LEU C 976 -31.09 28.90 14.94
C LEU C 976 -31.68 27.68 14.28
N ASP C 977 -32.95 27.37 14.57
CA ASP C 977 -33.61 26.25 13.95
C ASP C 977 -34.00 26.55 12.51
N PHE C 978 -34.40 27.80 12.24
CA PHE C 978 -34.62 28.23 10.86
C PHE C 978 -33.32 28.23 10.07
N LEU C 979 -32.23 28.65 10.70
CA LEU C 979 -30.93 28.72 10.01
C LEU C 979 -30.35 27.35 9.76
N ALA C 980 -30.63 26.39 10.63
CA ALA C 980 -30.17 25.02 10.49
C ALA C 980 -30.74 24.33 9.27
N VAL C 981 -31.72 24.94 8.62
CA VAL C 981 -32.25 24.50 7.35
C VAL C 981 -31.28 24.70 6.21
N ASN C 982 -30.37 25.67 6.30
CA ASN C 982 -29.42 25.93 5.25
C ASN C 982 -28.21 25.02 5.36
N GLN C 983 -27.74 24.58 4.20
CA GLN C 983 -26.64 23.64 4.11
C GLN C 983 -25.36 24.20 4.68
N GLN C 984 -25.20 25.52 4.66
CA GLN C 984 -23.97 26.16 5.06
C GLN C 984 -23.99 26.57 6.54
N ALA C 985 -25.13 27.07 7.02
CA ALA C 985 -25.28 27.49 8.40
C ALA C 985 -25.49 26.36 9.38
N GLY C 986 -26.23 25.33 8.99
CA GLY C 986 -26.58 24.26 9.89
C GLY C 986 -25.46 23.51 10.59
N PRO C 987 -24.36 23.25 9.90
CA PRO C 987 -23.20 22.67 10.59
C PRO C 987 -22.69 23.49 11.76
N TYR C 988 -22.88 24.80 11.74
CA TYR C 988 -22.38 25.66 12.81
C TYR C 988 -23.34 25.69 13.99
N VAL C 989 -24.60 25.39 13.76
CA VAL C 989 -25.56 25.23 14.84
C VAL C 989 -25.38 23.88 15.53
N MET C 990 -24.99 22.86 14.78
CA MET C 990 -24.68 21.55 15.35
C MET C 990 -23.47 21.61 16.27
N MET C 991 -22.42 22.29 15.84
CA MET C 991 -21.24 22.54 16.66
C MET C 991 -21.58 23.12 18.01
N ILE C 992 -22.29 24.24 18.01
CA ILE C 992 -22.60 24.98 19.22
C ILE C 992 -23.26 24.09 20.26
N GLY C 993 -24.17 23.23 19.82
CA GLY C 993 -24.80 22.30 20.73
C GLY C 993 -23.85 21.25 21.27
N LYS C 994 -23.04 20.65 20.41
CA LYS C 994 -22.04 19.70 20.85
C LYS C 994 -20.98 20.36 21.73
N MET C 995 -20.57 21.58 21.41
CA MET C 995 -19.66 22.31 22.28
C MET C 995 -20.24 22.48 23.67
N VAL C 996 -21.48 22.97 23.76
CA VAL C 996 -22.09 23.25 25.05
C VAL C 996 -22.42 21.98 25.82
N ALA C 997 -22.88 20.96 25.13
CA ALA C 997 -23.27 19.71 25.78
C ALA C 997 -22.11 18.98 26.43
N ASN C 998 -20.92 19.06 25.85
CA ASN C 998 -19.81 18.18 26.18
C ASN C 998 -18.62 18.90 26.79
N MET C 999 -18.76 20.18 27.11
CA MET C 999 -17.72 20.95 27.79
C MET C 999 -17.88 20.95 29.30
N PHE C 1000 -18.76 20.10 29.85
CA PHE C 1000 -19.09 20.13 31.25
C PHE C 1000 -17.88 19.99 32.16
N TYR C 1001 -17.00 19.04 31.88
CA TYR C 1001 -15.94 18.74 32.83
C TYR C 1001 -14.79 19.74 32.80
N ILE C 1002 -14.53 20.38 31.66
CA ILE C 1002 -13.55 21.45 31.62
C ILE C 1002 -14.03 22.64 32.43
N VAL C 1003 -15.32 22.93 32.38
CA VAL C 1003 -15.88 24.07 33.11
C VAL C 1003 -15.99 23.82 34.61
N VAL C 1004 -16.03 22.57 35.04
CA VAL C 1004 -15.95 22.25 36.45
C VAL C 1004 -14.55 22.49 36.98
N ILE C 1005 -13.54 22.14 36.21
CA ILE C 1005 -12.17 22.45 36.56
C ILE C 1005 -11.96 23.96 36.60
N MET C 1006 -12.46 24.67 35.60
CA MET C 1006 -12.40 26.11 35.58
C MET C 1006 -13.06 26.77 36.78
N ALA C 1007 -14.18 26.23 37.24
CA ALA C 1007 -14.86 26.73 38.41
C ALA C 1007 -14.12 26.41 39.71
N LEU C 1008 -13.36 25.33 39.71
CA LEU C 1008 -12.51 24.96 40.82
C LEU C 1008 -11.28 25.84 40.94
N VAL C 1009 -10.59 26.06 39.82
CA VAL C 1009 -9.48 27.01 39.74
C VAL C 1009 -9.93 28.39 40.18
N LEU C 1010 -11.15 28.77 39.81
CA LEU C 1010 -11.73 30.03 40.20
C LEU C 1010 -11.87 30.17 41.71
N LEU C 1011 -12.42 29.16 42.37
CA LEU C 1011 -12.57 29.22 43.83
C LEU C 1011 -11.26 29.02 44.55
N SER C 1012 -10.36 28.21 44.02
CA SER C 1012 -8.97 28.17 44.48
C SER C 1012 -8.36 29.56 44.63
N PHE C 1013 -8.70 30.49 43.74
CA PHE C 1013 -8.26 31.87 43.80
C PHE C 1013 -9.21 32.80 44.54
N GLY C 1014 -10.52 32.68 44.29
CA GLY C 1014 -11.45 33.65 44.81
C GLY C 1014 -11.63 33.61 46.30
N VAL C 1015 -11.45 32.45 46.91
CA VAL C 1015 -11.65 32.29 48.34
C VAL C 1015 -10.45 32.79 49.12
N PRO C 1016 -9.22 32.44 48.75
CA PRO C 1016 -8.07 33.07 49.42
C PRO C 1016 -7.96 34.56 49.27
N ARG C 1017 -8.34 35.11 48.12
CA ARG C 1017 -8.29 36.55 47.93
C ARG C 1017 -9.25 37.27 48.86
N LYS C 1018 -10.50 36.80 48.90
CA LYS C 1018 -11.51 37.46 49.71
C LYS C 1018 -11.20 37.32 51.18
N ALA C 1019 -10.52 36.24 51.55
CA ALA C 1019 -10.17 35.95 52.92
C ALA C 1019 -8.98 36.77 53.39
N ILE C 1020 -8.00 36.95 52.51
CA ILE C 1020 -6.85 37.81 52.80
C ILE C 1020 -7.24 39.27 52.84
N LEU C 1021 -8.08 39.73 51.92
CA LEU C 1021 -8.38 41.14 51.76
C LEU C 1021 -9.51 41.64 52.64
N TYR C 1022 -10.44 40.78 53.03
CA TYR C 1022 -11.62 41.14 53.80
C TYR C 1022 -11.68 40.21 55.01
N PRO C 1023 -10.94 40.51 56.07
CA PRO C 1023 -10.81 39.57 57.18
C PRO C 1023 -11.76 39.79 58.35
N HIS C 1024 -12.71 40.71 58.26
CA HIS C 1024 -13.58 41.07 59.37
C HIS C 1024 -15.03 40.89 58.95
N GLU C 1025 -15.29 39.88 58.13
CA GLU C 1025 -16.60 39.72 57.50
C GLU C 1025 -17.45 38.76 58.30
N GLU C 1026 -18.61 39.24 58.73
CA GLU C 1026 -19.65 38.37 59.21
C GLU C 1026 -20.19 37.55 58.03
N PRO C 1027 -20.92 36.49 58.30
CA PRO C 1027 -21.59 35.78 57.21
C PRO C 1027 -22.55 36.68 56.46
N SER C 1028 -22.57 36.53 55.13
CA SER C 1028 -23.35 37.40 54.27
C SER C 1028 -23.47 36.76 52.91
N TRP C 1029 -24.53 37.12 52.20
CA TRP C 1029 -24.71 36.66 50.83
C TRP C 1029 -23.68 37.24 49.88
N SER C 1030 -23.10 38.39 50.23
CA SER C 1030 -22.07 38.99 49.41
C SER C 1030 -20.84 38.09 49.30
N LEU C 1031 -20.58 37.29 50.33
CA LEU C 1031 -19.43 36.39 50.28
C LEU C 1031 -19.54 35.38 49.17
N ALA C 1032 -20.75 35.09 48.71
CA ALA C 1032 -20.94 34.14 47.62
C ALA C 1032 -20.73 34.80 46.27
N LYS C 1033 -21.01 36.10 46.20
CA LYS C 1033 -20.81 36.89 44.99
C LYS C 1033 -19.35 37.23 44.80
N ASP C 1034 -18.67 37.58 45.86
CA ASP C 1034 -17.34 38.14 45.82
C ASP C 1034 -16.26 37.08 45.67
N ILE C 1035 -16.60 35.80 45.77
CA ILE C 1035 -15.69 34.71 45.46
C ILE C 1035 -15.82 34.23 44.03
N VAL C 1036 -16.78 34.75 43.27
CA VAL C 1036 -16.98 34.37 41.87
C VAL C 1036 -16.86 35.55 40.93
N PHE C 1037 -17.21 36.74 41.39
CA PHE C 1037 -17.40 37.87 40.50
C PHE C 1037 -16.11 38.27 39.80
N HIS C 1038 -15.15 38.84 40.50
CA HIS C 1038 -13.92 39.28 39.84
C HIS C 1038 -13.13 38.14 39.23
N PRO C 1039 -13.03 36.96 39.86
CA PRO C 1039 -12.33 35.86 39.19
C PRO C 1039 -12.93 35.42 37.89
N TYR C 1040 -14.20 35.71 37.63
CA TYR C 1040 -14.84 35.30 36.40
C TYR C 1040 -14.54 36.26 35.27
N TRP C 1041 -14.42 37.54 35.58
CA TRP C 1041 -14.17 38.57 34.59
C TRP C 1041 -12.71 38.63 34.17
N MET C 1042 -11.81 38.14 35.02
CA MET C 1042 -10.44 37.76 34.67
C MET C 1042 -10.33 36.76 33.53
N ILE C 1043 -11.21 35.77 33.47
CA ILE C 1043 -11.25 34.81 32.39
C ILE C 1043 -11.31 35.51 31.04
N PHE C 1044 -11.94 36.67 31.00
CA PHE C 1044 -12.13 37.44 29.79
C PHE C 1044 -11.16 38.60 29.69
N GLY C 1045 -10.07 38.54 30.44
CA GLY C 1045 -8.96 39.42 30.32
C GLY C 1045 -9.04 40.72 31.08
N GLU C 1046 -9.98 40.85 32.00
CA GLU C 1046 -10.03 41.98 32.90
C GLU C 1046 -9.24 41.68 34.16
N VAL C 1047 -8.07 42.31 34.30
CA VAL C 1047 -7.14 42.02 35.38
C VAL C 1047 -7.35 42.92 36.57
N TYR C 1048 -8.20 43.92 36.47
CA TYR C 1048 -8.50 44.88 37.53
C TYR C 1048 -7.21 45.51 38.05
N ALA C 1049 -6.58 46.26 37.15
CA ALA C 1049 -5.16 46.56 37.25
C ALA C 1049 -4.85 47.41 38.46
N TYR C 1050 -5.75 48.31 38.82
CA TYR C 1050 -5.53 49.23 39.93
C TYR C 1050 -6.13 48.73 41.23
N GLU C 1051 -6.41 47.43 41.31
CA GLU C 1051 -6.94 46.79 42.50
C GLU C 1051 -6.08 45.64 42.98
N ILE C 1052 -5.04 45.25 42.23
CA ILE C 1052 -4.25 44.08 42.54
C ILE C 1052 -3.40 44.33 43.79
N ASP C 1053 -2.53 45.32 43.74
CA ASP C 1053 -1.79 45.78 44.89
C ASP C 1053 -2.58 46.92 45.53
N VAL C 1054 -3.16 46.64 46.69
CA VAL C 1054 -4.05 47.57 47.35
C VAL C 1054 -3.31 48.54 48.25
N CYS C 1055 -2.01 48.36 48.43
CA CYS C 1055 -1.17 49.27 49.19
C CYS C 1055 -0.32 50.15 48.28
N ALA C 1056 -0.49 50.02 46.97
CA ALA C 1056 0.18 50.88 46.01
C ALA C 1056 -0.45 52.25 45.99
N ASN C 1057 0.33 53.25 45.54
CA ASN C 1057 -0.13 54.63 45.56
C ASN C 1057 -1.25 54.85 44.57
N ASP C 1058 -1.24 54.17 43.43
CA ASP C 1058 -2.28 54.31 42.42
C ASP C 1058 -3.43 53.35 42.65
N SER C 1059 -3.61 52.88 43.88
CA SER C 1059 -4.66 51.95 44.21
C SER C 1059 -6.02 52.63 44.22
N THR C 1060 -7.02 51.92 43.73
CA THR C 1060 -8.41 52.27 43.89
C THR C 1060 -9.03 51.66 45.13
N LEU C 1061 -8.29 50.81 45.85
CA LEU C 1061 -8.76 50.18 47.07
C LEU C 1061 -7.76 50.41 48.21
N PRO C 1062 -7.47 51.67 48.55
CA PRO C 1062 -6.44 51.95 49.55
C PRO C 1062 -6.83 51.58 50.97
N THR C 1063 -8.09 51.24 51.21
CA THR C 1063 -8.58 51.02 52.55
C THR C 1063 -8.53 49.56 53.00
N ILE C 1064 -8.42 48.62 52.06
CA ILE C 1064 -8.32 47.21 52.42
C ILE C 1064 -6.85 46.81 52.45
N CYS C 1065 -5.96 47.79 52.52
CA CYS C 1065 -4.57 47.51 52.78
C CYS C 1065 -4.41 47.04 54.22
N GLY C 1066 -3.56 46.05 54.40
CA GLY C 1066 -3.41 45.42 55.68
C GLY C 1066 -2.51 44.21 55.60
N PRO C 1067 -2.48 43.42 56.67
CA PRO C 1067 -1.60 42.26 56.70
C PRO C 1067 -1.99 41.18 55.71
N GLY C 1068 -0.99 40.71 54.98
CA GLY C 1068 -1.14 39.65 54.03
C GLY C 1068 -1.56 40.06 52.64
N THR C 1069 -2.00 41.31 52.46
CA THR C 1069 -2.59 41.72 51.19
C THR C 1069 -1.59 41.68 50.05
N TRP C 1070 -0.31 41.74 50.37
CA TRP C 1070 0.75 41.56 49.39
C TRP C 1070 0.80 40.17 48.79
N LEU C 1071 0.05 39.21 49.31
CA LEU C 1071 -0.02 37.89 48.75
C LEU C 1071 -0.89 37.81 47.52
N THR C 1072 -1.86 38.69 47.39
CA THR C 1072 -2.86 38.65 46.33
C THR C 1072 -2.34 38.92 44.93
N PRO C 1073 -1.27 39.68 44.71
CA PRO C 1073 -0.69 39.69 43.36
C PRO C 1073 -0.11 38.36 42.93
N PHE C 1074 0.68 37.73 43.79
CA PHE C 1074 1.20 36.40 43.51
C PHE C 1074 0.10 35.40 43.22
N LEU C 1075 -0.98 35.42 44.00
CA LEU C 1075 -2.11 34.55 43.76
C LEU C 1075 -2.70 34.76 42.39
N GLN C 1076 -2.93 36.00 42.01
CA GLN C 1076 -3.59 36.33 40.77
C GLN C 1076 -2.69 36.06 39.57
N ALA C 1077 -1.39 36.23 39.72
CA ALA C 1077 -0.43 35.86 38.70
C ALA C 1077 -0.52 34.38 38.35
N VAL C 1078 -0.64 33.53 39.36
CA VAL C 1078 -0.80 32.10 39.16
C VAL C 1078 -2.16 31.79 38.57
N TYR C 1079 -3.20 32.43 39.10
CA TYR C 1079 -4.56 32.20 38.63
C TYR C 1079 -4.71 32.45 37.14
N LEU C 1080 -4.23 33.59 36.65
CA LEU C 1080 -4.48 33.90 35.26
C LEU C 1080 -3.67 33.06 34.32
N PHE C 1081 -2.43 32.79 34.66
CA PHE C 1081 -1.67 31.83 33.90
C PHE C 1081 -2.44 30.52 33.76
N VAL C 1082 -2.99 30.01 34.86
CA VAL C 1082 -3.72 28.77 34.81
C VAL C 1082 -5.06 28.96 34.11
N GLN C 1083 -5.80 29.98 34.51
CA GLN C 1083 -7.12 30.19 33.95
C GLN C 1083 -7.06 30.72 32.52
N TYR C 1084 -6.43 31.87 32.30
CA TYR C 1084 -6.54 32.58 31.03
C TYR C 1084 -5.78 31.86 29.92
N ILE C 1085 -4.63 31.25 30.25
CA ILE C 1085 -3.79 30.63 29.25
C ILE C 1085 -4.04 29.13 29.16
N ILE C 1086 -3.96 28.40 30.27
CA ILE C 1086 -4.07 26.95 30.21
C ILE C 1086 -5.52 26.54 29.98
N MET C 1087 -6.43 26.99 30.82
CA MET C 1087 -7.76 26.41 30.85
C MET C 1087 -8.66 26.92 29.73
N VAL C 1088 -8.51 28.18 29.34
CA VAL C 1088 -9.32 28.69 28.24
C VAL C 1088 -8.90 28.09 26.92
N ASN C 1089 -7.62 27.84 26.72
CA ASN C 1089 -7.13 27.29 25.47
C ASN C 1089 -7.22 25.78 25.42
N LEU C 1090 -7.38 25.14 26.57
CA LEU C 1090 -7.75 23.74 26.65
C LEU C 1090 -9.18 23.53 26.22
N LEU C 1091 -10.07 24.40 26.67
CA LEU C 1091 -11.44 24.45 26.20
C LEU C 1091 -11.52 24.78 24.70
N ILE C 1092 -10.71 25.72 24.23
CA ILE C 1092 -10.65 26.02 22.81
C ILE C 1092 -10.15 24.83 22.02
N ALA C 1093 -9.12 24.16 22.51
CA ALA C 1093 -8.64 22.96 21.87
C ALA C 1093 -9.70 21.88 21.78
N PHE C 1094 -10.53 21.75 22.81
CA PHE C 1094 -11.70 20.89 22.74
C PHE C 1094 -12.65 21.31 21.64
N PHE C 1095 -13.04 22.58 21.66
CA PHE C 1095 -13.92 23.14 20.64
C PHE C 1095 -13.34 22.99 19.24
N ASN C 1096 -12.03 23.09 19.06
CA ASN C 1096 -11.43 22.91 17.76
C ASN C 1096 -11.62 21.50 17.23
N GLN C 1097 -11.72 20.53 18.11
CA GLN C 1097 -11.89 19.14 17.71
C GLN C 1097 -13.35 18.81 17.45
N VAL C 1098 -14.25 19.43 18.20
CA VAL C 1098 -15.68 19.40 17.88
C VAL C 1098 -15.91 19.92 16.47
N TYR C 1099 -15.34 21.08 16.16
CA TYR C 1099 -15.44 21.65 14.82
C TYR C 1099 -15.07 20.63 13.76
N LEU C 1100 -13.91 20.01 13.90
CA LEU C 1100 -13.42 19.09 12.89
C LEU C 1100 -14.25 17.82 12.82
N GLN C 1101 -14.83 17.40 13.94
CA GLN C 1101 -15.70 16.24 13.96
C GLN C 1101 -17.01 16.49 13.25
N VAL C 1102 -17.64 17.62 13.54
CA VAL C 1102 -18.91 17.96 12.93
C VAL C 1102 -18.77 18.15 11.44
N LYS C 1103 -17.77 18.91 11.00
CA LYS C 1103 -17.55 19.12 9.58
C LYS C 1103 -17.34 17.83 8.80
N ALA C 1104 -16.79 16.80 9.44
CA ALA C 1104 -16.61 15.52 8.78
C ALA C 1104 -17.92 14.78 8.56
N ILE C 1105 -18.94 15.06 9.38
CA ILE C 1105 -20.23 14.40 9.31
C ILE C 1105 -21.37 15.34 9.00
N SER C 1106 -21.10 16.63 8.81
CA SER C 1106 -22.16 17.64 8.84
C SER C 1106 -23.10 17.49 7.66
N ASN C 1107 -22.59 17.07 6.51
CA ASN C 1107 -23.40 17.09 5.31
C ASN C 1107 -24.37 15.91 5.27
N ILE C 1108 -23.95 14.75 5.77
CA ILE C 1108 -24.86 13.61 5.85
C ILE C 1108 -25.98 13.89 6.84
N VAL C 1109 -25.64 14.45 7.99
CA VAL C 1109 -26.66 14.73 8.99
C VAL C 1109 -27.62 15.80 8.52
N TRP C 1110 -27.12 16.80 7.80
CA TRP C 1110 -28.01 17.82 7.25
C TRP C 1110 -28.99 17.21 6.26
N LYS C 1111 -28.49 16.35 5.39
CA LYS C 1111 -29.31 15.68 4.40
C LYS C 1111 -30.35 14.77 5.02
N TYR C 1112 -30.01 14.10 6.12
CA TYR C 1112 -30.97 13.27 6.80
C TYR C 1112 -32.06 14.07 7.49
N GLN C 1113 -31.72 15.25 7.99
CA GLN C 1113 -32.69 16.07 8.69
C GLN C 1113 -33.59 16.87 7.79
N ARG C 1114 -33.30 16.95 6.50
CA ARG C 1114 -34.22 17.54 5.54
C ARG C 1114 -35.54 16.80 5.49
N TYR C 1115 -35.53 15.51 5.74
CA TYR C 1115 -36.76 14.72 5.66
C TYR C 1115 -37.79 15.20 6.67
N HIS C 1116 -37.43 15.17 7.95
CA HIS C 1116 -38.38 15.55 8.98
C HIS C 1116 -38.75 17.01 8.84
N PHE C 1117 -37.81 17.81 8.38
CA PHE C 1117 -38.07 19.21 8.09
C PHE C 1117 -39.12 19.37 6.99
N ILE C 1118 -38.86 18.77 5.83
CA ILE C 1118 -39.75 18.94 4.69
C ILE C 1118 -41.10 18.31 4.95
N MET C 1119 -41.13 17.15 5.61
CA MET C 1119 -42.40 16.53 5.93
C MET C 1119 -43.20 17.32 6.95
N ALA C 1120 -42.53 18.03 7.84
CA ALA C 1120 -43.21 18.95 8.72
C ALA C 1120 -43.98 20.00 7.93
N TYR C 1121 -43.28 20.72 7.05
CA TYR C 1121 -43.89 21.72 6.20
C TYR C 1121 -44.66 21.15 5.03
N HIS C 1122 -44.92 19.86 5.00
CA HIS C 1122 -45.94 19.29 4.16
C HIS C 1122 -47.26 19.07 4.90
N GLU C 1123 -47.23 19.11 6.23
CA GLU C 1123 -48.38 18.87 7.07
C GLU C 1123 -48.89 20.12 7.76
N LYS C 1124 -48.11 21.17 7.84
CA LYS C 1124 -48.56 22.36 8.53
C LYS C 1124 -49.71 23.02 7.80
N PRO C 1125 -50.48 23.86 8.47
CA PRO C 1125 -51.43 24.71 7.77
C PRO C 1125 -50.75 25.72 6.88
N VAL C 1126 -51.54 26.28 5.97
CA VAL C 1126 -51.05 27.28 5.04
C VAL C 1126 -51.05 28.68 5.62
N LEU C 1127 -51.68 28.89 6.76
CA LEU C 1127 -51.67 30.16 7.46
C LEU C 1127 -50.68 30.14 8.62
N PRO C 1128 -49.95 31.23 8.88
CA PRO C 1128 -48.98 31.21 9.96
C PRO C 1128 -49.60 31.57 11.31
N PRO C 1129 -48.83 31.49 12.39
CA PRO C 1129 -49.41 31.30 13.73
C PRO C 1129 -50.35 32.38 14.23
N PRO C 1130 -50.32 33.62 13.75
CA PRO C 1130 -51.43 34.50 14.14
C PRO C 1130 -52.72 34.17 13.42
N LEU C 1131 -52.65 33.94 12.12
CA LEU C 1131 -53.82 33.67 11.31
C LEU C 1131 -54.17 32.18 11.25
N ILE C 1132 -53.27 31.32 11.71
CA ILE C 1132 -53.44 29.87 11.69
C ILE C 1132 -54.72 29.40 12.36
N ILE C 1133 -55.26 30.20 13.28
CA ILE C 1133 -56.42 29.81 14.06
C ILE C 1133 -57.61 29.54 13.13
N LEU C 1134 -57.71 30.30 12.04
CA LEU C 1134 -58.75 30.04 11.06
C LEU C 1134 -58.55 28.69 10.40
N SER C 1135 -57.30 28.33 10.15
CA SER C 1135 -57.01 27.02 9.57
C SER C 1135 -57.32 25.89 10.55
N HIS C 1136 -57.07 26.10 11.83
CA HIS C 1136 -57.49 25.13 12.83
C HIS C 1136 -58.99 24.99 12.87
N ILE C 1137 -59.68 26.13 13.00
CA ILE C 1137 -61.15 26.17 13.06
C ILE C 1137 -61.76 25.40 11.89
N VAL C 1138 -61.34 25.76 10.68
CA VAL C 1138 -61.86 25.11 9.48
C VAL C 1138 -61.47 23.64 9.44
N SER C 1139 -60.27 23.31 9.92
CA SER C 1139 -59.82 21.92 9.96
C SER C 1139 -60.29 21.17 11.20
N LEU C 1140 -61.21 21.76 11.97
CA LEU C 1140 -61.78 21.11 13.15
C LEU C 1140 -63.24 20.84 12.91
N PHE C 1141 -64.00 21.90 12.60
CA PHE C 1141 -65.41 21.74 12.30
C PHE C 1141 -65.65 20.91 11.05
N CYS C 1142 -64.64 20.71 10.22
CA CYS C 1142 -64.68 19.72 9.16
C CYS C 1142 -64.77 18.33 9.78
N CYS C 1143 -63.80 17.97 10.61
CA CYS C 1143 -63.76 16.64 11.20
C CYS C 1143 -64.97 16.40 12.10
N VAL C 1144 -65.32 17.39 12.92
CA VAL C 1144 -66.47 17.31 13.81
C VAL C 1144 -67.73 17.03 13.01
N CYS C 1145 -67.85 17.66 11.83
CA CYS C 1145 -69.01 17.44 10.97
C CYS C 1145 -68.82 16.21 10.09
N LYS C 1146 -67.75 16.18 9.30
CA LYS C 1146 -67.43 15.02 8.47
C LYS C 1146 -67.26 13.77 9.34
N GLY C 1156 -50.18 10.66 4.67
CA GLY C 1156 -50.92 11.75 4.07
C GLY C 1156 -50.65 11.90 2.58
N PRO C 1157 -49.40 12.09 2.22
CA PRO C 1157 -49.04 12.09 0.80
C PRO C 1157 -48.79 10.68 0.27
N LYS C 1158 -49.42 10.40 -0.86
CA LYS C 1158 -49.37 9.09 -1.50
C LYS C 1158 -48.95 9.28 -2.95
N LEU C 1159 -48.10 8.38 -3.44
CA LEU C 1159 -47.78 8.34 -4.86
C LEU C 1159 -48.93 7.63 -5.55
N PHE C 1160 -49.74 8.40 -6.28
CA PHE C 1160 -50.82 7.85 -7.08
C PHE C 1160 -50.28 7.47 -8.45
N LEU C 1161 -50.24 6.17 -8.71
CA LEU C 1161 -49.82 5.63 -10.00
C LEU C 1161 -50.99 4.86 -10.61
N THR C 1162 -51.33 5.19 -11.85
CA THR C 1162 -52.29 4.39 -12.59
C THR C 1162 -51.70 3.00 -12.85
N GLU C 1163 -52.59 2.02 -13.03
CA GLU C 1163 -52.18 0.63 -13.15
C GLU C 1163 -51.20 0.43 -14.31
N GLU C 1164 -51.37 1.21 -15.37
CA GLU C 1164 -50.45 1.17 -16.50
C GLU C 1164 -49.04 1.58 -16.08
N ASP C 1165 -48.95 2.53 -15.14
CA ASP C 1165 -47.64 2.98 -14.65
C ASP C 1165 -47.18 2.13 -13.47
N GLN C 1166 -48.10 1.81 -12.56
CA GLN C 1166 -47.84 0.93 -11.42
C GLN C 1166 -47.23 -0.38 -11.89
N LYS C 1167 -47.68 -0.84 -13.06
CA LYS C 1167 -47.12 -2.05 -13.65
C LYS C 1167 -45.66 -1.86 -14.05
N LYS C 1168 -45.37 -0.79 -14.80
CA LYS C 1168 -44.03 -0.59 -15.32
C LYS C 1168 -43.02 -0.32 -14.21
N LEU C 1169 -43.49 0.21 -13.09
CA LEU C 1169 -42.60 0.41 -11.95
C LEU C 1169 -42.06 -0.93 -11.46
N HIS C 1170 -42.96 -1.88 -11.21
CA HIS C 1170 -42.58 -3.25 -10.87
C HIS C 1170 -41.64 -3.83 -11.92
N ASP C 1171 -41.83 -3.47 -13.18
CA ASP C 1171 -40.88 -3.87 -14.20
C ASP C 1171 -39.55 -3.17 -14.00
N PHE C 1172 -39.58 -1.90 -13.59
CA PHE C 1172 -38.33 -1.19 -13.34
C PHE C 1172 -37.67 -1.71 -12.07
N GLU C 1173 -38.48 -2.17 -11.11
CA GLU C 1173 -37.92 -2.85 -9.95
C GLU C 1173 -37.08 -4.03 -10.39
N GLU C 1174 -37.75 -5.03 -10.96
CA GLU C 1174 -37.12 -6.32 -11.22
C GLU C 1174 -35.87 -6.16 -12.08
N GLN C 1175 -35.96 -5.35 -13.13
CA GLN C 1175 -34.82 -5.09 -14.01
C GLN C 1175 -33.63 -4.57 -13.23
N CYS C 1176 -33.87 -3.66 -12.30
CA CYS C 1176 -32.78 -3.11 -11.50
C CYS C 1176 -32.45 -4.01 -10.32
N VAL C 1177 -33.45 -4.74 -9.82
CA VAL C 1177 -33.21 -5.78 -8.85
C VAL C 1177 -32.24 -6.78 -9.48
N GLU C 1178 -32.55 -7.23 -10.69
CA GLU C 1178 -31.67 -8.14 -11.40
C GLU C 1178 -30.26 -7.63 -11.60
N MET C 1179 -30.12 -6.53 -12.35
CA MET C 1179 -28.81 -6.05 -12.79
C MET C 1179 -27.85 -5.86 -11.62
N TYR C 1180 -28.39 -5.59 -10.43
CA TYR C 1180 -27.54 -5.47 -9.25
C TYR C 1180 -26.85 -6.78 -8.92
N PHE C 1181 -27.61 -7.87 -8.81
CA PHE C 1181 -27.05 -9.14 -8.33
C PHE C 1181 -25.95 -9.64 -9.24
N ASP C 1182 -26.18 -9.59 -10.54
CA ASP C 1182 -25.20 -10.01 -11.53
C ASP C 1182 -23.90 -9.23 -11.38
N GLU C 1183 -24.00 -7.94 -11.15
CA GLU C 1183 -22.84 -7.05 -11.08
C GLU C 1183 -21.88 -7.45 -9.97
N LYS C 1184 -22.39 -7.57 -8.74
CA LYS C 1184 -21.59 -7.80 -7.54
C LYS C 1184 -20.64 -8.96 -7.71
N ASP C 1185 -21.17 -10.09 -8.20
CA ASP C 1185 -20.36 -11.27 -8.46
C ASP C 1185 -19.24 -10.96 -9.45
N ASP C 1186 -19.57 -10.23 -10.52
CA ASP C 1186 -18.65 -10.03 -11.63
C ASP C 1186 -17.42 -9.22 -11.20
N LYS C 1187 -17.64 -8.14 -10.46
CA LYS C 1187 -16.54 -7.38 -9.90
C LYS C 1187 -15.78 -8.22 -8.88
N PHE C 1188 -16.53 -8.95 -8.04
CA PHE C 1188 -15.94 -9.71 -6.94
C PHE C 1188 -15.04 -10.80 -7.47
N ASN C 1189 -15.36 -11.40 -8.62
CA ASN C 1189 -14.52 -12.41 -9.24
C ASN C 1189 -13.12 -11.86 -9.52
N SER C 1190 -13.07 -10.68 -10.14
CA SER C 1190 -11.81 -10.07 -10.56
C SER C 1190 -10.86 -9.86 -9.39
N GLY C 1191 -11.22 -8.98 -8.46
CA GLY C 1191 -10.41 -8.77 -7.27
C GLY C 1191 -9.05 -8.18 -7.59
N SER C 1192 -8.27 -7.91 -6.54
CA SER C 1192 -6.91 -7.42 -6.67
C SER C 1192 -5.88 -8.40 -6.10
N GLU C 1193 -6.00 -8.71 -4.80
CA GLU C 1193 -5.11 -9.70 -4.19
C GLU C 1193 -5.75 -11.07 -4.20
N GLU C 1194 -7.09 -11.14 -4.28
CA GLU C 1194 -7.81 -12.37 -4.58
C GLU C 1194 -7.12 -13.07 -5.74
N ARG C 1195 -6.98 -12.35 -6.85
CA ARG C 1195 -6.30 -12.86 -8.04
C ARG C 1195 -4.92 -13.40 -7.71
N ILE C 1196 -4.18 -12.75 -6.81
CA ILE C 1196 -2.83 -13.20 -6.49
C ILE C 1196 -2.88 -14.47 -5.66
N ARG C 1197 -3.89 -14.60 -4.79
CA ARG C 1197 -4.03 -15.84 -4.02
C ARG C 1197 -4.84 -16.88 -4.77
N VAL C 1198 -5.51 -16.51 -5.86
CA VAL C 1198 -5.98 -17.52 -6.82
C VAL C 1198 -4.81 -18.04 -7.63
N THR C 1199 -3.83 -17.19 -7.90
CA THR C 1199 -2.60 -17.67 -8.54
C THR C 1199 -1.92 -18.71 -7.66
N PHE C 1200 -1.67 -18.34 -6.40
CA PHE C 1200 -0.96 -19.23 -5.47
C PHE C 1200 -1.67 -20.58 -5.34
N GLU C 1201 -3.00 -20.57 -5.35
CA GLU C 1201 -3.74 -21.82 -5.43
C GLU C 1201 -3.35 -22.58 -6.69
N ARG C 1202 -3.14 -21.87 -7.80
CA ARG C 1202 -2.75 -22.52 -9.04
C ARG C 1202 -1.26 -22.88 -9.07
N VAL C 1203 -0.46 -22.32 -8.16
CA VAL C 1203 0.96 -22.65 -8.13
C VAL C 1203 1.16 -24.10 -7.67
N GLU C 1204 0.18 -24.70 -7.00
CA GLU C 1204 0.32 -26.10 -6.58
C GLU C 1204 0.09 -27.07 -7.73
N GLN C 1205 -1.08 -26.99 -8.39
CA GLN C 1205 -1.41 -27.95 -9.45
C GLN C 1205 -0.32 -27.98 -10.51
N MET C 1206 0.25 -26.81 -10.80
CA MET C 1206 1.45 -26.76 -11.62
C MET C 1206 2.58 -27.58 -11.00
N SER C 1207 2.96 -27.24 -9.77
CA SER C 1207 4.09 -27.91 -9.12
C SER C 1207 3.85 -29.40 -8.95
N ILE C 1208 2.62 -29.79 -8.60
CA ILE C 1208 2.27 -31.21 -8.55
C ILE C 1208 2.43 -31.84 -9.91
N GLN C 1209 1.95 -31.14 -10.94
CA GLN C 1209 1.80 -31.75 -12.26
C GLN C 1209 3.07 -31.59 -13.07
N ILE C 1210 3.85 -30.55 -12.78
CA ILE C 1210 5.22 -30.44 -13.24
C ILE C 1210 6.06 -31.51 -12.57
N LYS C 1211 5.58 -32.04 -11.43
CA LYS C 1211 6.13 -33.26 -10.84
C LYS C 1211 5.43 -34.50 -11.37
N GLU C 1212 4.16 -34.39 -11.76
CA GLU C 1212 3.53 -35.52 -12.46
C GLU C 1212 4.35 -35.80 -13.71
N VAL C 1213 4.34 -34.88 -14.68
CA VAL C 1213 5.07 -35.02 -15.93
C VAL C 1213 6.55 -35.27 -15.62
N GLY C 1214 7.11 -34.49 -14.69
CA GLY C 1214 8.53 -34.62 -14.39
C GLY C 1214 8.87 -35.93 -13.71
N ASP C 1215 7.88 -36.61 -13.13
CA ASP C 1215 8.11 -37.98 -12.67
C ASP C 1215 8.15 -38.93 -13.86
N ARG C 1216 7.29 -38.71 -14.86
CA ARG C 1216 7.22 -39.63 -15.98
C ARG C 1216 8.39 -39.45 -16.94
N VAL C 1217 8.87 -38.21 -17.13
CA VAL C 1217 9.94 -37.94 -18.09
C VAL C 1217 11.17 -38.80 -17.80
N ASN C 1218 11.42 -39.07 -16.52
CA ASN C 1218 12.41 -40.09 -16.16
C ASN C 1218 11.90 -41.49 -16.46
N TYR C 1219 10.60 -41.72 -16.32
CA TYR C 1219 10.03 -43.00 -16.76
C TYR C 1219 9.99 -43.11 -18.29
N ILE C 1220 9.96 -42.00 -19.01
CA ILE C 1220 10.00 -42.07 -20.47
C ILE C 1220 11.39 -42.50 -20.92
N LYS C 1221 12.42 -41.77 -20.45
CA LYS C 1221 13.75 -41.97 -20.99
C LYS C 1221 14.31 -43.34 -20.65
N ARG C 1222 13.95 -43.89 -19.49
CA ARG C 1222 14.39 -45.24 -19.16
C ARG C 1222 13.82 -46.24 -20.15
N SER C 1223 12.59 -45.98 -20.62
CA SER C 1223 11.98 -46.81 -21.63
C SER C 1223 12.83 -46.85 -22.90
N LEU C 1224 13.10 -45.68 -23.47
CA LEU C 1224 13.71 -45.54 -24.80
C LEU C 1224 14.98 -46.38 -24.93
N GLN C 1225 15.87 -46.30 -23.94
CA GLN C 1225 17.07 -47.11 -23.96
C GLN C 1225 16.77 -48.57 -23.64
N SER C 1226 15.70 -48.83 -22.87
CA SER C 1226 15.31 -50.21 -22.62
C SER C 1226 14.68 -50.85 -23.85
N LEU C 1227 14.03 -50.04 -24.70
CA LEU C 1227 13.56 -50.52 -25.99
C LEU C 1227 14.72 -50.74 -26.97
N ASP C 1228 15.83 -50.01 -26.78
CA ASP C 1228 17.05 -50.21 -27.54
C ASP C 1228 18.11 -50.95 -26.72
N SER C 1229 17.68 -51.81 -25.80
CA SER C 1229 18.58 -52.57 -24.95
C SER C 1229 18.86 -53.94 -25.54
N GLN D 2 -59.49 -4.26 -25.69
CA GLN D 2 -58.88 -5.13 -24.68
C GLN D 2 -57.41 -4.82 -24.46
N LYS D 3 -56.78 -4.04 -25.35
CA LYS D 3 -55.41 -3.57 -25.18
C LYS D 3 -54.45 -4.75 -25.13
N SER D 4 -54.78 -5.82 -25.84
CA SER D 4 -54.11 -7.09 -25.77
C SER D 4 -53.89 -7.64 -27.18
N TRP D 5 -53.20 -6.85 -28.02
CA TRP D 5 -52.96 -7.14 -29.44
C TRP D 5 -52.73 -8.61 -29.74
N ILE D 6 -52.06 -9.31 -28.83
CA ILE D 6 -51.97 -10.77 -28.87
C ILE D 6 -53.40 -11.33 -28.94
N GLU D 7 -54.24 -11.00 -27.96
CA GLU D 7 -55.61 -11.52 -27.96
C GLU D 7 -56.38 -11.10 -29.20
N SER D 8 -56.12 -9.90 -29.72
CA SER D 8 -56.96 -9.36 -30.78
C SER D 8 -56.63 -9.97 -32.14
N THR D 9 -55.41 -9.74 -32.60
CA THR D 9 -55.02 -10.08 -33.97
C THR D 9 -54.56 -11.53 -34.06
N LEU D 10 -53.76 -11.95 -33.08
CA LEU D 10 -53.25 -13.31 -33.03
C LEU D 10 -54.29 -14.23 -32.37
N THR D 11 -54.25 -15.51 -32.72
CA THR D 11 -55.28 -16.45 -32.27
C THR D 11 -54.73 -17.87 -32.09
N LYS D 12 -55.51 -18.68 -31.37
CA LYS D 12 -55.22 -20.07 -31.03
C LYS D 12 -56.03 -21.02 -31.93
N ARG D 13 -56.09 -22.29 -31.54
CA ARG D 13 -56.76 -23.34 -32.32
C ARG D 13 -57.44 -24.31 -31.35
N GLU D 14 -58.66 -24.75 -31.71
CA GLU D 14 -59.49 -25.63 -30.89
C GLU D 14 -59.95 -26.83 -31.71
N CYS D 15 -59.73 -28.04 -31.21
CA CYS D 15 -60.32 -29.21 -31.85
C CYS D 15 -61.82 -29.22 -31.57
N VAL D 16 -62.62 -28.88 -32.59
CA VAL D 16 -64.06 -28.67 -32.45
C VAL D 16 -64.82 -29.83 -33.05
N TYR D 17 -64.21 -31.01 -33.06
CA TYR D 17 -64.79 -32.19 -33.67
C TYR D 17 -64.06 -33.39 -33.11
N ILE D 18 -64.70 -34.55 -33.20
CA ILE D 18 -64.27 -35.74 -32.46
C ILE D 18 -64.19 -36.88 -33.46
N ILE D 19 -63.01 -37.49 -33.58
CA ILE D 19 -62.76 -38.59 -34.50
C ILE D 19 -62.02 -39.69 -33.73
N PRO D 20 -62.72 -40.71 -33.17
CA PRO D 20 -62.03 -41.75 -32.38
C PRO D 20 -60.82 -42.39 -33.03
N SER D 21 -59.66 -42.25 -32.37
CA SER D 21 -58.41 -42.81 -32.84
C SER D 21 -58.01 -43.99 -31.95
N SER D 22 -57.60 -45.08 -32.61
CA SER D 22 -57.22 -46.31 -31.93
C SER D 22 -58.38 -46.87 -31.11
N LYS D 23 -59.59 -46.77 -31.65
CA LYS D 23 -60.81 -47.23 -30.96
C LYS D 23 -60.87 -48.76 -30.97
N ASP D 24 -60.21 -49.35 -29.97
CA ASP D 24 -60.09 -50.80 -29.80
C ASP D 24 -60.84 -51.22 -28.53
N PRO D 25 -62.12 -51.58 -28.63
CA PRO D 25 -62.85 -52.02 -27.43
C PRO D 25 -62.22 -53.20 -26.72
N HIS D 26 -62.12 -53.06 -25.40
CA HIS D 26 -61.33 -53.92 -24.52
C HIS D 26 -62.03 -53.92 -23.16
N ARG D 27 -61.26 -53.95 -22.07
CA ARG D 27 -61.67 -54.36 -20.73
C ARG D 27 -63.03 -53.85 -20.23
N CYS D 28 -63.53 -54.42 -19.14
CA CYS D 28 -64.75 -53.92 -18.50
C CYS D 28 -65.94 -54.03 -19.43
N LEU D 29 -66.48 -55.26 -19.54
CA LEU D 29 -67.41 -55.80 -20.53
C LEU D 29 -68.36 -54.79 -21.19
N PRO D 30 -69.14 -53.97 -20.46
CA PRO D 30 -70.01 -53.02 -21.17
C PRO D 30 -69.21 -51.98 -21.94
N GLY D 31 -69.62 -51.75 -23.19
CA GLY D 31 -68.93 -50.86 -24.10
C GLY D 31 -68.71 -49.43 -23.64
N CYS D 32 -69.77 -48.75 -23.17
CA CYS D 32 -69.73 -47.30 -22.95
C CYS D 32 -68.60 -46.88 -22.02
N GLN D 33 -68.37 -47.64 -20.96
CA GLN D 33 -67.39 -47.28 -19.93
C GLN D 33 -66.01 -47.16 -20.56
N ILE D 34 -65.59 -48.17 -21.32
CA ILE D 34 -64.29 -48.12 -21.99
C ILE D 34 -64.39 -47.40 -23.33
N CYS D 35 -65.58 -47.29 -23.90
CA CYS D 35 -65.80 -46.33 -24.98
C CYS D 35 -65.86 -44.91 -24.44
N GLN D 36 -65.80 -44.74 -23.11
CA GLN D 36 -65.68 -43.44 -22.46
C GLN D 36 -64.39 -43.33 -21.65
N GLN D 37 -63.58 -44.39 -21.58
CA GLN D 37 -62.33 -44.36 -20.84
C GLN D 37 -61.18 -43.82 -21.69
N LEU D 38 -60.83 -44.51 -22.78
CA LEU D 38 -59.72 -44.08 -23.64
C LEU D 38 -60.18 -44.16 -25.10
N VAL D 39 -60.78 -43.07 -25.56
CA VAL D 39 -61.10 -42.85 -26.97
C VAL D 39 -60.41 -41.55 -27.39
N ARG D 40 -59.16 -41.64 -27.82
CA ARG D 40 -58.46 -40.43 -28.27
C ARG D 40 -59.00 -39.99 -29.61
N CYS D 41 -58.63 -38.79 -30.03
CA CYS D 41 -58.93 -38.31 -31.37
C CYS D 41 -57.65 -38.21 -32.19
N PHE D 42 -57.81 -38.09 -33.50
CA PHE D 42 -56.73 -37.72 -34.41
C PHE D 42 -56.30 -36.27 -34.21
N CYS D 43 -57.05 -35.51 -33.41
CA CYS D 43 -56.54 -34.30 -32.79
C CYS D 43 -55.51 -34.59 -31.70
N GLY D 44 -55.66 -35.71 -30.98
CA GLY D 44 -54.73 -36.12 -29.95
C GLY D 44 -55.30 -36.21 -28.54
N ARG D 45 -56.49 -35.65 -28.31
CA ARG D 45 -57.10 -35.65 -26.98
C ARG D 45 -58.30 -36.60 -26.94
N LEU D 46 -58.82 -36.77 -25.74
CA LEU D 46 -60.06 -37.48 -25.50
C LEU D 46 -61.25 -36.60 -25.82
N VAL D 47 -62.38 -37.24 -26.14
CA VAL D 47 -63.64 -36.52 -26.24
C VAL D 47 -63.99 -35.91 -24.89
N LYS D 48 -63.61 -36.56 -23.79
CA LYS D 48 -63.89 -36.04 -22.46
C LYS D 48 -62.86 -34.99 -22.05
N GLN D 49 -61.68 -35.01 -22.68
CA GLN D 49 -60.68 -33.97 -22.40
C GLN D 49 -60.88 -32.75 -23.29
N HIS D 50 -61.69 -32.83 -24.35
CA HIS D 50 -61.93 -31.63 -25.13
C HIS D 50 -63.00 -30.76 -24.45
N ALA D 51 -64.26 -31.17 -24.58
CA ALA D 51 -65.46 -30.59 -23.99
C ALA D 51 -65.77 -29.16 -24.43
N CYS D 52 -64.75 -28.32 -24.67
CA CYS D 52 -64.67 -27.20 -25.61
C CYS D 52 -65.95 -26.46 -26.00
N PHE D 53 -66.99 -26.46 -25.15
CA PHE D 53 -68.29 -25.83 -25.41
C PHE D 53 -69.09 -26.37 -26.60
N THR D 54 -68.49 -27.20 -27.45
CA THR D 54 -69.12 -27.87 -28.59
C THR D 54 -68.72 -29.34 -28.68
N ALA D 55 -67.59 -29.71 -28.07
CA ALA D 55 -67.18 -31.09 -27.93
C ALA D 55 -67.76 -31.75 -26.67
N SER D 56 -68.32 -30.96 -25.74
CA SER D 56 -69.08 -31.52 -24.64
C SER D 56 -70.36 -32.19 -25.12
N LEU D 57 -70.83 -31.82 -26.31
CA LEU D 57 -72.04 -32.39 -26.87
C LEU D 57 -71.86 -33.83 -27.35
N ALA D 58 -70.65 -34.38 -27.23
CA ALA D 58 -70.38 -35.78 -27.55
C ALA D 58 -70.10 -36.62 -26.31
N MET D 59 -69.51 -36.02 -25.28
CA MET D 59 -69.44 -36.66 -23.97
C MET D 59 -70.79 -37.18 -23.52
N LYS D 60 -71.85 -36.39 -23.75
CA LYS D 60 -73.18 -36.75 -23.30
C LYS D 60 -73.82 -37.80 -24.19
N TYR D 61 -73.73 -37.64 -25.52
CA TYR D 61 -74.39 -38.55 -26.44
C TYR D 61 -73.48 -39.66 -26.97
N SER D 62 -72.47 -39.25 -27.73
CA SER D 62 -71.51 -40.11 -28.40
C SER D 62 -70.63 -39.17 -29.20
N ASP D 63 -69.46 -39.65 -29.65
CA ASP D 63 -68.50 -38.88 -30.45
C ASP D 63 -69.19 -38.00 -31.50
N VAL D 64 -68.70 -36.77 -31.70
CA VAL D 64 -69.41 -35.80 -32.53
C VAL D 64 -69.41 -36.36 -33.94
N LYS D 65 -70.43 -37.18 -34.18
CA LYS D 65 -70.67 -37.89 -35.44
C LYS D 65 -71.86 -38.80 -35.18
N LEU D 66 -72.20 -39.63 -36.16
CA LEU D 66 -73.18 -40.71 -36.00
C LEU D 66 -72.50 -41.87 -35.28
N GLY D 67 -73.06 -43.08 -35.37
CA GLY D 67 -72.50 -44.21 -34.67
C GLY D 67 -71.32 -44.75 -35.46
N GLU D 68 -71.47 -45.90 -36.12
CA GLU D 68 -70.43 -46.42 -37.02
C GLU D 68 -69.87 -45.32 -37.92
N HIS D 69 -70.74 -44.61 -38.65
CA HIS D 69 -70.34 -43.38 -39.32
C HIS D 69 -69.20 -43.61 -40.30
N PHE D 70 -69.49 -44.12 -41.50
CA PHE D 70 -68.56 -44.81 -42.42
C PHE D 70 -67.10 -44.43 -42.30
N ASN D 71 -66.22 -45.43 -42.19
CA ASN D 71 -64.78 -45.19 -42.10
C ASN D 71 -64.21 -44.66 -43.42
N GLN D 72 -65.00 -44.61 -44.48
CA GLN D 72 -64.72 -43.77 -45.64
C GLN D 72 -64.75 -42.29 -45.28
N ALA D 73 -65.38 -41.91 -44.17
CA ALA D 73 -65.51 -40.52 -43.75
C ALA D 73 -64.83 -40.23 -42.41
N ILE D 74 -64.45 -41.24 -41.63
CA ILE D 74 -63.88 -41.01 -40.31
C ILE D 74 -62.52 -40.33 -40.41
N GLU D 75 -61.68 -40.80 -41.34
CA GLU D 75 -60.30 -40.33 -41.45
C GLU D 75 -60.21 -38.82 -41.71
N GLU D 76 -61.28 -38.24 -42.27
CA GLU D 76 -61.21 -36.89 -42.79
C GLU D 76 -61.25 -35.84 -41.66
N TRP D 77 -60.21 -35.82 -40.83
CA TRP D 77 -59.89 -34.62 -40.07
C TRP D 77 -59.01 -33.75 -40.94
N SER D 78 -59.10 -32.44 -40.73
CA SER D 78 -57.97 -31.57 -40.98
C SER D 78 -58.20 -30.32 -40.17
N VAL D 79 -57.11 -29.79 -39.60
CA VAL D 79 -57.19 -28.53 -38.87
C VAL D 79 -57.76 -27.43 -39.76
N GLU D 80 -57.56 -27.54 -41.08
CA GLU D 80 -58.31 -26.74 -42.03
C GLU D 80 -59.81 -26.94 -41.89
N LYS D 81 -60.26 -28.18 -41.67
CA LYS D 81 -61.69 -28.51 -41.69
C LYS D 81 -62.34 -28.28 -40.34
N HIS D 82 -61.89 -29.02 -39.32
CA HIS D 82 -62.46 -28.94 -37.98
C HIS D 82 -61.43 -28.34 -37.03
N THR D 83 -61.38 -27.02 -36.96
CA THR D 83 -60.63 -26.34 -35.90
C THR D 83 -60.97 -24.85 -35.91
N GLU D 84 -61.51 -24.35 -34.81
CA GLU D 84 -61.95 -22.96 -34.70
C GLU D 84 -61.02 -22.14 -33.81
N GLN D 85 -60.76 -20.90 -34.20
CA GLN D 85 -59.55 -20.18 -33.80
C GLN D 85 -59.65 -19.57 -32.39
N SER D 86 -60.59 -18.62 -32.17
CA SER D 86 -61.07 -18.30 -30.82
C SER D 86 -60.01 -17.86 -29.79
N PRO D 87 -59.70 -16.56 -29.68
CA PRO D 87 -58.38 -16.06 -29.22
C PRO D 87 -57.63 -16.83 -28.13
N THR D 88 -56.30 -16.67 -28.16
CA THR D 88 -55.36 -17.27 -27.23
C THR D 88 -55.74 -16.96 -25.78
N ASP D 89 -55.23 -17.78 -24.86
CA ASP D 89 -55.43 -17.61 -23.43
C ASP D 89 -54.12 -17.89 -22.69
N ALA D 90 -52.99 -17.65 -23.33
CA ALA D 90 -51.67 -17.97 -22.78
C ALA D 90 -50.63 -16.92 -23.14
N TYR D 91 -50.90 -15.64 -22.82
CA TYR D 91 -49.97 -14.54 -23.10
C TYR D 91 -49.35 -13.99 -21.82
N GLY D 92 -48.97 -14.88 -20.91
CA GLY D 92 -48.36 -14.51 -19.65
C GLY D 92 -46.84 -14.41 -19.72
N VAL D 93 -46.22 -14.57 -18.56
CA VAL D 93 -44.76 -14.45 -18.39
C VAL D 93 -44.30 -15.48 -17.36
N ILE D 94 -43.30 -16.29 -17.73
CA ILE D 94 -42.85 -17.39 -16.88
C ILE D 94 -41.88 -16.86 -15.83
N ASN D 95 -41.84 -17.53 -14.69
CA ASN D 95 -40.98 -17.19 -13.56
C ASN D 95 -40.15 -18.40 -13.14
N PHE D 96 -39.43 -19.02 -14.11
CA PHE D 96 -38.69 -20.26 -13.88
C PHE D 96 -37.85 -20.23 -12.60
N GLN D 97 -38.23 -21.01 -11.60
CA GLN D 97 -37.51 -20.97 -10.35
C GLN D 97 -36.26 -21.85 -10.42
N GLY D 98 -35.26 -21.49 -9.63
CA GLY D 98 -33.96 -22.11 -9.76
C GLY D 98 -32.93 -21.56 -8.79
N GLY D 99 -31.78 -21.16 -9.31
CA GLY D 99 -30.68 -20.67 -8.51
C GLY D 99 -30.99 -19.35 -7.82
N SER D 100 -29.98 -18.56 -7.46
CA SER D 100 -30.21 -17.33 -6.72
C SER D 100 -30.66 -16.21 -7.64
N HIS D 101 -31.70 -16.51 -8.42
CA HIS D 101 -32.28 -15.64 -9.44
C HIS D 101 -33.50 -16.43 -9.92
N SER D 102 -34.12 -16.04 -11.04
CA SER D 102 -35.50 -16.29 -11.40
C SER D 102 -35.68 -16.64 -12.88
N TYR D 103 -34.68 -16.35 -13.72
CA TYR D 103 -34.63 -16.76 -15.13
C TYR D 103 -35.93 -16.46 -15.85
N ARG D 104 -36.49 -15.28 -15.58
CA ARG D 104 -37.79 -14.89 -16.11
C ARG D 104 -37.80 -14.94 -17.63
N ALA D 105 -38.95 -15.29 -18.20
CA ALA D 105 -39.10 -15.49 -19.62
C ALA D 105 -40.56 -15.26 -20.00
N LYS D 106 -40.81 -15.18 -21.30
CA LYS D 106 -42.12 -14.85 -21.85
C LYS D 106 -42.58 -15.94 -22.79
N TYR D 107 -43.85 -15.86 -23.22
CA TYR D 107 -44.38 -16.86 -24.15
C TYR D 107 -45.66 -16.40 -24.84
N VAL D 108 -46.15 -17.24 -25.75
CA VAL D 108 -47.41 -17.00 -26.44
C VAL D 108 -47.81 -18.28 -27.15
N ARG D 109 -49.12 -18.49 -27.31
CA ARG D 109 -49.67 -19.54 -28.15
C ARG D 109 -49.99 -18.94 -29.50
N LEU D 110 -49.88 -19.73 -30.56
CA LEU D 110 -50.26 -19.25 -31.88
C LEU D 110 -50.34 -20.42 -32.85
N SER D 111 -50.85 -20.14 -34.04
CA SER D 111 -51.06 -21.17 -35.05
C SER D 111 -49.86 -21.28 -35.99
N TYR D 112 -49.73 -22.45 -36.61
CA TYR D 112 -48.67 -22.71 -37.58
C TYR D 112 -48.78 -21.86 -38.84
N ASP D 113 -49.94 -21.25 -39.11
CA ASP D 113 -50.11 -20.32 -40.24
C ASP D 113 -50.25 -18.88 -39.82
N THR D 114 -49.84 -18.53 -38.60
CA THR D 114 -49.67 -17.16 -38.17
C THR D 114 -48.78 -16.44 -39.17
N LYS D 115 -49.18 -15.23 -39.58
CA LYS D 115 -48.51 -14.55 -40.67
C LYS D 115 -47.05 -14.27 -40.30
N PRO D 116 -46.09 -14.35 -41.23
CA PRO D 116 -44.70 -14.05 -40.85
C PRO D 116 -44.47 -12.61 -40.44
N GLU D 117 -45.36 -11.67 -40.76
CA GLU D 117 -45.14 -10.28 -40.39
C GLU D 117 -45.67 -9.97 -39.00
N ILE D 118 -46.72 -10.65 -38.55
CA ILE D 118 -47.27 -10.35 -37.23
C ILE D 118 -46.41 -10.99 -36.14
N ILE D 119 -45.85 -12.16 -36.42
CA ILE D 119 -44.88 -12.77 -35.51
C ILE D 119 -43.69 -11.84 -35.31
N LEU D 120 -43.29 -11.13 -36.37
CA LEU D 120 -42.32 -10.05 -36.21
C LEU D 120 -42.90 -8.91 -35.38
N GLN D 121 -44.14 -8.53 -35.67
CA GLN D 121 -44.85 -7.49 -34.92
C GLN D 121 -45.19 -7.95 -33.50
N LEU D 122 -44.87 -9.20 -33.14
CA LEU D 122 -44.91 -9.67 -31.77
C LEU D 122 -43.53 -9.62 -31.12
N LEU D 123 -42.49 -10.02 -31.86
CA LEU D 123 -41.14 -10.02 -31.30
C LEU D 123 -40.64 -8.60 -31.06
N LEU D 124 -40.73 -7.75 -32.08
CA LEU D 124 -40.16 -6.42 -32.02
C LEU D 124 -41.14 -5.41 -31.41
N LYS D 125 -42.36 -5.37 -31.92
CA LYS D 125 -43.33 -4.38 -31.47
C LYS D 125 -43.83 -4.69 -30.08
N GLU D 126 -44.32 -5.92 -29.87
CA GLU D 126 -44.97 -6.26 -28.60
C GLU D 126 -43.96 -6.59 -27.52
N TRP D 127 -42.99 -7.44 -27.84
CA TRP D 127 -41.99 -7.84 -26.85
C TRP D 127 -40.79 -6.90 -26.78
N GLN D 128 -40.78 -5.80 -27.55
CA GLN D 128 -39.79 -4.73 -27.48
C GLN D 128 -38.40 -5.15 -27.98
N MET D 129 -38.27 -6.38 -28.43
CA MET D 129 -36.96 -6.97 -28.71
C MET D 129 -36.35 -6.33 -29.94
N GLU D 130 -35.15 -5.75 -29.79
CA GLU D 130 -34.56 -4.98 -30.87
C GLU D 130 -33.97 -5.93 -31.93
N LEU D 131 -34.29 -5.62 -33.19
CA LEU D 131 -33.95 -6.39 -34.40
C LEU D 131 -32.48 -6.79 -34.37
N PRO D 132 -32.11 -8.06 -34.64
CA PRO D 132 -30.71 -8.45 -34.49
C PRO D 132 -29.87 -8.17 -35.71
N LYS D 133 -28.57 -8.40 -35.55
CA LYS D 133 -27.60 -8.39 -36.63
C LYS D 133 -27.11 -9.78 -36.97
N LEU D 134 -27.48 -10.79 -36.20
CA LEU D 134 -27.21 -12.19 -36.51
C LEU D 134 -28.31 -13.03 -35.90
N VAL D 135 -28.58 -14.16 -36.55
CA VAL D 135 -29.43 -15.20 -35.98
C VAL D 135 -28.66 -16.52 -36.05
N ILE D 136 -28.74 -17.29 -34.98
CA ILE D 136 -28.16 -18.62 -34.93
C ILE D 136 -29.28 -19.64 -34.87
N SER D 137 -29.68 -20.14 -36.04
CA SER D 137 -30.71 -21.16 -36.15
C SER D 137 -30.15 -22.51 -35.75
N VAL D 138 -30.46 -22.95 -34.53
CA VAL D 138 -29.84 -24.15 -33.96
C VAL D 138 -30.70 -25.35 -34.34
N HIS D 139 -30.08 -26.33 -35.00
CA HIS D 139 -30.77 -27.53 -35.47
C HIS D 139 -29.88 -28.73 -35.21
N GLY D 140 -30.02 -29.32 -34.02
CA GLY D 140 -29.24 -30.48 -33.64
C GLY D 140 -30.13 -31.55 -33.07
N GLY D 141 -29.61 -32.28 -32.10
CA GLY D 141 -30.34 -33.37 -31.49
C GLY D 141 -31.66 -32.91 -30.91
N MET D 142 -32.69 -33.73 -31.12
CA MET D 142 -34.00 -33.50 -30.53
C MET D 142 -34.26 -34.42 -29.35
N GLN D 143 -33.28 -35.23 -28.95
CA GLN D 143 -33.35 -36.04 -27.74
C GLN D 143 -32.23 -35.62 -26.80
N LYS D 144 -32.24 -36.19 -25.59
CA LYS D 144 -31.28 -35.82 -24.55
C LYS D 144 -29.90 -36.38 -24.88
N PHE D 145 -29.18 -35.68 -25.76
CA PHE D 145 -27.81 -36.07 -26.06
C PHE D 145 -26.85 -35.45 -25.04
N GLU D 146 -25.63 -35.97 -25.00
CA GLU D 146 -24.65 -35.63 -23.98
C GLU D 146 -23.29 -35.46 -24.64
N LEU D 147 -22.43 -34.67 -24.01
CA LEU D 147 -21.13 -34.28 -24.55
C LEU D 147 -20.09 -34.46 -23.45
N HIS D 148 -18.82 -34.18 -23.78
CA HIS D 148 -17.68 -34.28 -22.87
C HIS D 148 -17.18 -32.89 -22.47
N PRO D 149 -16.28 -32.77 -21.46
CA PRO D 149 -15.98 -31.44 -20.89
C PRO D 149 -15.36 -30.42 -21.83
N ARG D 150 -14.40 -30.82 -22.66
CA ARG D 150 -13.70 -29.87 -23.52
C ARG D 150 -14.68 -29.19 -24.47
N ILE D 151 -15.44 -29.99 -25.22
CA ILE D 151 -16.45 -29.44 -26.12
C ILE D 151 -17.52 -28.69 -25.34
N LYS D 152 -17.82 -29.14 -24.12
CA LYS D 152 -18.82 -28.46 -23.29
C LYS D 152 -18.47 -27.00 -23.03
N GLN D 153 -17.18 -26.67 -22.94
CA GLN D 153 -16.73 -25.33 -22.60
C GLN D 153 -16.41 -24.50 -23.83
N LEU D 154 -15.56 -25.03 -24.72
CA LEU D 154 -15.07 -24.27 -25.86
C LEU D 154 -16.20 -23.92 -26.82
N LEU D 155 -16.95 -24.93 -27.25
CA LEU D 155 -18.11 -24.71 -28.11
C LEU D 155 -19.08 -23.73 -27.45
N GLY D 156 -19.25 -23.86 -26.14
CA GLY D 156 -20.14 -22.99 -25.40
C GLY D 156 -19.75 -21.54 -25.49
N LYS D 157 -18.49 -21.23 -25.15
CA LYS D 157 -17.97 -19.87 -25.23
C LYS D 157 -18.18 -19.27 -26.61
N GLY D 158 -17.73 -19.99 -27.64
CA GLY D 158 -17.76 -19.46 -28.99
C GLY D 158 -19.17 -19.15 -29.46
N LEU D 159 -20.09 -20.08 -29.20
CA LEU D 159 -21.48 -19.87 -29.58
C LEU D 159 -22.08 -18.71 -28.81
N ILE D 160 -21.71 -18.59 -27.54
CA ILE D 160 -22.17 -17.50 -26.69
C ILE D 160 -21.57 -16.18 -27.17
N LYS D 161 -20.24 -16.13 -27.24
CA LYS D 161 -19.52 -14.91 -27.58
C LYS D 161 -19.97 -14.38 -28.94
N ALA D 162 -20.15 -15.28 -29.90
CA ALA D 162 -20.63 -14.90 -31.22
C ALA D 162 -21.97 -14.19 -31.15
N ALA D 163 -22.80 -14.58 -30.18
CA ALA D 163 -24.09 -13.93 -29.96
C ALA D 163 -23.93 -12.63 -29.19
N VAL D 164 -22.94 -12.57 -28.31
CA VAL D 164 -22.67 -11.34 -27.56
C VAL D 164 -22.28 -10.22 -28.51
N THR D 165 -21.34 -10.50 -29.41
CA THR D 165 -20.77 -9.46 -30.25
C THR D 165 -21.82 -8.89 -31.20
N THR D 166 -22.57 -9.76 -31.87
CA THR D 166 -23.51 -9.37 -32.91
C THR D 166 -24.92 -9.14 -32.38
N GLY D 167 -25.10 -9.10 -31.05
CA GLY D 167 -26.40 -8.97 -30.44
C GLY D 167 -27.41 -9.94 -30.98
N ALA D 168 -26.99 -11.19 -31.18
CA ALA D 168 -27.73 -12.12 -32.00
C ALA D 168 -29.00 -12.60 -31.31
N TRP D 169 -29.83 -13.30 -32.09
CA TRP D 169 -31.02 -14.00 -31.60
C TRP D 169 -30.80 -15.48 -31.89
N ILE D 170 -30.51 -16.25 -30.83
CA ILE D 170 -30.46 -17.69 -30.97
C ILE D 170 -31.88 -18.19 -31.21
N LEU D 171 -32.00 -19.27 -31.98
CA LEU D 171 -33.28 -19.92 -32.21
C LEU D 171 -33.13 -21.42 -31.98
N THR D 172 -34.02 -21.98 -31.16
CA THR D 172 -34.00 -23.38 -30.81
C THR D 172 -35.43 -23.92 -30.92
N GLY D 173 -35.63 -25.15 -30.45
CA GLY D 173 -36.96 -25.69 -30.33
C GLY D 173 -37.62 -25.29 -29.03
N GLY D 174 -36.81 -24.96 -28.02
CA GLY D 174 -37.30 -24.54 -26.73
C GLY D 174 -37.59 -25.67 -25.77
N VAL D 175 -36.91 -26.80 -25.93
CA VAL D 175 -37.22 -28.04 -25.21
C VAL D 175 -35.91 -28.65 -24.72
N ASN D 176 -35.85 -28.99 -23.44
CA ASN D 176 -34.58 -29.42 -22.86
C ASN D 176 -34.29 -30.90 -23.07
N THR D 177 -34.90 -31.50 -24.10
CA THR D 177 -34.38 -32.74 -24.69
C THR D 177 -33.82 -32.41 -26.08
N GLY D 178 -32.56 -32.00 -26.12
CA GLY D 178 -31.94 -31.66 -27.38
C GLY D 178 -30.99 -30.49 -27.25
N VAL D 179 -30.87 -29.74 -28.35
CA VAL D 179 -29.99 -28.58 -28.40
C VAL D 179 -30.33 -27.60 -27.28
N ALA D 180 -31.62 -27.33 -27.07
CA ALA D 180 -32.06 -26.29 -26.14
C ALA D 180 -31.49 -26.50 -24.74
N LYS D 181 -31.43 -27.75 -24.30
CA LYS D 181 -30.79 -28.06 -23.03
C LYS D 181 -29.35 -27.59 -23.04
N HIS D 182 -28.64 -27.90 -24.11
CA HIS D 182 -27.21 -27.63 -24.15
C HIS D 182 -26.92 -26.19 -24.59
N VAL D 183 -27.80 -25.63 -25.43
CA VAL D 183 -27.73 -24.20 -25.73
C VAL D 183 -27.93 -23.41 -24.45
N GLY D 184 -29.02 -23.70 -23.74
CA GLY D 184 -29.36 -22.99 -22.53
C GLY D 184 -28.32 -23.13 -21.43
N ASP D 185 -27.81 -24.35 -21.22
CA ASP D 185 -26.79 -24.59 -20.20
C ASP D 185 -25.62 -23.63 -20.36
N ALA D 186 -25.05 -23.59 -21.55
CA ALA D 186 -23.84 -22.83 -21.81
C ALA D 186 -24.00 -21.37 -21.37
N LEU D 187 -25.20 -20.81 -21.54
CA LEU D 187 -25.50 -19.47 -21.05
C LEU D 187 -25.36 -19.39 -19.54
N LYS D 188 -25.77 -20.46 -18.85
CA LYS D 188 -25.81 -20.50 -17.39
C LYS D 188 -24.43 -20.29 -16.78
N GLU D 189 -23.48 -21.19 -17.10
CA GLU D 189 -22.18 -21.16 -16.46
C GLU D 189 -21.38 -19.92 -16.88
N HIS D 190 -21.42 -19.58 -18.16
CA HIS D 190 -20.58 -18.53 -18.72
C HIS D 190 -20.93 -17.15 -18.19
N ALA D 191 -22.05 -17.01 -17.49
CA ALA D 191 -22.50 -15.74 -16.95
C ALA D 191 -22.76 -14.74 -18.07
N SER D 192 -23.33 -15.24 -19.17
CA SER D 192 -23.79 -14.39 -20.27
C SER D 192 -24.79 -13.35 -19.80
N ARG D 193 -25.49 -13.64 -18.70
CA ARG D 193 -26.44 -12.69 -18.14
C ARG D 193 -25.73 -11.48 -17.55
N SER D 194 -24.45 -11.63 -17.17
CA SER D 194 -23.79 -10.63 -16.35
C SER D 194 -23.71 -9.26 -17.03
N SER D 195 -24.54 -8.33 -16.54
CA SER D 195 -24.82 -7.06 -17.20
C SER D 195 -24.94 -7.22 -18.71
N ARG D 196 -25.69 -8.24 -19.14
CA ARG D 196 -25.74 -8.59 -20.55
C ARG D 196 -26.89 -9.56 -20.79
N LYS D 197 -27.35 -9.64 -22.04
CA LYS D 197 -28.39 -10.58 -22.43
C LYS D 197 -27.97 -11.14 -23.78
N ILE D 198 -27.86 -12.46 -23.88
CA ILE D 198 -27.92 -13.12 -25.17
C ILE D 198 -29.37 -13.47 -25.41
N CYS D 199 -30.01 -12.73 -26.32
CA CYS D 199 -31.40 -12.97 -26.64
C CYS D 199 -31.56 -14.37 -27.20
N THR D 200 -32.48 -15.12 -26.63
CA THR D 200 -32.60 -16.55 -26.87
C THR D 200 -34.07 -16.91 -26.89
N ILE D 201 -34.48 -17.66 -27.92
CA ILE D 201 -35.88 -17.90 -28.23
C ILE D 201 -36.03 -19.37 -28.57
N GLY D 202 -37.13 -19.98 -28.09
CA GLY D 202 -37.50 -21.32 -28.45
C GLY D 202 -38.86 -21.43 -29.13
N ILE D 203 -38.86 -21.75 -30.42
CA ILE D 203 -40.10 -22.09 -31.10
C ILE D 203 -40.42 -23.54 -30.77
N ALA D 204 -41.40 -23.77 -29.90
CA ALA D 204 -41.89 -25.11 -29.59
C ALA D 204 -43.34 -25.26 -30.02
N PRO D 205 -43.94 -26.45 -29.89
CA PRO D 205 -45.40 -26.55 -29.98
C PRO D 205 -46.07 -26.50 -28.63
N TRP D 206 -47.32 -26.04 -28.58
CA TRP D 206 -48.01 -25.84 -27.32
C TRP D 206 -48.42 -27.17 -26.70
N GLY D 207 -49.05 -28.04 -27.49
CA GLY D 207 -49.72 -29.21 -26.98
C GLY D 207 -48.87 -30.12 -26.13
N VAL D 208 -47.58 -30.15 -26.40
CA VAL D 208 -46.70 -31.13 -25.77
C VAL D 208 -46.27 -30.64 -24.39
N ILE D 209 -45.91 -29.37 -24.26
CA ILE D 209 -45.10 -28.90 -23.13
C ILE D 209 -45.84 -29.20 -21.82
N GLU D 210 -45.25 -30.05 -20.99
CA GLU D 210 -45.99 -30.55 -19.85
C GLU D 210 -46.22 -29.44 -18.85
N ASN D 211 -47.43 -29.42 -18.27
CA ASN D 211 -48.01 -28.29 -17.54
C ASN D 211 -48.33 -27.14 -18.48
N ARG D 212 -48.69 -27.42 -19.73
CA ARG D 212 -49.22 -26.37 -20.59
C ARG D 212 -50.47 -25.77 -19.96
N ASN D 213 -51.30 -26.62 -19.37
CA ASN D 213 -52.53 -26.21 -18.71
C ASN D 213 -52.27 -25.20 -17.59
N ASP D 214 -51.06 -25.22 -17.02
CA ASP D 214 -50.65 -24.21 -16.04
C ASP D 214 -50.51 -22.86 -16.71
N LEU D 215 -49.73 -22.80 -17.79
CA LEU D 215 -49.49 -21.57 -18.54
C LEU D 215 -50.77 -20.95 -19.10
N VAL D 216 -51.85 -21.74 -19.22
CA VAL D 216 -53.14 -21.25 -19.68
C VAL D 216 -53.58 -20.12 -18.75
N GLY D 217 -54.37 -19.19 -19.27
CA GLY D 217 -54.78 -18.01 -18.54
C GLY D 217 -54.18 -16.74 -19.12
N ARG D 218 -54.83 -15.63 -18.83
CA ARG D 218 -54.42 -14.33 -19.36
C ARG D 218 -53.10 -13.93 -18.70
N ASP D 219 -52.65 -12.69 -18.97
CA ASP D 219 -51.37 -12.20 -18.49
C ASP D 219 -51.16 -12.47 -17.00
N VAL D 220 -50.17 -13.28 -16.69
CA VAL D 220 -49.99 -13.83 -15.35
C VAL D 220 -48.52 -14.13 -15.17
N VAL D 221 -48.08 -14.17 -13.91
CA VAL D 221 -46.75 -14.70 -13.61
C VAL D 221 -46.90 -16.21 -13.72
N ALA D 222 -46.70 -16.73 -14.94
CA ALA D 222 -46.89 -18.14 -15.27
C ALA D 222 -46.08 -19.00 -14.31
N PRO D 223 -46.72 -19.71 -13.36
CA PRO D 223 -45.91 -20.43 -12.36
C PRO D 223 -45.43 -21.77 -12.92
N TYR D 224 -44.56 -21.69 -13.91
CA TYR D 224 -43.99 -22.90 -14.50
C TYR D 224 -43.12 -23.58 -13.45
N GLN D 225 -43.48 -24.82 -13.11
CA GLN D 225 -43.05 -25.39 -11.85
C GLN D 225 -41.65 -26.00 -11.87
N THR D 226 -41.03 -26.12 -13.04
CA THR D 226 -39.65 -26.55 -13.17
C THR D 226 -39.46 -28.01 -12.70
N LEU D 227 -40.53 -28.80 -12.63
CA LEU D 227 -40.35 -30.18 -12.19
C LEU D 227 -39.60 -30.97 -13.26
N LEU D 228 -38.46 -31.53 -12.86
CA LEU D 228 -37.69 -32.41 -13.74
C LEU D 228 -38.22 -33.84 -13.75
N ASN D 229 -39.45 -34.07 -13.25
CA ASN D 229 -40.07 -35.40 -13.19
C ASN D 229 -39.97 -36.11 -14.54
N PRO D 230 -39.18 -37.17 -14.67
CA PRO D 230 -38.99 -37.77 -16.01
C PRO D 230 -40.23 -38.46 -16.54
N LEU D 231 -41.28 -38.62 -15.73
CA LEU D 231 -42.56 -39.10 -16.25
C LEU D 231 -43.05 -38.22 -17.38
N SER D 232 -42.79 -36.92 -17.29
CA SER D 232 -43.20 -35.96 -18.31
C SER D 232 -42.17 -35.95 -19.43
N LYS D 233 -42.29 -36.93 -20.33
CA LYS D 233 -41.44 -36.98 -21.52
C LYS D 233 -41.66 -35.78 -22.42
N LEU D 234 -42.89 -35.23 -22.40
CA LEU D 234 -43.39 -34.37 -23.46
C LEU D 234 -42.49 -33.16 -23.69
N ASN D 235 -42.25 -32.38 -22.64
CA ASN D 235 -40.95 -31.80 -22.31
C ASN D 235 -41.03 -30.87 -21.11
N VAL D 236 -39.86 -30.61 -20.52
CA VAL D 236 -39.68 -29.50 -19.59
C VAL D 236 -39.09 -28.38 -20.44
N LEU D 237 -39.80 -27.24 -20.49
CA LEU D 237 -39.25 -26.05 -21.13
C LEU D 237 -37.91 -25.70 -20.51
N ASN D 238 -36.85 -25.61 -21.31
CA ASN D 238 -35.57 -25.24 -20.75
C ASN D 238 -35.64 -23.83 -20.17
N ASN D 239 -35.23 -23.69 -18.92
CA ASN D 239 -35.51 -22.48 -18.15
C ASN D 239 -34.57 -21.33 -18.43
N LEU D 240 -33.70 -21.41 -19.43
CA LEU D 240 -32.75 -20.32 -19.73
C LEU D 240 -33.19 -19.50 -20.92
N HIS D 241 -33.81 -20.13 -21.92
CA HIS D 241 -34.40 -19.41 -23.04
C HIS D 241 -35.36 -18.36 -22.55
N SER D 242 -35.20 -17.13 -23.05
CA SER D 242 -35.94 -16.00 -22.53
C SER D 242 -37.35 -15.90 -23.10
N HIS D 243 -37.60 -16.51 -24.24
CA HIS D 243 -38.86 -16.35 -24.95
C HIS D 243 -39.31 -17.68 -25.55
N PHE D 244 -40.64 -17.90 -25.56
CA PHE D 244 -41.21 -19.19 -25.93
C PHE D 244 -42.43 -18.98 -26.81
N ILE D 245 -42.23 -18.91 -28.12
CA ILE D 245 -43.33 -18.93 -29.07
C ILE D 245 -43.72 -20.40 -29.19
N LEU D 246 -45.02 -20.66 -29.07
CA LEU D 246 -45.53 -22.02 -28.92
C LEU D 246 -46.66 -22.23 -29.92
N VAL D 247 -46.42 -23.05 -30.93
CA VAL D 247 -47.31 -23.17 -32.07
C VAL D 247 -48.54 -23.99 -31.67
N ASP D 248 -49.60 -23.29 -31.26
CA ASP D 248 -50.91 -23.90 -31.06
C ASP D 248 -51.55 -24.20 -32.42
N ASP D 249 -50.99 -25.21 -33.08
CA ASP D 249 -51.50 -25.63 -34.39
C ASP D 249 -52.92 -26.15 -34.30
N GLY D 250 -53.28 -26.72 -33.16
CA GLY D 250 -54.56 -27.40 -32.99
C GLY D 250 -54.39 -28.90 -32.86
N THR D 251 -53.22 -29.32 -32.39
CA THR D 251 -52.92 -30.72 -32.14
C THR D 251 -52.22 -30.81 -30.77
N VAL D 252 -52.17 -32.01 -30.23
CA VAL D 252 -51.48 -32.28 -28.97
C VAL D 252 -50.89 -33.68 -29.07
N GLY D 253 -49.60 -33.82 -28.77
CA GLY D 253 -48.88 -35.04 -29.03
C GLY D 253 -48.30 -35.13 -30.42
N LYS D 254 -48.82 -34.35 -31.37
CA LYS D 254 -48.23 -34.27 -32.69
C LYS D 254 -46.99 -33.40 -32.66
N TYR D 255 -46.17 -33.52 -33.70
CA TYR D 255 -44.87 -32.87 -33.76
C TYR D 255 -44.64 -32.33 -35.16
N GLY D 256 -43.97 -31.19 -35.24
CA GLY D 256 -43.58 -30.59 -36.50
C GLY D 256 -44.49 -29.45 -36.91
N ALA D 257 -45.05 -28.76 -35.93
CA ALA D 257 -45.90 -27.61 -36.20
C ALA D 257 -45.11 -26.35 -36.56
N GLU D 258 -43.82 -26.32 -36.25
CA GLU D 258 -42.99 -25.13 -36.39
C GLU D 258 -42.03 -25.19 -37.57
N VAL D 259 -41.79 -26.40 -38.10
CA VAL D 259 -40.72 -26.69 -39.04
C VAL D 259 -40.69 -25.70 -40.21
N ARG D 260 -41.87 -25.24 -40.61
CA ARG D 260 -41.99 -24.22 -41.64
C ARG D 260 -42.00 -22.83 -41.02
N LEU D 261 -42.84 -22.62 -40.00
CA LEU D 261 -42.97 -21.31 -39.36
C LEU D 261 -41.64 -20.81 -38.82
N ARG D 262 -40.93 -21.68 -38.10
CA ARG D 262 -39.62 -21.37 -37.58
C ARG D 262 -38.72 -20.86 -38.69
N ARG D 263 -38.74 -21.55 -39.82
CA ARG D 263 -37.97 -21.13 -40.98
C ARG D 263 -38.51 -19.83 -41.56
N GLU D 264 -39.83 -19.69 -41.71
CA GLU D 264 -40.39 -18.49 -42.32
C GLU D 264 -40.06 -17.26 -41.51
N LEU D 265 -40.16 -17.37 -40.18
CA LEU D 265 -39.68 -16.31 -39.31
C LEU D 265 -38.24 -15.95 -39.63
N GLU D 266 -37.37 -16.96 -39.80
CA GLU D 266 -35.99 -16.69 -40.19
C GLU D 266 -35.92 -16.08 -41.57
N LYS D 267 -36.78 -16.52 -42.48
CA LYS D 267 -36.83 -15.93 -43.81
C LYS D 267 -37.22 -14.47 -43.76
N THR D 268 -38.22 -14.10 -42.94
CA THR D 268 -38.56 -12.71 -42.71
C THR D 268 -37.80 -12.12 -41.51
N ILE D 269 -36.64 -12.69 -41.15
CA ILE D 269 -35.62 -12.01 -40.39
C ILE D 269 -34.45 -11.62 -41.27
N ASN D 270 -34.16 -12.40 -42.30
CA ASN D 270 -33.15 -12.10 -43.29
C ASN D 270 -33.71 -11.31 -44.47
N GLN D 271 -34.77 -10.52 -44.22
CA GLN D 271 -35.44 -9.75 -45.26
C GLN D 271 -35.61 -8.29 -44.85
N GLN D 272 -35.13 -7.90 -43.66
CA GLN D 272 -35.14 -6.52 -43.21
C GLN D 272 -33.71 -5.99 -43.13
N ARG D 273 -33.60 -4.67 -43.05
CA ARG D 273 -32.31 -4.02 -43.04
C ARG D 273 -31.62 -4.19 -41.69
N ILE D 274 -30.31 -3.97 -41.72
CA ILE D 274 -29.38 -4.27 -40.63
C ILE D 274 -28.72 -2.98 -40.14
N HIS D 275 -29.53 -1.98 -39.77
CA HIS D 275 -29.11 -0.60 -39.49
C HIS D 275 -28.89 0.28 -40.71
N ALA D 276 -29.99 0.93 -41.12
CA ALA D 276 -30.22 1.69 -42.35
C ALA D 276 -29.00 2.31 -43.04
N ARG D 277 -28.07 2.88 -42.27
CA ARG D 277 -26.78 3.27 -42.83
C ARG D 277 -26.21 2.07 -43.61
N ILE D 278 -26.26 0.90 -42.97
CA ILE D 278 -25.97 -0.34 -43.66
C ILE D 278 -27.20 -0.79 -44.44
N GLY D 279 -26.98 -1.15 -45.71
CA GLY D 279 -28.01 -1.83 -46.48
C GLY D 279 -27.68 -3.28 -46.79
N GLN D 280 -28.25 -4.18 -46.00
CA GLN D 280 -28.11 -5.63 -46.20
C GLN D 280 -29.24 -6.30 -45.43
N GLY D 281 -29.56 -7.53 -45.81
CA GLY D 281 -30.43 -8.35 -44.99
C GLY D 281 -29.67 -8.93 -43.82
N VAL D 282 -30.38 -9.16 -42.71
CA VAL D 282 -29.74 -9.73 -41.53
C VAL D 282 -29.26 -11.13 -41.88
N PRO D 283 -27.95 -11.42 -41.80
CA PRO D 283 -27.49 -12.74 -42.18
C PRO D 283 -27.93 -13.78 -41.17
N VAL D 284 -28.01 -15.03 -41.62
CA VAL D 284 -28.53 -16.12 -40.81
C VAL D 284 -27.61 -17.32 -41.00
N VAL D 285 -26.92 -17.72 -39.94
CA VAL D 285 -26.16 -18.96 -39.91
C VAL D 285 -27.09 -20.09 -39.49
N ALA D 286 -26.63 -21.34 -39.61
CA ALA D 286 -27.33 -22.50 -39.05
C ALA D 286 -26.31 -23.50 -38.51
N LEU D 287 -26.51 -23.98 -37.28
CA LEU D 287 -25.61 -24.92 -36.63
C LEU D 287 -26.26 -26.28 -36.43
N ILE D 288 -25.41 -27.27 -36.20
CA ILE D 288 -25.79 -28.68 -36.14
C ILE D 288 -25.05 -29.29 -34.95
N PHE D 289 -25.82 -29.76 -33.96
CA PHE D 289 -25.33 -30.59 -32.86
C PHE D 289 -25.70 -32.04 -33.19
N GLU D 290 -25.62 -32.92 -32.17
CA GLU D 290 -25.68 -34.38 -32.26
C GLU D 290 -26.60 -34.89 -33.37
N GLY D 291 -27.85 -34.46 -33.37
CA GLY D 291 -28.65 -34.38 -34.58
C GLY D 291 -29.08 -35.71 -35.16
N GLY D 292 -30.24 -35.72 -35.80
CA GLY D 292 -30.81 -36.93 -36.36
C GLY D 292 -30.74 -36.96 -37.87
N PRO D 293 -31.51 -37.88 -38.48
CA PRO D 293 -31.53 -37.96 -39.96
C PRO D 293 -32.29 -36.83 -40.61
N ASN D 294 -33.22 -36.19 -39.89
CA ASN D 294 -33.86 -34.98 -40.36
C ASN D 294 -32.99 -33.75 -40.20
N VAL D 295 -32.03 -33.80 -39.27
CA VAL D 295 -31.16 -32.66 -39.04
C VAL D 295 -30.17 -32.50 -40.19
N ILE D 296 -29.67 -33.62 -40.71
CA ILE D 296 -28.91 -33.58 -41.96
C ILE D 296 -29.82 -33.22 -43.12
N LEU D 297 -31.09 -33.61 -43.06
CA LEU D 297 -32.02 -33.36 -44.15
C LEU D 297 -32.23 -31.86 -44.35
N THR D 298 -32.34 -31.11 -43.25
CA THR D 298 -32.59 -29.69 -43.37
C THR D 298 -31.33 -28.92 -43.78
N VAL D 299 -30.16 -29.56 -43.76
CA VAL D 299 -28.98 -28.94 -44.35
C VAL D 299 -29.18 -28.84 -45.85
N LEU D 300 -29.83 -29.83 -46.46
CA LEU D 300 -30.20 -29.76 -47.86
C LEU D 300 -31.30 -28.74 -48.12
N GLU D 301 -31.95 -28.25 -47.07
CA GLU D 301 -32.95 -27.19 -47.15
C GLU D 301 -32.34 -25.80 -46.95
N TYR D 302 -31.02 -25.70 -46.80
CA TYR D 302 -30.31 -24.43 -46.68
C TYR D 302 -29.36 -24.25 -47.86
N LEU D 303 -28.58 -25.28 -48.17
CA LEU D 303 -27.57 -25.17 -49.23
C LEU D 303 -28.19 -24.89 -50.59
N GLN D 304 -29.43 -25.33 -50.81
CA GLN D 304 -30.08 -25.27 -52.11
C GLN D 304 -31.41 -24.54 -51.96
N GLU D 305 -31.38 -23.39 -51.31
CA GLU D 305 -32.55 -22.67 -50.80
C GLU D 305 -32.41 -21.19 -51.14
N SER D 306 -33.50 -20.43 -50.94
CA SER D 306 -33.55 -18.97 -51.02
C SER D 306 -32.44 -18.43 -50.11
N PRO D 307 -32.05 -17.15 -50.26
CA PRO D 307 -30.60 -16.81 -50.37
C PRO D 307 -29.72 -17.71 -49.53
N PRO D 308 -28.72 -18.40 -50.14
CA PRO D 308 -28.10 -19.57 -49.50
C PRO D 308 -27.60 -19.37 -48.07
N VAL D 309 -28.09 -20.21 -47.18
CA VAL D 309 -27.90 -20.07 -45.74
C VAL D 309 -26.74 -20.97 -45.32
N PRO D 310 -25.59 -20.44 -44.86
CA PRO D 310 -24.46 -21.33 -44.56
C PRO D 310 -24.71 -22.21 -43.35
N VAL D 311 -23.81 -23.17 -43.16
CA VAL D 311 -24.01 -24.26 -42.22
C VAL D 311 -22.69 -24.47 -41.47
N VAL D 312 -22.80 -24.60 -40.16
CA VAL D 312 -21.67 -24.61 -39.23
C VAL D 312 -21.71 -25.91 -38.42
N VAL D 313 -21.92 -27.03 -39.11
CA VAL D 313 -21.70 -28.34 -38.48
C VAL D 313 -20.37 -28.26 -37.73
N CYS D 314 -20.40 -28.54 -36.45
CA CYS D 314 -19.17 -28.61 -35.68
C CYS D 314 -18.63 -30.03 -35.72
N GLU D 315 -17.42 -30.18 -35.23
CA GLU D 315 -16.73 -31.46 -35.17
C GLU D 315 -16.77 -31.92 -33.72
N GLY D 316 -17.05 -33.20 -33.49
CA GLY D 316 -16.92 -33.83 -32.20
C GLY D 316 -18.18 -33.89 -31.35
N THR D 317 -19.28 -33.27 -31.79
CA THR D 317 -20.49 -33.28 -30.98
C THR D 317 -21.09 -34.67 -30.81
N GLY D 318 -21.58 -35.28 -31.89
CA GLY D 318 -22.39 -36.48 -31.79
C GLY D 318 -22.47 -37.25 -33.09
N ARG D 319 -23.68 -37.73 -33.44
CA ARG D 319 -23.84 -38.59 -34.60
C ARG D 319 -23.92 -37.80 -35.91
N ALA D 320 -24.72 -36.73 -35.96
CA ALA D 320 -24.93 -35.97 -37.19
C ALA D 320 -23.83 -34.96 -37.44
N ALA D 321 -23.65 -34.03 -36.51
CA ALA D 321 -22.69 -32.93 -36.63
C ALA D 321 -21.29 -33.43 -36.95
N ASP D 322 -20.91 -34.56 -36.37
CA ASP D 322 -19.58 -35.10 -36.57
C ASP D 322 -19.47 -35.90 -37.85
N LEU D 323 -20.51 -36.64 -38.21
CA LEU D 323 -20.48 -37.44 -39.41
C LEU D 323 -20.41 -36.57 -40.67
N LEU D 324 -21.01 -35.38 -40.62
CA LEU D 324 -20.95 -34.50 -41.78
C LEU D 324 -19.53 -33.96 -42.00
N ALA D 325 -18.73 -33.92 -40.93
CA ALA D 325 -17.31 -33.62 -41.09
C ALA D 325 -16.62 -34.74 -41.86
N TYR D 326 -17.03 -35.98 -41.60
CA TYR D 326 -16.41 -37.15 -42.22
C TYR D 326 -16.56 -37.09 -43.75
N ILE D 327 -17.81 -36.97 -44.22
CA ILE D 327 -18.09 -36.85 -45.65
C ILE D 327 -17.47 -35.56 -46.20
N HIS D 328 -17.41 -34.50 -45.39
CA HIS D 328 -16.70 -33.30 -45.81
C HIS D 328 -15.23 -33.61 -46.05
N LYS D 329 -14.56 -34.12 -45.01
CA LYS D 329 -13.12 -34.33 -45.01
C LYS D 329 -12.63 -35.22 -46.15
N GLN D 330 -13.11 -36.45 -46.22
CA GLN D 330 -12.58 -37.42 -47.16
C GLN D 330 -12.98 -37.14 -48.61
N THR D 331 -13.85 -36.16 -48.83
CA THR D 331 -14.38 -35.88 -50.16
C THR D 331 -13.81 -34.56 -50.65
N GLU D 332 -13.60 -34.48 -51.96
CA GLU D 332 -12.92 -33.35 -52.57
C GLU D 332 -13.82 -32.12 -52.52
N GLU D 333 -13.26 -30.96 -52.90
CA GLU D 333 -14.00 -29.70 -52.94
C GLU D 333 -15.30 -29.82 -53.73
N GLY D 334 -15.31 -30.66 -54.76
CA GLY D 334 -16.52 -30.99 -55.49
C GLY D 334 -17.26 -32.18 -54.94
N GLY D 335 -16.96 -32.59 -53.70
CA GLY D 335 -17.60 -33.75 -53.12
C GLY D 335 -17.19 -35.08 -53.72
N ASN D 336 -15.98 -35.15 -54.29
CA ASN D 336 -15.53 -36.38 -54.93
C ASN D 336 -15.11 -37.40 -53.87
N LEU D 337 -15.86 -38.50 -53.77
CA LEU D 337 -15.66 -39.51 -52.74
C LEU D 337 -14.58 -40.52 -53.16
N PRO D 338 -13.87 -41.12 -52.20
CA PRO D 338 -13.11 -42.33 -52.54
C PRO D 338 -14.10 -43.44 -52.86
N ASP D 339 -13.95 -44.04 -54.04
CA ASP D 339 -14.95 -44.92 -54.64
C ASP D 339 -15.47 -46.02 -53.71
N ALA D 340 -14.66 -46.43 -52.72
CA ALA D 340 -15.12 -47.34 -51.69
C ALA D 340 -15.79 -46.62 -50.52
N ALA D 341 -16.18 -45.34 -50.68
CA ALA D 341 -16.88 -44.62 -49.61
C ALA D 341 -18.26 -45.21 -49.35
N GLU D 342 -19.16 -45.13 -50.34
CA GLU D 342 -20.47 -45.77 -50.22
C GLU D 342 -20.32 -47.26 -49.90
N PRO D 343 -19.30 -47.95 -50.36
CA PRO D 343 -19.05 -49.31 -49.83
C PRO D 343 -18.53 -49.41 -48.39
N ASP D 344 -18.23 -48.31 -47.68
CA ASP D 344 -17.87 -48.42 -46.27
C ASP D 344 -18.49 -47.36 -45.35
N ILE D 345 -19.09 -46.30 -45.89
CA ILE D 345 -19.83 -45.34 -45.08
C ILE D 345 -21.21 -45.90 -44.72
N ILE D 346 -21.79 -46.72 -45.60
CA ILE D 346 -23.12 -47.25 -45.33
C ILE D 346 -23.07 -48.21 -44.16
N SER D 347 -21.87 -48.68 -43.80
CA SER D 347 -21.65 -49.31 -42.51
C SER D 347 -21.74 -48.28 -41.37
N THR D 348 -21.15 -47.10 -41.57
CA THR D 348 -21.18 -46.06 -40.54
C THR D 348 -22.62 -45.70 -40.18
N ILE D 349 -23.46 -45.53 -41.20
CA ILE D 349 -24.87 -45.20 -40.98
C ILE D 349 -25.52 -46.33 -40.20
N LYS D 350 -25.30 -47.57 -40.65
CA LYS D 350 -25.83 -48.74 -39.95
C LYS D 350 -25.09 -48.96 -38.63
N LYS D 351 -23.89 -48.38 -38.48
CA LYS D 351 -23.20 -48.40 -37.20
C LYS D 351 -23.78 -47.38 -36.24
N THR D 352 -23.90 -46.12 -36.69
CA THR D 352 -24.43 -45.06 -35.85
C THR D 352 -25.92 -45.25 -35.67
N PHE D 353 -26.67 -45.20 -36.77
CA PHE D 353 -28.09 -45.48 -36.77
C PHE D 353 -28.31 -46.97 -36.99
N ASN D 354 -29.51 -47.44 -36.63
CA ASN D 354 -30.12 -48.55 -37.35
C ASN D 354 -31.07 -48.04 -38.41
N PHE D 355 -30.58 -47.11 -39.25
CA PHE D 355 -31.41 -46.50 -40.28
C PHE D 355 -31.68 -47.47 -41.42
N GLY D 356 -30.73 -48.38 -41.66
CA GLY D 356 -30.94 -49.51 -42.55
C GLY D 356 -29.73 -49.72 -43.45
N GLN D 357 -29.95 -50.39 -44.58
CA GLN D 357 -28.97 -50.45 -45.66
C GLN D 357 -29.43 -49.70 -46.90
N SER D 358 -30.54 -50.11 -47.52
CA SER D 358 -31.06 -49.36 -48.65
C SER D 358 -31.49 -47.96 -48.20
N GLU D 359 -32.08 -47.88 -47.01
CA GLU D 359 -32.31 -46.60 -46.37
C GLU D 359 -31.00 -45.84 -46.23
N ALA D 360 -29.98 -46.49 -45.66
CA ALA D 360 -28.70 -45.84 -45.43
C ALA D 360 -28.04 -45.40 -46.74
N VAL D 361 -28.22 -46.17 -47.82
CA VAL D 361 -27.70 -45.80 -49.13
C VAL D 361 -28.33 -44.47 -49.53
N HIS D 362 -29.64 -44.36 -49.34
CA HIS D 362 -30.34 -43.11 -49.63
C HIS D 362 -29.79 -41.94 -48.81
N LEU D 363 -29.51 -42.18 -47.52
CA LEU D 363 -28.99 -41.16 -46.62
C LEU D 363 -27.70 -40.56 -47.14
N PHE D 364 -26.67 -41.40 -47.37
CA PHE D 364 -25.40 -40.92 -47.90
C PHE D 364 -25.59 -40.26 -49.25
N GLN D 365 -26.47 -40.82 -50.08
CA GLN D 365 -26.78 -40.23 -51.39
C GLN D 365 -27.33 -38.81 -51.24
N THR D 366 -28.33 -38.64 -50.39
CA THR D 366 -28.83 -37.29 -50.10
C THR D 366 -27.77 -36.47 -49.37
N MET D 367 -26.99 -37.12 -48.52
CA MET D 367 -25.96 -36.40 -47.78
C MET D 367 -24.83 -35.95 -48.69
N MET D 368 -24.67 -36.55 -49.87
CA MET D 368 -23.77 -35.98 -50.87
C MET D 368 -24.49 -34.92 -51.68
N GLU D 369 -25.79 -35.12 -51.92
CA GLU D 369 -26.63 -34.10 -52.54
C GLU D 369 -26.60 -32.85 -51.67
N CYS D 370 -26.45 -33.03 -50.35
CA CYS D 370 -26.03 -31.95 -49.47
C CYS D 370 -24.62 -31.46 -49.82
N MET D 371 -23.65 -32.37 -49.89
CA MET D 371 -22.24 -32.01 -50.03
C MET D 371 -21.82 -31.72 -51.45
N LYS D 372 -22.76 -31.46 -52.36
CA LYS D 372 -22.40 -31.02 -53.70
C LYS D 372 -21.82 -29.61 -53.73
N LYS D 373 -22.04 -28.82 -52.68
CA LYS D 373 -21.47 -27.48 -52.58
C LYS D 373 -20.89 -27.30 -51.17
N LYS D 374 -19.57 -27.49 -51.05
CA LYS D 374 -18.89 -27.37 -49.77
C LYS D 374 -18.07 -26.09 -49.64
N GLU D 375 -18.25 -25.13 -50.54
CA GLU D 375 -17.75 -23.78 -50.33
C GLU D 375 -18.59 -22.99 -49.34
N LEU D 376 -19.68 -23.58 -48.83
CA LEU D 376 -20.73 -22.88 -48.11
C LEU D 376 -21.03 -23.50 -46.76
N ILE D 377 -20.52 -24.70 -46.47
CA ILE D 377 -20.60 -25.30 -45.15
C ILE D 377 -19.28 -25.06 -44.43
N THR D 378 -19.28 -25.38 -43.14
CA THR D 378 -18.14 -25.07 -42.29
C THR D 378 -18.04 -26.12 -41.20
N VAL D 379 -17.08 -27.03 -41.33
CA VAL D 379 -16.76 -27.98 -40.28
C VAL D 379 -15.87 -27.25 -39.29
N PHE D 380 -16.43 -26.95 -38.11
CA PHE D 380 -15.60 -26.41 -37.04
C PHE D 380 -14.79 -27.53 -36.42
N HIS D 381 -13.56 -27.71 -36.90
CA HIS D 381 -12.70 -28.74 -36.36
C HIS D 381 -12.26 -28.34 -34.97
N ILE D 382 -13.11 -28.61 -33.97
CA ILE D 382 -12.82 -28.22 -32.60
C ILE D 382 -11.53 -28.89 -32.13
N GLY D 383 -11.32 -30.14 -32.53
CA GLY D 383 -10.01 -30.74 -32.40
C GLY D 383 -9.11 -30.13 -33.45
N SER D 384 -7.87 -29.84 -33.06
CA SER D 384 -6.86 -29.13 -33.87
C SER D 384 -7.13 -27.62 -33.90
N GLU D 385 -8.20 -27.16 -33.25
CA GLU D 385 -8.43 -25.75 -32.97
C GLU D 385 -8.40 -24.89 -34.24
N ASP D 386 -9.38 -25.08 -35.10
CA ASP D 386 -9.52 -24.31 -36.35
C ASP D 386 -10.65 -23.32 -36.15
N HIS D 387 -10.32 -22.03 -36.19
CA HIS D 387 -11.18 -20.88 -35.84
C HIS D 387 -11.27 -20.67 -34.33
N GLN D 388 -10.69 -21.57 -33.52
CA GLN D 388 -10.41 -21.41 -32.08
C GLN D 388 -11.56 -20.98 -31.17
N ASP D 389 -12.77 -20.94 -31.71
CA ASP D 389 -14.05 -20.75 -31.04
C ASP D 389 -15.00 -20.97 -32.20
N ILE D 390 -16.19 -21.51 -31.96
CA ILE D 390 -17.10 -21.72 -33.08
C ILE D 390 -17.44 -20.40 -33.74
N ASP D 391 -17.44 -19.32 -32.95
CA ASP D 391 -17.67 -17.94 -33.39
C ASP D 391 -16.96 -17.55 -34.68
N VAL D 392 -15.64 -17.61 -34.69
CA VAL D 392 -14.84 -17.11 -35.81
C VAL D 392 -15.21 -17.89 -37.07
N ALA D 393 -15.62 -19.14 -36.90
CA ALA D 393 -16.15 -19.91 -38.02
C ALA D 393 -17.58 -19.49 -38.36
N ILE D 394 -18.38 -19.16 -37.33
CA ILE D 394 -19.76 -18.72 -37.57
C ILE D 394 -19.75 -17.43 -38.38
N LEU D 395 -18.99 -16.44 -37.92
CA LEU D 395 -19.02 -15.13 -38.55
C LEU D 395 -18.37 -15.19 -39.93
N THR D 396 -17.21 -15.86 -40.03
CA THR D 396 -16.58 -16.10 -41.32
C THR D 396 -17.53 -16.79 -42.28
N ALA D 397 -18.31 -17.74 -41.78
CA ALA D 397 -19.22 -18.52 -42.61
C ALA D 397 -20.23 -17.64 -43.35
N LEU D 398 -20.54 -16.48 -42.80
CA LEU D 398 -21.48 -15.55 -43.41
C LEU D 398 -20.79 -14.51 -44.30
N LEU D 399 -19.49 -14.65 -44.53
CA LEU D 399 -18.70 -13.73 -45.34
C LEU D 399 -18.03 -14.48 -46.48
N LYS D 400 -18.56 -15.65 -46.81
CA LYS D 400 -17.94 -16.52 -47.79
C LYS D 400 -18.94 -17.57 -48.28
N GLY D 401 -19.39 -17.44 -49.52
CA GLY D 401 -20.31 -18.39 -50.12
C GLY D 401 -21.63 -17.78 -50.54
N THR D 402 -21.69 -16.45 -50.57
CA THR D 402 -22.87 -15.73 -51.03
C THR D 402 -22.52 -14.77 -52.16
N ASN D 403 -21.46 -15.10 -52.91
CA ASN D 403 -20.80 -14.27 -53.93
C ASN D 403 -20.78 -12.78 -53.57
N ALA D 404 -20.48 -12.49 -52.31
CA ALA D 404 -20.50 -11.12 -51.82
C ALA D 404 -19.15 -10.45 -52.06
N SER D 405 -19.19 -9.13 -52.24
CA SER D 405 -18.00 -8.34 -52.49
C SER D 405 -17.30 -8.02 -51.16
N ALA D 406 -16.01 -7.72 -51.26
CA ALA D 406 -15.23 -7.42 -50.06
C ALA D 406 -15.72 -6.17 -49.35
N PHE D 407 -16.32 -5.23 -50.08
CA PHE D 407 -17.04 -4.15 -49.42
C PHE D 407 -18.29 -4.68 -48.74
N ASP D 408 -19.01 -5.59 -49.40
CA ASP D 408 -20.13 -6.25 -48.76
C ASP D 408 -19.71 -7.15 -47.61
N GLN D 409 -18.41 -7.46 -47.52
CA GLN D 409 -17.90 -8.24 -46.39
C GLN D 409 -17.47 -7.34 -45.22
N LEU D 410 -16.78 -6.22 -45.50
CA LEU D 410 -16.47 -5.27 -44.43
C LEU D 410 -17.73 -4.76 -43.78
N ILE D 411 -18.62 -4.19 -44.60
CA ILE D 411 -19.80 -3.45 -44.18
C ILE D 411 -20.63 -4.24 -43.17
N LEU D 412 -20.55 -5.56 -43.24
CA LEU D 412 -21.21 -6.39 -42.26
C LEU D 412 -20.40 -6.46 -40.97
N THR D 413 -19.09 -6.71 -41.09
CA THR D 413 -18.21 -6.66 -39.93
C THR D 413 -18.28 -5.33 -39.20
N LEU D 414 -18.39 -4.24 -39.96
CA LEU D 414 -18.56 -2.92 -39.35
C LEU D 414 -19.83 -2.87 -38.52
N ALA D 415 -20.91 -3.48 -39.02
CA ALA D 415 -22.17 -3.47 -38.30
C ALA D 415 -22.12 -4.29 -37.02
N TRP D 416 -21.16 -5.20 -36.89
CA TRP D 416 -21.14 -6.21 -35.83
C TRP D 416 -20.26 -5.83 -34.64
N ASP D 417 -19.35 -4.87 -34.83
CA ASP D 417 -18.27 -4.55 -33.88
C ASP D 417 -17.21 -5.65 -33.88
N ARG D 418 -16.85 -6.16 -35.05
CA ARG D 418 -15.80 -7.17 -35.18
C ARG D 418 -14.78 -6.72 -36.22
N VAL D 419 -13.77 -6.02 -35.70
CA VAL D 419 -12.60 -5.62 -36.45
C VAL D 419 -11.76 -6.85 -36.73
N ASP D 420 -11.63 -7.71 -35.73
CA ASP D 420 -10.79 -8.91 -35.84
C ASP D 420 -11.20 -9.76 -37.02
N ILE D 421 -12.50 -9.83 -37.30
CA ILE D 421 -12.98 -10.52 -38.48
C ILE D 421 -12.58 -9.74 -39.72
N ALA D 422 -12.67 -8.41 -39.68
CA ALA D 422 -12.37 -7.60 -40.84
C ALA D 422 -10.87 -7.55 -41.16
N LYS D 423 -10.03 -7.33 -40.16
CA LYS D 423 -8.60 -7.23 -40.43
C LYS D 423 -8.03 -8.57 -40.86
N ASN D 424 -8.54 -9.67 -40.32
CA ASN D 424 -7.96 -10.98 -40.58
C ASN D 424 -8.51 -11.64 -41.84
N HIS D 425 -9.75 -11.33 -42.22
CA HIS D 425 -10.40 -11.97 -43.36
C HIS D 425 -10.72 -10.99 -44.48
N VAL D 426 -11.35 -9.86 -44.16
CA VAL D 426 -11.76 -8.92 -45.19
C VAL D 426 -10.52 -8.24 -45.77
N PHE D 427 -9.60 -7.84 -44.89
CA PHE D 427 -8.33 -7.25 -45.30
C PHE D 427 -7.27 -8.35 -45.42
N VAL D 428 -7.46 -9.17 -46.44
CA VAL D 428 -6.64 -10.34 -46.68
C VAL D 428 -5.73 -10.04 -47.87
N TYR D 429 -4.58 -10.73 -47.90
CA TYR D 429 -3.62 -10.56 -48.98
C TYR D 429 -4.26 -10.84 -50.33
N GLY D 430 -4.08 -9.91 -51.27
CA GLY D 430 -4.66 -10.03 -52.59
C GLY D 430 -6.16 -9.79 -52.67
N GLN D 431 -6.60 -8.53 -52.52
CA GLN D 431 -8.01 -8.17 -52.46
C GLN D 431 -8.24 -6.95 -53.36
N GLN D 432 -9.51 -6.72 -53.73
CA GLN D 432 -9.84 -5.83 -54.85
C GLN D 432 -10.11 -4.37 -54.46
N TRP D 433 -11.18 -4.10 -53.71
CA TRP D 433 -11.42 -2.76 -53.16
C TRP D 433 -11.56 -1.65 -54.21
N LEU D 434 -12.70 -1.60 -54.92
CA LEU D 434 -12.80 -0.95 -56.22
C LEU D 434 -12.34 0.51 -56.31
N VAL D 435 -13.16 1.47 -55.85
CA VAL D 435 -12.76 2.89 -55.89
C VAL D 435 -13.04 3.60 -54.57
N GLY D 436 -14.32 3.70 -54.19
CA GLY D 436 -14.74 4.43 -53.00
C GLY D 436 -15.36 3.54 -51.95
N SER D 437 -15.24 2.23 -52.13
CA SER D 437 -15.64 1.25 -51.13
C SER D 437 -15.01 1.58 -49.78
N LEU D 438 -13.70 1.79 -49.77
CA LEU D 438 -13.05 2.27 -48.56
C LEU D 438 -13.69 3.56 -48.08
N GLU D 439 -13.88 4.51 -48.99
CA GLU D 439 -14.45 5.79 -48.65
C GLU D 439 -15.88 5.68 -48.17
N GLN D 440 -16.66 4.78 -48.75
CA GLN D 440 -18.04 4.64 -48.27
C GLN D 440 -18.09 3.97 -46.92
N ALA D 441 -17.15 3.07 -46.64
CA ALA D 441 -17.08 2.46 -45.31
C ALA D 441 -16.72 3.50 -44.25
N MET D 442 -15.93 4.50 -44.61
CA MET D 442 -15.46 5.47 -43.63
C MET D 442 -16.56 6.47 -43.31
N LEU D 443 -17.36 6.85 -44.30
CA LEU D 443 -18.55 7.62 -44.00
C LEU D 443 -19.52 6.81 -43.13
N ASP D 444 -19.44 5.47 -43.21
CA ASP D 444 -20.27 4.61 -42.38
C ASP D 444 -19.65 4.42 -41.00
N ALA D 445 -18.34 4.24 -40.94
CA ALA D 445 -17.68 3.99 -39.66
C ALA D 445 -17.65 5.22 -38.77
N LEU D 446 -17.54 6.41 -39.35
CA LEU D 446 -17.46 7.63 -38.57
C LEU D 446 -18.81 8.02 -37.98
N VAL D 447 -19.85 8.04 -38.81
CA VAL D 447 -21.19 8.35 -38.34
C VAL D 447 -21.66 7.35 -37.30
N MET D 448 -21.21 6.09 -37.42
CA MET D 448 -21.59 5.06 -36.46
C MET D 448 -20.69 5.03 -35.23
N ASP D 449 -19.62 5.83 -35.22
CA ASP D 449 -18.78 6.02 -34.05
C ASP D 449 -18.07 4.73 -33.70
N ARG D 450 -17.45 4.11 -34.70
CA ARG D 450 -16.64 2.91 -34.55
C ARG D 450 -15.21 3.29 -34.92
N VAL D 451 -14.45 3.71 -33.91
CA VAL D 451 -13.08 4.18 -34.17
C VAL D 451 -12.21 3.04 -34.68
N SER D 452 -12.42 1.85 -34.15
CA SER D 452 -11.53 0.74 -34.41
C SER D 452 -11.53 0.33 -35.87
N PHE D 453 -12.65 0.55 -36.56
CA PHE D 453 -12.70 0.37 -38.01
C PHE D 453 -12.14 1.58 -38.74
N VAL D 454 -12.37 2.77 -38.19
CA VAL D 454 -11.75 3.97 -38.72
C VAL D 454 -10.24 3.86 -38.64
N LYS D 455 -9.75 3.43 -37.48
CA LYS D 455 -8.32 3.21 -37.29
C LYS D 455 -7.78 2.23 -38.32
N LEU D 456 -8.49 1.12 -38.52
CA LEU D 456 -8.07 0.12 -39.49
C LEU D 456 -8.06 0.70 -40.90
N LEU D 457 -9.17 1.31 -41.31
CA LEU D 457 -9.27 1.88 -42.64
C LEU D 457 -8.18 2.91 -42.91
N ILE D 458 -7.89 3.77 -41.93
CA ILE D 458 -6.80 4.74 -42.07
C ILE D 458 -5.46 4.04 -42.32
N GLU D 459 -5.31 2.81 -41.85
CA GLU D 459 -4.10 2.03 -42.09
C GLU D 459 -4.11 1.28 -43.40
N ASN D 460 -5.28 1.08 -44.01
CA ASN D 460 -5.43 0.15 -45.13
C ASN D 460 -5.84 0.89 -46.40
N GLY D 461 -5.23 2.03 -46.65
CA GLY D 461 -5.31 2.72 -47.92
C GLY D 461 -6.10 4.02 -47.88
N VAL D 462 -6.90 4.23 -46.84
CA VAL D 462 -7.70 5.45 -46.76
C VAL D 462 -6.79 6.63 -46.44
N SER D 463 -7.11 7.78 -47.01
CA SER D 463 -6.49 9.05 -46.66
C SER D 463 -7.59 10.07 -46.44
N MET D 464 -7.57 10.73 -45.30
CA MET D 464 -8.57 11.75 -45.00
C MET D 464 -8.44 12.98 -45.88
N HIS D 465 -7.33 13.13 -46.59
CA HIS D 465 -7.06 14.31 -47.40
C HIS D 465 -7.99 14.41 -48.61
N LYS D 466 -8.12 13.34 -49.37
CA LYS D 466 -9.04 13.31 -50.50
C LYS D 466 -10.46 12.93 -50.09
N PHE D 467 -10.65 12.52 -48.84
CA PHE D 467 -11.96 12.14 -48.30
C PHE D 467 -12.32 13.06 -47.16
N LEU D 468 -12.81 14.27 -47.48
CA LEU D 468 -13.55 15.03 -46.49
C LEU D 468 -14.48 16.04 -47.15
N THR D 469 -15.00 15.75 -48.34
CA THR D 469 -15.67 16.76 -49.17
C THR D 469 -16.80 17.51 -48.48
N ILE D 470 -17.18 18.66 -49.05
CA ILE D 470 -18.14 19.53 -48.39
C ILE D 470 -19.51 18.86 -48.21
N PRO D 471 -20.09 18.20 -49.24
CA PRO D 471 -21.35 17.47 -48.97
C PRO D 471 -21.16 16.36 -47.97
N ARG D 472 -20.03 15.68 -48.04
CA ARG D 472 -19.78 14.55 -47.15
C ARG D 472 -19.71 14.98 -45.70
N LEU D 473 -18.75 15.85 -45.37
CA LEU D 473 -18.60 16.28 -43.98
C LEU D 473 -19.82 17.04 -43.50
N GLU D 474 -20.53 17.69 -44.43
CA GLU D 474 -21.81 18.29 -44.07
C GLU D 474 -22.84 17.21 -43.76
N GLU D 475 -22.78 16.07 -44.44
CA GLU D 475 -23.65 14.95 -44.13
C GLU D 475 -23.31 14.51 -42.72
N LEU D 476 -22.05 14.12 -42.54
CA LEU D 476 -21.50 13.61 -41.30
C LEU D 476 -21.83 14.45 -40.07
N TYR D 477 -22.08 15.74 -40.25
CA TYR D 477 -22.62 16.56 -39.17
C TYR D 477 -24.06 16.18 -38.87
N ASN D 478 -24.90 16.15 -39.91
CA ASN D 478 -26.36 16.20 -39.75
C ASN D 478 -26.96 14.81 -39.90
N THR D 479 -26.59 13.93 -38.98
CA THR D 479 -27.09 12.55 -38.93
C THR D 479 -27.44 12.22 -37.49
N LYS D 480 -28.70 11.85 -37.28
CA LYS D 480 -29.13 11.25 -36.03
C LYS D 480 -28.91 9.74 -36.00
N GLN D 481 -28.34 9.17 -37.06
CA GLN D 481 -27.86 7.79 -37.02
C GLN D 481 -26.62 7.71 -36.14
N GLY D 482 -26.68 6.89 -35.11
CA GLY D 482 -25.56 6.70 -34.23
C GLY D 482 -25.59 7.65 -33.04
N PRO D 483 -24.53 7.62 -32.22
CA PRO D 483 -24.48 8.47 -31.02
C PRO D 483 -24.70 9.95 -31.33
N THR D 484 -25.82 10.48 -30.87
CA THR D 484 -26.32 11.78 -31.27
C THR D 484 -26.25 12.74 -30.08
N ASN D 485 -26.01 14.02 -30.39
CA ASN D 485 -25.96 15.06 -29.40
C ASN D 485 -27.27 15.83 -29.37
N PRO D 486 -27.98 15.93 -28.24
CA PRO D 486 -29.10 16.87 -28.14
C PRO D 486 -28.69 18.32 -27.92
N MET D 487 -27.41 18.58 -27.67
CA MET D 487 -26.92 19.91 -27.34
C MET D 487 -26.65 20.76 -28.58
N LEU D 488 -26.06 20.16 -29.61
CA LEU D 488 -25.72 20.91 -30.82
C LEU D 488 -26.96 21.51 -31.47
N PHE D 489 -28.06 20.76 -31.47
CA PHE D 489 -29.30 21.27 -32.06
C PHE D 489 -29.84 22.44 -31.25
N HIS D 490 -29.54 22.47 -29.96
CA HIS D 490 -29.84 23.65 -29.17
C HIS D 490 -28.88 24.78 -29.48
N LEU D 491 -27.62 24.47 -29.76
CA LEU D 491 -26.64 25.50 -30.04
C LEU D 491 -26.96 26.17 -31.37
N ILE D 492 -27.36 25.38 -32.36
CA ILE D 492 -27.72 25.94 -33.65
C ILE D 492 -28.98 26.77 -33.52
N ARG D 493 -29.83 26.46 -32.54
CA ARG D 493 -31.04 27.24 -32.32
C ARG D 493 -30.70 28.69 -31.99
N ASP D 494 -29.86 28.89 -30.97
CA ASP D 494 -29.56 30.24 -30.50
C ASP D 494 -28.89 31.09 -31.59
N VAL D 495 -27.86 30.54 -32.23
CA VAL D 495 -27.14 31.30 -33.25
C VAL D 495 -28.03 31.59 -34.45
N LYS D 496 -29.01 30.72 -34.71
CA LYS D 496 -30.00 30.98 -35.76
C LYS D 496 -31.23 31.69 -35.20
N GLN D 497 -31.01 32.72 -34.38
CA GLN D 497 -32.09 33.60 -33.93
C GLN D 497 -33.15 32.85 -33.11
N GLY D 498 -32.84 31.62 -32.69
CA GLY D 498 -33.85 30.80 -32.07
C GLY D 498 -35.04 30.51 -32.95
N ASN D 499 -34.78 30.38 -34.25
CA ASN D 499 -35.79 30.05 -35.24
C ASN D 499 -35.30 28.87 -36.07
N LEU D 500 -36.04 27.77 -36.02
CA LEU D 500 -35.73 26.57 -36.81
C LEU D 500 -36.81 26.41 -37.89
N PRO D 501 -36.45 26.29 -39.16
CA PRO D 501 -37.32 25.58 -40.08
C PRO D 501 -37.54 24.17 -39.54
N PRO D 502 -38.76 23.62 -39.63
CA PRO D 502 -38.98 22.29 -39.02
C PRO D 502 -38.07 21.20 -39.57
N GLY D 503 -37.74 21.26 -40.86
CA GLY D 503 -36.69 20.40 -41.40
C GLY D 503 -35.28 20.86 -41.07
N TYR D 504 -34.87 21.98 -41.68
CA TYR D 504 -33.61 22.65 -41.37
C TYR D 504 -32.38 21.73 -41.48
N LYS D 505 -31.96 21.43 -42.70
CA LYS D 505 -30.65 20.84 -42.95
C LYS D 505 -29.57 21.74 -42.36
N ILE D 506 -28.57 21.13 -41.72
CA ILE D 506 -27.47 21.87 -41.10
C ILE D 506 -26.40 22.12 -42.14
N THR D 507 -25.96 23.37 -42.25
CA THR D 507 -24.85 23.73 -43.12
C THR D 507 -23.53 23.63 -42.37
N LEU D 508 -22.42 23.83 -43.09
CA LEU D 508 -21.15 24.08 -42.40
C LEU D 508 -21.14 25.49 -41.81
N ILE D 509 -21.88 26.40 -42.43
CA ILE D 509 -21.84 27.82 -42.05
C ILE D 509 -22.36 28.00 -40.63
N ASP D 510 -23.60 27.57 -40.39
CA ASP D 510 -24.23 27.77 -39.08
C ASP D 510 -23.44 27.12 -37.96
N ILE D 511 -22.69 26.06 -38.27
CA ILE D 511 -21.76 25.49 -37.29
C ILE D 511 -20.68 26.48 -36.94
N GLY D 512 -20.16 27.19 -37.94
CA GLY D 512 -19.09 28.14 -37.68
C GLY D 512 -19.49 29.20 -36.67
N LEU D 513 -20.76 29.59 -36.67
CA LEU D 513 -21.25 30.51 -35.65
C LEU D 513 -21.42 29.83 -34.30
N VAL D 514 -21.51 28.51 -34.25
CA VAL D 514 -21.55 27.81 -32.97
C VAL D 514 -20.18 27.85 -32.31
N ILE D 515 -19.14 27.57 -33.09
CA ILE D 515 -17.78 27.55 -32.57
C ILE D 515 -17.40 28.95 -32.09
N GLU D 516 -17.71 29.97 -32.87
CA GLU D 516 -17.47 31.35 -32.50
C GLU D 516 -18.20 31.75 -31.23
N TYR D 517 -19.26 31.03 -30.87
CA TYR D 517 -19.94 31.20 -29.60
C TYR D 517 -19.35 30.35 -28.50
N LEU D 518 -18.80 29.19 -28.84
CA LEU D 518 -18.20 28.30 -27.87
C LEU D 518 -16.77 28.70 -27.54
N MET D 519 -15.98 29.04 -28.56
CA MET D 519 -14.63 29.50 -28.33
C MET D 519 -14.61 30.89 -27.71
N GLY D 520 -15.59 31.71 -28.02
CA GLY D 520 -15.80 32.95 -27.30
C GLY D 520 -14.88 34.06 -27.74
N GLY D 521 -15.08 35.21 -27.12
CA GLY D 521 -14.26 36.36 -27.40
C GLY D 521 -14.47 36.84 -28.82
N THR D 522 -13.38 36.85 -29.58
CA THR D 522 -13.37 37.33 -30.96
C THR D 522 -12.80 36.27 -31.89
N TYR D 523 -13.13 35.02 -31.63
CA TYR D 523 -12.73 33.93 -32.50
C TYR D 523 -13.50 34.00 -33.81
N ARG D 524 -12.84 33.56 -34.88
CA ARG D 524 -13.40 33.62 -36.23
C ARG D 524 -13.10 32.29 -36.89
N CYS D 525 -14.13 31.44 -36.99
CA CYS D 525 -13.93 30.13 -37.59
C CYS D 525 -13.70 30.26 -39.08
N THR D 526 -12.96 29.30 -39.64
CA THR D 526 -12.73 29.26 -41.07
C THR D 526 -13.96 28.85 -41.87
N TYR D 527 -15.08 28.53 -41.21
CA TYR D 527 -16.32 28.21 -41.89
C TYR D 527 -17.20 29.43 -42.13
N THR D 528 -16.91 30.56 -41.48
CA THR D 528 -17.67 31.79 -41.65
C THR D 528 -16.92 32.84 -42.46
N ARG D 529 -15.78 32.49 -43.04
CA ARG D 529 -14.99 33.48 -43.74
C ARG D 529 -15.63 33.81 -45.08
N LYS D 530 -15.05 34.79 -45.77
CA LYS D 530 -15.66 35.31 -46.99
C LYS D 530 -15.51 34.31 -48.13
N ARG D 531 -14.28 33.84 -48.35
CA ARG D 531 -14.00 32.88 -49.41
C ARG D 531 -14.82 31.62 -49.23
N PHE D 532 -14.71 30.99 -48.07
CA PHE D 532 -15.42 29.76 -47.79
C PHE D 532 -16.92 29.91 -47.94
N ARG D 533 -17.48 31.00 -47.42
CA ARG D 533 -18.93 31.20 -47.47
C ARG D 533 -19.43 31.25 -48.90
N LEU D 534 -18.59 31.72 -49.83
CA LEU D 534 -19.01 31.84 -51.23
C LEU D 534 -18.89 30.49 -51.93
N ILE D 535 -17.70 29.88 -51.90
CA ILE D 535 -17.46 28.61 -52.58
C ILE D 535 -18.42 27.54 -52.08
N TYR D 536 -18.90 27.68 -50.84
CA TYR D 536 -19.91 26.76 -50.32
C TYR D 536 -21.20 26.87 -51.13
N ASN D 537 -21.75 28.09 -51.22
CA ASN D 537 -22.93 28.32 -52.04
C ASN D 537 -22.70 27.89 -53.48
N SER D 538 -21.54 28.24 -54.03
CA SER D 538 -21.20 27.92 -55.41
C SER D 538 -21.21 26.41 -55.63
N LEU D 539 -20.41 25.70 -54.84
CA LEU D 539 -20.36 24.25 -54.91
C LEU D 539 -21.72 23.64 -54.57
N GLU D 613 -13.40 19.22 -56.48
CA GLU D 613 -12.00 19.41 -56.87
C GLU D 613 -11.22 20.13 -55.77
N THR D 614 -11.52 21.42 -55.58
CA THR D 614 -10.90 22.20 -54.52
C THR D 614 -11.56 21.96 -53.18
N LYS D 615 -12.59 21.14 -53.13
CA LYS D 615 -13.37 20.91 -51.91
C LYS D 615 -12.75 19.76 -51.10
N ARG D 616 -11.46 19.92 -50.78
CA ARG D 616 -10.74 18.88 -50.06
C ARG D 616 -9.94 19.40 -48.87
N PHE D 617 -10.30 20.58 -48.31
CA PHE D 617 -10.02 20.90 -46.90
C PHE D 617 -8.57 20.72 -46.46
N PRO D 618 -7.68 21.71 -46.66
CA PRO D 618 -6.23 21.48 -46.55
C PRO D 618 -5.71 20.71 -45.34
N TYR D 619 -6.45 20.72 -44.23
CA TYR D 619 -6.02 20.07 -42.99
C TYR D 619 -7.20 19.34 -42.35
N PRO D 620 -7.67 18.25 -42.96
CA PRO D 620 -8.96 17.67 -42.58
C PRO D 620 -9.07 17.22 -41.14
N LEU D 621 -7.99 16.71 -40.56
CA LEU D 621 -8.03 16.18 -39.21
C LEU D 621 -8.28 17.25 -38.17
N ASN D 622 -8.23 18.52 -38.57
CA ASN D 622 -8.67 19.63 -37.72
C ASN D 622 -10.18 19.76 -37.70
N GLU D 623 -10.83 19.52 -38.84
CA GLU D 623 -12.27 19.72 -38.93
C GLU D 623 -13.04 18.55 -38.33
N LEU D 624 -12.46 17.36 -38.31
CA LEU D 624 -13.13 16.22 -37.70
C LEU D 624 -13.01 16.24 -36.19
N LEU D 625 -11.92 16.79 -35.67
CA LEU D 625 -11.77 16.90 -34.23
C LEU D 625 -12.81 17.82 -33.63
N ILE D 626 -13.22 18.83 -34.39
CA ILE D 626 -14.30 19.71 -33.97
C ILE D 626 -15.60 18.94 -33.95
N TRP D 627 -15.83 18.16 -35.00
CA TRP D 627 -17.03 17.34 -35.12
C TRP D 627 -17.17 16.40 -33.93
N ALA D 628 -16.18 15.54 -33.71
CA ALA D 628 -16.21 14.58 -32.62
C ALA D 628 -16.44 15.19 -31.26
N CYS D 629 -16.10 16.46 -31.08
CA CYS D 629 -16.26 17.15 -29.81
C CYS D 629 -17.59 17.85 -29.72
N LEU D 630 -18.08 18.42 -30.82
CA LEU D 630 -19.41 18.98 -30.84
C LEU D 630 -20.51 17.94 -30.75
N MET D 631 -20.18 16.67 -30.99
CA MET D 631 -21.12 15.56 -30.91
C MET D 631 -20.81 14.58 -29.79
N LYS D 632 -20.05 15.01 -28.79
CA LYS D 632 -19.65 14.22 -27.63
C LYS D 632 -19.12 12.84 -27.98
N ARG D 633 -18.37 12.74 -29.07
CA ARG D 633 -17.74 11.50 -29.48
C ARG D 633 -16.26 11.56 -29.09
N GLN D 634 -16.03 11.31 -27.80
CA GLN D 634 -14.71 11.41 -27.21
C GLN D 634 -13.72 10.43 -27.83
N VAL D 635 -14.08 9.14 -27.83
CA VAL D 635 -13.18 8.10 -28.28
C VAL D 635 -12.80 8.33 -29.74
N MET D 636 -13.67 8.99 -30.50
CA MET D 636 -13.31 9.44 -31.84
C MET D 636 -12.44 10.69 -31.78
N ALA D 637 -12.81 11.64 -30.93
CA ALA D 637 -12.01 12.85 -30.78
C ALA D 637 -10.60 12.53 -30.37
N ARG D 638 -10.45 11.79 -29.26
CA ARG D 638 -9.15 11.46 -28.73
C ARG D 638 -8.33 10.67 -29.72
N PHE D 639 -8.98 9.89 -30.58
CA PHE D 639 -8.26 9.15 -31.60
C PHE D 639 -7.78 10.06 -32.70
N LEU D 640 -8.69 10.83 -33.28
CA LEU D 640 -8.35 11.73 -34.38
C LEU D 640 -7.31 12.76 -33.97
N TRP D 641 -7.28 13.13 -32.70
CA TRP D 641 -6.30 14.10 -32.22
C TRP D 641 -4.88 13.60 -32.45
N GLN D 642 -4.65 12.32 -32.17
CA GLN D 642 -3.37 11.65 -32.35
C GLN D 642 -2.82 11.89 -33.76
N HIS D 643 -3.73 11.92 -34.73
CA HIS D 643 -3.37 12.09 -36.13
C HIS D 643 -3.28 13.56 -36.49
N GLY D 644 -2.54 13.82 -37.55
CA GLY D 644 -2.37 15.16 -38.05
C GLY D 644 -1.27 15.91 -37.35
N GLU D 645 -1.36 17.24 -37.41
CA GLU D 645 -0.42 18.13 -36.75
C GLU D 645 -1.19 19.17 -35.95
N GLU D 646 -0.45 20.05 -35.27
CA GLU D 646 -0.99 21.05 -34.36
C GLU D 646 -1.64 20.37 -33.16
N SER D 647 -0.96 19.37 -32.62
CA SER D 647 -1.51 18.57 -31.55
C SER D 647 -1.84 19.39 -30.30
N MET D 648 -0.89 20.23 -29.87
CA MET D 648 -1.06 20.98 -28.62
C MET D 648 -2.20 21.98 -28.76
N ALA D 649 -2.35 22.58 -29.93
CA ALA D 649 -3.42 23.52 -30.17
C ALA D 649 -4.78 22.84 -30.18
N LYS D 650 -4.90 21.71 -30.89
CA LYS D 650 -6.15 20.99 -30.98
C LYS D 650 -6.65 20.56 -29.60
N ALA D 651 -5.75 20.27 -28.69
CA ALA D 651 -6.11 19.86 -27.35
C ALA D 651 -6.60 20.99 -26.47
N LEU D 652 -6.18 22.21 -26.75
CA LEU D 652 -6.57 23.37 -25.96
C LEU D 652 -7.81 24.05 -26.52
N VAL D 653 -8.13 23.78 -27.79
CA VAL D 653 -9.42 24.12 -28.36
C VAL D 653 -10.50 23.22 -27.80
N ALA D 654 -10.30 21.91 -27.96
CA ALA D 654 -11.18 20.90 -27.40
C ALA D 654 -11.53 21.16 -25.94
N CYS D 655 -10.53 21.45 -25.11
CA CYS D 655 -10.80 21.83 -23.73
C CYS D 655 -11.71 23.03 -23.64
N LYS D 656 -11.62 23.95 -24.60
CA LYS D 656 -12.47 25.12 -24.58
C LYS D 656 -13.86 24.81 -25.10
N ILE D 657 -13.96 23.98 -26.13
CA ILE D 657 -15.26 23.63 -26.69
C ILE D 657 -16.09 22.86 -25.66
N TYR D 658 -15.50 21.82 -25.07
CA TYR D 658 -16.22 21.04 -24.07
C TYR D 658 -16.55 21.86 -22.84
N ARG D 659 -15.63 22.70 -22.39
CA ARG D 659 -15.86 23.47 -21.18
C ARG D 659 -17.01 24.44 -21.32
N SER D 660 -17.20 24.98 -22.52
CA SER D 660 -18.29 25.91 -22.76
C SER D 660 -19.62 25.19 -22.87
N MET D 661 -19.65 24.06 -23.58
CA MET D 661 -20.84 23.22 -23.58
C MET D 661 -21.14 22.68 -22.20
N ALA D 662 -20.12 22.36 -21.42
CA ALA D 662 -20.33 21.95 -20.03
C ALA D 662 -20.90 23.06 -19.18
N TYR D 663 -20.81 24.31 -19.62
CA TYR D 663 -21.41 25.44 -18.95
C TYR D 663 -22.81 25.73 -19.45
N GLU D 664 -23.01 25.59 -20.76
CA GLU D 664 -24.28 25.94 -21.37
C GLU D 664 -25.34 24.88 -21.06
N ALA D 665 -24.90 23.66 -20.77
CA ALA D 665 -25.79 22.67 -20.17
C ALA D 665 -26.29 23.15 -18.82
N LYS D 666 -25.36 23.48 -17.92
CA LYS D 666 -25.73 23.99 -16.61
C LYS D 666 -26.40 25.36 -16.67
N GLN D 667 -26.31 26.05 -17.80
CA GLN D 667 -26.97 27.34 -17.98
C GLN D 667 -28.33 27.17 -18.65
N SER D 668 -28.34 26.54 -19.83
CA SER D 668 -29.58 26.33 -20.58
C SER D 668 -30.60 25.60 -19.71
N ASP D 669 -30.14 24.54 -19.05
CA ASP D 669 -30.90 23.86 -18.00
C ASP D 669 -32.22 23.29 -18.52
N LEU D 670 -32.25 22.96 -19.81
CA LEU D 670 -33.41 22.38 -20.46
C LEU D 670 -33.40 20.85 -20.32
N VAL D 671 -34.18 20.17 -21.17
CA VAL D 671 -34.17 18.72 -21.34
C VAL D 671 -32.75 18.14 -21.40
N ASP D 672 -31.80 18.90 -21.92
CA ASP D 672 -30.41 18.48 -21.99
C ASP D 672 -29.84 18.21 -20.60
N ASP D 673 -28.71 17.51 -20.58
CA ASP D 673 -28.05 17.08 -19.35
C ASP D 673 -26.60 16.76 -19.73
N THR D 674 -25.91 15.93 -18.94
CA THR D 674 -24.57 15.41 -19.23
C THR D 674 -23.54 16.52 -19.43
N SER D 675 -23.28 17.25 -18.35
CA SER D 675 -22.25 18.29 -18.32
C SER D 675 -20.98 17.84 -17.64
N GLU D 676 -21.07 17.19 -16.47
CA GLU D 676 -19.87 16.69 -15.82
C GLU D 676 -19.14 15.66 -16.67
N GLU D 677 -19.83 15.06 -17.63
CA GLU D 677 -19.19 14.25 -18.66
C GLU D 677 -18.36 15.13 -19.59
N LEU D 678 -18.85 16.32 -19.91
CA LEU D 678 -18.11 17.25 -20.74
C LEU D 678 -16.95 17.86 -19.98
N LYS D 679 -17.21 18.30 -18.74
CA LYS D 679 -16.17 18.74 -17.82
C LYS D 679 -14.99 17.77 -17.78
N GLN D 680 -15.26 16.48 -17.74
CA GLN D 680 -14.20 15.50 -17.74
C GLN D 680 -13.51 15.44 -19.09
N TYR D 681 -14.27 15.60 -20.17
CA TYR D 681 -13.67 15.53 -21.50
C TYR D 681 -12.72 16.70 -21.72
N SER D 682 -13.05 17.87 -21.19
CA SER D 682 -12.16 19.01 -21.31
C SER D 682 -10.87 18.76 -20.56
N ASN D 683 -10.98 18.33 -19.30
CA ASN D 683 -9.79 18.08 -18.50
C ASN D 683 -8.97 16.92 -19.04
N ASP D 684 -9.58 16.03 -19.84
CA ASP D 684 -8.81 15.00 -20.51
C ASP D 684 -7.89 15.58 -21.55
N PHE D 685 -8.42 16.38 -22.47
CA PHE D 685 -7.59 17.06 -23.46
C PHE D 685 -6.68 18.09 -22.82
N GLY D 686 -7.10 18.71 -21.73
CA GLY D 686 -6.26 19.70 -21.08
C GLY D 686 -4.95 19.11 -20.62
N GLN D 687 -5.01 17.96 -19.95
CA GLN D 687 -3.81 17.28 -19.51
C GLN D 687 -2.93 16.85 -20.67
N LEU D 688 -3.53 16.59 -21.83
CA LEU D 688 -2.73 16.19 -22.99
C LEU D 688 -1.85 17.35 -23.45
N ALA D 689 -2.39 18.56 -23.47
CA ALA D 689 -1.62 19.73 -23.84
C ALA D 689 -0.52 20.03 -22.83
N VAL D 690 -0.79 19.80 -21.55
CA VAL D 690 0.21 19.98 -20.50
C VAL D 690 1.34 18.98 -20.66
N GLU D 691 1.01 17.72 -20.95
CA GLU D 691 2.03 16.69 -21.05
C GLU D 691 2.86 16.83 -22.32
N LEU D 692 2.31 17.47 -23.34
CA LEU D 692 3.13 17.82 -24.49
C LEU D 692 4.06 18.99 -24.20
N LEU D 693 3.65 19.88 -23.30
CA LEU D 693 4.48 21.01 -22.95
C LEU D 693 5.70 20.57 -22.15
N GLU D 694 5.45 19.78 -21.11
CA GLU D 694 6.49 19.07 -20.37
C GLU D 694 7.53 18.45 -21.29
N GLN D 695 7.09 17.58 -22.18
CA GLN D 695 7.96 16.89 -23.13
C GLN D 695 8.76 17.90 -23.94
N SER D 696 8.06 18.84 -24.55
CA SER D 696 8.69 19.81 -25.42
C SER D 696 9.64 20.73 -24.68
N PHE D 697 9.42 20.91 -23.38
CA PHE D 697 10.26 21.79 -22.57
C PHE D 697 11.52 21.08 -22.10
N ARG D 698 11.41 19.78 -21.81
CA ARG D 698 12.58 19.00 -21.41
C ARG D 698 13.56 18.75 -22.55
N GLN D 699 13.21 19.11 -23.78
CA GLN D 699 14.11 19.00 -24.93
C GLN D 699 14.86 20.30 -25.18
N ASP D 700 14.14 21.38 -25.49
CA ASP D 700 14.75 22.71 -25.58
C ASP D 700 13.78 23.72 -24.97
N GLU D 701 14.20 24.31 -23.86
CA GLU D 701 13.40 25.30 -23.16
C GLU D 701 13.03 26.47 -24.05
N THR D 702 13.99 26.93 -24.87
CA THR D 702 13.79 28.12 -25.67
C THR D 702 12.77 27.91 -26.77
N MET D 703 12.77 26.73 -27.37
CA MET D 703 11.83 26.45 -28.46
C MET D 703 10.42 26.27 -27.93
N ALA D 704 10.30 25.64 -26.76
CA ALA D 704 8.99 25.47 -26.13
C ALA D 704 8.31 26.81 -25.89
N MET D 705 9.05 27.80 -25.40
CA MET D 705 8.52 29.15 -25.27
C MET D 705 8.02 29.72 -26.58
N LYS D 706 8.72 29.43 -27.68
CA LYS D 706 8.26 29.88 -28.99
C LYS D 706 7.00 29.17 -29.41
N LEU D 707 6.77 27.96 -28.90
CA LEU D 707 5.58 27.22 -29.28
C LEU D 707 4.34 27.81 -28.62
N LEU D 708 4.51 28.39 -27.44
CA LEU D 708 3.41 29.03 -26.74
C LEU D 708 2.98 30.34 -27.35
N THR D 709 3.68 30.85 -28.37
CA THR D 709 3.43 32.20 -28.86
C THR D 709 3.41 32.38 -30.38
N TYR D 710 3.58 31.32 -31.18
CA TYR D 710 3.43 31.47 -32.62
C TYR D 710 1.96 31.47 -33.01
N GLU D 711 1.62 32.36 -33.93
CA GLU D 711 0.29 32.41 -34.53
C GLU D 711 -0.02 31.07 -35.19
N LEU D 712 -1.26 30.63 -35.05
CA LEU D 712 -1.65 29.30 -35.48
C LEU D 712 -2.15 29.26 -36.92
N LYS D 713 -2.99 30.22 -37.30
CA LYS D 713 -3.42 30.51 -38.66
C LYS D 713 -4.45 29.52 -39.21
N ASN D 714 -4.66 28.41 -38.51
CA ASN D 714 -5.83 27.56 -38.69
C ASN D 714 -6.82 27.72 -37.55
N TRP D 715 -6.54 28.60 -36.60
CA TRP D 715 -7.26 28.69 -35.34
C TRP D 715 -7.48 30.16 -35.02
N SER D 716 -7.89 30.90 -36.05
CA SER D 716 -8.28 32.31 -35.92
C SER D 716 -7.12 33.20 -35.53
N ASN D 717 -5.92 32.81 -35.93
CA ASN D 717 -4.72 33.60 -35.68
C ASN D 717 -4.56 33.85 -34.18
N SER D 718 -4.73 32.78 -33.44
CA SER D 718 -4.66 32.78 -32.00
C SER D 718 -3.39 32.07 -31.58
N THR D 719 -3.28 31.78 -30.30
CA THR D 719 -2.05 31.32 -29.69
C THR D 719 -2.41 30.26 -28.67
N CYS D 720 -1.56 29.24 -28.57
CA CYS D 720 -1.86 28.12 -27.69
C CYS D 720 -1.96 28.58 -26.25
N LEU D 721 -1.14 29.53 -25.87
CA LEU D 721 -1.25 30.14 -24.55
C LEU D 721 -2.59 30.85 -24.39
N LYS D 722 -2.91 31.76 -25.32
CA LYS D 722 -4.17 32.49 -25.27
C LYS D 722 -5.36 31.55 -25.18
N LEU D 723 -5.30 30.41 -25.87
CA LEU D 723 -6.39 29.44 -25.82
C LEU D 723 -6.51 28.81 -24.45
N ALA D 724 -5.37 28.50 -23.83
CA ALA D 724 -5.36 27.86 -22.54
C ALA D 724 -5.82 28.79 -21.43
N VAL D 725 -5.63 30.09 -21.59
CA VAL D 725 -6.14 31.04 -20.63
C VAL D 725 -7.66 31.15 -20.74
N SER D 726 -8.19 30.96 -21.93
CA SER D 726 -9.64 31.01 -22.13
C SER D 726 -10.34 29.87 -21.39
N SER D 727 -9.75 28.69 -21.43
CA SER D 727 -10.25 27.55 -20.69
C SER D 727 -9.92 27.59 -19.21
N ARG D 728 -9.15 28.57 -18.75
CA ARG D 728 -8.67 28.64 -17.38
C ARG D 728 -7.95 27.37 -16.99
N LEU D 729 -7.11 26.91 -17.90
CA LEU D 729 -6.38 25.67 -17.79
C LEU D 729 -5.06 25.94 -17.09
N ARG D 730 -5.09 25.89 -15.77
CA ARG D 730 -4.05 26.36 -14.88
C ARG D 730 -2.75 25.56 -14.88
N PRO D 731 -2.77 24.23 -14.98
CA PRO D 731 -1.50 23.50 -15.01
C PRO D 731 -0.60 23.81 -16.19
N PHE D 732 -1.14 24.46 -17.22
CA PHE D 732 -0.43 24.88 -18.41
C PHE D 732 0.16 26.27 -18.24
N VAL D 733 -0.62 27.18 -17.65
CA VAL D 733 -0.15 28.53 -17.38
C VAL D 733 0.79 28.54 -16.18
N ALA D 734 0.60 27.63 -15.24
CA ALA D 734 1.47 27.49 -14.09
C ALA D 734 2.63 26.54 -14.35
N HIS D 735 2.87 26.19 -15.60
CA HIS D 735 3.99 25.36 -15.98
C HIS D 735 5.23 26.22 -16.18
N THR D 736 6.38 25.68 -15.81
CA THR D 736 7.60 26.46 -15.73
C THR D 736 8.02 27.04 -17.07
N CYS D 737 7.54 26.47 -18.18
CA CYS D 737 7.81 27.05 -19.48
C CYS D 737 7.14 28.41 -19.63
N THR D 738 5.85 28.50 -19.32
CA THR D 738 5.17 29.79 -19.40
C THR D 738 5.74 30.77 -18.41
N GLN D 739 6.02 30.30 -17.21
CA GLN D 739 6.56 31.14 -16.16
C GLN D 739 7.87 31.80 -16.59
N MET D 740 8.79 31.00 -17.11
CA MET D 740 10.04 31.54 -17.62
C MET D 740 9.79 32.51 -18.77
N LEU D 741 8.75 32.28 -19.56
CA LEU D 741 8.37 33.24 -20.59
C LEU D 741 7.67 34.45 -20.01
N LEU D 742 6.83 34.26 -18.99
CA LEU D 742 6.17 35.40 -18.38
C LEU D 742 7.19 36.31 -17.71
N SER D 743 8.23 35.72 -17.15
CA SER D 743 9.31 36.47 -16.56
C SER D 743 10.09 37.26 -17.60
N ASP D 744 10.25 36.70 -18.80
CA ASP D 744 11.00 37.36 -19.85
C ASP D 744 10.22 38.49 -20.50
N MET D 745 8.88 38.39 -20.53
CA MET D 745 8.06 39.50 -20.97
C MET D 745 7.96 40.59 -19.91
N TRP D 746 8.05 40.21 -18.64
CA TRP D 746 8.05 41.15 -17.53
C TRP D 746 9.27 42.07 -17.59
N MET D 747 10.44 41.52 -17.89
CA MET D 747 11.66 42.29 -17.97
C MET D 747 11.76 43.13 -19.23
N GLY D 748 11.31 42.63 -20.35
CA GLY D 748 11.55 43.30 -21.61
C GLY D 748 12.98 43.04 -22.04
N ARG D 749 13.68 44.12 -22.37
CA ARG D 749 15.09 44.07 -22.73
C ARG D 749 16.02 44.31 -21.55
N LEU D 750 15.53 44.11 -20.33
CA LEU D 750 16.34 44.22 -19.13
C LEU D 750 16.76 42.82 -18.68
N ASN D 751 18.03 42.67 -18.30
CA ASN D 751 18.57 41.40 -17.87
C ASN D 751 18.59 41.43 -16.34
N MET D 752 17.46 41.10 -15.73
CA MET D 752 17.32 41.31 -14.30
C MET D 752 17.97 40.21 -13.47
N ARG D 753 18.43 39.12 -14.08
CA ARG D 753 19.32 38.21 -13.37
C ARG D 753 20.65 38.87 -13.03
N LYS D 754 21.01 39.94 -13.74
CA LYS D 754 22.18 40.74 -13.47
C LYS D 754 21.87 42.04 -12.76
N ASN D 755 20.78 42.70 -13.14
CA ASN D 755 20.30 43.89 -12.44
C ASN D 755 19.51 43.45 -11.22
N SER D 756 18.87 44.41 -10.54
CA SER D 756 18.00 44.09 -9.42
C SER D 756 16.91 45.15 -9.29
N TRP D 757 15.82 44.78 -8.63
CA TRP D 757 14.64 45.62 -8.58
C TRP D 757 14.90 46.92 -7.83
N TYR D 758 15.94 46.97 -7.00
CA TYR D 758 16.32 48.24 -6.39
C TYR D 758 17.06 49.14 -7.36
N LYS D 759 17.67 48.56 -8.40
CA LYS D 759 18.34 49.37 -9.42
C LYS D 759 17.33 49.93 -10.42
N VAL D 760 16.18 49.27 -10.58
CA VAL D 760 15.12 49.78 -11.43
C VAL D 760 14.47 50.99 -10.79
N ILE D 761 14.17 50.92 -9.50
CA ILE D 761 13.58 52.03 -8.79
C ILE D 761 14.50 53.24 -8.84
N LEU D 762 15.78 53.02 -8.55
CA LEU D 762 16.77 54.09 -8.62
C LEU D 762 16.85 54.71 -10.01
N SER D 763 16.82 53.87 -11.04
CA SER D 763 16.92 54.36 -12.41
C SER D 763 15.68 55.10 -12.87
N ILE D 764 14.54 54.90 -12.21
CA ILE D 764 13.36 55.68 -12.51
C ILE D 764 13.47 57.08 -11.90
N LEU D 765 13.92 57.15 -10.67
CA LEU D 765 14.10 58.41 -9.97
C LEU D 765 15.38 59.12 -10.41
N VAL D 766 16.33 58.39 -10.98
CA VAL D 766 17.58 58.94 -11.50
C VAL D 766 17.73 58.39 -12.91
N PRO D 767 17.20 59.05 -13.93
CA PRO D 767 17.22 58.50 -15.29
C PRO D 767 18.61 58.17 -15.82
N PRO D 768 19.66 58.97 -15.51
CA PRO D 768 20.98 58.62 -16.07
C PRO D 768 21.48 57.23 -15.71
N ALA D 769 20.99 56.61 -14.63
CA ALA D 769 21.35 55.24 -14.33
C ALA D 769 20.76 54.25 -15.33
N ILE D 770 19.82 54.69 -16.17
CA ILE D 770 19.23 53.82 -17.19
C ILE D 770 20.29 53.38 -18.17
N LEU D 771 21.23 54.26 -18.50
CA LEU D 771 22.30 53.96 -19.43
C LEU D 771 23.43 53.18 -18.80
N MET D 772 23.30 52.79 -17.53
CA MET D 772 24.28 52.00 -16.81
C MET D 772 23.82 50.57 -16.60
N LEU D 773 22.59 50.24 -17.00
CA LEU D 773 22.00 48.93 -16.74
C LEU D 773 22.32 47.96 -17.86
N GLU D 774 22.29 46.69 -17.52
CA GLU D 774 22.60 45.62 -18.46
C GLU D 774 21.34 45.27 -19.24
N TYR D 775 21.35 45.56 -20.52
CA TYR D 775 20.23 45.26 -21.41
C TYR D 775 20.49 43.94 -22.13
N LYS D 776 19.69 43.64 -23.14
CA LYS D 776 19.72 42.38 -23.85
C LYS D 776 19.85 42.62 -25.34
N THR D 777 20.27 41.57 -26.03
CA THR D 777 20.46 41.58 -27.47
C THR D 777 19.19 41.14 -28.17
N LYS D 778 19.30 40.83 -29.46
CA LYS D 778 18.21 40.24 -30.22
C LYS D 778 18.15 38.73 -30.08
N ALA D 779 19.27 38.07 -29.79
CA ALA D 779 19.31 36.62 -29.75
C ALA D 779 18.65 36.06 -28.49
N GLU D 780 18.85 36.73 -27.37
CA GLU D 780 18.18 36.37 -26.12
C GLU D 780 16.86 37.10 -25.94
N MET D 781 16.30 37.65 -27.03
CA MET D 781 14.95 38.22 -27.04
C MET D 781 14.10 37.63 -28.15
N SER D 782 14.57 36.57 -28.82
CA SER D 782 13.89 36.06 -30.00
C SER D 782 12.70 35.18 -29.66
N HIS D 783 12.70 34.56 -28.48
CA HIS D 783 11.60 33.72 -28.03
C HIS D 783 10.43 34.50 -27.47
N ILE D 784 10.53 35.82 -27.39
CA ILE D 784 9.60 36.65 -26.64
C ILE D 784 8.66 37.29 -27.64
N PRO D 785 7.34 37.24 -27.45
CA PRO D 785 6.46 37.99 -28.34
C PRO D 785 6.62 39.48 -28.12
N GLN D 786 6.89 40.19 -29.21
CA GLN D 786 7.21 41.60 -29.18
C GLN D 786 6.18 42.38 -29.98
N SER D 787 6.22 43.68 -29.80
CA SER D 787 5.37 44.59 -30.55
C SER D 787 5.95 44.80 -31.96
N GLN D 788 5.20 45.52 -32.78
CA GLN D 788 5.74 45.99 -34.05
C GLN D 788 6.97 46.85 -33.81
N ASP D 789 6.88 47.79 -32.88
CA ASP D 789 7.96 48.73 -32.58
C ASP D 789 9.16 48.03 -31.96
N ALA D 790 8.95 47.40 -30.80
CA ALA D 790 10.01 46.69 -30.08
C ALA D 790 10.74 45.71 -30.98
N HIS D 791 10.01 45.10 -31.91
CA HIS D 791 10.64 44.37 -33.00
C HIS D 791 11.48 45.30 -33.84
N GLN D 792 10.83 46.33 -34.42
CA GLN D 792 11.47 47.14 -35.45
C GLN D 792 12.61 47.98 -34.89
N MET D 793 12.42 48.57 -33.70
CA MET D 793 13.45 49.41 -33.09
C MET D 793 14.73 48.63 -32.82
N THR D 794 14.63 47.29 -32.71
CA THR D 794 15.81 46.45 -32.57
C THR D 794 16.42 46.06 -33.90
N MET D 795 15.68 46.15 -35.01
CA MET D 795 16.17 45.66 -36.31
C MET D 795 17.26 46.55 -36.88
N GLU D 796 16.93 47.81 -37.15
CA GLU D 796 17.81 48.73 -37.87
C GLU D 796 19.19 48.86 -37.23
N LEU D 838 23.94 49.59 -29.67
CA LEU D 838 22.75 49.89 -28.88
C LEU D 838 22.73 51.37 -28.48
N PRO D 839 22.26 52.26 -29.37
CA PRO D 839 22.39 53.70 -29.12
C PRO D 839 21.54 54.15 -27.94
N ILE D 840 21.71 55.43 -27.58
CA ILE D 840 21.21 55.99 -26.34
C ILE D 840 19.69 56.04 -26.34
N THR D 841 19.10 56.62 -27.39
CA THR D 841 17.65 56.77 -27.46
C THR D 841 16.95 55.41 -27.43
N ARG D 842 17.62 54.38 -27.94
CA ARG D 842 17.08 53.03 -27.87
C ARG D 842 17.24 52.41 -26.50
N LYS D 843 18.15 52.96 -25.68
CA LYS D 843 18.32 52.45 -24.33
C LYS D 843 17.23 52.98 -23.40
N PHE D 844 16.71 54.18 -23.67
CA PHE D 844 15.58 54.69 -22.92
C PHE D 844 14.29 54.05 -23.38
N TYR D 845 14.15 53.79 -24.67
CA TYR D 845 12.97 53.12 -25.15
C TYR D 845 12.85 51.72 -24.58
N ALA D 846 13.98 51.06 -24.33
CA ALA D 846 13.95 49.71 -23.78
C ALA D 846 13.52 49.70 -22.33
N PHE D 847 13.78 50.79 -21.60
CA PHE D 847 13.56 50.83 -20.17
C PHE D 847 12.12 51.19 -19.85
N TYR D 848 11.65 52.30 -20.39
CA TYR D 848 10.34 52.84 -20.05
C TYR D 848 9.20 52.05 -20.66
N HIS D 849 9.50 51.08 -21.52
CA HIS D 849 8.50 50.24 -22.15
C HIS D 849 8.52 48.81 -21.63
N ALA D 850 9.37 48.50 -20.67
CA ALA D 850 9.34 47.20 -20.01
C ALA D 850 8.21 47.16 -18.99
N PRO D 851 7.52 46.03 -18.82
CA PRO D 851 6.46 45.98 -17.82
C PRO D 851 6.92 46.13 -16.39
N ILE D 852 8.11 45.66 -16.06
CA ILE D 852 8.64 45.84 -14.73
C ILE D 852 8.81 47.31 -14.39
N VAL D 853 9.12 48.13 -15.37
CA VAL D 853 9.31 49.54 -15.11
C VAL D 853 7.99 50.25 -14.99
N LYS D 854 7.03 49.89 -15.83
CA LYS D 854 5.72 50.51 -15.76
C LYS D 854 5.00 50.16 -14.46
N PHE D 855 5.33 49.02 -13.85
CA PHE D 855 4.80 48.70 -12.54
C PHE D 855 5.39 49.58 -11.46
N TRP D 856 6.71 49.62 -11.34
CA TRP D 856 7.39 50.38 -10.31
C TRP D 856 7.39 51.88 -10.55
N PHE D 857 6.73 52.35 -11.59
CA PHE D 857 6.60 53.74 -11.97
C PHE D 857 5.17 54.20 -11.73
N ASN D 858 4.23 53.28 -11.86
CA ASN D 858 2.87 53.50 -11.39
C ASN D 858 2.76 53.28 -9.88
N THR D 859 3.48 52.31 -9.36
CA THR D 859 3.52 52.05 -7.94
C THR D 859 4.05 53.23 -7.15
N LEU D 860 5.15 53.84 -7.60
CA LEU D 860 5.70 54.98 -6.91
C LEU D 860 4.80 56.20 -7.00
N ALA D 861 4.14 56.39 -8.14
CA ALA D 861 3.18 57.48 -8.25
C ALA D 861 1.95 57.23 -7.40
N TYR D 862 1.51 55.98 -7.33
CA TYR D 862 0.38 55.64 -6.47
C TYR D 862 0.72 55.84 -5.00
N LEU D 863 1.92 55.47 -4.60
CA LEU D 863 2.32 55.71 -3.22
C LEU D 863 2.46 57.19 -2.94
N GLY D 864 2.97 57.96 -3.90
CA GLY D 864 3.04 59.40 -3.72
C GLY D 864 1.68 60.04 -3.80
N PHE D 865 0.75 59.40 -4.49
CA PHE D 865 -0.64 59.83 -4.47
C PHE D 865 -1.26 59.71 -3.09
N LEU D 866 -1.09 58.57 -2.43
CA LEU D 866 -1.65 58.37 -1.10
C LEU D 866 -1.00 59.23 -0.03
N MET D 867 0.28 59.50 -0.16
CA MET D 867 0.96 60.38 0.77
C MET D 867 0.39 61.79 0.72
N LEU D 868 0.05 62.25 -0.47
CA LEU D 868 -0.56 63.55 -0.63
C LEU D 868 -2.02 63.54 -0.23
N TYR D 869 -2.72 62.49 -0.57
CA TYR D 869 -4.14 62.41 -0.30
C TYR D 869 -4.41 62.15 1.18
N THR D 870 -3.49 61.45 1.84
CA THR D 870 -3.44 61.39 3.29
C THR D 870 -3.17 62.76 3.90
N PHE D 871 -2.26 63.53 3.31
CA PHE D 871 -1.94 64.87 3.80
C PHE D 871 -3.13 65.81 3.68
N VAL D 872 -3.98 65.61 2.69
CA VAL D 872 -5.10 66.52 2.44
C VAL D 872 -6.22 66.30 3.43
N VAL D 873 -6.52 65.05 3.75
CA VAL D 873 -7.60 64.75 4.67
C VAL D 873 -7.23 65.07 6.11
N LEU D 874 -5.96 64.97 6.46
CA LEU D 874 -5.50 65.26 7.81
C LEU D 874 -5.30 66.74 8.07
N VAL D 875 -4.95 67.51 7.05
CA VAL D 875 -4.73 68.93 7.16
C VAL D 875 -6.04 69.64 6.80
N LYS D 876 -6.27 70.79 7.41
CA LYS D 876 -7.52 71.50 7.22
C LYS D 876 -7.71 71.92 5.77
N MET D 877 -8.97 72.06 5.39
CA MET D 877 -9.33 72.57 4.08
C MET D 877 -9.81 74.00 4.20
N GLU D 878 -9.14 74.89 3.49
CA GLU D 878 -9.64 76.23 3.27
C GLU D 878 -10.62 76.17 2.11
N GLN D 879 -11.04 77.31 1.58
CA GLN D 879 -12.11 77.35 0.60
C GLN D 879 -11.72 76.65 -0.70
N LEU D 880 -10.57 76.99 -1.24
CA LEU D 880 -10.12 76.45 -2.50
C LEU D 880 -9.13 75.32 -2.25
N PRO D 881 -9.03 74.35 -3.14
CA PRO D 881 -8.05 73.30 -2.93
C PRO D 881 -6.62 73.79 -2.96
N SER D 882 -5.79 73.07 -2.24
CA SER D 882 -4.36 73.25 -2.24
C SER D 882 -3.73 72.52 -3.42
N VAL D 883 -2.47 72.84 -3.67
CA VAL D 883 -1.72 72.20 -4.75
C VAL D 883 -1.71 70.70 -4.55
N GLN D 884 -1.64 70.26 -3.31
CA GLN D 884 -1.75 68.84 -3.00
C GLN D 884 -3.07 68.27 -3.45
N GLU D 885 -4.17 68.94 -3.14
CA GLU D 885 -5.49 68.42 -3.48
C GLU D 885 -5.73 68.47 -4.99
N TRP D 886 -5.17 69.46 -5.68
CA TRP D 886 -5.29 69.46 -7.13
C TRP D 886 -4.54 68.29 -7.76
N ILE D 887 -3.33 68.02 -7.30
CA ILE D 887 -2.56 66.87 -7.78
C ILE D 887 -3.31 65.56 -7.50
N VAL D 888 -4.09 65.50 -6.42
CA VAL D 888 -4.91 64.34 -6.10
C VAL D 888 -6.04 64.18 -7.11
N ILE D 889 -6.74 65.28 -7.39
CA ILE D 889 -7.86 65.26 -8.31
C ILE D 889 -7.38 64.90 -9.71
N ALA D 890 -6.20 65.37 -10.08
CA ALA D 890 -5.62 65.06 -11.38
C ALA D 890 -5.34 63.58 -11.52
N TYR D 891 -4.68 62.98 -10.53
CA TYR D 891 -4.52 61.54 -10.52
C TYR D 891 -5.86 60.83 -10.71
N ILE D 892 -6.83 61.09 -9.84
CA ILE D 892 -8.07 60.33 -9.87
C ILE D 892 -8.82 60.53 -11.18
N PHE D 893 -8.75 61.74 -11.74
CA PHE D 893 -9.45 62.01 -12.98
C PHE D 893 -8.88 61.20 -14.13
N THR D 894 -7.55 61.20 -14.24
CA THR D 894 -6.88 60.50 -15.32
C THR D 894 -6.82 59.00 -15.08
N TYR D 895 -6.62 58.61 -13.83
CA TYR D 895 -6.78 57.23 -13.40
C TYR D 895 -8.12 56.67 -13.88
N ALA D 896 -9.17 57.47 -13.85
CA ALA D 896 -10.47 57.02 -14.33
C ALA D 896 -10.45 56.79 -15.83
N ILE D 897 -9.96 57.78 -16.59
CA ILE D 897 -9.86 57.66 -18.04
C ILE D 897 -9.06 56.44 -18.42
N GLU D 898 -7.96 56.21 -17.72
CA GLU D 898 -7.20 54.98 -17.82
C GLU D 898 -8.06 53.73 -17.67
N LYS D 899 -9.06 53.75 -16.79
CA LYS D 899 -9.89 52.58 -16.58
C LYS D 899 -10.96 52.44 -17.65
N VAL D 900 -11.44 53.56 -18.17
CA VAL D 900 -12.36 53.54 -19.31
C VAL D 900 -11.69 52.88 -20.50
N ARG D 901 -10.47 53.31 -20.83
CA ARG D 901 -9.75 52.80 -21.97
C ARG D 901 -9.56 51.30 -21.90
N GLU D 902 -9.12 50.78 -20.76
CA GLU D 902 -8.85 49.35 -20.68
C GLU D 902 -10.13 48.51 -20.64
N VAL D 903 -11.30 49.14 -20.59
CA VAL D 903 -12.55 48.46 -20.89
C VAL D 903 -12.81 48.46 -22.38
N PHE D 904 -12.78 49.64 -23.01
CA PHE D 904 -13.04 49.74 -24.43
C PHE D 904 -11.96 49.05 -25.25
N MET D 905 -10.73 49.07 -24.77
CA MET D 905 -9.61 48.38 -25.40
C MET D 905 -9.36 47.01 -24.78
N SER D 906 -10.42 46.35 -24.33
CA SER D 906 -10.32 45.00 -23.82
C SER D 906 -10.15 44.02 -24.97
N GLU D 907 -10.21 42.73 -24.64
CA GLU D 907 -10.03 41.65 -25.60
C GLU D 907 -11.34 41.18 -26.21
N ALA D 908 -12.41 41.12 -25.43
CA ALA D 908 -13.73 40.78 -25.96
C ALA D 908 -14.17 41.83 -26.97
N GLY D 909 -15.27 41.55 -27.68
CA GLY D 909 -15.72 42.42 -28.73
C GLY D 909 -17.06 43.05 -28.42
N LYS D 910 -17.93 42.29 -27.76
CA LYS D 910 -19.21 42.83 -27.33
C LYS D 910 -18.99 43.73 -26.13
N ILE D 911 -19.45 44.99 -26.24
CA ILE D 911 -19.28 45.96 -25.18
C ILE D 911 -19.94 45.48 -23.90
N SER D 912 -21.06 44.77 -24.01
CA SER D 912 -21.72 44.23 -22.84
C SER D 912 -20.94 43.07 -22.21
N GLN D 913 -19.95 42.53 -22.91
CA GLN D 913 -19.06 41.50 -22.36
C GLN D 913 -17.67 42.04 -22.05
N LYS D 914 -17.25 43.11 -22.71
CA LYS D 914 -16.13 43.90 -22.21
C LYS D 914 -16.41 44.44 -20.82
N ILE D 915 -17.69 44.72 -20.53
CA ILE D 915 -18.12 45.28 -19.26
C ILE D 915 -18.28 44.24 -18.16
N LYS D 916 -18.97 43.14 -18.42
CA LYS D 916 -19.25 42.17 -17.37
C LYS D 916 -18.01 41.46 -16.88
N VAL D 917 -16.94 41.45 -17.68
CA VAL D 917 -15.69 40.82 -17.26
C VAL D 917 -14.91 41.77 -16.36
N TRP D 918 -14.85 43.04 -16.73
CA TRP D 918 -14.07 44.00 -15.97
C TRP D 918 -14.66 44.22 -14.58
N PHE D 919 -15.98 44.32 -14.50
CA PHE D 919 -16.66 44.45 -13.22
C PHE D 919 -16.73 43.14 -12.45
N SER D 920 -16.13 42.07 -12.95
CA SER D 920 -16.04 40.80 -12.25
C SER D 920 -14.74 40.65 -11.46
N ASP D 921 -14.09 41.76 -11.11
CA ASP D 921 -12.90 41.78 -10.28
C ASP D 921 -13.16 42.70 -9.11
N TYR D 922 -12.66 42.32 -7.94
CA TYR D 922 -12.96 43.08 -6.73
C TYR D 922 -12.47 44.51 -6.81
N PHE D 923 -11.24 44.69 -7.29
CA PHE D 923 -10.61 46.00 -7.20
C PHE D 923 -11.06 46.95 -8.30
N ASN D 924 -11.73 46.44 -9.32
CA ASN D 924 -12.29 47.28 -10.36
C ASN D 924 -13.67 47.81 -9.96
N VAL D 925 -14.41 47.02 -9.20
CA VAL D 925 -15.64 47.47 -8.58
C VAL D 925 -15.36 48.52 -7.53
N SER D 926 -14.33 48.31 -6.71
CA SER D 926 -13.98 49.27 -5.68
C SER D 926 -13.49 50.58 -6.27
N ASP D 927 -12.73 50.52 -7.36
CA ASP D 927 -12.26 51.73 -8.01
C ASP D 927 -13.41 52.54 -8.60
N THR D 928 -14.38 51.86 -9.20
CA THR D 928 -15.58 52.52 -9.68
C THR D 928 -16.29 53.30 -8.58
N ILE D 929 -16.46 52.67 -7.42
CA ILE D 929 -17.05 53.33 -6.26
C ILE D 929 -16.15 54.44 -5.76
N ALA D 930 -14.85 54.19 -5.69
CA ALA D 930 -13.90 55.19 -5.24
C ALA D 930 -13.81 56.38 -6.19
N ILE D 931 -13.94 56.16 -7.50
CA ILE D 931 -13.90 57.26 -8.44
C ILE D 931 -15.21 58.04 -8.43
N ILE D 932 -16.34 57.34 -8.44
CA ILE D 932 -17.62 58.02 -8.40
C ILE D 932 -17.80 58.77 -7.10
N SER D 933 -17.41 58.15 -5.98
CA SER D 933 -17.61 58.79 -4.69
C SER D 933 -16.70 59.99 -4.50
N PHE D 934 -15.55 60.02 -5.17
CA PHE D 934 -14.66 61.17 -5.05
C PHE D 934 -15.25 62.44 -5.64
N PHE D 935 -15.91 62.35 -6.79
CA PHE D 935 -16.35 63.54 -7.48
C PHE D 935 -17.69 64.03 -6.98
N VAL D 936 -18.49 63.15 -6.37
CA VAL D 936 -19.55 63.60 -5.50
C VAL D 936 -18.96 64.50 -4.42
N GLY D 937 -17.87 64.05 -3.81
CA GLY D 937 -17.20 64.84 -2.79
C GLY D 937 -16.59 66.12 -3.31
N PHE D 938 -15.86 66.04 -4.42
CA PHE D 938 -15.33 67.25 -5.03
C PHE D 938 -16.43 68.23 -5.40
N GLY D 939 -17.53 67.73 -5.96
CA GLY D 939 -18.64 68.59 -6.31
C GLY D 939 -19.26 69.30 -5.14
N LEU D 940 -19.32 68.65 -4.00
CA LEU D 940 -19.81 69.26 -2.77
C LEU D 940 -18.77 70.14 -2.10
N ARG D 941 -17.53 69.67 -2.02
CA ARG D 941 -16.42 70.45 -1.45
C ARG D 941 -16.17 71.73 -2.23
N PHE D 942 -16.25 71.66 -3.55
CA PHE D 942 -15.98 72.78 -4.43
C PHE D 942 -17.21 73.60 -4.79
N GLY D 943 -18.37 72.95 -4.95
CA GLY D 943 -19.59 73.63 -5.30
C GLY D 943 -20.38 74.14 -4.12
N ALA D 944 -19.72 74.30 -2.97
CA ALA D 944 -20.36 74.81 -1.77
C ALA D 944 -20.12 76.30 -1.62
N LYS D 945 -21.08 76.96 -1.00
CA LYS D 945 -20.99 78.39 -0.69
C LYS D 945 -20.31 78.54 0.67
N TRP D 946 -19.05 78.95 0.63
CA TRP D 946 -18.22 79.09 1.82
C TRP D 946 -18.82 80.09 2.79
N ASN D 947 -18.71 79.78 4.08
CA ASN D 947 -19.43 80.51 5.13
C ASN D 947 -18.65 81.71 5.65
N TYR D 948 -17.34 81.59 5.82
CA TYR D 948 -16.41 82.65 6.25
C TYR D 948 -16.43 82.95 7.75
N ILE D 949 -17.36 82.38 8.50
CA ILE D 949 -17.33 82.47 9.96
C ILE D 949 -16.75 81.16 10.47
N ASN D 950 -17.14 80.06 9.84
CA ASN D 950 -16.58 78.75 10.17
C ASN D 950 -16.85 77.81 9.01
N ALA D 951 -15.82 77.12 8.56
CA ALA D 951 -15.94 76.21 7.43
C ALA D 951 -16.97 75.11 7.70
N TYR D 952 -16.98 74.57 8.91
CA TYR D 952 -17.79 73.41 9.24
C TYR D 952 -19.18 73.77 9.72
N ASP D 953 -19.66 74.97 9.40
CA ASP D 953 -21.07 75.30 9.54
C ASP D 953 -21.86 75.00 8.27
N ASN D 954 -21.24 75.14 7.11
CA ASN D 954 -21.88 74.77 5.85
C ASN D 954 -21.83 73.25 5.71
N HIS D 955 -22.99 72.62 5.75
CA HIS D 955 -23.08 71.18 5.79
C HIS D 955 -22.86 70.53 4.43
N VAL D 956 -22.76 71.32 3.37
CA VAL D 956 -22.46 70.79 2.04
C VAL D 956 -20.96 70.62 1.88
N PHE D 957 -20.20 71.53 2.47
CA PHE D 957 -18.76 71.41 2.52
C PHE D 957 -18.32 70.25 3.41
N VAL D 958 -19.06 70.00 4.49
CA VAL D 958 -18.69 68.96 5.43
C VAL D 958 -18.92 67.59 4.81
N ALA D 959 -20.07 67.39 4.19
CA ALA D 959 -20.36 66.17 3.48
C ALA D 959 -19.30 65.86 2.44
N GLY D 960 -18.78 66.89 1.78
CA GLY D 960 -17.74 66.68 0.80
C GLY D 960 -16.44 66.19 1.42
N ARG D 961 -16.00 66.85 2.47
CA ARG D 961 -14.79 66.44 3.18
C ARG D 961 -14.94 65.04 3.77
N LEU D 962 -16.09 64.71 4.33
CA LEU D 962 -16.28 63.43 4.96
C LEU D 962 -16.35 62.28 3.95
N ILE D 963 -16.71 62.58 2.72
CA ILE D 963 -16.66 61.55 1.68
C ILE D 963 -15.22 61.25 1.31
N TYR D 964 -14.37 62.28 1.22
CA TYR D 964 -12.95 62.07 0.96
C TYR D 964 -12.32 61.19 2.02
N CYS D 965 -12.60 61.49 3.28
CA CYS D 965 -11.97 60.78 4.39
C CYS D 965 -12.40 59.33 4.45
N LEU D 966 -13.52 59.00 3.82
CA LEU D 966 -13.94 57.62 3.65
C LEU D 966 -13.53 57.05 2.31
N ASN D 967 -13.60 57.85 1.26
CA ASN D 967 -13.00 57.55 -0.04
C ASN D 967 -11.59 57.02 0.08
N ILE D 968 -10.76 57.58 0.96
CA ILE D 968 -9.36 57.20 1.04
C ILE D 968 -9.17 55.73 1.44
N ILE D 969 -10.16 55.14 2.11
CA ILE D 969 -10.07 53.73 2.50
C ILE D 969 -10.01 52.84 1.27
N PHE D 970 -10.74 53.22 0.22
CA PHE D 970 -10.67 52.49 -1.03
C PHE D 970 -9.26 52.44 -1.57
N TRP D 971 -8.52 53.52 -1.38
CA TRP D 971 -7.23 53.68 -2.00
C TRP D 971 -6.12 53.02 -1.20
N TYR D 972 -6.26 52.90 0.12
CA TYR D 972 -5.36 52.04 0.87
C TYR D 972 -5.55 50.58 0.52
N VAL D 973 -6.79 50.15 0.33
CA VAL D 973 -7.10 48.76 0.09
C VAL D 973 -6.68 48.32 -1.31
N ARG D 974 -6.66 49.24 -2.28
CA ARG D 974 -6.11 48.97 -3.59
C ARG D 974 -4.63 48.59 -3.56
N LEU D 975 -3.91 48.90 -2.48
CA LEU D 975 -2.53 48.50 -2.35
C LEU D 975 -2.36 47.00 -2.15
N LEU D 976 -3.39 46.32 -1.65
CA LEU D 976 -3.35 44.88 -1.57
C LEU D 976 -3.25 44.23 -2.95
N ASP D 977 -3.66 44.94 -3.98
CA ASP D 977 -3.55 44.43 -5.34
C ASP D 977 -2.12 44.51 -5.85
N PHE D 978 -1.39 45.56 -5.47
CA PHE D 978 0.04 45.63 -5.76
C PHE D 978 0.81 44.55 -5.01
N LEU D 979 0.43 44.28 -3.75
CA LEU D 979 1.11 43.29 -2.95
C LEU D 979 0.82 41.88 -3.41
N ALA D 980 -0.36 41.65 -3.95
CA ALA D 980 -0.74 40.34 -4.47
C ALA D 980 0.09 39.90 -5.66
N VAL D 981 0.91 40.80 -6.19
CA VAL D 981 1.90 40.51 -7.22
C VAL D 981 3.04 39.67 -6.69
N ASN D 982 3.36 39.78 -5.41
CA ASN D 982 4.45 39.04 -4.83
C ASN D 982 4.03 37.64 -4.44
N GLN D 983 4.94 36.69 -4.68
CA GLN D 983 4.69 35.29 -4.45
C GLN D 983 4.41 34.98 -2.99
N GLN D 984 4.95 35.79 -2.09
CA GLN D 984 4.86 35.53 -0.67
C GLN D 984 3.67 36.24 -0.03
N ALA D 985 3.39 37.46 -0.44
CA ALA D 985 2.28 38.24 0.08
C ALA D 985 0.93 37.85 -0.48
N GLY D 986 0.86 37.53 -1.76
CA GLY D 986 -0.39 37.26 -2.43
C GLY D 986 -1.29 36.20 -1.85
N PRO D 987 -0.72 35.09 -1.37
CA PRO D 987 -1.55 34.11 -0.66
C PRO D 987 -2.30 34.65 0.54
N TYR D 988 -1.78 35.69 1.18
CA TYR D 988 -2.41 36.25 2.36
C TYR D 988 -3.51 37.22 2.01
N VAL D 989 -3.45 37.79 0.81
CA VAL D 989 -4.54 38.61 0.31
C VAL D 989 -5.70 37.75 -0.18
N MET D 990 -5.39 36.58 -0.72
CA MET D 990 -6.41 35.62 -1.12
C MET D 990 -7.21 35.11 0.07
N MET D 991 -6.51 34.76 1.15
CA MET D 991 -7.14 34.37 2.41
C MET D 991 -8.17 35.37 2.88
N ILE D 992 -7.76 36.63 3.03
CA ILE D 992 -8.59 37.68 3.59
C ILE D 992 -9.91 37.78 2.84
N GLY D 993 -9.86 37.66 1.52
CA GLY D 993 -11.08 37.69 0.74
C GLY D 993 -11.97 36.48 0.97
N LYS D 994 -11.38 35.29 0.97
CA LYS D 994 -12.14 34.08 1.27
C LYS D 994 -12.65 34.06 2.70
N MET D 995 -11.87 34.56 3.65
CA MET D 995 -12.36 34.71 5.01
C MET D 995 -13.59 35.59 5.07
N VAL D 996 -13.53 36.78 4.46
CA VAL D 996 -14.61 37.74 4.54
C VAL D 996 -15.82 37.29 3.74
N ALA D 997 -15.61 36.68 2.58
CA ALA D 997 -16.70 36.26 1.73
C ALA D 997 -17.55 35.16 2.33
N ASN D 998 -16.95 34.26 3.11
CA ASN D 998 -17.56 33.00 3.50
C ASN D 998 -17.81 32.87 4.99
N MET D 999 -17.61 33.94 5.75
CA MET D 999 -17.91 33.98 7.17
C MET D 999 -19.30 34.49 7.48
N PHE D 1000 -20.16 34.64 6.46
CA PHE D 1000 -21.46 35.27 6.61
C PHE D 1000 -22.31 34.61 7.69
N TYR D 1001 -22.40 33.30 7.69
CA TYR D 1001 -23.36 32.64 8.57
C TYR D 1001 -22.91 32.57 10.02
N ILE D 1002 -21.60 32.52 10.29
CA ILE D 1002 -21.12 32.60 11.66
C ILE D 1002 -21.42 33.97 12.25
N VAL D 1003 -21.30 35.03 11.45
CA VAL D 1003 -21.53 36.38 11.91
C VAL D 1003 -23.02 36.68 12.11
N VAL D 1004 -23.91 35.97 11.43
CA VAL D 1004 -25.33 36.09 11.69
C VAL D 1004 -25.69 35.46 13.04
N ILE D 1005 -25.07 34.33 13.35
CA ILE D 1005 -25.25 33.73 14.67
C ILE D 1005 -24.69 34.65 15.75
N MET D 1006 -23.50 35.21 15.52
CA MET D 1006 -22.91 36.17 16.44
C MET D 1006 -23.80 37.38 16.67
N ALA D 1007 -24.45 37.88 15.64
CA ALA D 1007 -25.36 39.01 15.76
C ALA D 1007 -26.65 38.65 16.48
N LEU D 1008 -27.06 37.39 16.40
CA LEU D 1008 -28.20 36.87 17.12
C LEU D 1008 -27.92 36.71 18.60
N VAL D 1009 -26.80 36.09 18.94
CA VAL D 1009 -26.32 35.99 20.31
C VAL D 1009 -26.20 37.37 20.94
N LEU D 1010 -25.75 38.33 20.15
CA LEU D 1010 -25.63 39.71 20.58
C LEU D 1010 -26.97 40.31 20.99
N LEU D 1011 -27.98 40.16 20.16
CA LEU D 1011 -29.30 40.69 20.48
C LEU D 1011 -30.02 39.89 21.54
N SER D 1012 -29.81 38.58 21.58
CA SER D 1012 -30.21 37.75 22.71
C SER D 1012 -29.80 38.35 24.05
N PHE D 1013 -28.63 38.98 24.12
CA PHE D 1013 -28.14 39.66 25.29
C PHE D 1013 -28.47 41.14 25.35
N GLY D 1014 -28.33 41.85 24.23
CA GLY D 1014 -28.46 43.30 24.26
C GLY D 1014 -29.86 43.80 24.53
N VAL D 1015 -30.85 43.04 24.13
CA VAL D 1015 -32.24 43.46 24.27
C VAL D 1015 -32.73 43.22 25.70
N PRO D 1016 -32.49 42.06 26.31
CA PRO D 1016 -32.84 41.90 27.73
C PRO D 1016 -32.10 42.83 28.67
N ARG D 1017 -30.85 43.15 28.40
CA ARG D 1017 -30.11 44.07 29.24
C ARG D 1017 -30.72 45.46 29.22
N LYS D 1018 -30.97 45.98 28.02
CA LYS D 1018 -31.49 47.33 27.88
C LYS D 1018 -32.89 47.43 28.44
N ALA D 1019 -33.62 46.33 28.40
CA ALA D 1019 -35.00 46.27 28.88
C ALA D 1019 -35.07 46.17 30.39
N ILE D 1020 -34.16 45.41 30.99
CA ILE D 1020 -34.07 45.32 32.43
C ILE D 1020 -33.53 46.61 33.05
N LEU D 1021 -32.54 47.23 32.43
CA LEU D 1021 -31.86 48.37 33.02
C LEU D 1021 -32.50 49.70 32.73
N TYR D 1022 -33.22 49.82 31.61
CA TYR D 1022 -33.82 51.09 31.17
C TYR D 1022 -35.30 50.81 30.90
N PRO D 1023 -36.13 50.82 31.93
CA PRO D 1023 -37.52 50.37 31.76
C PRO D 1023 -38.54 51.48 31.51
N HIS D 1024 -38.12 52.73 31.34
CA HIS D 1024 -39.02 53.86 31.21
C HIS D 1024 -38.75 54.59 29.90
N GLU D 1025 -38.40 53.84 28.88
CA GLU D 1025 -37.91 54.41 27.63
C GLU D 1025 -39.05 54.54 26.64
N GLU D 1026 -39.29 55.75 26.18
CA GLU D 1026 -40.10 55.98 25.00
C GLU D 1026 -39.35 55.44 23.79
N PRO D 1027 -40.03 55.26 22.67
CA PRO D 1027 -39.33 54.92 21.44
C PRO D 1027 -38.30 55.98 21.06
N SER D 1028 -37.15 55.52 20.58
CA SER D 1028 -36.04 56.41 20.29
C SER D 1028 -35.03 55.66 19.43
N TRP D 1029 -34.26 56.43 18.66
CA TRP D 1029 -33.20 55.85 17.87
C TRP D 1029 -32.06 55.32 18.72
N SER D 1030 -31.93 55.82 19.94
CA SER D 1030 -30.91 55.33 20.85
C SER D 1030 -31.12 53.86 21.18
N LEU D 1031 -32.37 53.41 21.19
CA LEU D 1031 -32.65 52.01 21.49
C LEU D 1031 -32.02 51.07 20.48
N ALA D 1032 -31.74 51.54 19.28
CA ALA D 1032 -31.11 50.72 18.26
C ALA D 1032 -29.61 50.67 18.44
N LYS D 1033 -29.04 51.74 18.99
CA LYS D 1033 -27.62 51.82 19.29
C LYS D 1033 -27.27 51.03 20.53
N ASP D 1034 -28.09 51.12 21.54
CA ASP D 1034 -27.80 50.60 22.87
C ASP D 1034 -28.04 49.11 22.99
N ILE D 1035 -28.65 48.48 21.99
CA ILE D 1035 -28.75 47.04 21.92
C ILE D 1035 -27.64 46.40 21.14
N VAL D 1036 -26.76 47.19 20.53
CA VAL D 1036 -25.62 46.67 19.77
C VAL D 1036 -24.29 47.15 20.30
N PHE D 1037 -24.26 48.34 20.88
CA PHE D 1037 -23.01 49.00 21.17
C PHE D 1037 -22.16 48.23 22.18
N HIS D 1038 -22.57 48.18 23.44
CA HIS D 1038 -21.76 47.49 24.43
C HIS D 1038 -21.62 46.00 24.17
N PRO D 1039 -22.64 45.29 23.71
CA PRO D 1039 -22.45 43.89 23.38
C PRO D 1039 -21.44 43.61 22.30
N TYR D 1040 -21.12 44.59 21.46
CA TYR D 1040 -20.17 44.40 20.39
C TYR D 1040 -18.73 44.56 20.89
N TRP D 1041 -18.52 45.45 21.84
CA TRP D 1041 -17.20 45.73 22.37
C TRP D 1041 -16.76 44.68 23.38
N MET D 1042 -17.70 43.98 23.99
CA MET D 1042 -17.48 42.71 24.68
C MET D 1042 -16.83 41.63 23.84
N ILE D 1043 -17.18 41.51 22.57
CA ILE D 1043 -16.55 40.56 21.67
C ILE D 1043 -15.06 40.73 21.67
N PHE D 1044 -14.58 41.95 21.88
CA PHE D 1044 -13.17 42.27 21.87
C PHE D 1044 -12.60 42.40 23.26
N GLY D 1045 -13.28 41.84 24.25
CA GLY D 1045 -12.80 41.68 25.59
C GLY D 1045 -12.99 42.85 26.51
N GLU D 1046 -13.82 43.81 26.15
CA GLU D 1046 -14.20 44.88 27.05
C GLU D 1046 -15.46 44.49 27.80
N VAL D 1047 -15.31 44.20 29.09
CA VAL D 1047 -16.39 43.67 29.91
C VAL D 1047 -17.15 44.76 30.64
N TYR D 1048 -16.68 46.00 30.58
CA TYR D 1048 -17.30 47.14 31.23
C TYR D 1048 -17.49 46.87 32.72
N ALA D 1049 -16.35 46.72 33.39
CA ALA D 1049 -16.30 46.02 34.66
C ALA D 1049 -17.07 46.74 35.75
N TYR D 1050 -17.07 48.05 35.72
CA TYR D 1050 -17.72 48.86 36.74
C TYR D 1050 -19.13 49.26 36.35
N GLU D 1051 -19.72 48.57 35.38
CA GLU D 1051 -21.08 48.80 34.93
C GLU D 1051 -21.95 47.56 35.01
N ILE D 1052 -21.38 46.40 35.34
CA ILE D 1052 -22.10 45.14 35.32
C ILE D 1052 -23.13 45.09 36.44
N ASP D 1053 -22.67 45.19 37.68
CA ASP D 1053 -23.54 45.34 38.83
C ASP D 1053 -23.70 46.83 39.10
N VAL D 1054 -24.90 47.34 38.83
CA VAL D 1054 -25.16 48.76 38.91
C VAL D 1054 -25.59 49.18 40.29
N CYS D 1055 -25.79 48.23 41.21
CA CYS D 1055 -26.10 48.53 42.60
C CYS D 1055 -24.91 48.32 43.51
N ALA D 1056 -23.76 47.98 42.94
CA ALA D 1056 -22.53 47.87 43.69
C ALA D 1056 -21.98 49.25 44.06
N ASN D 1057 -21.17 49.29 45.11
CA ASN D 1057 -20.66 50.56 45.60
C ASN D 1057 -19.68 51.20 44.64
N ASP D 1058 -18.90 50.40 43.90
CA ASP D 1058 -17.95 50.91 42.93
C ASP D 1058 -18.57 51.07 41.56
N SER D 1059 -19.88 51.20 41.49
CA SER D 1059 -20.57 51.34 40.22
C SER D 1059 -20.37 52.72 39.63
N THR D 1060 -20.22 52.76 38.32
CA THR D 1060 -20.27 53.97 37.53
C THR D 1060 -21.68 54.30 37.04
N LEU D 1061 -22.63 53.41 37.28
CA LEU D 1061 -24.03 53.62 36.91
C LEU D 1061 -24.95 53.42 38.10
N PRO D 1062 -24.76 54.19 39.17
CA PRO D 1062 -25.55 53.99 40.39
C PRO D 1062 -27.01 54.37 40.27
N THR D 1063 -27.40 55.04 39.19
CA THR D 1063 -28.74 55.58 39.06
C THR D 1063 -29.71 54.66 38.34
N ILE D 1064 -29.21 53.68 37.59
CA ILE D 1064 -30.09 52.74 36.92
C ILE D 1064 -30.24 51.48 37.78
N CYS D 1065 -29.89 51.59 39.05
CA CYS D 1065 -30.20 50.53 40.00
C CYS D 1065 -31.70 50.51 40.23
N GLY D 1066 -32.24 49.30 40.32
CA GLY D 1066 -33.66 49.12 40.41
C GLY D 1066 -34.03 47.66 40.33
N PRO D 1067 -35.32 47.39 40.16
CA PRO D 1067 -35.78 45.99 40.14
C PRO D 1067 -35.29 45.22 38.92
N GLY D 1068 -34.78 44.04 39.17
CA GLY D 1068 -34.32 43.15 38.15
C GLY D 1068 -32.89 43.32 37.71
N THR D 1069 -32.25 44.43 38.08
CA THR D 1069 -30.94 44.76 37.53
C THR D 1069 -29.88 43.76 37.94
N TRP D 1070 -30.10 43.04 39.02
CA TRP D 1070 -29.25 41.94 39.43
C TRP D 1070 -29.24 40.77 38.47
N LEU D 1071 -30.11 40.75 37.48
CA LEU D 1071 -30.11 39.72 36.46
C LEU D 1071 -29.04 39.92 35.42
N THR D 1072 -28.60 41.14 35.19
CA THR D 1072 -27.67 41.47 34.12
C THR D 1072 -26.25 40.94 34.29
N PRO D 1073 -25.73 40.70 35.49
CA PRO D 1073 -24.47 39.95 35.55
C PRO D 1073 -24.58 38.52 35.06
N PHE D 1074 -25.58 37.79 35.51
CA PHE D 1074 -25.84 36.45 35.01
C PHE D 1074 -25.99 36.41 33.50
N LEU D 1075 -26.73 37.35 32.94
CA LEU D 1075 -26.88 37.43 31.49
C LEU D 1075 -25.55 37.59 30.78
N GLN D 1076 -24.73 38.51 31.27
CA GLN D 1076 -23.47 38.82 30.63
C GLN D 1076 -22.44 37.71 30.80
N ALA D 1077 -22.48 37.02 31.93
CA ALA D 1077 -21.66 35.84 32.12
C ALA D 1077 -21.92 34.78 31.07
N VAL D 1078 -23.18 34.54 30.75
CA VAL D 1078 -23.55 33.59 29.71
C VAL D 1078 -23.17 34.12 28.34
N TYR D 1079 -23.44 35.40 28.10
CA TYR D 1079 -23.13 36.02 26.82
C TYR D 1079 -21.67 35.89 26.44
N LEU D 1080 -20.77 36.23 27.34
CA LEU D 1080 -19.37 36.23 26.97
C LEU D 1080 -18.81 34.84 26.80
N PHE D 1081 -19.20 33.93 27.66
CA PHE D 1081 -18.85 32.54 27.43
C PHE D 1081 -19.25 32.12 26.03
N VAL D 1082 -20.48 32.42 25.62
CA VAL D 1082 -20.94 32.03 24.30
C VAL D 1082 -20.25 32.86 23.23
N GLN D 1083 -20.25 34.17 23.40
CA GLN D 1083 -19.68 35.05 22.38
C GLN D 1083 -18.16 34.98 22.35
N TYR D 1084 -17.49 35.29 23.46
CA TYR D 1084 -16.05 35.51 23.46
C TYR D 1084 -15.29 34.20 23.28
N ILE D 1085 -15.79 33.11 23.86
CA ILE D 1085 -15.09 31.84 23.83
C ILE D 1085 -15.60 30.94 22.72
N ILE D 1086 -16.91 30.69 22.65
CA ILE D 1086 -17.42 29.75 21.66
C ILE D 1086 -17.40 30.35 20.26
N MET D 1087 -18.03 31.51 20.10
CA MET D 1087 -18.33 31.99 18.76
C MET D 1087 -17.12 32.64 18.09
N VAL D 1088 -16.26 33.31 18.85
CA VAL D 1088 -15.08 33.90 18.25
C VAL D 1088 -14.08 32.83 17.84
N ASN D 1089 -13.96 31.77 18.59
CA ASN D 1089 -13.02 30.72 18.27
C ASN D 1089 -13.56 29.70 17.28
N LEU D 1090 -14.86 29.68 17.10
CA LEU D 1090 -15.49 28.98 15.99
C LEU D 1090 -15.22 29.67 14.67
N LEU D 1091 -15.31 30.98 14.67
CA LEU D 1091 -14.90 31.80 13.54
C LEU D 1091 -13.41 31.68 13.26
N ILE D 1092 -12.58 31.65 14.30
CA ILE D 1092 -11.15 31.44 14.13
C ILE D 1092 -10.87 30.06 13.57
N ALA D 1093 -11.55 29.05 14.07
CA ALA D 1093 -11.43 27.71 13.53
C ALA D 1093 -11.79 27.65 12.05
N PHE D 1094 -12.82 28.39 11.64
CA PHE D 1094 -13.12 28.54 10.23
C PHE D 1094 -11.97 29.18 9.47
N PHE D 1095 -11.50 30.32 9.94
CA PHE D 1095 -10.37 31.00 9.35
C PHE D 1095 -9.12 30.14 9.29
N ASN D 1096 -8.89 29.29 10.30
CA ASN D 1096 -7.74 28.41 10.26
C ASN D 1096 -7.80 27.42 9.12
N GLN D 1097 -8.99 27.04 8.69
CA GLN D 1097 -9.16 26.09 7.62
C GLN D 1097 -9.09 26.76 6.27
N VAL D 1098 -9.57 27.99 6.17
CA VAL D 1098 -9.32 28.82 5.00
C VAL D 1098 -7.84 28.95 4.75
N TYR D 1099 -7.08 29.30 5.79
CA TYR D 1099 -5.63 29.39 5.69
C TYR D 1099 -5.04 28.15 5.06
N LEU D 1100 -5.38 26.99 5.58
CA LEU D 1100 -4.78 25.74 5.11
C LEU D 1100 -5.24 25.40 3.71
N GLN D 1101 -6.46 25.80 3.34
CA GLN D 1101 -6.96 25.56 1.99
C GLN D 1101 -6.24 26.42 0.97
N VAL D 1102 -6.09 27.71 1.26
CA VAL D 1102 -5.43 28.62 0.34
C VAL D 1102 -3.97 28.24 0.15
N LYS D 1103 -3.24 27.99 1.23
CA LYS D 1103 -1.85 27.60 1.12
C LYS D 1103 -1.64 26.35 0.29
N ALA D 1104 -2.60 25.45 0.25
CA ALA D 1104 -2.50 24.26 -0.57
C ALA D 1104 -2.62 24.56 -2.05
N ILE D 1105 -3.29 25.65 -2.42
CA ILE D 1105 -3.53 26.03 -3.80
C ILE D 1105 -2.89 27.36 -4.16
N SER D 1106 -2.21 28.02 -3.23
CA SER D 1106 -1.88 29.44 -3.41
C SER D 1106 -0.88 29.64 -4.53
N ASN D 1107 0.03 28.68 -4.73
CA ASN D 1107 1.13 28.90 -5.66
C ASN D 1107 0.67 28.71 -7.10
N ILE D 1108 -0.23 27.78 -7.36
CA ILE D 1108 -0.76 27.60 -8.70
C ILE D 1108 -1.61 28.81 -9.09
N VAL D 1109 -2.44 29.30 -8.18
CA VAL D 1109 -3.28 30.44 -8.49
C VAL D 1109 -2.45 31.70 -8.70
N TRP D 1110 -1.38 31.87 -7.92
CA TRP D 1110 -0.51 33.01 -8.11
C TRP D 1110 0.14 32.97 -9.49
N LYS D 1111 0.62 31.79 -9.88
CA LYS D 1111 1.25 31.62 -11.18
C LYS D 1111 0.29 31.85 -12.32
N TYR D 1112 -0.98 31.45 -12.17
CA TYR D 1112 -1.95 31.69 -13.20
C TYR D 1112 -2.30 33.16 -13.33
N GLN D 1113 -2.29 33.90 -12.24
CA GLN D 1113 -2.65 35.30 -12.26
C GLN D 1113 -1.53 36.22 -12.71
N ARG D 1114 -0.30 35.71 -12.80
CA ARG D 1114 0.79 36.47 -13.39
C ARG D 1114 0.51 36.83 -14.85
N TYR D 1115 -0.23 35.99 -15.56
CA TYR D 1115 -0.49 36.25 -16.96
C TYR D 1115 -1.26 37.53 -17.16
N HIS D 1116 -2.44 37.63 -16.55
CA HIS D 1116 -3.28 38.80 -16.74
C HIS D 1116 -2.60 40.03 -16.18
N PHE D 1117 -1.83 39.83 -15.12
CA PHE D 1117 -1.01 40.89 -14.56
C PHE D 1117 0.02 41.40 -15.55
N ILE D 1118 0.87 40.51 -16.03
CA ILE D 1118 1.96 40.90 -16.92
C ILE D 1118 1.43 41.42 -18.23
N MET D 1119 0.38 40.82 -18.77
CA MET D 1119 -0.19 41.33 -20.01
C MET D 1119 -0.85 42.68 -19.84
N ALA D 1120 -1.37 42.97 -18.66
CA ALA D 1120 -1.85 44.31 -18.37
C ALA D 1120 -0.72 45.33 -18.53
N TYR D 1121 0.38 45.13 -17.82
CA TYR D 1121 1.54 46.00 -17.91
C TYR D 1121 2.37 45.79 -19.15
N HIS D 1122 1.88 45.05 -20.14
CA HIS D 1122 2.41 45.11 -21.49
C HIS D 1122 1.60 46.04 -22.38
N GLU D 1123 0.40 46.41 -21.96
CA GLU D 1123 -0.50 47.23 -22.75
C GLU D 1123 -0.67 48.63 -22.18
N LYS D 1124 -0.30 48.87 -20.93
CA LYS D 1124 -0.49 50.18 -20.36
C LYS D 1124 0.41 51.21 -21.03
N PRO D 1125 0.08 52.49 -20.90
CA PRO D 1125 1.03 53.52 -21.29
C PRO D 1125 2.28 53.51 -20.42
N VAL D 1126 3.31 54.19 -20.92
CA VAL D 1126 4.57 54.30 -20.22
C VAL D 1126 4.59 55.42 -19.21
N LEU D 1127 3.59 56.31 -19.24
CA LEU D 1127 3.45 57.38 -18.27
C LEU D 1127 2.39 57.03 -17.22
N PRO D 1128 2.60 57.37 -15.94
CA PRO D 1128 1.63 57.01 -14.92
C PRO D 1128 0.51 58.04 -14.79
N PRO D 1129 -0.50 57.76 -13.98
CA PRO D 1129 -1.82 58.38 -14.15
C PRO D 1129 -1.88 59.90 -14.05
N PRO D 1130 -0.95 60.61 -13.40
CA PRO D 1130 -1.01 62.07 -13.60
C PRO D 1130 -0.51 62.49 -14.97
N LEU D 1131 0.61 61.94 -15.41
CA LEU D 1131 1.21 62.30 -16.68
C LEU D 1131 0.67 61.49 -17.85
N ILE D 1132 -0.06 60.42 -17.58
CA ILE D 1132 -0.61 59.52 -18.58
C ILE D 1132 -1.46 60.22 -19.64
N ILE D 1133 -1.99 61.39 -19.30
CA ILE D 1133 -2.89 62.10 -20.19
C ILE D 1133 -2.18 62.45 -21.49
N LEU D 1134 -0.89 62.74 -21.41
CA LEU D 1134 -0.11 62.99 -22.62
C LEU D 1134 -0.02 61.73 -23.47
N SER D 1135 0.10 60.57 -22.82
CA SER D 1135 0.13 59.32 -23.56
C SER D 1135 -1.21 59.02 -24.20
N HIS D 1136 -2.32 59.35 -23.52
CA HIS D 1136 -3.63 59.22 -24.15
C HIS D 1136 -3.76 60.14 -25.35
N ILE D 1137 -3.44 61.42 -25.15
CA ILE D 1137 -3.53 62.44 -26.20
C ILE D 1137 -2.77 61.99 -27.43
N VAL D 1138 -1.50 61.62 -27.24
CA VAL D 1138 -0.67 61.19 -28.36
C VAL D 1138 -1.19 59.90 -28.97
N SER D 1139 -1.73 59.00 -28.16
CA SER D 1139 -2.29 57.76 -28.63
C SER D 1139 -3.74 57.88 -29.08
N LEU D 1140 -4.25 59.11 -29.21
CA LEU D 1140 -5.60 59.35 -29.69
C LEU D 1140 -5.52 60.08 -31.02
N PHE D 1141 -4.85 61.24 -31.03
CA PHE D 1141 -4.68 61.99 -32.26
C PHE D 1141 -3.85 61.23 -33.30
N CYS D 1142 -3.14 60.18 -32.89
CA CYS D 1142 -2.55 59.23 -33.82
C CYS D 1142 -3.66 58.49 -34.55
N CYS D 1143 -4.54 57.84 -33.81
CA CYS D 1143 -5.60 57.04 -34.42
C CYS D 1143 -6.56 57.92 -35.22
N VAL D 1144 -6.94 59.07 -34.65
CA VAL D 1144 -7.82 60.02 -35.32
C VAL D 1144 -7.22 60.45 -36.65
N CYS D 1145 -5.91 60.64 -36.69
CA CYS D 1145 -5.22 61.02 -37.91
C CYS D 1145 -4.89 59.79 -38.77
N LYS D 1146 -4.15 58.85 -38.20
CA LYS D 1146 -3.83 57.60 -38.90
C LYS D 1146 -5.10 56.86 -39.28
N GLY D 1156 -1.54 42.07 -29.72
CA GLY D 1156 -0.58 43.15 -29.77
C GLY D 1156 0.84 42.67 -29.90
N PRO D 1157 1.30 41.87 -28.95
CA PRO D 1157 2.61 41.24 -29.08
C PRO D 1157 2.56 39.95 -29.89
N LYS D 1158 3.47 39.87 -30.85
CA LYS D 1158 3.55 38.75 -31.77
C LYS D 1158 4.97 38.20 -31.75
N LEU D 1159 5.10 36.88 -31.79
CA LEU D 1159 6.40 36.24 -31.98
C LEU D 1159 6.72 36.33 -33.46
N PHE D 1160 7.67 37.20 -33.79
CA PHE D 1160 8.16 37.32 -35.16
C PHE D 1160 9.28 36.32 -35.37
N LEU D 1161 9.03 35.32 -36.20
CA LEU D 1161 10.02 34.31 -36.57
C LEU D 1161 10.25 34.38 -38.07
N THR D 1162 11.50 34.50 -38.47
CA THR D 1162 11.85 34.38 -39.88
C THR D 1162 11.56 32.96 -40.35
N GLU D 1163 11.33 32.82 -41.65
CA GLU D 1163 10.91 31.54 -42.23
C GLU D 1163 11.91 30.44 -41.95
N GLU D 1164 13.19 30.80 -41.89
CA GLU D 1164 14.24 29.85 -41.54
C GLU D 1164 14.05 29.32 -40.12
N ASP D 1165 13.56 30.17 -39.22
CA ASP D 1165 13.32 29.75 -37.84
C ASP D 1165 11.92 29.18 -37.67
N GLN D 1166 10.93 29.81 -38.31
CA GLN D 1166 9.55 29.34 -38.33
C GLN D 1166 9.49 27.90 -38.80
N LYS D 1167 10.37 27.55 -39.73
CA LYS D 1167 10.46 26.18 -40.21
C LYS D 1167 10.94 25.24 -39.11
N LYS D 1168 12.06 25.58 -38.47
CA LYS D 1168 12.65 24.68 -37.48
C LYS D 1168 11.77 24.51 -36.27
N LEU D 1169 10.92 25.49 -35.98
CA LEU D 1169 9.98 25.35 -34.89
C LEU D 1169 9.02 24.20 -35.14
N HIS D 1170 8.39 24.21 -36.33
CA HIS D 1170 7.56 23.10 -36.76
C HIS D 1170 8.32 21.77 -36.71
N ASP D 1171 9.62 21.81 -36.99
CA ASP D 1171 10.43 20.62 -36.80
C ASP D 1171 10.56 20.27 -35.33
N PHE D 1172 10.68 21.29 -34.47
CA PHE D 1172 10.76 21.03 -33.05
C PHE D 1172 9.40 20.58 -32.51
N GLU D 1173 8.31 21.05 -33.12
CA GLU D 1173 6.99 20.53 -32.79
C GLU D 1173 6.97 19.03 -33.01
N GLU D 1174 7.08 18.61 -34.27
CA GLU D 1174 6.83 17.23 -34.64
C GLU D 1174 7.73 16.27 -33.86
N GLN D 1175 9.02 16.61 -33.73
CA GLN D 1175 9.96 15.80 -32.97
C GLN D 1175 9.47 15.58 -31.54
N CYS D 1176 8.95 16.63 -30.91
CA CYS D 1176 8.47 16.51 -29.54
C CYS D 1176 7.04 15.99 -29.51
N VAL D 1177 6.27 16.27 -30.55
CA VAL D 1177 4.98 15.66 -30.73
C VAL D 1177 5.19 14.15 -30.79
N GLU D 1178 6.12 13.71 -31.63
CA GLU D 1178 6.45 12.28 -31.73
C GLU D 1178 6.87 11.66 -30.42
N MET D 1179 7.99 12.12 -29.86
CA MET D 1179 8.62 11.46 -28.71
C MET D 1179 7.64 11.28 -27.56
N TYR D 1180 6.64 12.15 -27.46
CA TYR D 1180 5.62 11.99 -26.43
C TYR D 1180 4.82 10.71 -26.61
N PHE D 1181 4.28 10.49 -27.81
CA PHE D 1181 3.36 9.38 -28.03
C PHE D 1181 4.03 8.04 -27.76
N ASP D 1182 5.24 7.87 -28.27
CA ASP D 1182 6.03 6.66 -28.06
C ASP D 1182 6.22 6.37 -26.58
N GLU D 1183 6.52 7.41 -25.81
CA GLU D 1183 6.82 7.28 -24.39
C GLU D 1183 5.67 6.67 -23.60
N LYS D 1184 4.49 7.25 -23.72
CA LYS D 1184 3.31 6.90 -22.92
C LYS D 1184 3.04 5.40 -22.97
N ASP D 1185 3.04 4.84 -24.17
CA ASP D 1185 2.84 3.41 -24.36
C ASP D 1185 3.90 2.61 -23.60
N ASP D 1186 5.16 3.05 -23.71
CA ASP D 1186 6.28 2.26 -23.21
C ASP D 1186 6.24 2.13 -21.69
N LYS D 1187 5.98 3.23 -21.00
CA LYS D 1187 5.79 3.17 -19.55
C LYS D 1187 4.54 2.37 -19.21
N PHE D 1188 3.47 2.58 -19.98
CA PHE D 1188 2.17 1.98 -19.70
C PHE D 1188 2.26 0.47 -19.82
N ASN D 1189 3.07 -0.04 -20.75
CA ASN D 1189 3.27 -1.48 -20.90
C ASN D 1189 3.79 -2.10 -19.61
N SER D 1190 4.82 -1.50 -19.02
CA SER D 1190 5.48 -2.03 -17.83
C SER D 1190 4.51 -2.18 -16.67
N GLY D 1191 3.98 -1.08 -16.15
CA GLY D 1191 2.99 -1.15 -15.09
C GLY D 1191 3.55 -1.72 -13.80
N SER D 1192 2.71 -1.77 -12.76
CA SER D 1192 3.07 -2.37 -11.48
C SER D 1192 2.19 -3.57 -11.15
N GLU D 1193 0.87 -3.36 -11.07
CA GLU D 1193 -0.06 -4.46 -10.83
C GLU D 1193 -0.60 -5.01 -12.15
N GLU D 1194 -0.58 -4.18 -13.20
CA GLU D 1194 -0.82 -4.64 -14.56
C GLU D 1194 0.00 -5.91 -14.80
N ARG D 1195 1.32 -5.79 -14.58
CA ARG D 1195 2.22 -6.92 -14.70
C ARG D 1195 1.76 -8.14 -13.91
N ILE D 1196 1.20 -7.92 -12.71
CA ILE D 1196 0.76 -9.04 -11.89
C ILE D 1196 -0.50 -9.67 -12.46
N ARG D 1197 -1.38 -8.85 -13.05
CA ARG D 1197 -2.58 -9.40 -13.69
C ARG D 1197 -2.32 -9.80 -15.14
N VAL D 1198 -1.18 -9.39 -15.71
CA VAL D 1198 -0.71 -10.04 -16.93
C VAL D 1198 -0.13 -11.41 -16.62
N THR D 1199 0.49 -11.55 -15.44
CA THR D 1199 0.91 -12.87 -14.99
C THR D 1199 -0.28 -13.80 -14.86
N PHE D 1200 -1.30 -13.37 -14.10
CA PHE D 1200 -2.48 -14.20 -13.85
C PHE D 1200 -3.13 -14.63 -15.16
N GLU D 1201 -3.16 -13.73 -16.15
CA GLU D 1201 -3.59 -14.14 -17.48
C GLU D 1201 -2.73 -15.27 -18.00
N ARG D 1202 -1.43 -15.23 -17.72
CA ARG D 1202 -0.53 -16.28 -18.17
C ARG D 1202 -0.60 -17.52 -17.29
N VAL D 1203 -1.19 -17.42 -16.10
CA VAL D 1203 -1.32 -18.58 -15.23
C VAL D 1203 -2.29 -19.61 -15.82
N GLU D 1204 -3.16 -19.19 -16.73
CA GLU D 1204 -4.09 -20.13 -17.35
C GLU D 1204 -3.42 -20.97 -18.43
N GLN D 1205 -2.80 -20.32 -19.44
CA GLN D 1205 -2.23 -21.05 -20.56
C GLN D 1205 -1.23 -22.09 -20.06
N MET D 1206 -0.49 -21.75 -19.01
CA MET D 1206 0.33 -22.73 -18.31
C MET D 1206 -0.53 -23.87 -17.79
N SER D 1207 -1.53 -23.55 -16.96
CA SER D 1207 -2.35 -24.59 -16.34
C SER D 1207 -3.10 -25.43 -17.38
N ILE D 1208 -3.62 -24.78 -18.43
CA ILE D 1208 -4.23 -25.52 -19.54
C ILE D 1208 -3.20 -26.44 -20.17
N GLN D 1209 -2.00 -25.91 -20.40
CA GLN D 1209 -1.02 -26.60 -21.24
C GLN D 1209 -0.18 -27.56 -20.43
N ILE D 1210 -0.02 -27.27 -19.14
CA ILE D 1210 0.49 -28.23 -18.16
C ILE D 1210 -0.54 -29.36 -18.01
N LYS D 1211 -1.79 -29.08 -18.37
CA LYS D 1211 -2.79 -30.14 -18.53
C LYS D 1211 -2.82 -30.68 -19.95
N GLU D 1212 -2.44 -29.86 -20.95
CA GLU D 1212 -2.26 -30.42 -22.28
C GLU D 1212 -1.19 -31.50 -22.19
N VAL D 1213 0.06 -31.12 -21.91
CA VAL D 1213 1.17 -32.05 -21.80
C VAL D 1213 0.83 -33.12 -20.76
N GLY D 1214 0.31 -32.71 -19.61
CA GLY D 1214 0.00 -33.65 -18.55
C GLY D 1214 -1.12 -34.61 -18.90
N ASP D 1215 -1.94 -34.25 -19.89
CA ASP D 1215 -2.89 -35.22 -20.41
C ASP D 1215 -2.17 -36.25 -21.28
N ARG D 1216 -1.19 -35.80 -22.07
CA ARG D 1216 -0.51 -36.70 -23.00
C ARG D 1216 0.47 -37.61 -22.27
N VAL D 1217 1.14 -37.12 -21.22
CA VAL D 1217 2.16 -37.91 -20.53
C VAL D 1217 1.59 -39.24 -20.06
N ASN D 1218 0.31 -39.25 -19.68
CA ASN D 1218 -0.38 -40.51 -19.44
C ASN D 1218 -0.67 -41.24 -20.76
N TYR D 1219 -0.92 -40.49 -21.85
CA TYR D 1219 -1.03 -41.11 -23.15
C TYR D 1219 0.33 -41.60 -23.67
N ILE D 1220 1.43 -41.00 -23.22
CA ILE D 1220 2.74 -41.48 -23.65
C ILE D 1220 3.04 -42.81 -22.99
N LYS D 1221 2.91 -42.87 -21.67
CA LYS D 1221 3.37 -44.04 -20.92
C LYS D 1221 2.53 -45.27 -21.24
N ARG D 1222 1.24 -45.09 -21.52
CA ARG D 1222 0.42 -46.23 -21.92
C ARG D 1222 0.93 -46.81 -23.22
N SER D 1223 1.43 -45.95 -24.10
CA SER D 1223 2.03 -46.40 -25.36
C SER D 1223 3.20 -47.34 -25.10
N LEU D 1224 4.20 -46.87 -24.35
CA LEU D 1224 5.48 -47.55 -24.18
C LEU D 1224 5.31 -49.00 -23.78
N GLN D 1225 4.46 -49.26 -22.78
CA GLN D 1225 4.19 -50.64 -22.37
C GLN D 1225 3.32 -51.36 -23.40
N SER D 1226 2.49 -50.62 -24.13
CA SER D 1226 1.70 -51.24 -25.20
C SER D 1226 2.57 -51.61 -26.39
N LEU D 1227 3.64 -50.85 -26.63
CA LEU D 1227 4.64 -51.23 -27.63
C LEU D 1227 5.48 -52.41 -27.17
N ASP D 1228 5.61 -52.59 -25.85
CA ASP D 1228 6.28 -53.75 -25.27
C ASP D 1228 5.27 -54.74 -24.69
N SER D 1229 4.07 -54.80 -25.28
CA SER D 1229 3.01 -55.70 -24.83
C SER D 1229 3.04 -57.00 -25.62
N POV E . 19.17 29.63 10.63
P POV E . 15.06 31.84 9.12
C1 POV E . 16.46 32.34 11.27
C2 POV E . 16.78 33.38 12.29
C3 POV E . 16.80 34.74 11.69
C210 POV E . 13.19 38.66 20.85
C310 POV E . 10.24 42.52 15.95
C11 POV E . 17.07 30.09 9.04
O11 POV E . 15.31 32.65 10.47
C211 POV E . 13.27 40.15 20.87
C311 POV E . 8.76 42.52 16.20
C12 POV E . 17.76 29.22 10.10
O12 POV E . 15.74 30.45 9.50
C212 POV E . 13.64 40.67 22.23
C312 POV E . 8.13 43.89 16.29
C13 POV E . 19.89 30.70 9.86
O13 POV E . 13.60 31.68 8.90
C213 POV E . 12.48 40.86 23.13
C313 POV E . 7.30 44.30 15.09
C14 POV E . 19.10 30.06 12.07
O14 POV E . 15.84 32.50 8.06
C214 POV E . 11.75 42.15 22.94
C314 POV E . 6.14 45.22 15.38
C15 POV E . 20.02 28.38 10.56
C215 POV E . 12.30 43.32 23.69
C315 POV E . 6.42 46.33 16.35
C216 POV E . 11.27 44.25 24.28
C316 POV E . 5.58 47.50 16.09
C217 POV E . 11.43 45.67 23.93
C218 POV E . 12.33 46.35 24.76
C21 POV E . 18.51 32.88 14.06
O21 POV E . 18.15 33.06 12.75
C22 POV E . 17.43 33.20 15.05
O22 POV E . 19.59 32.49 14.39
C23 POV E . 17.89 33.16 16.49
C24 POV E . 16.88 33.73 17.47
C25 POV E . 16.77 35.22 17.43
C26 POV E . 15.81 35.82 18.44
C27 POV E . 15.21 37.14 18.00
C28 POV E . 14.93 38.17 19.08
C29 POV E . 13.85 37.83 20.05
C31 POV E . 16.13 36.80 12.70
O31 POV E . 16.89 35.71 12.76
C32 POV E . 16.38 37.67 13.89
O32 POV E . 15.33 37.05 11.84
C33 POV E . 15.19 38.48 14.33
C34 POV E . 15.14 39.91 13.79
C35 POV E . 15.25 41.01 14.84
C36 POV E . 14.30 40.92 16.02
C37 POV E . 13.35 42.09 16.14
C38 POV E . 12.32 41.89 17.24
C39 POV E . 11.10 42.78 17.15
H29 POV E . 13.62 36.89 20.11
H1 POV E . 17.22 32.25 10.68
H1A POV E . 16.29 31.49 11.72
H2 POV E . 16.04 33.36 12.92
H3 POV E . 17.58 34.82 11.10
H3A POV E . 15.99 34.87 11.18
H310 POV E . 10.50 41.65 15.59
H31A POV E . 10.45 43.20 15.29
H210 POV E . 12.59 38.27 21.50
H11 POV E . 17.52 30.93 8.84
H11A POV E . 17.04 29.61 8.19
H211 POV E . 13.92 40.46 20.22
H21A POV E . 12.42 40.56 20.63
H311 POV E . 8.35 42.00 15.49
H31B POV E . 8.57 42.02 17.03
H12 POV E . 17.85 28.33 9.73
H12A POV E . 17.16 29.16 10.86
H22 POV E . 17.09 34.10 14.87
H212 POV E . 14.24 40.04 22.66
H22A POV E . 16.72 32.53 14.94
H21B POV E . 14.11 41.52 22.14
H32 POV E . 16.65 37.08 14.61
H312 POV E . 7.59 43.94 17.10
H32A POV E . 17.12 38.26 13.64
H31C POV E . 8.85 44.54 16.39
H13 POV E . 20.82 30.73 10.15
H13A POV E . 19.83 30.50 8.90
H13B POV E . 19.46 31.55 10.05
H23 POV E . 18.07 32.22 16.73
H213 POV E . 11.87 40.12 22.95
H23A POV E . 18.73 33.64 16.58
H21C POV E . 12.78 40.76 24.06
H33 POV E . 14.39 38.00 14.06
H313 POV E . 7.88 44.73 14.44
H33A POV E . 15.21 38.48 15.31
H31D POV E . 6.92 43.52 14.65
H14 POV E . 19.21 29.27 12.64
H14A POV E . 19.84 30.69 12.22
H14B POV E . 18.26 30.50 12.26
H24 POV E . 16.00 33.35 17.29
H214 POV E . 11.77 42.37 21.99
H24A POV E . 17.12 33.47 18.38
H21D POV E . 10.81 41.99 23.18
H34 POV E . 15.84 40.04 13.13
H314 POV E . 5.79 45.59 14.55
H34A POV E . 14.30 40.03 13.29
H31E POV E . 5.42 44.68 15.74
H15 POV E . 20.87 28.55 11.02
H15A POV E . 19.57 27.66 11.05
H15B POV E . 20.16 28.14 9.63
H25 POV E . 17.66 35.58 17.59
H215 POV E . 12.87 43.01 24.42
H25A POV E . 16.51 35.51 16.54
H21E POV E . 12.89 43.84 23.11
H35 POV E . 16.17 41.04 15.17
H315 POV E . 6.24 46.00 17.25
H35A POV E . 15.09 41.88 14.40
H31F POV E . 7.36 46.58 16.32
H26 POV E . 15.09 35.17 18.60
H216 POV E . 10.37 43.97 24.01
H26A POV E . 16.28 35.94 19.28
H21F POV E . 11.29 44.16 25.24
H36 POV E . 13.78 40.09 15.98
H316 POV E . 5.90 47.98 15.31
H36A POV E . 14.84 40.85 16.83
H31G POV E . 4.66 47.24 15.92
H31H POV E . 5.59 48.12 16.85
H27 POV E . 15.82 37.56 17.36
H217 POV E . 11.74 45.79 23.01
H27A POV E . 14.38 36.95 17.51
H21G POV E . 10.57 46.13 24.00
H37 POV E . 13.85 42.90 16.33
H37A POV E . 12.91 42.23 15.29
H28 POV E . 15.75 38.37 19.54
H218 POV E . 12.77 47.05 24.24
H28A POV E . 14.65 38.99 18.63
H21H POV E . 11.86 46.77 25.50
H21J POV E . 12.99 45.73 25.10
H38 POV E . 12.02 40.96 17.24
H38A POV E . 12.75 42.03 18.10
H39 POV E . 11.39 43.71 17.11
H39A POV E . 10.57 42.67 17.96
N POV F . 23.60 34.64 4.57
P POV F . 25.14 38.00 6.03
C1 POV F . 26.02 40.13 7.18
C2 POV F . 25.64 41.54 7.53
C3 POV F . 26.43 42.04 8.72
C210 POV F . 21.76 49.20 14.28
C11 POV F . 23.17 37.20 4.42
O11 POV F . 25.27 39.60 6.08
C211 POV F . 22.22 50.61 14.31
C12 POV F . 23.09 35.84 3.77
O12 POV F . 24.52 37.72 4.59
C212 POV F . 22.08 51.27 15.66
C13 POV F . 23.32 34.75 6.03
O13 POV F . 26.50 37.42 6.07
C14 POV F . 22.94 33.40 4.04
O14 POV F . 24.17 37.65 7.09
C15 POV F . 25.08 34.52 4.37
C21 POV F . 23.66 42.83 7.96
O21 POV F . 24.22 41.60 7.87
C22 POV F . 22.23 42.74 8.34
O22 POV F . 24.26 43.85 7.76
C23 POV F . 21.84 43.54 9.57
C24 POV F . 22.06 45.02 9.38
C25 POV F . 23.31 45.55 10.06
C26 POV F . 23.00 46.40 11.27
C27 POV F . 22.35 47.71 10.90
C28 POV F . 22.49 48.78 11.97
C29 POV F . 21.84 48.42 13.24
C31 POV F . 27.94 43.99 8.98
O31 POV F . 27.42 42.99 8.24
C32 POV F . 27.31 44.20 10.33
O32 POV F . 28.86 44.67 8.59
C33 POV F . 27.88 45.40 11.07
C34 POV F . 27.14 45.71 12.37
C35 POV F . 27.54 47.03 13.00
H29 POV F . 21.41 47.55 13.28
H1 POV F . 26.97 40.08 6.93
H1A POV F . 25.87 39.55 7.97
H2 POV F . 25.84 42.12 6.78
H3 POV F . 25.80 42.32 9.42
H3A POV F . 26.92 41.28 9.07
H210 POV F . 21.37 48.83 15.09
H11 POV F . 22.72 37.84 3.82
H11A POV F . 22.65 37.24 5.25
H211 POV F . 23.16 50.61 14.05
H21A POV F . 21.76 51.15 13.63
H12 POV F . 23.61 35.86 2.94
H12A POV F . 22.16 35.65 3.55
H22 POV F . 21.73 43.07 7.57
H212 POV F . 22.84 51.86 15.81
H22A POV F . 22.00 41.80 8.50
H21B POV F . 22.09 50.60 16.37
H32 POV F . 26.35 44.36 10.22
H32A POV F . 27.44 43.40 10.88
H13 POV F . 23.36 33.85 6.41
H13A POV F . 24.00 35.31 6.45
H13B POV F . 22.44 35.13 6.18
H23 POV F . 20.88 43.41 9.75
H23A POV F . 22.31 43.20 10.35
H33 POV F . 28.82 45.25 11.27
H33A POV F . 27.84 46.19 10.49
H14 POV F . 23.38 32.63 4.44
H14A POV F . 22.00 33.42 4.29
H14B POV F . 23.03 33.38 3.06
H24 POV F . 22.12 45.22 8.42
H24A POV F . 21.28 45.49 9.74
H34 POV F . 26.19 45.71 12.18
H34A POV F . 27.30 44.98 13.00
H15 POV F . 25.27 34.06 3.52
H15A POV F . 25.47 35.42 4.31
H15B POV F . 25.46 34.04 5.13
H25 POV F . 23.89 44.81 10.33
H25A POV F . 23.81 46.07 9.41
H26 POV F . 22.39 45.90 11.84
H26A POV F . 23.83 46.56 11.76
H27 POV F . 22.72 48.04 10.06
H27A POV F . 21.39 47.55 10.74
H28 POV F . 23.44 48.98 12.11
H28A POV F . 22.09 49.61 11.66
N POV G . 20.62 73.98 26.86
P POV G . 23.77 70.47 26.30
C1 POV G . 23.08 69.62 23.87
C2 POV G . 24.11 69.04 22.94
C3 POV G . 24.00 67.53 22.87
C210 POV G . 27.70 61.52 18.62
C310 POV G . 23.64 56.46 18.16
C11 POV G . 22.69 72.85 25.84
O11 POV G . 23.45 69.32 25.24
C211 POV G . 28.91 60.83 18.09
C311 POV G . 24.02 55.00 18.42
C12 POV G . 21.36 73.52 25.62
O12 POV G . 22.50 71.41 26.06
C212 POV G . 28.58 59.62 17.22
C312 POV G . 24.95 54.39 17.40
C13 POV G . 19.18 74.18 26.52
O13 POV G . 23.70 69.91 27.67
C213 POV G . 29.60 58.51 17.37
C313 POV G . 25.06 52.87 17.48
C14 POV G . 20.72 72.97 27.97
O14 POV G . 24.99 71.17 25.85
C214 POV G . 29.47 57.37 16.38
C314 POV G . 25.73 52.25 16.27
C15 POV G . 21.18 75.28 27.33
C215 POV G . 28.08 56.76 16.25
C315 POV G . 26.14 50.82 16.49
C216 POV G . 27.96 55.68 15.18
C316 POV G . 26.60 50.11 15.25
C217 POV G . 29.18 54.76 15.05
C218 POV G . 28.93 53.57 14.13
C21 POV G . 26.58 69.30 22.86
O21 POV G . 25.41 69.40 23.53
C22 POV G . 26.45 69.22 21.36
O22 POV G . 27.65 69.29 23.42
C23 POV G . 27.79 69.16 20.64
C24 POV G . 28.23 67.73 20.34
C25 POV G . 28.27 66.81 21.54
C26 POV G . 28.97 65.49 21.28
C27 POV G . 28.56 64.83 19.98
C28 POV G . 28.88 63.35 19.87
C29 POV G . 27.70 62.57 19.40
C31 POV G . 22.76 65.87 21.53
O31 POV G . 23.03 67.16 21.86
C32 POV G . 23.60 64.85 22.26
O32 POV G . 21.92 65.56 20.74
C33 POV G . 23.31 63.41 21.84
C34 POV G . 23.89 63.06 20.48
C35 POV G . 24.14 61.58 20.26
C36 POV G . 22.98 60.82 19.66
C37 POV G . 23.21 59.32 19.49
C38 POV G . 24.23 58.92 18.45
C39 POV G . 24.68 57.47 18.56
H29 POV G . 26.83 62.89 19.71
H1 POV G . 23.05 70.59 23.77
H1A POV G . 22.21 69.24 23.66
H2 POV G . 23.92 69.42 22.05
H3 POV G . 24.89 67.17 22.67
H3A POV G . 23.69 67.20 23.72
H310 POV G . 23.47 56.55 17.19
H31A POV G . 22.80 56.66 18.62
H210 POV G . 26.84 61.14 18.38
H11 POV G . 23.24 72.95 25.04
H11A POV G . 23.19 73.26 26.57
H211 POV G . 29.39 61.50 17.56
H21A POV G . 29.52 60.58 18.81
H311 POV G . 24.43 54.92 19.31
H31B POV G . 23.20 54.46 18.48
H12 POV G . 20.76 72.90 25.15
H12A POV G . 21.49 74.31 25.07
H22 POV G . 25.96 68.41 21.11
H212 POV G . 27.71 59.27 17.45
H22A POV G . 25.96 70.01 21.07
H21B POV G . 28.54 59.89 16.29
H32 POV G . 24.55 65.01 22.09
H312 POV G . 24.66 54.64 16.50
H32A POV G . 23.41 64.91 23.21
H31C POV G . 25.84 54.76 17.52
H13 POV G . 18.78 74.73 27.22
H13A POV G . 19.12 74.64 25.66
H13B POV G . 18.72 73.32 26.45
H23 POV G . 27.71 69.65 19.80
H213 POV G . 30.50 58.89 17.28
H23A POV G . 28.49 69.62 21.16
H21C POV G . 29.53 58.15 18.28
H33 POV G . 23.69 62.82 22.51
H313 POV G . 25.56 52.64 18.28
H33A POV G . 22.34 63.28 21.83
H31D POV G . 24.16 52.49 17.57
H14 POV G . 20.00 73.15 28.60
H14A POV G . 20.62 72.07 27.59
H14B POV G . 21.59 73.07 28.40
H24 POV G . 27.59 67.37 19.68
H214 POV G . 29.79 57.66 15.51
H24A POV G . 29.11 67.74 19.91
H21D POV G . 30.09 56.68 16.70
H34 POV G . 23.27 63.38 19.79
H314 POV G . 25.11 52.28 15.52
H34A POV G . 24.72 63.55 20.35
H31E POV G . 26.51 52.76 16.02
H15 POV G . 20.87 75.48 28.24
H15A POV G . 22.15 75.21 27.37
H15B POV G . 20.93 75.98 26.69
H25 POV G . 28.71 67.26 22.28
H215 POV G . 27.79 56.40 17.11
H25A POV G . 27.36 66.61 21.82
H21E POV G . 27.44 57.46 16.02
H35 POV G . 24.92 61.46 19.67
H315 POV G . 26.88 50.80 17.14
H35A POV G . 24.38 61.15 21.10
H31F POV G . 25.41 50.32 16.90
H26 POV G . 29.94 65.63 21.28
H216 POV G . 27.18 55.13 15.38
H26A POV G . 28.78 64.88 22.01
H21F POV G . 27.79 56.11 14.32
H36 POV G . 22.21 60.95 20.24
H316 POV G . 27.57 50.04 15.25
H36A POV G . 22.75 61.22 18.80
H31G POV G . 26.24 49.21 15.21
H31H POV G . 26.33 50.59 14.45
H27 POV G . 27.60 64.99 19.84
H217 POV G . 29.93 55.25 14.70
H27A POV G . 29.01 65.28 19.24
H21G POV G . 29.43 54.43 15.93
H37 POV G . 23.49 58.95 20.36
H37A POV G . 22.36 58.89 19.27
H28 POV G . 29.66 63.23 19.28
H218 POV G . 29.77 53.13 13.91
H28A POV G . 29.15 63.00 20.74
H21H POV G . 28.35 52.92 14.56
H21J POV G . 28.51 53.87 13.31
H38 POV G . 23.86 59.06 17.56
H38A POV G . 25.01 59.50 18.52
H39 POV G . 24.93 57.31 19.49
H39A POV G . 25.48 57.34 18.00
C1 CLR H . 16.16 43.98 18.26
C2 CLR H . 16.68 42.54 18.35
C3 CLR H . 18.05 42.53 19.01
C4 CLR H . 17.96 43.15 20.39
C5 CLR H . 17.36 44.52 20.36
C6 CLR H . 17.93 45.53 21.01
C7 CLR H . 17.52 46.96 20.91
C8 CLR H . 16.05 47.09 20.55
C9 CLR H . 15.73 46.18 19.36
C10 CLR H . 16.04 44.68 19.61
C11 CLR H . 14.34 46.43 18.78
C12 CLR H . 14.06 47.90 18.49
C13 CLR H . 14.26 48.77 19.73
C14 CLR H . 15.71 48.53 20.20
C15 CLR H . 15.96 49.64 21.21
C16 CLR H . 15.22 50.84 20.59
C17 CLR H . 14.32 50.30 19.46
C18 CLR H . 13.22 48.43 20.81
C19 CLR H . 14.92 44.00 20.43
C20 CLR H . 13.01 51.10 19.31
C21 CLR H . 11.98 50.41 18.44
C22 CLR H . 13.31 52.49 18.75
C23 CLR H . 13.33 53.63 19.75
C24 CLR H . 13.08 54.96 19.06
C25 CLR H . 14.03 55.29 17.93
C26 CLR H . 13.35 55.07 16.61
C27 CLR H . 14.59 56.67 17.99
O1 CLR H . 18.51 41.20 19.13
H11 CLR H . 16.76 44.47 17.68
H12 CLR H . 15.30 43.94 17.80
H21 CLR H . 16.06 41.99 18.84
H22 CLR H . 16.74 42.17 17.46
H3 CLR H . 18.69 43.01 18.45
H41 CLR H . 17.48 42.55 20.98
H42 CLR H . 18.86 43.21 20.77
H6 CLR H . 18.68 45.35 21.60
H71 CLR H . 17.73 47.39 21.75
H72 CLR H . 18.03 47.39 20.21
H8 CLR H . 15.54 46.80 21.34
H9 CLR H . 16.35 46.48 18.67
H111 CLR H . 14.24 45.96 17.93
H112 CLR H . 13.62 46.11 19.36
H121 CLR H . 14.69 48.17 17.80
H122 CLR H . 13.17 47.96 18.10
H14 CLR H . 16.28 48.75 19.44
H151 CLR H . 15.62 49.42 22.09
H152 CLR H . 16.91 49.83 21.28
H161 CLR H . 14.68 51.31 21.26
H162 CLR H . 15.88 51.48 20.25
H17 CLR H . 14.82 50.39 18.64
H181 CLR H . 13.00 49.20 21.38
H182 CLR H . 12.37 48.12 20.43
H183 CLR H . 13.51 47.72 21.42
H191 CLR H . 14.53 44.60 21.10
H192 CLR H . 14.19 43.71 19.87
H193 CLR H . 15.24 43.22 20.92
H20 CLR H . 12.61 51.20 20.20
H211 CLR H . 11.20 50.97 18.30
H212 CLR H . 12.37 50.18 17.57
H213 CLR H . 11.67 49.57 18.82
H221 CLR H . 14.16 52.50 18.27
H222 CLR H . 12.62 52.73 18.10
H231 CLR H . 12.65 53.47 20.43
H232 CLR H . 14.20 53.64 20.19
H241 CLR H . 12.17 54.97 18.72
H242 CLR H . 13.11 55.68 19.72
H25 CLR H . 14.78 54.67 17.99
H261 CLR H . 13.91 55.41 15.88
H262 CLR H . 13.21 54.12 16.44
H263 CLR H . 12.48 55.51 16.57
H271 CLR H . 15.40 56.72 17.46
H272 CLR H . 13.96 57.33 17.65
H273 CLR H . 14.82 56.93 18.90
H1 CLR H . 18.96 41.19 19.84
N POV I . 11.53 35.15 0.87
P POV I . 13.28 39.43 0.02
C1 POV I . 13.22 40.16 2.59
C2 POV I . 12.15 39.44 3.38
C3 POV I . 11.31 40.44 4.13
C210 POV I . 12.16 42.00 10.60
C310 POV I . 11.78 45.85 14.17
C11 POV I . 11.29 37.70 0.35
O11 POV I . 12.71 40.30 1.24
C211 POV I . 10.77 42.09 11.12
C311 POV I . 11.96 46.69 15.42
C12 POV I . 10.93 36.52 1.23
O12 POV I . 12.72 37.98 0.38
C212 POV I . 9.71 41.78 10.09
C312 POV I . 11.27 48.04 15.40
C13 POV I . 11.63 34.94 -0.61
O13 POV I . 12.67 39.94 -1.23
C213 POV I . 8.44 42.56 10.31
C313 POV I . 9.77 47.99 15.35
C14 POV I . 12.90 35.01 1.47
O14 POV I . 14.75 39.39 0.14
C214 POV I . 8.51 44.01 9.86
C314 POV I . 9.13 49.31 14.96
C15 POV I . 10.65 34.08 1.45
C215 POV I . 7.16 44.71 9.66
C315 POV I . 8.96 50.30 16.10
C216 POV I . 7.16 45.78 8.59
C316 POV I . 7.69 50.08 16.82
C217 POV I . 5.94 46.67 8.47
C218 POV I . 6.16 47.91 7.64
C21 POV I . 13.37 37.43 3.97
O21 POV I . 12.63 38.48 4.37
C22 POV I . 13.54 36.41 5.06
O22 POV I . 13.87 37.34 2.88
C23 POV I . 14.73 36.65 5.95
C24 POV I . 14.61 37.88 6.81
C25 POV I . 15.79 38.12 7.73
C26 POV I . 15.46 38.85 9.02
C27 POV I . 14.42 39.95 8.89
C28 POV I . 14.32 40.85 10.09
C29 POV I . 12.92 40.95 10.59
C31 POV I . 12.43 42.16 5.36
O31 POV I . 12.04 40.88 5.29
C32 POV I . 13.14 42.43 6.65
O32 POV I . 12.25 42.97 4.50
C33 POV I . 13.32 43.90 6.98
C34 POV I . 12.01 44.61 7.25
C35 POV I . 12.15 46.03 7.81
C36 POV I . 12.69 46.12 9.23
C37 POV I . 11.63 46.28 10.32
C38 POV I . 11.96 45.58 11.66
C39 POV I . 12.19 46.50 12.85
H29 POV I . 12.56 40.11 10.94
H1 POV I . 14.08 39.72 2.57
H1A POV I . 13.34 41.05 2.96
H2 POV I . 11.52 39.00 2.78
H3 POV I . 11.08 41.15 3.50
H3A POV I . 10.51 39.99 4.43
H310 POV I . 12.32 45.04 14.29
H31A POV I . 10.85 45.56 14.12
H210 POV I . 12.52 42.84 10.21
H11 POV I . 11.02 37.56 -0.57
H11A POV I . 10.79 38.48 0.64
H211 POV I . 10.70 41.45 11.85
H21A POV I . 10.55 42.94 11.53
H311 POV I . 11.65 46.18 16.18
H31B POV I . 12.92 46.82 15.55
H12 POV I . 9.95 36.40 1.22
H12A POV I . 11.20 36.71 2.15
H22 POV I . 12.72 36.42 5.60
H212 POV I . 10.06 41.97 9.20
H22A POV I . 13.61 35.53 4.64
H21B POV I . 9.51 40.82 10.10
H32 POV I . 12.64 41.99 7.37
H312 POV I . 11.54 48.53 16.22
H32A POV I . 14.01 42.02 6.57
H31C POV I . 11.57 48.57 14.65
H13 POV I . 11.78 33.98 -0.77
H13A POV I . 10.78 35.21 -1.01
H13B POV I . 12.36 35.47 -0.98
H23 POV I . 15.56 36.69 5.42
H213 POV I . 7.71 42.11 9.87
H23A POV I . 14.82 35.87 6.53
H21C POV I . 8.26 42.57 11.27
H33 POV I . 13.91 43.98 7.75
H313 POV I . 9.42 47.74 16.23
H33A POV I . 13.76 44.34 6.22
H31D POV I . 9.50 47.31 14.72
H14 POV I . 13.26 34.13 1.24
H14A POV I . 13.48 35.71 1.10
H14B POV I . 12.83 35.11 2.44
H24 POV I . 14.48 38.66 6.23
H214 POV I . 9.02 44.48 10.56
H24A POV I . 13.78 37.79 7.32
H21D POV I . 9.04 44.10 9.05
H34 POV I . 11.50 44.63 6.43
H314 POV I . 8.25 49.13 14.57
H34A POV I . 11.51 44.06 7.90
H31E POV I . 9.66 49.74 14.26
H15 POV I . 11.17 33.27 1.65
H15A POV I . 10.28 34.40 2.30
H15B POV I . 9.94 33.89 0.82
H25 POV I . 16.21 37.27 7.94
H215 POV I . 6.49 44.05 9.42
H25A POV I . 16.46 38.64 7.25
H21E POV I . 6.87 45.11 10.51
H35 POV I . 12.73 46.54 7.22
H315 POV I . 9.69 50.20 16.74
H35A POV I . 11.28 46.47 7.77
H31F POV I . 8.98 51.21 15.76
H26 POV I . 15.14 38.19 9.68
H216 POV I . 7.97 46.31 8.62
H26A POV I . 16.29 39.22 9.38
H21F POV I . 7.19 45.29 7.74
H36 POV I . 13.27 46.91 9.27
H316 POV I . 7.64 49.15 17.13
H36A POV I . 13.24 45.35 9.41
H31G POV I . 7.63 50.67 17.60
H31H POV I . 6.92 50.26 16.24
H27 POV I . 14.63 40.47 8.10
H217 POV I . 5.24 46.15 8.01
H27A POV I . 13.54 39.57 8.73
H21G POV I . 5.59 46.92 9.35
H37 POV I . 11.50 47.23 10.47
H37A POV I . 10.78 45.91 9.98
H28 POV I . 14.93 40.55 10.79
H218 POV I . 5.34 48.43 7.55
H28A POV I . 14.61 41.75 9.86
H21H POV I . 6.83 48.50 8.04
H21J POV I . 6.46 47.67 6.74
H38 POV I . 11.20 45.03 11.87
H38A POV I . 12.72 44.97 11.56
H39 POV I . 11.69 47.33 12.73
H39A POV I . 13.14 46.73 12.91
N POV J . 18.52 33.95 6.74
P POV J . 21.85 33.87 10.58
C1 POV J . 22.52 36.36 9.93
C2 POV J . 21.33 37.21 9.59
C3 POV J . 21.04 37.34 8.10
C210 POV J . 19.02 46.83 15.08
C310 POV J . 17.48 45.61 9.53
C11 POV J . 19.93 34.37 8.85
O11 POV J . 22.08 35.42 10.92
C211 POV J . 18.57 47.11 16.45
C311 POV J . 15.99 45.65 9.80
C12 POV J . 19.12 33.40 8.02
O12 POV J . 20.31 33.88 10.15
C212 POV J . 18.31 48.58 16.68
C312 POV J . 15.60 46.44 11.05
C13 POV J . 19.53 34.74 5.96
O13 POV J . 22.68 33.48 9.42
C213 POV J . 19.52 49.36 17.06
C313 POV J . 16.27 47.80 11.15
C14 POV J . 18.07 32.79 5.90
O14 POV J . 21.96 33.10 11.85
C214 POV J . 19.36 50.13 18.33
C314 POV J . 17.46 47.83 12.10
C15 POV J . 17.35 34.84 7.06
C215 POV J . 20.56 50.99 18.68
C315 POV J . 18.77 48.27 11.49
C216 POV J . 20.41 51.73 19.97
C316 POV J . 18.95 49.77 11.48
C217 POV J . 20.52 50.85 21.17
C218 POV J . 21.66 51.24 21.98
C21 POV J . 20.41 39.28 10.29
O21 POV J . 21.52 38.54 10.14
C22 POV J . 20.73 40.59 10.92
O22 POV J . 19.32 38.92 9.96
C23 POV J . 20.03 40.72 12.26
C24 POV J . 19.66 42.13 12.60
C25 POV J . 20.73 42.83 13.38
C26 POV J . 20.66 42.59 14.87
C27 POV J . 20.17 43.77 15.66
C28 POV J . 18.86 44.35 15.17
C29 POV J . 19.08 45.65 14.51
C31 POV J . 20.96 39.01 6.40
O31 POV J . 21.54 38.58 7.54
C32 POV J . 21.61 40.27 5.92
O32 POV J . 20.06 38.45 5.85
C33 POV J . 20.63 41.37 5.55
C34 POV J . 19.62 41.68 6.65
C35 POV J . 18.23 41.12 6.44
C36 POV J . 17.13 42.13 6.66
C37 POV J . 16.77 42.36 8.12
C38 POV J . 17.75 43.16 8.95
C39 POV J . 17.91 44.60 8.50
H29 POV J . 19.27 45.61 13.56
H1 POV J . 23.22 36.93 10.31
H1A POV J . 22.87 35.90 9.14
H2 POV J . 20.55 36.82 10.03
H3 POV J . 21.40 36.59 7.61
H3A POV J . 20.06 37.33 8.00
H310 POV J . 17.76 46.49 9.19
H31A POV J . 17.96 45.47 10.37
H210 POV J . 19.32 47.60 14.56
H11 POV J . 20.77 34.55 8.39
H11A POV J . 19.44 35.22 8.91
H211 POV J . 17.74 46.61 16.59
H21A POV J . 19.19 46.76 17.11
H311 POV J . 15.55 46.02 9.02
H31B POV J . 15.66 44.73 9.89
H12 POV J . 18.39 33.05 8.56
H12A POV J . 19.69 32.65 7.75
H22 POV J . 21.70 40.63 11.04
H212 POV J . 17.96 48.96 15.85
H22A POV J . 20.42 41.27 10.30
H21B POV J . 17.62 48.71 17.36
H32 POV J . 22.24 40.59 6.60
H312 POV J . 14.64 46.58 11.07
H32A POV J . 22.13 40.04 5.12
H31C POV J . 15.80 45.89 11.83
H13 POV J . 20.34 34.21 5.90
H13A POV J . 19.16 34.89 5.05
H13B POV J . 19.72 35.60 6.38
H23 POV J . 19.24 40.16 12.25
H213 POV J . 20.29 48.76 17.13
H23A POV J . 20.63 40.36 12.95
H21C POV J . 19.71 49.98 16.33
H33 POV J . 21.13 42.19 5.38
H313 POV J . 15.61 48.46 11.44
H33A POV J . 20.19 41.17 4.72
H31D POV J . 16.56 48.11 10.26
H14 POV J . 17.44 33.08 5.21
H14A POV J . 18.86 32.41 5.49
H14B POV J . 17.65 32.12 6.49
H24 POV J . 19.47 42.64 11.79
H214 POV J . 18.56 50.69 18.26
H24A POV J . 18.83 42.11 13.12
H21D POV J . 19.19 49.51 19.06
H34 POV J . 19.96 41.33 7.50
H314 POV J . 17.25 48.43 12.84
H34A POV J . 19.56 42.64 6.76
H31E POV J . 17.61 46.95 12.50
H15 POV J . 17.43 35.71 6.62
H15A POV J . 16.53 34.43 6.75
H15B POV J . 17.29 34.96 8.03
H25 POV J . 21.60 42.52 13.06
H215 POV J . 21.37 50.45 18.69
H25A POV J . 20.69 43.80 13.19
H21E POV J . 20.69 51.65 17.97
H35 POV J . 18.14 40.71 5.55
H315 POV J . 18.84 47.95 10.57
H35A POV J . 18.11 40.39 7.08
H31F POV J . 19.50 47.85 11.98
H26 POV J . 20.05 41.84 15.03
H216 POV J . 21.09 52.43 20.02
H26A POV J . 21.54 42.30 15.19
H21F POV J . 19.54 52.18 19.99
H36 POV J . 17.38 42.98 6.24
H316 POV J . 18.19 50.21 11.06
H36A POV J . 16.34 41.83 6.18
H31G POV J . 19.03 50.11 12.40
H31H POV J . 19.76 50.01 11.00
H27 POV J . 20.07 43.51 16.61
H217 POV J . 19.70 50.89 21.69
H27A POV J . 20.84 44.48 15.64
H21G POV J . 20.64 49.92 20.88
H37 POV J . 15.89 42.80 8.16
H37A POV J . 16.67 41.50 8.55
H28 POV J . 18.42 43.73 14.58
H218 POV J . 21.79 50.65 22.73
H28A POV J . 18.24 44.46 15.92
H21H POV J . 22.47 51.23 21.44
H21J POV J . 21.53 52.15 22.30
H38 POV J . 18.62 42.72 8.97
H38A POV J . 17.44 43.16 9.88
H39 POV J . 17.38 44.74 7.69
H39A POV J . 18.85 44.75 8.27
N POV K . 30.59 68.38 25.72
P POV K . 31.80 63.85 24.02
C1 POV K . 32.30 62.20 22.02
C2 POV K . 32.49 60.90 22.75
C3 POV K . 33.66 60.91 23.70
C210 POV K . 33.94 48.69 18.48
C310 POV K . 36.55 52.37 22.67
C11 POV K . 31.53 66.44 24.28
O11 POV K . 31.36 63.03 22.72
C211 POV K . 33.81 47.28 18.94
C311 POV K . 36.63 50.91 23.05
C12 POV K . 30.45 67.48 24.49
O12 POV K . 30.98 65.19 23.80
C212 POV K . 34.52 46.34 17.97
C312 POV K . 36.54 49.96 21.87
C13 POV K . 31.92 69.06 25.72
O13 POV K . 31.32 63.12 25.22
C213 POV K . 34.56 44.90 18.43
C313 POV K . 36.01 48.58 22.22
C14 POV K . 29.52 69.42 25.73
O14 POV K . 33.23 64.19 23.91
C214 POV K . 33.59 43.98 17.71
C314 POV K . 36.57 47.47 21.36
C15 POV K . 30.47 67.57 26.98
C215 POV K . 34.06 42.54 17.59
C315 POV K . 37.93 46.97 21.81
C216 POV K . 34.29 42.07 16.16
C316 POV K . 38.39 45.82 20.98
C217 POV K . 35.47 42.69 15.43
C218 POV K . 35.65 42.18 14.04
C21 POV K . 31.70 59.21 21.24
O21 POV K . 32.75 59.84 21.77
C22 POV K . 32.14 58.17 20.26
O22 POV K . 30.56 59.47 21.50
C23 POV K . 32.85 56.98 20.90
C24 POV K . 33.30 56.00 19.85
C25 POV K . 33.47 54.60 20.36
C26 POV K . 33.59 53.58 19.26
C27 POV K . 33.54 52.17 19.75
C28 POV K . 33.95 51.16 18.71
C29 POV K . 33.82 49.76 19.21
C31 POV K . 36.08 60.48 23.57
O31 POV K . 34.87 60.61 22.97
C32 POV K . 36.08 60.64 25.08
O32 POV K . 37.09 60.27 22.96
C33 POV K . 35.63 59.40 25.86
C34 POV K . 36.76 58.45 26.26
C35 POV K . 36.95 57.29 25.30
C36 POV K . 35.84 56.24 25.35
C37 POV K . 35.45 55.70 24.01
C38 POV K . 36.48 54.78 23.38
C39 POV K . 36.41 53.34 23.83
H29 POV K . 33.63 49.67 20.17
H1 POV K . 33.15 62.69 21.93
H1A POV K . 31.96 62.01 21.12
H2 POV K . 31.70 60.69 23.27
H3 POV K . 33.71 61.78 24.14
H3A POV K . 33.48 60.22 24.35
H310 POV K . 37.35 52.61 22.16
H31A POV K . 35.79 52.51 22.08
H210 POV K . 34.14 48.80 17.53
H11 POV K . 32.15 66.76 23.59
H11A POV K . 32.06 66.30 25.08
H211 POV K . 34.22 47.21 19.82
H21A POV K . 32.88 47.00 19.04
H311 POV K . 37.48 50.76 23.52
H31B POV K . 35.93 50.71 23.70
H12 POV K . 29.57 67.04 24.57
H12A POV K . 30.42 68.08 23.73
H22 POV K . 31.35 57.86 19.78
H212 POV K . 34.08 46.41 17.10
H22A POV K . 32.75 58.61 19.63
H21B POV K . 35.44 46.67 17.85
H32 POV K . 37.03 60.80 25.31
H312 POV K . 35.96 50.36 21.19
H32A POV K . 35.61 61.44 25.38
H31C POV K . 37.42 49.88 21.46
H13 POV K . 31.92 69.71 26.46
H13A POV K . 32.64 68.41 25.87
H13B POV K . 32.07 69.52 24.87
H23 POV K . 33.62 57.30 21.40
H213 POV K . 35.48 44.56 18.36
H23A POV K . 32.26 56.54 21.53
H21C POV K . 34.32 44.89 19.38
H33 POV K . 35.14 59.67 26.65
H313 POV K . 36.20 48.37 23.15
H33A POV K . 35.01 58.89 25.29
H31D POV K . 35.04 48.58 22.11
H14 POV K . 29.61 69.97 24.92
H14A POV K . 28.64 68.98 25.72
H14B POV K . 29.61 69.97 26.53
H24 POV K . 32.66 56.00 19.12
H214 POV K . 32.74 43.98 18.20
H24A POV K . 34.15 56.30 19.48
H21D POV K . 33.39 44.30 16.81
H34 POV K . 37.60 58.92 26.36
H314 POV K . 35.94 46.71 21.35
H34A POV K . 36.54 58.08 27.14
H31E POV K . 36.65 47.77 20.43
H15 POV K . 31.24 67.70 27.55
H15A POV K . 29.67 67.87 27.47
H15B POV K . 30.35 66.62 26.74
H25 POV K . 34.29 54.56 20.91
H215 POV K . 34.89 42.40 18.11
H25A POV K . 32.72 54.37 20.94
H21E POV K . 33.40 41.96 18.00
H35 POV K . 37.01 57.65 24.38
H315 POV K . 38.59 47.70 21.77
H35A POV K . 37.80 56.87 25.49
H31F POV K . 37.87 46.69 22.75
H26 POV K . 32.86 53.73 18.63
H216 POV K . 34.39 41.11 16.15
H26A POV K . 34.42 53.73 18.78
H21F POV K . 33.49 42.28 15.64
H36 POV K . 36.14 55.50 25.91
H316 POV K . 38.11 44.98 21.37
H36A POV K . 35.05 56.63 25.79
H31G POV K . 38.02 45.87 20.08
H31H POV K . 39.37 45.83 20.90
H27 POV K . 34.11 52.09 20.53
H217 POV K . 35.35 43.66 15.38
H27A POV K . 32.63 51.98 20.05
H21G POV K . 36.29 42.51 15.93
H37 POV K . 34.59 55.21 24.09
H37A POV K . 35.27 56.44 23.40
H28 POV K . 33.44 51.30 17.89
H218 POV K . 36.49 41.70 13.95
H28A POV K . 34.88 51.31 18.46
H21H POV K . 34.92 41.57 13.79
H21J POV K . 35.66 42.93 13.41
H38 POV K . 36.37 54.80 22.41
H38A POV K . 37.38 55.13 23.56
H39 POV K . 35.57 53.16 24.29
H39A POV K . 37.13 53.16 24.47
N POV L . 38.83 61.48 38.87
P POV L . 38.70 57.08 37.08
C1 POV L . 38.42 55.73 39.33
C2 POV L . 38.62 54.29 38.95
C3 POV L . 38.83 53.37 40.13
C210 POV L . 37.96 49.23 30.17
C310 POV L . 39.02 43.23 37.02
C11 POV L . 39.86 59.31 37.93
O11 POV L . 39.25 56.55 38.49
C211 POV L . 39.18 49.67 29.43
C311 POV L . 39.27 42.06 36.08
C12 POV L . 38.81 60.38 37.82
O12 POV L . 39.68 58.31 36.88
C212 POV L . 39.30 51.19 29.43
C312 POV L . 40.72 41.95 35.62
C13 POV L . 38.54 60.91 40.24
O13 POV L . 38.95 56.05 36.04
C213 POV L . 38.16 51.92 28.72
C313 POV L . 41.01 42.64 34.30
C14 POV L . 40.16 62.18 38.91
O14 POV L . 37.34 57.61 37.28
C214 POV L . 38.31 53.43 28.70
C314 POV L . 40.42 44.05 34.13
C15 POV L . 37.78 62.49 38.53
C215 POV L . 38.41 54.06 30.09
C315 POV L . 40.98 44.84 32.94
C216 POV L . 39.83 54.26 30.58
C316 POV L . 40.40 44.48 31.60
C217 POV L . 40.04 54.04 32.07
C218 POV L . 39.74 55.26 32.92
C21 POV L . 39.89 53.50 36.97
O21 POV L . 39.80 54.28 38.08
C22 POV L . 39.10 52.20 37.08
O22 POV L . 40.50 53.82 35.99
C23 POV L . 39.50 51.08 36.14
C24 POV L . 39.64 51.45 34.68
C25 POV L . 39.15 50.36 33.73
C26 POV L . 39.80 49.00 33.89
C27 POV L . 38.92 47.86 33.44
C28 POV L . 38.90 47.66 31.93
C29 POV L . 37.86 48.50 31.26
C31 POV L . 38.05 51.27 40.91
O31 POV L . 37.91 52.27 40.04
C32 POV L . 37.02 50.21 40.70
O32 POV L . 38.90 51.25 41.75
C33 POV L . 37.58 48.80 40.73
C34 POV L . 37.28 48.03 39.47
C35 POV L . 38.09 48.52 38.29
C36 POV L . 37.98 47.66 37.06
C37 POV L . 38.54 46.27 37.23
C38 POV L . 37.52 45.20 37.55
C39 POV L . 37.71 43.95 36.74
H29 POV L . 37.00 48.52 31.72
H1 POV L . 37.49 56.00 39.20
H1A POV L . 38.67 55.90 40.27
H2 POV L . 37.79 54.02 38.50
H3 POV L . 39.76 53.04 40.12
H3A POV L . 38.65 53.82 40.99
H310 POV L . 39.00 42.88 37.93
H31A POV L . 39.76 43.85 36.96
H210 POV L . 37.13 49.51 29.76
H11 POV L . 40.74 59.70 37.79
H11A POV L . 39.88 58.90 38.82
H211 POV L . 39.96 49.28 29.88
H21A POV L . 39.18 49.33 28.53
H311 POV L . 39.03 41.24 36.54
H31B POV L . 38.68 42.13 35.30
H12 POV L . 37.92 59.98 37.87
H12A POV L . 38.89 60.82 36.95
H22 POV L . 39.24 51.83 37.98
H212 POV L . 39.35 51.50 30.35
H22A POV L . 38.16 52.40 36.95
H21B POV L . 40.14 51.45 29.01
H32 POV L . 36.34 50.31 41.39
H312 POV L . 41.31 42.31 36.30
H32A POV L . 36.61 50.38 39.83
H31C POV L . 40.94 41.01 35.53
H13 POV L . 39.29 60.36 40.51
H13A POV L . 37.73 60.36 40.18
H13B POV L . 38.42 61.62 40.90
H23 POV L . 40.34 50.69 36.46
H213 POV L . 38.07 51.59 27.81
H23A POV L . 38.84 50.37 36.22
H21C POV L . 37.31 51.71 29.16
H33 POV L . 38.54 48.84 40.85
H313 POV L . 41.98 42.71 34.21
H33A POV L . 37.23 48.32 41.51
H31D POV L . 40.71 42.09 33.57
H14 POV L . 40.85 61.57 39.24
H14A POV L . 40.38 62.48 38.01
H14B POV L . 40.09 62.95 39.51
H24 POV L . 39.16 52.28 34.52
H214 POV L . 39.10 53.66 28.18
H24A POV L . 40.58 51.63 34.49
H21D POV L . 37.56 53.82 28.23
H34 POV L . 37.45 47.09 39.62
H314 POV L . 39.45 43.96 34.02
H34A POV L . 36.33 48.12 39.26
H31E POV L . 40.55 44.56 34.95
H15 POV L . 37.20 62.13 37.83
H15A POV L . 37.22 62.67 39.31
H15B POV L . 38.21 63.30 38.22
H25 POV L . 38.18 50.27 33.83
H215 POV L . 37.95 54.93 30.09
H25A POV L . 39.30 50.66 32.81
H21E POV L . 37.93 53.48 30.71
H35 POV L . 37.82 49.44 38.07
H315 POV L . 40.86 45.79 33.09
H35A POV L . 39.02 48.57 38.56
H31F POV L . 41.96 44.70 32.91
H26 POV L . 40.61 48.99 33.36
H216 POV L . 40.43 53.66 30.08
H26A POV L . 40.06 48.83 34.81
H21F POV L . 40.10 55.17 30.36
H36 POV L . 37.04 47.62 36.78
H316 POV L . 39.43 44.39 31.67
H36A POV L . 38.47 48.10 36.33
H31G POV L . 40.58 45.20 30.97
H31H POV L . 40.76 43.64 31.25
H27 POV L . 39.20 47.05 33.88
H217 POV L . 39.48 53.30 32.38
H27A POV L . 38.00 48.03 33.74
H21G POV L . 40.97 53.77 32.23
H37 POV L . 39.02 46.01 36.43
H37A POV L . 39.19 46.29 37.96
H28 POV L . 39.80 47.80 31.57
H218 POV L . 38.97 55.75 32.57
H28A POV L . 38.69 46.73 31.74
H21H POV L . 39.56 55.00 33.84
H21J POV L . 40.51 55.87 32.93
H38 POV L . 37.59 44.98 38.50
H38A POV L . 36.61 45.52 37.41
H39 POV L . 37.68 44.19 35.80
H39A POV L . 36.96 43.34 36.91
N POV M . 25.54 51.75 45.92
P POV M . 28.30 50.44 48.94
C1 POV M . 30.72 49.61 49.58
C2 POV M . 31.63 49.35 48.38
C3 POV M . 32.81 48.41 48.57
C210 POV M . 31.55 40.58 42.86
C310 POV M . 36.53 41.73 39.59
C11 POV M . 26.96 49.75 46.73
O11 POV M . 29.35 49.29 49.23
C211 POV M . 31.15 40.02 41.54
C311 POV M . 36.00 40.81 38.48
C12 POV M . 25.60 50.38 46.57
O12 POV M . 27.22 49.58 48.15
C212 POV M . 31.93 40.67 40.43
C312 POV M . 36.42 39.32 38.52
C13 POV M . 25.84 51.66 44.45
O13 POV M . 27.72 50.91 50.23
C213 POV M . 32.04 39.82 39.18
C313 POV M . 35.61 38.27 39.30
C14 POV M . 24.16 52.27 46.11
O14 POV M . 28.91 51.43 48.02
C214 POV M . 30.72 39.39 38.58
C314 POV M . 34.67 37.36 38.51
C15 POV M . 26.50 52.70 46.57
C215 POV M . 30.84 38.57 37.32
C315 POV M . 35.33 36.42 37.53
C216 POV M . 31.68 39.19 36.22
C316 POV M . 34.34 35.50 36.92
C217 POV M . 31.26 40.55 35.72
C218 POV M . 32.43 41.31 35.18
C21 POV M . 30.88 50.18 46.19
O21 POV M . 31.65 50.33 47.30
C22 POV M . 30.20 48.83 46.09
O22 POV M . 30.74 51.05 45.36
C23 POV M . 31.13 47.66 45.81
C24 POV M . 30.62 46.74 44.74
C25 POV M . 31.53 45.57 44.50
C26 POV M . 31.16 44.76 43.28
C27 POV M . 29.94 43.90 43.48
C28 POV M . 30.03 42.54 42.81
C29 POV M . 31.05 41.66 43.41
C31 POV M . 34.85 47.88 47.50
O31 POV M . 33.66 48.48 47.40
C32 POV M . 35.64 48.00 46.23
O32 POV M . 35.25 47.33 48.49
C33 POV M . 35.89 46.67 45.53
C34 POV M . 37.04 46.75 44.54
C35 POV M . 36.77 46.05 43.23
C36 POV M . 36.51 44.56 43.31
C37 POV M . 36.54 43.85 41.97
C38 POV M . 36.38 42.34 42.07
C39 POV M . 35.72 41.69 40.88
H29 POV M . 31.39 41.95 44.28
H1 POV M . 30.97 49.06 50.34
H1A POV M . 30.78 50.56 49.84
H2 POV M . 32.23 49.98 48.83
H3 POV M . 33.29 48.64 49.38
H3A POV M . 32.48 47.49 48.63
H310 POV M . 37.48 41.55 39.79
H31A POV M . 36.52 42.64 39.26
H210 POV M . 32.25 40.10 43.34
H11 POV M . 26.93 48.85 46.34
H11A POV M . 27.67 50.22 46.25
H211 POV M . 31.32 39.06 41.55
H21A POV M . 30.18 40.13 41.38
H311 POV M . 35.03 40.87 38.50
H31B POV M . 36.27 41.19 37.61
H12 POV M . 25.18 50.49 47.46
H12A POV M . 25.02 49.80 46.05
H22 POV M . 29.61 48.65 46.84
H212 POV M . 31.52 41.52 40.19
H22A POV M . 29.63 48.93 45.31
H21B POV M . 32.83 40.88 40.74
H32 POV M . 36.50 48.43 46.45
H312 POV M . 36.60 39.54 39.45
H32A POV M . 35.14 48.60 45.63
H31C POV M . 35.63 39.27 37.94
H13 POV M . 26.56 52.28 44.23
H13A POV M . 26.11 50.74 44.26
H13B POV M . 25.05 51.87 43.93
H23 POV M . 32.02 47.99 45.55
H213 POV M . 32.56 40.33 38.52
H23A POV M . 31.27 47.15 46.62
H21C POV M . 32.56 39.02 39.40
H33 POV M . 36.10 45.99 46.21
H313 POV M . 36.24 37.70 39.79
H33A POV M . 35.08 46.37 45.08
H31D POV M . 35.08 38.73 39.98
H14 POV M . 24.01 52.44 47.06
H14A POV M . 24.05 53.10 45.61
H14B POV M . 23.54 51.59 45.78
H24 POV M . 29.74 46.42 45.01
H214 POV M . 30.24 38.84 39.24
H24A POV M . 30.50 47.23 43.91
H21D POV M . 30.16 40.16 38.41
H34 POV M . 37.26 47.68 44.37
H314 POV M . 34.19 36.80 39.16
H34A POV M . 37.83 46.35 44.96
H31E POV M . 33.97 37.84 38.04
H15 POV M . 26.27 53.62 46.34
H15A POV M . 26.40 52.61 47.54
H15B POV M . 27.42 52.49 46.31
H25 POV M . 32.45 45.90 44.40
H215 POV M . 31.21 37.70 37.55
H25A POV M . 31.53 44.99 45.28
H21E POV M . 29.95 38.41 36.97
H35 POV M . 36.01 46.48 42.79
H315 POV M . 35.78 36.92 36.83
H35A POV M . 37.54 46.21 42.63
H31F POV M . 36.00 35.87 38.00
H26 POV M . 30.97 45.38 42.54
H216 POV M . 32.61 39.23 36.51
H26A POV M . 31.91 44.21 43.01
H21F POV M . 31.65 38.59 35.46
H36 POV M . 37.17 44.15 43.91
H316 POV M . 34.81 34.74 36.52
H36A POV M . 35.63 44.43 43.73
H31G POV M . 33.70 35.16 37.57
H31H POV M . 33.85 35.95 36.21
H27 POV M . 29.78 43.79 44.43
H217 POV M . 30.60 40.43 35.01
H27A POV M . 29.17 44.38 43.11
H21G POV M . 30.84 41.08 36.42
H37 POV M . 37.39 44.04 41.53
H37A POV M . 35.83 44.21 41.40
H28 POV M . 29.15 42.10 42.83
H218 POV M . 32.84 40.85 34.42
H28A POV M . 30.26 42.65 41.87
H21H POV M . 32.16 42.21 34.87
H21J POV M . 33.10 41.43 35.87
H38 POV M . 37.27 41.95 42.20
H38A POV M . 35.86 42.15 42.88
H39 POV M . 34.86 42.12 40.72
H39A POV M . 35.52 40.75 41.10
N POV N . 15.34 75.79 14.36
P POV N . 12.23 73.59 12.79
C1 POV N . 11.77 71.38 11.43
C2 POV N . 11.60 70.88 10.02
C3 POV N . 10.39 71.49 9.37
C210 POV N . 11.43 58.99 7.05
C310 POV N . 7.95 61.21 4.57
C11 POV N . 14.44 74.86 12.11
O11 POV N . 12.02 72.80 11.41
C211 POV N . 12.42 58.96 5.91
C311 POV N . 7.14 59.92 4.55
C12 POV N . 14.56 76.03 13.07
O12 POV N . 13.82 73.70 12.72
C212 POV N . 11.76 58.96 4.55
C312 POV N . 7.16 59.19 5.88
C13 POV N . 15.60 77.12 15.01
O13 POV N . 11.85 72.75 13.94
C213 POV N . 11.18 57.61 4.14
C313 POV N . 7.56 57.74 5.80
C14 POV N . 14.57 74.93 15.32
O14 POV N . 11.66 74.94 12.64
C214 POV N . 10.07 57.67 3.10
C314 POV N . 6.60 56.87 5.01
C15 POV N . 16.66 75.14 14.07
C215 POV N . 10.54 57.65 1.66
C315 POV N . 6.69 55.39 5.35
C216 POV N . 11.39 58.85 1.21
C316 POV N . 6.11 55.03 6.72
C217 POV N . 10.80 60.22 1.44
C218 POV N . 9.38 60.36 0.96
C21 POV N . 12.57 68.68 10.07
O21 POV N . 11.45 69.42 10.06
C22 POV N . 12.25 67.22 10.13
O22 POV N . 13.68 69.15 10.04
C23 POV N . 13.41 66.31 9.75
C24 POV N . 13.58 65.14 10.71
C25 POV N . 12.53 64.06 10.60
C26 POV N . 12.46 63.39 9.23
C27 POV N . 11.65 62.12 9.19
C28 POV N . 12.20 61.11 8.19
C29 POV N . 11.35 59.89 8.00
C31 POV N . 9.77 69.86 7.73
O31 POV N . 9.49 70.46 8.89
C32 POV N . 8.72 68.86 7.37
O32 POV N . 10.75 70.09 7.08
C33 POV N . 8.80 68.34 5.95
C34 POV N . 9.29 66.91 5.87
C35 POV N . 8.21 65.89 6.16
C36 POV N . 8.42 64.56 5.48
C37 POV N . 8.16 64.58 3.99
C38 POV N . 8.54 63.31 3.25
C39 POV N . 7.59 62.15 3.44
H29 POV N . 10.65 59.76 8.68
H1 POV N . 10.95 71.22 11.95
H1A POV N . 12.51 70.91 11.86
H2 POV N . 12.37 71.14 9.47
H3 POV N . 9.94 72.05 10.02
H3A POV N . 10.66 72.03 8.60
H310 POV N . 7.81 61.66 5.42
H31A POV N . 8.90 60.99 4.52
H210 POV N . 10.78 58.26 7.05
H11 POV N . 13.87 75.14 11.37
H11A POV N . 15.31 74.65 11.70
H211 POV N . 13.01 59.73 5.98
H21A POV N . 13.01 58.18 5.98
H311 POV N . 7.51 59.32 3.87
H31B POV N . 6.22 60.12 4.30
H12 POV N . 13.68 76.35 13.33
H12A POV N . 15.02 76.76 12.61
H22 POV N . 11.95 67.01 11.03
H212 POV N . 11.05 59.63 4.55
H22A POV N . 11.50 67.05 9.51
H21B POV N . 12.42 59.25 3.89
H32 POV N . 8.78 68.11 7.99
H312 POV N . 7.77 59.67 6.48
H32A POV N . 7.86 69.31 7.49
H31C POV N . 6.28 59.25 6.29
H13 POV N . 16.12 76.97 15.83
H13A POV N . 16.12 77.68 14.40
H13B POV N . 14.76 77.56 15.22
H23 POV N . 13.28 65.99 8.84
H213 POV N . 11.89 57.03 3.82
H23A POV N . 14.24 66.82 9.73
H21C POV N . 10.83 57.17 4.95
H33 POV N . 7.92 68.40 5.55
H313 POV N . 8.43 57.68 5.36
H33A POV N . 9.38 68.92 5.41
H31D POV N . 7.66 57.38 6.70
H14 POV N . 13.64 75.23 15.34
H14A POV N . 14.61 73.99 15.04
H14B POV N . 14.97 75.02 16.21
H24 POV N . 14.47 64.75 10.56
H214 POV N . 9.48 56.91 3.22
H24A POV N . 13.57 65.48 11.62
H21D POV N . 9.53 58.47 3.23
H34 POV N . 9.68 66.75 4.99
H314 POV N . 5.69 57.18 5.17
H34A POV N . 10.02 66.79 6.51
H31E POV N . 6.78 56.99 4.06
H15 POV N . 17.24 75.16 14.86
H15A POV N . 16.51 74.20 13.83
H15B POV N . 17.08 75.61 13.32
H25 POV N . 12.74 63.38 11.27
H215 POV N . 11.06 56.84 1.51
H25A POV N . 11.66 64.43 10.84
H21E POV N . 9.76 57.60 1.07
H35 POV N . 8.14 65.75 7.12
H315 POV N . 6.23 54.87 4.67
H35A POV N . 7.34 66.24 5.86
H31F POV N . 7.63 55.11 5.33
H26 POV N . 12.08 64.02 8.59
H216 POV N . 12.26 58.79 1.65
H26A POV N . 13.37 63.21 8.91
H21F POV N . 11.57 58.74 0.26
H36 POV N . 9.34 64.27 5.64
H316 POV N . 6.55 55.53 7.44
H36A POV N . 7.83 63.90 5.90
H31G POV N . 5.15 55.23 6.76
H31H POV N . 6.21 54.08 6.92
H27 POV N . 11.62 61.73 10.08
H217 POV N . 10.83 60.46 2.38
H27A POV N . 10.74 62.35 8.95
H21G POV N . 11.34 60.88 0.97
H37 POV N . 7.21 64.76 3.85
H37A POV N . 8.63 65.34 3.59
H28 POV N . 12.36 61.56 7.34
H218 POV N . 9.28 60.02 0.05
H28A POV N . 13.07 60.81 8.50
H21H POV N . 8.78 59.86 1.55
H21J POV N . 9.11 61.30 0.97
H38 POV N . 8.61 63.51 2.29
H38A POV N . 9.44 63.04 3.54
H39 POV N . 7.52 61.63 2.61
H39A POV N . 6.68 62.51 3.62
C13 DU0 O . 1.99 54.77 1.49
C15 DU0 O . 0.58 57.02 4.29
C17 DU0 O . 3.09 63.12 6.08
C20 DU0 O . 3.94 65.76 6.91
C21 DU0 O . 4.17 67.21 7.28
C22 DU0 O . 4.75 67.36 8.67
C24 DU0 O . 5.89 69.32 9.62
C26 DU0 O . 5.81 70.87 11.72
C01 DU0 O . 0.89 60.98 6.40
C02 DU0 O . 2.37 60.71 6.66
C03 DU0 O . 3.27 61.62 5.81
C04 DU0 O . 3.12 61.05 4.39
C05 DU0 O . 3.14 59.54 4.65
C06 DU0 O . 2.85 59.33 6.15
C07 DU0 O . 1.93 58.09 6.18
C08 DU0 O . 2.37 57.02 7.17
C09 DU0 O . 1.90 57.63 4.73
C11 DU0 O . 3.07 56.16 3.24
C12 DU0 O . 1.84 55.40 2.86
C14 DU0 O . 0.66 56.35 2.93
C18 DU0 O . 4.06 63.93 5.20
C19 DU0 O . 4.30 65.31 5.73
C25 DU0 O . 5.76 69.46 11.11
C27 DU0 O . 5.56 70.82 13.21
C51 DU0 O . 7.13 71.53 11.39
C75 DU0 O . 3.90 66.62 9.68
C76 DU0 O . 3.82 65.14 9.31
C77 DU0 O . 3.20 64.91 7.93
C78 DU0 O . 1.72 65.33 7.94
C79 DU0 O . 3.36 63.40 7.55
C80 DU0 O . 2.58 62.47 8.48
C81 DU0 O . 2.72 61.00 8.12
O10 DU0 O . 2.97 56.72 4.55
O16 DU0 O . 2.12 58.82 3.96
O23 DU0 O . 4.71 68.73 9.07
O28 DU0 O . 4.75 71.89 13.65
O52 DU0 O . 7.32 72.73 12.13
H1 DU0 O . 1.89 55.45 0.79
H2 DU0 O . 2.86 54.36 1.40
H3 DU0 O . 1.31 54.08 1.36
H4 DU0 O . -0.10 57.72 4.22
H5 DU0 O . 0.27 56.37 4.94
H6 DU0 O . 2.20 63.40 5.85
H7 DU0 O . 4.79 67.62 6.66
H8 DU0 O . 3.34 67.71 7.22
H9 DU0 O . 5.64 66.98 8.70
H10 DU0 O . 6.69 68.80 9.41
H11 DU0 O . 6.01 70.21 9.22
H12 DU0 O . 5.12 71.41 11.29
H13 DU0 O . 0.61 61.91 6.55
H14 DU0 O . 0.62 60.74 5.50
H15 DU0 O . 0.32 60.44 6.99
H16 DU0 O . 4.19 61.43 6.06
H17 DU0 O . 3.85 61.34 3.82
H18 DU0 O . 2.29 61.32 3.97
H19 DU0 O . 4.01 59.17 4.42
H20 DU0 O . 3.70 59.13 6.58
H21 DU0 O . 1.01 58.30 6.42
H22 DU0 O . 2.07 57.24 8.07
H23 DU0 O . 2.00 56.15 6.92
H24 DU0 O . 3.34 56.92 7.19
H25 DU0 O . 3.82 55.54 3.26
H26 DU0 O . 3.29 56.86 2.61
H27 DU0 O . 1.70 54.70 3.51
H28 DU0 O . 0.74 57.02 2.23
H29 DU0 O . -0.16 55.86 2.76
H30 DU0 O . 4.90 63.46 5.13
H31 DU0 O . 3.68 64.01 4.31
H32 DU0 O . 4.76 65.90 5.10
H33 DU0 O . 4.93 69.02 11.38
H34 DU0 O . 6.46 68.93 11.53
H35 DU0 O . 5.14 69.99 13.50
H36 DU0 O . 6.40 70.86 13.71
H37 DU0 O . 7.88 70.93 11.59
H38 DU0 O . 7.16 71.77 10.45
H39 DU0 O . 3.01 67.00 9.70
H40 DU0 O . 4.28 66.73 10.57
H41 DU0 O . 3.30 64.70 10.01
H42 DU0 O . 4.72 64.77 9.35
H43 DU0 O . 1.60 66.26 7.68
H44 DU0 O . 1.17 64.78 7.35
H45 DU0 O . 1.33 65.25 8.83
H46 DU0 O . 4.30 63.17 7.70
H47 DU0 O . 1.62 62.68 8.48
H48 DU0 O . 2.87 62.57 9.40
H49 DU0 O . 2.17 60.45 8.71
H50 DU0 O . 3.65 60.73 8.28
H51 DU0 O . 4.31 71.60 14.31
H52 DU0 O . 7.61 73.30 11.58
N POV P . 23.85 16.24 28.67
P POV P . 24.96 19.60 27.35
C1 POV P . 22.90 21.17 27.30
C2 POV P . 22.46 22.07 28.40
C3 POV P . 23.48 23.09 28.82
C210 POV P . 17.02 28.86 34.30
C310 POV P . 18.48 33.20 32.91
C11 POV P . 25.25 18.24 29.61
O11 POV P . 24.34 21.06 27.28
C211 POV P . 15.83 29.05 35.19
C311 POV P . 17.23 33.79 33.54
C12 POV P . 25.22 16.91 28.89
O12 POV P . 24.68 19.35 28.89
C212 POV P . 15.75 30.40 35.87
C312 POV P . 16.28 34.46 32.55
C13 POV P . 23.74 15.06 29.58
O13 POV P . 24.15 18.69 26.51
C213 POV P . 16.96 30.70 36.73
C313 POV P . 14.83 34.37 32.94
C14 POV P . 22.70 17.16 28.96
O14 POV P . 26.41 19.71 27.09
C214 POV P . 18.01 31.55 36.02
C314 POV P . 14.44 35.23 34.12
C15 POV P . 23.72 15.76 27.24
C215 POV P . 19.38 31.46 36.64
C315 POV P . 14.67 34.62 35.48
C216 POV P . 19.99 32.81 36.96
C316 POV P . 15.58 35.45 36.33
C217 POV P . 19.29 33.52 38.10
C218 POV P . 20.24 34.34 38.97
C21 POV P . 21.01 21.54 30.26
O21 POV P . 22.18 21.33 29.63
C22 POV P . 20.99 20.90 31.60
O22 POV P . 20.09 22.13 29.77
C23 POV P . 21.05 21.92 32.72
C24 POV P . 20.20 23.16 32.50
C25 POV P . 19.92 23.97 33.75
C26 POV P . 19.76 25.46 33.52
C27 POV P . 18.61 25.84 32.57
C28 POV P . 17.45 26.54 33.26
C29 POV P . 17.68 28.02 33.50
C31 POV P . 22.11 25.02 29.10
O31 POV P . 22.80 24.03 29.68
C32 POV P . 21.43 25.87 30.12
O32 POV P . 22.04 25.18 27.91
C33 POV P . 21.59 27.33 29.83
C34 POV P . 22.13 28.10 30.98
C35 POV P . 21.98 29.58 30.83
C36 POV P . 20.67 30.07 31.34
C37 POV P . 20.32 31.46 30.87
C38 POV P . 18.83 31.74 30.88
C39 POV P . 18.24 31.88 32.25
H29 POV P . 18.41 28.39 32.96
H1 POV P . 22.52 20.27 27.42
H1A POV P . 22.59 21.52 26.44
H2 POV P . 21.68 22.56 28.09
H3 POV P . 24.19 22.65 29.31
H3A POV P . 23.86 23.57 28.06
H310 POV P . 18.83 33.82 32.27
H31A POV P . 19.14 33.08 33.61
H210 POV P . 16.45 28.08 34.26
H11 POV P . 26.19 18.47 29.77
H11A POV P . 24.85 18.14 30.50
H211 POV P . 15.01 28.96 34.65
H21A POV P . 15.78 28.37 35.89
H311 POV P . 16.74 33.09 34.01
H31B POV P . 17.49 34.44 34.23
H12 POV P . 25.73 16.28 29.43
H12A POV P . 25.67 17.00 28.03
H22 POV P . 20.19 20.35 31.69
H212 POV P . 15.65 31.09 35.19
H22A POV P . 21.78 20.32 31.66
H21B POV P . 14.96 30.42 36.43
H32 POV P . 20.49 25.63 30.15
H312 POV P . 16.52 35.40 32.45
H32A POV P . 21.84 25.67 30.98
H31C POV P . 16.39 34.05 31.67
H13 POV P . 24.40 14.38 29.31
H13A POV P . 23.92 15.35 30.50
H13B POV P . 22.85 14.68 29.52
H23 POV P . 20.75 21.49 33.54
H213 POV P . 16.66 31.16 37.54
H23A POV P . 21.99 22.18 32.86
H21C POV P . 17.36 29.86 37.00
H33 POV P . 22.19 27.44 29.07
H313 POV P . 14.30 34.63 32.17
H33A POV P . 20.73 27.71 29.56
H31D POV P . 14.61 33.44 33.14
H14 POV P . 22.75 17.95 28.40
H14A POV P . 21.87 16.67 28.75
H14B POV P . 22.68 17.40 29.92
H24 POV P . 20.63 23.74 31.83
H214 POV P . 18.07 31.29 35.08
H24A POV P . 19.35 22.89 32.11
H21D POV P . 17.72 32.48 36.03
H34 POV P . 21.68 27.83 31.80
H314 POV P . 14.91 36.09 34.07
H34A POV P . 23.08 27.88 31.10
H31E POV P . 13.49 35.45 34.05
H15 POV P . 23.42 16.48 26.66
H15A POV P . 24.57 15.43 26.91
H15B POV P . 23.07 15.02 27.24
H25 POV P . 19.10 23.63 34.16
H215 POV P . 19.34 30.94 37.47
H25A POV P . 20.63 23.84 34.40
H21E POV P . 19.97 30.99 36.02
H35 POV P . 22.70 30.05 31.29
H315 POV P . 13.82 34.50 35.94
H35A POV P . 22.05 29.78 29.88
H31F POV P . 15.06 33.73 35.39
H26 POV P . 19.62 25.90 34.38
H216 POV P . 19.94 33.37 36.17
H26A POV P . 20.59 25.81 33.17
H21F POV P . 20.93 32.68 37.16
H36 POV P . 19.97 29.44 31.07
H316 POV P . 15.90 34.94 37.10
H36A POV P . 20.71 30.07 32.31
H31G POV P . 16.36 35.76 35.82
H31H POV P . 15.11 36.24 36.68
H27 POV P . 18.97 26.42 31.87
H217 POV P . 18.63 34.12 37.72
H27A POV P . 18.28 25.05 32.11
H21G POV P . 18.82 32.86 38.65
H37 POV P . 20.77 32.11 31.43
H37A POV P . 20.65 31.59 29.96
H28 POV P . 16.64 26.39 32.74
H218 POV P . 19.92 34.37 39.89
H28A POV P . 17.32 26.08 34.11
H21H POV P . 21.16 33.98 38.99
H21J POV P . 20.29 35.25 38.63
H38 POV P . 18.65 32.56 30.38
H38A POV P . 18.38 31.02 30.41
H39 POV P . 18.60 31.18 32.82
H39A POV P . 17.28 31.72 32.19
C13 DU0 Q . 24.07 42.88 41.24
C15 DU0 Q . 25.21 42.52 44.92
C17 DU0 Q . 22.97 47.44 49.13
C20 DU0 Q . 21.90 49.30 51.04
C21 DU0 Q . 21.16 50.01 52.14
C22 DU0 Q . 22.07 50.91 52.95
C24 DU0 Q . 20.10 51.86 54.07
C26 DU0 Q . 19.33 51.59 56.56
C01 DU0 Q . 24.37 44.67 48.86
C02 DU0 Q . 24.90 45.98 48.24
C03 DU0 Q . 23.79 46.98 47.93
C04 DU0 Q . 23.07 46.36 46.74
C05 DU0 Q . 24.22 45.84 45.89
C06 DU0 Q . 25.47 45.76 46.80
C07 DU0 Q . 26.13 44.45 46.38
C08 DU0 Q . 27.63 44.56 46.12
C09 DU0 Q . 25.30 44.01 45.17
C11 DU0 Q . 25.05 44.48 42.86
C12 DU0 Q . 24.95 43.03 42.47
C14 DU0 Q . 24.42 42.24 43.65
C18 DU0 Q . 21.92 48.45 48.69
C19 DU0 Q . 21.46 49.35 49.80
C25 DU0 Q . 19.69 52.50 55.38
C27 DU0 Q . 19.27 52.41 57.85
C51 DU0 Q . 18.00 50.87 56.35
C75 DU0 Q . 23.32 50.19 53.39
C76 DU0 Q . 24.05 49.55 52.20
C77 DU0 Q . 23.16 48.56 51.44
C78 DU0 Q . 22.78 47.38 52.35
C79 DU0 Q . 23.92 48.09 50.16
C80 DU0 Q . 25.13 47.20 50.46
C81 DU0 Q . 25.85 46.68 49.21
O10 DU0 Q . 25.84 44.67 44.04
O16 DU0 Q . 24.00 44.51 45.45
O23 DU0 Q . 21.42 51.32 54.17
O28 DU0 Q . 18.99 51.62 58.99
O52 DU0 Q . 18.08 49.84 55.38
H1 DU0 Q . 23.18 42.57 41.50
H2 DU0 Q . 23.97 43.72 40.78
H3 DU0 Q . 24.45 42.21 40.62
H4 DU0 Q . 24.75 42.09 45.66
H5 DU0 Q . 26.11 42.13 44.84
H6 DU0 Q . 22.51 46.69 49.53
H7 DU0 Q . 20.44 50.53 51.74
H8 DU0 Q . 20.71 49.37 52.73
H9 DU0 Q . 22.32 51.70 52.44
H10 DU0 Q . 20.07 52.52 53.34
H11 DU0 Q . 19.45 51.16 53.88
H12 DU0 Q . 20.02 50.90 56.65
H13 DU0 Q . 23.82 44.81 49.66
H14 DU0 Q . 23.87 44.15 48.21
H15 DU0 Q . 25.10 44.08 49.15
H16 DU0 Q . 24.22 47.78 47.57
H17 DU0 Q . 22.52 47.01 46.25
H18 DU0 Q . 22.49 45.63 47.00
H19 DU0 Q . 24.41 46.42 45.13
H20 DU0 Q . 26.03 46.52 46.58
H21 DU0 Q . 26.06 43.73 47.03
H22 DU0 Q . 28.08 44.90 46.93
H23 DU0 Q . 28.00 43.70 45.88
H24 DU0 Q . 27.83 45.19 45.40
H25 DU0 Q . 25.47 45.01 42.16
H26 DU0 Q . 24.17 44.86 43.01
H27 DU0 Q . 25.84 42.71 42.25
H28 DU0 Q . 23.49 42.46 43.80
H29 DU0 Q . 24.46 41.28 43.45
H30 DU0 Q . 22.26 49.01 47.96
H31 DU0 Q . 21.15 47.96 48.33
H32 DU0 Q . 20.79 50.01 49.55
H33 DU0 Q . 20.40 53.11 55.66
H34 DU0 Q . 18.92 53.08 55.19
H35 DU0 Q . 20.13 52.86 58.02
H36 DU0 Q . 18.60 53.12 57.79
H37 DU0 Q . 17.69 50.48 57.18
H38 DU0 Q . 17.33 51.51 56.04
H39 DU0 Q . 23.10 49.52 54.06
H40 DU0 Q . 23.91 50.82 53.84
H41 DU0 Q . 24.83 49.07 52.56
H42 DU0 Q . 24.39 50.25 51.62
H43 DU0 Q . 22.16 47.63 53.06
H44 DU0 Q . 22.41 46.64 51.84
H45 DU0 Q . 23.57 47.02 52.80
H46 DU0 Q . 24.28 48.88 49.72
H47 DU0 Q . 24.88 46.40 50.97
H48 DU0 Q . 25.79 47.68 51.00
H49 DU0 Q . 26.59 46.10 49.47
H50 DU0 Q . 26.25 47.45 48.76
H51 DU0 Q . 19.36 50.86 58.86
H52 DU0 Q . 18.79 49.40 55.54
N POV R . -26.53 62.09 22.28
P POV R . -29.32 59.38 19.69
C1 POV R . -27.05 58.19 19.46
C2 POV R . -26.97 57.42 18.18
C3 POV R . -25.79 57.86 17.36
C210 POV R . -25.87 47.86 12.46
C310 POV R . -22.35 47.44 15.21
C11 POV R . -28.54 61.66 20.73
O11 POV R . -28.39 58.12 19.97
C211 POV R . -26.16 46.44 12.13
C311 POV R . -22.13 46.17 14.43
C12 POV R . -28.01 62.26 22.01
O12 POV R . -28.86 60.27 20.93
C212 POV R . -25.13 45.75 11.28
C312 POV R . -22.67 44.94 15.09
C13 POV R . -26.26 62.28 23.74
O13 POV R . -28.88 60.01 18.42
C213 POV R . -25.72 45.17 10.02
C313 POV R . -23.26 43.93 14.14
C14 POV R . -26.04 60.73 21.88
O14 POV R . -30.73 59.01 19.87
C214 POV R . -24.72 44.39 9.20
C314 POV R . -23.21 42.50 14.62
C15 POV R . -25.79 63.12 21.50
C215 POV R . -24.21 43.13 9.88
C315 POV R . -22.05 41.69 14.08
C216 POV R . -22.82 43.28 10.44
C316 POV R . -21.55 40.64 15.00
C217 POV R . -21.64 43.14 9.48
C218 POV R . -21.86 43.45 8.01
C21 POV R . -28.68 56.94 16.44
O21 POV R . -28.18 57.75 17.42
C22 POV R . -28.30 55.50 16.60
O22 POV R . -29.38 57.34 15.56
C23 POV R . -29.06 54.55 15.68
C24 POV R . -28.24 54.12 14.52
C25 POV R . -27.32 52.98 14.83
C26 POV R . -27.98 51.64 14.68
C27 POV R . -27.06 50.49 14.90
C28 POV R . -26.33 50.00 13.67
C29 POV R . -26.53 48.57 13.34
C31 POV R . -23.78 56.81 16.66
O31 POV R . -25.10 56.73 16.78
C32 POV R . -23.22 55.58 16.01
O32 POV R . -23.11 57.74 17.01
C33 POV R . -23.51 54.29 16.76
C34 POV R . -23.27 53.12 15.86
C35 POV R . -22.71 51.91 16.53
C36 POV R . -22.21 50.87 15.55
C37 POV R . -21.04 50.08 16.05
C38 POV R . -21.39 48.97 17.01
C39 POV R . -21.41 47.62 16.36
H29 POV R . -27.22 48.10 13.84
H1 POV R . -26.84 59.14 19.32
H1A POV R . -26.41 57.80 20.10
H2 POV R . -26.81 56.50 18.45
H3 POV R . -26.15 58.41 16.64
H3A POV R . -25.19 58.38 17.92
H310 POV R . -22.27 48.18 14.59
H31A POV R . -23.26 47.43 15.56
H210 POV R . -25.12 48.29 12.01
H11 POV R . -29.36 62.12 20.48
H11A POV R . -27.90 61.80 19.99
H211 POV R . -26.26 45.96 12.97
H21A POV R . -27.03 46.38 11.68
H311 POV R . -22.52 46.27 13.54
H31B POV R . -21.16 46.06 14.30
H12 POV R . -28.47 61.85 22.78
H12A POV R . -28.17 63.22 22.02
H22 POV R . -27.35 55.37 16.44
H212 POV R . -24.41 46.36 11.05
H22A POV R . -28.55 55.29 17.51
H21B POV R . -24.75 45.03 11.82
H32 POV R . -23.60 55.51 15.12
H312 POV R . -21.94 44.51 15.57
H32A POV R . -22.25 55.69 15.95
H31C POV R . -23.33 45.20 15.76
H13 POV R . -25.34 62.58 23.84
H13A POV R . -26.88 62.97 24.08
H13B POV R . -26.40 61.44 24.21
H23 POV R . -29.30 53.75 16.19
H213 POV R . -26.48 44.61 10.24
H23A POV R . -29.88 54.96 15.38
H21C POV R . -26.06 45.91 9.48
H33 POV R . -22.94 54.23 17.55
H313 POV R . -24.20 44.17 13.99
H33A POV R . -24.44 54.30 17.04
H31D POV R . -22.80 43.99 13.29
H14 POV R . -25.20 60.55 22.35
H14A POV R . -26.70 60.05 22.14
H14B POV R . -25.90 60.71 20.91
H24 POV R . -28.86 53.85 13.82
H214 POV R . -25.12 44.15 8.32
H24A POV R . -27.73 54.88 14.21
H21D POV R . -23.96 44.97 9.01
H34 POV R . -24.10 52.89 15.41
H314 POV R . -23.21 42.48 15.59
H34A POV R . -22.63 53.41 15.18
H31E POV R . -24.04 42.07 14.34
H15 POV R . -24.85 62.87 21.40
H15A POV R . -26.18 63.19 20.61
H15B POV R . -25.87 63.98 21.98
H25 POV R . -26.55 53.00 14.24
H215 POV R . -24.81 42.87 10.60
H25A POV R . -27.00 53.06 15.74
H21E POV R . -24.22 42.40 9.24
H35 POV R . -21.97 52.18 17.10
H315 POV R . -22.34 41.27 13.25
H35A POV R . -23.39 51.51 17.09
H31F POV R . -21.31 42.29 13.83
H26 POV R . -28.69 51.61 15.33
H216 POV R . -22.77 44.17 10.86
H26A POV R . -28.38 51.59 13.80
H21F POV R . -22.72 42.63 11.17
H36 POV R . -22.94 50.28 15.33
H316 POV R . -21.27 39.84 14.50
H36A POV R . -21.96 51.31 14.72
H31G POV R . -20.75 40.93 15.47
H31H POV R . -22.21 40.39 15.66
H27 POV R . -26.40 50.75 15.57
H217 POV R . -20.94 43.73 9.79
H27A POV R . -27.57 49.76 15.30
H21G POV R . -21.26 42.24 9.55
H37 POV R . -20.59 49.69 15.28
H37A POV R . -20.39 50.67 16.48
H28 POV R . -26.55 50.57 12.91
H218 POV R . -21.13 43.08 7.50
H28A POV R . -25.37 50.10 13.81
H21H POV R . -22.69 43.08 7.65
H21J POV R . -21.90 44.41 7.86
H38 POV R . -20.75 48.96 17.74
H38A POV R . -22.27 49.15 17.41
H39 POV R . -21.64 46.96 17.04
H39A POV R . -20.51 47.43 16.04
N POV S . -23.08 71.78 13.61
P POV S . -24.10 67.13 13.68
C1 POV S . -23.85 67.54 11.06
C2 POV S . -23.49 66.15 10.54
C3 POV S . -23.40 66.14 9.04
C210 POV S . -26.71 57.09 4.75
C310 POV S . -21.64 54.98 2.97
C11 POV S . -22.76 69.30 14.36
O11 POV S . -24.68 67.46 12.24
C211 POV S . -27.05 55.68 5.15
C311 POV S . -22.58 53.77 2.88
C12 POV S . -23.46 70.31 13.46
O12 POV S . -22.77 68.01 13.72
C212 POV S . -28.52 55.35 4.97
C312 POV S . -21.93 52.41 3.16
C13 POV S . -24.27 72.63 13.26
O13 POV S . -25.07 67.64 14.68
C213 POV S . -29.09 54.44 6.05
C313 POV S . -22.74 51.55 4.13
C14 POV S . -22.66 72.12 15.02
O14 POV S . -23.71 65.70 13.71
C214 POV S . -29.73 55.20 7.19
C314 POV S . -22.02 50.32 4.62
C15 POV S . -21.97 72.11 12.68
C215 POV S . -31.04 55.89 6.83
C315 POV S . -21.57 49.42 3.49
C216 POV S . -31.00 57.41 6.80
C316 POV S . -21.61 47.97 3.84
C217 POV S . -30.66 58.04 8.14
C218 POV S . -31.15 59.47 8.29
C21 POV S . -25.72 65.22 10.70
O21 POV S . -24.42 65.14 11.04
C22 POV S . -26.50 64.09 11.28
O22 POV S . -26.19 66.11 10.03
C23 POV S . -27.31 63.33 10.24
C24 POV S . -26.47 62.52 9.28
C25 POV S . -27.27 61.84 8.21
C26 POV S . -26.59 60.66 7.54
C27 POV S . -27.45 59.41 7.55
C28 POV S . -26.79 58.15 7.03
C29 POV S . -26.55 58.13 5.56
C31 POV S . -23.19 64.70 7.20
O31 POV S . -23.30 64.79 8.52
C32 POV S . -23.10 63.29 6.74
O32 POV S . -23.19 65.66 6.47
C33 POV S . -23.02 63.18 5.22
C34 POV S . -23.02 61.76 4.69
C35 POV S . -21.68 61.08 4.73
C36 POV S . -21.53 59.94 3.74
C37 POV S . -22.08 58.62 4.21
C38 POV S . -21.74 57.47 3.28
C39 POV S . -22.15 56.12 3.81
H29 POV S . -26.24 58.97 5.18
H1 POV S . -23.05 68.05 11.28
H1A POV S . -24.34 68.02 10.37
H2 POV S . -22.59 65.91 10.87
H3 POV S . -24.19 66.56 8.65
H3A POV S . -22.61 66.63 8.75
H310 POV S . -20.76 54.71 3.31
H31A POV S . -21.49 55.33 2.07
H210 POV S . -26.60 57.24 3.79
H11 POV S . -21.83 69.55 14.49
H11A POV S . -23.17 69.27 15.25
H211 POV S . -26.52 55.08 4.59
H21A POV S . -26.79 55.49 6.06
H311 POV S . -23.33 53.88 3.49
H31B POV S . -22.97 53.75 1.98
H12 POV S . -23.31 70.07 12.52
H12A POV S . -24.43 70.26 13.63
H22 POV S . -25.87 63.47 11.71
H212 POV S . -29.03 56.19 4.94
H22A POV S . -27.09 64.45 11.96
H21B POV S . -28.64 54.92 4.09
H32 POV S . -22.31 62.88 7.15
H312 POV S . -21.85 51.94 2.30
H32A POV S . -23.91 62.83 7.05
H31C POV S . -21.03 52.51 3.49
H13 POV S . -24.84 72.69 14.05
H13A POV S . -23.94 73.51 12.99
H13B POV S . -24.76 72.22 12.52
H23 POV S . -27.93 62.72 10.70
H213 POV S . -29.76 53.85 5.65
H23A POV S . -27.87 63.97 9.74
H21C POV S . -28.38 53.87 6.40
H33 POV S . -23.77 63.66 4.84
H313 POV S . -22.98 52.09 4.91
H33A POV S . -22.21 63.64 4.93
H31D POV S . -23.58 51.27 3.71
H14 POV S . -22.67 73.09 15.12
H14A POV S . -23.29 71.72 15.65
H14B POV S . -21.76 71.77 15.18
H24 POV S . -25.80 63.09 8.87
H214 POV S . -29.89 54.59 7.93
H24A POV S . -25.98 61.85 9.80
H21D POV S . -29.08 55.87 7.51
H34 POV S . -23.67 61.24 5.20
H314 POV S . -21.25 50.59 5.16
H34A POV S . -23.34 61.79 3.76
H31E POV S . -22.61 49.81 5.21
H15 POV S . -21.66 73.04 12.83
H15A POV S . -21.21 71.52 12.86
H15B POV S . -22.27 71.98 11.76
H25 POV S . -28.12 61.54 8.61
H215 POV S . -31.32 55.57 5.94
H25A POV S . -27.51 62.50 7.53
H21E POV S . -31.73 55.60 7.46
H35 POV S . -20.98 61.74 4.56
H315 POV S . -22.12 49.59 2.71
H35A POV S . -21.53 60.73 5.63
H31F POV S . -20.65 49.64 3.26
H26 POV S . -26.37 60.89 6.62
H216 POV S . -30.35 57.70 6.14
H26A POV S . -25.75 60.46 8.00
H21F POV S . -31.87 57.74 6.51
H36 POV S . -22.00 60.17 2.92
H316 POV S . -21.30 47.43 3.08
H36A POV S . -20.59 59.83 3.52
H31G POV S . -21.02 47.77 4.58
H31H POV S . -22.51 47.69 4.08
H27 POV S . -27.75 59.25 8.47
H217 POV S . -31.05 57.50 8.85
H27A POV S . -28.26 59.59 7.02
H21G POV S . -29.69 58.02 8.28
H37 POV S . -21.74 58.42 5.10
H37A POV S . -23.06 58.68 4.27
H28 POV S . -25.95 58.00 7.52
H218 POV S . -32.12 59.49 8.44
H28A POV S . -27.37 57.40 7.27
H21H POV S . -30.71 59.90 9.05
H21J POV S . -30.95 59.98 7.48
H38 POV S . -22.18 57.62 2.42
H38A POV S . -20.78 57.48 3.10
H39 POV S . -23.12 56.09 3.88
H39A POV S . -21.79 56.03 4.72
N POV T . -24.34 65.90 17.47
P POV T . -24.62 62.09 17.08
C1 POV T . -26.48 62.36 15.08
C2 POV T . -26.74 60.87 15.17
C3 POV T . -25.70 60.11 14.40
C210 POV T . -30.97 53.03 12.01
C310 POV T . -28.19 49.36 9.58
C11 POV T . -22.87 64.02 16.39
O11 POV T . -25.24 62.71 15.74
C211 POV T . -31.53 51.77 12.57
C311 POV T . -29.54 49.40 8.84
C12 POV T . -23.02 65.48 16.82
O12 POV T . -23.39 63.07 17.35
C212 POV T . -31.31 50.61 11.62
C312 POV T . -30.53 48.29 9.20
C13 POV T . -24.57 65.28 18.83
O13 POV T . -25.60 62.20 18.19
C213 POV T . -32.19 49.40 11.86
C313 POV T . -30.90 47.13 8.26
C14 POV T . -24.21 67.39 17.67
O14 POV T . -24.04 60.77 16.78
C214 POV T . -31.55 48.30 12.68
C314 POV T . -29.72 46.35 7.62
C15 POV T . -25.51 65.62 16.59
C215 POV T . -31.44 48.66 14.14
C315 POV T . -29.00 45.34 8.51
C216 POV T . -30.05 48.60 14.73
C316 POV T . -28.30 44.27 7.72
C217 POV T . -29.72 47.32 15.45
C218 POV T . -29.47 46.18 14.53
C21 POV T . -29.13 60.94 15.45
O21 POV T . -28.09 60.55 14.69
C22 POV T . -30.43 60.44 14.90
O22 POV T . -29.02 61.60 16.45
C23 POV T . -30.64 60.60 13.41
C24 POV T . -31.26 59.38 12.77
C25 POV T . -30.32 58.19 12.69
C26 POV T . -30.98 56.86 12.82
C27 POV T . -31.71 56.43 11.58
C28 POV T . -31.09 55.23 10.89
C29 POV T . -31.65 53.99 11.46
C31 POV T . -26.55 59.80 12.23
O31 POV T . -26.20 59.23 13.37
C32 POV T . -26.95 58.76 11.21
O32 POV T . -26.58 60.98 12.05
C33 POV T . -26.68 57.34 11.65
C34 POV T . -27.05 56.31 10.59
C35 POV T . -26.58 54.93 10.94
C36 POV T . -27.45 53.78 10.41
C37 POV T . -26.78 52.97 9.33
C38 POV T . -27.55 51.74 8.91
C39 POV T . -27.68 50.72 10.00
H29 POV T . -32.62 53.91 11.39
H1 POV T . -26.38 62.63 14.15
H1A POV T . -27.21 62.88 15.47
H2 POV T . -26.70 60.55 16.08
H3 POV T . -25.10 60.77 14.00
H3A POV T . -25.17 59.56 15.01
H310 POV T . -28.23 48.84 10.41
H31A POV T . -27.53 48.93 9.00
H210 POV T . -30.00 53.11 12.03
H11 POV T . -23.27 63.92 15.50
H11A POV T . -21.93 63.84 16.22
H211 POV T . -31.04 51.58 13.40
H21A POV T . -32.47 51.85 12.82
H311 POV T . -29.96 50.27 9.00
H31B POV T . -29.36 49.35 7.88
H12 POV T . -22.91 66.04 16.03
H12A POV T . -22.31 65.70 17.44
H22 POV T . -30.50 59.49 15.15
H212 POV T . -31.43 50.92 10.69
H22A POV T . -31.14 60.93 15.37
H21B POV T . -30.37 50.33 11.67
H32 POV T . -27.88 58.88 10.99
H312 POV T . -31.00 48.79 8.50
H32A POV T . -26.42 58.95 10.41
H31C POV T . -29.71 47.79 9.24
H13 POV T . -25.22 65.81 19.31
H13A POV T . -24.89 64.37 18.76
H13B POV T . -23.73 65.27 19.33
H23 POV T . -31.22 61.37 13.26
H213 POV T . -33.02 49.69 12.30
H23A POV T . -29.80 60.81 12.97
H21C POV T . -32.46 49.04 11.00
H33 POV T . -25.73 57.24 11.87
H313 POV T . -31.49 47.43 7.54
H33A POV T . -27.16 57.15 12.47
H31D POV T . -31.41 46.49 8.78
H14 POV T . -25.02 67.74 18.10
H14A POV T . -23.43 67.56 18.24
H14B POV T . -24.08 67.82 16.80
H24 POV T . -32.07 59.13 13.26
H214 POV T . -32.09 47.49 12.59
H24A POV T . -31.57 59.60 11.87
H21D POV T . -30.68 48.09 12.31
H34 POV T . -28.02 56.32 10.46
H314 POV T . -30.07 45.88 6.84
H34A POV T . -26.66 56.57 9.74
H31E POV T . -29.06 46.99 7.25
H15 POV T . -25.22 65.32 15.71
H15A POV T . -26.07 64.91 16.97
H15B POV T . -26.05 66.43 16.52
H25 POV T . -29.89 58.21 11.81
H215 POV T . -31.80 49.57 14.26
H25A POV T . -29.62 58.28 13.36
H21E POV T . -32.02 48.07 14.66
H35 POV T . -25.69 54.84 10.57
H315 POV T . -28.34 45.81 9.06
H35A POV T . -26.50 54.88 11.90
H31F POV T . -29.63 44.92 9.12
H26 POV T . -30.29 56.20 13.03
H216 POV T . -29.40 48.75 14.02
H26A POV T . -31.59 56.89 13.57
H21F POV T . -29.95 49.34 15.36
H36 POV T . -27.65 53.21 11.16
H316 POV T . -27.60 44.66 7.16
H36A POV T . -28.29 54.11 10.06
H31G POV T . -27.89 43.60 8.31
H31H POV T . -28.94 43.81 7.14
H27 POV T . -32.61 56.17 11.84
H217 POV T . -28.93 47.45 16.00
H27A POV T . -31.80 57.19 10.98
H21G POV T . -30.45 47.09 16.06
H37 POV T . -26.62 53.53 8.56
H37A POV T . -25.91 52.68 9.67
H28 POV T . -31.24 55.27 9.93
H218 POV T . -29.48 45.33 15.01
H28A POV T . -30.12 55.22 11.01
H21H POV T . -30.15 46.14 13.82
H21J POV T . -28.60 46.27 14.09
H38 POV T . -28.44 52.01 8.62
H38A POV T . -27.11 51.32 8.15
H39 POV T . -28.29 51.06 10.69
H39A POV T . -26.81 50.59 10.42
CA CA U . -8.27 41.70 26.38
N POV V . 3.02 66.88 23.90
P POV V . 4.38 66.29 19.47
C1 POV V . 3.46 63.93 20.07
C2 POV V . 4.38 62.89 19.47
C3 POV V . 5.32 62.32 20.50
C210 POV V . 6.50 53.91 13.08
C310 POV V . 3.66 52.04 16.30
C11 POV V . 4.30 67.55 21.77
O11 POV V . 3.41 65.07 19.17
C211 POV V . 6.29 53.04 11.89
C311 POV V . 3.94 50.76 15.58
C12 POV V . 3.34 67.94 22.88
O12 POV V . 3.58 66.91 20.69
C212 POV V . 6.70 51.61 12.08
C312 POV V . 3.07 50.53 14.37
C13 POV V . 1.78 67.28 24.63
O13 POV V . 5.69 65.74 19.92
C213 POV V . 7.75 51.16 11.11
C313 POV V . 3.53 49.35 13.54
C14 POV V . 2.79 65.55 23.26
O14 POV V . 4.33 67.23 18.33
C214 POV V . 8.15 49.73 11.28
C314 POV V . 2.47 48.70 12.68
C15 POV V . 4.15 66.77 24.87
C215 POV V . 7.08 48.75 10.88
C315 POV V . 2.50 47.19 12.67
C216 POV V . 6.51 47.94 12.03
C316 POV V . 1.17 46.57 12.62
C217 POV V . 7.40 46.88 12.67
C218 POV V . 8.80 46.71 12.13
C21 POV V . 6.08 63.01 17.66
O21 POV V . 5.12 63.58 18.42
C22 POV V . 5.89 61.53 17.37
O22 POV V . 7.02 63.61 17.22
C23 POV V . 5.76 61.32 15.88
C24 POV V . 6.76 60.37 15.32
C25 POV V . 6.39 58.94 15.53
C26 POV V . 5.69 58.38 14.34
C27 POV V . 5.09 57.03 14.58
C28 POV V . 6.09 55.91 14.46
C29 POV V . 5.88 55.02 13.31
C31 POV V . 6.07 60.15 21.16
O31 POV V . 5.61 60.93 20.19
C32 POV V . 6.31 58.76 20.68
O32 POV V . 6.28 60.53 22.28
C33 POV V . 5.09 58.08 20.07
C34 POV V . 5.49 56.90 19.25
C35 POV V . 4.44 55.83 19.14
C36 POV V . 4.96 54.56 18.51
C37 POV V . 4.31 53.31 19.05
C38 POV V . 2.93 53.05 18.52
C39 POV V . 2.87 51.88 17.58
H29 POV V . 5.19 55.29 12.66
H1 POV V . 3.78 64.26 20.92
H1A POV V . 2.57 63.54 20.17
H2 POV V . 3.82 62.18 19.12
H3 POV V . 6.13 62.84 20.51
H3A POV V . 4.90 62.32 21.38
H310 POV V . 4.50 52.48 16.48
H31A POV V . 3.14 52.61 15.70
H210 POV V . 7.16 53.60 13.74
H11 POV V . 4.72 68.34 21.41
H11A POV V . 5.01 66.98 22.12
H211 POV V . 5.34 53.07 11.67
H21A POV V . 6.76 53.39 11.11
H311 POV V . 4.87 50.76 15.30
H31B POV V . 3.84 50.01 16.19
H12 POV V . 2.50 68.22 22.49
H12A POV V . 3.72 68.69 23.37
H22 POV V . 6.70 61.07 17.67
H212 POV V . 7.04 51.47 12.99
H22A POV V . 5.13 61.08 17.75
H21B POV V . 5.91 51.04 11.99
H32 POV V . 7.01 58.79 20.00
H312 POV V . 2.15 50.39 14.67
H32A POV V . 6.59 58.23 21.44
H31C POV V . 3.05 51.33 13.82
H13 POV V . 1.72 66.74 25.44
H13A POV V . 1.85 68.23 24.86
H13B POV V . 1.00 67.13 24.07
H23 POV V . 4.87 60.97 15.70
H213 POV V . 7.41 51.30 10.20
H23A POV V . 5.84 62.18 15.43
H21C POV V . 8.54 51.73 11.20
H33 POV V . 4.49 57.80 20.78
H313 POV V . 4.23 49.69 12.92
H33A POV V . 4.62 58.71 19.51
H31D POV V . 3.97 48.70 14.12
H14 POV V . 2.27 64.99 23.87
H14A POV V . 2.28 65.68 22.43
H14B POV V . 3.65 65.14 23.06
H24 POV V . 6.79 60.53 14.36
H214 POV V . 8.97 49.54 10.77
H24A POV V . 7.64 60.56 15.68
H21D POV V . 8.37 49.58 12.22
H34 POV V . 5.74 57.20 18.37
H314 POV V . 1.58 49.02 12.89
H34A POV V . 6.28 56.51 19.67
H31E POV V . 2.63 48.99 11.76
H15 POV V . 4.25 65.85 25.18
H15A POV V . 4.98 67.02 24.42
H15B POV V . 3.98 67.38 25.62
H25 POV V . 7.20 58.41 15.68
H215 POV V . 6.33 49.22 10.46
H25A POV V . 5.82 58.88 16.31
H21E POV V . 7.43 48.14 10.21
H35 POV V . 4.10 55.63 20.02
H315 POV V . 3.00 46.89 11.90
H35A POV V . 3.70 56.17 18.60
H31F POV V . 2.95 46.84 13.46
H26 POV V . 4.99 59.00 14.09
H216 POV V . 6.27 48.58 12.73
H26A POV V . 6.32 58.32 13.61
H21F POV V . 5.67 47.53 11.74
H36 POV V . 4.82 54.59 17.55
H316 POV V . 1.22 45.64 12.35
H36A POV V . 5.92 54.49 18.65
H31G POV V . 0.74 46.57 13.51
H31H POV V . 0.58 47.05 12.01
H27 POV V . 4.70 57.03 15.47
H217 POV V . 7.47 47.07 13.62
H27A POV V . 4.37 56.92 13.94
H21G POV V . 6.95 46.01 12.60
H37 POV V . 4.89 52.55 18.82
H37A POV V . 4.28 53.35 20.02
H28 POV V . 6.99 56.28 14.44
H218 POV V . 9.19 45.89 12.50
H28A POV V . 6.02 55.35 15.25
H21H POV V . 8.83 46.63 11.15
H21J POV V . 9.37 47.46 12.39
H38 POV V . 2.32 52.85 19.26
H38A POV V . 2.58 53.84 18.07
H39 POV V . 1.94 51.72 17.36
H39A POV V . 3.21 51.10 18.07
N POV W . 14.84 68.94 29.98
P POV W . 12.90 66.40 26.40
C1 POV W . 15.48 65.91 25.96
C2 POV W . 15.40 64.53 25.35
C3 POV W . 16.77 64.00 25.02
C210 POV W . 17.44 58.69 15.69
C310 POV W . 18.13 53.47 17.91
C11 POV W . 13.23 67.24 28.89
O11 POV W . 14.29 66.67 25.67
C211 POV W . 16.52 57.83 14.88
C311 POV W . 17.69 53.23 16.47
C12 POV W . 14.43 68.14 28.76
O12 POV W . 13.35 66.18 27.91
C212 POV W . 16.01 58.45 13.57
C312 POV W . 16.92 51.94 16.22
C13 POV W . 15.57 70.19 29.55
O13 POV W . 12.11 67.65 26.31
C213 POV W . 14.68 59.16 13.67
C313 POV W . 15.69 52.14 15.34
C14 POV W . 13.66 69.35 30.81
O14 POV W . 12.34 65.14 25.87
C214 POV W . 14.80 60.60 14.15
C314 POV W . 14.76 50.94 15.28
C15 POV W . 15.77 68.13 30.84
C215 POV W . 14.74 61.62 13.03
C315 POV W . 15.47 49.70 14.77
C216 POV W . 15.07 63.04 13.45
C316 POV W . 14.58 48.86 13.93
C217 POV W . 14.51 63.49 14.80
C218 POV W . 14.54 64.98 14.99
C21 POV W . 14.84 65.29 23.12
O21 POV W . 14.52 64.53 24.18
C22 POV W . 13.79 65.20 22.06
O22 POV W . 15.83 65.97 23.05
C23 POV W . 14.35 64.95 20.66
C24 POV W . 14.99 63.57 20.51
C25 POV W . 15.29 63.21 19.07
C26 POV W . 15.71 61.77 18.89
C27 POV W . 15.59 61.27 17.45
C28 POV W . 15.79 59.78 17.27
C29 POV W . 17.15 59.46 16.73
C31 POV W . 17.89 62.31 23.83
O31 POV W . 16.71 62.84 24.15
C32 POV W . 17.75 61.14 22.92
O32 POV W . 18.94 62.74 24.24
C33 POV W . 19.08 60.68 22.37
C34 POV W . 18.99 59.50 21.42
C35 POV W . 18.84 58.16 22.11
C36 POV W . 19.32 56.99 21.28
C37 POV W . 18.38 56.59 20.18
C38 POV W . 18.79 55.30 19.50
C39 POV W . 17.80 54.83 18.46
H29 POV W . 17.89 59.84 17.23
H1 POV W . 15.58 65.86 26.94
H1A POV W . 16.25 66.38 25.60
H2 POV W . 15.02 63.90 26.00
H3 POV W . 17.31 64.69 24.59
H3A POV W . 17.22 63.72 25.83
H310 POV W . 17.74 52.80 18.51
H31A POV W . 19.10 53.35 17.96
H210 POV W . 18.38 58.66 15.41
H11 POV W . 13.19 66.83 29.77
H11A POV W . 12.39 67.73 28.78
H211 POV W . 17.00 57.00 14.67
H21A POV W . 15.74 57.55 15.40
H311 POV W . 17.14 53.99 16.17
H31B POV W . 18.48 53.23 15.91
H12 POV W . 15.20 67.60 28.51
H12A POV W . 14.26 68.78 28.03
H22 POV W . 13.18 64.47 22.29
H212 POV W . 16.69 59.07 13.24
H22A POV W . 13.28 66.03 22.06
H21B POV W . 15.93 57.74 12.90
H32 POV W . 17.32 60.41 23.42
H312 POV W . 17.52 51.30 15.79
H32A POV W . 17.17 61.42 22.19
H31C POV W . 16.64 51.52 17.07
H13 POV W . 14.94 70.94 29.56
H13A POV W . 16.30 70.35 30.19
H13B POV W . 15.96 70.09 28.66
H23 POV W . 13.61 65.02 20.01
H213 POV W . 14.25 59.15 12.79
H23A POV W . 14.99 65.65 20.43
H21C POV W . 14.09 58.67 14.28
H33 POV W . 19.49 61.43 21.90
H313 POV W . 15.17 52.89 15.67
H33A POV W . 19.67 60.45 23.11
H31D POV W . 15.97 52.35 14.43
H14 POV W . 13.94 70.05 31.44
H14A POV W . 12.97 69.72 30.21
H14B POV W . 13.31 68.58 31.29
H24 POV W . 15.82 63.54 21.02
H214 POV W . 14.07 60.76 14.80
H24A POV W . 14.39 62.91 20.88
H21D POV W . 15.64 60.70 14.64
H34 POV W . 18.23 59.63 20.83
H314 POV W . 14.40 50.77 16.17
H34A POV W . 19.79 59.48 20.87
H31E POV W . 14.00 51.14 14.71
H15 POV W . 15.96 68.58 31.68
H15A POV W . 15.33 67.29 31.05
H15B POV W . 16.59 67.96 30.34
H25 POV W . 14.50 63.40 18.53
H215 POV W . 15.36 61.34 12.34
H25A POV W . 16.00 63.80 18.74
H21E POV W . 13.84 61.60 12.63
H35 POV W . 19.34 58.18 22.96
H315 POV W . 16.26 49.96 14.26
H35A POV W . 17.91 58.03 22.35
H31F POV W . 15.75 49.15 15.53
H26 POV W . 16.65 61.67 19.16
H216 POV W . 16.03 63.14 13.46
H26A POV W . 15.18 61.20 19.47
H21F POV W . 14.73 63.64 12.75
H36 POV W . 20.18 57.21 20.88
H316 POV W . 15.04 48.05 13.66
H36A POV W . 19.47 56.23 21.87
H31G POV W . 13.79 48.61 14.42
H31H POV W . 14.30 49.36 13.13
H27 POV W . 14.70 61.51 17.11
H217 POV W . 13.60 63.16 14.92
H27A POV W . 16.24 61.74 16.91
H21G POV W . 15.05 63.11 15.50
H37 POV W . 17.48 56.50 20.53
H37A POV W . 18.37 57.30 19.51
H28 POV W . 15.64 59.32 18.12
H218 POV W . 13.91 65.44 14.40
H28A POV W . 15.12 59.44 16.65
H21H POV W . 14.32 65.22 15.92
H21J POV W . 15.44 65.32 14.80
H38 POV W . 19.66 55.42 19.08
H38A POV W . 18.89 54.61 20.18
H39 POV W . 17.79 55.49 17.74
H39A POV W . 16.91 54.81 18.86
N POV X . 8.90 66.77 26.51
P POV X . 7.56 64.15 23.86
C1 POV X . 9.63 64.72 22.16
C2 POV X . 8.90 64.06 20.99
C3 POV X . 9.11 62.57 20.93
C210 POV X . 8.67 60.78 12.31
C310 POV X . 9.50 55.50 11.50
C11 POV X . 9.28 64.26 25.92
O11 POV X . 8.71 65.07 23.22
C211 POV X . 7.65 60.43 11.28
C311 POV X . 10.08 56.34 10.36
C12 POV X . 9.38 65.39 26.93
O12 POV X . 7.93 64.10 25.42
C212 POV X . 8.09 59.22 10.49
C312 POV X . 9.30 56.31 9.03
C13 POV X . 7.42 66.84 26.34
O13 POV X . 6.27 64.86 23.72
C213 POV X . 7.40 59.01 9.16
C313 POV X . 9.70 55.47 7.82
C14 POV X . 9.29 67.69 27.62
O14 POV X . 7.66 62.75 23.39
C214 POV X . 6.26 58.02 9.20
C314 POV X . 10.13 54.01 8.09
C15 POV X . 9.56 67.23 25.24
C215 POV X . 5.04 58.55 9.90
C315 POV X . 9.00 53.00 8.30
C216 POV X . 4.55 57.72 11.06
C316 POV X . 9.43 51.59 7.98
C217 POV X . 3.66 56.56 10.68
C218 POV X . 4.36 55.46 9.93
C21 POV X . 8.80 65.90 19.46
O21 POV X . 9.26 64.66 19.71
C22 POV X . 9.08 66.31 18.04
O22 POV X . 8.23 66.59 20.26
C23 POV X . 10.49 66.05 17.54
C24 POV X . 10.52 65.47 16.13
C25 POV X . 10.06 64.03 16.06
C26 POV X . 9.52 63.60 14.73
C27 POV X . 10.58 63.39 13.69
C28 POV X . 10.65 61.96 13.20
C29 POV X . 9.60 61.67 12.20
C31 POV X . 11.14 62.36 19.72
O31 POV X . 9.83 62.09 19.77
C32 POV X . 11.75 61.70 18.53
O32 POV X . 11.71 63.06 20.51
C33 POV X . 10.84 60.65 17.90
C34 POV X . 11.46 59.93 16.73
C35 POV X . 10.59 58.81 16.23
C36 POV X . 10.78 58.42 14.77
C37 POV X . 11.32 57.03 14.59
C38 POV X . 11.17 56.49 13.19
C39 POV X . 9.74 56.08 12.87
H29 POV X . 9.66 62.22 11.39
H1 POV X . 10.35 64.17 22.54
H1A POV X . 10.06 65.54 21.84
H2 POV X . 7.94 64.18 21.09
H3 POV X . 9.58 62.29 21.73
H3A POV X . 8.24 62.12 20.91
H310 POV X . 8.53 55.40 11.44
H31A POV X . 9.89 54.60 11.46
H210 POV X . 8.63 60.25 13.13
H11 POV X . 9.90 64.42 25.18
H11A POV X . 9.60 63.43 26.32
H211 POV X . 6.82 60.22 11.75
H21A POV X . 7.45 61.19 10.68
H311 POV X . 10.17 57.26 10.65
H31B POV X . 10.99 56.02 10.18
H12 POV X . 10.31 65.49 27.22
H12A POV X . 8.87 65.17 27.73
H22 POV X . 8.44 65.84 17.47
H212 POV X . 9.06 59.27 10.34
H22A POV X . 8.90 67.27 17.97
H21B POV X . 7.96 58.41 11.04
H32 POV X . 11.99 62.39 17.88
H312 POV X . 10.13 56.76 8.77
H32A POV X . 12.58 61.27 18.82
H31C POV X . 9.06 55.43 9.35
H13 POV X . 7.15 67.79 26.29
H13A POV X . 7.13 66.40 25.52
H13B POV X . 6.97 66.42 27.10
H23 POV X . 10.98 66.89 17.54
H213 POV X . 7.07 59.88 8.84
H23A POV X . 10.97 65.45 18.14
H21C POV X . 8.06 58.73 8.51
H33 POV X . 10.57 60.01 18.57
H313 POV X . 10.41 55.90 7.30
H33A POV X . 10.03 61.08 17.58
H31D POV X . 8.92 55.43 7.23
H14 POV X . 8.97 68.60 27.43
H14A POV X . 8.87 67.37 28.45
H14B POV X . 10.25 67.69 27.73
H24 POV X . 9.97 66.02 15.54
H214 POV X . 6.03 57.77 8.28
H24A POV X . 11.43 65.53 15.77
H21D POV X . 6.55 57.20 9.63
H34 POV X . 11.65 60.56 16.02
H314 POV X . 10.67 53.72 7.34
H34A POV X . 12.32 59.55 17.01
H31E POV X . 10.72 53.99 8.88
H15 POV X . 10.33 66.65 25.02
H15A POV X . 8.93 67.19 24.50
H15B POV X . 9.86 68.16 25.36
H25 POV X . 10.81 63.46 16.27
H215 POV X . 5.25 59.45 10.21
H25A POV X . 9.38 63.86 16.73
H21E POV X . 4.30 58.64 9.26
H35 POV X . 10.76 58.04 16.80
H315 POV X . 8.68 53.03 9.22
H35A POV X . 9.67 59.07 16.39
H31F POV X . 8.24 53.23 7.73
H26 POV X . 9.02 62.77 14.84
H216 POV X . 5.32 57.40 11.56
H26A POV X . 8.89 64.27 14.42
H21F POV X . 4.05 58.30 11.66
H36 POV X . 9.93 58.49 14.32
H316 POV X . 10.16 51.32 8.58
H36A POV X . 11.38 59.05 14.34
H31G POV X . 8.70 50.96 8.08
H31H POV X . 9.75 51.53 7.06
H27 POV X . 10.40 63.97 12.93
H217 POV X . 3.26 56.19 11.49
H27A POV X . 11.44 63.67 14.05
H21G POV X . 2.93 56.90 10.14
H37 POV X . 12.28 57.02 14.82
H37A POV X . 10.88 56.42 15.20
H28 POV X . 11.53 61.77 12.83
H218 POV X . 3.79 54.67 9.87
H28A POV X . 10.54 61.34 13.94
H21H POV X . 4.58 55.75 9.02
H21J POV X . 5.18 55.21 10.37
H38 POV X . 11.47 57.18 12.56
H38A POV X . 11.75 55.71 13.07
H39 POV X . 9.16 56.87 12.96
H39A POV X . 9.45 55.43 13.54
N POV Y . 2.28 10.71 35.22
P POV Y . 4.38 14.61 33.04
C1 POV Y . 2.63 14.59 34.98
C2 POV Y . 2.10 15.38 36.14
C3 POV Y . 3.19 16.13 36.82
C210 POV Y . -3.80 23.78 39.01
C310 POV Y . 2.16 27.11 37.80
C11 POV Y . 3.83 12.02 33.47
O11 POV Y . 3.42 15.37 34.07
C211 POV Y . -3.28 24.77 40.00
C311 POV Y . 1.87 28.13 36.73
C12 POV Y . 2.54 11.25 33.77
O12 POV Y . 3.50 13.27 32.81
C212 POV Y . -4.36 25.27 40.90
C312 POV Y . 2.30 29.54 37.08
C13 POV Y . 3.44 10.77 36.16
O13 POV Y . 4.50 15.39 31.79
C213 POV Y . -5.02 26.51 40.42
C313 POV Y . 3.58 30.00 36.39
C14 POV Y . 1.14 11.46 35.86
O14 POV Y . 5.62 14.27 33.75
C214 POV Y . -4.24 27.76 40.67
C314 POV Y . 3.69 31.49 36.17
C15 POV Y . 1.87 9.28 35.08
C215 POV Y . -4.50 28.40 42.00
C315 POV Y . 3.18 32.36 37.28
C216 POV Y . -4.91 29.85 41.94
C316 POV Y . 3.86 33.67 37.32
C217 POV Y . -4.03 30.76 42.70
C218 POV Y . -4.31 30.78 44.09
C21 POV Y . 0.32 14.38 37.61
O21 POV Y . 1.59 14.37 37.09
C22 POV Y . -0.49 15.60 37.28
O22 POV Y . -0.11 13.48 38.28
C23 POV Y . -1.82 15.67 37.99
C24 POV Y . -2.51 17.01 37.85
C25 POV Y . -1.88 18.11 38.65
C26 POV Y . -2.59 19.44 38.58
C27 POV Y . -1.68 20.63 38.82
C28 POV Y . -2.30 21.83 39.52
C29 POV Y . -3.35 22.56 38.78
C31 POV Y . 3.10 18.31 37.83
O31 POV Y . 2.60 17.07 37.75
C32 POV Y . 2.37 19.09 38.86
O32 POV Y . 3.99 18.73 37.16
C33 POV Y . 2.22 20.55 38.52
C34 POV Y . 3.22 21.48 39.21
C35 POV Y . 2.65 22.39 40.28
C36 POV Y . 1.51 23.29 39.83
C37 POV Y . 1.84 24.77 39.86
C38 POV Y . 0.75 25.63 39.27
C39 POV Y . 1.16 27.03 38.91
H29 POV Y . -3.76 22.07 38.03
H1 POV Y . 3.19 13.88 35.34
H1A POV Y . 1.87 14.22 34.48
H2 POV Y . 1.51 16.04 35.74
H3 POV Y . 3.78 15.51 37.28
H3A POV Y . 3.70 16.62 36.14
H310 POV Y . 2.20 26.23 37.38
H31A POV Y . 3.03 27.29 38.19
H210 POV Y . -4.56 24.09 38.49
H11 POV Y . 4.36 12.26 34.25
H11A POV Y . 4.42 11.47 32.92
H211 POV Y . -2.57 24.36 40.53
H21A POV Y . -2.88 25.53 39.56
H311 POV Y . 2.31 27.84 35.91
H31B POV Y . 0.92 28.13 36.53
H12 POV Y . 2.52 10.46 33.19
H12A POV Y . 1.78 11.82 33.52
H22 POV Y . 0.03 16.39 37.52
H212 POV Y . -5.06 24.59 40.98
H22A POV Y . -0.66 15.58 36.32
H21B POV Y . -4.01 25.43 41.80
H32 POV Y . 1.48 18.69 38.93
H312 POV Y . 1.58 30.16 36.89
H32A POV Y . 2.86 18.98 39.69
H31C POV Y . 2.46 29.58 38.05
H13 POV Y . 3.22 10.24 36.95
H13A POV Y . 4.24 10.41 35.72
H13B POV Y . 3.59 11.70 36.42
H23 POV Y . -2.40 14.98 37.63
H213 POV Y . -5.14 26.39 39.46
H23A POV Y . -1.69 15.47 38.94
H21C POV Y . -5.91 26.58 40.80
H33 POV Y . 2.30 20.65 37.56
H313 POV Y . 4.33 29.72 36.94
H33A POV Y . 1.31 20.80 38.76
H31D POV Y . 3.67 29.58 35.52
H14 POV Y . 0.30 10.99 35.65
H14A POV Y . 1.27 11.45 36.83
H14B POV Y . 1.09 12.38 35.56
H24 POV Y . -2.52 17.27 36.91
H214 POV Y . -3.30 27.53 40.62
H24A POV Y . -3.44 16.93 38.13
H21D POV Y . -4.40 28.38 39.93
H34 POV Y . 3.94 20.94 39.62
H314 POV Y . 4.61 31.72 35.97
H34A POV Y . 3.66 22.02 38.53
H31E POV Y . 3.20 31.71 35.37
H15 POV Y . 1.55 8.95 35.94
H15A POV Y . 1.12 9.22 34.45
H15B POV Y . 2.63 8.76 34.76
H25 POV Y . -1.85 17.81 39.58
H215 POV Y . -5.19 27.92 42.48
H25A POV Y . -0.95 18.23 38.37
H21E POV Y . -3.70 28.35 42.55
H35 POV Y . 2.33 21.84 41.03
H315 POV Y . 2.22 32.51 37.15
H35A POV Y . 3.35 22.96 40.63
H31F POV Y . 3.29 31.92 38.14
H26 POV Y . -3.02 19.51 37.70
H216 POV Y . -4.99 30.17 41.02
H26A POV Y . -3.32 19.44 39.24
H21F POV Y . -5.81 29.92 42.31
H36 POV Y . 1.21 23.05 38.94
H316 POV Y . 4.69 33.61 37.84
H36A POV Y . 0.74 23.11 40.42
H31G POV Y . 4.11 33.96 36.42
H31H POV Y . 3.30 34.36 37.74
H27 POV Y . -0.92 20.33 39.36
H217 POV Y . -3.10 30.52 42.60
H27A POV Y . -1.32 20.92 37.96
H21G POV Y . -4.14 31.67 42.37
H37 POV Y . 2.00 25.04 40.78
H37A POV Y . 2.69 24.91 39.39
H28 POV Y . -2.63 21.53 40.40
H218 POV Y . -3.47 30.89 44.58
H28A POV Y . -1.59 22.46 39.71
H21H POV Y . -4.89 31.53 44.31
H21J POV Y . -4.76 29.96 44.35
H38 POV Y . 0.40 25.19 38.47
H38A POV Y . 0.01 25.67 39.91
H39 POV Y . 1.57 27.45 39.70
H39A POV Y . 0.37 27.55 38.67
N POV Z . 10.09 9.61 39.82
P POV Z . 10.12 11.09 43.55
C1 POV Z . 9.49 12.67 45.47
C2 POV Z . 9.78 13.96 46.20
C3 POV Z . 8.97 14.11 47.45
C210 POV Z . 6.71 23.60 49.98
C11 POV Z . 11.09 11.63 41.13
O11 POV Z . 10.42 12.41 44.40
C211 POV Z . 7.08 24.13 51.32
C12 POV Z . 11.24 10.60 40.03
O12 POV Z . 11.30 11.08 42.47
C212 POV Z . 6.13 25.20 51.80
C13 POV Z . 8.76 10.33 39.76
O13 POV Z . 10.27 9.90 44.42
C14 POV Z . 10.29 8.90 38.52
O14 POV Z . 8.83 11.32 42.87
C15 POV Z . 10.05 8.59 40.92
C21 POV Z . 9.88 16.31 45.67
O21 POV Z . 9.44 15.09 45.33
C22 POV Z . 9.43 17.35 44.70
O22 POV Z . 10.54 16.51 46.66
C23 POV Z . 8.51 18.41 45.28
C24 POV Z . 9.18 19.29 46.30
C25 POV Z . 9.01 18.85 47.73
C26 POV Z . 8.37 19.91 48.59
C27 POV Z . 9.21 21.15 48.76
C28 POV Z . 8.66 22.12 49.77
C29 POV Z . 7.42 22.75 49.30
C31 POV Z . 9.60 14.67 49.79
O31 POV Z . 9.88 14.10 48.59
C32 POV Z . 8.33 15.47 49.85
O32 POV Z . 10.32 14.53 50.75
C33 POV Z . 8.15 16.16 51.20
C34 POV Z . 6.95 17.10 51.22
C35 POV Z . 6.84 17.90 52.51
H29 POV Z . 7.11 22.50 48.40
H1 POV Z . 9.54 11.92 46.09
H1A POV Z . 8.58 12.72 45.11
H2 POV Z . 10.73 14.00 46.44
H3 POV Z . 8.38 14.86 47.33
H3A POV Z . 8.42 13.31 47.55
H210 POV Z . 5.87 23.91 49.61
H11 POV Z . 11.81 12.28 41.00
H11A POV Z . 10.27 12.14 41.07
H211 POV Z . 7.09 23.39 51.94
H21A POV Z . 7.99 24.50 51.31
H12 POV Z . 12.04 10.05 40.18
H12A POV Z . 11.34 11.07 39.17
H22 POV Z . 10.24 17.78 44.35
H212 POV Z . 6.53 25.68 52.54
H22A POV Z . 8.96 16.89 43.97
H21B POV Z . 5.31 24.79 52.13
H32 POV Z . 8.36 16.16 49.18
H32A POV Z . 7.58 14.87 49.69
H13 POV Z . 8.14 9.81 39.21
H13A POV Z . 8.38 10.47 40.65
H13B POV Z . 8.91 11.21 39.36
H23 POV Z . 8.18 18.97 44.57
H23A POV Z . 7.71 17.97 45.66
H33 POV Z . 8.04 15.48 51.90
H33A POV Z . 8.95 16.66 51.42
H14 POV Z . 9.59 8.22 38.41
H14A POV Z . 10.24 9.55 37.79
H14B POV Z . 11.17 8.48 38.53
H24 POV Z . 10.14 19.34 46.09
H24A POV Z . 8.82 20.20 46.19
H34 POV Z . 7.02 17.71 50.47
H34A POV Z . 6.13 16.58 51.10
H15 POV Z . 10.34 7.72 40.57
H15A POV Z . 10.69 8.85 41.61
H15B POV Z . 9.16 8.51 41.31
H25 POV Z . 8.49 18.03 47.77
H25A POV Z . 9.89 18.63 48.09
H26 POV Z . 7.52 20.16 48.17
H26A POV Z . 8.16 19.53 49.46
H27 POV Z . 10.13 20.89 49.02
H27A POV Z . 9.28 21.61 47.90
H28 POV Z . 8.52 21.67 50.62
H28A POV Z . 9.30 22.84 49.94
N POV AA . 4.63 45.05 67.61
P POV AA . 4.09 40.33 67.52
C1 POV AA . 6.06 39.52 65.93
C2 POV AA . 6.64 38.14 66.11
C3 POV AA . 6.10 37.16 65.10
C210 POV AA . 7.70 29.22 63.05
C310 POV AA . 5.73 28.51 56.74
C11 POV AA . 5.20 42.62 68.24
O11 POV AA . 4.65 39.50 66.27
C211 POV AA . 7.80 27.81 63.48
C311 POV AA . 4.91 27.30 56.26
C12 POV AA . 5.66 43.94 67.66
O12 POV AA . 4.69 41.77 67.18
C212 POV AA . 8.30 26.85 62.38
C312 POV AA . 5.64 25.97 56.28
C13 POV AA . 5.06 46.07 66.61
O13 POV AA . 2.61 40.40 67.44
C213 POV AA . 7.44 25.62 62.25
C313 POV AA . 5.15 24.97 55.26
C14 POV AA . 3.27 44.53 67.23
O14 POV AA . 4.73 39.81 68.74
C214 POV AA . 7.90 24.63 61.20
C314 POV AA . 6.07 23.79 55.07
C15 POV AA . 4.53 45.70 68.95
C215 POV AA . 7.98 25.17 59.77
C315 POV AA . 5.33 22.48 54.85
C216 POV AA . 8.44 24.17 58.72
C316 POV AA . 6.21 21.37 54.39
C217 POV AA . 8.39 22.69 59.11
C218 POV AA . 8.75 21.76 57.97
C21 POV AA . 6.75 36.66 68.12
O21 POV AA . 6.20 37.73 67.46
C22 POV AA . 8.10 36.25 67.62
O22 POV AA . 6.19 36.11 69.03
C23 POV AA . 8.72 35.10 68.41
C24 POV AA . 8.47 33.74 67.78
C25 POV AA . 7.01 33.41 67.53
C26 POV AA . 6.77 31.98 67.11
C27 POV AA . 7.63 31.53 65.95
C28 POV AA . 7.19 30.24 65.28
C29 POV AA . 7.47 30.25 63.82
C31 POV AA . 6.60 36.52 62.77
O31 POV AA . 6.84 37.30 63.85
C32 POV AA . 5.53 35.47 62.97
O32 POV AA . 7.18 36.64 61.73
C33 POV AA . 5.35 34.55 61.77
C34 POV AA . 6.33 33.38 61.74
C35 POV AA . 5.91 32.21 60.87
C36 POV AA . 6.20 32.36 59.39
C37 POV AA . 5.76 31.18 58.54
C38 POV AA . 6.57 29.91 58.72
C39 POV AA . 5.85 28.65 58.25
H29 POV AA . 7.48 31.13 63.39
H1 POV AA . 6.51 40.16 66.50
H1A POV AA . 6.17 39.78 64.99
H2 POV AA . 7.60 38.24 65.99
H3 POV AA . 6.18 36.26 65.47
H3A POV AA . 5.17 37.38 64.92
H310 POV AA . 6.63 28.43 56.37
H31A POV AA . 5.34 29.33 56.38
H210 POV AA . 7.80 29.40 62.10
H11 POV AA . 5.98 42.17 68.63
H11A POV AA . 4.55 42.75 68.96
H211 POV AA . 8.43 27.79 64.23
H21A POV AA . 6.95 27.48 63.84
H311 POV AA . 4.09 27.22 56.80
H31B POV AA . 4.59 27.49 55.35
H12 POV AA . 5.96 43.80 66.73
H12A POV AA . 6.41 44.29 68.18
H22 POV AA . 8.05 35.94 66.69
H212 POV AA . 8.33 27.32 61.52
H22A POV AA . 8.70 37.03 67.67
H21B POV AA . 9.22 26.58 62.58
H32 POV AA . 5.75 34.89 63.72
H312 POV AA . 6.59 26.12 56.16
H32A POV AA . 4.68 35.92 63.13
H31C POV AA . 5.52 25.58 57.17
H13 POV AA . 4.57 46.91 66.78
H13A POV AA . 6.02 46.22 66.71
H13B POV AA . 4.87 45.76 65.70
H23 POV AA . 9.69 35.25 68.49
H213 POV AA . 7.42 25.17 63.11
H23A POV AA . 8.39 35.10 69.34
H21C POV AA . 6.53 25.90 62.06
H33 POV AA . 4.44 34.18 61.80
H313 POV AA . 4.27 24.65 55.52
H33A POV AA . 5.42 35.07 60.95
H31D POV AA . 5.04 25.41 54.40
H14 POV AA . 2.75 45.28 66.86
H14A POV AA . 3.38 43.84 66.55
H14B POV AA . 2.84 44.17 68.02
H24 POV AA . 8.95 33.73 66.92
H214 POV AA . 8.76 24.25 61.46
H24A POV AA . 8.87 33.05 68.33
H21D POV AA . 7.24 23.90 61.23
H34 POV AA . 7.19 33.72 61.42
H314 POV AA . 6.64 23.95 54.30
H34A POV AA . 6.47 33.07 62.64
H31E POV AA . 6.64 23.70 55.85
H15 POV AA . 3.75 46.31 68.98
H15A POV AA . 4.38 45.02 69.63
H15B POV AA . 5.36 46.18 69.13
H25 POV AA . 6.49 33.62 68.33
H215 POV AA . 7.13 25.56 59.51
H25A POV AA . 6.67 33.99 66.82
H21E POV AA . 8.62 25.91 59.76
H35 POV AA . 6.35 31.40 61.19
H315 POV AA . 4.92 22.21 55.69
H35A POV AA . 4.95 32.06 60.97
H31F POV AA . 4.61 22.62 54.20
H26 POV AA . 6.92 31.39 67.88
H216 POV AA . 7.88 24.30 57.92
H26A POV AA . 5.82 31.88 66.87
H21F POV AA . 9.35 24.40 58.45
H36 POV AA . 5.76 33.17 59.08
H316 POV AA . 5.96 20.54 54.84
H36A POV AA . 7.17 32.51 59.28
H31G POV AA . 6.12 21.22 53.42
H31H POV AA . 7.15 21.56 54.58
H27 POV AA . 7.66 32.26 65.30
H217 POV AA . 9.01 22.51 59.84
H27A POV AA . 8.54 31.40 66.27
H21G POV AA . 7.49 22.46 59.43
H37 POV AA . 4.83 30.99 58.74
H37A POV AA . 5.80 31.45 57.60
H28 POV AA . 7.62 29.48 65.72
H218 POV AA . 8.68 20.83 58.23
H28A POV AA . 6.23 30.11 65.41
H21H POV AA . 8.17 21.91 57.20
H21J POV AA . 9.68 21.93 57.68
H38 POV AA . 7.39 29.99 58.20
H38A POV AA . 6.83 29.80 59.65
H39 POV AA . 4.96 28.65 58.64
H39A POV AA . 6.33 27.87 58.60
C1 CLR BA . 0.77 24.80 43.72
C2 CLR BA . 0.15 23.48 43.27
C3 CLR BA . -0.42 22.75 44.46
C4 CLR BA . -1.46 23.60 45.15
C5 CLR BA . -0.92 24.96 45.53
C6 CLR BA . -1.12 25.44 46.74
C7 CLR BA . -0.49 26.69 47.27
C8 CLR BA . -0.15 27.66 46.15
C9 CLR BA . 0.61 26.91 45.04
C10 CLR BA . -0.21 25.74 44.42
C11 CLR BA . 1.19 27.86 44.00
C12 CLR BA . 2.01 28.99 44.61
C13 CLR BA . 1.21 29.81 45.63
C14 CLR BA . 0.74 28.79 46.69
C15 CLR BA . 0.24 29.67 47.84
C16 CLR BA . 1.24 30.84 47.84
C17 CLR BA . 2.04 30.74 46.54
C18 CLR BA . 0.04 30.53 44.95
C19 CLR BA . -1.26 26.24 43.42
C20 CLR BA . 2.48 32.13 46.01
C21 CLR BA . 2.97 32.10 44.57
C22 CLR BA . 3.57 32.72 46.91
C23 CLR BA . 3.15 33.80 47.87
C24 CLR BA . 4.30 34.69 48.26
C25 CLR BA . 5.48 34.01 48.87
C26 CLR BA . 6.59 33.95 47.86
C27 CLR BA . 5.98 34.64 50.13
O1 CLR BA . -1.04 21.54 44.03
H11 CLR BA . 1.52 24.59 44.30
H12 CLR BA . 1.14 25.23 42.93
H21 CLR BA . -0.54 23.64 42.61
H22 CLR BA . 0.82 22.94 42.83
H3 CLR BA . 0.29 22.50 45.07
H41 CLR BA . -2.26 23.66 44.60
H42 CLR BA . -1.76 23.14 45.95
H6 CLR BA . -1.72 24.98 47.35
H71 CLR BA . -1.09 27.08 47.93
H72 CLR BA . 0.34 26.45 47.73
H8 CLR BA . -0.99 28.01 45.82
H9 CLR BA . 1.37 26.52 45.50
H111 CLR BA . 1.79 27.38 43.41
H112 CLR BA . 0.51 28.27 43.43
H121 CLR BA . 2.78 28.59 45.04
H122 CLR BA . 2.36 29.52 43.87
H14 CLR BA . 1.53 28.35 47.04
H151 CLR BA . -0.68 29.97 47.70
H152 CLR BA . 0.28 29.18 48.68
H161 CLR BA . 0.78 31.70 47.90
H162 CLR BA . 1.81 30.77 48.63
H17 CLR BA . 2.86 30.25 46.74
H181 CLR BA . -0.05 31.47 45.20
H182 CLR BA . 0.13 30.53 43.98
H183 CLR BA . -0.83 30.14 45.14
H191 CLR BA . -1.65 27.10 43.68
H192 CLR BA . -0.88 26.36 42.53
H193 CLR BA . -2.02 25.63 43.33
H20 CLR BA . 1.71 32.72 46.04
H211 CLR BA . 3.30 32.97 44.27
H212 CLR BA . 3.67 31.43 44.46
H213 CLR BA . 2.27 31.84 43.95
H221 CLR BA . 4.03 32.02 47.42
H222 CLR BA . 4.25 33.13 46.34
H231 CLR BA . 2.42 34.33 47.48
H232 CLR BA . 2.78 33.37 48.67
H241 CLR BA . 4.60 35.17 47.47
H242 CLR BA . 3.99 35.39 48.89
H25 CLR BA . 5.22 33.09 49.08
H261 CLR BA . 7.40 33.55 48.24
H262 CLR BA . 6.35 33.43 47.07
H263 CLR BA . 6.83 34.86 47.55
H271 CLR BA . 6.57 34.04 50.61
H272 CLR BA . 6.47 35.46 49.94
H273 CLR BA . 5.23 34.87 50.72
H1 CLR BA . -1.70 21.43 44.54
N POV CA . 13.18 17.00 30.15
P POV CA . 15.78 18.55 33.75
C1 POV CA . 13.74 19.83 34.88
C2 POV CA . 12.69 20.25 33.88
C3 POV CA . 12.43 21.70 33.99
C210 POV CA . 6.91 24.26 37.25
C310 POV CA . 4.99 27.76 40.61
C11 POV CA . 14.73 18.75 31.31
O11 POV CA . 15.01 19.87 34.20
C211 POV CA . 6.39 25.35 36.38
C311 POV CA . 4.33 28.64 41.65
C12 POV CA . 13.43 18.46 30.58
O12 POV CA . 14.82 18.03 32.57
C212 POV CA . 7.42 25.90 35.40
C312 POV CA . 4.90 30.03 41.79
C13 POV CA . 14.44 16.32 29.68
O13 POV CA . 17.11 18.92 33.23
C213 POV CA . 7.46 27.42 35.27
C313 POV CA . 4.71 30.93 40.61
C14 POV CA . 12.60 16.22 31.28
O14 POV CA . 15.69 17.57 34.85
C214 POV CA . 8.75 28.09 35.78
C314 POV CA . 5.51 32.21 40.68
C15 POV CA . 12.21 17.01 29.01
C215 POV CA . 9.23 29.25 34.94
C315 POV CA . 4.91 33.31 41.53
C216 POV CA . 10.62 29.72 35.32
C316 POV CA . 4.40 34.42 40.68
C217 POV CA . 10.95 31.16 35.00
C218 POV CA . 12.08 31.67 35.84
C21 POV CA . 11.33 18.23 33.86
O21 POV CA . 11.39 19.57 34.01
C22 POV CA . 9.91 17.76 33.77
O22 POV CA . 12.30 17.51 33.86
C23 POV CA . 9.25 17.43 35.09
C24 POV CA . 8.93 18.66 35.91
C25 POV CA . 8.11 18.36 37.16
C26 POV CA . 7.15 19.47 37.57
C27 POV CA . 7.73 20.87 37.46
C28 POV CA . 6.97 21.93 38.20
C29 POV CA . 6.49 23.02 37.31
C31 POV CA . 11.94 22.56 36.18
O31 POV CA . 11.50 21.92 35.09
C32 POV CA . 10.83 22.69 37.19
O32 POV CA . 13.06 22.95 36.34
C33 POV CA . 11.15 23.59 38.36
C34 POV CA . 11.05 25.06 38.04
C35 POV CA . 10.91 25.97 39.26
C36 POV CA . 9.54 25.92 39.94
C37 POV CA . 8.54 26.90 39.39
C38 POV CA . 7.07 26.60 39.75
C39 POV CA . 6.46 27.49 40.84
H29 POV CA . 5.77 22.75 36.70
H1 POV CA . 13.61 18.95 35.28
H1A POV CA . 13.76 20.49 35.61
H2 POV CA . 13.02 20.12 32.98
H3 POV CA . 13.28 22.17 34.08
H3A POV CA . 11.98 21.99 33.17
H310 POV CA . 4.52 26.91 40.59
H31A POV CA . 4.87 28.17 39.74
H210 POV CA . 7.65 24.51 37.84
H11 POV CA . 15.52 18.54 30.77
H11A POV CA . 14.79 19.72 31.48
H211 POV CA . 5.66 24.95 35.85
H21A POV CA . 5.96 26.06 36.89
H311 POV CA . 3.38 28.71 41.44
H31B POV CA . 4.40 28.18 42.51
H12 POV CA . 13.41 19.00 29.77
H12A POV CA . 12.68 18.71 31.14
H22 POV CA . 9.40 18.45 33.31
H212 POV CA . 8.30 25.55 35.64
H22A POV CA . 9.90 16.95 33.20
H21B POV CA . 7.23 25.54 34.51
H32 POV CA . 10.04 23.01 36.72
H312 POV CA . 4.49 30.45 42.57
H32A POV CA . 10.67 21.78 37.51
H31C POV CA . 5.86 29.99 41.98
H13 POV CA . 14.18 15.51 29.20
H13A POV CA . 14.91 16.92 29.09
H13B POV CA . 15.01 16.09 30.45
H23 POV CA . 9.81 16.82 35.61
H213 POV CA . 7.34 27.64 34.33
H23A POV CA . 8.42 16.96 34.90
H21C POV CA . 6.71 27.81 35.76
H33 POV CA . 10.53 23.38 39.09
H313 POV CA . 3.77 31.17 40.55
H33A POV CA . 12.04 23.38 38.69
H31D POV CA . 4.94 30.45 39.79
H14 POV CA . 12.43 15.30 30.97
H14A POV CA . 13.24 16.19 32.01
H14B POV CA . 11.77 16.65 31.55
H24 POV CA . 9.77 19.10 36.17
H214 POV CA . 8.56 28.41 36.66
H24A POV CA . 8.46 19.28 35.33
H21D POV CA . 9.46 27.44 35.87
H34 POV CA . 11.86 25.31 37.55
H314 POV CA . 5.65 32.55 39.77
H34A POV CA . 10.29 25.20 37.45
H31E POV CA . 6.40 32.00 41.04
H15 POV CA . 11.69 16.18 28.98
H15A POV CA . 11.58 17.75 29.15
H15B POV CA . 12.69 17.14 28.18
H25 POV CA . 7.59 17.53 37.02
H215 POV CA . 9.23 29.01 34.00
H25A POV CA . 8.71 18.17 37.91
H21E POV CA . 8.61 29.99 35.05
H35 POV CA . 11.61 25.75 39.91
H315 POV CA . 4.17 32.97 42.06
H35A POV CA . 11.08 26.90 38.99
H31F POV CA . 5.58 33.67 42.14
H26 POV CA . 6.35 19.41 37.03
H216 POV CA . 10.78 29.56 36.27
H26A POV CA . 6.89 19.31 38.50
H21F POV CA . 11.26 29.16 34.82
H36 POV CA . 9.66 26.13 40.90
H316 POV CA . 3.73 34.07 40.06
H36A POV CA . 9.18 25.03 39.87
H31G POV CA . 3.98 35.11 41.24
H31H POV CA . 5.12 34.83 40.16
H27 POV CA . 8.65 20.84 37.76
H217 POV CA . 11.22 31.23 34.07
H27A POV CA . 7.76 21.12 36.51
H21G POV CA . 10.18 31.73 35.13
H37 POV CA . 8.79 27.78 39.70
H37A POV CA . 8.62 26.91 38.40
H28 POV CA . 6.23 21.53 38.71
H218 POV CA . 12.25 32.62 35.67
H28A POV CA . 7.55 22.34 38.86
H21H POV CA . 11.89 31.57 36.79
H21J POV CA . 12.90 31.18 35.64
H38 POV CA . 6.53 26.72 38.94
H38A POV CA . 6.98 25.66 40.00
H39 POV CA . 6.95 28.34 40.88
H39A POV CA . 6.57 27.05 41.71
N POV DA . 7.54 13.08 36.10
P POV DA . 4.15 11.85 39.71
C1 POV DA . 5.66 12.95 41.60
C2 POV DA . 6.33 14.19 41.10
C3 POV DA . 7.74 14.00 40.57
C210 POV DA . 4.85 23.99 46.56
C310 POV DA . 9.74 22.50 43.19
C11 POV DA . 5.91 12.97 38.09
O11 POV DA . 4.39 12.86 40.93
C211 POV DA . 3.67 24.79 46.93
C311 POV DA . 9.31 23.60 42.25
C12 POV DA . 6.19 12.64 36.65
O12 POV DA . 4.53 12.80 38.47
C212 POV DA . 4.01 26.06 47.66
C312 POV DA . 8.29 24.54 42.86
C13 POV DA . 8.64 12.69 37.02
O13 POV DA . 5.11 10.72 39.78
C213 POV DA . 4.06 25.94 49.16
C313 POV DA . 8.84 25.38 44.00
C14 POV DA . 7.75 12.40 34.78
O14 POV DA . 2.69 11.58 39.64
C214 POV DA . 3.14 26.90 49.88
C314 POV DA . 8.12 25.19 45.33
C15 POV DA . 7.55 14.58 35.92
C215 POV DA . 3.23 26.83 51.39
C315 POV DA . 8.69 24.12 46.23
C216 POV DA . 2.32 27.79 52.10
C316 POV DA . 9.39 24.71 47.43
C217 POV DA . 0.87 27.40 52.06
C218 POV DA . 0.28 27.06 53.37
C21 POV DA . 6.36 16.46 41.79
O21 POV DA . 6.34 15.18 42.16
C22 POV DA . 6.34 17.37 42.95
O22 POV DA . 6.43 16.83 40.64
C23 POV DA . 5.07 18.21 42.98
C24 POV DA . 5.27 19.57 43.62
C25 POV DA . 4.91 19.59 45.08
C26 POV DA . 3.45 19.83 45.35
C27 POV DA . 3.15 21.21 45.91
C28 POV DA . 3.71 22.34 45.08
C29 POV DA . 4.88 22.97 45.74
C31 POV DA . 9.92 14.84 41.11
O31 POV DA . 8.74 14.38 41.55
C32 POV DA . 10.84 15.14 42.25
O32 POV DA . 10.19 14.99 39.95
C33 POV DA . 11.74 16.36 42.05
C34 POV DA . 10.96 17.61 41.72
C35 POV DA . 10.91 17.99 40.25
C36 POV DA . 11.02 19.49 40.00
C37 POV DA . 9.73 20.26 40.25
C38 POV DA . 9.34 20.50 41.70
C39 POV DA . 10.35 21.30 42.48
H29 POV DA . 5.74 22.57 45.51
H1 POV DA . 5.50 13.04 42.56
H1A POV DA . 6.20 12.15 41.44
H2 POV DA . 5.77 14.53 40.37
H3 POV DA . 7.89 13.08 40.29
H3A POV DA . 7.84 14.59 39.79
H310 POV DA . 10.41 22.86 43.81
H31A POV DA . 8.98 22.21 43.73
H210 POV DA . 5.69 24.25 46.98
H11 POV DA . 6.43 12.38 38.66
H11A POV DA . 6.22 13.87 38.27
H211 POV DA . 3.20 25.01 46.10
H21A POV DA . 3.03 24.25 47.45
H311 POV DA . 10.10 24.10 41.98
H31B POV DA . 8.93 23.21 41.43
H12 POV DA . 5.51 13.04 36.07
H12A POV DA . 6.16 11.67 36.52
H22 POV DA . 6.38 16.82 43.77
H212 POV DA . 4.89 26.38 47.37
H22A POV DA . 7.12 17.92 42.88
H21B POV DA . 3.37 26.76 47.44
H32 POV DA . 10.31 15.27 43.05
H312 POV DA . 7.95 25.14 42.17
H32A POV DA . 11.40 14.35 42.38
H31C POV DA . 7.53 24.01 43.17
H13 POV DA . 8.54 11.73 37.21
H13A POV DA . 9.50 12.84 36.57
H13B POV DA . 8.63 13.20 37.86
H23 POV DA . 4.76 18.32 42.07
H213 POV DA . 3.83 25.02 49.42
H23A POV DA . 4.38 17.72 43.47
H21C POV DA . 4.97 26.10 49.44
H33 POV DA . 12.24 16.52 42.86
H313 POV DA . 8.80 26.31 43.75
H33A POV DA . 12.41 16.17 41.36
H31D POV DA . 9.79 25.16 44.13
H14 POV DA . 8.40 12.88 34.22
H14A POV DA . 8.11 11.51 34.96
H14B POV DA . 6.90 12.31 34.32
H24 POV DA . 6.19 19.87 43.51
H214 POV DA . 3.35 27.80 49.58
H24A POV DA . 4.73 20.21 43.14
H21D POV DA . 2.23 26.71 49.60
H34 POV DA . 10.04 17.49 42.02
H314 POV DA . 8.15 26.04 45.82
H34A POV DA . 11.32 18.36 42.24
H31E POV DA . 7.17 25.00 45.17
H15 POV DA . 8.31 14.97 36.41
H15A POV DA . 7.65 14.81 34.98
H15B POV DA . 6.71 14.95 36.24
H25 POV DA . 5.16 18.71 45.46
H215 POV DA . 3.03 25.91 51.69
H25A POV DA . 5.46 20.26 45.54
H21E POV DA . 4.14 27.03 51.66
H35 POV DA . 11.61 17.53 39.74
H315 POV DA . 9.34 23.56 45.74
H35A POV DA . 10.06 17.68 39.89
H31F POV DA . 7.98 23.52 46.54
H26 POV DA . 2.96 19.72 44.52
H216 POV DA . 2.63 27.91 53.01
H26A POV DA . 3.12 19.14 45.96
H21F POV DA . 2.39 28.66 51.66
H36 POV DA . 11.73 19.86 40.55
H316 POV DA . 10.04 25.38 47.15
H36A POV DA . 11.30 19.61 39.08
H31G POV DA . 8.75 25.14 48.03
H31H POV DA . 9.86 24.03 47.94
H27 POV DA . 2.18 21.32 46.00
H217 POV DA . 0.37 28.12 51.65
H27A POV DA . 3.51 21.27 46.81
H21G POV DA . 0.78 26.63 51.47
H37 POV DA . 9.81 21.13 39.81
H37A POV DA . 9.01 19.78 39.80
H28 POV DA . 3.94 22.02 44.19
H218 POV DA . -0.19 26.21 53.32
H28A POV DA . 3.03 23.01 44.95
H21H POV DA . 0.94 26.99 54.08
H21J POV DA . -0.37 27.74 53.63
H38 POV DA . 9.18 19.65 42.15
H38A POV DA . 8.48 20.96 41.71
H39 POV DA . 11.04 21.63 41.88
H39A POV DA . 10.77 20.73 43.14
N POV EA . 3.79 34.13 71.37
P POV EA . 3.61 29.72 69.04
C1 POV EA . 4.82 27.70 67.85
C2 POV EA . 3.66 26.87 67.40
C3 POV EA . 2.80 26.36 68.54
C210 POV EA . 2.87 16.28 59.86
C310 POV EA . 0.52 18.27 65.25
C11 POV EA . 4.38 31.76 70.49
O11 POV EA . 4.47 29.10 67.86
C211 POV EA . 1.90 15.49 59.05
C311 POV EA . -0.40 17.30 64.54
C12 POV EA . 4.55 33.27 70.37
O12 POV EA . 4.33 31.14 69.18
C212 POV EA . 2.44 14.11 58.77
C312 POV EA . 0.31 16.37 63.58
C13 POV EA . 4.15 33.74 72.77
O13 POV EA . 2.21 29.90 68.56
C213 POV EA . 1.47 13.19 58.07
C313 POV EA . -0.55 15.87 62.43
C14 POV EA . 4.14 35.57 71.17
O14 POV EA . 3.86 28.98 70.28
C214 POV EA . 1.69 13.05 56.57
C314 POV EA . -0.19 14.49 61.94
C15 POV EA . 2.31 33.97 71.19
C215 POV EA . 1.29 11.71 56.00
C315 POV EA . -0.77 13.38 62.77
C216 POV EA . 2.45 10.86 55.51
C316 POV EA . -0.46 12.03 62.20
C217 POV EA . 3.40 10.35 56.56
C218 POV EA . 4.45 9.44 56.02
C21 POV EA . 4.38 25.82 65.38
O21 POV EA . 4.15 25.70 66.69
C22 POV EA . 4.88 24.53 64.80
O22 POV EA . 4.21 26.82 64.76
C23 POV EA . 3.85 23.42 64.76
C24 POV EA . 4.45 22.15 64.22
C25 POV EA . 3.43 21.20 63.64
C26 POV EA . 4.05 20.15 62.77
C27 POV EA . 3.03 19.31 62.05
C28 POV EA . 3.62 18.05 61.43
C29 POV EA . 2.62 17.29 60.64
C31 POV EA . 2.85 24.47 70.11
O31 POV EA . 3.43 25.19 69.11
C32 POV EA . 1.50 24.95 70.59
O32 POV EA . 3.39 23.51 70.61
C33 POV EA . 0.33 24.54 69.68
C34 POV EA . -0.41 23.28 70.09
C35 POV EA . -0.03 22.06 69.27
C36 POV EA . -0.51 22.11 67.82
C37 POV EA . 0.54 21.69 66.81
C38 POV EA . 0.83 20.20 66.81
C39 POV EA . -0.16 19.35 66.04
H29 POV EA . 1.69 17.61 60.73
H1 POV EA . 5.10 27.46 68.76
H1A POV EA . 5.57 27.56 67.24
H2 POV EA . 3.08 27.40 66.83
H3 POV EA . 2.69 27.07 69.21
H3A POV EA . 1.95 26.13 68.15
H310 POV EA . 1.11 17.76 65.85
H31A POV EA . 1.10 18.69 64.59
H210 POV EA . 3.81 15.99 59.80
H11 POV EA . 5.15 31.40 70.95
H11A POV EA . 3.60 31.53 71.03
H211 POV EA . 1.07 15.42 59.57
H21A POV EA . 1.66 15.94 58.22
H311 POV EA . -0.86 16.76 65.21
H31B POV EA . -1.09 17.80 64.06
H12 POV EA . 4.26 33.56 69.48
H12A POV EA . 5.50 33.48 70.48
H22 POV EA . 5.20 24.71 63.90
H212 POV EA . 3.27 14.20 58.25
H22A POV EA . 5.64 24.24 65.36
H21B POV EA . 2.71 13.71 59.62
H32 POV EA . 1.37 24.53 71.46
H312 POV EA . 1.09 16.83 63.20
H32A POV EA . 1.48 25.91 70.77
H31C POV EA . 0.66 15.61 64.08
H13 POV EA . 3.72 34.38 73.38
H13A POV EA . 3.82 32.83 72.96
H13B POV EA . 5.11 33.77 72.90
H23 POV EA . 3.51 23.26 65.66
H213 POV EA . 1.48 12.31 58.50
H23A POV EA . 3.09 23.69 64.22
H21C POV EA . 0.58 13.56 58.20
H33 POV EA . -0.31 25.28 69.63
H313 POV EA . -1.49 15.87 62.69
H33A POV EA . 0.68 24.41 68.78
H31D POV EA . -0.47 16.49 61.68
H14 POV EA . 5.11 35.68 71.30
H14A POV EA . 3.90 35.83 70.26
H14B POV EA . 3.65 36.11 71.81
H24 POV EA . 5.10 22.37 63.52
H214 POV EA . 1.16 13.75 56.12
H24A POV EA . 4.92 21.69 64.92
H21D POV EA . 2.62 13.22 56.33
H34 POV EA . -0.27 23.08 71.04
H314 POV EA . -0.50 14.39 61.01
H34A POV EA . -1.37 23.44 69.99
H31E POV EA . 0.77 14.40 61.91
H15 POV EA . 1.89 33.65 72.01
H15A POV EA . 1.93 34.84 70.96
H15B POV EA . 2.15 33.35 70.45
H25 POV EA . 2.95 20.76 64.37
H215 POV EA . 0.77 11.20 56.66
H25A POV EA . 2.77 21.68 63.12
H21E POV EA . 0.68 11.86 55.25
H35 POV EA . 0.95 21.97 69.28
H315 POV EA . -0.44 13.42 63.68
H35A POV EA . -0.39 21.27 69.70
H31F POV EA . -1.75 13.48 62.83
H26 POV EA . 4.62 20.58 62.11
H216 POV EA . 2.10 10.11 55.00
H26A POV EA . 4.62 19.57 63.31
H21F POV EA . 2.98 11.40 54.88
H36 POV EA . -1.28 21.53 67.73
H316 POV EA . -1.06 11.83 61.46
H36A POV EA . -0.81 23.02 67.61
H31G POV EA . 0.45 12.02 61.84
H31H POV EA . -0.54 11.34 62.88
H27 POV EA . 2.33 19.06 62.67
H217 POV EA . 3.85 11.10 57.00
H27A POV EA . 2.62 19.85 61.35
H21G POV EA . 2.91 9.85 57.24
H37 POV EA . 0.25 21.95 65.92
H37A POV EA . 1.36 22.18 66.99
H28 POV EA . 4.41 18.28 60.89
H218 POV EA . 4.26 8.51 56.23
H28A POV EA . 3.95 17.47 62.14
H21H POV EA . 4.52 9.53 55.04
H21J POV EA . 5.33 9.66 56.41
H38 POV EA . 1.72 20.06 66.44
H38A POV EA . 0.86 19.88 67.73
H39 POV EA . -0.68 19.91 65.42
H39A POV EA . -0.81 18.95 66.66
N POV FA . -10.79 27.57 77.01
P POV FA . -11.09 24.12 73.75
C1 POV FA . -13.68 23.65 73.51
C2 POV FA . -13.77 22.50 72.53
C3 POV FA . -15.15 21.86 72.48
C210 POV FA . -7.33 17.26 66.42
C310 POV FA . -16.25 14.17 65.50
C11 POV FA . -10.86 25.12 76.18
O11 POV FA . -12.47 23.52 74.28
C211 POV FA . -6.47 16.57 67.41
C311 POV FA . -15.84 12.88 64.80
C12 POV FA . -10.32 26.51 76.01
O12 POV FA . -10.34 24.25 75.14
C212 POV FA . -6.03 17.53 68.51
C312 POV FA . -15.35 11.78 65.72
C13 POV FA . -12.27 27.78 76.90
O13 POV FA . -10.39 23.11 72.90
C213 POV FA . -5.17 18.69 68.02
C313 POV FA . -13.85 11.76 65.95
C14 POV FA . -10.45 27.18 78.42
O14 POV FA . -11.33 25.47 73.22
C214 POV FA . -4.70 19.61 69.13
C314 POV FA . -13.21 13.11 66.24
C15 POV FA . -10.09 28.86 76.69
C215 POV FA . -5.83 20.27 69.89
C315 POV FA . -11.80 13.04 66.83
C216 POV FA . -6.16 19.61 71.22
C316 POV FA . -10.72 12.72 65.83
C217 POV FA . -7.48 20.04 71.85
C218 POV FA . -7.45 21.44 72.41
C21 POV FA . -12.02 20.89 71.95
O21 POV FA . -12.70 21.57 72.89
C22 POV FA . -12.94 20.20 70.96
O22 POV FA . -10.83 20.88 71.87
C23 POV FA . -12.30 19.26 69.94
C24 POV FA . -11.21 18.29 70.43
C25 POV FA . -10.46 17.65 69.27
C26 POV FA . -11.26 16.62 68.50
C27 POV FA . -10.92 16.60 67.03
C28 POV FA . -9.53 16.06 66.75
C29 POV FA . -8.61 17.10 66.18
C31 POV FA . -16.79 21.41 70.84
O31 POV FA . -15.53 21.77 71.10
C32 POV FA . -17.04 21.36 69.35
O32 POV FA . -17.61 21.16 71.68
C33 POV FA . -17.61 20.04 68.89
C34 POV FA . -16.80 19.41 67.79
C35 POV FA . -15.49 18.87 68.28
C36 POV FA . -14.72 18.10 67.23
C37 POV FA . -15.32 16.76 66.89
C38 POV FA . -16.03 16.69 65.56
C39 POV FA . -15.75 15.41 64.81
H29 POV FA . -9.04 17.74 65.58
H1 POV FA . -13.64 24.50 73.03
H1A POV FA . -14.45 23.67 74.12
H2 POV FA . -13.60 22.85 71.63
H3 POV FA . -15.11 20.97 72.90
H3A POV FA . -15.83 22.40 72.93
H310 POV FA . -17.23 14.19 65.54
H31A POV FA . -15.94 14.13 66.43
H210 POV FA . -6.85 17.90 65.85
H11 POV FA . -10.57 24.75 77.04
H11A POV FA . -11.84 25.11 76.20
H211 POV FA . -6.96 15.82 67.81
H21A POV FA . -5.68 16.17 66.99
H311 POV FA . -16.61 12.55 64.28
H31B POV FA . -15.14 13.10 64.15
H12 POV FA . -10.57 26.86 75.12
H12A POV FA . -9.34 26.49 76.05
H22 POV FA . -13.64 19.73 71.47
H212 POV FA . -6.82 17.88 68.96
H22A POV FA . -13.36 20.88 70.41
H21B POV FA . -5.52 17.04 69.20
H32 POV FA . -17.64 22.09 69.13
H312 POV FA . -15.81 11.87 66.58
H32A POV FA . -16.18 21.51 68.91
H31C POV FA . -15.63 10.92 65.34
H13 POV FA . -12.72 26.98 77.23
H13A POV FA . -12.50 27.92 75.96
H13B POV FA . -12.56 28.55 77.43
H23 POV FA . -13.03 18.71 69.59
H213 POV FA . -4.40 18.35 67.53
H23A POV FA . -11.98 19.77 69.18
H21C POV FA . -5.68 19.22 67.38
H33 POV FA . -17.64 19.43 69.65
H313 POV FA . -13.67 11.15 66.68
H33A POV FA . -18.54 20.17 68.59
H31D POV FA . -13.42 11.37 65.16
H14 POV FA . -10.98 26.41 78.68
H14A POV FA . -9.49 26.97 78.46
H14B POV FA . -10.65 27.93 79.01
H24 POV FA . -10.55 18.73 70.98
H214 POV FA . -4.15 19.10 69.75
H24A POV FA . -11.62 17.60 70.98
H21D POV FA . -4.11 20.29 68.75
H34 POV FA . -17.32 18.69 67.36
H314 POV FA . -13.19 13.64 65.42
H34A POV FA . -16.62 20.08 67.10
H31E POV FA . -13.78 13.61 66.87
H15 POV FA . -9.61 28.79 75.83
H15A POV FA . -10.74 29.58 76.62
H15B POV FA . -9.45 29.06 77.41
H25 POV FA . -10.17 18.34 68.65
H215 POV FA . -5.62 21.21 70.05
H25A POV FA . -9.65 17.23 69.61
H21E POV FA . -6.64 20.25 69.33
H35 POV FA . -14.94 19.60 68.61
H315 POV FA . -11.58 13.88 67.26
H35A POV FA . -15.66 18.29 69.05
H31F POV FA . -11.78 12.36 67.54
H26 POV FA . -11.09 15.74 68.89
H216 POV FA . -6.17 18.64 71.08
H26A POV FA . -12.21 16.78 68.62
H21F POV FA . -5.43 19.79 71.84
H36 POV FA . -14.64 18.66 66.45
H316 POV FA . -10.79 13.30 65.04
H36A POV FA . -13.81 17.97 67.56
H31G POV FA . -9.84 12.88 66.23
H31H POV FA . -10.76 11.79 65.54
H27 POV FA . -11.58 16.05 66.55
H217 POV FA . -8.19 19.97 71.18
H27A POV FA . -11.00 17.50 66.67
H21G POV FA . -7.70 19.41 72.56
H37 POV FA . -14.63 16.08 66.91
H37A POV FA . -15.96 16.52 67.58
H28 POV FA . -9.18 15.65 67.57
H218 POV FA . -6.78 21.99 71.96
H28A POV FA . -9.59 15.33 66.11
H21H POV FA . -8.32 21.88 72.32
H21J POV FA . -7.24 21.43 73.37
H38 POV FA . -16.99 16.76 65.72
H38A POV FA . -15.78 17.44 64.99
H39 POV FA . -14.78 15.34 64.69
H39A POV FA . -16.13 15.47 63.91
N POV GA . -21.55 31.30 63.06
P POV GA . -24.57 29.44 65.62
C1 POV GA . -25.38 27.16 66.69
C2 POV GA . -24.28 26.14 66.96
C3 POV GA . -24.69 24.79 67.53
C210 POV GA . -22.80 18.89 59.93
C310 POV GA . -19.14 15.33 63.28
C11 POV GA . -22.88 29.18 63.60
O11 POV GA . -25.05 27.93 65.51
C211 POV GA . -21.80 18.42 58.92
C311 POV GA . -18.48 14.73 62.04
C12 POV GA . -22.36 30.13 62.56
O12 POV GA . -24.14 29.68 64.11
C212 POV GA . -20.51 18.01 59.59
C312 POV GA . -19.13 13.47 61.43
C13 POV GA . -20.09 30.94 63.10
O13 POV GA . -25.73 30.31 65.95
C213 POV GA . -19.70 17.01 58.81
C313 POV GA . -20.31 13.53 60.45
C14 POV GA . -21.73 32.43 62.10
O14 POV GA . -23.37 29.50 66.48
C214 POV GA . -19.35 17.46 57.40
C314 POV GA . -20.01 13.34 58.96
C15 POV GA . -21.98 31.77 64.41
C215 POV GA . -18.49 16.48 56.64
C315 POV GA . -19.42 12.01 58.57
C216 POV GA . -17.21 16.06 57.33
C316 POV GA . -19.26 11.90 57.10
C217 POV GA . -16.25 17.14 57.72
C218 POV GA . -15.44 16.76 58.93
C21 POV GA . -22.04 26.76 66.16
O21 POV GA . -22.91 26.63 67.19
C22 POV GA . -22.52 26.15 64.87
O22 POV GA . -20.99 27.33 66.26
C23 POV GA . -22.53 24.63 64.83
C24 POV GA . -22.09 24.11 63.49
C25 POV GA . -22.14 22.62 63.36
C26 POV GA . -21.46 22.12 62.11
C27 POV GA . -22.21 22.43 60.85
C28 POV GA . -22.20 21.31 59.85
C29 POV GA . -22.97 20.12 60.31
C31 POV GA . -23.73 22.81 68.40
O31 POV GA . -23.53 23.94 67.71
C32 POV GA . -22.48 22.00 68.52
O32 POV GA . -24.79 22.49 68.87
C33 POV GA . -22.52 20.71 67.70
C34 POV GA . -21.50 19.70 68.16
C35 POV GA . -20.64 19.11 67.06
C36 POV GA . -21.39 18.25 66.06
C37 POV GA . -20.48 17.36 65.26
C38 POV GA . -21.18 16.56 64.19
C39 POV GA . -20.32 16.23 62.99
H29 POV GA . -23.66 20.32 60.99
H1 POV GA . -26.23 26.71 66.53
H1A POV GA . -25.47 27.76 67.46
H2 POV GA . -24.38 26.41 67.90
H3 POV GA . -25.16 24.91 68.38
H3A POV GA . -25.27 24.34 66.89
H310 POV GA . -19.39 14.65 63.94
H31A POV GA . -18.46 15.88 63.73
H210 POV GA . -23.34 18.19 60.34
H11 POV GA . -23.07 28.33 63.15
H11A POV GA . -22.22 29.00 64.30
H211 POV GA . -22.19 17.66 58.45
H21A POV GA . -21.61 19.10 58.24
H311 POV GA . -18.45 15.44 61.36
H31B POV GA . -17.54 14.53 62.25
H12 POV GA . -23.11 30.52 62.06
H12A POV GA . -21.79 29.66 61.93
H22 POV GA . -23.37 26.51 64.53
H212 POV GA . -19.97 18.81 59.75
H22A POV GA . -21.85 26.42 64.21
H21B POV GA . -20.72 17.63 60.47
H32 POV GA . -22.34 21.79 69.46
H312 POV GA . -19.88 13.74 61.98
H32A POV GA . -21.74 22.56 68.21
H31C POV GA . -18.68 13.81 60.64
H13 POV GA . -19.64 31.52 63.75
H13A POV GA . -20.01 30.01 63.39
H13B POV GA . -19.68 31.06 62.21
H23 POV GA . -21.94 24.28 65.53
H213 POV GA . -18.88 16.82 59.32
H23A POV GA . -23.43 24.30 65.02
H21C POV GA . -20.21 16.19 58.76
H33 POV GA . -23.41 20.32 67.79
H313 POV GA . -20.97 12.87 60.71
H33A POV GA . -22.39 20.90 66.75
H31D POV GA . -20.76 14.40 60.54
H14 POV GA . -22.62 32.82 62.26
H14A POV GA . -21.03 33.10 62.26
H14B POV GA . -21.66 32.07 61.19
H24 POV GA . -22.65 24.52 62.81
H214 POV GA . -20.16 17.58 56.88
H24A POV GA . -21.18 24.40 63.32
H21D POV GA . -18.90 18.33 57.42
H34 POV GA . -20.91 20.12 68.82
H314 POV GA . -20.86 13.43 58.49
H34A POV GA . -21.96 18.97 68.63
H31E POV GA . -19.43 14.05 58.59
H15 POV GA . -21.62 32.67 64.59
H15A POV GA . -22.95 31.82 64.44
H15B POV GA . -21.66 31.14 65.09
H25 POV GA . -21.74 22.20 64.15
H215 POV GA . -19.02 15.69 56.45
H25A POV GA . -23.09 22.33 63.35
H21E POV GA . -18.26 16.86 55.78
H35 POV GA . -20.22 19.85 66.58
H315 POV GA . -18.54 11.90 58.99
H35A POV GA . -19.93 18.59 67.46
H31F POV GA . -19.99 11.28 58.88
H26 POV GA . -20.59 22.55 62.05
H216 POV GA . -17.43 15.53 58.12
H26A POV GA . -21.29 21.16 62.19
H21F POV GA . -16.73 15.45 56.73
H36 POV GA . -22.05 17.70 66.53
H316 POV GA . -19.33 10.97 56.83
H36A POV GA . -21.89 18.84 65.45
H31G POV GA . -19.93 12.42 56.62
H31H POV GA . -18.38 12.24 56.83
H27 POV GA . -23.13 22.66 61.08
H217 POV GA . -15.64 17.30 56.97
H27A POV GA . -21.82 23.23 60.45
H21G POV GA . -16.71 17.98 57.89
H37 POV GA . -20.04 16.73 65.87
H37A POV GA . -19.78 17.89 64.85
H28 POV GA . -22.52 21.61 58.98
H218 POV GA . -14.92 15.95 58.76
H28A POV GA . -21.28 21.01 59.72
H21H POV GA . -14.83 17.48 59.18
H21J POV GA . -16.04 16.60 59.68
H38 POV GA . -21.51 15.73 64.58
H38A POV GA . -21.97 17.07 63.90
H39 POV GA . -20.00 17.08 62.61
H39A POV GA . -20.88 15.82 62.31
N POV HA . 16.58 46.34 61.28
P POV HA . 17.07 46.34 57.25
C1 POV HA . 17.43 44.66 55.25
C2 POV HA . 18.52 44.11 54.36
C3 POV HA . 19.26 45.22 53.66
C210 POV HA . 16.94 35.20 46.22
C310 POV HA . 19.79 38.40 44.22
C11 POV HA . 18.37 45.78 59.49
O11 POV HA . 18.01 45.55 56.21
C211 POV HA . 18.03 34.27 46.67
C311 POV HA . 19.29 38.08 42.81
C12 POV HA . 17.86 46.74 60.54
O12 POV HA . 17.34 45.43 58.53
C212 POV HA . 19.26 34.34 45.78
C312 POV HA . 17.80 37.92 42.70
C13 POV HA . 16.45 47.21 62.50
O13 POV HA . 15.65 46.23 56.85
C213 POV HA . 19.08 33.66 44.42
C313 POV HA . 17.34 36.61 42.11
C14 POV HA . 15.37 46.53 60.42
O14 POV HA . 17.66 47.68 57.48
C214 POV HA . 19.93 34.23 43.29
C314 POV HA . 17.68 36.43 40.65
C15 POV HA . 16.67 44.91 61.72
C215 POV HA . 21.30 33.59 43.12
C315 POV HA . 16.76 35.48 39.89
C216 POV HA . 22.24 33.70 44.31
C316 POV HA . 15.32 35.97 39.75
C217 POV HA . 22.54 35.10 44.83
C218 POV HA . 22.85 36.09 43.76
C21 POV HA . 17.61 41.98 53.77
O21 POV HA . 17.91 43.22 53.37
C22 POV HA . 16.97 41.20 52.65
O22 POV HA . 17.82 41.55 54.87
C23 POV HA . 16.94 39.69 52.88
C24 POV HA . 15.64 39.07 52.42
C25 POV HA . 15.43 39.05 50.92
C26 POV HA . 16.49 38.26 50.17
C27 POV HA . 16.10 37.88 48.76
C28 POV HA . 16.63 36.50 48.36
C29 POV HA . 16.33 36.12 46.94
C31 POV HA . 20.24 44.10 51.80
O31 POV HA . 19.33 44.97 52.24
C32 POV HA . 20.19 43.99 50.30
O32 POV HA . 20.97 43.47 52.52
C33 POV HA . 21.36 43.25 49.68
C34 POV HA . 20.97 41.91 49.09
C35 POV HA . 20.31 42.03 47.73
C36 POV HA . 20.33 40.75 46.91
C37 POV HA . 21.69 40.45 46.32
C38 POV HA . 21.79 39.11 45.61
C39 POV HA . 21.13 39.09 44.24
H29 POV HA . 15.61 36.62 46.51
H1 POV HA . 16.78 45.17 54.72
H1A POV HA . 16.95 43.93 55.70
H2 POV HA . 19.18 43.63 54.90
H3 POV HA . 18.80 46.06 53.84
H3A POV HA . 20.18 45.27 54.01
H310 POV HA . 19.14 38.98 44.67
H31A POV HA . 19.83 37.56 44.72
H210 POV HA . 16.65 35.09 45.29
H11 POV HA . 19.08 46.22 58.98
H11A POV HA . 18.77 44.99 59.90
H211 POV HA . 18.30 34.49 47.58
H21A POV HA . 17.72 33.34 46.70
H311 POV HA . 19.72 37.26 42.50
H31B POV HA . 19.60 38.78 42.20
H12 POV HA . 17.71 47.63 60.15
H12A POV HA . 18.56 46.83 61.23
H22 POV HA . 16.05 41.53 52.55
H212 POV HA . 19.49 35.28 45.63
H22A POV HA . 17.47 41.38 51.82
H21B POV HA . 20.02 33.94 46.25
H32 POV HA . 19.36 43.57 50.04
H312 POV HA . 17.42 38.01 43.60
H32A POV HA . 20.21 44.91 49.96
H31C POV HA . 17.43 38.66 42.18
H13 POV HA . 15.65 46.93 62.99
H13A POV HA . 17.24 47.09 63.07
H13B POV HA . 16.38 48.15 62.25
H23 POV HA . 17.69 39.29 52.41
H213 POV HA . 19.29 32.70 44.52
H23A POV HA . 17.05 39.50 53.83
H21C POV HA . 18.14 33.70 44.17
H33 POV HA . 21.73 43.80 48.97
H313 POV HA . 17.75 35.88 42.61
H33A POV HA . 22.08 43.13 50.33
H31D POV HA . 16.38 36.53 42.23
H14 POV HA . 15.48 47.32 59.86
H14A POV HA . 15.23 45.75 59.85
H14B POV HA . 14.58 46.64 60.99
H24 POV HA . 15.59 38.16 52.76
H214 POV HA . 19.44 34.12 42.45
H24A POV HA . 14.90 39.55 52.82
H21D POV HA . 20.04 35.19 43.42
H34 POV HA . 21.76 41.34 49.02
H314 POV HA . 17.67 37.30 40.21
H34A POV HA . 20.35 41.46 49.70
H31E POV HA . 18.60 36.10 40.60
H15 POV HA . 15.95 44.71 62.35
H15A POV HA . 16.56 44.31 60.95
H15B POV HA . 17.55 44.77 62.13
H25 POV HA . 14.56 38.66 50.75
H215 POV HA . 21.17 32.64 42.92
H25A POV HA . 15.38 39.97 50.60
H21E POV HA . 21.74 33.98 42.34
H35 POV HA . 19.38 42.32 47.84
H315 POV HA . 17.13 35.32 38.99
H35A POV HA . 20.76 42.72 47.21
H31F POV HA . 16.75 34.61 40.34
H26 POV HA . 17.30 38.80 50.12
H216 POV HA . 21.87 33.17 45.05
H26A POV HA . 16.71 37.46 50.67
H21F POV HA . 23.08 33.30 44.06
H36 POV HA . 20.06 40.01 47.49
H316 POV HA . 14.84 35.88 40.60
H36A POV HA . 19.68 40.81 46.19
H31G POV HA . 15.30 36.92 39.51
H31H POV HA . 14.83 35.48 39.06
H27 POV HA . 15.12 37.89 48.67
H217 POV HA . 21.78 35.44 45.35
H27A POV HA . 16.44 38.56 48.15
H21G POV HA . 23.30 35.06 45.44
H37 POV HA . 21.94 41.17 45.71
H37A POV HA . 22.37 40.47 47.04
H28 POV HA . 17.59 36.48 48.55
H218 POV HA . 23.54 35.74 43.15
H28A POV HA . 16.22 35.83 48.94
H21H POV HA . 22.04 36.30 43.24
H21J POV HA . 23.18 36.92 44.15
H38 POV HA . 22.74 38.87 45.50
H38A POV HA . 21.41 38.42 46.18
H39 POV HA . 21.72 38.64 43.60
H39A POV HA . 21.01 40.00 43.93
C13 DU0 IA . 20.05 37.19 35.03
C15 DU0 IA . 18.24 40.43 36.09
C17 DU0 IA . 19.04 43.43 42.16
C20 DU0 IA . 19.35 44.94 44.61
C21 DU0 IA . 19.58 45.89 45.76
C22 DU0 IA . 18.37 45.99 46.68
C24 DU0 IA . 18.31 46.85 48.99
C26 DU0 IA . 16.98 48.55 50.46
C01 DU0 IA . 17.86 43.53 39.30
C02 DU0 IA . 17.54 42.42 40.32
C03 DU0 IA . 18.70 42.21 41.31
C04 DU0 IA . 19.77 41.51 40.47
C05 DU0 IA . 18.94 40.53 39.63
C06 DU0 IA . 17.47 41.01 39.70
C07 DU0 IA . 16.94 40.78 38.26
C08 DU0 IA . 15.62 40.02 38.22
C09 DU0 IA . 18.10 40.09 37.55
C11 DU0 IA . 18.93 37.88 37.13
C12 DU0 IA . 19.00 38.09 35.65
C14 DU0 IA . 19.26 39.54 35.38
C18 DU0 IA . 20.17 43.10 43.13
C19 DU0 IA . 20.27 44.05 44.28
C25 DU0 IA . 16.99 47.46 49.38
C27 DU0 IA . 15.57 49.11 50.65
C51 DU0 IA . 17.54 48.02 51.75
C75 DU0 IA . 17.13 46.31 45.90
C76 DU0 IA . 16.89 45.24 44.84
C77 DU0 IA . 18.05 45.12 43.85
C78 DU0 IA . 18.16 46.41 43.00
C79 DU0 IA . 17.80 43.87 42.94
C80 DU0 IA . 16.57 44.01 42.04
C81 DU0 IA . 16.32 42.80 41.16
O10 DU0 IA . 17.93 38.69 37.74
O16 DU0 IA . 19.27 40.53 38.24
O23 DU0 IA . 18.56 47.08 47.60
O28 DU0 IA . 15.57 50.51 50.81
O52 DU0 IA . 17.37 48.94 52.82
H1 DU0 IA . 20.86 37.70 34.83
H2 DU0 IA . 20.28 36.47 35.63
H3 DU0 IA . 19.72 36.79 34.19
H4 DU0 IA . 18.54 41.34 35.99
H5 DU0 IA . 17.38 40.34 35.64
H6 DU0 IA . 19.35 44.16 41.60
H7 DU0 IA . 20.34 45.59 46.30
H8 DU0 IA . 19.81 46.78 45.44
H9 DU0 IA . 18.24 45.14 47.13
H10 DU0 IA . 18.31 45.90 49.21
H11 DU0 IA . 19.02 47.29 49.50
H12 DU0 IA . 17.57 49.27 50.16
H13 DU0 IA . 18.08 44.39 39.71
H14 DU0 IA . 18.61 43.29 38.73
H15 DU0 IA . 17.11 43.70 38.71
H16 DU0 IA . 18.41 41.53 41.95
H17 DU0 IA . 20.43 41.06 41.03
H18 DU0 IA . 20.26 42.13 39.90
H19 DU0 IA . 19.02 39.63 39.98
H20 DU0 IA . 17.02 40.42 40.33
H21 DU0 IA . 16.78 41.60 37.78
H22 DU0 IA . 14.87 40.60 38.42
H23 DU0 IA . 15.49 39.63 37.32
H24 DU0 IA . 15.61 39.28 38.85
H25 DU0 IA . 18.70 36.95 37.31
H26 DU0 IA . 19.79 38.04 37.57
H27 DU0 IA . 18.13 37.85 35.28
H28 DU0 IA . 20.16 39.78 35.67
H29 DU0 IA . 19.23 39.72 34.43
H30 DU0 IA . 20.06 42.20 43.48
H31 DU0 IA . 21.02 43.13 42.64
H32 DU0 IA . 21.09 44.01 44.79
H33 DU0 IA . 16.56 47.79 48.57
H34 DU0 IA . 16.41 46.73 49.69
H35 DU0 IA . 14.98 48.90 49.91
H36 DU0 IA . 15.15 48.70 51.43
H37 DU0 IA . 17.12 47.18 52.00
H38 DU0 IA . 18.51 47.89 51.65
H39 DU0 IA . 17.23 47.18 45.47
H40 DU0 IA . 16.37 46.38 46.50
H41 DU0 IA . 16.06 45.47 44.38
H42 DU0 IA . 16.74 44.40 45.30
H43 DU0 IA . 18.61 47.13 43.49
H44 DU0 IA . 18.62 46.27 42.15
H45 DU0 IA . 17.28 46.76 42.76
H46 DU0 IA . 17.60 43.13 43.53
H47 DU0 IA . 16.64 44.79 41.46
H48 DU0 IA . 15.76 44.15 42.57
H49 DU0 IA . 15.55 42.96 40.58
H50 DU0 IA . 16.08 42.05 41.73
H51 DU0 IA . 14.83 50.78 50.50
H52 DU0 IA . 18.14 49.04 53.19
N POV JA . -19.32 3.12 35.96
P POV JA . -16.63 4.67 38.14
C1 POV JA . -16.53 7.13 37.33
C2 POV JA . -17.09 8.37 37.97
C3 POV JA . -16.89 8.45 39.45
C210 POV JA . -19.85 18.21 39.73
C310 POV JA . -16.83 19.82 43.03
C11 POV JA . -19.22 4.06 38.38
O11 POV JA . -16.13 6.17 38.34
C211 POV JA . -20.64 19.38 39.22
C311 POV JA . -17.26 21.22 42.63
C12 POV JA . -19.10 2.87 37.45
O12 POV JA . -18.17 5.05 38.27
C212 POV JA . -20.69 20.56 40.17
C312 POV JA . -16.17 22.05 41.99
C13 POV JA . -20.67 2.60 35.56
O13 POV JA . -16.30 4.23 36.76
C213 POV JA . -21.40 20.26 41.47
C313 POV JA . -16.67 23.08 41.01
C14 POV JA . -19.25 4.56 35.57
O14 POV JA . -16.17 3.87 39.29
C214 POV JA . -20.46 19.85 42.60
C314 POV JA . -17.44 24.22 41.66
C15 POV JA . -18.28 2.36 35.19
C215 POV JA . -21.15 19.10 43.72
C315 POV JA . -18.93 23.97 41.84
C216 POV JA . -20.80 19.63 45.10
C316 POV JA . -19.37 24.19 43.26
C217 POV JA . -21.45 20.97 45.39
C218 POV JA . -22.00 21.10 46.80
C21 POV JA . -19.05 9.38 37.03
O21 POV JA . -18.53 8.40 37.78
C22 POV JA . -20.54 9.37 37.10
O22 POV JA . -18.42 10.17 36.39
C23 POV JA . -21.06 10.36 38.14
C24 POV JA . -20.34 11.69 38.14
C25 POV JA . -21.12 12.80 38.82
C26 POV JA . -20.27 13.84 39.50
C27 POV JA . -19.34 14.62 38.57
C28 POV JA . -19.78 16.05 38.33
C29 POV JA . -19.42 16.97 39.47
C31 POV JA . -16.39 10.77 39.74
O31 POV JA . -17.30 9.79 39.81
C32 POV JA . -17.00 12.08 40.09
O32 POV JA . -15.25 10.59 39.43
C33 POV JA . -16.21 12.83 41.12
C34 POV JA . -17.06 13.32 42.26
C35 POV JA . -16.43 14.45 43.02
C36 POV JA . -16.62 15.76 42.34
C37 POV JA . -15.63 16.80 42.76
C38 POV JA . -15.57 17.99 41.82
C39 POV JA . -16.79 18.88 41.86
H29 POV JA . -18.77 16.60 40.09
H1 POV JA . -17.20 6.72 36.75
H1A POV JA . -15.75 7.34 36.79
H2 POV JA . -16.64 9.14 37.58
H3 POV JA . -17.47 7.80 39.88
H3A POV JA . -15.97 8.31 39.71
H310 POV JA . -15.96 19.85 43.44
H31A POV JA . -17.47 19.46 43.67
H210 POV JA . -20.18 18.03 38.83
H11 POV JA . -19.19 3.73 39.30
H11A POV JA . -20.10 4.46 38.27
H211 POV JA . -20.25 19.71 38.39
H21A POV JA . -21.57 19.13 39.02
H311 POV JA . -18.00 21.16 42.01
H31B POV JA . -17.60 21.68 43.42
H12 POV JA . -19.78 2.22 37.71
H12A POV JA . -18.23 2.45 37.56
H22 POV JA . -20.92 9.56 36.23
H212 POV JA . -19.78 20.86 40.35
H22A POV JA . -20.81 8.46 37.38
H21B POV JA . -21.15 21.30 39.73
H32 POV JA . -17.06 12.61 39.27
H312 POV JA . -15.64 22.50 42.67
H32A POV JA . -17.89 11.90 40.42
H31C POV JA . -15.54 21.46 41.52
H13 POV JA . -20.68 1.63 35.63
H13A POV JA . -21.35 2.99 36.16
H13B POV JA . -20.86 2.86 34.64
H23 POV JA . -22.00 10.54 37.93
H213 POV JA . -21.91 21.04 41.74
H23A POV JA . -21.03 9.95 39.03
H21C POV JA . -22.04 19.54 41.31
H33 POV JA . -15.52 12.24 41.48
H313 POV JA . -15.92 23.45 40.54
H33A POV JA . -15.76 13.58 40.70
H31D POV JA . -17.24 22.65 40.36
H14 POV JA . -18.37 4.92 35.82
H14A POV JA . -19.33 4.62 34.59
H14B POV JA . -19.97 5.07 35.99
H24 POV JA . -19.47 11.60 38.58
H214 POV JA . -19.73 19.30 42.25
H24A POV JA . -20.16 11.95 37.22
H21D POV JA . -20.05 20.65 42.98
H34 POV JA . -17.91 13.63 41.92
H314 POV JA . -17.05 24.43 42.53
H34A POV JA . -17.24 12.57 42.87
H31E POV JA . -17.34 25.01 41.11
H15 POV JA . -17.40 2.79 35.27
H15A POV JA . -18.20 1.45 35.54
H15B POV JA . -18.56 2.31 34.25
H25 POV JA . -21.67 13.25 38.14
H215 POV JA . -22.11 19.14 43.60
H25A POV JA . -21.75 12.43 39.47
H21E POV JA . -20.89 18.16 43.66
H35 POV JA . -16.80 14.49 43.92
H315 POV JA . -19.42 24.56 41.25
H35A POV JA . -15.47 14.26 43.09
H31F POV JA . -19.15 23.05 41.57
H26 POV JA . -20.85 14.47 39.96
H216 POV JA . -19.84 19.72 45.15
H26A POV JA . -19.74 13.40 40.20
H21F POV JA . -21.07 18.96 45.76
H36 POV JA . -16.56 15.63 41.37
H316 POV JA . -20.28 23.83 43.38
H36A POV JA . -17.52 16.07 42.54
H31G POV JA . -18.78 23.73 43.88
H31H POV JA . -19.39 25.14 43.47
H27 POV JA . -18.44 14.61 38.94
H217 POV JA . -20.77 21.66 45.27
H27A POV JA . -19.27 14.16 37.71
H21G POV JA . -22.16 21.15 44.74
H37 POV JA . -15.87 17.12 43.65
H37A POV JA . -14.74 16.41 42.82
H28 POV JA . -19.41 16.36 37.48
H218 POV JA . -22.83 21.61 46.80
H28A POV JA . -20.75 16.02 38.22
H21H POV JA . -22.17 20.23 47.22
H21J POV JA . -21.37 21.58 47.37
H38 POV JA . -14.79 18.51 42.01
H38A POV JA . -15.47 17.65 40.91
H39 POV JA . -17.58 18.31 41.89
H39A POV JA . -16.82 19.38 41.03
C13 DU0 KA . -20.79 25.01 55.45
C15 DU0 KA . -24.16 25.23 57.31
C17 DU0 KA . -26.14 31.42 59.49
C20 DU0 KA . -27.24 33.96 60.21
C21 DU0 KA . -28.04 35.23 60.35
C22 DU0 KA . -28.30 35.57 61.82
C24 DU0 KA . -28.92 37.90 61.39
C26 DU0 KA . -31.44 38.59 61.31
C01 DU0 KA . -26.90 28.42 59.12
C02 DU0 KA . -25.73 28.91 59.98
C03 DU0 KA . -25.16 30.24 59.49
C04 DU0 KA . -24.43 29.87 58.20
C05 DU0 KA . -23.74 28.57 58.59
C06 DU0 KA . -24.47 28.01 59.83
C07 DU0 KA . -24.58 26.50 59.52
C08 DU0 KA . -24.16 25.61 60.68
C09 DU0 KA . -23.73 26.34 58.26
C11 DU0 KA . -21.47 26.10 57.58
C12 DU0 KA . -21.76 24.99 56.61
C14 DU0 KA . -23.20 25.11 56.14
C18 DU0 KA . -25.44 32.68 59.04
C19 DU0 KA . -26.15 33.93 59.46
C25 DU0 KA . -29.99 38.90 61.74
C27 DU0 KA . -32.41 39.51 62.05
C51 DU0 KA . -31.63 38.74 59.81
C75 DU0 KA . -28.87 34.39 62.56
C76 DU0 KA . -27.98 33.15 62.43
C77 DU0 KA . -27.76 32.74 60.97
C78 DU0 KA . -29.10 32.31 60.34
C79 DU0 KA . -26.71 31.61 60.91
C80 DU0 KA . -27.19 30.29 61.52
C81 DU0 KA . -26.19 29.14 61.42
O10 DU0 KA . -22.39 26.13 58.66
O16 DU0 KA . -23.85 27.58 57.59
O23 DU0 KA . -29.28 36.62 61.93
O28 DU0 KA . -33.76 39.25 61.71
O52 DU0 KA . -30.91 37.77 59.07
H1 DU0 KA . -21.17 25.45 54.68
H2 DU0 KA . -19.98 25.49 55.69
H3 DU0 KA . -20.54 24.10 55.18
H4 DU0 KA . -25.04 25.44 56.96
H5 DU0 KA . -24.21 24.38 57.78
H6 DU0 KA . -26.86 31.24 58.87
H7 DU0 KA . -27.55 35.97 59.93
H8 DU0 KA . -28.89 35.18 59.88
H9 DU0 KA . -27.47 35.84 62.26
H10 DU0 KA . -28.06 38.16 61.75
H11 DU0 KA . -28.84 37.84 60.42
H12 DU0 KA . -31.64 37.67 61.54
H13 DU0 KA . -27.62 29.08 59.01
H14 DU0 KA . -26.60 28.12 58.23
H15 DU0 KA . -27.34 27.63 59.50
H16 DU0 KA . -24.44 30.50 60.11
H17 DU0 KA . -23.80 30.57 57.92
H18 DU0 KA . -25.04 29.72 57.47
H19 DU0 KA . -22.80 28.72 58.81
H20 DU0 KA . -23.88 28.16 60.59
H21 DU0 KA . -25.47 26.19 59.29
H22 DU0 KA . -24.80 25.69 61.41
H23 DU0 KA . -24.12 24.67 60.40
H24 DU0 KA . -23.28 25.85 61.03
H25 DU0 KA . -20.58 25.98 57.95
H26 DU0 KA . -21.48 26.96 57.11
H27 DU0 KA . -21.67 24.14 57.09
H28 DU0 KA . -23.29 25.90 55.58
H29 DU0 KA . -23.44 24.34 55.59
H30 DU0 KA . -24.54 32.72 59.42
H31 DU0 KA . -25.35 32.67 58.06
H32 DU0 KA . -25.76 34.77 59.16
H33 DU0 KA . -29.98 39.03 62.71
H34 DU0 KA . -29.73 39.75 61.35
H35 DU0 KA . -32.33 39.41 63.03
H36 DU0 KA . -32.23 40.45 61.87
H37 DU0 KA . -32.57 38.65 59.58
H38 DU0 KA . -31.31 39.61 59.52
H39 DU0 KA . -29.78 34.20 62.24
H40 DU0 KA . -28.99 34.62 63.50
H41 DU0 KA . -28.42 32.43 62.91
H42 DU0 KA . -27.13 33.33 62.87
H43 DU0 KA . -29.72 33.06 60.17
H44 DU0 KA . -28.99 31.82 59.50
H45 DU0 KA . -29.58 31.70 60.93
H46 DU0 KA . -25.95 31.89 61.45
H47 DU0 KA . -28.02 29.98 61.12
H48 DU0 KA . -27.40 30.42 62.47
H49 DU0 KA . -26.57 28.33 61.80
H50 DU0 KA . -25.42 29.38 61.97
H51 DU0 KA . -33.81 38.41 61.56
H52 DU0 KA . -31.12 37.00 59.39
C13 DU0 LA . -17.23 22.08 47.13
C15 DU0 LA . -17.01 25.81 48.09
C17 DU0 LA . -21.39 29.04 52.22
C20 DU0 LA . -23.06 30.57 54.03
C21 DU0 LA . -23.75 31.40 55.09
C22 DU0 LA . -24.57 32.53 54.50
C24 DU0 LA . -26.37 33.80 55.58
C26 DU0 LA . -27.07 36.27 56.07
C01 DU0 LA . -18.76 29.11 50.58
C02 DU0 LA . -20.14 28.82 49.96
C03 DU0 LA . -21.10 28.18 50.99
C04 DU0 LA . -20.55 26.76 51.14
C05 DU0 LA . -20.20 26.40 49.69
C06 DU0 LA . -20.12 27.71 48.89
C07 DU0 LA . -18.92 27.51 47.95
C08 DU0 LA . -19.20 27.83 46.49
C09 DU0 LA . -18.50 26.06 48.20
C11 DU0 LA . -18.94 23.86 47.36
C12 DU0 LA . -17.50 23.57 47.09
C14 DU0 LA . -16.67 24.32 48.10
C18 DU0 LA . -22.36 28.34 53.15
C19 DU0 LA . -23.07 29.25 54.09
C25 DU0 LA . -26.52 35.23 55.10
C27 DU0 LA . -27.08 37.64 55.41
C51 DU0 LA . -28.45 35.88 56.55
C75 DU0 LA . -23.73 33.35 53.56
C76 DU0 LA . -23.18 32.48 52.43
C77 DU0 LA . -22.30 31.34 52.95
C78 DU0 LA . -21.01 31.92 53.59
C79 DU0 LA . -21.97 30.39 51.77
C80 DU0 LA . -21.12 31.05 50.68
C81 DU0 LA . -20.80 30.13 49.51
O10 DU0 LA . -19.23 25.26 47.29
O16 DU0 LA . -18.91 25.79 49.54
O23 DU0 LA . -25.00 33.41 55.54
O28 DU0 LA . -26.70 38.67 56.31
O52 DU0 LA . -29.08 36.93 57.25
H1 DU0 LA . -17.24 21.75 48.05
H2 DU0 LA . -17.89 21.60 46.61
H3 DU0 LA . -16.35 21.88 46.74
H4 DU0 LA . -16.56 26.21 48.86
H5 DU0 LA . -16.65 26.21 47.28
H6 DU0 LA . -20.57 29.20 52.73
H7 DU0 LA . -24.35 30.84 55.61
H8 DU0 LA . -23.09 31.76 55.72
H9 DU0 LA . -25.31 32.15 54.00
H10 DU0 LA . -26.93 33.23 55.04
H11 DU0 LA . -26.68 33.75 56.51
H12 DU0 LA . -26.50 36.30 56.85
H13 DU0 LA . -18.78 29.66 51.38
H14 DU0 LA . -18.29 28.28 50.81
H15 DU0 LA . -18.17 29.57 49.96
H16 DU0 LA . -21.94 28.07 50.54
H17 DU0 LA . -21.23 26.17 51.52
H18 DU0 LA . -19.77 26.71 51.71
H19 DU0 LA . -20.88 25.80 49.31
H20 DU0 LA . -20.95 27.78 48.39
H21 DU0 LA . -18.14 28.05 48.19
H22 DU0 LA . -19.15 28.80 46.34
H23 DU0 LA . -18.57 27.38 45.91
H24 DU0 LA . -20.10 27.54 46.23
H25 DU0 LA . -19.47 23.42 46.67
H26 DU0 LA . -19.24 23.51 48.22
H27 DU0 LA . -17.28 23.90 46.20
H28 DU0 LA . -16.81 23.95 48.99
H29 DU0 LA . -15.72 24.21 47.90
H30 DU0 LA . -23.03 27.85 52.62
H31 DU0 LA . -21.88 27.67 53.66
H32 DU0 LA . -23.56 28.81 54.80
H33 DU0 LA . -25.65 35.52 54.76
H34 DU0 LA . -27.10 35.21 54.32
H35 DU0 LA . -26.49 37.70 54.65
H36 DU0 LA . -27.97 37.87 55.06
H37 DU0 LA . -29.02 35.62 55.80
H38 DU0 LA . -28.37 35.13 57.17
H39 DU0 LA . -23.00 33.76 54.04
H40 DU0 LA . -24.27 34.08 53.19
H41 DU0 LA . -22.69 33.07 51.84
H42 DU0 LA . -23.93 32.13 51.93
H43 DU0 LA . -21.11 32.11 54.54
H44 DU0 LA . -20.24 31.33 53.47
H45 DU0 LA . -20.76 32.77 53.18
H46 DU0 LA . -22.81 30.17 51.34
H47 DU0 LA . -20.28 31.39 51.03
H48 DU0 LA . -21.58 31.82 50.31
H49 DU0 LA . -20.22 30.59 48.87
H50 DU0 LA . -21.62 29.92 49.04
H51 DU0 LA . -26.30 39.25 55.85
H52 DU0 LA . -29.36 36.60 57.99
N POV MA . 4.23 51.01 49.36
P POV MA . 8.05 48.45 48.77
C1 POV MA . 6.65 47.66 46.72
C2 POV MA . 6.74 46.16 46.63
C3 POV MA . 5.52 45.48 47.22
C210 POV MA . 9.07 36.74 40.98
C310 POV MA . 5.51 38.06 38.78
C11 POV MA . 6.52 50.12 50.11
O11 POV MA . 7.89 48.20 47.21
C211 POV MA . 9.70 36.04 39.83
C311 POV MA . 5.82 36.80 38.01
C12 POV MA . 5.60 51.29 49.92
O12 POV MA . 7.19 49.79 48.87
C212 POV MA . 9.11 34.69 39.51
C312 POV MA . 6.54 37.01 36.69
C13 POV MA . 3.61 52.27 48.89
O13 POV MA . 7.36 47.35 49.50
C213 POV MA . 10.11 33.57 39.68
C313 POV MA . 7.34 35.81 36.24
C14 POV MA . 4.30 50.05 48.20
O14 POV MA . 9.46 48.76 49.08
C214 POV MA . 9.56 32.22 39.26
C314 POV MA . 7.58 35.72 34.75
C15 POV MA . 3.36 50.41 50.43
C215 POV MA . 9.29 32.11 37.77
C315 POV MA . 6.76 34.67 34.04
C216 POV MA . 7.82 32.20 37.41
C316 POV MA . 6.50 34.97 32.62
C217 POV MA . 7.01 30.90 37.48
C218 POV MA . 7.38 29.94 38.58
C21 POV MA . 8.39 44.55 47.59
O21 POV MA . 7.95 45.82 47.38
C22 POV MA . 8.14 43.59 46.45
O22 POV MA . 8.96 44.22 48.58
C23 POV MA . 9.45 43.16 45.83
C24 POV MA . 9.64 41.68 45.84
C25 POV MA . 8.86 40.97 44.78
C26 POV MA . 9.64 40.79 43.53
C27 POV MA . 8.87 40.17 42.42
C28 POV MA . 8.77 38.67 42.51
C29 POV MA . 9.33 37.96 41.35
C31 POV MA . 4.12 43.61 46.74
O31 POV MA . 5.30 44.21 46.56
C32 POV MA . 4.04 42.32 46.00
O32 POV MA . 3.25 44.06 47.43
C33 POV MA . 4.27 42.43 44.50
C34 POV MA . 4.46 41.08 43.87
C35 POV MA . 4.49 41.07 42.37
C36 POV MA . 4.48 39.67 41.78
C37 POV MA . 3.40 39.41 40.78
C38 POV MA . 3.73 39.78 39.35
C39 POV MA . 4.15 38.62 38.49
H29 POV MA . 9.97 38.46 40.80
H1 POV MA . 5.95 47.95 47.33
H1A POV MA . 6.46 48.02 45.82
H2 POV MA . 6.81 45.93 45.69
H3 POV MA . 5.66 45.36 48.18
H3A POV MA . 4.73 46.02 47.07
H310 POV MA . 5.57 37.88 39.73
H31A POV MA . 6.17 38.73 38.55
H210 POV MA . 8.42 36.24 41.50
H11 POV MA . 7.20 50.34 50.77
H11A POV MA . 6.03 49.35 50.47
H211 POV MA . 9.59 36.62 39.05
H21A POV MA . 10.66 35.95 39.95
H311 POV MA . 6.36 36.20 38.56
H31B POV MA . 4.99 36.32 37.84
H12 POV MA . 6.01 51.93 49.30
H12A POV MA . 5.46 51.74 50.78
H22 POV MA . 7.72 42.80 46.83
H212 POV MA . 8.34 34.51 40.08
H22A POV MA . 7.59 43.88 45.71
H21B POV MA . 8.80 34.70 38.58
H32 POV MA . 4.70 41.71 46.38
H312 POV MA . 5.87 37.23 36.02
H32A POV MA . 3.15 41.97 46.14
H31C POV MA . 7.14 37.78 36.76
H13 POV MA . 2.65 52.13 48.74
H13A POV MA . 3.74 52.95 49.58
H13B POV MA . 4.04 52.57 48.06
H23 POV MA . 9.46 43.47 44.91
H213 POV MA . 10.92 33.76 39.17
H23A POV MA . 10.17 43.60 46.31
H21C POV MA . 10.38 33.53 40.62
H33 POV MA . 3.53 42.88 44.09
H313 POV MA . 8.22 35.84 36.67
H33A POV MA . 5.07 42.96 44.34
H31D POV MA . 6.90 34.99 36.53
H14 POV MA . 3.47 50.12 47.69
H14A POV MA . 5.06 50.29 47.64
H14B POV MA . 4.40 49.14 48.55
H24 POV MA . 10.59 41.53 45.66
H214 POV MA . 10.17 31.51 39.54
H24A POV MA . 9.43 41.33 46.72
H21D POV MA . 8.72 32.08 39.75
H34 POV MA . 5.29 40.71 44.20
H314 POV MA . 7.45 36.58 34.33
H34A POV MA . 3.73 40.50 44.18
H31E POV MA . 8.52 35.49 34.62
H15 POV MA . 2.80 49.70 50.07
H15A POV MA . 3.93 50.01 51.11
H15B POV MA . 2.83 51.12 50.84
H25 POV MA . 8.59 40.09 45.10
H215 POV MA . 9.76 32.81 37.28
H25A POV MA . 8.05 41.49 44.58
H21E POV MA . 9.64 31.25 37.44
H35 POV MA . 3.73 41.58 42.03
H315 POV MA . 7.24 33.82 34.09
H35A POV MA . 5.30 41.54 42.07
H31F POV MA . 5.90 34.53 34.50
H26 POV MA . 9.96 41.66 43.26
H216 POV MA . 7.40 32.86 37.99
H26A POV MA . 10.41 40.24 43.74
H21F POV MA . 7.75 32.55 36.50
H36 POV MA . 5.35 39.49 41.38
H316 POV MA . 6.35 34.16 32.10
H36A POV MA . 4.37 39.04 42.51
H31G POV MA . 5.71 35.53 32.51
H31H POV MA . 7.26 35.46 32.23
H27 POV MA . 7.97 40.56 42.41
H217 POV MA . 6.07 31.13 37.62
H27A POV MA . 9.29 40.43 41.58
H21G POV MA . 7.06 30.42 36.64
H37 POV MA . 3.20 38.45 40.81
H37A POV MA . 2.59 39.87 41.05
H28 POV MA . 9.15 38.37 43.35
H218 POV MA . 6.84 29.14 38.50
H28A POV MA . 7.82 38.43 42.53
H21H POV MA . 8.32 29.67 38.54
H21J POV MA . 7.22 30.33 39.46
H38 POV MA . 2.95 40.19 38.93
H38A POV MA . 4.43 40.46 39.32
H39 POV MA . 4.15 38.92 37.57
H39A POV MA . 3.50 37.91 38.58
N POV NA . -0.32 46.24 61.10
P POV NA . 1.84 44.79 57.01
C1 POV NA . 2.36 42.68 58.55
C2 POV NA . 2.31 41.59 57.50
C3 POV NA . 2.48 40.23 58.15
C210 POV NA . 8.97 33.62 52.64
C310 POV NA . 4.87 29.87 51.01
C11 POV NA . -0.04 45.81 58.55
O11 POV NA . 2.78 43.93 57.96
C211 POV NA . 9.40 33.46 51.21
C311 POV NA . 6.04 29.64 50.07
C12 POV NA . 0.49 45.62 59.96
O12 POV NA . 0.43 44.70 57.75
C212 POV NA . 10.87 33.79 50.91
C312 POV NA . 5.66 29.32 48.64
C13 POV NA . 0.57 46.45 62.29
O13 POV NA . 2.31 46.19 57.05
C213 POV NA . 11.13 35.24 50.51
C313 POV NA . 6.65 29.85 47.61
C14 POV NA . -0.91 47.57 60.70
O14 POV NA . 1.73 44.07 55.71
C214 POV NA . 11.08 36.22 51.66
C314 POV NA . 6.21 29.69 46.17
C15 POV NA . -1.43 45.31 61.50
C215 POV NA . 12.42 36.76 52.07
C315 POV NA . 6.16 28.25 45.74
C216 POV NA . 12.43 37.44 53.44
C316 POV NA . 6.74 28.06 44.37
C217 POV NA . 11.51 38.65 53.56
C218 POV NA . 12.21 39.88 54.13
C21 POV NA . 4.61 41.90 56.79
O21 POV NA . 3.31 41.84 56.46
C22 POV NA . 5.44 42.24 55.59
O22 POV NA . 5.03 41.70 57.90
C23 POV NA . 6.72 41.41 55.46
C24 POV NA . 6.45 39.93 55.24
C25 POV NA . 7.62 39.20 54.62
C26 POV NA . 7.29 37.77 54.23
C27 POV NA . 8.36 37.14 53.34
C28 POV NA . 7.90 35.92 52.55
C29 POV NA . 8.29 34.63 53.19
C31 POV NA . 2.74 37.95 57.72
O31 POV NA . 2.68 39.18 57.18
C32 POV NA . 2.98 36.91 56.67
O32 POV NA . 2.63 37.73 58.89
C33 POV NA . 3.34 35.58 57.31
C34 POV NA . 3.86 34.54 56.34
C35 POV NA . 2.82 33.97 55.42
C36 POV NA . 3.16 32.61 54.85
C37 POV NA . 3.93 32.63 53.57
C38 POV NA . 4.10 31.25 52.97
C39 POV NA . 4.83 31.25 51.65
H29 POV NA . 7.98 34.51 54.11
H1 POV NA . 1.48 42.82 58.95
H1A POV NA . 2.99 42.44 59.25
H2 POV NA . 1.44 41.58 57.07
H3 POV NA . 3.23 40.25 58.77
H3A POV NA . 1.66 40.02 58.64
H310 POV NA . 4.03 29.76 50.54
H31A POV NA . 4.90 29.22 51.72
H210 POV NA . 9.22 32.89 53.23
H11 POV NA . -1.01 45.80 58.53
H11A POV NA . 0.24 46.67 58.17
H211 POV NA . 9.24 32.54 50.96
H21A POV NA . 8.85 33.98 50.60
H311 POV NA . 6.64 30.41 50.07
H31B POV NA . 6.57 28.90 50.43
H12 POV NA . 0.53 44.66 60.14
H12A POV NA . 1.39 45.98 60.00
H22 POV NA . 4.90 42.12 54.79
H212 POV NA . 11.41 33.59 51.70
H22A POV NA . 5.68 43.18 55.66
H21B POV NA . 11.19 33.22 50.19
H32 POV NA . 2.16 36.82 56.14
H312 POV NA . 5.59 28.34 48.54
H32A POV NA . 3.72 37.22 56.11
H31C POV NA . 4.77 29.68 48.43
H13 POV NA . 0.81 47.40 62.34
H13A POV NA . 0.08 46.18 63.09
H13B POV NA . 1.39 45.92 62.23
H23 POV NA . 7.23 41.75 54.70
H213 POV NA . 12.00 35.30 50.08
H23A POV NA . 7.27 41.54 56.26
H21C POV NA . 10.47 35.50 49.84
H33 POV NA . 4.01 35.73 58.00
H313 POV NA . 6.81 30.80 47.79
H33A POV NA . 2.54 35.23 57.76
H31D POV NA . 7.51 29.40 47.72
H14 POV NA . -1.25 48.01 61.50
H14A POV NA . -0.21 48.10 60.28
H14B POV NA . -1.65 47.43 60.08
H24 POV NA . 6.22 39.51 56.10
H214 POV NA . 10.49 36.97 51.43
H24A POV NA . 5.66 39.82 54.67
H21D POV NA . 10.69 35.78 52.44
H34 POV NA . 4.59 34.94 55.81
H314 POV NA . 5.32 30.08 46.07
H34A POV NA . 4.25 33.82 56.87
H31E POV NA . 6.81 30.19 45.59
H15 POV NA . -2.02 45.74 62.17
H15A POV NA . -1.97 45.12 60.71
H15B POV NA . -1.05 44.49 61.85
H25 POV NA . 7.91 39.69 53.84
H215 POV NA . 13.07 36.02 52.08
H25A POV NA . 8.36 39.21 55.26
H21E POV NA . 12.74 37.39 51.40
H35 POV NA . 1.96 33.92 55.90
H315 POV NA . 6.66 27.69 46.38
H35A POV NA . 2.68 34.59 54.67
H31F POV NA . 5.24 27.93 45.73
H26 POV NA . 7.17 37.22 55.03
H216 POV NA . 12.15 36.78 54.11
H26A POV NA . 6.43 37.77 53.75
H21F POV NA . 13.34 37.70 53.67
H36 POV NA . 3.69 32.12 55.50
H316 POV NA . 6.60 27.15 44.06
H36A POV NA . 2.33 32.11 54.72
H31G POV NA . 6.31 28.68 43.75
H31H POV NA . 7.70 28.26 44.39
H27 POV NA . 8.71 37.81 52.72
H217 POV NA . 11.14 38.88 52.69
H27A POV NA . 9.11 36.88 53.91
H21G POV NA . 10.77 38.44 54.15
H37 POV NA . 3.49 33.21 52.93
H37A POV NA . 4.82 33.01 53.74
H28 POV NA . 6.94 35.96 52.42
H218 POV NA . 12.78 40.31 53.46
H28A POV NA . 8.31 35.96 51.67
H21H POV NA . 11.57 40.54 54.45
H21J POV NA . 12.79 39.62 54.88
H38 POV NA . 4.59 30.69 53.60
H38A POV NA . 3.22 30.85 52.86
H39 POV NA . 5.74 31.58 51.80
H39A POV NA . 4.39 31.87 51.04
N POV OA . 1.92 47.80 54.29
P POV OA . 3.34 45.95 51.05
C1 POV OA . 5.12 44.31 52.28
C2 POV OA . 5.97 44.18 51.01
C3 POV OA . 5.53 43.04 50.12
C210 POV OA . 12.58 39.81 46.60
C310 POV OA . 11.57 35.33 43.73
C11 POV OA . 1.53 45.54 53.03
O11 POV OA . 4.31 45.51 52.25
C211 POV OA . 13.37 39.96 45.36
C311 POV OA . 12.93 35.17 44.41
C12 POV OA . 1.01 46.61 53.98
O12 POV OA . 1.87 46.07 51.72
C212 POV OA . 13.62 38.58 44.76
C312 POV OA . 14.17 35.21 43.50
C13 POV OA . 2.00 48.76 53.15
O13 POV OA . 3.74 47.30 50.62
C213 POV OA . 14.73 38.53 43.72
C313 POV OA . 14.87 33.95 42.96
C14 POV OA . 1.33 48.52 55.47
O14 POV OA . 3.26 44.88 50.05
C214 POV OA . 14.25 38.61 42.30
C314 POV OA . 13.96 32.82 42.43
C15 POV OA . 3.31 47.35 54.62
C215 POV OA . 13.80 40.00 41.90
C315 POV OA . 13.41 33.00 41.00
C216 POV OA . 12.39 40.13 41.38
C316 POV OA . 12.92 31.72 40.42
C217 POV OA . 12.29 40.20 39.88
C218 POV OA . 12.54 38.88 39.22
C21 POV OA . 8.02 45.16 51.78
O21 POV OA . 7.39 44.06 51.33
C22 POV OA . 9.50 44.95 51.89
O22 POV OA . 7.45 46.18 52.07
C23 POV OA . 9.93 43.70 52.64
C24 POV OA . 10.98 42.90 51.91
C25 POV OA . 10.44 42.18 50.70
C26 POV OA . 11.45 41.86 49.64
C27 POV OA . 12.36 40.72 50.00
C28 POV OA . 12.26 39.54 49.05
C29 POV OA . 13.05 39.77 47.82
C31 POV OA . 6.51 41.18 51.24
O31 POV OA . 6.39 41.88 50.12
C32 POV OA . 7.35 39.97 51.03
O32 POV OA . 6.01 41.51 52.30
C33 POV OA . 7.54 39.64 49.56
C34 POV OA . 8.33 38.39 49.30
C35 POV OA . 8.33 38.02 47.86
C36 POV OA . 9.56 37.29 47.35
C37 POV OA . 9.28 35.89 46.84
C38 POV OA . 10.40 35.31 46.01
C39 POV OA . 10.50 35.91 44.64
H29 POV OA . 14.01 39.89 47.97
H1 POV OA . 4.53 43.54 52.43
H1A POV OA . 5.71 44.35 53.05
H2 POV OA . 5.87 44.98 50.46
H3 POV OA . 4.64 42.76 50.37
H3A POV OA . 5.51 43.34 49.20
H310 POV OA . 11.61 35.94 42.97
H31A POV OA . 11.28 34.46 43.39
H210 POV OA . 11.61 39.71 46.50
H11 POV OA . 2.30 45.09 53.43
H11A POV OA . 0.86 44.84 52.95
H211 POV OA . 12.84 40.49 44.73
H21A POV OA . 14.21 40.44 45.50
H311 POV OA . 13.03 35.84 45.10
H31B POV OA . 12.92 34.30 44.87
H12 POV OA . 0.79 46.19 54.82
H12A POV OA . 0.19 47.00 53.62
H22 POV OA . 9.85 44.91 50.98
H212 POV OA . 13.85 37.97 45.49
H22A POV OA . 9.87 45.74 52.34
H21B POV OA . 12.79 38.25 44.37
H32 POV OA . 8.21 40.11 51.46
H312 POV OA . 14.53 34.85 44.33
H32A POV OA . 6.90 39.22 51.47
H31C POV OA . 13.51 34.92 42.84
H13 POV OA . 2.59 49.50 53.40
H13A POV OA . 2.36 48.33 52.36
H13B POV OA . 1.09 49.11 52.94
H23 POV OA . 10.29 43.97 53.51
H213 POV OA . 15.37 39.25 43.89
H23A POV OA . 9.16 43.14 52.83
H21C POV OA . 15.21 37.70 43.85
H33 POV OA . 6.66 39.56 49.12
H313 POV OA . 15.46 33.56 43.64
H33A POV OA . 7.99 40.37 49.12
H31D POV OA . 15.46 34.23 42.23
H14 POV OA . 1.83 48.32 56.29
H14A POV OA . 1.35 49.47 55.31
H14B POV OA . 0.40 48.24 55.58
H24 POV OA . 11.71 43.48 51.63
H214 POV OA . 14.97 38.33 41.70
H24A POV OA . 11.38 42.25 52.51
H21D POV OA . 13.53 37.96 42.15
H34 POV OA . 9.24 38.52 49.63
H314 POV OA . 14.48 31.99 42.44
H34A POV OA . 7.94 37.66 49.83
H31E POV OA . 13.21 32.69 43.04
H15 POV OA . 3.32 46.44 54.99
H15A POV OA . 3.82 47.32 53.78
H15B POV OA . 3.75 47.98 55.21
H25 POV OA . 10.05 41.33 50.99
H215 POV OA . 13.90 40.57 42.69
H25A POV OA . 9.72 42.69 50.29
H21E POV OA . 14.41 40.36 41.22
H35 POV OA . 7.55 37.47 47.69
H315 POV OA . 12.68 33.65 41.02
H35A POV OA . 8.21 38.83 47.33
H31F POV OA . 14.10 33.37 40.42
H26 POV OA . 10.99 41.64 48.81
H216 POV OA . 11.85 39.39 41.71
H26A POV OA . 11.97 42.66 49.47
H21F POV OA . 11.99 40.93 41.75
H36 POV OA . 9.96 37.82 46.64
H316 POV OA . 12.17 31.37 40.96
H36A POV OA . 10.23 37.23 48.05
H31G POV OA . 12.60 31.84 39.51
H31H POV OA . 13.62 31.04 40.41
H27 POV OA . 13.28 41.05 49.99
H217 POV OA . 11.40 40.52 39.63
H27A POV OA . 12.17 40.43 50.92
H21G POV OA . 12.93 40.85 39.54
H37 POV OA . 9.09 35.31 47.59
H37A POV OA . 8.47 35.91 46.28
H28 POV OA . 12.55 38.73 49.48
H218 POV OA . 12.62 38.99 38.26
H28A POV OA . 11.33 39.40 48.79
H21H POV OA . 13.35 38.47 39.57
H21J POV OA . 11.79 38.27 39.40
H38 POV OA . 11.22 35.44 46.50
H38A POV OA . 10.27 34.33 45.93
H39 POV OA . 10.67 36.86 44.71
H39A POV OA . 9.63 35.80 44.19
N POV PA . -28.12 15.60 17.93
P POV PA . -24.61 16.24 21.32
C1 POV PA . -26.44 17.94 20.54
C2 POV PA . -27.21 19.16 20.93
C3 POV PA . -27.50 19.17 22.40
C210 POV PA . -26.76 29.74 22.42
C310 POV PA . -24.15 27.74 28.47
C11 POV PA . -26.02 14.95 19.43
O11 POV PA . -25.32 17.67 21.40
C211 POV PA . -27.23 30.32 23.72
C311 POV PA . -22.80 28.37 28.63
C12 POV PA . -26.58 15.36 18.07
O12 POV PA . -24.93 15.85 19.79
C212 POV PA . -27.98 31.60 23.54
C312 POV PA . -22.61 29.16 29.92
C13 POV PA . -28.97 15.15 19.08
O13 POV PA . -23.15 16.39 21.52
C213 POV PA . -27.10 32.78 23.45
C313 POV PA . -21.73 28.47 30.95
C14 POV PA . -28.41 17.05 17.68
O14 POV PA . -25.34 15.33 22.23
C214 POV PA . -26.69 33.37 24.77
C314 POV PA . -20.95 29.41 31.84
C15 POV PA . -28.57 14.84 16.71
C215 POV PA . -27.69 34.29 25.40
C315 POV PA . -21.69 30.62 32.34
C216 POV PA . -27.07 35.42 26.18
C316 POV PA . -21.18 31.09 33.62
C217 POV PA . -27.62 35.62 27.55
C218 POV PA . -28.75 36.44 27.59
C21 POV PA . -29.01 20.05 19.41
O21 POV PA . -28.49 19.07 20.22
C22 POV PA . -28.25 21.35 19.46
O22 POV PA . -29.98 19.89 18.74
C23 POV PA . -28.92 22.48 18.69
C24 POV PA . -28.30 23.83 18.94
C25 POV PA . -28.59 24.41 20.29
C26 POV PA . -28.03 25.79 20.53
C27 POV PA . -27.73 26.09 21.99
C28 POV PA . -27.95 27.51 22.47
C29 POV PA . -27.02 28.55 21.93
C31 POV PA . -27.59 21.05 23.87
O31 POV PA . -28.03 20.45 22.76
C32 POV PA . -28.28 22.35 24.07
O32 POV PA . -26.76 20.60 24.61
C33 POV PA . -27.46 23.38 24.81
C34 POV PA . -27.71 23.47 26.32
C35 POV PA . -28.30 24.80 26.81
C36 POV PA . -27.58 26.06 26.36
C37 POV PA . -27.02 26.88 27.51
C38 POV PA . -26.20 28.05 27.02
C39 POV PA . -25.27 28.65 28.06
H29 POV PA . -26.56 28.30 21.10
H1 POV PA . -27.04 17.18 20.58
H1A POV PA . -26.11 18.07 19.63
H2 POV PA . -26.60 19.90 20.78
H3 POV PA . -28.16 18.46 22.59
H3A POV PA . -26.68 18.99 22.89
H310 POV PA . -24.09 27.02 27.81
H31A POV PA . -24.41 27.33 29.32
H210 POV PA . -26.21 30.34 21.89
H11 POV PA . -26.63 14.97 20.18
H11A POV PA . -25.69 14.02 19.39
H211 POV PA . -27.80 29.68 24.19
H21A POV PA . -26.49 30.50 24.33
H311 POV PA . -22.13 27.67 28.56
H31B POV PA . -22.65 28.97 27.87
H12 POV PA . -26.37 14.65 17.44
H12A POV PA . -26.13 16.16 17.78
H22 POV PA . -28.15 21.62 20.39
H212 POV PA . -28.50 31.55 22.73
H22A POV PA . -27.38 21.19 19.03
H21B POV PA . -28.59 31.71 24.29
H32 POV PA . -28.49 22.70 23.19
H312 POV PA . -22.25 30.04 29.70
H32A POV PA . -29.10 22.15 24.56
H31C POV PA . -23.49 29.30 30.31
H13 POV PA . -29.91 15.16 18.80
H13A POV PA . -28.71 14.26 19.35
H13B POV PA . -28.84 15.78 19.82
H23 POV PA . -28.88 22.28 17.74
H213 POV PA . -26.32 32.50 22.96
H23A POV PA . -29.87 22.51 18.94
H21C POV PA . -27.55 33.46 22.91
H33 POV PA . -26.52 23.18 24.65
H313 POV PA . -22.30 27.92 31.51
H33A POV PA . -27.64 24.24 24.37
H31D POV PA . -21.08 27.89 30.52
H14 POV PA . -28.38 17.22 16.72
H14A POV PA . -29.30 17.25 18.02
H14B POV PA . -27.77 17.62 18.15
H24 POV PA . -27.33 23.76 18.83
H214 POV PA . -26.53 32.63 25.39
H24A POV PA . -28.61 24.46 18.27
H21D POV PA . -25.85 33.83 24.65
H34 POV PA . -28.33 22.76 26.58
H314 POV PA . -20.59 28.92 32.60
H34A POV PA . -26.87 23.30 26.78
H31E POV PA . -20.17 29.71 31.35
H15 POV PA . -29.50 15.07 16.51
H15A POV PA . -28.02 15.09 15.95
H15B POV PA . -28.48 13.87 16.88
H25 POV PA . -29.57 24.45 20.38
H215 POV PA . -28.27 34.68 24.71
H25A POV PA . -28.28 23.80 20.98
H21E POV PA . -28.28 33.78 25.99
H35 POV PA . -29.23 24.86 26.52
H315 POV PA . -21.59 31.32 31.67
H35A POV PA . -28.31 24.79 27.78
H31F POV PA . -22.65 30.43 32.41
H26 POV PA . -27.20 25.88 20.01
H216 POV PA . -26.12 35.31 26.25
H26A POV PA . -28.66 26.46 20.19
H21F POV PA . -27.20 36.24 25.69
H36 POV PA . -26.85 25.85 25.75
H316 POV PA . -21.46 30.50 34.33
H36A POV PA . -28.21 26.60 25.85
H31G POV PA . -20.20 31.09 33.62
H31H POV PA . -21.49 32.00 33.82
H27 POV PA . -28.31 25.52 22.54
H217 POV PA . -27.85 34.78 27.97
H27A POV PA . -26.81 25.82 22.19
H21G POV PA . -26.95 36.05 28.11
H37 POV PA . -27.75 27.21 28.06
H37A POV PA . -26.48 26.31 28.09
H28 POV PA . -28.87 27.76 22.31
H218 POV PA . -29.31 36.18 28.34
H28A POV PA . -27.84 27.51 23.44
H21H POV PA . -28.50 37.37 27.70
H21J POV PA . -29.26 36.34 26.76
H38 POV PA . -25.67 27.79 26.25
H38A POV PA . -26.80 28.76 26.70
H39 POV PA . -25.78 28.87 28.85
H39A POV PA . -24.87 29.48 27.71
N POV QA . -32.97 10.57 24.27
P POV QA . -35.10 13.25 26.30
C1 POV QA . -36.75 14.84 27.53
C2 POV QA . -36.89 15.80 28.68
C3 POV QA . -38.02 16.78 28.48
C210 POV QA . -36.59 25.67 33.22
C11 POV QA . -32.59 12.42 26.05
O11 POV QA . -35.58 14.01 27.63
C211 POV QA . -37.43 26.18 34.33
C12 POV QA . -32.19 11.08 25.48
O12 POV QA . -33.83 12.42 26.80
C212 POV QA . -37.71 27.65 34.26
C13 POV QA . -33.18 11.64 23.24
O13 POV QA . -36.17 12.29 25.89
C14 POV QA . -32.18 9.46 23.64
O14 POV QA . -34.67 14.29 25.35
C15 POV QA . -34.30 10.03 24.69
C21 POV QA . -35.49 17.26 29.96
O21 POV QA . -35.65 16.56 28.82
C22 POV QA . -34.19 18.01 29.96
O22 POV QA . -36.28 17.26 30.87
C23 POV QA . -34.33 19.51 30.12
C24 POV QA . -34.90 19.91 31.44
C25 POV QA . -36.39 20.15 31.43
C26 POV QA . -36.75 21.58 31.75
C27 POV QA . -36.43 21.97 33.18
C28 POV QA . -37.05 23.28 33.59
C29 POV QA . -36.41 24.43 32.92
C31 POV QA . -39.93 17.44 29.92
O31 POV QA . -39.04 16.51 29.47
C32 POV QA . -39.69 18.86 29.47
O32 POV QA . -40.86 17.15 30.63
C33 POV QA . -40.65 19.85 30.11
C34 POV QA . -40.33 21.29 29.78
C35 POV QA . -41.18 22.29 30.54
H29 POV QA . -35.77 24.21 32.21
H1 POV QA . -37.53 14.24 27.50
H1A POV QA . -36.72 15.34 26.69
H2 POV QA . -37.07 15.30 29.50
H3 POV QA . -37.63 17.67 28.44
H3A POV QA . -38.43 16.59 27.61
H210 POV QA . -36.16 26.34 32.66
H11 POV QA . -31.89 12.65 26.69
H11A POV QA . -32.54 13.13 25.38
H211 POV QA . -38.29 25.69 34.30
H21A POV QA . -37.04 25.96 35.20
H12 POV QA . -32.29 10.39 26.17
H12A POV QA . -31.26 11.11 25.20
H22 POV QA . -33.67 17.66 30.71
H212 POV QA . -38.63 27.83 34.53
H22A POV QA . -33.73 17.81 29.12
H21B POV QA . -37.62 27.97 33.34
H32 POV QA . -38.79 19.12 29.72
H32A POV QA . -39.77 18.90 28.49
H13 POV QA . -33.53 11.21 22.43
H13A POV QA . -33.83 12.28 23.58
H13B POV QA . -32.34 12.10 23.04
H23 POV QA . -33.45 19.92 30.05
H23A POV QA . -34.85 19.88 29.38
H33 POV QA . -41.57 19.65 29.81
H33A POV QA . -40.64 19.73 31.08
H14 POV QA . -32.75 9.00 22.99
H14A POV QA . -31.40 9.85 23.19
H14B POV QA . -31.88 8.84 24.34
H24 POV QA . -34.70 19.22 32.10
H24A POV QA . -34.44 20.73 31.73
H34 POV QA . -39.39 21.45 29.99
H34A POV QA . -40.44 21.45 28.82
H15 POV QA . -34.25 9.05 24.79
H15A POV QA . -34.54 10.41 25.55
H15B POV QA . -34.97 10.27 24.02
H25 POV QA . -36.76 19.91 30.57
H25A POV QA . -36.81 19.56 32.09
H26 POV QA . -36.26 22.17 31.15
H26A POV QA . -37.70 21.72 31.58
H27 POV QA . -36.73 21.26 33.79
H27A POV QA . -35.46 22.03 33.28
H28 POV QA . -38.01 23.26 33.43
H28A POV QA . -36.94 23.41 34.56
N POV RA . -44.57 46.73 49.49
P POV RA . -46.47 43.95 46.13
C1 POV RA . -45.17 41.68 46.56
C2 POV RA . -45.82 40.35 46.27
C3 POV RA . -45.29 39.73 45.00
C210 POV RA . -46.39 32.64 40.97
C310 POV RA . -41.09 31.36 37.44
C11 POV RA . -46.05 44.83 48.59
O11 POV RA . -45.65 42.67 45.63
C211 POV RA . -47.24 31.60 40.36
C311 POV RA . -41.09 30.93 35.96
C12 POV RA . -44.94 45.25 49.52
O12 POV RA . -45.50 44.46 47.29
C212 POV RA . -46.45 30.44 39.75
C312 POV RA . -41.60 29.52 35.72
C13 POV RA . -43.19 46.89 50.06
O13 POV RA . -46.50 44.97 45.05
C213 POV RA . -47.13 29.85 38.53
C313 POV RA . -41.32 28.99 34.33
C14 POV RA . -44.57 47.26 48.09
O14 POV RA . -47.74 43.48 46.72
C214 POV RA . -46.52 28.57 38.01
C314 POV RA . -41.53 27.51 34.18
C15 POV RA . -45.53 47.51 50.32
C215 POV RA . -45.02 28.60 37.77
C315 POV RA . -41.61 27.03 32.76
C216 POV RA . -44.42 27.27 37.31
C316 POV RA . -41.61 25.54 32.61
C217 POV RA . -45.27 26.48 36.33
C218 POV RA . -44.56 25.28 35.75
C21 POV RA . -48.22 39.73 46.10
O21 POV RA . -47.25 40.67 46.10
C22 POV RA . -47.82 38.41 46.72
O22 POV RA . -49.32 39.93 45.65
C23 POV RA . -48.96 37.40 46.75
C24 POV RA . -48.92 36.44 45.57
C25 POV RA . -48.90 37.11 44.21
C26 POV RA . -49.15 36.18 43.04
C27 POV RA . -48.36 34.89 43.13
C28 POV RA . -48.22 34.12 41.82
C29 POV RA . -46.81 33.72 41.57
C31 POV RA . -43.42 38.26 44.35
O31 POV RA . -44.08 38.97 45.30
C32 POV RA . -44.07 38.27 42.99
O32 POV RA . -42.41 37.67 44.57
C33 POV RA . -43.33 37.42 41.97
C34 POV RA . -43.54 35.93 42.15
C35 POV RA . -43.32 35.08 40.91
C36 POV RA . -41.91 34.58 40.72
C37 POV RA . -41.69 33.79 39.43
C38 POV RA . -42.38 32.44 39.37
C39 POV RA . -42.42 31.84 37.96
H29 POV RA . -46.12 34.35 41.88
H1 POV RA . -45.37 41.98 47.47
H1A POV RA . -44.20 41.58 46.46
H2 POV RA . -45.60 39.78 47.04
H3 POV RA . -45.99 39.18 44.62
H3A POV RA . -45.06 40.44 44.38
H310 POV RA . -40.81 30.59 37.98
H31A POV RA . -40.41 32.06 37.57
H210 POV RA . -45.43 32.50 40.91
H11 POV RA . -46.48 44.03 48.96
H11A POV RA . -46.74 45.51 48.53
H211 POV RA . -47.81 31.25 41.08
H21A POV RA . -47.86 31.97 39.71
H311 POV RA . -41.63 31.56 35.44
H31B POV RA . -40.18 31.01 35.62
H12 POV RA . -44.12 44.76 49.31
H12A POV RA . -45.19 45.05 50.44
H22 POV RA . -47.09 38.00 46.22
H212 POV RA . -45.56 30.75 39.49
H22A POV RA . -47.52 38.58 47.64
H21B POV RA . -46.33 29.74 40.42
H32 POV RA . -44.98 37.91 43.04
H312 POV RA . -41.22 28.92 36.38
H32A POV RA . -44.08 39.19 42.65
H31C POV RA . -42.57 29.52 35.86
H13 POV RA . -43.07 47.83 50.29
H13A POV RA . -43.12 46.34 50.87
H13B POV RA . -42.51 46.61 49.42
H23 POV RA . -48.88 36.88 47.58
H213 POV RA . -48.07 29.66 38.76
H23A POV RA . -49.83 37.84 46.79
H21C POV RA . -47.14 30.51 37.82
H33 POV RA . -43.63 37.67 41.07
H313 POV RA . -41.90 29.45 33.69
H33A POV RA . -42.37 37.63 42.01
H31D POV RA . -40.40 29.20 34.08
H14 POV RA . -44.03 48.08 48.07
H14A POV RA . -44.17 46.60 47.48
H14B POV RA . -45.49 47.46 47.83
H24 POV RA . -48.11 35.90 45.65
H214 POV RA . -46.75 27.82 38.59
H24A POV RA . -49.68 35.83 45.61
H21D POV RA . -46.98 28.40 37.15
H34 POV RA . -42.92 35.62 42.85
H314 POV RA . -40.79 27.04 34.62
H34A POV RA . -44.43 35.78 42.50
H31E POV RA . -42.35 27.25 34.64
H15 POV RA . -45.41 48.47 50.15
H15A POV RA . -46.44 47.26 50.05
H15B POV RA . -45.39 47.29 51.26
H25 POV RA . -49.57 37.83 44.19
H215 POV RA . -44.79 29.29 37.13
H25A POV RA . -48.04 37.54 44.07
H21E POV RA . -44.57 28.85 38.60
H35 POV RA . -43.93 34.31 40.94
H315 POV RA . -42.43 27.37 32.36
H35A POV RA . -43.58 35.59 40.11
H31F POV RA . -40.87 27.41 32.25
H26 POV RA . -50.11 35.96 42.99
H216 POV RA . -43.55 27.45 36.91
H26A POV RA . -48.93 36.64 42.21
H21F POV RA . -44.24 26.72 38.11
H36 POV RA . -41.31 35.35 40.70
H316 POV RA . -42.50 25.23 32.32
H36A POV RA . -41.66 34.04 41.49
H31G POV RA . -40.96 25.25 31.93
H31H POV RA . -41.40 25.10 33.45
H27 POV RA . -47.47 35.10 43.50
H217 POV RA . -46.08 26.16 36.77
H27A POV RA . -48.79 34.30 43.77
H21G POV RA . -45.56 27.06 35.60
H37 POV RA . -41.99 34.32 38.67
H37A POV RA . -40.73 33.65 39.31
H28 POV RA . -48.81 33.35 41.84
H218 POV RA . -45.19 24.67 35.32
H28A POV RA . -48.52 34.67 41.08
H21H POV RA . -43.90 25.56 35.08
H21J POV RA . -44.08 24.79 36.45
H38 POV RA . -41.90 31.82 39.94
H38A POV RA . -43.29 32.51 39.70
H39 POV RA . -42.75 32.54 37.36
H39A POV RA . -43.05 31.10 37.94
C1 CLR SA . -30.56 28.70 27.72
C2 CLR SA . -30.69 28.08 26.34
C3 CLR SA . -32.08 28.27 25.80
C4 CLR SA . -32.43 29.74 25.74
C5 CLR SA . -32.22 30.43 27.07
C6 CLR SA . -33.16 31.23 27.56
C7 CLR SA . -33.14 31.82 28.93
C8 CLR SA . -31.72 31.96 29.46
C9 CLR SA . -30.97 30.65 29.25
C10 CLR SA . -30.88 30.20 27.76
C11 CLR SA . -29.61 30.63 29.96
C12 CLR SA . -29.71 31.01 31.43
C13 CLR SA . -30.36 32.39 31.62
C14 CLR SA . -31.74 32.29 30.95
C15 CLR SA . -32.46 33.55 31.44
C16 CLR SA . -32.00 33.67 32.90
C17 CLR SA . -30.79 32.73 33.06
C18 CLR SA . -29.48 33.50 31.02
C19 CLR SA . -29.80 30.97 26.99
C20 CLR SA . -29.76 33.27 34.07
C21 CLR SA . -28.44 32.52 34.04
C22 CLR SA . -30.34 33.24 35.49
C23 CLR SA . -30.79 34.56 36.07
C24 CLR SA . -30.81 34.53 37.59
C25 CLR SA . -31.62 33.42 38.20
C26 CLR SA . -30.73 32.30 38.68
C27 CLR SA . -32.53 33.85 39.31
O1 CLR SA . -32.19 27.72 24.50
H11 CLR SA . -31.16 28.22 28.32
H12 CLR SA . -29.66 28.54 28.04
H21 CLR SA . -30.04 28.47 25.73
H22 CLR SA . -30.47 27.14 26.40
H3 CLR SA . -32.72 27.80 26.37
H41 CLR SA . -31.92 30.16 25.03
H42 CLR SA . -33.35 29.85 25.47
H6 CLR SA . -33.92 31.48 27.01
H71 CLR SA . -33.62 32.66 28.91
H72 CLR SA . -33.63 31.22 29.53
H8 CLR SA . -31.32 32.68 28.95
H9 CLR SA . -31.50 29.98 29.71
H111 CLR SA . -29.24 29.73 29.94
H112 CLR SA . -28.95 31.22 29.54
H121 CLR SA . -30.25 30.34 31.87
H122 CLR SA . -28.81 30.95 31.80
H14 CLR SA . -32.21 31.56 31.38
H151 CLR SA . -32.24 34.33 30.91
H152 CLR SA . -33.43 33.42 31.39
H161 CLR SA . -31.74 34.59 33.10
H162 CLR SA . -32.73 33.43 33.49
H17 CLR SA . -31.14 31.89 33.43
H181 CLR SA . -29.67 34.38 31.40
H182 CLR SA . -28.53 33.35 31.16
H183 CLR SA . -29.58 33.59 30.05
H191 CLR SA . -29.72 31.90 27.29
H192 CLR SA . -28.92 30.57 27.11
H193 CLR SA . -29.97 31.02 26.03
H20 CLR SA . -29.57 34.20 33.84
H211 CLR SA . -27.82 32.85 34.73
H212 CLR SA . -28.59 31.57 34.18
H213 CLR SA . -27.97 32.59 33.20
H221 CLR SA . -31.08 32.61 35.55
H222 CLR SA . -29.66 32.90 36.10
H231 CLR SA . -30.20 35.27 35.75
H232 CLR SA . -31.69 34.76 35.73
H241 CLR SA . -29.89 34.44 37.91
H242 CLR SA . -31.12 35.39 37.93
H25 CLR SA . -32.19 33.05 37.50
H261 CLR SA . -31.24 31.66 39.21
H262 CLR SA . -30.34 31.81 37.93
H263 CLR SA . -30.00 32.65 39.22
H271 CLR SA . -33.26 33.21 39.43
H272 CLR SA . -32.04 33.93 40.15
H273 CLR SA . -32.94 34.72 39.12
H1 CLR SA . -32.68 28.27 24.07
N POV TA . -20.73 11.28 28.48
P POV TA . -23.38 11.75 32.33
C1 POV TA . -24.01 14.29 31.81
C2 POV TA . -22.96 15.00 30.99
C3 POV TA . -22.57 16.28 31.67
C210 POV TA . -24.92 22.30 30.10
C310 POV TA . -26.28 27.04 31.91
C11 POV TA . -21.09 11.91 30.99
O11 POV TA . -23.32 13.32 32.63
C211 POV TA . -23.71 23.17 30.17
C311 POV TA . -26.90 28.41 32.09
C12 POV TA . -20.58 12.31 29.62
O12 POV TA . -22.53 11.64 30.99
C212 POV TA . -22.45 22.43 30.56
C312 POV TA . -26.61 29.12 33.40
C13 POV TA . -20.52 9.88 28.95
O13 POV TA . -22.71 11.04 33.44
C213 POV TA . -21.50 23.28 31.37
C313 POV TA . -25.16 29.46 33.63
C14 POV TA . -22.09 11.38 27.86
O14 POV TA . -24.78 11.40 31.99
C214 POV TA . -21.89 23.44 32.83
C314 POV TA . -24.85 29.81 35.08
C15 POV TA . -19.71 11.60 27.43
C215 POV TA . -20.77 23.90 33.76
C315 POV TA . -25.14 31.23 35.47
C216 POV TA . -20.86 23.35 35.17
C316 POV TA . -24.01 32.13 35.18
C217 POV TA . -19.95 23.94 36.23
C218 POV TA . -20.38 23.65 37.65
C21 POV TA . -23.67 14.38 28.76
O21 POV TA . -23.33 15.35 29.62
C22 POV TA . -23.73 14.89 27.34
O22 POV TA . -23.92 13.26 29.09
C23 POV TA . -25.09 15.45 26.95
C24 POV TA . -25.44 16.72 27.69
C25 POV TA . -26.80 17.29 27.30
C26 POV TA . -26.92 18.80 27.43
C27 POV TA . -26.21 19.38 28.64
C28 POV TA . -26.58 20.82 28.93
C29 POV TA . -25.36 21.68 29.04
C31 POV TA . -24.30 17.72 32.47
O31 POV TA . -23.59 17.27 31.44
C32 POV TA . -25.28 18.75 32.03
O32 POV TA . -24.18 17.33 33.60
C33 POV TA . -25.91 19.56 33.16
C34 POV TA . -24.92 20.45 33.88
C35 POV TA . -25.55 21.44 34.86
C36 POV TA . -26.33 22.58 34.22
C37 POV TA . -25.55 23.87 34.02
C38 POV TA . -25.91 24.68 32.77
C39 POV TA . -26.61 26.02 32.99
H29 POV TA . -24.84 21.75 28.21
H1 POV TA . -24.71 13.84 31.28
H1A POV TA . -24.45 14.94 32.39
H2 POV TA . -22.13 14.48 30.98
H3 POV TA . -22.43 16.07 32.62
H3A POV TA . -21.74 16.60 31.28
H310 POV TA . -26.57 26.69 31.05
H31A POV TA . -25.31 27.15 31.86
H210 POV TA . -25.42 22.19 30.94
H11 POV TA . -20.64 11.13 31.34
H11A POV TA . -20.88 12.63 31.64
H211 POV TA . -23.60 23.58 29.30
H21A POV TA . -23.82 23.93 30.77
H311 POV TA . -26.60 28.98 31.35
H31B POV TA . -27.86 28.31 31.99
H12 POV TA . -19.64 12.51 29.69
H12A POV TA . -21.05 13.11 29.32
H22 POV TA . -23.05 15.59 27.25
H212 POV TA . -22.68 21.63 31.06
H22A POV TA . -23.50 14.15 26.75
H21B POV TA . -21.99 22.12 29.75
H32 POV TA . -24.83 19.36 31.42
H312 POV TA . -27.13 29.94 33.42
H32A POV TA . -26.00 18.27 31.56
H31C POV TA . -26.90 28.58 34.15
H13 POV TA . -20.38 9.31 28.17
H13A POV TA . -19.72 9.86 29.51
H13B POV TA . -21.29 9.57 29.46
H23 POV TA . -25.78 14.78 27.08
H213 POV TA . -20.61 22.92 31.29
H23A POV TA . -25.06 15.65 25.99
H21C POV TA . -21.50 24.17 30.97
H33 POV TA . -26.64 20.08 32.80
H313 POV TA . -24.91 30.23 33.08
H33A POV TA . -26.31 18.93 33.81
H31D POV TA . -24.60 28.72 33.35
H14 POV TA . -22.15 10.73 27.13
H14A POV TA . -22.76 11.17 28.54
H14B POV TA . -22.22 12.29 27.53
H24 POV TA . -25.43 16.54 28.65
H214 POV TA . -22.62 24.11 32.83
H24A POV TA . -24.74 17.36 27.52
H21D POV TA . -22.28 22.62 33.17
H34 POV TA . -24.29 19.89 34.34
H314 POV TA . -23.90 29.63 35.24
H34A POV TA . -24.43 20.94 33.19
H31E POV TA . -25.34 29.21 35.67
H15 POV TA . -20.02 11.31 26.55
H15A POV TA . -19.57 12.56 27.39
H15B POV TA . -18.87 11.15 27.67
H25 POV TA . -27.01 17.03 26.38
H215 POV TA . -19.92 23.63 33.40
H25A POV TA . -27.49 16.88 27.84
H21E POV TA . -20.77 24.88 33.80
H35 POV TA . -26.14 20.95 35.47
H315 POV TA . -25.93 31.56 34.99
H35A POV TA . -24.84 21.83 35.42
H31F POV TA . -25.36 31.28 36.42
H26 POV TA . -26.56 19.21 26.62
H216 POV TA . -21.78 23.31 35.48
H26A POV TA . -27.86 19.03 27.48
H21F POV TA . -20.55 22.42 35.10
H36 POV TA . -27.09 22.78 34.81
H316 POV TA . -23.76 32.06 34.24
H36A POV TA . -26.70 22.28 33.37
H31G POV TA . -24.25 33.06 35.37
H31H POV TA . -23.23 31.90 35.73
H27 POV TA . -26.41 18.82 29.41
H217 POV TA . -19.06 23.55 36.12
H27A POV TA . -25.24 19.35 28.51
H21G POV TA . -19.85 24.91 36.11
H37 POV TA . -25.68 24.43 34.81
H37A POV TA . -24.60 23.65 33.98
H28 POV TA . -27.19 21.15 28.26
H218 POV TA . -19.74 24.00 38.29
H28A POV TA . -27.04 20.87 29.79
H21H POV TA . -21.24 24.05 37.85
H21J POV TA . -20.44 22.69 37.78
H38 POV TA . -25.08 24.87 32.30
H38A POV TA . -26.44 24.14 32.14
H39 POV TA . -26.37 26.37 33.87
H39A POV TA . -27.58 25.89 32.99
N POV UA . -28.06 14.00 23.52
P POV UA . -31.83 16.49 21.23
C1 POV UA . -32.99 16.70 23.61
C2 POV UA . -32.03 17.09 24.70
C3 POV UA . -31.51 15.94 25.54
C210 POV UA . -33.47 26.23 31.12
C310 POV UA . -30.78 21.29 32.79
C11 POV UA . -29.85 15.67 22.76
O11 POV UA . -32.52 17.33 22.40
C211 POV UA . -33.44 27.69 30.85
C311 POV UA . -29.45 21.98 32.99
C12 POV UA . -28.71 14.77 22.38
O12 POV UA . -30.30 16.53 21.68
C212 POV UA . -33.61 28.52 32.10
C312 POV UA . -29.53 23.47 33.24
C13 POV UA . -29.09 13.30 24.35
O13 POV UA . -32.30 15.09 21.25
C213 POV UA . -35.03 28.82 32.45
C313 POV UA . -30.62 23.89 34.23
C14 POV UA . -27.16 12.96 22.90
O14 POV UA . -31.96 17.28 19.98
C214 POV UA . -35.32 30.29 32.53
C314 POV UA . -31.90 24.35 33.57
C15 POV UA . -27.26 14.92 24.41
C215 POV UA . -36.74 30.60 32.93
C315 POV UA . -33.16 23.62 34.00
C216 POV UA . -37.03 32.07 33.02
C316 POV UA . -33.76 24.17 35.26
C217 POV UA . -37.10 32.74 31.70
C218 POV UA . -38.43 33.28 31.49
C21 POV UA . -31.86 18.76 26.36
O21 POV UA . -32.67 18.04 25.59
C22 POV UA . -32.62 19.70 27.21
O22 POV UA . -30.66 18.64 26.37
C23 POV UA . -32.29 21.14 26.84
C24 POV UA . -32.40 22.09 27.99
C25 POV UA . -33.76 22.74 28.08
C26 POV UA . -33.91 23.97 27.20
C27 POV UA . -33.92 25.27 27.96
C28 POV UA . -32.73 25.45 28.87
C29 POV UA . -33.11 25.28 30.29
C31 POV UA . -31.67 15.15 27.78
O31 POV UA . -32.27 15.76 26.75
C32 POV UA . -32.60 15.00 28.96
O32 POV UA . -30.54 14.74 27.75
C33 POV UA . -31.95 15.27 30.30
C34 POV UA . -31.21 16.60 30.36
C35 POV UA . -29.71 16.54 30.20
C36 POV UA . -28.96 17.46 31.15
C37 POV UA . -28.92 18.92 30.71
C38 POV UA . -30.20 19.72 30.87
C39 POV UA . -30.68 19.85 32.30
H29 POV UA . -33.08 24.37 30.63
H1 POV UA . -33.87 17.04 23.83
H1A POV UA . -33.03 15.73 23.50
H2 POV UA . -31.27 17.53 24.29
H3 POV UA . -31.52 15.11 25.03
H3A POV UA . -30.59 16.15 25.79
H310 POV UA . -31.26 21.25 33.64
H31A POV UA . -31.32 21.81 32.17
H210 POV UA . -33.80 25.98 32.00
H11 POV UA . -30.62 15.11 22.98
H11A POV UA . -29.62 16.18 23.56
H211 POV UA . -32.58 27.88 30.44
H21A POV UA . -34.11 27.94 30.18
H311 POV UA . -28.99 21.54 33.74
H31B POV UA . -28.88 21.82 32.20
H12 POV UA . -28.01 15.30 21.95
H12A POV UA . -29.01 14.10 21.74
H22 POV UA . -33.56 19.53 27.08
H212 POV UA . -33.23 28.02 32.85
H22A POV UA . -32.36 19.52 28.13
H21B POV UA . -33.11 29.35 32.03
H32 POV UA . -33.36 15.59 28.83
H312 POV UA . -28.68 23.81 33.57
H32A POV UA . -32.93 14.07 28.95
H31C POV UA . -29.66 23.92 32.39
H13 POV UA . -29.70 12.85 23.73
H13A POV UA . -28.65 12.64 24.92
H13B POV UA . -29.60 13.92 24.90
H23 POV UA . -31.40 21.17 26.47
H213 POV UA . -35.62 28.41 31.80
H23A POV UA . -32.91 21.41 26.13
H21C POV UA . -35.21 28.42 33.32
H33 POV UA . -32.65 15.27 30.99
H313 POV UA . -30.27 24.59 34.81
H33A POV UA . -31.35 14.54 30.55
H31D POV UA . -30.82 23.14 34.84
H14 POV UA . -26.51 12.60 23.54
H14A POV UA . -27.75 12.22 22.62
H14B POV UA . -26.72 13.34 22.12
H24 POV UA . -32.22 21.64 28.84
H214 POV UA . -34.70 30.70 33.16
H24A POV UA . -31.72 22.77 27.89
H21D POV UA . -35.14 30.68 31.65
H34 POV UA . -31.56 17.18 29.66
H314 POV UA . -32.01 25.31 33.76
H34A POV UA . -31.44 17.04 31.21
H31E POV UA . -31.84 24.28 32.60
H15 POV UA . -27.71 15.09 25.26
H15A POV UA . -26.39 14.53 24.60
H15B POV UA . -27.10 15.77 23.95
H25 POV UA . -34.43 22.09 27.80
H215 POV UA . -37.36 30.19 32.30
H25A POV UA . -33.95 22.97 29.01
H21E POV UA . -36.92 30.20 33.80
H35 POV UA . -29.39 15.62 30.31
H315 POV UA . -32.96 22.68 34.12
H35A POV UA . -29.50 16.80 29.29
H31F POV UA . -33.80 23.68 33.27
H26 POV UA . -33.15 23.98 26.57
H216 POV UA . -37.87 32.20 33.49
H26A POV UA . -34.71 23.88 26.66
H21F POV UA . -36.33 32.49 33.55
H36 POV UA . -29.35 17.39 32.05
H316 POV UA . -33.14 24.07 36.01
H36A POV UA . -28.05 17.13 31.22
H31G POV UA . -33.98 25.12 35.17
H31H POV UA . -34.58 23.70 35.48
H27 POV UA . -33.96 26.01 27.32
H217 POV UA . -36.44 33.45 31.65
H27A POV UA . -34.73 25.32 28.50
H21G POV UA . -36.91 32.10 31.00
H37 POV UA . -28.21 19.37 31.20
H37A POV UA . -28.69 18.95 29.76
H28 POV UA . -32.02 24.84 28.63
H218 POV UA . -38.52 33.68 30.60
H28A POV UA . -32.35 26.34 28.75
H21H POV UA . -39.10 32.57 31.57
H21J POV UA . -38.62 33.96 32.15
H38 POV UA . -30.92 19.34 30.34
H38A POV UA . -30.05 20.62 30.51
H39 POV UA . -30.05 19.38 32.90
H39A POV UA . -31.54 19.42 32.40
N POV VA . -52.27 40.77 43.33
P POV VA . -51.86 37.18 39.89
C1 POV VA . -51.53 34.64 39.25
C2 POV VA . -51.47 34.72 37.74
C3 POV VA . -52.74 35.24 37.13
C210 POV VA . -48.70 25.82 28.65
C310 POV VA . -52.94 30.23 29.58
C11 POV VA . -52.37 38.48 42.11
O11 POV VA . -50.98 35.85 39.83
C211 POV VA . -48.28 25.70 27.23
C311 POV VA . -52.69 29.99 28.12
C12 POV VA . -51.67 39.38 43.12
O12 POV VA . -51.41 37.73 41.32
C212 POV VA . -48.51 24.29 26.73
C312 POV VA . -52.15 28.60 27.82
C13 POV VA . -53.71 40.66 43.71
O13 POV VA . -51.42 38.09 38.82
C213 POV VA . -48.25 24.12 25.23
C313 POV VA . -51.30 28.52 26.55
C14 POV VA . -51.53 41.47 44.42
O14 POV VA . -53.28 36.82 40.00
C214 POV VA . -46.94 23.42 24.90
C314 POV VA . -51.38 27.18 25.86
C15 POV VA . -52.15 41.58 42.07
C215 POV VA . -46.99 22.60 23.61
C315 POV VA . -52.60 27.01 24.98
C216 POV VA . -46.82 21.10 23.82
C316 POV VA . -52.59 25.70 24.26
C217 POV VA . -47.98 20.39 24.48
C218 POV VA . -47.78 18.92 24.62
C21 POV VA . -50.00 32.95 37.07
O21 POV VA . -51.27 33.38 37.21
C22 POV VA . -49.97 31.57 36.52
O22 POV VA . -49.04 33.60 37.38
C23 POV VA . -50.39 31.47 35.07
C24 POV VA . -50.38 30.04 34.58
C25 POV VA . -50.25 29.90 33.09
C26 POV VA . -49.86 28.51 32.68
C27 POV VA . -49.53 28.40 31.21
C28 POV VA . -49.45 26.98 30.72
C29 POV VA . -49.02 26.91 29.29
C31 POV VA . -54.90 34.29 36.41
O31 POV VA . -53.69 34.15 37.00
C32 POV VA . -55.20 35.68 35.86
O32 POV VA . -55.70 33.39 36.33
C33 POV VA . -54.57 35.98 34.51
C34 POV VA . -55.45 35.68 33.29
C35 POV VA . -55.14 34.34 32.64
C36 POV VA . -53.82 34.29 31.90
C37 POV VA . -53.05 33.02 32.11
C38 POV VA . -53.64 31.80 31.41
C39 POV VA . -53.28 31.66 29.95
H29 POV VA . -49.01 27.76 28.81
H1 POV VA . -52.44 34.52 39.57
H1A POV VA . -50.99 33.88 39.54
H2 POV VA . -50.76 35.31 37.47
H3 POV VA . -53.11 35.96 37.68
H3A POV VA . -52.50 35.58 36.25
H310 POV VA . -53.67 29.66 29.89
H31A POV VA . -52.15 29.97 30.10
H210 POV VA . -48.75 24.97 29.14
H11 POV VA . -52.91 37.83 42.60
H11A POV VA . -52.98 38.98 41.54
H211 POV VA . -48.82 26.33 26.71
H21A POV VA . -47.35 25.96 27.09
H311 POV VA . -53.53 30.11 27.62
H31B POV VA . -52.07 30.66 27.77
H12 POV VA . -50.73 39.52 42.85
H12A POV VA . -51.67 38.94 44.00
H22 POV VA . -49.05 31.24 36.61
H212 POV VA . -47.94 23.68 27.23
H22A POV VA . -50.56 31.02 37.06
H21B POV VA . -49.43 24.04 26.91
H32 POV VA . -56.18 35.69 35.74
H312 POV VA . -51.61 28.30 28.58
H32A POV VA . -55.03 36.39 36.50
H31C POV VA . -52.90 27.98 27.75
H13 POV VA . -54.02 41.55 43.95
H13A POV VA . -54.24 40.32 42.96
H13B POV VA . -53.82 40.05 44.48
H23 POV VA . -51.30 31.83 34.97
H213 POV VA . -49.01 23.67 24.83
H23A POV VA . -49.81 32.01 34.50
H21C POV VA . -48.21 25.01 24.85
H33 POV VA . -54.29 36.91 34.47
H313 POV VA . -51.58 29.21 25.92
H33A POV VA . -53.76 35.44 34.42
H31D POV VA . -50.37 28.69 26.78
H14 POV VA . -51.62 40.96 45.25
H14A POV VA . -50.59 41.55 44.18
H14B POV VA . -51.91 42.37 44.54
H24 POV VA . -49.63 29.57 35.02
H214 POV VA . -46.24 24.10 24.80
H24A POV VA . -51.19 29.60 34.86
H21D POV VA . -46.66 22.83 25.62
H34 POV VA . -56.39 35.72 33.52
H314 POV VA . -50.57 27.06 25.31
H34A POV VA . -55.30 36.38 32.63
H31E POV VA . -51.37 26.46 26.52
H15 POV VA . -53.04 41.91 41.80
H15A POV VA . -51.59 42.35 42.25
H15B POV VA . -51.75 41.04 41.38
H25 POV VA . -51.10 30.13 32.67
H215 POV VA . -47.82 22.78 23.13
H25A POV VA . -49.58 30.52 32.76
H21E POV VA . -46.27 22.92 23.03
H35 POV VA . -55.15 33.64 33.34
H315 POV VA . -53.41 27.08 25.51
H35A POV VA . -55.87 34.13 32.03
H31F POV VA . -52.62 27.74 24.32
H26 POV VA . -49.08 28.23 33.19
H216 POV VA . -46.65 20.68 22.96
H26A POV VA . -50.59 27.89 32.88
H21F POV VA . -46.03 20.96 24.37
H36 POV VA . -54.00 34.39 30.95
H316 POV VA . -52.14 25.79 23.40
H36A POV VA . -53.26 35.06 32.17
H31G POV VA . -52.10 25.04 24.78
H31H POV VA . -53.50 25.38 24.12
H27 POV VA . -50.20 28.89 30.71
H217 POV VA . -48.11 20.75 25.39
H27A POV VA . -48.67 28.85 31.05
H21G POV VA . -48.80 20.54 23.98
H37 POV VA . -52.12 33.14 31.80
H37A POV VA . -52.98 32.84 33.07
H28 POV VA . -48.86 26.45 31.29
H218 POV VA . -48.39 18.43 24.05
H28A POV VA . -50.33 26.57 30.79
H21H POV VA . -46.87 18.67 24.37
H21J POV VA . -47.94 18.65 25.54
H38 POV VA . -53.34 31.00 31.89
H38A POV VA . -54.61 31.83 31.50
H39 POV VA . -52.51 32.24 29.74
H39A POV VA . -54.01 31.97 29.40
N POV WA . -60.44 47.40 30.00
P POV WA . -58.78 44.15 26.95
C1 POV WA . -58.53 45.67 24.81
C2 POV WA . -58.26 44.70 23.68
C3 POV WA . -58.43 45.32 22.30
C210 POV WA . -54.72 35.21 23.25
C310 POV WA . -55.27 38.60 14.74
C11 POV WA . -60.64 45.44 28.32
O11 POV WA . -59.40 45.02 25.76
C211 POV WA . -55.86 34.39 23.75
C311 POV WA . -55.02 37.25 14.09
C12 POV WA . -59.92 46.05 29.50
O12 POV WA . -60.02 44.18 27.95
C212 POV WA . -56.39 34.95 25.07
C312 POV WA . -56.28 36.41 13.95
C13 POV WA . -60.24 48.45 28.95
O13 POV WA . -58.54 42.76 26.48
C213 POV WA . -55.40 34.94 26.22
C313 POV WA . -56.52 35.43 15.10
C14 POV WA . -61.89 47.34 30.37
O14 POV WA . -57.66 44.90 27.56
C214 POV WA . -55.97 35.47 27.53
C314 POV WA . -56.31 36.00 16.51
C15 POV WA . -59.64 47.77 31.23
C215 POV WA . -56.47 36.90 27.43
C315 POV WA . -56.85 35.10 17.62
C216 POV WA . -57.95 37.02 27.16
C316 POV WA . -55.96 33.95 18.00
C217 POV WA . -58.36 38.22 26.32
C218 POV WA . -58.54 39.50 27.11
C21 POV WA . -58.88 42.31 23.66
O21 POV WA . -59.21 43.60 23.86
C22 POV WA . -57.82 42.11 22.60
O22 POV WA . -59.35 41.41 24.29
C23 POV WA . -57.72 40.73 21.96
C24 POV WA . -57.69 39.56 22.90
C25 POV WA . -56.76 38.43 22.46
C26 POV WA . -57.03 37.88 21.08
C27 POV WA . -55.81 37.27 20.43
C28 POV WA . -55.47 35.87 20.92
C29 POV WA . -54.60 35.91 22.14
C31 POV WA . -57.24 45.41 20.25
O31 POV WA . -57.23 45.07 21.54
C32 POV WA . -55.93 45.11 19.59
O32 POV WA . -58.19 45.91 19.70
C33 POV WA . -56.08 44.42 18.24
C34 POV WA . -55.35 43.10 18.19
C35 POV WA . -56.05 42.03 19.01
C36 POV WA . -55.50 40.63 18.82
C37 POV WA . -55.68 40.10 17.41
C38 POV WA . -54.48 40.24 16.51
C39 POV WA . -54.17 38.99 15.73
H29 POV WA . -53.88 36.56 22.10
H1 POV WA . -57.70 45.91 25.26
H1A POV WA . -58.96 46.49 24.48
H2 POV WA . -57.32 44.44 23.78
H3 POV WA . -59.20 44.91 21.85
H3A POV WA . -58.53 46.29 22.33
H310 POV WA . -55.32 39.28 14.04
H31A POV WA . -56.14 38.59 15.19
H210 POV WA . -53.93 35.20 23.84
H11 POV WA . -61.57 45.24 28.57
H11A POV WA . -60.69 46.06 27.57
H211 POV WA . -56.57 34.41 23.08
H21A POV WA . -55.60 33.46 23.86
H311 POV WA . -54.65 37.41 13.20
H31B POV WA . -54.35 36.76 14.60
H12 POV WA . -58.98 46.17 29.27
H12A POV WA . -59.97 45.43 30.26
H22 POV WA . -58.01 42.70 21.84
H212 POV WA . -56.70 35.86 24.92
H22A POV WA . -56.95 42.33 22.98
H21B POV WA . -57.18 34.43 25.33
H32 POV WA . -55.44 45.94 19.49
H312 POV WA . -57.06 36.99 13.86
H32A POV WA . -55.44 44.52 20.20
H31C POV WA . -56.22 35.90 13.12
H13 POV WA . -60.85 48.28 28.21
H13A POV WA . -59.32 48.41 28.63
H13B POV WA . -60.43 49.35 29.31
H23 POV WA . -58.47 40.62 21.33
H213 POV WA . -55.06 34.03 26.37
H23A POV WA . -56.92 40.71 21.41
H21C POV WA . -54.62 35.48 26.00
H33 POV WA . -57.02 44.27 18.07
H313 POV WA . -57.43 35.10 15.02
H33A POV WA . -55.74 45.01 17.54
H31D POV WA . -55.94 34.66 14.97
H14 POV WA . -62.42 47.20 29.56
H14A POV WA . -62.02 46.59 30.99
H14B POV WA . -62.13 48.18 30.80
H24 POV WA . -57.43 39.87 23.79
H214 POV WA . -56.69 34.89 27.82
H24A POV WA . -58.60 39.20 22.99
H21D POV WA . -55.28 35.42 28.22
H34 POV WA . -55.28 42.82 17.26
H314 POV WA . -55.34 36.13 16.65
H34A POV WA . -54.45 43.22 18.53
H31E POV WA . -56.72 36.88 16.57
H15 POV WA . -58.87 47.18 31.33
H15A POV WA . -59.31 48.68 31.14
H15B POV WA . -60.23 47.70 32.01
H25 POV WA . -55.84 38.76 22.50
H215 POV WA . -56.26 37.38 28.27
H25A POV WA . -56.83 37.70 23.10
H21E POV WA . -55.97 37.36 26.72
H35 POV WA . -56.00 42.26 19.95
H315 POV WA . -57.03 35.63 18.42
H35A POV WA . -56.99 42.03 18.77
H31F POV WA . -57.72 34.75 17.35
H26 POV WA . -57.71 37.18 21.15
H216 POV WA . -58.26 36.20 26.71
H26A POV WA . -57.40 38.54 20.46
H21F POV WA . -58.42 37.07 28.02
H36 POV WA . -54.56 40.62 19.07
H316 POV WA . -55.03 34.25 18.07
H36A POV WA . -55.95 40.03 19.43
H31G POV WA . -56.22 33.62 18.88
H31H POV WA . -56.00 33.22 17.37
H27 POV WA . -55.93 37.26 19.46
H217 POV WA . -57.72 38.37 25.60
H27A POV WA . -55.04 37.85 20.59
H21G POV WA . -59.22 38.02 25.87
H37 POV WA . -55.93 39.16 17.46
H37A POV WA . -56.42 40.57 17.00
H28 POV WA . -56.30 35.36 21.05
H218 POV WA . -57.86 39.57 27.81
H28A POV WA . -54.98 35.40 20.23
H21H POV WA . -58.46 40.28 26.53
H21J POV WA . -59.42 39.53 27.53
H38 POV WA . -54.65 40.97 15.88
H38A POV WA . -53.68 40.49 17.01
H39 POV WA . -54.05 38.26 16.37
H39A POV WA . -53.33 39.10 15.26
N POV XA . -46.48 53.58 20.66
P POV XA . -49.28 54.80 17.73
C1 POV XA . -51.54 54.47 16.42
C2 POV XA . -52.02 53.03 16.45
C3 POV XA . -52.85 52.50 15.30
C210 POV XA . -48.50 44.76 11.16
C310 POV XA . -52.95 41.00 12.71
C11 POV XA . -47.50 52.93 18.40
O11 POV XA . -50.11 54.51 16.39
C211 POV XA . -47.73 43.49 11.31
C311 POV XA . -52.01 39.82 12.50
C12 POV XA . -46.39 53.60 19.15
O12 POV XA . -48.06 53.83 17.41
C212 POV XA . -48.46 42.54 12.23
C312 POV XA . -52.00 39.15 11.11
C13 POV XA . -46.45 52.18 21.19
O13 POV XA . -48.80 56.20 17.76
C213 POV XA . -48.11 41.09 12.02
C313 POV XA . -51.07 39.63 9.97
C14 POV XA . -45.28 54.32 21.19
O14 POV XA . -50.03 54.26 18.89
C214 POV XA . -46.63 40.77 12.13
C314 POV XA . -49.79 38.82 9.71
C15 POV XA . -47.72 54.27 21.13
C215 POV XA . -46.28 39.31 11.95
C315 POV XA . -50.00 37.43 9.19
C216 POV XA . -47.04 38.35 12.83
C316 POV XA . -48.71 36.79 8.82
C217 POV XA . -46.94 38.55 14.31
C218 POV XA . -48.16 38.05 15.03
C21 POV XA . -51.10 51.58 18.21
O21 POV XA . -52.10 52.37 17.76
C22 POV XA . -50.07 51.22 17.16
O22 POV XA . -51.01 51.20 19.35
C23 POV XA . -50.57 50.25 16.08
C24 POV XA . -49.66 49.08 15.87
C25 POV XA . -50.16 48.14 14.81
C26 POV XA . -49.35 46.87 14.70
C27 POV XA . -48.01 47.06 14.05
C28 POV XA . -47.59 45.91 13.15
C29 POV XA . -48.43 45.80 11.93
C31 POV XA . -54.46 50.80 14.91
O31 POV XA . -53.49 51.27 15.71
C32 POV XA . -55.04 49.52 15.44
O32 POV XA . -54.82 51.35 13.91
C33 POV XA . -54.76 48.32 14.55
C34 POV XA . -55.69 47.15 14.85
C35 POV XA . -55.01 45.79 14.88
C36 POV XA . -54.36 45.38 13.57
C37 POV XA . -53.95 43.91 13.54
C38 POV XA . -53.41 43.47 12.20
C39 POV XA . -52.40 42.35 12.25
H29 POV XA . -48.98 46.58 11.73
H1 POV XA . -51.87 54.93 15.61
H1A POV XA . -51.88 54.95 17.20
H2 POV XA . -52.88 53.41 16.72
H3 POV XA . -53.50 53.17 15.03
H3A POV XA . -52.26 52.30 14.55
H310 POV XA . -53.84 40.84 12.30
H31A POV XA . -53.14 41.06 13.67
H210 POV XA . -49.11 44.79 10.39
H11 POV XA . -47.10 52.22 17.86
H11A POV XA . -48.18 52.51 18.97
H211 POV XA . -47.61 43.09 10.43
H21A POV XA . -46.83 43.66 11.66
H311 POV XA . -51.11 40.12 12.69
H31B POV XA . -52.22 39.13 13.17
H12 POV XA . -46.32 54.54 18.89
H12A POV XA . -45.54 53.16 18.93
H22 POV XA . -49.63 51.99 16.77
H212 POV XA . -48.27 42.78 13.16
H22A POV XA . -49.38 50.73 17.65
H21B POV XA . -49.42 42.65 12.10
H32 POV XA . -56.00 49.64 15.53
H312 POV XA . -52.38 40.01 10.84
H32A POV XA . -54.64 49.37 16.32
H31C POV XA . -51.15 38.83 11.46
H13 POV XA . -47.31 51.76 21.02
H13A POV XA . -45.73 51.70 20.73
H13B POV XA . -46.28 52.17 22.15
H23 POV XA . -51.46 49.93 16.33
H213 POV XA . -48.62 40.56 12.66
H23A POV XA . -50.68 50.73 15.24
H21C POV XA . -48.41 40.83 11.12
H33 POV XA . -54.86 48.58 13.62
H313 POV XA . -51.58 39.67 9.14
H33A POV XA . -53.83 48.03 14.65
H31D POV XA . -50.80 40.55 10.16
H14 POV XA . -45.34 55.25 20.88
H14A POV XA . -45.30 54.29 22.17
H14B POV XA . -44.49 53.89 20.84
H24 POV XA . -48.78 49.42 15.63
H214 POV XA . -46.13 41.26 11.45
H24A POV XA . -49.56 48.59 16.70
H21D POV XA . -46.29 41.07 13.00
H34 POV XA . -56.12 47.31 15.71
H314 POV XA . -49.29 39.31 9.02
H34A POV XA . -56.40 47.15 14.17
H31E POV XA . -49.20 38.77 10.48
H15 POV XA . -47.66 54.46 22.09
H15A POV XA . -47.77 55.14 20.67
H15B POV XA . -48.50 53.73 20.91
H25 POV XA . -51.09 47.93 14.99
H215 POV XA . -46.43 39.07 11.01
H25A POV XA . -50.14 48.62 13.95
H21E POV XA . -45.33 39.19 12.12
H35 POV XA . -54.34 45.79 15.58
H315 POV XA . -50.45 36.88 9.86
H35A POV XA . -55.68 45.13 15.13
H31F POV XA . -50.56 37.45 8.39
H26 POV XA . -49.21 46.52 15.60
H216 POV XA . -47.99 38.35 12.57
H26A POV XA . -49.87 46.20 14.21
H21F POV XA . -46.72 37.44 12.64
H36 POV XA . -54.97 45.56 12.83
H316 POV XA . -48.88 35.99 8.28
H36A POV XA . -53.57 45.94 13.43
H31G POV XA . -48.14 37.39 8.31
H31H POV XA . -48.23 36.52 9.63
H27 POV XA . -48.02 47.90 13.54
H217 POV XA . -46.16 38.04 14.64
H27A POV XA . -47.35 47.17 14.77
H21G POV XA . -46.79 39.48 14.54
H37 POV XA . -54.72 43.36 13.76
H37A POV XA . -53.27 43.75 14.22
H28 POV XA . -46.65 46.00 12.91
H218 POV XA . -48.31 37.10 14.88
H28A POV XA . -47.68 45.07 13.64
H21H POV XA . -48.10 38.20 15.99
H21J POV XA . -48.95 38.54 14.70
H38 POV XA . -54.16 43.19 11.64
H38A POV XA . -53.01 44.24 11.75
H39 POV XA . -51.68 42.60 12.85
H39A POV XA . -52.00 42.23 11.37
N POV YA . -37.93 37.96 57.42
P POV YA . -34.12 36.46 56.83
C1 POV YA . -32.86 34.55 55.53
C2 POV YA . -32.28 33.17 55.74
C3 POV YA . -31.18 33.20 56.76
C210 POV YA . -28.32 25.85 46.73
C310 POV YA . -25.17 25.67 50.41
C11 POV YA . -36.48 35.86 57.87
O11 POV YA . -33.49 35.00 56.74
C211 POV YA . -29.04 24.57 47.10
C311 POV YA . -24.06 25.39 49.42
C12 POV YA . -37.07 37.16 58.39
O12 POV YA . -35.67 36.06 56.69
C212 POV YA . -28.14 23.60 47.84
C312 POV YA . -24.13 26.25 48.18
C13 POV YA . -38.67 39.01 58.19
O13 POV YA . -33.72 37.27 55.66
C213 POV YA . -27.15 22.87 46.94
C313 POV YA . -24.09 25.47 46.87
C14 POV YA . -37.08 38.65 56.38
O14 POV YA . -33.89 36.99 58.19
C214 POV YA . -25.91 22.35 47.66
C314 POV YA . -22.80 24.72 46.62
C15 POV YA . -38.93 37.08 56.73
C215 POV YA . -26.03 20.95 48.23
C315 POV YA . -22.54 24.41 45.16
C216 POV YA . -27.08 20.77 49.32
C316 POV YA . -22.13 25.64 44.33
C217 POV YA . -26.99 21.69 50.53
C218 POV YA . -25.61 21.82 51.09
C21 POV YA . -32.59 32.10 53.62
O21 POV YA . -31.74 32.70 54.47
C22 POV YA . -31.88 31.70 52.34
O22 POV YA . -33.76 31.93 53.84
C23 POV YA . -32.66 30.70 51.50
C24 POV YA . -32.58 31.01 50.02
C25 POV YA . -31.25 30.73 49.37
C26 POV YA . -30.83 29.27 49.42
C27 POV YA . -29.69 28.91 48.50
C28 POV YA . -29.81 27.50 47.94
C29 POV YA . -28.67 27.08 47.07
C31 POV YA . -29.91 31.25 56.22
O31 POV YA . -29.98 32.59 56.23
C32 POV YA . -28.60 30.78 55.67
O32 POV YA . -30.80 30.53 56.61
C33 POV YA . -28.20 29.38 56.09
C34 POV YA . -28.16 28.42 54.93
C35 POV YA . -26.94 28.59 54.06
C36 POV YA . -26.72 27.48 53.05
C37 POV YA . -26.25 26.19 53.68
C38 POV YA . -26.09 25.04 52.71
C39 POV YA . -24.88 25.14 51.79
H29 POV YA . -28.11 27.81 46.72
H1 POV YA . -32.16 35.19 55.30
H1A POV YA . -33.52 34.52 54.80
H2 POV YA . -32.95 32.56 56.08
H3 POV YA . -31.00 34.13 57.00
H3A POV YA . -31.45 32.70 57.56
H310 POV YA . -25.32 26.64 50.47
H31A POV YA . -26.00 25.28 50.07
H210 POV YA . -27.52 25.73 46.18
H11 POV YA . -35.90 35.49 58.56
H11A POV YA . -37.17 35.19 57.73
H211 POV YA . -29.81 24.78 47.66
H21A POV YA . -29.40 24.13 46.30
H311 POV YA . -24.10 24.45 49.15
H31B POV YA . -23.20 25.52 49.85
H12 POV YA . -36.37 37.75 58.71
H12A POV YA . -37.65 36.95 59.14
H22 POV YA . -31.73 32.52 51.83
H212 POV YA . -27.65 24.10 48.53
H22A POV YA . -31.03 31.30 52.59
H21B POV YA . -28.71 22.96 48.31
H32 POV YA . -28.64 30.84 54.69
H312 POV YA . -24.96 26.77 48.21
H32A POV YA . -27.92 31.40 56.00
H31C POV YA . -23.40 26.89 48.18
H13 POV YA . -39.23 39.53 57.57
H13A POV YA . -39.24 38.58 58.86
H13B POV YA . -38.04 39.60 58.65
H23 POV YA . -32.33 29.81 51.68
H213 POV YA . -27.61 22.12 46.52
H23A POV YA . -33.60 30.70 51.76
H21C POV YA . -26.88 23.47 46.22
H33 POV YA . -27.31 29.42 56.48
H313 POV YA . -24.82 24.82 46.87
H33A POV YA . -28.81 29.06 56.79
H31D POV YA . -24.24 26.09 46.14
H14 POV YA . -36.29 39.02 56.81
H14A POV YA . -36.81 38.02 55.69
H14B POV YA . -37.61 39.36 55.97
H24 POV YA . -33.28 30.51 49.55
H214 POV YA . -25.16 22.34 47.02
H24A POV YA . -32.79 31.96 49.88
H21D POV YA . -25.64 22.96 48.36
H34 POV YA . -28.19 27.51 55.28
H314 POV YA . -22.05 25.23 47.00
H34A POV YA . -28.97 28.53 54.39
H31E POV YA . -22.84 23.88 47.12
H15 POV YA . -39.59 37.62 56.25
H15A POV YA . -38.47 36.52 56.07
H15B POV YA . -39.35 36.51 57.41
H25 POV YA . -31.32 31.00 48.43
H215 POV YA . -26.23 20.33 47.50
H25A POV YA . -30.57 31.30 49.77
H21E POV YA . -25.16 20.68 48.60
H35 POV YA . -27.00 29.45 53.58
H315 POV YA . -21.83 23.75 45.09
H35A POV YA . -26.15 28.65 54.63
H31F POV YA . -23.33 24.02 44.77
H26 POV YA . -30.56 29.05 50.34
H216 POV YA . -27.97 20.87 48.92
H26A POV YA . -31.61 28.70 49.22
H21F POV YA . -27.02 19.86 49.65
H36 POV YA . -27.56 27.31 52.58
H316 POV YA . -22.81 26.35 44.39
H36A POV YA . -26.07 27.78 52.39
H31G POV YA . -21.29 26.02 44.65
H31H POV YA . -22.02 25.41 43.39
H27 POV YA . -29.65 29.55 47.76
H217 POV YA . -27.31 22.59 50.29
H27A POV YA . -28.86 29.00 48.99
H21G POV YA . -27.57 21.36 51.23
H37 POV YA . -25.39 26.36 54.13
H37A POV YA . -26.87 25.93 54.38
H28 POV YA . -29.93 26.87 48.69
H218 POV YA . -25.20 20.94 51.22
H28A POV YA . -30.62 27.44 47.41
H21H POV YA . -25.06 22.34 50.49
H21J POV YA . -25.63 22.27 51.95
H38 POV YA . -26.02 24.20 53.21
H38A POV YA . -26.91 24.97 52.16
H39 POV YA . -24.45 24.27 51.71
H39A POV YA . -24.22 25.74 52.21
N POV ZA . -32.33 24.87 -2.57
P POV ZA . -33.75 24.77 0.93
C1 POV ZA . -32.12 26.09 2.42
C2 POV ZA . -32.20 27.51 2.88
C3 POV ZA . -33.52 27.90 3.45
C210 POV ZA . -30.01 36.78 7.23
C310 POV ZA . -32.37 36.80 11.35
C11 POV ZA . -34.19 26.17 -1.30
O11 POV ZA . -33.43 25.51 2.30
C211 POV ZA . -29.10 37.98 7.21
C311 POV ZA . -31.47 37.92 11.85
C12 POV ZA . -33.81 25.02 -2.18
O12 POV ZA . -33.71 26.12 0.06
C212 POV ZA . -29.51 39.11 8.13
C312 POV ZA . -30.56 37.53 13.00
C13 POV ZA . -32.15 25.26 -4.01
O13 POV ZA . -32.62 23.87 0.58
C213 POV ZA . -30.88 39.67 7.81
C313 POV ZA . -29.24 38.25 13.00
C14 POV ZA . -31.41 25.72 -1.75
O14 POV ZA . -35.12 24.23 1.00
C214 POV ZA . -32.01 39.06 8.63
C314 POV ZA . -29.31 39.73 13.32
C15 POV ZA . -31.91 23.43 -2.42
C215 POV ZA . -33.37 39.23 8.01
C315 POV ZA . -29.60 40.63 12.13
C216 POV ZA . -34.40 39.81 8.95
C316 POV ZA . -30.86 41.44 12.31
C217 POV ZA . -34.15 41.27 9.26
C218 POV ZA . -35.42 42.11 9.38
C21 POV ZA . -31.01 29.33 1.83
O21 POV ZA . -32.00 28.42 1.75
C22 POV ZA . -31.11 30.31 0.70
O22 POV ZA . -30.17 29.35 2.68
C23 POV ZA . -31.66 31.65 1.13
C24 POV ZA . -31.17 32.12 2.49
C25 POV ZA . -31.36 33.62 2.73
C26 POV ZA . -31.54 34.01 4.18
C27 POV ZA . -30.38 33.64 5.09
C28 POV ZA . -29.60 34.85 5.58
C29 POV ZA . -30.25 35.57 6.74
C31 POV ZA . -32.86 29.26 5.28
O31 POV ZA . -33.32 29.21 4.03
C32 POV ZA . -32.68 30.69 5.71
O32 POV ZA . -32.64 28.31 5.96
C33 POV ZA . -33.22 30.95 7.09
C34 POV ZA . -34.15 32.13 7.12
C35 POV ZA . -34.36 32.67 8.49
C36 POV ZA . -33.25 33.57 8.93
C37 POV ZA . -33.19 33.79 10.41
C38 POV ZA . -31.88 34.37 10.88
C39 POV ZA . -31.66 35.79 10.49
H29 POV ZA . -30.95 35.04 7.18
H1 POV ZA . -31.67 26.04 1.55
H1A POV ZA . -31.60 25.55 3.06
H2 POV ZA . -31.54 27.64 3.58
H3 POV ZA . -34.18 27.96 2.73
H3A POV ZA . -33.83 27.29 4.13
H310 POV ZA . -32.76 36.34 12.12
H31A POV ZA . -33.10 37.18 10.84
H210 POV ZA . -29.26 36.62 6.64
H11 POV ZA . -35.17 26.20 -1.24
H11A POV ZA . -33.93 27.01 -1.73
H211 POV ZA . -28.20 37.71 7.47
H21A POV ZA . -29.02 38.36 6.31
H311 POV ZA . -30.91 38.22 11.11
H31B POV ZA . -32.02 38.68 12.11
H12 POV ZA . -34.29 25.12 -3.03
H12A POV ZA . -34.11 24.18 -1.78
H22 POV ZA . -30.21 30.41 0.30
H212 POV ZA . -29.51 38.78 9.05
H22A POV ZA . -31.70 29.92 0.03
H21B POV ZA . -28.86 39.82 8.06
H32 POV ZA . -31.71 30.88 5.68
H312 POV ZA . -31.01 37.72 13.85
H32A POV ZA . -33.13 31.24 5.06
H31C POV ZA . -30.40 36.57 12.99
H13 POV ZA . -32.62 24.62 -4.57
H13A POV ZA . -32.53 26.15 -4.13
H13B POV ZA . -31.20 25.27 -4.23
H23 POV ZA . -31.39 32.31 0.48
H213 POV ZA . -30.85 40.64 7.95
H23A POV ZA . -32.63 31.60 1.13
H21C POV ZA . -31.05 39.52 6.86
H33 POV ZA . -33.70 30.16 7.39
H313 POV ZA . -28.66 37.81 13.66
H33A POV ZA . -32.48 31.10 7.70
H31D POV ZA . -28.81 38.13 12.13
H14 POV ZA . -31.52 25.48 -0.80
H14A POV ZA . -30.49 25.53 -2.02
H14B POV ZA . -31.60 26.66 -1.89
H24 POV ZA . -31.61 31.62 3.20
H214 POV ZA . -31.85 38.11 8.78
H24A POV ZA . -30.22 31.92 2.56
H21D POV ZA . -32.02 39.48 9.52
H34 POV ZA . -33.80 32.84 6.56
H314 POV ZA . -29.98 39.88 14.01
H34A POV ZA . -35.02 31.86 6.75
H31E POV ZA . -28.46 40.01 13.69
H15 POV ZA . -31.75 23.21 -1.47
H15A POV ZA . -32.62 22.84 -2.75
H15B POV ZA . -31.10 23.29 -2.95
H25 POV ZA . -30.58 34.08 2.37
H215 POV ZA . -33.30 39.81 7.23
H25A POV ZA . -32.13 33.93 2.21
H21E POV ZA . -33.68 38.36 7.69
H35 POV ZA . -35.20 33.17 8.53
H315 POV ZA . -28.85 41.24 12.00
H35A POV ZA . -34.42 31.92 9.11
H31F POV ZA . -29.67 40.11 11.32
H26 POV ZA . -31.71 34.97 4.22
H216 POV ZA . -34.38 39.30 9.78
H26A POV ZA . -32.36 33.59 4.50
H21F POV ZA . -35.28 39.68 8.55
H36 POV ZA . -32.40 33.19 8.62
H316 POV ZA . -31.17 41.78 11.45
H36A POV ZA . -33.38 34.43 8.48
H31G POV ZA . -31.57 40.90 12.71
H31H POV ZA . -30.69 42.21 12.89
H27 POV ZA . -30.72 33.14 5.86
H217 POV ZA . -33.68 41.32 10.11
H27A POV ZA . -29.77 33.04 4.63
H21G POV ZA . -33.56 41.66 8.59
H37 POV ZA . -33.91 34.37 10.68
H37A POV ZA . -33.33 32.93 10.87
H28 POV ZA . -28.69 34.55 5.82
H218 POV ZA . -35.29 42.99 8.98
H28A POV ZA . -29.50 35.45 4.81
H21H POV ZA . -36.20 41.69 8.95
H21J POV ZA . -35.64 42.24 10.33
H38 POV ZA . -31.81 34.29 11.86
H38A POV ZA . -31.16 33.83 10.50
H39 POV ZA . -31.96 35.93 9.58
H39A POV ZA . -30.70 35.98 10.51
C13 DU0 AB . -41.80 46.27 15.05
C15 DU0 AB . -43.43 49.17 13.09
C17 DU0 AB . -43.22 55.40 15.96
C20 DU0 AB . -42.98 58.10 16.91
C21 DU0 AB . -42.66 59.56 17.15
C22 DU0 AB . -43.89 60.35 17.56
C24 DU0 AB . -42.62 62.28 18.33
C26 DU0 AB . -42.24 64.42 16.86
C01 DU0 AB . -44.00 53.74 13.43
C02 DU0 AB . -44.59 53.51 14.84
C03 DU0 AB . -43.61 53.93 15.96
C04 DU0 AB . -42.54 52.86 15.93
C05 DU0 AB . -43.37 51.59 15.76
C06 DU0 AB . -44.74 52.01 15.18
C07 DU0 AB . -45.01 50.95 14.09
C08 DU0 AB . -46.42 50.36 14.12
C09 DU0 AB . -43.89 49.93 14.31
C11 DU0 AB . -43.33 48.10 15.72
C12 DU0 AB . -42.87 47.23 14.58
C14 DU0 AB . -42.39 48.11 13.45
C18 DU0 AB . -42.31 55.70 17.15
C19 DU0 AB . -42.27 57.16 17.51
C25 DU0 AB . -42.60 63.79 18.21
C27 DU0 AB . -42.57 65.91 16.88
C51 DU0 AB . -40.79 64.21 16.50
C75 DU0 AB . -45.05 60.09 16.61
C76 DU0 AB . -45.36 58.60 16.48
C77 DU0 AB . -44.14 57.80 15.98
C78 DU0 AB . -43.77 58.25 14.56
C79 DU0 AB . -44.48 56.28 16.04
C80 DU0 AB . -45.55 55.85 15.03
C81 DU0 AB . -45.85 54.35 15.03
O10 DU0 AB . -44.34 49.03 15.32
O16 DU0 AB . -42.80 50.69 14.80
O23 DU0 AB . -43.64 61.76 17.47
O28 DU0 AB . -42.38 66.51 15.60
O52 DU0 AB . -40.49 62.87 16.17
H1 DU0 AB . -40.96 46.42 14.54
H2 DU0 AB . -41.61 46.40 15.99
H3 DU0 AB . -42.06 45.34 14.90
H4 DU0 AB . -43.03 49.79 12.46
H5 DU0 AB . -44.19 48.74 12.65
H6 DU0 AB . -42.72 55.61 15.14
H7 DU0 AB . -41.99 59.63 17.86
H8 DU0 AB . -42.25 59.96 16.37
H9 DU0 AB . -44.18 60.11 18.46
H10 DU0 AB . -42.80 62.00 19.25
H11 DU0 AB . -41.75 61.94 18.08
H12 DU0 AB . -42.78 63.98 16.17
H13 DU0 AB . -43.68 54.66 13.28
H14 DU0 AB . -43.26 53.12 13.25
H15 DU0 AB . -44.65 53.57 12.74
H16 DU0 AB . -44.08 53.79 16.81
H17 DU0 AB . -42.00 52.84 16.75
H18 DU0 AB . -41.94 52.97 15.17
H19 DU0 AB . -43.50 51.13 16.60
H20 DU0 AB . -45.39 51.91 15.91
H21 DU0 AB . -44.89 51.27 13.18
H22 DU0 AB . -47.07 51.05 13.86
H23 DU0 AB . -46.48 49.60 13.52
H24 DU0 AB . -46.65 50.07 15.02
H25 DU0 AB . -43.72 47.55 16.42
H26 DU0 AB . -42.58 48.59 16.11
H27 DU0 AB . -43.64 46.71 14.27
H28 DU0 AB . -41.57 48.56 13.72
H29 DU0 AB . -42.19 47.57 12.66
H30 DU0 AB . -42.59 55.20 17.92
H31 DU0 AB . -41.40 55.40 16.92
H32 DU0 AB . -41.68 57.40 18.25
H33 DU0 AB . -43.47 64.13 18.51
H34 DU0 AB . -41.96 64.13 18.88
H35 DU0 AB . -43.50 66.09 17.14
H36 DU0 AB . -42.01 66.40 17.52
H37 DU0 AB . -40.54 64.77 15.73
H38 DU0 AB . -40.22 64.47 17.26
H39 DU0 AB . -44.86 60.48 15.73
H40 DU0 AB . -45.84 60.57 16.93
H41 DU0 AB . -46.10 58.50 15.85
H42 DU0 AB . -45.66 58.26 17.33
H43 DU0 AB . -43.27 59.09 14.52
H44 DU0 AB . -43.27 57.56 14.07
H45 DU0 AB . -44.57 58.40 14.01
H46 DU0 AB . -44.87 56.10 16.92
H47 DU0 AB . -45.30 56.09 14.12
H48 DU0 AB . -46.40 56.32 15.21
H49 DU0 AB . -46.52 54.14 14.37
H50 DU0 AB . -46.22 54.15 15.91
H51 DU0 AB . -42.39 65.87 15.04
H52 DU0 AB . -41.08 62.60 15.64
N POV BB . 11.13 38.08 -9.82
P POV BB . 7.84 39.98 -9.91
C1 POV BB . 7.18 40.19 -7.42
C2 POV BB . 7.24 41.40 -6.51
C3 POV BB . 6.73 42.67 -7.13
C210 POV BB . 6.83 47.48 1.85
C310 POV BB . 2.94 50.19 1.26
C11 POV BB . 10.44 40.58 -10.08
O11 POV BB . 6.92 40.60 -8.77
C211 POV BB . 7.36 47.71 3.23
C311 POV BB . 3.01 50.52 2.74
C12 POV BB . 10.77 39.26 -10.73
O12 POV BB . 9.19 40.63 -9.35
C212 POV BB . 6.92 49.00 3.88
C312 POV BB . 1.86 49.99 3.56
C13 POV BB . 12.61 37.85 -9.85
O13 POV BB . 7.86 38.51 -9.77
C213 POV BB . 7.42 50.22 3.16
C313 POV BB . 2.23 49.64 4.98
C14 POV BB . 10.72 38.29 -8.38
O14 POV BB . 7.45 40.58 -11.20
C214 POV BB . 6.44 50.80 2.14
C314 POV BB . 2.55 50.82 5.86
C15 POV BB . 10.44 36.85 -10.33
C215 POV BB . 7.09 51.66 1.09
C315 POV BB . 3.97 51.29 5.81
C216 POV BB . 6.39 52.99 0.88
C316 POV BB . 4.08 52.74 5.45
C217 POV BB . 6.59 53.95 2.02
C218 POV BB . 6.83 55.39 1.60
C21 POV BB . 9.03 41.45 -4.91
O21 POV BB . 8.62 41.68 -6.17
C22 POV BB . 10.41 41.99 -4.69
O22 POV BB . 8.36 40.90 -4.07
C23 POV BB . 10.35 43.42 -4.21
C24 POV BB . 9.37 43.65 -3.08
C25 POV BB . 9.67 44.89 -2.25
C26 POV BB . 8.44 45.68 -1.85
C27 POV BB . 7.50 44.93 -0.91
C28 POV BB . 7.58 45.40 0.52
C29 POV BB . 6.80 46.67 0.79
C31 POV BB . 5.58 43.67 -5.32
O31 POV BB . 6.68 43.62 -6.05
C32 POV BB . 5.73 44.65 -4.21
O32 POV BB . 4.59 43.01 -5.52
C33 POV BB . 4.60 45.65 -4.14
C34 POV BB . 5.07 47.07 -4.08
C35 POV BB . 4.03 48.00 -3.53
C36 POV BB . 3.98 47.97 -2.04
C37 POV BB . 2.67 48.46 -1.47
C38 POV BB . 2.48 48.07 -0.03
C39 POV BB . 3.36 48.79 0.95
H29 POV BB . 6.17 46.90 0.08
H1 POV BB . 8.02 39.71 -7.38
H1A POV BB . 6.47 39.59 -7.14
H2 POV BB . 6.69 41.23 -5.73
H3 POV BB . 7.37 42.96 -7.81
H3A POV BB . 5.85 42.56 -7.52
H310 POV BB . 2.03 50.34 0.95
H31A POV BB . 3.52 50.81 0.77
H210 POV BB . 7.35 46.72 2.12
H11 POV BB . 10.37 41.25 -10.78
H11A POV BB . 11.19 40.86 -9.51
H211 POV BB . 7.07 46.98 3.82
H21A POV BB . 8.34 47.69 3.24
H311 POV BB . 3.85 50.16 3.09
H31B POV BB . 3.08 51.49 2.85
H12 POV BB . 11.57 39.40 -11.29
H12A POV BB . 10.05 38.99 -11.32
H22 POV BB . 10.87 41.42 -4.05
H212 POV BB . 5.94 49.02 3.90
H22A POV BB . 10.87 41.95 -5.55
H21B POV BB . 7.23 49.01 4.79
H32 POV BB . 5.78 44.17 -3.37
H312 POV BB . 1.14 50.64 3.59
H32A POV BB . 6.56 45.12 -4.36
H31C POV BB . 1.49 49.19 3.13
H13 POV BB . 12.86 37.54 -10.74
H13A POV BB . 13.06 38.71 -9.65
H13B POV BB . 12.85 37.19 -9.18
H23 POV BB . 11.23 43.67 -3.89
H213 POV BB . 7.62 50.91 3.82
H23A POV BB . 10.14 44.00 -4.96
H21C POV BB . 8.26 50.00 2.71
H33 POV BB . 4.04 45.55 -4.93
H313 POV BB . 1.49 49.14 5.37
H33A POV BB . 4.04 45.45 -3.37
H31D POV BB . 3.00 49.03 4.97
H14 POV BB . 9.76 38.46 -8.35
H14A POV BB . 10.92 37.48 -7.89
H14B POV BB . 11.22 39.03 -7.99
H24 POV BB . 8.46 43.71 -3.43
H214 POV BB . 5.94 50.08 1.70
H24A POV BB . 9.39 42.88 -2.47
H21D POV BB . 5.77 51.34 2.61
H34 POV BB . 5.85 47.12 -3.50
H314 POV BB . 1.96 51.56 5.63
H34A POV BB . 5.34 47.36 -4.96
H31E POV BB . 2.34 50.58 6.79
H15 POV BB . 9.48 36.86 -10.12
H15A POV BB . 10.54 36.79 -11.30
H15B POV BB . 10.88 36.06 -9.93
H25 POV BB . 10.15 44.64 -1.45
H215 POV BB . 8.02 51.84 1.33
H25A POV BB . 10.26 45.49 -2.75
H21E POV BB . 7.10 51.17 0.24
H35 POV BB . 4.22 48.91 -3.83
H315 POV BB . 4.39 51.15 6.68
H35A POV BB . 3.17 47.73 -3.89
H31F POV BB . 4.50 50.77 5.17
H26 POV BB . 8.73 46.51 -1.42
H216 POV BB . 5.43 52.81 0.78
H26A POV BB . 7.97 45.95 -2.65
H21F POV BB . 6.70 53.37 0.04
H36 POV BB . 4.14 47.05 -1.73
H316 POV BB . 5.01 52.97 5.23
H36A POV BB . 4.70 48.52 -1.69
H31G POV BB . 3.53 52.95 4.68
H31H POV BB . 3.80 53.32 6.20
H27 POV BB . 6.58 45.04 -1.24
H217 POV BB . 5.80 53.92 2.59
H27A POV BB . 7.67 43.97 -0.95
H21G POV BB . 7.35 53.65 2.58
H37 POV BB . 2.64 49.43 -1.55
H37A POV BB . 1.94 48.11 -2.00
H28 POV BB . 7.30 44.67 1.11
H218 POV BB . 7.45 55.83 2.20
H28A POV BB . 8.53 45.55 0.71
H21H POV BB . 7.19 55.47 0.69
H21J POV BB . 5.98 55.88 1.62
H38 POV BB . 1.54 48.22 0.23
H38A POV BB . 2.63 47.11 0.06
H39 POV BB . 4.27 48.82 0.59
H39A POV BB . 3.39 48.28 1.77
C13 DU0 CB . 2.97 64.14 1.02
C15 DU0 CB . 5.92 66.64 0.97
C17 DU0 CB . 5.66 71.69 5.58
C20 DU0 CB . 5.86 73.68 7.63
C21 DU0 CB . 6.20 74.53 8.82
C22 DU0 CB . 6.24 76.01 8.47
C24 DU0 CB . 6.32 76.62 10.85
C26 DU0 CB . 8.40 77.58 12.10
C01 DU0 CB . 7.35 70.18 3.43
C02 DU0 CB . 6.03 70.91 3.14
C03 DU0 CB . 5.09 70.97 4.36
C04 DU0 CB . 4.60 69.53 4.50
C05 DU0 CB . 4.35 69.12 3.06
C06 DU0 CB . 5.12 70.11 2.16
C07 DU0 CB . 5.70 69.21 1.05
C08 DU0 CB . 5.46 69.73 -0.36
C09 DU0 CB . 5.09 67.85 1.36
C11 DU0 CB . 3.09 66.63 1.05
C12 DU0 CB . 3.78 65.37 0.62
C14 DU0 CB . 5.17 65.35 1.23
C18 DU0 CB . 4.63 71.71 6.70
C19 DU0 CB . 4.87 72.79 7.69
C25 DU0 CB . 6.90 77.65 11.77
C27 DU0 CB . 8.84 78.89 12.75
C51 DU0 CB . 8.72 76.41 13.02
C75 DU0 CB . 7.10 76.26 7.24
C76 DU0 CB . 6.65 75.40 6.06
C77 DU0 CB . 6.68 73.91 6.37
C78 DU0 CB . 8.13 73.46 6.65
C79 DU0 CB . 6.04 73.12 5.18
C80 DU0 CB . 6.88 73.17 3.90
C81 DU0 CB . 6.30 72.36 2.75
O10 DU0 CB . 3.83 67.80 0.71
O16 DU0 CB . 4.92 67.84 2.76
O23 DU0 CB . 6.85 76.76 9.53
O28 DU0 CB . 10.23 78.90 13.06
O52 DU0 CB . 8.60 75.15 12.36
H1 DU0 CB . 3.11 63.94 1.95
H2 DU0 CB . 2.02 64.32 0.89
H3 DU0 CB . 3.23 63.37 0.47
H4 DU0 CB . 6.74 66.63 1.49
H5 DU0 CB . 6.16 66.68 0.02
H6 DU0 CB . 6.44 71.21 5.91
H7 DU0 CB . 5.53 74.37 9.52
H8 DU0 CB . 7.04 74.25 9.22
H9 DU0 CB . 5.34 76.35 8.30
H10 DU0 CB . 5.34 76.69 10.80
H11 DU0 CB . 6.52 75.74 11.21
H12 DU0 CB . 8.89 77.45 11.27
H13 DU0 CB . 7.83 70.51 4.22
H14 DU0 CB . 7.20 69.21 3.54
H15 DU0 CB . 7.98 70.25 2.69
H16 DU0 CB . 4.30 71.47 4.09
H17 DU0 CB . 3.80 69.47 5.04
H18 DU0 CB . 5.27 68.95 4.91
H19 DU0 CB . 3.41 69.12 2.84
H20 DU0 CB . 4.45 70.72 1.78
H21 DU0 CB . 6.67 69.09 1.11
H22 DU0 CB . 5.84 70.63 -0.46
H23 DU0 CB . 5.88 69.13 -1.02
H24 DU0 CB . 4.51 69.79 -0.56
H25 DU0 CB . 2.22 66.71 0.59
H26 DU0 CB . 2.91 66.62 2.00
H27 DU0 CB . 3.87 65.38 -0.35
H28 DU0 CB . 5.09 65.22 2.20
H29 DU0 CB . 5.68 64.59 0.89
H30 DU0 CB . 3.73 71.82 6.33
H31 DU0 CB . 4.65 70.84 7.15
H32 DU0 CB . 4.24 72.84 8.43
H33 DU0 CB . 6.70 78.54 11.40
H34 DU0 CB . 6.40 77.61 12.61
H35 DU0 CB . 8.67 79.66 12.18
H36 DU0 CB . 8.35 79.06 13.58
H37 DU0 CB . 9.64 76.48 13.36
H38 DU0 CB . 8.11 76.40 13.78
H39 DU0 CB . 8.04 76.09 7.46
H40 DU0 CB . 7.05 77.21 7.01
H41 DU0 CB . 7.25 75.59 5.31
H42 DU0 CB . 5.76 75.68 5.78
H43 DU0 CB . 8.49 73.79 7.49
H44 DU0 CB . 8.22 72.48 6.63
H45 DU0 CB . 8.73 73.78 5.95
H46 DU0 CB . 5.20 73.57 4.96
H47 DU0 CB . 7.79 72.83 4.05
H48 DU0 CB . 6.99 74.09 3.59
H49 DU0 CB . 6.89 72.40 1.97
H50 DU0 CB . 5.46 72.78 2.48
H51 DU0 CB . 10.61 78.45 12.45
H52 DU0 CB . 8.98 75.22 11.61
N POV DB . -25.46 46.18 47.64
P POV DB . -25.80 41.68 48.85
C1 POV DB . -24.39 41.55 46.67
C2 POV DB . -24.87 40.37 45.86
C3 POV DB . -25.78 40.79 44.73
C210 POV DB . -23.32 30.63 40.44
C310 POV DB . -20.67 33.57 37.84
C11 POV DB . -26.48 44.22 48.95
O11 POV DB . -24.48 41.22 48.07
C211 POV DB . -22.62 29.35 40.19
C311 POV DB . -20.46 32.36 36.99
C12 POV DB . -25.87 45.61 48.97
O12 POV DB . -25.43 43.22 49.01
C212 POV DB . -22.73 28.86 38.78
C312 POV DB . -19.34 31.46 37.44
C13 POV DB . -24.52 47.33 47.89
O13 POV DB . -26.96 41.51 47.96
C213 POV DB . -23.38 27.50 38.68
C313 POV DB . -19.33 30.13 36.73
C14 POV DB . -24.76 45.16 46.80
O14 POV DB . -25.80 41.06 50.19
C214 POV DB . -23.40 26.96 37.28
C314 POV DB . -18.00 29.40 36.73
C15 POV DB . -26.66 46.68 46.93
C215 POV DB . -22.03 26.57 36.76
C315 POV DB . -17.58 28.83 35.38
C216 POV DB . -21.52 27.46 35.66
C316 POV DB . -16.13 28.89 35.14
C217 POV DB . -22.15 27.32 34.28
C218 POV DB . -23.34 26.41 34.12
C21 POV DB . -26.18 38.34 46.47
O21 POV DB . -25.56 39.50 46.81
C22 POV DB . -25.55 37.58 45.34
O22 POV DB . -27.14 37.93 47.05
C23 POV DB . -25.13 36.21 45.81
C24 POV DB . -25.73 35.10 45.05
C25 POV DB . -25.02 34.80 43.78
C26 POV DB . -23.98 33.75 43.96
C27 POV DB . -23.09 33.56 42.79
C28 POV DB . -23.70 32.75 41.68
C29 POV DB . -23.00 31.48 41.39
C31 POV DB . -26.00 40.35 42.39
O31 POV DB . -25.61 39.91 43.59
C32 POV DB . -25.76 39.32 41.33
O32 POV DB . -26.50 41.42 42.20
C33 POV DB . -24.33 38.80 41.25
C34 POV DB . -24.26 37.58 40.39
C35 POV DB . -22.90 37.23 39.87
C36 POV DB . -22.92 36.11 38.86
C37 POV DB . -22.05 36.35 37.67
C38 POV DB . -20.57 36.11 37.90
C39 POV DB . -20.07 34.83 37.29
H29 POV DB . -22.24 31.25 41.94
H1 POV DB . -24.96 42.34 46.53
H1A POV DB . -23.47 41.76 46.42
H2 POV DB . -24.07 39.95 45.49
H3 POV DB . -26.70 40.77 45.05
H3A POV DB . -25.55 41.69 44.42
H310 POV DB . -21.63 33.68 37.96
H31A POV DB . -20.27 33.39 38.71
H210 POV DB . -24.05 30.87 39.84
H11 POV DB . -27.03 44.10 49.74
H11A POV DB . -27.05 44.11 48.17
H211 POV DB . -21.68 29.47 40.41
H21A POV DB . -22.95 28.65 40.79
H311 POV DB . -21.28 31.83 36.97
H31B POV DB . -20.29 32.62 36.07
H12 POV DB . -25.08 45.61 49.54
H12A POV DB . -26.53 46.23 49.35
H22 POV DB . -26.23 37.47 44.65
H212 POV DB . -23.24 29.49 38.24
H22A POV DB . -24.76 37.95 44.91
H21B POV DB . -21.84 28.81 38.40
H32 POV DB . -26.35 38.57 41.50
H312 POV DB . -18.49 31.93 37.31
H32A POV DB . -25.97 39.73 40.48
H31C POV DB . -19.41 31.31 38.42
H13 POV DB . -24.46 47.85 47.07
H13A POV DB . -24.89 47.87 48.60
H13B POV DB . -23.64 46.99 48.14
H23 POV DB . -24.16 36.14 45.73
H213 POV DB . -22.90 26.88 39.26
H23A POV DB . -25.35 36.13 46.76
H21C POV DB . -24.30 27.56 39.02
H33 POV DB . -23.75 39.49 40.87
H313 POV DB . -19.97 29.53 37.18
H33A POV DB . -24.01 38.59 42.14
H31D POV DB . -19.66 30.25 35.83
H14 POV DB . -24.22 45.63 46.13
H14A POV DB . -24.17 44.62 47.37
H14B POV DB . -25.43 44.60 46.37
H24 POV DB . -25.67 34.31 45.62
H214 POV DB . -24.01 26.19 37.23
H24A POV DB . -26.68 35.27 44.89
H21D POV DB . -23.77 27.65 36.69
H34 POV DB . -24.61 36.83 40.90
H314 POV DB . -17.29 29.95 37.10
H34A POV DB . -24.86 37.73 39.63
H31E POV DB . -18.09 28.64 37.34
H15 POV DB . -26.55 46.57 45.96
H15A POV DB . -27.44 46.15 47.20
H15B POV DB . -26.81 47.62 47.17
H25 POV DB . -25.65 34.49 43.10
H215 POV DB . -21.39 26.58 37.49
H25A POV DB . -24.59 35.61 43.46
H21E POV DB . -22.07 25.64 36.45
H35 POV DB . -22.50 38.03 39.47
H315 POV DB . -17.86 27.90 35.34
H35A POV DB . -22.33 36.98 40.62
H31F POV DB . -18.02 29.29 34.65
H26 POV DB . -23.46 33.99 44.74
H216 POV DB . -21.63 28.38 35.95
H26A POV DB . -24.44 32.91 44.15
H21F POV DB . -20.55 27.32 35.57
H36 POV DB . -22.65 35.29 39.31
H316 POV DB . -15.88 28.28 34.41
H36A POV DB . -23.83 35.98 38.56
H31G POV DB . -15.86 29.78 34.85
H31H POV DB . -15.64 28.66 35.94
H27 POV DB . -22.85 34.44 42.44
H217 POV DB . -22.42 28.22 33.98
H27A POV DB . -22.27 33.15 43.11
H21G POV DB . -21.47 27.05 33.64
H37 POV DB . -22.34 35.74 36.96
H37A POV DB . -22.18 37.25 37.34
H28 POV DB . -24.64 32.59 41.89
H218 POV DB . -23.54 26.31 33.17
H28A POV DB . -23.67 33.26 40.86
H21H POV DB . -23.19 25.51 34.49
H21J POV DB . -24.13 26.78 34.56
H38 POV DB . -20.06 36.85 37.52
H38A POV DB . -20.37 36.11 38.86
H39 POV DB . -19.11 34.80 37.41
H39A POV DB . -20.25 34.87 36.34
N POV EB . -38.28 49.09 44.71
P POV EB . -35.08 45.50 44.39
C1 POV EB . -37.30 44.21 43.69
C2 POV EB . -36.75 43.15 42.76
C3 POV EB . -37.85 42.28 42.21
C210 POV EB . -35.41 31.84 41.55
C310 POV EB . -34.99 31.55 35.85
C11 POV EB . -36.07 47.92 43.97
O11 POV EB . -36.34 44.58 44.70
C211 POV EB . -34.15 31.04 41.34
C311 POV EB . -34.26 30.30 36.36
C12 POV EB . -37.44 47.80 44.60
O12 POV EB . -35.71 46.63 43.44
C212 POV EB . -33.63 30.28 42.55
C312 POV EB . -33.15 29.78 35.47
C13 POV EB . -39.22 48.99 45.87
O13 POV EB . -34.67 46.13 45.66
C213 POV EB . -32.55 30.98 43.33
C313 POV EB . -31.88 29.43 36.24
C14 POV EB . -37.42 50.31 44.91
O14 POV EB . -34.11 44.72 43.60
C214 POV EB . -33.06 31.95 44.38
C314 POV EB . -30.67 29.15 35.37
C15 POV EB . -39.09 49.27 43.46
C215 POV EB . -33.14 31.36 45.77
C315 POV EB . -30.89 28.02 34.40
C216 POV EB . -33.67 32.28 46.86
C316 POV EB . -29.69 27.18 34.22
C217 POV EB . -33.95 33.72 46.50
C218 POV EB . -34.41 34.55 47.67
C21 POV EB . -36.05 41.65 44.53
O21 POV EB . -35.72 42.36 43.44
C22 POV EB . -34.84 40.96 45.10
O22 POV EB . -37.16 41.58 44.98
C23 POV EB . -35.06 39.49 45.40
C24 POV EB . -35.27 38.65 44.15
C25 POV EB . -35.19 37.16 44.41
C26 POV EB . -35.18 36.33 43.13
C27 POV EB . -34.73 34.90 43.36
C28 POV EB . -34.45 34.11 42.10
C29 POV EB . -35.53 33.13 41.81
C31 POV EB . -38.25 40.27 41.06
O31 POV EB . -37.33 41.08 41.59
C32 POV EB . -37.63 39.05 40.46
O32 POV EB . -39.42 40.51 41.08
C33 POV EB . -38.66 38.03 40.06
C34 POV EB . -38.09 36.75 39.47
C35 POV EB . -37.70 36.86 38.02
C36 POV EB . -37.68 35.54 37.29
C37 POV EB . -36.50 34.67 37.58
C38 POV EB . -36.40 33.46 36.67
C39 POV EB . -35.16 32.64 36.87
H29 POV EB . -36.42 33.51 41.78
H1 POV EB . -37.55 45.02 43.20
H1A POV EB . -38.10 43.87 44.15
H2 POV EB . -36.33 43.58 41.99
H3 POV EB . -38.47 42.03 42.91
H3A POV EB . -38.34 42.76 41.52
H310 POV EB . -34.53 31.93 35.08
H31A POV EB . -35.88 31.29 35.55
H210 POV EB . -36.25 31.32 41.50
H11 POV EB . -36.07 48.56 43.24
H11A POV EB . -35.40 48.25 44.62
H211 POV EB . -34.34 30.40 40.62
H21A POV EB . -33.43 31.60 40.99
H311 POV EB . -33.90 30.46 37.25
H31B POV EB . -34.93 29.59 36.47
H12 POV EB . -37.97 47.18 44.08
H12A POV EB . -37.33 47.46 45.51
H22 POV EB . -34.10 41.06 44.47
H212 POV EB . -34.38 30.08 43.15
H22A POV EB . -34.60 41.43 45.93
H21B POV EB . -33.28 29.41 42.25
H32 POV EB . -37.10 39.33 39.70
H312 POV EB . -33.47 28.97 35.01
H32A POV EB . -37.04 38.66 41.15
H31C POV EB . -32.93 30.41 34.76
H13 POV EB . -38.82 49.44 46.64
H13A POV EB . -40.07 49.41 45.62
H13B POV EB . -39.40 48.06 46.11
H23 POV EB . -34.28 39.15 45.88
H213 POV EB . -32.00 30.30 43.79
H23A POV EB . -35.83 39.39 46.00
H21C POV EB . -31.96 31.45 42.72
H33 POV EB . -39.20 37.80 40.84
H313 POV EB . -31.65 30.17 36.83
H33A POV EB . -39.28 38.43 39.42
H31D POV EB . -32.04 28.65 36.80
H14 POV EB . -37.99 51.05 45.18
H14A POV EB . -36.76 50.11 45.60
H14B POV EB . -36.96 50.53 44.07
H24 POV EB . -36.14 38.87 43.76
H214 POV EB . -32.49 32.74 44.38
H24A POV EB . -34.59 38.89 43.50
H21D POV EB . -33.96 32.25 44.11
H34 POV EB . -37.31 36.48 39.99
H314 POV EB . -30.44 29.96 34.87
H34A POV EB . -38.75 36.04 39.57
H31E POV EB . -29.90 28.95 35.94
H15 POV EB . -39.54 50.14 43.46
H15A POV EB . -38.48 49.25 42.70
H15B POV EB . -39.73 48.53 43.40
H25 POV EB . -34.38 36.97 44.93
H215 POV EB . -33.71 30.56 45.73
H25A POV EB . -35.95 36.90 44.96
H21E POV EB . -32.25 31.05 46.03
H35 POV EB . -38.32 37.47 37.56
H315 POV EB . -31.64 27.47 34.70
H35A POV EB . -36.82 37.26 37.96
H31F POV EB . -31.13 28.38 33.52
H26 POV EB . -36.08 36.31 42.76
H216 POV EB . -34.49 31.89 47.24
H26A POV EB . -34.61 36.76 42.49
H21F POV EB . -33.01 32.28 47.59
H36 POV EB . -38.49 35.04 37.52
H316 POV EB . -29.84 26.49 33.55
H36A POV EB . -37.73 35.71 36.32
H31G POV EB . -28.94 27.72 33.91
H31H POV EB . -29.43 26.76 35.07
H27 POV EB . -33.92 34.90 43.93
H217 POV EB . -33.17 34.15 46.10
H27A POV EB . -35.43 34.45 43.85
H21G POV EB . -34.67 33.74 45.85
H37 POV EB . -35.67 35.19 37.50
H37A POV EB . -36.55 34.36 38.50
H28 POV EB . -34.31 34.72 41.35
H218 POV EB . -33.78 34.50 48.42
H28A POV EB . -33.60 33.62 42.21
H21H POV EB . -34.52 35.49 47.40
H21J POV EB . -35.28 34.24 47.98
H38 POV EB . -37.18 32.90 36.82
H38A POV EB . -36.44 33.76 35.74
H39 POV EB . -35.17 32.27 37.78
H39A POV EB . -34.38 33.24 36.83
N POV FB . -31.42 46.84 45.35
P POV FB . -28.98 43.84 44.49
C1 POV FB . -30.81 41.99 45.37
C2 POV FB . -29.74 40.91 45.43
C3 POV FB . -29.52 40.22 44.11
C210 POV FB . -27.12 32.05 46.43
C310 POV FB . -26.30 29.07 42.00
C11 POV FB . -30.97 45.23 43.34
O11 POV FB . -30.22 43.32 45.36
C211 POV FB . -25.88 31.30 46.77
C311 POV FB . -26.87 28.22 43.14
C12 POV FB . -31.55 46.54 43.86
O12 POV FB . -29.58 45.09 43.68
C212 POV FB . -25.83 30.01 45.97
C312 POV FB . -25.88 27.27 43.85
C13 POV FB . -30.01 47.12 45.76
O13 POV FB . -27.95 44.35 45.43
C213 POV FB . -24.87 28.96 46.49
C313 POV FB . -25.81 25.76 43.58
C14 POV FB . -32.23 48.06 45.60
O14 POV FB . -28.57 42.84 43.48
C214 POV FB . -23.53 28.94 45.80
C314 POV FB . -25.86 25.32 42.11
C15 POV FB . -31.96 45.71 46.20
C215 POV FB . -22.65 30.11 46.18
C315 POV FB . -24.55 25.40 41.32
C216 POV FB . -22.16 30.96 45.03
C316 POV FB . -24.54 24.49 40.12
C217 POV FB . -20.89 30.46 44.38
C218 POV FB . -21.05 29.18 43.61
C21 POV FB . -29.89 40.29 47.75
O21 POV FB . -30.02 39.92 46.46
C22 POV FB . -30.03 39.12 48.68
O22 POV FB . -29.69 41.42 48.09
C23 POV FB . -31.19 38.18 48.41
C24 POV FB . -30.80 36.72 48.52
C25 POV FB . -29.94 36.23 47.39
C26 POV FB . -29.10 35.03 47.71
C27 POV FB . -29.89 33.76 47.79
C28 POV FB . -29.49 32.74 46.74
C29 POV FB . -28.25 32.05 47.11
C31 POV FB . -31.16 38.52 44.11
O31 POV FB . -29.87 38.81 44.08
C32 POV FB . -31.36 37.04 43.96
O32 POV FB . -32.03 39.33 44.27
C33 POV FB . -30.10 36.33 43.48
C34 POV FB . -30.28 34.86 43.24
C35 POV FB . -29.06 34.23 42.63
C36 POV FB . -28.88 32.74 42.91
C37 POV FB . -28.98 31.87 41.67
C38 POV FB . -28.44 30.48 41.84
C39 POV FB . -26.92 30.44 41.89
H29 POV FB . -28.30 31.53 47.94
H1 POV FB . -31.40 41.91 44.60
H1A POV FB . -31.39 41.92 46.15
H2 POV FB . -28.88 41.31 45.66
H3 POV FB . -30.01 40.69 43.42
H3A POV FB . -28.56 40.27 43.88
H310 POV FB . -25.34 29.23 42.10
H31A POV FB . -26.42 28.59 41.16
H210 POV FB . -27.10 32.59 45.62
H11 POV FB . -31.49 44.48 43.71
H11A POV FB . -31.11 45.17 42.37
H211 POV FB . -25.13 31.86 46.52
H21A POV FB . -25.79 31.13 47.73
H311 POV FB . -27.26 28.81 43.82
H31B POV FB . -27.60 27.68 42.79
H12 POV FB . -32.50 46.58 43.65
H12A POV FB . -31.12 47.28 43.40
H22 POV FB . -29.18 38.63 48.65
H212 POV FB . -26.73 29.63 45.93
H22A POV FB . -30.13 39.49 49.58
H21B POV FB . -25.60 30.22 45.04
H32 POV FB . -31.66 36.68 44.81
H312 POV FB . -26.74 27.00 44.22
H32A POV FB . -32.07 36.91 43.30
H31C POV FB . -25.48 27.27 42.97
H13 POV FB . -30.02 47.51 46.65
H13A POV FB . -29.47 46.31 45.79
H13B POV FB . -29.59 47.74 45.13
H23 POV FB . -31.90 38.37 49.05
H213 POV FB . -24.74 29.10 47.45
H23A POV FB . -31.57 38.34 47.53
H21C POV FB . -25.29 28.09 46.41
H33 POV FB . -29.78 36.75 42.65
H313 POV FB . -26.51 25.28 44.08
H33A POV FB . -29.38 36.45 44.12
H31D POV FB . -24.96 25.45 43.95
H14 POV FB . -32.15 48.34 46.53
H14A POV FB . -31.89 48.78 45.01
H14B POV FB . -33.17 47.90 45.37
H24 POV FB . -30.34 36.57 49.37
H214 POV FB . -23.07 28.11 46.02
H24A POV FB . -31.61 36.17 48.57
H21D POV FB . -23.66 28.94 44.84
H34 POV FB . -30.50 34.42 44.08
H314 POV FB . -26.16 24.38 42.09
H34A POV FB . -31.04 34.72 42.64
H31E POV FB . -26.56 25.81 41.64
H15 POV FB . -32.48 45.09 45.66
H15A POV FB . -31.23 45.22 46.60
H15B POV FB . -32.51 46.10 46.91
H25 POV FB . -30.52 36.00 46.64
H215 POV FB . -23.16 30.68 46.79
H25A POV FB . -29.36 36.94 47.08
H21E POV FB . -21.87 29.78 46.67
H35 POV FB . -29.11 34.38 41.67
H315 POV FB . -24.42 26.32 41.03
H35A POV FB . -28.28 34.73 42.95
H31F POV FB . -23.80 25.17 41.90
H26 POV FB . -28.42 34.92 47.01
H216 POV FB . -22.86 31.03 44.36
H26A POV FB . -28.63 35.18 48.54
H21F POV FB . -22.00 31.86 45.36
H36 POV FB . -28.00 32.61 43.31
H316 POV FB . -25.26 24.75 39.50
H36A POV FB . -29.53 32.43 43.55
H31G POV FB . -23.69 24.56 39.65
H31H POV FB . -24.68 23.57 40.39
H27 POV FB . -29.75 33.36 48.67
H217 POV FB . -20.54 31.15 43.79
H27A POV FB . -30.84 33.97 47.71
H21G POV FB . -20.22 30.33 45.07
H37 POV FB . -29.91 31.83 41.40
H37A POV FB . -28.49 32.30 40.94
H28 POV FB . -30.21 32.10 46.60
H218 POV FB . -20.23 28.96 43.13
H28A POV FB . -29.35 33.18 45.88
H21H POV FB . -21.27 28.45 44.21
H21J POV FB . -21.78 29.26 42.96
H38 POV FB . -28.80 30.11 42.67
H38A POV FB . -28.74 29.91 41.11
H39 POV FB . -26.62 30.96 42.65
H39A POV FB . -26.58 30.86 41.08
N POV GB . -11.32 34.50 -6.63
P POV GB . -13.96 33.52 -2.58
C1 POV GB . -12.66 35.73 -3.18
C2 POV GB . -12.55 37.19 -2.89
C3 POV GB . -13.90 37.81 -2.70
C210 POV GB . -9.82 44.63 4.27
C310 POV GB . -16.12 43.11 6.66
C11 POV GB . -12.81 33.06 -4.96
O11 POV GB . -13.50 35.02 -2.24
C211 POV GB . -10.79 45.72 4.61
C311 POV GB . -15.99 42.70 8.10
C12 POV GB . -11.44 33.37 -5.55
O12 POV GB . -12.73 33.05 -3.50
C212 POV GB . -10.12 47.05 4.80
C312 POV GB . -16.86 43.45 9.08
C13 POV GB . -12.60 35.01 -7.21
O13 POV GB . -14.03 32.72 -1.34
C213 POV GB . -9.56 47.24 6.15
C313 POV GB . -18.05 42.67 9.63
C14 POV GB . -10.56 35.67 -6.07
O14 POV GB . -15.17 33.59 -3.42
C214 POV GB . -10.55 47.74 7.17
C314 POV GB . -18.50 43.05 11.01
C15 POV GB . -10.49 33.93 -7.76
C215 POV GB . -10.79 49.23 7.16
C315 POV GB . -18.46 44.51 11.34
C216 POV GB . -11.10 49.80 8.50
C316 POV GB . -19.45 44.88 12.37
C217 POV GB . -12.28 50.69 8.56
C218 POV GB . -11.98 52.03 8.25
C21 POV GB . -10.85 38.58 -4.11
O21 POV GB . -11.95 37.78 -4.11
C22 POV GB . -10.36 38.99 -2.75
O22 POV GB . -10.31 38.93 -5.13
C23 POV GB . -9.23 40.00 -2.77
C24 POV GB . -8.92 40.59 -1.41
C25 POV GB . -9.95 41.55 -0.91
C26 POV GB . -9.63 42.21 0.41
C27 POV GB . -10.85 42.64 1.21
C28 POV GB . -10.72 43.90 2.04
C29 POV GB . -9.82 43.83 3.22
C31 POV GB . -14.54 39.57 -1.21
O31 POV GB . -13.73 39.15 -2.19
C32 POV GB . -14.23 40.96 -0.83
O32 POV GB . -15.39 38.90 -0.70
C33 POV GB . -14.45 41.27 0.63
C34 POV GB . -15.78 41.94 0.95
C35 POV GB . -15.69 43.40 1.34
C36 POV GB . -14.81 43.72 2.54
C37 POV GB . -15.58 44.17 3.76
C38 POV GB . -14.69 44.33 4.98
C39 POV GB . -15.42 44.39 6.31
H29 POV GB . -9.17 43.12 3.21
H1 POV GB . -13.05 35.62 -4.07
H1A POV GB . -11.77 35.34 -3.15
H2 POV GB . -12.10 37.24 -2.04
H3 POV GB . -14.36 37.84 -3.56
H3A POV GB . -14.40 37.26 -2.07
H310 POV GB . -15.77 42.40 6.10
H31A POV GB . -17.07 43.21 6.46
H210 POV GB . -9.09 44.53 4.91
H11 POV GB . -13.51 33.69 -5.17
H11A POV GB . -13.13 32.19 -5.30
H211 POV GB . -11.46 45.80 3.91
H21A POV GB . -11.28 45.52 5.43
H311 POV GB . -16.19 41.74 8.15
H31B POV GB . -15.05 42.78 8.38
H12 POV GB . -11.11 32.55 -5.98
H12A POV GB . -10.83 33.58 -4.83
H22 POV GB . -11.11 39.36 -2.25
H212 POV GB . -9.38 47.12 4.17
H22A POV GB . -10.02 38.18 -2.32
H21B POV GB . -10.75 47.76 4.62
H32 POV GB . -13.28 41.11 -1.03
H312 POV GB . -16.31 43.78 9.82
H32A POV GB . -14.79 41.54 -1.38
H31C POV GB . -17.20 44.24 8.62
H13 POV GB . -12.40 35.54 -8.01
H13A POV GB . -13.16 34.24 -7.46
H13B POV GB . -13.04 35.55 -6.54
H23 POV GB . -8.44 39.57 -3.13
H213 POV GB . -9.23 46.37 6.44
H23A POV GB . -9.48 40.72 -3.39
H21C POV GB . -8.80 47.84 6.11
H33 POV GB . -14.37 40.43 1.12
H313 POV GB . -18.80 42.80 9.01
H33A POV GB . -13.70 41.84 0.91
H31D POV GB . -17.86 41.72 9.65
H14 POV GB . -9.60 35.55 -6.24
H14A POV GB . -10.87 36.47 -6.55
H14B POV GB . -10.73 35.79 -5.13
H24 POV GB . -8.83 39.87 -0.77
H214 POV GB . -11.40 47.30 7.02
H24A POV GB . -8.07 41.05 -1.46
H21D POV GB . -10.24 47.46 8.05
H34 POV GB . -16.38 41.86 0.18
H314 POV GB . -19.40 42.71 11.17
H34A POV GB . -16.22 41.45 1.67
H31E POV GB . -17.94 42.58 11.64
H15 POV GB . -10.26 34.65 -8.38
H15A POV GB . -9.66 33.57 -7.40
H15B POV GB . -11.00 33.23 -8.21
H25 POV GB . -10.06 42.24 -1.58
H215 POV GB . -10.00 49.67 6.80
H25A POV GB . -10.82 41.10 -0.84
H21E POV GB . -11.51 49.43 6.54
H35 POV GB . -15.37 43.91 0.58
H315 POV GB . -17.58 44.73 11.67
H35A POV GB . -16.59 43.74 1.53
H31F POV GB . -18.62 45.05 10.54
H26 POV GB . -9.10 41.57 0.94
H216 POV GB . -11.21 49.10 9.15
H26A POV GB . -9.06 42.98 0.25
H21F POV GB . -10.33 50.31 8.81
H36 POV GB . -14.29 42.93 2.79
H316 POV GB . -20.33 44.97 11.96
H36A POV GB . -14.18 44.40 2.28
H31G POV GB . -19.52 44.18 13.04
H31H POV GB . -19.22 45.72 12.80
H27 POV GB . -11.58 42.78 0.57
H217 POV GB . -12.98 50.41 7.95
H27A POV GB . -11.12 41.90 1.78
H21G POV GB . -12.66 50.69 9.46
H37 POV GB . -16.01 45.03 3.56
H37A POV GB . -16.31 43.55 3.94
H28 POV GB . -10.46 44.64 1.45
H218 POV GB . -12.77 52.45 7.86
H28A POV GB . -11.61 44.12 2.36
H21H POV GB . -11.74 52.52 9.06
H21J POV GB . -11.24 52.08 7.63
H38 POV GB . -14.06 43.60 5.01
H38A POV GB . -14.16 45.14 4.88
H39 POV GB . -16.10 45.10 6.27
H39A POV GB . -14.79 44.61 7.01
N POV HB . -19.03 36.02 -10.94
P POV HB . -20.10 39.86 -11.13
C1 POV HB . -20.45 42.38 -10.73
C2 POV HB . -21.20 43.44 -9.96
C3 POV HB . -20.69 44.82 -10.24
C210 POV HB . -21.72 51.29 -2.48
C11 POV HB . -20.80 37.61 -9.89
O11 POV HB . -21.01 41.06 -10.60
C211 POV HB . -22.38 52.61 -2.63
C12 POV HB . -20.43 36.23 -10.38
O12 POV HB . -21.04 38.57 -10.95
C212 POV HB . -21.57 53.70 -2.00
C13 POV HB . -17.96 36.74 -10.18
O13 POV HB . -19.87 40.06 -12.58
C14 POV HB . -18.72 34.55 -10.89
O14 POV HB . -18.95 39.79 -10.22
C15 POV HB . -19.00 36.46 -12.37
C21 POV HB . -21.86 43.85 -7.69
O21 POV HB . -21.04 43.19 -8.53
C22 POV HB . -21.57 43.51 -6.27
O22 POV HB . -22.71 44.62 -8.05
C23 POV HB . -21.11 44.68 -5.41
C24 POV HB . -22.16 45.75 -5.25
C25 POV HB . -22.06 46.87 -6.24
C26 POV HB . -21.81 48.20 -5.60
C27 POV HB . -23.00 48.70 -4.82
C28 POV HB . -22.85 50.14 -4.35
C29 POV HB . -21.89 50.24 -3.24
C31 POV HB . -21.84 46.93 -10.87
O31 POV HB . -21.75 45.58 -10.88
C32 POV HB . -20.83 47.63 -9.99
O32 POV HB . -22.64 47.53 -11.51
C33 POV HB . -21.08 49.15 -9.93
C34 POV HB . -20.18 49.85 -8.94
C35 POV HB . -20.52 51.31 -8.72
H29 POV HB . -21.35 49.45 -3.06
H1 POV HB . -20.44 42.61 -11.69
H1A POV HB . -19.53 42.37 -10.40
H2 POV HB . -22.15 43.41 -10.21
H3 POV HB . -20.31 45.16 -9.41
H3A POV HB . -19.97 44.74 -10.89
H210 POV HB . -21.10 51.21 -1.74
H11 POV HB . -21.65 37.53 -9.42
H11A POV HB . -20.18 37.95 -9.21
H211 POV HB . -22.49 52.79 -3.59
H21A POV HB . -23.29 52.61 -2.26
H12 POV HB . -21.05 35.97 -11.10
H12A POV HB . -20.54 35.58 -9.65
H22 POV HB . -22.39 43.15 -5.89
H212 POV HB . -22.16 54.44 -1.72
H22A POV HB . -20.86 42.83 -6.26
H21B POV HB . -20.95 54.07 -2.66
H32 POV HB . -20.91 47.30 -9.08
H32A POV HB . -19.93 47.47 -10.33
H13 POV HB . -17.12 36.26 -10.28
H13A POV HB . -17.86 37.64 -10.55
H13B POV HB . -18.20 36.81 -9.24
H23 POV HB . -20.89 44.35 -4.52
H23A POV HB . -20.28 45.05 -5.76
H33 POV HB . -20.94 49.53 -10.82
H33A POV HB . -22.00 49.31 -9.69
H14 POV HB . -17.89 34.38 -11.39
H14A POV HB . -18.60 34.28 -9.96
H14B POV HB . -19.45 34.05 -11.30
H24 POV HB . -23.05 45.34 -5.33
H24A POV HB . -22.10 46.11 -4.35
H34 POV HB . -20.22 49.37 -8.08
H34A POV HB . -19.24 49.77 -9.23
H15 POV HB . -19.42 35.79 -12.94
H15A POV HB . -19.52 37.29 -12.44
H15B POV HB . -18.07 36.62 -12.63
H25 POV HB . -21.35 46.67 -6.89
H25A POV HB . -22.89 46.91 -6.76
H26 POV HB . -21.05 48.12 -5.00
H26A POV HB . -21.57 48.86 -6.28
H27 POV HB . -23.81 48.62 -5.35
H27A POV HB . -23.11 48.14 -4.02
H28 POV HB . -22.56 50.69 -5.11
H28A POV HB . -23.70 50.50 -4.06
N POV IB . -28.59 75.68 8.75
P POV IB . -26.68 74.13 4.71
C1 POV IB . -27.83 71.75 4.49
C2 POV IB . -28.12 71.19 3.12
C3 POV IB . -27.18 70.04 2.78
C210 POV IB . -26.24 64.79 -3.47
C310 POV IB . -23.29 59.38 -1.21
C11 POV IB . -28.61 75.09 6.24
O11 POV IB . -26.64 72.56 4.43
C211 POV IB . -26.23 64.45 -4.91
C311 POV IB . -22.10 58.71 -1.89
C12 POV IB . -29.24 74.92 7.61
O12 POV IB . -27.52 74.16 6.07
C212 POV IB . -26.08 62.96 -5.19
C312 POV IB . -22.44 57.99 -3.19
C13 POV IB . -28.98 75.04 10.04
O13 POV IB . -25.32 74.63 4.98
C213 POV IB . -25.16 62.67 -6.37
C313 POV IB . -21.43 56.92 -3.57
C14 POV IB . -27.10 75.70 8.64
O14 POV IB . -27.48 74.77 3.64
C214 POV IB . -25.12 61.23 -6.82
C314 POV IB . -21.91 55.99 -4.66
C15 POV IB . -29.09 77.10 8.75
C215 POV IB . -24.87 60.19 -5.73
C315 POV IB . -20.80 55.48 -5.56
C216 POV IB . -24.92 58.75 -6.20
C316 POV IB . -21.23 54.38 -6.47
C217 POV IB . -24.39 58.49 -7.59
C218 POV IB . -24.23 57.03 -7.92
C21 POV IB . -28.33 72.29 0.91
O21 POV IB . -27.90 72.30 2.20
C22 POV IB . -29.39 71.26 0.60
O22 POV IB . -27.89 73.04 0.07
C23 POV IB . -29.86 71.30 -0.84
C24 POV IB . -29.13 70.31 -1.74
C25 POV IB . -27.61 70.44 -1.73
C26 POV IB . -26.91 69.64 -2.82
C27 POV IB . -27.42 68.23 -2.94
C28 POV IB . -26.51 67.28 -3.69
C29 POV IB . -26.33 66.00 -2.96
C31 POV IB . -27.11 67.61 3.08
O31 POV IB . -27.72 68.80 3.29
C32 POV IB . -25.87 67.67 2.24
O32 POV IB . -27.52 66.58 3.54
C33 POV IB . -25.23 66.30 1.98
C34 POV IB . -26.01 65.47 0.98
C35 POV IB . -25.19 64.39 0.28
C36 POV IB . -25.11 63.07 1.00
C37 POV IB . -24.23 62.03 0.33
C38 POV IB . -24.74 61.48 -0.99
C39 POV IB . -23.69 60.73 -1.79
H29 POV IB . -26.28 66.06 -1.99
H1 POV IB . -28.58 72.31 4.80
H1A POV IB . -27.71 71.01 5.11
H2 POV IB . -29.04 70.84 3.16
H3 POV IB . -27.06 70.03 1.81
H3A POV IB . -26.33 70.21 3.22
H310 POV IB . -24.06 58.79 -1.27
H31A POV IB . -23.10 59.50 -0.25
H210 POV IB . -26.17 64.05 -2.84
H11 POV IB . -29.29 74.90 5.56
H11A POV IB . -28.34 76.02 6.10
H211 POV IB . -27.09 64.77 -5.27
H21A POV IB . -25.54 64.96 -5.39
H311 POV IB . -21.41 59.37 -2.08
H31B POV IB . -21.70 58.08 -1.26
H12 POV IB . -29.21 73.97 7.86
H12A POV IB . -30.17 75.20 7.57
H22 POV IB . -29.05 70.36 0.75
H212 POV IB . -25.73 62.50 -4.41
H22A POV IB . -30.14 71.42 1.20
H21B POV IB . -26.96 62.57 -5.38
H32 POV IB . -26.08 68.05 1.37
H312 POV IB . -23.32 57.59 -3.12
H32A POV IB . -25.20 68.21 2.69
H31C POV IB . -22.46 58.64 -3.91
H13 POV IB . -28.84 75.69 10.76
H13A POV IB . -29.93 74.78 9.99
H13B POV IB . -28.43 74.24 10.20
H23 POV IB . -30.81 71.09 -0.86
H213 POV IB . -25.44 63.22 -7.11
H23A POV IB . -29.78 72.20 -1.22
H21C POV IB . -24.26 62.95 -6.13
H33 POV IB . -24.33 66.44 1.66
H313 POV IB . -20.60 57.34 -3.87
H33A POV IB . -25.17 65.83 2.83
H31D POV IB . -21.21 56.38 -2.79
H14 POV IB . -26.73 75.93 9.51
H14A POV IB . -26.79 74.80 8.37
H14B POV IB . -26.83 76.37 7.97
H24 POV IB . -29.36 69.41 -1.43
H214 POV IB . -25.94 61.01 -7.30
H24A POV IB . -29.44 70.39 -2.65
H21D POV IB . -24.39 61.18 -7.47
H34 POV IB . -26.75 65.03 1.45
H314 POV IB . -22.36 55.22 -4.25
H34A POV IB . -26.41 66.06 0.32
H31E POV IB . -22.58 56.44 -5.21
H15 POV IB . -28.50 77.67 9.29
H15A POV IB . -29.08 77.43 7.83
H15B POV IB . -30.00 77.10 9.10
H25 POV IB . -27.36 71.39 -1.81
H215 POV IB . -24.01 60.36 -5.29
H25A POV IB . -27.27 70.13 -0.86
H21E POV IB . -25.55 60.29 -5.03
H35 POV IB . -25.55 64.25 -0.61
H315 POV IB . -20.49 56.22 -6.10
H35A POV IB . -24.28 64.72 0.14
H31F POV IB . -20.06 55.18 -5.02
H26 POV IB . -27.01 70.10 -3.67
H216 POV IB . -24.42 58.20 -5.57
H26A POV IB . -25.95 69.62 -2.61
H21F POV IB . -25.85 58.44 -6.14
H36 POV IB . -24.77 63.23 1.90
H316 POV IB . -20.85 54.51 -7.37
H36A POV IB . -26.02 62.72 1.11
H31G POV IB . -20.93 53.50 -6.15
H31H POV IB . -22.21 54.35 -6.56
H27 POV IB . -27.61 67.87 -2.04
H217 POV IB . -24.99 58.89 -8.26
H27A POV IB . -28.28 68.24 -3.40
H21G POV IB . -23.53 58.93 -7.70
H37 POV IB . -23.35 62.41 0.18
H37A POV IB . -24.11 61.28 0.94
H28 POV IB . -26.87 67.13 -4.60
H218 POV IB . -24.05 56.90 -8.88
H28A POV IB . -25.63 67.68 -3.82
H21H POV IB . -23.50 56.63 -7.41
H21J POV IB . -25.06 56.55 -7.69
H38 POV IB . -25.49 60.87 -0.81
H38A POV IB . -25.10 62.21 -1.53
H39 POV IB . -22.90 61.29 -1.85
H39A POV IB . -24.02 60.59 -2.70
C1 CLR JB . -15.21 47.88 2.29
C2 CLR JB . -14.18 47.15 1.42
C3 CLR JB . -13.65 48.06 0.35
C4 CLR JB . -13.03 49.30 0.97
C5 CLR JB . -13.98 50.01 1.91
C6 CLR JB . -14.14 51.31 1.82
C7 CLR JB . -15.16 52.08 2.58
C8 CLR JB . -15.57 51.39 3.87
C9 CLR JB . -15.86 49.92 3.58
C10 CLR JB . -14.66 49.14 2.96
C11 CLR JB . -16.49 49.21 4.77
C12 CLR JB . -17.70 49.94 5.35
C13 CLR JB . -17.34 51.38 5.75
C14 CLR JB . -16.80 52.05 4.47
C15 CLR JB . -16.78 53.53 4.82
C16 CLR JB . -18.05 53.72 5.67
C17 CLR JB . -18.56 52.31 6.03
C18 CLR JB . -16.33 51.39 6.90
C19 CLR JB . -13.63 48.75 4.03
C20 CLR JB . -19.25 52.27 7.41
C21 CLR JB . -19.45 50.85 7.93
C22 CLR JB . -20.60 52.99 7.34
C23 CLR JB . -20.65 54.38 7.92
C24 CLR JB . -22.07 54.78 8.32
C25 CLR JB . -23.08 54.72 7.21
C26 CLR JB . -23.91 53.47 7.33
C27 CLR JB . -23.97 55.92 7.15
O1 CLR JB . -12.65 47.40 -0.42
H11 CLR JB . -15.96 48.10 1.72
H12 CLR JB . -15.53 47.24 2.95
H21 CLR JB . -13.45 46.83 1.98
H22 CLR JB . -14.58 46.36 1.03
H3 CLR JB . -14.36 48.31 -0.25
H41 CLR JB . -12.19 49.04 1.41
H42 CLR JB . -12.75 49.91 0.27
H6 CLR JB . -13.55 51.84 1.26
H71 CLR JB . -14.83 52.99 2.73
H72 CLR JB . -15.96 52.17 2.02
H8 CLR JB . -14.80 51.47 4.47
H9 CLR JB . -16.57 49.94 2.90
H111 CLR JB . -16.83 48.33 4.50
H112 CLR JB . -15.88 49.05 5.50
H121 CLR JB . -18.38 49.96 4.66
H122 CLR JB . -18.04 49.41 6.07
H14 CLR JB . -17.50 51.97 3.80
H151 CLR JB . -15.97 53.80 5.31
H152 CLR JB . -16.82 54.07 4.02
H161 CLR JB . -17.86 54.23 6.48
H162 CLR JB . -18.70 54.22 5.15
H17 CLR JB . -19.22 52.07 5.36
H181 CLR JB . -16.53 52.03 7.62
H182 CLR JB . -16.25 50.52 7.33
H183 CLR JB . -15.43 51.62 6.62
H191 CLR JB . -13.57 49.40 4.75
H192 CLR JB . -13.85 47.90 4.45
H193 CLR JB . -12.73 48.66 3.67
H20 CLR JB . -18.69 52.74 8.04
H211 CLR JB . -19.95 50.86 8.77
H212 CLR JB . -19.92 50.31 7.28
H213 CLR JB . -18.61 50.40 8.10
H221 CLR JB . -20.94 53.04 6.43
H222 CLR JB . -21.26 52.48 7.84
H231 CLR JB . -20.07 54.43 8.70
H232 CLR JB . -20.31 55.01 7.26
H241 CLR JB . -22.36 54.21 9.04
H242 CLR JB . -22.06 55.69 8.68
H25 CLR JB . -22.59 54.66 6.37
H261 CLR JB . -24.65 53.49 6.70
H262 CLR JB . -23.38 52.67 7.14
H263 CLR JB . -24.28 53.37 8.22
H271 CLR JB . -24.49 55.92 6.34
H272 CLR JB . -24.60 55.93 7.91
H273 CLR JB . -23.45 56.75 7.19
H1 CLR JB . -12.08 47.98 -0.60
N POV KB . -23.15 29.73 -0.94
P POV KB . -26.75 32.54 -0.91
C1 POV KB . -24.67 34.11 -0.61
C2 POV KB . -23.63 34.01 0.51
C3 POV KB . -23.96 35.01 1.58
C210 POV KB . -19.63 40.53 3.54
C310 POV KB . -19.48 45.00 5.72
C11 POV KB . -25.21 30.79 0.32
O11 POV KB . -25.96 33.67 -0.11
C211 POV KB . -19.21 40.45 4.96
C311 POV KB . -19.07 46.40 6.15
C12 POV KB . -23.83 30.14 0.38
O12 POV KB . -25.61 31.42 -0.93
C212 POV KB . -20.04 39.45 5.78
C312 POV KB . -20.02 47.09 7.10
C13 POV KB . -23.93 28.69 -1.68
O13 POV KB . -27.91 32.06 -0.12
C213 POV KB . -20.58 39.97 7.11
C313 POV KB . -20.09 46.51 8.50
C14 POV KB . -22.92 30.91 -1.83
O14 POV KB . -26.97 33.00 -2.29
C214 POV KB . -22.09 40.07 7.20
C314 POV KB . -21.33 46.91 9.27
C15 POV KB . -21.81 29.17 -0.56
C215 POV KB . -22.68 39.69 8.54
C315 POV KB . -21.19 48.18 10.08
C216 POV KB . -24.20 39.66 8.55
C316 POV KB . -20.58 47.92 11.40
C217 POV KB . -24.88 39.79 9.88
C218 POV KB . -26.28 40.29 9.75
C21 POV KB . -21.64 33.96 -1.00
O21 POV KB . -22.20 34.18 0.21
C22 POV KB . -20.15 33.91 -0.92
O22 POV KB . -22.26 33.87 -2.03
C23 POV KB . -19.50 35.04 -1.70
C24 POV KB . -19.79 36.39 -1.07
C25 POV KB . -19.04 37.54 -1.72
C26 POV KB . -18.60 38.63 -0.76
C27 POV KB . -19.58 38.94 0.36
C28 POV KB . -19.36 40.26 1.06
C29 POV KB . -18.97 40.11 2.48
C31 POV KB . -23.85 37.40 1.58
O31 POV KB . -23.22 36.24 1.35
C32 POV KB . -22.94 38.56 1.33
O32 POV KB . -24.99 37.50 1.93
C33 POV KB . -23.56 39.90 1.71
C34 POV KB . -23.63 40.11 3.20
C35 POV KB . -24.24 41.43 3.65
C36 POV KB . -23.37 42.65 3.40
C37 POV KB . -22.73 43.29 4.63
C38 POV KB . -21.21 43.52 4.56
C39 POV KB . -20.73 44.94 4.87
H29 POV KB . -18.13 39.63 2.63
H1 POV KB . -24.48 33.53 -1.37
H1A POV KB . -24.73 35.04 -0.91
H2 POV KB . -23.74 33.15 0.95
H3 POV KB . -24.93 35.14 1.59
H3A POV KB . -23.67 34.65 2.43
H310 POV KB . -18.75 44.61 5.20
H31A POV KB . -19.59 44.44 6.51
H210 POV KB . -20.50 40.95 3.38
H11 POV KB . -25.89 30.10 0.51
H11A POV KB . -25.29 31.43 1.06
H211 POV KB . -18.28 40.15 4.96
H21A POV KB . -19.19 41.32 5.39
H311 POV KB . -18.18 46.35 6.56
H31B POV KB . -18.98 46.93 5.35
H12 POV KB . -23.91 29.33 0.91
H12A POV KB . -23.22 30.74 0.85
H22 POV KB . -19.89 33.97 0.02
H212 POV KB . -20.76 39.13 5.21
H22A POV KB . -19.84 33.06 -1.28
H21B POV KB . -19.50 38.67 5.96
H32 POV KB . -22.12 38.42 1.85
H312 POV KB . -19.75 48.03 7.16
H32A POV KB . -22.73 38.56 0.38
H31C POV KB . -20.92 47.09 6.73
H13 POV KB . -23.41 28.46 -2.49
H13A POV KB . -24.01 27.89 -1.13
H13B POV KB . -24.81 29.02 -1.93
H23 POV KB . -19.83 35.03 -2.62
H213 POV KB . -20.25 39.38 7.81
H23A POV KB . -18.54 34.89 -1.75
H21C POV KB . -20.20 40.85 7.31
H33 POV KB . -23.03 40.62 1.31
H313 POV KB . -19.31 46.81 9.00
H33A POV KB . -24.47 39.94 1.34
H31D POV KB . -20.03 45.54 8.45
H14 POV KB . -23.55 30.87 -2.58
H14A POV KB . -23.11 31.70 -1.30
H14B POV KB . -22.00 30.92 -2.13
H24 POV KB . -20.74 36.57 -1.13
H214 POV KB . -22.35 40.98 6.99
H24A POV KB . -19.57 36.30 -0.12
H21D POV KB . -22.51 39.53 6.52
H34 POV KB . -24.11 39.37 3.59
H314 POV KB . -21.57 46.18 9.88
H34A POV KB . -22.71 40.05 3.54
H31E POV KB . -22.08 47.00 8.66
H15 POV KB . -21.33 28.88 -1.36
H15A POV KB . -21.30 29.88 -0.14
H15B POV KB . -21.93 28.42 0.05
H25 POV KB . -18.26 37.20 -2.19
H215 POV KB . -22.37 38.78 8.79
H25A POV KB . -19.60 37.95 -2.40
H21E POV KB . -22.36 40.29 9.24
H35 POV KB . -25.08 41.55 3.16
H315 POV KB . -20.64 48.82 9.60
H35A POV KB . -24.49 41.38 4.59
H31F POV KB . -22.06 48.60 10.20
H26 POV KB . -17.75 38.38 -0.36
H216 POV KB . -24.53 40.35 7.94
H26A POV KB . -18.44 39.45 -1.28
H21F POV KB . -24.47 38.80 8.19
H36 POV KB . -23.92 43.34 2.98
H316 POV KB . -19.73 47.43 11.29
H36A POV KB . -22.68 42.41 2.75
H31G POV KB . -20.39 48.76 11.86
H31H POV KB . -21.18 47.39 11.96
H27 POV KB . -20.49 38.88 0.02
H217 POV KB . -24.92 38.92 10.31
H27A POV KB . -19.51 38.24 1.05
H21G POV KB . -24.39 40.39 10.48
H37 POV KB . -23.19 44.15 4.79
H37A POV KB . -22.91 42.74 5.41
H28 POV KB . -18.71 40.80 0.56
H218 POV KB . -26.75 40.26 10.60
H28A POV KB . -20.20 40.78 1.04
H21H POV KB . -26.29 41.21 9.43
H21J POV KB . -26.78 39.74 9.11
H38 POV KB . -20.79 42.92 5.20
H38A POV KB . -20.85 43.25 3.69
H39 POV KB . -21.44 45.45 5.30
H39A POV KB . -20.53 45.41 4.03
N POV LB . -17.11 34.96 -5.67
P POV LB . -14.07 38.41 -7.86
C1 POV LB . -16.15 40.07 -8.00
C2 POV LB . -17.00 40.00 -6.78
C3 POV LB . -18.21 39.10 -6.88
C210 POV LB . -19.34 49.04 -0.46
C310 POV LB . -22.72 44.22 -1.04
C11 POV LB . -15.77 37.02 -6.40
O11 POV LB . -14.80 39.80 -7.58
C211 POV LB . -18.52 50.01 0.29
C311 POV LB . -22.57 43.90 0.43
C12 POV LB . -15.78 35.54 -6.12
O12 POV LB . -14.45 37.60 -6.54
C212 POV LB . -19.36 51.02 1.06
C312 POV LB . -22.15 45.08 1.30
C13 POV LB . -18.23 35.46 -6.53
O13 POV LB . -14.69 37.75 -9.03
C213 POV LB . -19.66 52.28 0.31
C313 POV LB . -23.01 46.31 1.14
C14 POV LB . -17.04 33.47 -5.81
O14 POV LB . -12.61 38.66 -7.84
C214 POV LB . -19.07 53.52 0.95
C314 POV LB . -22.36 47.45 0.35
C15 POV LB . -17.39 35.33 -4.24
C215 POV LB . -19.41 54.79 0.23
C315 POV LB . -22.99 47.76 -1.00
C216 POV LB . -18.93 56.04 0.94
C316 POV LB . -24.00 48.88 -0.91
C217 POV LB . -17.46 56.22 0.82
C218 POV LB . -17.05 57.44 0.09
C21 POV LB . -17.88 41.49 -5.16
O21 POV LB . -17.45 41.33 -6.43
C22 POV LB . -18.27 42.91 -4.90
O22 POV LB . -17.92 40.61 -4.36
C23 POV LB . -17.35 43.55 -3.90
C24 POV LB . -18.02 44.59 -3.05
C25 POV LB . -17.92 45.97 -3.62
C26 POV LB . -16.64 46.69 -3.26
C27 POV LB . -16.83 47.81 -2.26
C28 POV LB . -17.55 47.40 -1.00
C29 POV LB . -18.94 47.90 -0.96
C31 POV LB . -20.59 39.25 -6.86
O31 POV LB . -19.43 39.83 -7.18
C32 POV LB . -21.75 40.10 -7.25
O32 POV LB . -20.68 38.16 -6.34
C33 POV LB . -22.83 40.24 -6.17
C34 POV LB . -22.28 40.64 -4.82
C35 POV LB . -22.10 39.53 -3.82
C36 POV LB . -22.57 39.91 -2.42
C37 POV LB . -21.59 40.78 -1.64
C38 POV LB . -21.51 42.24 -2.05
C39 POV LB . -22.81 43.01 -1.92
H29 POV LB . -19.61 47.30 -1.35
H1 POV LB . -16.19 40.98 -8.39
H1A POV LB . -16.44 39.42 -8.68
H2 POV LB . -16.44 39.69 -6.05
H3 POV LB . -18.08 38.40 -7.56
H3A POV LB . -18.32 38.67 -6.01
H310 POV LB . -23.54 44.73 -1.16
H31A POV LB . -21.98 44.80 -1.32
H210 POV LB . -20.27 49.29 -0.60
H11 POV LB . -16.21 37.17 -7.26
H11A POV LB . -16.29 37.47 -5.72
H211 POV LB . -17.97 49.51 0.91
H21A POV LB . -17.89 50.49 -0.30
H311 POV LB . -23.42 43.55 0.74
H31B POV LB . -21.92 43.17 0.54
H12 POV LB . -15.12 35.31 -5.43
H12A POV LB . -15.54 35.05 -6.93
H22 POV LB . -18.23 43.38 -5.76
H212 POV LB . -20.21 50.61 1.28
H22A POV LB . -19.18 42.86 -4.57
H21B POV LB . -18.92 51.24 1.89
H32 POV LB . -21.43 40.99 -7.49
H312 POV LB . -22.17 44.81 2.24
H32A POV LB . -22.16 39.71 -8.05
H31C POV LB . -21.21 45.27 1.11
H13 POV LB . -17.94 35.39 -7.46
H13A POV LB . -19.02 34.91 -6.38
H13B POV LB . -18.46 36.39 -6.32
H23 POV LB . -16.97 42.85 -3.33
H213 POV LB . -19.33 52.21 -0.61
H23A POV LB . -16.60 43.97 -4.38
H21C POV LB . -20.63 52.39 0.27
H33 POV LB . -23.47 40.91 -6.46
H313 POV LB . -23.24 46.66 2.02
H33A POV LB . -23.35 39.41 -6.11
H31D POV LB . -23.86 46.07 0.72
H14 POV LB . -17.71 33.02 -5.27
H14A POV LB . -17.21 33.26 -6.76
H14B POV LB . -16.14 33.17 -5.59
H24 POV LB . -18.96 44.37 -2.92
H214 POV LB . -19.37 53.57 1.87
H24A POV LB . -17.62 44.57 -2.16
H21D POV LB . -18.10 53.42 0.97
H34 POV LB . -21.40 41.06 -4.94
H314 POV LB . -22.40 48.26 0.89
H34A POV LB . -22.85 41.33 -4.44
H31E POV LB . -21.42 47.27 0.20
H15 POV LB . -18.25 35.77 -4.15
H15A POV LB . -17.40 34.54 -3.68
H15B POV LB . -16.67 35.92 -3.91
H25 POV LB . -17.96 45.89 -4.59
H215 POV LB . -19.05 54.78 -0.68
H25A POV LB . -18.69 46.50 -3.35
H21E POV LB . -20.38 54.86 0.13
H35 POV LB . -22.56 38.72 -4.10
H315 POV LB . -23.44 46.97 -1.36
H35A POV LB . -21.15 39.31 -3.77
H31F POV LB . -22.29 48.00 -1.62
H26 POV LB . -16.02 46.04 -2.90
H216 POV LB . -19.43 56.81 0.60
H26A POV LB . -16.23 47.04 -4.07
H21F POV LB . -19.16 55.95 1.87
H36 POV LB . -23.44 40.34 -2.47
H316 POV LB . -24.74 48.63 -0.32
H36A POV LB . -22.71 39.07 -1.92
H31G POV LB . -23.59 49.69 -0.55
H31H POV LB . -24.36 49.07 -1.79
H27 POV LB . -15.96 48.19 -2.03
H217 POV LB . -17.07 56.24 1.73
H27A POV LB . -17.34 48.53 -2.68
H21G POV LB . -17.07 55.45 0.38
H37 POV LB . -21.83 40.74 -0.70
H37A POV LB . -20.70 40.39 -1.73
H28 POV LB . -17.54 46.42 -0.92
H218 POV LB . -16.26 57.25 -0.46
H28A POV LB . -17.08 47.73 -0.23
H21H POV LB . -17.75 57.77 -0.49
H21J POV LB . -16.81 58.14 0.73
H38 POV LB . -21.16 42.33 -2.96
H38A POV LB . -20.83 42.67 -1.48
H39 POV LB . -23.49 42.42 -1.55
H39A POV LB . -23.10 43.28 -2.81
N POV MB . -25.46 74.96 -2.21
P POV MB . -23.68 71.25 -5.09
C1 POV MB . -24.07 69.10 -6.57
C2 POV MB . -22.65 68.73 -6.90
C3 POV MB . -21.91 69.76 -7.69
C210 POV MB . -17.70 58.20 -12.76
C310 POV MB . -16.90 64.24 -13.03
C11 POV MB . -25.17 73.13 -4.02
O11 POV MB . -24.13 69.74 -5.27
C211 POV MB . -16.43 57.43 -12.90
C311 POV MB . -15.65 63.46 -13.42
C12 POV MB . -25.78 73.55 -2.70
O12 POV MB . -24.75 71.74 -4.01
C212 POV MB . -16.47 56.58 -14.15
C312 POV MB . -15.95 62.04 -13.89
C13 POV MB . -25.81 75.97 -3.27
O13 POV MB . -22.31 71.29 -4.52
C213 POV MB . -15.16 55.86 -14.45
C313 POV MB . -14.76 61.09 -13.75
C14 POV MB . -26.23 75.27 -0.97
O14 POV MB . -23.97 72.00 -6.33
C214 POV MB . -15.08 54.44 -13.92
C314 POV MB . -14.74 59.99 -14.80
C15 POV MB . -24.00 75.08 -1.90
C215 POV MB . -14.22 53.51 -14.75
C315 POV MB . -14.16 60.41 -16.11
C216 POV MB . -14.99 52.41 -15.47
C316 POV MB . -13.96 59.25 -17.03
C217 POV MB . -15.94 52.85 -16.56
C218 POV MB . -16.55 51.72 -17.30
C21 POV MB . -22.67 66.34 -7.05
O21 POV MB . -22.67 67.51 -7.70
C22 POV MB . -22.70 65.19 -8.01
O22 POV MB . -22.67 66.23 -5.86
C23 POV MB . -21.42 65.02 -8.81
C24 POV MB . -21.53 63.88 -9.79
C25 POV MB . -20.22 63.29 -10.21
C26 POV MB . -20.37 61.98 -10.93
C27 POV MB . -19.07 61.24 -11.08
C28 POV MB . -19.16 60.08 -12.04
C29 POV MB . -17.87 59.34 -12.16
C31 POV MB . -21.61 70.31 -10.08
O31 POV MB . -22.20 69.57 -9.10
C32 POV MB . -20.61 71.34 -9.61
O32 POV MB . -21.89 70.18 -11.24
C33 POV MB . -19.21 70.79 -9.32
C34 POV MB . -18.28 70.73 -10.52
C35 POV MB . -18.32 69.40 -11.24
C36 POV MB . -17.59 68.28 -10.52
C37 POV MB . -18.14 66.90 -10.80
C38 POV MB . -17.91 66.40 -12.21
C39 POV MB . -16.63 65.58 -12.40
H29 POV MB . -17.09 59.78 -11.74
H1 POV MB . -24.43 69.73 -7.23
H1A POV MB . -24.63 68.30 -6.56
H2 POV MB . -22.15 68.58 -6.07
H3 POV MB . -22.19 70.66 -7.40
H3A POV MB . -20.97 69.62 -7.52
H310 POV MB . -17.46 64.36 -13.82
H31A POV MB . -17.42 63.70 -12.40
H210 POV MB . -18.48 57.80 -13.19
H11 POV MB . -25.84 73.21 -4.73
H11A POV MB . -24.43 73.72 -4.28
H211 POV MB . -15.70 58.07 -12.96
H21A POV MB . -16.25 56.87 -12.12
H311 POV MB . -15.20 63.94 -14.14
H31B POV MB . -15.04 63.44 -12.68
H12 POV MB . -25.50 72.93 -1.99
H12A POV MB . -26.76 73.50 -2.77
H22 POV MB . -22.87 64.38 -7.50
H212 POV MB . -17.20 55.92 -14.07
H22A POV MB . -23.44 65.35 -8.63
H21B POV MB . -16.70 57.15 -14.91
H32 POV MB . -20.52 71.97 -10.36
H312 POV MB . -16.69 61.69 -13.37
H32A POV MB . -20.93 71.91 -8.87
H31C POV MB . -16.25 62.06 -14.81
H13 POV MB . -25.72 76.86 -2.88
H13A POV MB . -25.21 75.88 -4.02
H13B POV MB . -26.74 75.84 -3.56
H23 POV MB . -21.23 65.85 -9.29
H213 POV MB . -15.00 55.88 -15.42
H23A POV MB . -20.67 64.86 -8.21
H21C POV MB . -14.45 56.38 -14.03
H33 POV MB . -18.79 71.31 -8.61
H313 POV MB . -13.93 61.59 -13.82
H33A POV MB . -19.31 69.88 -8.99
H31D POV MB . -14.79 60.68 -12.87
H14 POV MB . -27.20 75.21 -1.17
H14A POV MB . -26.00 74.63 -0.28
H14B POV MB . -26.01 76.17 -0.68
H24 POV MB . -22.10 63.18 -9.41
H214 POV MB . -14.71 54.47 -13.01
H24A POV MB . -21.99 64.21 -10.60
H21D POV MB . -15.97 54.05 -13.84
H34 POV MB . -18.48 71.45 -11.15
H314 POV MB . -14.23 59.23 -14.45
H34A POV MB . -17.37 70.89 -10.21
H31E POV MB . -15.65 59.65 -14.94
H15 POV MB . -23.59 75.82 -2.40
H15A POV MB . -23.91 75.27 -0.95
H15B POV MB . -23.56 74.23 -2.09
H25 POV MB . -19.74 63.92 -10.78
H215 POV MB . -13.70 54.02 -15.41
H25A POV MB . -19.67 63.15 -9.41
H21E POV MB . -13.56 53.09 -14.16
H35 POV MB . -19.25 69.15 -11.38
H315 POV MB . -14.74 61.06 -16.56
H35A POV MB . -17.93 69.52 -12.13
H31F POV MB . -13.30 60.85 -15.97
H26 POV MB . -21.00 61.42 -10.44
H216 POV MB . -14.36 51.77 -15.86
H26A POV MB . -20.75 62.15 -11.81
H21F POV MB . -15.52 51.92 -14.80
H36 POV MB . -16.65 68.29 -10.80
H316 POV MB . -13.01 59.02 -17.09
H36A POV MB . -17.60 68.44 -9.56
H31G POV MB . -14.43 58.46 -16.69
H31H POV MB . -14.29 59.44 -17.93
H27 POV MB . -18.38 61.86 -11.37
H217 POV MB . -16.66 53.38 -16.16
H27A POV MB . -18.80 60.92 -10.20
H21G POV MB . -15.47 53.41 -17.21
H37 POV MB . -17.77 66.27 -10.16
H37A POV MB . -19.11 66.92 -10.63
H28 POV MB . -19.89 59.48 -11.79
H218 POV MB . -16.19 51.65 -18.21
H28A POV MB . -19.39 60.41 -12.93
H21H POV MB . -16.39 50.87 -16.85
H21J POV MB . -17.52 51.86 -17.39
H38 POV MB . -18.67 65.84 -12.48
H38A POV MB . -17.88 67.16 -12.83
H39 POV MB . -16.18 65.44 -11.54
H39A POV MB . -16.01 66.08 -12.97
N POV NB . -10.81 81.37 -8.10
P POV NB . -9.22 77.18 -9.66
C1 POV NB . -6.65 77.53 -9.15
C2 POV NB . -5.98 76.36 -9.82
C3 POV NB . -4.47 76.52 -9.91
C210 POV NB . -9.10 67.30 -13.08
C310 POV NB . -0.08 67.60 -13.77
C11 POV NB . -10.07 79.68 -9.91
O11 POV NB . -7.82 77.89 -9.93
C211 POV NB . -9.90 67.61 -14.30
C311 POV NB . -0.01 66.32 -14.57
C12 POV NB . -10.88 79.95 -8.67
O12 POV NB . -10.19 78.29 -10.29
C212 POV NB . -10.95 68.69 -14.01
C312 POV NB . -0.23 66.52 -16.06
C13 POV NB . -9.43 81.68 -7.61
O13 POV NB . -9.30 75.92 -10.45
C213 POV NB . -11.99 68.33 -12.96
C313 POV NB . -1.66 66.34 -16.53
C14 POV NB . -11.21 82.40 -9.12
O14 POV NB . -9.46 77.13 -8.20
C214 POV NB . -13.00 69.42 -12.69
C314 POV NB . -2.74 66.97 -15.65
C15 POV NB . -11.76 81.45 -6.95
C215 POV NB . -12.39 70.72 -12.21
C315 POV NB . -4.12 67.03 -16.29
C216 POV NB . -12.13 71.72 -13.33
C316 POV NB . -4.91 65.74 -16.23
C217 POV NB . -10.87 72.56 -13.18
C218 POV NB . -11.04 73.80 -12.33
C21 POV NB . -6.87 75.11 -11.75
O21 POV NB . -6.56 76.28 -11.16
C22 POV NB . -5.97 73.96 -11.33
O22 POV NB . -7.79 74.98 -12.52
C23 POV NB . -5.90 72.77 -12.27
C24 POV NB . -7.22 72.20 -12.74
C25 POV NB . -7.24 70.69 -12.87
C26 POV NB . -6.19 70.12 -13.82
C27 POV NB . -5.74 68.72 -13.45
C28 POV NB . -6.72 67.64 -13.88
C29 POV NB . -7.81 67.42 -12.89
C31 POV NB . -2.54 75.18 -9.59
O31 POV NB . -3.85 75.33 -9.38
C32 POV NB . -2.02 73.92 -8.98
O32 POV NB . -1.87 75.98 -10.20
C33 POV NB . -1.03 73.18 -9.85
C34 POV NB . -1.47 71.77 -10.16
C35 POV NB . -2.63 71.73 -11.12
C36 POV NB . -2.99 70.36 -11.62
C37 POV NB . -1.92 69.70 -12.45
C38 POV NB . -1.00 68.75 -11.71
C39 POV NB . -0.79 67.45 -12.44
H29 POV NB . -7.50 67.38 -11.96
H1 POV NB . -6.95 77.29 -8.25
H1A POV NB . -6.06 78.31 -9.09
H2 POV NB . -6.17 75.59 -9.25
H3 POV NB . -4.21 76.65 -10.85
H3A POV NB . -4.14 77.26 -9.37
H310 POV NB . 0.84 67.91 -13.61
H31A POV NB . -0.51 68.30 -14.32
H210 POV NB . -9.63 66.92 -12.34
H11 POV NB . -10.42 80.20 -10.65
H11A POV NB . -9.13 79.95 -9.81
H211 POV NB . -9.30 67.91 -15.01
H21A POV NB . -10.35 66.81 -14.64
H311 POV NB . 0.86 65.91 -14.44
H31B POV NB . -0.67 65.69 -14.23
H12 POV NB . -10.59 79.35 -7.95
H12A POV NB . -11.82 79.76 -8.85
H22 POV NB . -5.05 74.29 -11.30
H212 POV NB . -10.47 69.49 -13.72
H22A POV NB . -6.24 73.66 -10.46
H21B POV NB . -11.41 68.94 -14.84
H32 POV NB . -1.61 74.14 -8.12
H312 POV NB . 0.09 67.41 -16.32
H32A POV NB . -2.80 73.35 -8.81
H31C POV NB . 0.34 65.88 -16.54
H13 POV NB . -8.82 81.74 -8.39
H13A POV NB . -9.12 80.95 -7.04
H13B POV NB . -9.39 82.52 -7.12
H23 POV NB . -5.36 73.00 -13.05
H213 POV NB . -12.46 67.51 -13.22
H23A POV NB . -5.41 72.05 -11.82
H21C POV NB . -11.54 68.12 -12.11
H33 POV NB . -0.91 73.66 -10.69
H313 POV NB . -1.72 66.72 -17.43
H33A POV NB . -0.15 73.16 -9.41
H31D POV NB . -1.85 65.39 -16.62
H14 POV NB . -10.53 82.43 -9.82
H14A POV NB . -12.08 82.14 -9.50
H14B POV NB . -11.28 83.26 -8.68
H24 POV NB . -7.92 72.49 -12.12
H214 POV NB . -13.53 69.57 -13.49
H24A POV NB . -7.45 72.60 -13.60
H21D POV NB . -13.63 69.10 -12.01
H34 POV NB . -0.71 71.27 -10.53
H314 POV NB . -2.80 66.47 -14.82
H34A POV NB . -1.72 71.32 -9.34
H31E POV NB . -2.47 67.87 -15.40
H15 POV NB . -12.07 80.56 -6.68
H15A POV NB . -11.32 81.86 -6.17
H15B POV NB . -12.53 82.00 -7.20
H25 POV NB . -7.12 70.30 -11.99
H215 POV NB . -12.98 71.15 -11.55
H25A POV NB . -8.12 70.40 -13.19
H21E POV NB . -11.55 70.52 -11.76
H35 POV NB . -3.41 72.14 -10.70
H315 POV NB . -4.66 67.73 -15.88
H35A POV NB . -2.41 72.30 -11.89
H31F POV NB . -4.03 67.29 -17.23
H26 POV NB . -6.57 70.09 -14.71
H216 POV NB . -12.09 71.25 -14.18
H26A POV NB . -5.39 70.68 -13.87
H21F POV NB . -12.89 72.33 -13.38
H36 POV NB . -3.22 69.79 -10.86
H316 POV NB . -4.82 65.34 -15.34
H36A POV NB . -3.81 70.43 -12.16
H31G POV NB . -5.86 65.93 -16.37
H31H POV NB . -4.60 65.09 -16.89
H27 POV NB . -4.86 68.56 -13.82
H217 POV NB . -10.15 72.01 -12.79
H27A POV NB . -5.64 68.67 -12.47
H21G POV NB . -10.55 72.83 -14.06
H37 POV NB . -2.33 69.22 -13.21
H37A POV NB . -1.36 70.40 -12.85
H28 POV NB . -7.06 67.83 -14.78
H218 POV NB . -11.68 73.65 -11.61
H28A POV NB . -6.23 66.79 -13.97
H21H POV NB . -10.18 74.06 -11.92
H21J POV NB . -11.35 74.55 -12.88
H38 POV NB . -0.14 69.19 -11.58
H38A POV NB . -1.36 68.56 -10.82
H39 POV NB . -1.66 67.05 -12.59
H39A POV NB . -0.29 66.84 -11.86
N POV OB . 0.64 73.65 3.35
P POV OB . 3.77 75.76 1.25
C1 POV OB . 4.99 76.17 -1.05
C2 POV OB . 4.24 75.71 -2.30
C3 POV OB . 4.96 75.69 -3.63
C210 POV OB . 5.81 66.37 -6.06
C310 POV OB . 2.78 67.06 -11.24
C11 POV OB . 2.56 73.42 1.66
O11 POV OB . 4.71 75.28 0.05
C211 POV OB . 5.20 65.02 -6.19
C311 POV OB . 2.52 65.55 -11.33
C12 POV OB . 1.89 72.93 2.92
O12 POV OB . 3.59 74.36 2.01
C212 POV OB . 3.99 65.06 -7.09
C312 POV OB . 3.57 64.69 -12.08
C13 POV OB . -0.54 73.10 2.62
O13 POV OB . 4.51 76.70 2.11
C213 POV OB . 3.66 63.75 -7.74
C313 POV OB . 4.83 64.14 -11.37
C14 POV OB . 0.45 73.41 4.82
O14 POV OB . 2.46 76.16 0.69
C214 POV OB . 3.44 62.60 -6.77
C314 POV OB . 4.83 62.66 -10.97
C15 POV OB . 0.72 75.12 3.11
C215 POV OB . 3.01 61.31 -7.42
C315 POV OB . 4.78 61.66 -12.09
C216 POV OB . 1.80 61.38 -8.32
C316 POV OB . 4.93 60.27 -11.59
C217 POV OB . 0.54 61.92 -7.72
C218 POV OB . -0.32 62.60 -8.75
C21 POV OB . 2.03 74.70 -1.89
O21 POV OB . 2.77 75.76 -2.28
C22 POV OB . 2.82 73.42 -1.74
O22 POV OB . 0.84 74.76 -1.69
C23 POV OB . 3.31 72.79 -3.05
C24 POV OB . 3.11 71.31 -3.06
C25 POV OB . 3.62 70.63 -4.29
C26 POV OB . 3.31 69.15 -4.30
C27 POV OB . 4.18 68.35 -3.38
C28 POV OB . 4.65 67.04 -3.97
C29 POV OB . 5.58 67.23 -5.10
C31 POV OB . 4.43 75.55 -5.93
O31 POV OB . 4.05 75.31 -4.69
C32 POV OB . 3.41 75.09 -6.93
O32 POV OB . 5.47 76.09 -6.23
C33 POV OB . 3.86 73.88 -7.73
C34 POV OB . 3.08 73.71 -9.02
C35 POV OB . 2.58 72.30 -9.28
C36 POV OB . 3.66 71.24 -9.43
C37 POV OB . 3.16 69.95 -10.04
C38 POV OB . 4.22 68.88 -10.18
C39 POV OB . 3.71 67.46 -10.10
H29 POV OB . 6.03 68.09 -5.12
H1 POV OB . 5.95 76.15 -1.21
H1A POV OB . 4.73 77.08 -0.83
H2 POV OB . 4.15 76.66 -2.50
H3 POV OB . 5.35 76.57 -3.81
H3A POV OB . 5.68 75.02 -3.61
H310 POV OB . 3.09 67.43 -12.08
H31A POV OB . 1.91 67.49 -11.07
H210 POV OB . 6.43 66.63 -6.78
H11 POV OB . 2.98 72.66 1.22
H11A POV OB . 1.91 73.77 1.01
H211 POV OB . 5.88 64.42 -6.57
H21A POV OB . 4.96 64.64 -5.32
H311 POV OB . 2.42 65.21 -10.42
H31B POV OB . 1.64 65.41 -11.75
H12 POV OB . 2.52 73.03 3.67
H12A POV OB . 1.66 71.99 2.83
H22 POV OB . 3.55 73.47 -1.09
H212 POV OB . 3.22 65.35 -6.57
H22A POV OB . 2.19 72.79 -1.36
H21B POV OB . 4.13 65.73 -7.79
H32 POV OB . 3.23 75.84 -7.54
H312 POV OB . 4.13 65.47 -11.92
H32A POV OB . 2.59 74.88 -6.44
H31C POV OB . 3.15 64.00 -11.52
H13 POV OB . -1.23 73.78 2.56
H13A POV OB . -0.24 72.85 1.72
H13B POV OB . -0.88 72.30 3.08
H23 POV OB . 2.83 73.20 -3.80
H213 POV OB . 2.87 63.88 -8.30
H23A POV OB . 4.25 73.00 -3.17
H21C POV OB . 4.40 63.50 -8.33
H33 POV OB . 4.81 73.97 -7.94
H313 POV OB . 5.60 64.29 -11.95
H33A POV OB . 3.78 73.06 -7.20
H31D POV OB . 4.99 64.66 -10.57
H14 POV OB . 1.03 74.05 5.31
H14A POV OB . -0.48 73.56 5.05
H14B POV OB . 0.72 72.49 5.01
H24 POV OB . 3.57 70.94 -2.27
H214 POV OB . 4.28 62.42 -6.29
H24A POV OB . 2.16 71.11 -2.96
H21D POV OB . 2.78 62.85 -6.10
H34 POV OB . 2.32 74.31 -9.02
H314 POV OB . 5.66 62.50 -10.47
H34A POV OB . 3.65 73.98 -9.76
H31E POV OB . 4.11 62.43 -10.33
H15 POV OB . 0.08 75.59 3.69
H15A POV OB . 1.63 75.42 3.36
H15B POV OB . 0.55 75.30 2.17
H25 POV OB . 3.21 71.05 -5.08
H215 POV OB . 3.77 60.97 -7.94
H25A POV OB . 4.58 70.76 -4.37
H21E POV OB . 2.84 60.65 -6.72
H35 POV OB . 1.99 72.04 -8.54
H315 POV OB . 3.94 61.72 -12.57
H35A POV OB . 2.02 72.31 -10.08
H31F POV OB . 5.50 61.84 -12.74
H26 POV OB . 2.38 69.03 -4.01
H216 POV OB . 2.03 61.91 -9.11
H26A POV OB . 3.36 68.80 -5.22
H21F POV OB . 1.61 60.49 -8.64
H36 POV OB . 4.38 71.60 -9.99
H316 POV OB . 5.28 59.70 -12.30
H36A POV OB . 4.05 71.06 -8.55
H31G POV OB . 5.55 60.23 -10.82
H31H POV OB . 4.06 59.92 -11.31
H27 POV OB . 4.94 68.89 -3.12
H217 POV OB . 0.03 61.19 -7.33
H27A POV OB . 3.66 68.16 -2.56
H21G POV OB . 0.72 62.56 -6.99
H37 POV OB . 2.79 70.13 -10.93
H37A POV OB . 2.42 69.60 -9.51
H28 POV OB . 5.06 66.48 -3.27
H218 POV OB . -0.55 61.99 -9.47
H28A POV OB . 3.88 66.55 -4.30
H21H POV OB . -1.15 62.94 -8.36
H21J POV OB . 0.16 63.37 -9.13
H38 POV OB . 4.68 69.01 -11.04
H38A POV OB . 4.88 69.03 -9.48
H39 POV OB . 3.24 67.34 -9.25
H39A POV OB . 4.47 66.85 -10.08
N POV PB . -39.06 67.33 10.66
P POV PB . -39.04 63.67 12.39
C1 POV PB . -38.53 61.17 11.74
C2 POV PB . -39.24 59.86 11.47
C3 POV PB . -40.08 59.42 12.63
C210 POV PB . -33.77 49.72 7.47
C310 POV PB . -37.08 48.40 10.77
C11 POV PB . -40.40 65.10 10.64
O11 POV PB . -39.51 62.18 12.01
C211 POV PB . -34.66 49.42 6.30
C311 POV PB . -36.27 47.17 11.15
C12 POV PB . -40.29 66.54 11.12
O12 POV PB . -39.21 64.34 10.95
C212 POV PB . -35.66 48.31 6.59
C312 POV PB . -34.78 47.46 11.29
C13 POV PB . -39.31 68.79 10.91
O13 POV PB . -37.61 63.67 12.76
C213 POV PB . -35.05 46.91 6.60
C313 POV PB . -33.89 46.56 10.46
C14 POV PB . -37.82 66.91 11.41
O14 POV PB . -40.04 64.26 13.31
C214 POV PB . -35.83 45.88 7.41
C314 POV PB . -33.91 45.11 10.87
C15 POV PB . -38.83 67.13 9.19
C215 POV PB . -36.90 45.12 6.65
C315 POV PB . -32.64 44.34 10.52
C216 POV PB . -38.02 45.98 6.06
C316 POV PB . -31.41 44.77 11.33
C217 POV PB . -38.80 46.86 7.02
C218 POV PB . -39.19 46.18 8.28
C21 POV PB . -37.71 58.76 9.96
O21 POV PB . -38.22 58.85 11.20
C22 POV PB . -36.67 57.69 9.87
O22 POV PB . -38.06 59.47 9.05
C23 POV PB . -36.21 57.38 8.47
C24 POV PB . -34.73 57.08 8.40
C25 POV PB . -34.32 55.80 9.07
C26 POV PB . -34.84 54.55 8.36
C27 POV PB . -34.15 53.27 8.76
C28 POV PB . -34.14 52.23 7.64
C29 POV PB . -33.54 50.90 8.02
C31 POV PB . -40.36 57.10 12.20
O31 POV PB . -39.79 58.03 12.94
C32 POV PB . -39.96 55.73 12.66
O32 POV PB . -41.08 57.32 11.27
C33 POV PB . -40.95 54.63 12.33
C34 POV PB . -40.36 53.53 11.48
C35 POV PB . -39.43 52.62 12.26
C36 POV PB . -38.90 51.44 11.47
C37 POV PB . -39.95 50.39 11.18
C38 POV PB . -39.46 49.24 10.32
C39 POV PB . -38.56 48.24 11.04
H29 POV PB . -32.89 50.94 8.76
H1 POV PB . -37.96 61.08 12.54
H1A POV PB . -37.98 61.41 10.98
H2 POV PB . -39.84 59.95 10.70
H3 POV PB . -39.87 59.99 13.39
H3A POV PB . -41.03 59.50 12.40
H310 POV PB . -36.76 49.19 11.26
H31A POV PB . -36.94 48.59 9.82
H210 POV PB . -33.31 48.95 7.87
H11 POV PB . -41.16 64.69 11.10
H11A POV PB . -40.63 65.06 9.69
H211 POV PB . -35.15 50.22 6.04
H21A POV PB . -34.13 49.17 5.51
H311 POV PB . -36.39 46.49 10.46
H31B POV PB . -36.61 46.81 11.98
H12 POV PB . -40.30 66.58 12.09
H12A POV PB . -41.06 67.03 10.78
H22 POV PB . -35.90 58.01 10.40
H212 POV PB . -36.09 48.49 7.45
H22A POV PB . -37.03 56.88 10.28
H21B POV PB . -36.37 48.35 5.91
H32 POV PB . -39.08 55.51 12.28
H312 POV PB . -34.63 48.39 11.05
H32A POV PB . -39.89 55.78 13.63
H31C POV PB . -34.53 47.38 12.23
H13 POV PB . -38.53 69.29 10.60
H13A POV PB . -40.09 69.07 10.39
H13B POV PB . -39.46 68.95 11.86
H23 POV PB . -36.71 56.60 8.14
H213 POV PB . -34.97 46.59 5.68
H23A POV PB . -36.41 58.12 7.86
H21C POV PB . -34.14 46.97 6.95
H33 POV PB . -41.25 54.23 13.17
H313 POV PB . -34.16 46.62 9.53
H33A POV PB . -41.74 55.00 11.90
H31D POV PB . -32.98 46.89 10.52
H14 POV PB . -38.06 66.77 12.35
H14A POV PB . -37.46 66.09 11.04
H14B POV PB . -37.16 67.62 11.34
H24 POV PB . -34.46 57.05 7.46
H214 POV PB . -35.20 45.22 7.76
H24A POV PB . -34.24 57.81 8.81
H21D POV PB . -36.23 46.31 8.18
H34 POV PB . -41.08 53.01 11.09
H314 POV PB . -34.08 45.03 11.82
H34A POV PB . -39.86 53.92 10.74
H31E POV PB . -34.66 44.67 10.42
H15 POV PB . -38.17 67.78 8.86
H15A POV PB . -38.47 66.23 9.02
H15B POV PB . -39.69 67.23 8.73
H25 POV PB . -33.35 55.76 9.09
H215 POV PB . -36.47 44.63 5.92
H25A POV PB . -34.61 55.81 10.01
H21E POV PB . -37.29 44.45 7.23
H35 POV PB . -38.68 53.15 12.61
H315 POV PB . -32.78 43.38 10.65
H35A POV PB . -39.92 52.28 13.04
H31F POV PB . -32.44 44.47 9.56
H26 POV PB . -35.80 54.46 8.54
H216 POV PB . -37.66 46.53 5.34
H26A POV PB . -34.75 54.69 7.39
H21F POV PB . -38.67 45.37 5.64
H36 POV PB . -38.53 51.77 10.63
H316 POV PB . -31.07 45.62 11.01
H36A POV PB . -38.16 51.03 11.97
H31G POV PB . -31.65 44.88 12.27
H31H POV PB . -30.70 44.10 11.28
H27 POV PB . -33.23 53.46 9.03
H217 POV PB . -38.26 47.65 7.25
H27A POV PB . -34.60 52.90 9.55
H21G POV PB . -39.61 47.18 6.58
H37 POV PB . -40.28 50.04 12.03
H37A POV PB . -40.71 50.81 10.74
H28 POV PB . -35.06 52.12 7.33
H218 POV PB . -39.63 45.32 8.10
H28A POV PB . -33.64 52.57 6.89
H21H POV PB . -38.41 46.03 8.84
H21J POV PB . -39.82 46.74 8.79
H38 POV PB . -40.23 48.76 9.96
H38A POV PB . -38.98 49.60 9.55
H39 POV PB . -38.83 47.33 10.80
H39A POV PB . -38.70 48.33 12.01
C13 DU0 QB . -35.27 39.71 13.60
C15 DU0 QB . -34.71 42.40 16.32
C17 DU0 QB . -37.33 48.70 16.15
C20 DU0 QB . -38.43 51.38 16.31
C21 DU0 QB . -39.10 52.71 16.56
C22 DU0 QB . -38.13 53.87 16.49
C24 DU0 QB . -38.68 56.26 16.24
C26 DU0 QB . -38.22 58.58 17.35
C01 DU0 QB . -35.77 46.54 17.71
C02 DU0 QB . -35.33 47.10 16.34
C03 DU0 QB . -36.52 47.57 15.50
C04 DU0 QB . -37.20 46.27 15.07
C05 DU0 QB . -36.00 45.38 14.74
C06 DU0 QB . -34.76 46.01 15.38
C07 DU0 QB . -33.95 44.81 15.91
C08 DU0 QB . -32.49 44.82 15.51
C09 DU0 QB . -34.73 43.60 15.40
C11 DU0 QB . -34.82 42.15 13.49
C12 DU0 QB . -34.65 40.91 14.31
C14 DU0 QB . -35.29 41.15 15.66
C18 DU0 QB . -38.47 49.13 15.21
C19 DU0 QB . -39.01 50.49 15.51
C25 DU0 QB . -37.70 57.22 16.87
C27 DU0 QB . -37.09 59.37 17.99
C51 DU0 QB . -38.86 59.34 16.21
C75 DU0 QB . -36.93 53.62 17.37
C76 DU0 QB . -36.23 52.34 16.95
C77 DU0 QB . -37.14 51.10 17.06
C78 DU0 QB . -37.48 50.84 18.53
C79 DU0 QB . -36.41 49.89 16.40
C80 DU0 QB . -35.14 49.49 17.15
C81 DU0 QB . -34.41 48.30 16.52
O10 DU0 QB . -34.21 43.29 14.11
O16 DU0 QB . -36.08 44.06 15.28
O23 DU0 QB . -38.76 55.05 17.01
O28 DU0 QB . -37.51 60.06 19.16
O52 DU0 QB . -39.12 60.69 16.55
H1 DU0 QB . -36.24 39.73 13.68
H2 DU0 QB . -35.03 39.72 12.65
H3 DU0 QB . -34.93 38.88 13.98
H4 DU0 QB . -35.25 42.58 17.11
H5 DU0 QB . -33.80 42.20 16.61
H6 DU0 QB . -37.74 48.41 16.98
H7 DU0 QB . -39.78 52.87 15.91
H8 DU0 QB . -39.54 52.71 17.43
H9 DU0 QB . -37.82 53.98 15.59
H10 DU0 QB . -38.42 56.09 15.33
H11 DU0 QB . -39.57 56.67 16.22
H12 DU0 QB . -38.91 58.42 18.01
H13 DU0 QB . -36.28 47.17 18.24
H14 DU0 QB . -36.30 45.72 17.61
H15 DU0 QB . -35.00 46.28 18.25
H16 DU0 QB . -36.16 47.94 14.68
H17 DU0 QB . -37.79 46.42 14.31
H18 DU0 QB . -37.74 45.87 15.78
H19 DU0 QB . -35.89 45.31 13.77
H20 DU0 QB . -34.27 46.47 14.67
H21 DU0 QB . -33.95 44.73 16.88
H22 DU0 QB . -31.97 45.43 16.07
H23 DU0 QB . -32.10 43.93 15.59
H24 DU0 QB . -32.37 45.11 14.58
H25 DU0 QB . -34.36 42.02 12.64
H26 DU0 QB . -35.75 42.34 13.29
H27 DU0 QB . -33.71 40.74 14.43
H28 DU0 QB . -36.25 41.24 15.58
H29 DU0 QB . -35.13 40.38 16.24
H30 DU0 QB . -38.17 49.10 14.29
H31 DU0 QB . -39.20 48.48 15.30
H32 DU0 QB . -39.86 50.70 15.10
H33 DU0 QB . -37.27 56.76 17.61
H34 DU0 QB . -37.00 57.38 16.23
H35 DU0 QB . -36.33 58.81 18.23
H36 DU0 QB . -36.72 60.02 17.36
H37 DU0 QB . -38.29 59.33 15.42
H38 DU0 QB . -39.72 58.94 15.99
H39 DU0 QB . -37.21 53.55 18.30
H40 DU0 QB . -36.32 54.38 17.32
H41 DU0 QB . -35.45 52.24 17.52
H42 DU0 QB . -35.91 52.45 16.03
H43 DU0 QB . -38.27 51.34 18.83
H44 DU0 QB . -37.63 49.89 18.72
H45 DU0 QB . -36.75 51.09 19.13
H46 DU0 QB . -36.10 50.18 15.52
H47 DU0 QB . -35.32 49.26 18.08
H48 DU0 QB . -34.50 50.22 17.18
H49 DU0 QB . -33.64 48.07 17.06
H50 DU0 QB . -34.07 48.58 15.65
H51 DU0 QB . -36.83 60.08 19.66
H52 DU0 QB . -39.94 60.84 16.37
#